data_9HZ8
#
_entry.id   9HZ8
#
_cell.length_a   1.00
_cell.length_b   1.00
_cell.length_c   1.00
_cell.angle_alpha   90.00
_cell.angle_beta   90.00
_cell.angle_gamma   90.00
#
_symmetry.space_group_name_H-M   'P 1'
#
loop_
_entity.id
_entity.type
_entity.pdbx_description
1 polymer 'Major capsid protein'
2 polymer 'Structural protein'
3 polymer 'Structural protein'
4 polymer 'Structural protein'
#
loop_
_entity_poly.entity_id
_entity_poly.type
_entity_poly.pdbx_seq_one_letter_code
_entity_poly.pdbx_strand_id
1 'polypeptide(L)'
;MANKESEQNGLEAISGDIEKLSSNVDLFSKAMDDKYKELTARFDGQKSDSEEIRKAAEQATKEYAELSAKHQFFTEELVA
MKARLDSPIMRSQADLDDHDRKTAIQLQRNMHEFRGGDPKEFVADESNLVDLKAYRSAVRKMLKVGIESKERVISSMTDV
ERKAFEASTIGPAFFTPQVLALEVDCNIECASLLDLYGQIEVSRSTFTYMKIADYGQLGEYTCDAKCDAEFGEPGNIRHL
EGKTYDYRGVFCFNRKNLQEANYDFLSFMIGAAQRSHRINRNRALMVGDGINEPKGWLKEDCFPTFLTLPVNTGTPENPV
QTPAFLAQDWRRFVTSFPAEYGDARSVMHQNVFGYLAAMVDANGRFLFGDGDLTFSPDLVRERIRISNCLPDPTEGNTKG
GTGQDAFAAGSFIAAQAAWKTAYYAVEKRPMFFEQYEGGSSAWCVKYQFGAEDGGFVGCCEHGRVLRIG
;
A,B,C,E,F,S,T,U,V,W,X,k,l,m,u,o,D
2 'polypeptide(L)'
;MNFNVGVDFPSFIAWDGTTSFPVKIDGFNQFGFTFKVIEELTADVPFNIFYHEASEADPCVPGPAIRVPDVPFCDGVATA
DGLATVVIPEAVAVDSFCAGSVPCFNGPWISIAPVTVNADSAKVQVTVTMKGATR
;
G,H,I,J,K,L,Z,a,b,c,d,Y,z,1,2,3,4,5,6,7,8,9,0,AA,AB,p,q,r,s,t
3 'polypeptide(L)'
;MVSLDCRNTCAPAPASRLVQPPCFVCRDVFPLPVAPNPPGPVSAIIGTTPSTFSLKPDGTFITGTGISSSGSAVATDGSL
ELFLAPLVAHVTGSEMSPPYAVELQEGQELAIVFGATLKSGFGVRITDYYDVVFNIVSSEGTKQLKLVPGNTPSGYIWTD
GEGYNIVDSNGDFHSVQNVTRPSFLGITDTGVLWQLVGYLKGTTQAELAIAIEVTVTHAN
;
M,N,O,P,Q
4 'polypeptide(L)' MIKLNCRPLCQTPTASRLVSPPCFICRR R,e,f,g,h,i,j,n,v,w,x,y
#
# COMPACT_ATOMS: atom_id res chain seq x y z
N PHE A 165 -43.19 95.36 -25.60
CA PHE A 165 -44.21 95.06 -24.56
C PHE A 165 -43.68 94.07 -23.53
N GLU A 166 -42.70 94.51 -22.74
CA GLU A 166 -42.14 93.65 -21.71
C GLU A 166 -43.21 93.29 -20.69
N ALA A 167 -43.20 92.04 -20.23
CA ALA A 167 -44.22 91.58 -19.29
C ALA A 167 -44.15 92.36 -17.98
N SER A 168 -43.02 93.00 -17.69
CA SER A 168 -42.91 93.80 -16.48
C SER A 168 -43.60 95.15 -16.60
N THR A 169 -44.12 95.49 -17.77
CA THR A 169 -44.76 96.80 -17.99
C THR A 169 -46.19 96.69 -18.49
N ILE A 170 -46.82 95.51 -18.42
CA ILE A 170 -48.19 95.33 -18.87
C ILE A 170 -48.95 94.52 -17.83
N GLY A 171 -50.28 94.57 -17.93
CA GLY A 171 -51.14 93.98 -16.92
C GLY A 171 -51.24 92.47 -17.03
N PRO A 172 -51.68 91.82 -15.95
CA PRO A 172 -51.81 90.36 -15.98
C PRO A 172 -52.84 89.85 -16.97
N ALA A 173 -53.72 90.75 -17.45
CA ALA A 173 -54.88 90.32 -18.22
C ALA A 173 -54.51 89.57 -19.48
N PHE A 174 -53.28 89.74 -19.99
CA PHE A 174 -52.89 89.09 -21.23
C PHE A 174 -52.34 87.69 -21.04
N PHE A 175 -52.05 87.28 -19.81
CA PHE A 175 -51.39 86.01 -19.52
C PHE A 175 -52.35 85.11 -18.75
N THR A 176 -52.98 84.19 -19.45
CA THR A 176 -53.87 83.23 -18.80
C THR A 176 -53.07 82.01 -18.36
N PRO A 177 -53.11 81.64 -17.08
CA PRO A 177 -52.29 80.52 -16.61
C PRO A 177 -52.89 79.16 -16.95
N GLN A 178 -52.04 78.16 -16.94
CA GLN A 178 -52.47 76.77 -17.12
C GLN A 178 -53.31 76.33 -15.93
N VAL A 179 -54.25 75.44 -16.17
CA VAL A 179 -55.12 74.89 -15.14
C VAL A 179 -54.77 73.42 -14.95
N LEU A 180 -54.23 73.08 -13.79
CA LEU A 180 -53.88 71.70 -13.49
C LEU A 180 -55.10 70.91 -13.04
N ALA A 181 -55.11 69.62 -13.38
CA ALA A 181 -56.19 68.72 -12.98
C ALA A 181 -55.80 67.93 -11.73
N LEU A 182 -55.54 68.66 -10.64
CA LEU A 182 -55.26 68.05 -9.36
C LEU A 182 -55.90 68.88 -8.26
N GLU A 183 -56.00 68.29 -7.08
CA GLU A 183 -56.65 68.95 -5.95
C GLU A 183 -56.05 68.40 -4.66
N VAL A 184 -55.27 69.23 -3.97
CA VAL A 184 -54.66 68.81 -2.71
C VAL A 184 -55.75 68.65 -1.66
N ASP A 185 -55.69 67.55 -0.92
CA ASP A 185 -56.67 67.27 0.14
C ASP A 185 -55.93 66.56 1.26
N CYS A 186 -55.71 67.25 2.37
CA CYS A 186 -54.92 66.73 3.47
C CYS A 186 -55.77 66.12 4.58
N ASN A 187 -57.09 66.10 4.44
CA ASN A 187 -57.97 65.64 5.51
C ASN A 187 -57.96 64.12 5.61
N ILE A 188 -58.10 63.64 6.85
CA ILE A 188 -58.17 62.21 7.14
C ILE A 188 -59.25 61.97 8.19
N GLU A 189 -59.68 60.71 8.28
CA GLU A 189 -60.60 60.27 9.31
C GLU A 189 -60.17 58.90 9.80
N CYS A 190 -60.10 58.74 11.12
CA CYS A 190 -59.57 57.52 11.71
C CYS A 190 -60.54 56.36 11.53
N ALA A 191 -60.01 55.15 11.62
CA ALA A 191 -60.79 53.95 11.36
C ALA A 191 -61.90 53.79 12.42
N SER A 192 -63.02 53.22 12.00
CA SER A 192 -64.16 53.05 12.88
C SER A 192 -64.28 51.62 13.38
N LEU A 193 -64.76 51.49 14.62
CA LEU A 193 -64.97 50.19 15.25
C LEU A 193 -66.39 49.67 15.09
N LEU A 194 -67.23 50.37 14.31
CA LEU A 194 -68.66 50.10 14.32
C LEU A 194 -68.98 48.64 13.98
N ASP A 195 -68.11 47.98 13.21
CA ASP A 195 -68.42 46.62 12.78
C ASP A 195 -68.40 45.64 13.93
N LEU A 196 -67.70 45.97 15.01
CA LEU A 196 -67.60 45.05 16.14
C LEU A 196 -68.91 44.98 16.92
N TYR A 197 -69.58 46.12 17.11
CA TYR A 197 -70.72 46.18 18.00
C TYR A 197 -71.90 45.37 17.44
N GLY A 198 -72.87 45.11 18.31
CA GLY A 198 -74.04 44.35 17.91
C GLY A 198 -75.06 45.24 17.24
N GLN A 199 -75.70 44.71 16.18
CA GLN A 199 -76.63 45.48 15.37
C GLN A 199 -78.06 45.21 15.82
N ILE A 200 -78.83 46.28 16.01
CA ILE A 200 -80.23 46.19 16.41
C ILE A 200 -81.04 47.17 15.58
N GLU A 201 -82.24 46.77 15.19
CA GLU A 201 -83.15 47.58 14.39
C GLU A 201 -84.41 47.86 15.20
N VAL A 202 -84.88 49.11 15.15
CA VAL A 202 -86.06 49.53 15.88
C VAL A 202 -86.96 50.34 14.95
N SER A 203 -88.17 50.64 15.43
CA SER A 203 -89.10 51.46 14.67
C SER A 203 -89.84 52.47 15.54
N ARG A 204 -89.35 52.75 16.74
CA ARG A 204 -89.94 53.76 17.62
C ARG A 204 -88.84 54.37 18.46
N SER A 205 -89.12 55.58 18.98
CA SER A 205 -88.12 56.30 19.74
C SER A 205 -87.77 55.64 21.06
N THR A 206 -88.58 54.68 21.53
CA THR A 206 -88.35 54.04 22.81
C THR A 206 -88.49 52.53 22.65
N PHE A 207 -87.71 51.79 23.43
CA PHE A 207 -87.73 50.33 23.41
C PHE A 207 -87.42 49.81 24.79
N THR A 208 -87.76 48.54 25.02
CA THR A 208 -87.57 47.91 26.33
C THR A 208 -87.10 46.48 26.15
N TYR A 209 -86.41 45.97 27.17
CA TYR A 209 -85.89 44.61 27.15
C TYR A 209 -85.65 44.16 28.59
N MET A 210 -85.42 42.86 28.77
CA MET A 210 -85.28 42.25 30.08
C MET A 210 -83.86 41.79 30.32
N LYS A 211 -83.47 41.75 31.59
CA LYS A 211 -82.16 41.29 32.02
C LYS A 211 -82.33 40.27 33.13
N ILE A 212 -81.57 39.17 33.05
CA ILE A 212 -81.64 38.10 34.05
C ILE A 212 -80.44 38.31 34.97
N ALA A 213 -80.66 39.05 36.06
CA ALA A 213 -79.55 39.46 36.91
C ALA A 213 -78.91 38.28 37.64
N ASP A 214 -79.73 37.36 38.15
CA ASP A 214 -79.23 36.31 39.03
C ASP A 214 -80.16 35.11 38.99
N TYR A 215 -79.63 33.96 39.40
CA TYR A 215 -80.41 32.73 39.44
C TYR A 215 -80.73 32.26 40.85
N GLY A 216 -79.92 32.63 41.83
CA GLY A 216 -80.17 32.21 43.20
C GLY A 216 -79.69 30.79 43.46
N GLN A 217 -79.85 30.37 44.72
CA GLN A 217 -79.40 29.07 45.19
C GLN A 217 -80.58 28.33 45.79
N LEU A 218 -80.87 27.14 45.28
CA LEU A 218 -81.98 26.32 45.74
C LEU A 218 -81.43 24.95 46.14
N GLY A 219 -81.89 24.44 47.28
CA GLY A 219 -81.51 23.12 47.72
C GLY A 219 -80.18 23.10 48.45
N GLU A 220 -79.87 21.93 49.00
CA GLU A 220 -78.62 21.72 49.71
C GLU A 220 -78.51 20.24 50.07
N TYR A 221 -77.34 19.86 50.58
CA TYR A 221 -77.11 18.49 51.04
C TYR A 221 -77.48 18.42 52.51
N THR A 222 -78.64 17.85 52.81
CA THR A 222 -79.13 17.76 54.17
C THR A 222 -78.79 16.41 54.79
N CYS A 223 -78.89 16.34 56.11
CA CYS A 223 -78.73 15.08 56.80
C CYS A 223 -79.83 14.11 56.38
N ASP A 224 -79.46 12.85 56.18
CA ASP A 224 -80.40 11.88 55.67
C ASP A 224 -81.52 11.56 56.66
N ALA A 225 -81.29 11.84 57.95
CA ALA A 225 -82.28 11.50 58.97
C ALA A 225 -83.41 12.52 59.08
N LYS A 226 -83.23 13.73 58.54
CA LYS A 226 -84.24 14.76 58.68
C LYS A 226 -85.46 14.44 57.82
N CYS A 227 -86.56 15.13 58.12
CA CYS A 227 -87.85 14.82 57.53
C CYS A 227 -88.41 15.93 56.65
N ASP A 228 -87.69 17.02 56.46
CA ASP A 228 -88.19 18.14 55.68
C ASP A 228 -87.03 18.78 54.92
N ALA A 229 -87.28 19.96 54.36
CA ALA A 229 -86.29 20.70 53.59
C ALA A 229 -86.46 22.18 53.86
N GLU A 230 -85.42 22.95 53.57
CA GLU A 230 -85.41 24.39 53.82
C GLU A 230 -85.74 25.15 52.55
N PHE A 231 -86.04 26.44 52.74
CA PHE A 231 -86.30 27.33 51.62
C PHE A 231 -85.01 27.96 51.12
N GLY A 232 -84.83 27.97 49.80
CA GLY A 232 -83.64 28.53 49.21
C GLY A 232 -83.73 30.03 49.05
N GLU A 233 -82.72 30.58 48.36
CA GLU A 233 -82.66 32.01 48.09
C GLU A 233 -83.10 32.24 46.65
N PRO A 234 -84.21 32.93 46.40
CA PRO A 234 -84.72 33.04 45.03
C PRO A 234 -83.87 33.96 44.18
N GLY A 235 -84.08 33.86 42.87
CA GLY A 235 -83.32 34.61 41.90
C GLY A 235 -83.77 36.07 41.84
N ASN A 236 -83.54 36.66 40.67
CA ASN A 236 -83.86 38.07 40.44
C ASN A 236 -83.96 38.32 38.95
N ILE A 237 -84.85 39.23 38.56
CA ILE A 237 -85.01 39.64 37.17
C ILE A 237 -85.27 41.15 37.14
N ARG A 238 -84.84 41.81 36.07
CA ARG A 238 -84.91 43.25 35.96
C ARG A 238 -85.48 43.66 34.62
N HIS A 239 -86.04 44.86 34.57
CA HIS A 239 -86.53 45.46 33.33
C HIS A 239 -85.68 46.66 32.98
N LEU A 240 -85.44 46.85 31.67
CA LEU A 240 -84.61 47.93 31.18
C LEU A 240 -85.21 48.49 29.90
N GLU A 241 -84.96 49.77 29.66
CA GLU A 241 -85.44 50.44 28.46
C GLU A 241 -84.44 51.50 28.03
N GLY A 242 -84.50 51.88 26.75
CA GLY A 242 -83.55 52.80 26.17
C GLY A 242 -84.25 53.89 25.39
N LYS A 243 -83.45 54.61 24.60
CA LYS A 243 -83.92 55.79 23.88
C LYS A 243 -83.15 55.94 22.58
N THR A 244 -83.66 56.80 21.69
CA THR A 244 -83.00 57.15 20.44
C THR A 244 -82.87 58.67 20.36
N TYR A 245 -81.84 59.12 19.65
CA TYR A 245 -81.48 60.52 19.59
C TYR A 245 -81.62 61.07 18.18
N ASP A 246 -81.61 62.39 18.05
CA ASP A 246 -81.92 63.07 16.80
C ASP A 246 -80.74 63.94 16.38
N TYR A 247 -80.40 63.85 15.09
CA TYR A 247 -79.33 64.65 14.48
C TYR A 247 -79.95 65.51 13.38
N ARG A 248 -79.64 66.80 13.38
CA ARG A 248 -80.30 67.72 12.47
C ARG A 248 -79.37 68.89 12.12
N GLY A 249 -79.68 69.54 11.01
CA GLY A 249 -78.92 70.70 10.55
C GLY A 249 -79.68 71.41 9.44
N VAL A 250 -79.09 72.51 8.97
CA VAL A 250 -79.71 73.34 7.95
C VAL A 250 -78.66 74.26 7.33
N PHE A 251 -78.84 74.56 6.05
CA PHE A 251 -77.97 75.51 5.34
C PHE A 251 -78.76 76.17 4.22
N CYS A 252 -78.30 77.35 3.80
CA CYS A 252 -79.03 78.20 2.87
C CYS A 252 -78.10 78.73 1.80
N PHE A 253 -78.68 79.07 0.65
CA PHE A 253 -77.92 79.52 -0.51
C PHE A 253 -78.57 80.76 -1.13
N ASN A 254 -77.83 81.37 -2.05
CA ASN A 254 -78.35 82.43 -2.90
C ASN A 254 -78.36 81.93 -4.34
N ARG A 255 -79.51 82.07 -5.01
CA ARG A 255 -79.70 81.40 -6.29
C ARG A 255 -78.76 81.93 -7.36
N LYS A 256 -78.55 83.24 -7.44
CA LYS A 256 -77.69 83.79 -8.48
C LYS A 256 -76.24 83.35 -8.31
N ASN A 257 -75.73 83.44 -7.09
CA ASN A 257 -74.35 83.03 -6.83
C ASN A 257 -74.17 81.53 -7.06
N LEU A 258 -75.12 80.73 -6.59
CA LEU A 258 -75.00 79.28 -6.75
C LEU A 258 -75.01 78.85 -8.21
N GLN A 259 -75.46 79.72 -9.11
CA GLN A 259 -75.46 79.41 -10.53
C GLN A 259 -74.29 80.04 -11.27
N GLU A 260 -73.82 81.22 -10.84
CA GLU A 260 -72.68 81.84 -11.49
C GLU A 260 -71.36 81.19 -11.08
N ALA A 261 -71.25 80.71 -9.84
CA ALA A 261 -70.01 80.13 -9.38
C ALA A 261 -69.62 78.94 -10.27
N ASN A 262 -68.32 78.85 -10.57
CA ASN A 262 -67.81 77.81 -11.45
C ASN A 262 -67.48 76.51 -10.72
N TYR A 263 -67.53 76.51 -9.39
CA TYR A 263 -67.33 75.31 -8.60
C TYR A 263 -68.62 74.96 -7.88
N ASP A 264 -69.05 73.70 -8.00
CA ASP A 264 -70.33 73.26 -7.45
C ASP A 264 -70.23 73.23 -5.93
N PHE A 265 -71.09 73.99 -5.27
CA PHE A 265 -71.08 74.04 -3.80
C PHE A 265 -72.11 73.12 -3.17
N LEU A 266 -73.18 72.77 -3.88
CA LEU A 266 -74.24 71.96 -3.28
C LEU A 266 -73.72 70.58 -2.91
N SER A 267 -73.04 69.91 -3.85
CA SER A 267 -72.47 68.61 -3.57
C SER A 267 -71.41 68.68 -2.48
N PHE A 268 -70.62 69.74 -2.46
CA PHE A 268 -69.63 69.92 -1.40
C PHE A 268 -70.31 69.99 -0.04
N MET A 269 -71.40 70.76 0.06
CA MET A 269 -72.10 70.88 1.33
C MET A 269 -72.73 69.55 1.74
N ILE A 270 -73.29 68.81 0.79
CA ILE A 270 -73.86 67.51 1.10
C ILE A 270 -72.78 66.57 1.63
N GLY A 271 -71.63 66.53 0.96
CA GLY A 271 -70.55 65.69 1.42
C GLY A 271 -70.07 66.08 2.80
N ALA A 272 -69.95 67.38 3.06
CA ALA A 272 -69.55 67.83 4.39
C ALA A 272 -70.55 67.40 5.44
N ALA A 273 -71.85 67.50 5.16
CA ALA A 273 -72.87 67.07 6.10
C ALA A 273 -72.72 65.59 6.43
N GLN A 274 -72.60 64.75 5.40
CA GLN A 274 -72.49 63.32 5.64
C GLN A 274 -71.23 62.97 6.40
N ARG A 275 -70.10 63.61 6.06
CA ARG A 275 -68.85 63.35 6.74
C ARG A 275 -68.95 63.73 8.21
N SER A 276 -69.54 64.88 8.50
CA SER A 276 -69.72 65.30 9.89
C SER A 276 -70.62 64.33 10.63
N HIS A 277 -71.69 63.84 9.99
CA HIS A 277 -72.55 62.86 10.63
C HIS A 277 -71.76 61.62 11.02
N ARG A 278 -70.96 61.09 10.09
CA ARG A 278 -70.19 59.89 10.38
C ARG A 278 -69.24 60.12 11.54
N ILE A 279 -68.50 61.24 11.50
CA ILE A 279 -67.52 61.50 12.55
C ILE A 279 -68.22 61.62 13.90
N ASN A 280 -69.33 62.36 13.95
CA ASN A 280 -70.03 62.56 15.21
C ASN A 280 -70.57 61.25 15.75
N ARG A 281 -71.16 60.41 14.89
CA ARG A 281 -71.69 59.14 15.36
C ARG A 281 -70.58 58.27 15.94
N ASN A 282 -69.46 58.16 15.22
CA ASN A 282 -68.36 57.33 15.71
C ASN A 282 -67.80 57.85 17.02
N ARG A 283 -67.64 59.17 17.14
CA ARG A 283 -67.14 59.72 18.39
C ARG A 283 -68.11 59.46 19.54
N ALA A 284 -69.40 59.67 19.29
CA ALA A 284 -70.40 59.55 20.35
C ALA A 284 -70.48 58.12 20.86
N LEU A 285 -70.49 57.15 19.95
CA LEU A 285 -70.59 55.76 20.40
C LEU A 285 -69.46 55.35 21.33
N MET A 286 -68.33 56.06 21.29
CA MET A 286 -67.18 55.67 22.09
C MET A 286 -67.04 56.53 23.35
N VAL A 287 -67.09 57.85 23.22
CA VAL A 287 -66.82 58.74 24.34
C VAL A 287 -67.98 59.70 24.55
N GLY A 288 -69.08 59.50 23.83
CA GLY A 288 -70.22 60.38 23.98
C GLY A 288 -70.86 60.24 25.36
N ASP A 289 -71.42 61.33 25.85
CA ASP A 289 -72.19 61.33 27.09
C ASP A 289 -73.66 61.14 26.79
N GLY A 290 -74.42 60.77 27.82
CA GLY A 290 -75.80 60.37 27.66
C GLY A 290 -76.82 61.48 27.60
N ILE A 291 -76.41 62.74 27.68
CA ILE A 291 -77.36 63.85 27.73
C ILE A 291 -78.14 63.93 26.43
N ASN A 292 -77.45 64.17 25.33
CA ASN A 292 -78.07 64.21 24.00
C ASN A 292 -77.48 63.22 23.04
N GLU A 293 -76.48 62.44 23.46
CA GLU A 293 -75.79 61.48 22.62
C GLU A 293 -75.78 60.12 23.31
N PRO A 294 -75.63 59.03 22.56
CA PRO A 294 -75.49 57.72 23.20
C PRO A 294 -74.25 57.71 24.08
N LYS A 295 -74.34 56.98 25.20
CA LYS A 295 -73.22 56.90 26.11
C LYS A 295 -72.26 55.81 25.66
N GLY A 296 -70.98 56.17 25.53
CA GLY A 296 -69.97 55.23 25.10
C GLY A 296 -69.34 54.49 26.27
N TRP A 297 -68.75 53.34 25.97
CA TRP A 297 -68.17 52.52 27.02
C TRP A 297 -66.97 53.17 27.69
N LEU A 298 -66.16 53.93 26.94
CA LEU A 298 -65.06 54.65 27.56
C LEU A 298 -65.54 55.67 28.58
N LYS A 299 -66.60 56.42 28.28
CA LYS A 299 -67.14 57.38 29.23
C LYS A 299 -67.83 56.69 30.39
N GLU A 300 -68.57 55.62 30.13
CA GLU A 300 -69.25 54.90 31.20
C GLU A 300 -68.25 54.33 32.19
N ASP A 301 -67.18 53.70 31.70
CA ASP A 301 -66.13 53.16 32.56
C ASP A 301 -66.68 52.08 33.48
N CYS A 302 -67.37 51.10 32.91
CA CYS A 302 -67.94 50.00 33.68
C CYS A 302 -67.09 48.74 33.64
N PHE A 303 -66.24 48.59 32.62
CA PHE A 303 -65.44 47.39 32.52
C PHE A 303 -64.45 47.30 33.67
N PRO A 304 -64.22 46.12 34.25
CA PRO A 304 -63.23 46.01 35.32
C PRO A 304 -61.83 46.31 34.80
N THR A 305 -61.01 46.85 35.71
CA THR A 305 -59.72 47.42 35.35
C THR A 305 -58.59 46.53 35.84
N PHE A 306 -57.53 46.44 35.04
CA PHE A 306 -56.27 45.83 35.43
C PHE A 306 -55.19 46.90 35.45
N LEU A 307 -54.44 46.99 36.54
CA LEU A 307 -53.36 47.95 36.65
C LEU A 307 -52.03 47.29 36.29
N THR A 308 -50.96 48.08 36.34
CA THR A 308 -49.63 47.61 36.02
C THR A 308 -48.67 48.04 37.13
N LEU A 309 -47.83 47.11 37.56
CA LEU A 309 -46.92 47.40 38.67
C LEU A 309 -45.83 48.38 38.21
N PRO A 310 -45.32 49.22 39.11
CA PRO A 310 -44.13 50.00 38.77
C PRO A 310 -42.88 49.15 38.85
N VAL A 311 -41.76 49.76 38.48
CA VAL A 311 -40.46 49.09 38.47
C VAL A 311 -39.44 49.99 39.14
N ASN A 312 -38.63 49.41 40.02
CA ASN A 312 -37.67 50.17 40.81
C ASN A 312 -36.43 50.44 39.96
N THR A 313 -36.22 51.71 39.62
CA THR A 313 -35.06 52.13 38.85
C THR A 313 -33.89 52.57 39.72
N GLY A 314 -34.09 52.64 41.04
CA GLY A 314 -33.04 53.04 41.96
C GLY A 314 -32.37 51.84 42.61
N THR A 315 -31.42 52.15 43.48
CA THR A 315 -30.74 51.12 44.24
C THR A 315 -31.71 50.48 45.24
N PRO A 316 -31.50 49.20 45.58
CA PRO A 316 -32.49 48.50 46.43
C PRO A 316 -32.81 49.23 47.73
N GLU A 317 -31.81 49.82 48.38
CA GLU A 317 -32.05 50.50 49.64
C GLU A 317 -32.62 51.90 49.47
N ASN A 318 -32.57 52.47 48.26
CA ASN A 318 -33.13 53.78 47.97
C ASN A 318 -33.96 53.66 46.70
N PRO A 319 -35.13 53.02 46.78
CA PRO A 319 -35.91 52.77 45.57
C PRO A 319 -36.39 54.05 44.90
N VAL A 320 -36.53 53.99 43.58
CA VAL A 320 -37.10 55.06 42.79
C VAL A 320 -38.21 54.47 41.94
N GLN A 321 -39.44 54.51 42.45
CA GLN A 321 -40.57 53.84 41.82
C GLN A 321 -40.97 54.60 40.56
N THR A 322 -40.89 53.93 39.41
CA THR A 322 -41.24 54.52 38.11
C THR A 322 -42.27 53.66 37.42
N PRO A 323 -43.37 54.22 36.91
CA PRO A 323 -44.34 53.40 36.16
C PRO A 323 -43.69 52.83 34.92
N ALA A 324 -44.19 51.65 34.51
CA ALA A 324 -43.60 50.94 33.38
C ALA A 324 -44.65 50.05 32.75
N PHE A 325 -44.27 49.45 31.61
CA PHE A 325 -45.17 48.57 30.87
C PHE A 325 -44.29 47.65 30.03
N LEU A 326 -44.21 46.38 30.42
CA LEU A 326 -43.28 45.43 29.82
C LEU A 326 -44.01 44.52 28.84
N ALA A 327 -43.22 43.71 28.14
CA ALA A 327 -43.79 42.83 27.12
C ALA A 327 -44.66 41.75 27.72
N GLN A 328 -44.23 41.15 28.83
CA GLN A 328 -44.99 40.05 29.43
C GLN A 328 -46.32 40.49 30.01
N ASP A 329 -46.47 41.79 30.33
CA ASP A 329 -47.77 42.27 30.80
C ASP A 329 -48.84 42.08 29.73
N TRP A 330 -48.51 42.34 28.47
CA TRP A 330 -49.49 42.15 27.41
C TRP A 330 -49.93 40.71 27.31
N ARG A 331 -48.98 39.77 27.36
CA ARG A 331 -49.35 38.35 27.30
C ARG A 331 -50.20 37.96 28.49
N ARG A 332 -49.82 38.43 29.68
CA ARG A 332 -50.60 38.12 30.88
C ARG A 332 -52.02 38.63 30.75
N PHE A 333 -52.19 39.86 30.26
CA PHE A 333 -53.52 40.42 30.09
C PHE A 333 -54.33 39.63 29.06
N VAL A 334 -53.71 39.31 27.93
CA VAL A 334 -54.44 38.68 26.84
C VAL A 334 -54.85 37.25 27.20
N THR A 335 -53.99 36.52 27.91
CA THR A 335 -54.25 35.11 28.17
C THR A 335 -55.20 34.88 29.33
N SER A 336 -55.60 35.93 30.05
CA SER A 336 -56.43 35.76 31.24
C SER A 336 -57.91 36.01 30.98
N PHE A 337 -58.33 36.12 29.73
CA PHE A 337 -59.74 36.33 29.43
C PHE A 337 -60.51 35.03 29.62
N PRO A 338 -61.57 35.00 30.41
CA PRO A 338 -62.30 33.74 30.62
C PRO A 338 -62.75 33.14 29.30
N ALA A 339 -62.60 31.82 29.18
CA ALA A 339 -62.93 31.15 27.94
C ALA A 339 -64.44 31.02 27.75
N GLU A 340 -65.21 31.13 28.83
CA GLU A 340 -66.64 30.92 28.73
C GLU A 340 -67.33 31.98 27.88
N TYR A 341 -66.78 33.20 27.86
CA TYR A 341 -67.41 34.28 27.11
C TYR A 341 -67.23 34.17 25.61
N GLY A 342 -66.29 33.34 25.14
CA GLY A 342 -66.16 33.11 23.71
C GLY A 342 -65.14 34.02 23.05
N ASP A 343 -65.43 34.38 21.80
CA ASP A 343 -64.49 35.14 20.98
C ASP A 343 -64.28 36.52 21.57
N ALA A 344 -63.05 37.02 21.48
CA ALA A 344 -62.70 38.35 21.97
C ALA A 344 -61.63 38.96 21.08
N ARG A 345 -61.61 40.28 21.01
CA ARG A 345 -60.61 41.02 20.25
C ARG A 345 -60.14 42.23 21.05
N SER A 346 -58.95 42.70 20.74
CA SER A 346 -58.37 43.86 21.41
C SER A 346 -58.37 45.08 20.49
N VAL A 347 -58.40 46.26 21.09
CA VAL A 347 -58.35 47.52 20.37
C VAL A 347 -57.40 48.45 21.10
N MET A 348 -56.56 49.16 20.35
CA MET A 348 -55.60 50.07 20.95
C MET A 348 -55.01 50.95 19.86
N HIS A 349 -54.43 52.07 20.29
CA HIS A 349 -53.85 53.03 19.37
C HIS A 349 -52.60 52.46 18.71
N GLN A 350 -52.31 52.94 17.50
CA GLN A 350 -51.17 52.44 16.74
C GLN A 350 -49.84 52.71 17.44
N ASN A 351 -49.75 53.80 18.19
CA ASN A 351 -48.52 54.10 18.90
C ASN A 351 -48.20 53.07 19.97
N VAL A 352 -49.21 52.48 20.60
CA VAL A 352 -48.96 51.43 21.59
C VAL A 352 -48.34 50.21 20.91
N PHE A 353 -48.86 49.81 19.76
CA PHE A 353 -48.28 48.70 19.03
C PHE A 353 -46.85 49.02 18.59
N GLY A 354 -46.62 50.24 18.11
CA GLY A 354 -45.28 50.65 17.74
C GLY A 354 -44.30 50.69 18.88
N TYR A 355 -44.74 51.08 20.08
CA TYR A 355 -43.91 51.07 21.28
C TYR A 355 -43.65 49.66 21.77
N LEU A 356 -44.60 48.75 21.57
CA LEU A 356 -44.42 47.37 21.99
C LEU A 356 -43.45 46.64 21.06
N ALA A 357 -43.56 46.89 19.76
CA ALA A 357 -42.74 46.17 18.79
C ALA A 357 -41.27 46.59 18.83
N ALA A 358 -40.91 47.63 19.57
CA ALA A 358 -39.55 48.14 19.60
C ALA A 358 -38.81 47.73 20.87
N MET A 359 -39.30 46.76 21.61
CA MET A 359 -38.67 46.35 22.86
C MET A 359 -37.49 45.42 22.60
N VAL A 360 -36.53 45.45 23.52
CA VAL A 360 -35.33 44.63 23.42
C VAL A 360 -35.13 43.89 24.74
N ASP A 361 -34.38 42.80 24.68
CA ASP A 361 -34.02 42.04 25.87
C ASP A 361 -32.72 42.57 26.46
N ALA A 362 -32.16 41.81 27.40
CA ALA A 362 -30.99 42.28 28.13
C ALA A 362 -29.78 42.46 27.22
N ASN A 363 -29.56 41.55 26.27
CA ASN A 363 -28.37 41.62 25.42
C ASN A 363 -28.49 42.65 24.30
N GLY A 364 -29.70 43.12 24.01
CA GLY A 364 -29.92 44.08 22.95
C GLY A 364 -30.73 43.54 21.79
N ARG A 365 -30.87 42.23 21.66
CA ARG A 365 -31.64 41.66 20.57
C ARG A 365 -33.12 41.98 20.74
N PHE A 366 -33.80 42.17 19.61
CA PHE A 366 -35.22 42.49 19.63
C PHE A 366 -36.03 41.31 20.12
N LEU A 367 -37.17 41.61 20.75
CA LEU A 367 -38.19 40.61 20.98
C LEU A 367 -39.12 40.55 19.77
N PHE A 368 -39.94 39.51 19.73
CA PHE A 368 -40.88 39.33 18.61
C PHE A 368 -40.02 39.17 17.34
N GLY A 369 -40.37 39.84 16.24
CA GLY A 369 -39.56 39.73 15.03
C GLY A 369 -38.11 40.05 15.30
N ASP A 370 -37.24 39.04 15.21
CA ASP A 370 -35.82 39.20 15.49
C ASP A 370 -35.03 38.71 14.28
N GLY A 371 -33.84 39.30 14.10
CA GLY A 371 -33.06 39.04 12.91
C GLY A 371 -33.59 39.73 11.69
N ASP A 372 -34.41 40.77 11.85
CA ASP A 372 -35.01 41.48 10.74
C ASP A 372 -35.18 42.94 11.12
N LEU A 373 -35.32 43.79 10.10
CA LEU A 373 -35.35 45.23 10.35
C LEU A 373 -36.65 45.66 11.00
N THR A 374 -37.77 45.03 10.65
CA THR A 374 -39.08 45.46 11.13
C THR A 374 -39.96 44.26 11.42
N PHE A 375 -40.93 44.49 12.30
CA PHE A 375 -41.91 43.48 12.71
C PHE A 375 -43.28 43.89 12.19
N SER A 376 -43.99 42.95 11.57
CA SER A 376 -45.30 43.21 10.97
C SER A 376 -46.13 41.93 11.02
N PRO A 377 -46.68 41.60 12.18
CA PRO A 377 -47.48 40.37 12.30
C PRO A 377 -48.82 40.52 11.61
N ASP A 378 -49.50 39.37 11.46
CA ASP A 378 -50.83 39.33 10.86
C ASP A 378 -51.84 39.64 11.94
N LEU A 379 -52.26 40.91 12.02
CA LEU A 379 -53.20 41.32 13.05
C LEU A 379 -54.53 40.57 12.93
N VAL A 380 -54.91 40.13 11.74
CA VAL A 380 -56.15 39.39 11.60
C VAL A 380 -56.11 38.10 12.40
N ARG A 381 -54.98 37.39 12.36
CA ARG A 381 -54.81 36.19 13.18
C ARG A 381 -54.50 36.52 14.64
N GLU A 382 -53.82 37.64 14.89
CA GLU A 382 -53.50 38.02 16.26
C GLU A 382 -54.71 38.53 17.03
N ARG A 383 -55.81 38.84 16.35
CA ARG A 383 -57.02 39.36 16.99
C ARG A 383 -56.75 40.72 17.63
N ILE A 384 -56.18 41.62 16.83
CA ILE A 384 -55.99 43.01 17.22
C ILE A 384 -56.45 43.90 16.08
N ARG A 385 -57.24 44.92 16.42
CA ARG A 385 -57.68 45.91 15.45
C ARG A 385 -57.29 47.28 15.96
N ILE A 386 -56.53 48.01 15.15
CA ILE A 386 -55.99 49.30 15.56
C ILE A 386 -56.95 50.40 15.17
N SER A 387 -57.05 51.42 16.02
CA SER A 387 -57.92 52.56 15.76
C SER A 387 -57.32 53.78 16.42
N ASN A 388 -57.02 54.81 15.61
CA ASN A 388 -56.38 56.01 16.12
C ASN A 388 -57.32 56.90 16.93
N CYS A 389 -58.62 56.60 16.94
CA CYS A 389 -59.55 57.41 17.71
C CYS A 389 -59.30 57.29 19.21
N LEU A 390 -58.72 56.17 19.64
CA LEU A 390 -58.60 55.88 21.06
C LEU A 390 -57.51 56.73 21.71
N PRO A 391 -57.53 56.84 23.04
CA PRO A 391 -56.48 57.61 23.72
C PRO A 391 -55.11 57.02 23.46
N ASP A 392 -54.11 57.89 23.38
CA ASP A 392 -52.73 57.50 23.12
C ASP A 392 -51.90 57.69 24.40
N PRO A 393 -51.56 56.62 25.13
CA PRO A 393 -50.80 56.82 26.37
C PRO A 393 -49.41 57.39 26.16
N THR A 394 -48.85 57.29 24.95
CA THR A 394 -47.49 57.72 24.70
C THR A 394 -47.37 59.22 24.45
N GLU A 395 -48.47 59.92 24.22
CA GLU A 395 -48.46 61.35 23.96
C GLU A 395 -47.63 61.66 22.72
N GLY A 396 -48.06 61.11 21.59
CA GLY A 396 -47.39 61.35 20.33
C GLY A 396 -45.96 60.86 20.30
N ASN A 397 -45.70 59.67 20.83
CA ASN A 397 -44.38 59.05 20.81
C ASN A 397 -43.34 59.86 21.58
N THR A 398 -43.78 60.65 22.56
CA THR A 398 -42.87 61.46 23.37
C THR A 398 -42.73 60.96 24.81
N LYS A 399 -43.62 60.08 25.26
CA LYS A 399 -43.58 59.54 26.61
C LYS A 399 -43.44 58.03 26.56
N GLY A 400 -42.83 57.47 27.60
CA GLY A 400 -42.63 56.04 27.68
C GLY A 400 -41.21 55.63 28.03
N GLY A 401 -40.41 56.59 28.49
CA GLY A 401 -39.03 56.31 28.85
C GLY A 401 -38.81 56.29 30.35
N THR A 402 -37.81 57.03 30.80
CA THR A 402 -37.45 57.11 32.21
C THR A 402 -37.23 58.56 32.61
N GLY A 403 -37.39 58.83 33.90
CA GLY A 403 -37.23 60.20 34.37
C GLY A 403 -38.33 61.07 33.81
N GLN A 404 -37.93 62.17 33.17
CA GLN A 404 -38.90 63.12 32.64
C GLN A 404 -39.79 62.52 31.57
N ASP A 405 -39.40 61.38 31.00
CA ASP A 405 -40.18 60.71 29.96
C ASP A 405 -41.16 59.69 30.52
N ALA A 406 -41.27 59.57 31.85
CA ALA A 406 -42.05 58.51 32.45
C ALA A 406 -43.52 58.64 32.09
N PHE A 407 -44.20 57.50 31.96
CA PHE A 407 -45.63 57.48 31.71
C PHE A 407 -46.36 58.25 32.80
N ALA A 408 -47.63 58.56 32.52
CA ALA A 408 -48.51 59.14 33.52
C ALA A 408 -49.46 58.08 34.05
N ALA A 409 -49.57 57.98 35.37
CA ALA A 409 -50.38 56.94 35.97
C ALA A 409 -51.84 57.07 35.54
N GLY A 410 -52.49 55.91 35.40
CA GLY A 410 -53.87 55.85 35.00
C GLY A 410 -54.13 55.97 33.51
N SER A 411 -53.08 56.04 32.70
CA SER A 411 -53.28 56.21 31.26
C SER A 411 -53.91 54.97 30.64
N PHE A 412 -54.82 55.19 29.70
CA PHE A 412 -55.45 54.10 28.98
C PHE A 412 -54.42 53.45 28.05
N ILE A 413 -54.45 52.12 27.98
CA ILE A 413 -53.52 51.36 27.13
C ILE A 413 -54.28 50.55 26.08
N ALA A 414 -55.12 49.61 26.50
CA ALA A 414 -55.86 48.78 25.57
C ALA A 414 -57.03 48.16 26.29
N ALA A 415 -57.98 47.65 25.51
CA ALA A 415 -59.17 47.01 26.03
C ALA A 415 -59.50 45.78 25.20
N GLN A 416 -60.16 44.81 25.84
CA GLN A 416 -60.54 43.56 25.19
C GLN A 416 -61.91 43.15 25.70
N ALA A 417 -62.74 42.63 24.80
CA ALA A 417 -64.10 42.26 25.18
C ALA A 417 -64.73 41.46 24.05
N ALA A 418 -65.90 40.89 24.35
CA ALA A 418 -66.75 40.27 23.34
C ALA A 418 -67.80 41.29 22.94
N TRP A 419 -67.46 42.06 21.90
CA TRP A 419 -68.25 43.24 21.58
C TRP A 419 -69.69 42.89 21.22
N LYS A 420 -69.89 41.81 20.46
CA LYS A 420 -71.23 41.41 20.03
C LYS A 420 -72.20 41.22 21.17
N THR A 421 -71.72 41.15 22.42
CA THR A 421 -72.60 41.14 23.57
C THR A 421 -72.20 42.17 24.62
N ALA A 422 -71.16 42.97 24.40
CA ALA A 422 -70.79 44.02 25.32
C ALA A 422 -71.28 45.39 24.88
N TYR A 423 -71.63 45.55 23.60
CA TYR A 423 -72.14 46.83 23.13
C TYR A 423 -73.06 46.60 21.94
N TYR A 424 -74.07 47.46 21.80
CA TYR A 424 -75.04 47.38 20.72
C TYR A 424 -75.18 48.73 20.04
N ALA A 425 -75.51 48.69 18.76
CA ALA A 425 -75.76 49.89 17.96
C ALA A 425 -77.15 49.79 17.35
N VAL A 426 -78.00 50.77 17.65
CA VAL A 426 -79.38 50.79 17.18
C VAL A 426 -79.54 51.92 16.17
N GLU A 427 -80.11 51.59 15.01
CA GLU A 427 -80.32 52.55 13.94
C GLU A 427 -81.80 52.56 13.57
N LYS A 428 -82.37 53.76 13.44
CA LYS A 428 -83.79 53.91 13.17
C LYS A 428 -84.07 54.47 11.79
N ARG A 429 -83.52 55.64 11.45
CA ARG A 429 -83.76 56.24 10.15
C ARG A 429 -82.47 56.76 9.53
N PRO A 430 -82.15 56.39 8.29
CA PRO A 430 -80.96 56.97 7.64
C PRO A 430 -81.21 58.41 7.24
N MET A 431 -80.11 59.11 6.95
CA MET A 431 -80.18 60.53 6.67
C MET A 431 -81.01 60.81 5.42
N PHE A 432 -81.68 61.97 5.42
CA PHE A 432 -82.50 62.41 4.30
C PHE A 432 -82.26 63.89 4.04
N PHE A 433 -82.40 64.29 2.78
CA PHE A 433 -82.29 65.68 2.37
C PHE A 433 -83.57 66.11 1.68
N GLU A 434 -84.08 67.28 2.04
CA GLU A 434 -85.28 67.82 1.42
C GLU A 434 -85.19 69.34 1.42
N GLN A 435 -85.97 69.95 0.55
CA GLN A 435 -85.96 71.39 0.34
C GLN A 435 -87.11 72.01 1.12
N TYR A 436 -86.82 73.08 1.87
CA TYR A 436 -87.81 73.76 2.69
C TYR A 436 -88.55 74.77 1.82
N GLU A 437 -89.71 74.33 1.32
CA GLU A 437 -90.48 75.16 0.39
C GLU A 437 -90.92 76.47 1.03
N GLY A 438 -91.24 76.45 2.33
CA GLY A 438 -91.76 77.64 2.98
C GLY A 438 -90.73 78.71 3.25
N GLY A 439 -89.44 78.42 3.06
CA GLY A 439 -88.40 79.38 3.33
C GLY A 439 -87.64 79.81 2.09
N SER A 440 -87.78 79.04 1.02
CA SER A 440 -87.08 79.31 -0.23
C SER A 440 -87.94 80.26 -1.07
N SER A 441 -87.53 81.52 -1.14
CA SER A 441 -88.24 82.50 -1.95
C SER A 441 -87.81 82.36 -3.41
N ALA A 442 -88.17 83.35 -4.24
CA ALA A 442 -87.81 83.31 -5.64
C ALA A 442 -86.35 83.63 -5.89
N TRP A 443 -85.61 84.10 -4.88
CA TRP A 443 -84.21 84.43 -5.02
C TRP A 443 -83.32 83.77 -3.98
N CYS A 444 -83.84 82.81 -3.21
CA CYS A 444 -83.06 82.10 -2.22
C CYS A 444 -83.49 80.64 -2.19
N VAL A 445 -82.77 79.84 -1.41
CA VAL A 445 -83.05 78.41 -1.27
C VAL A 445 -82.62 77.97 0.12
N LYS A 446 -83.27 76.93 0.62
CA LYS A 446 -82.95 76.38 1.94
C LYS A 446 -83.17 74.88 1.93
N TYR A 447 -82.26 74.16 2.59
CA TYR A 447 -82.30 72.71 2.66
C TYR A 447 -82.25 72.26 4.12
N GLN A 448 -82.82 71.09 4.39
CA GLN A 448 -82.87 70.52 5.72
C GLN A 448 -82.46 69.04 5.66
N PHE A 449 -81.83 68.57 6.73
CA PHE A 449 -81.37 67.20 6.81
C PHE A 449 -81.30 66.77 8.27
N GLY A 450 -81.41 65.46 8.48
CA GLY A 450 -81.33 64.91 9.83
C GLY A 450 -81.43 63.41 9.80
N ALA A 451 -81.17 62.81 10.96
CA ALA A 451 -81.24 61.36 11.12
C ALA A 451 -81.30 61.03 12.60
N GLU A 452 -81.72 59.79 12.90
CA GLU A 452 -81.89 59.33 14.26
C GLU A 452 -81.15 58.00 14.45
N ASP A 453 -80.46 57.87 15.58
CA ASP A 453 -79.65 56.69 15.85
C ASP A 453 -79.28 56.69 17.32
N GLY A 454 -78.75 55.56 17.78
CA GLY A 454 -78.32 55.48 19.17
C GLY A 454 -77.65 54.16 19.49
N GLY A 455 -77.37 53.97 20.76
CA GLY A 455 -76.73 52.74 21.22
C GLY A 455 -76.69 52.73 22.74
N PHE A 456 -76.48 51.52 23.28
CA PHE A 456 -76.46 51.33 24.72
C PHE A 456 -75.51 50.20 25.09
N VAL A 457 -74.98 50.27 26.31
CA VAL A 457 -74.05 49.26 26.79
C VAL A 457 -74.81 48.00 27.18
N GLY A 458 -74.31 46.86 26.74
CA GLY A 458 -74.93 45.60 27.08
C GLY A 458 -74.40 45.02 28.37
N CYS A 459 -73.84 43.81 28.31
CA CYS A 459 -73.29 43.15 29.48
C CYS A 459 -71.93 43.76 29.80
N CYS A 460 -71.80 44.36 30.98
CA CYS A 460 -70.57 45.02 31.37
C CYS A 460 -69.51 44.05 31.89
N GLU A 461 -69.84 42.77 32.04
CA GLU A 461 -68.88 41.79 32.53
C GLU A 461 -68.01 41.21 31.41
N HIS A 462 -68.42 41.37 30.15
CA HIS A 462 -67.71 40.75 29.04
C HIS A 462 -66.56 41.60 28.51
N GLY A 463 -66.03 42.53 29.31
CA GLY A 463 -64.95 43.38 28.86
C GLY A 463 -63.89 43.55 29.91
N ARG A 464 -62.72 43.99 29.46
CA ARG A 464 -61.57 44.24 30.32
C ARG A 464 -60.86 45.49 29.84
N VAL A 465 -60.17 46.14 30.76
CA VAL A 465 -59.39 47.35 30.45
C VAL A 465 -58.04 47.24 31.14
N LEU A 466 -56.99 47.65 30.42
CA LEU A 466 -55.63 47.65 30.94
C LEU A 466 -55.18 49.09 31.09
N ARG A 467 -54.56 49.41 32.23
CA ARG A 467 -54.13 50.76 32.54
C ARG A 467 -52.78 50.73 33.24
N ILE A 468 -52.11 51.87 33.24
CA ILE A 468 -50.84 51.99 33.94
C ILE A 468 -51.10 52.19 35.42
N GLY A 469 -50.16 51.72 36.24
CA GLY A 469 -50.27 51.86 37.69
C GLY A 469 -49.13 52.65 38.27
N PHE B 165 24.47 55.89 -31.98
CA PHE B 165 23.20 56.59 -31.63
C PHE B 165 22.37 55.73 -30.69
N GLU B 166 21.98 56.31 -29.55
CA GLU B 166 21.17 55.58 -28.58
C GLU B 166 20.43 56.57 -27.70
N ALA B 167 19.38 56.08 -27.05
CA ALA B 167 18.68 56.89 -26.05
C ALA B 167 19.62 57.17 -24.89
N SER B 168 19.37 58.29 -24.20
CA SER B 168 20.26 58.87 -23.20
C SER B 168 21.38 59.64 -23.88
N THR B 169 21.46 59.61 -25.21
CA THR B 169 22.31 60.51 -25.97
C THR B 169 21.50 61.32 -26.97
N ILE B 170 20.58 60.69 -27.70
CA ILE B 170 19.71 61.45 -28.58
C ILE B 170 18.50 61.97 -27.80
N GLY B 171 17.84 62.98 -28.34
CA GLY B 171 16.76 63.64 -27.65
C GLY B 171 15.46 62.87 -27.76
N PRO B 172 14.51 63.22 -26.90
CA PRO B 172 13.22 62.50 -26.90
C PRO B 172 12.42 62.66 -28.17
N ALA B 173 12.70 63.69 -28.97
CA ALA B 173 11.86 63.99 -30.12
C ALA B 173 11.90 62.90 -31.18
N PHE B 174 12.85 61.96 -31.10
CA PHE B 174 13.01 60.95 -32.12
C PHE B 174 12.12 59.73 -31.90
N PHE B 175 11.35 59.69 -30.81
CA PHE B 175 10.50 58.55 -30.50
C PHE B 175 9.06 59.01 -30.34
N THR B 176 8.15 58.33 -31.03
CA THR B 176 6.73 58.66 -31.01
C THR B 176 5.97 57.54 -30.30
N PRO B 177 5.36 57.78 -29.14
CA PRO B 177 4.70 56.71 -28.41
C PRO B 177 3.40 56.25 -29.07
N GLN B 178 3.01 55.03 -28.74
CA GLN B 178 1.74 54.48 -29.19
C GLN B 178 0.59 55.27 -28.56
N VAL B 179 -0.54 55.33 -29.26
CA VAL B 179 -1.72 56.04 -28.78
C VAL B 179 -2.81 55.02 -28.50
N LEU B 180 -3.17 54.85 -27.22
CA LEU B 180 -4.21 53.93 -26.85
C LEU B 180 -5.59 54.57 -27.01
N ALA B 181 -6.62 53.74 -26.93
CA ALA B 181 -7.99 54.21 -27.14
C ALA B 181 -8.76 54.41 -25.84
N LEU B 182 -8.39 53.72 -24.77
CA LEU B 182 -9.13 53.83 -23.52
C LEU B 182 -9.01 55.24 -22.95
N GLU B 183 -10.07 55.67 -22.27
CA GLU B 183 -10.12 57.00 -21.64
C GLU B 183 -10.53 56.83 -20.18
N VAL B 184 -9.56 56.91 -19.28
CA VAL B 184 -9.83 56.74 -17.86
C VAL B 184 -10.83 57.79 -17.40
N ASP B 185 -11.65 57.44 -16.41
CA ASP B 185 -12.64 58.36 -15.88
C ASP B 185 -13.07 57.86 -14.50
N CYS B 186 -12.93 58.71 -13.48
CA CYS B 186 -13.19 58.33 -12.11
C CYS B 186 -14.39 59.06 -11.50
N ASN B 187 -15.03 59.96 -12.24
CA ASN B 187 -16.13 60.73 -11.68
C ASN B 187 -17.43 59.94 -11.73
N ILE B 188 -18.35 60.30 -10.83
CA ILE B 188 -19.60 59.59 -10.67
C ILE B 188 -20.75 60.59 -10.60
N GLU B 189 -21.96 60.09 -10.85
CA GLU B 189 -23.19 60.86 -10.76
C GLU B 189 -24.14 60.13 -9.84
N CYS B 190 -24.37 60.67 -8.65
CA CYS B 190 -25.15 59.99 -7.63
C CYS B 190 -26.60 59.80 -8.09
N ALA B 191 -27.22 58.73 -7.63
CA ALA B 191 -28.59 58.43 -8.00
C ALA B 191 -29.53 59.54 -7.55
N SER B 192 -30.56 59.81 -8.35
CA SER B 192 -31.46 60.91 -8.10
C SER B 192 -32.78 60.43 -7.51
N LEU B 193 -33.38 61.28 -6.68
CA LEU B 193 -34.71 61.04 -6.13
C LEU B 193 -35.82 61.45 -7.09
N LEU B 194 -35.46 61.96 -8.27
CA LEU B 194 -36.43 62.66 -9.11
C LEU B 194 -37.62 61.79 -9.48
N ASP B 195 -37.42 60.47 -9.60
CA ASP B 195 -38.48 59.61 -10.08
C ASP B 195 -39.46 59.19 -8.99
N LEU B 196 -39.24 59.61 -7.73
CA LEU B 196 -40.20 59.34 -6.69
C LEU B 196 -41.30 60.40 -6.63
N TYR B 197 -40.94 61.65 -6.90
CA TYR B 197 -41.87 62.75 -6.77
C TYR B 197 -43.05 62.58 -7.73
N GLY B 198 -44.06 63.43 -7.54
CA GLY B 198 -45.19 63.44 -8.46
C GLY B 198 -44.81 64.14 -9.75
N GLN B 199 -45.23 63.57 -10.87
CA GLN B 199 -44.83 64.05 -12.19
C GLN B 199 -45.94 64.87 -12.81
N ILE B 200 -45.61 66.10 -13.21
CA ILE B 200 -46.53 66.99 -13.90
C ILE B 200 -45.80 67.60 -15.08
N GLU B 201 -46.57 67.97 -16.11
CA GLU B 201 -46.03 68.63 -17.29
C GLU B 201 -46.91 69.82 -17.64
N VAL B 202 -46.28 70.98 -17.84
CA VAL B 202 -46.97 72.22 -18.18
C VAL B 202 -46.34 72.80 -19.43
N SER B 203 -47.17 73.19 -20.38
CA SER B 203 -46.68 73.82 -21.60
C SER B 203 -46.59 75.34 -21.47
N ARG B 204 -46.95 75.90 -20.32
CA ARG B 204 -46.95 77.33 -20.09
C ARG B 204 -46.15 77.65 -18.83
N SER B 205 -45.84 78.93 -18.65
CA SER B 205 -44.99 79.35 -17.54
C SER B 205 -45.72 79.46 -16.22
N THR B 206 -47.05 79.37 -16.20
CA THR B 206 -47.81 79.48 -14.97
C THR B 206 -48.89 78.41 -14.94
N PHE B 207 -49.25 77.98 -13.74
CA PHE B 207 -50.25 76.93 -13.55
C PHE B 207 -51.00 77.18 -12.25
N THR B 208 -52.23 76.66 -12.18
CA THR B 208 -53.12 76.88 -11.05
C THR B 208 -53.71 75.56 -10.59
N TYR B 209 -54.00 75.47 -9.29
CA TYR B 209 -54.60 74.27 -8.71
C TYR B 209 -55.32 74.65 -7.43
N MET B 210 -56.19 73.76 -6.96
CA MET B 210 -57.08 74.00 -5.83
C MET B 210 -56.57 73.28 -4.59
N LYS B 211 -57.31 73.44 -3.49
CA LYS B 211 -56.96 72.84 -2.22
C LYS B 211 -58.15 72.95 -1.27
N ILE B 212 -58.49 71.85 -0.60
CA ILE B 212 -59.62 71.82 0.33
C ILE B 212 -59.03 72.00 1.73
N ALA B 213 -58.99 73.25 2.19
CA ALA B 213 -58.42 73.53 3.50
C ALA B 213 -59.21 72.87 4.62
N ASP B 214 -60.54 72.90 4.55
CA ASP B 214 -61.37 72.40 5.64
C ASP B 214 -62.72 72.00 5.10
N TYR B 215 -63.45 71.19 5.88
CA TYR B 215 -64.78 70.72 5.50
C TYR B 215 -65.89 71.32 6.34
N GLY B 216 -65.58 71.90 7.50
CA GLY B 216 -66.60 72.50 8.33
C GLY B 216 -67.34 71.47 9.18
N GLN B 217 -68.23 72.00 10.05
CA GLN B 217 -69.01 71.20 11.00
C GLN B 217 -70.47 71.65 10.90
N LEU B 218 -71.24 70.92 10.10
CA LEU B 218 -72.61 71.35 9.79
C LEU B 218 -73.60 70.93 10.87
N GLY B 219 -73.78 69.63 11.06
CA GLY B 219 -74.85 69.12 11.89
C GLY B 219 -74.56 69.18 13.37
N GLU B 220 -75.55 68.75 14.15
CA GLU B 220 -75.44 68.72 15.61
C GLU B 220 -76.51 67.80 16.17
N TYR B 221 -76.33 67.43 17.44
CA TYR B 221 -77.35 66.67 18.15
C TYR B 221 -78.26 67.61 18.91
N THR B 222 -79.55 67.58 18.59
CA THR B 222 -80.49 68.57 19.11
C THR B 222 -81.64 67.88 19.82
N CYS B 223 -82.30 68.64 20.69
CA CYS B 223 -83.46 68.14 21.41
C CYS B 223 -84.66 68.01 20.47
N ASP B 224 -85.54 67.06 20.78
CA ASP B 224 -86.74 66.87 19.98
C ASP B 224 -87.78 67.96 20.19
N ALA B 225 -87.62 68.79 21.21
CA ALA B 225 -88.59 69.86 21.44
C ALA B 225 -88.37 71.05 20.52
N LYS B 226 -87.22 71.14 19.87
CA LYS B 226 -86.95 72.25 18.97
C LYS B 226 -87.60 71.99 17.61
N CYS B 227 -88.20 73.03 17.04
CA CYS B 227 -88.73 72.95 15.69
C CYS B 227 -87.75 73.49 14.66
N ASP B 228 -86.86 74.40 15.07
CA ASP B 228 -85.88 74.95 14.16
C ASP B 228 -84.58 74.16 14.24
N ALA B 229 -83.58 74.62 13.47
CA ALA B 229 -82.27 74.00 13.45
C ALA B 229 -81.22 75.10 13.36
N GLU B 230 -79.98 74.73 13.68
CA GLU B 230 -78.88 75.69 13.73
C GLU B 230 -78.11 75.69 12.42
N PHE B 231 -77.66 76.88 12.00
CA PHE B 231 -76.83 76.99 10.82
C PHE B 231 -75.39 76.66 11.16
N GLY B 232 -74.81 75.72 10.40
CA GLY B 232 -73.44 75.32 10.66
C GLY B 232 -72.44 76.15 9.88
N GLU B 233 -71.19 76.08 10.31
CA GLU B 233 -70.11 76.77 9.61
C GLU B 233 -69.68 75.95 8.40
N PRO B 234 -69.72 76.50 7.20
CA PRO B 234 -69.36 75.73 6.01
C PRO B 234 -67.84 75.59 5.89
N GLY B 235 -67.42 74.88 4.85
CA GLY B 235 -66.02 74.59 4.65
C GLY B 235 -65.26 75.75 4.04
N ASN B 236 -64.02 75.48 3.67
CA ASN B 236 -63.13 76.48 3.09
C ASN B 236 -62.38 75.87 1.91
N ILE B 237 -62.20 76.66 0.85
CA ILE B 237 -61.47 76.25 -0.34
C ILE B 237 -60.53 77.37 -0.73
N ARG B 238 -59.44 77.02 -1.41
CA ARG B 238 -58.41 77.99 -1.76
C ARG B 238 -57.90 77.73 -3.17
N HIS B 239 -57.34 78.77 -3.78
CA HIS B 239 -56.70 78.68 -5.08
C HIS B 239 -55.21 78.99 -4.92
N LEU B 240 -54.38 78.14 -5.50
CA LEU B 240 -52.94 78.29 -5.42
C LEU B 240 -52.34 78.15 -6.82
N GLU B 241 -51.18 78.78 -7.02
CA GLU B 241 -50.53 78.76 -8.33
C GLU B 241 -49.02 78.83 -8.14
N GLY B 242 -48.31 78.40 -9.18
CA GLY B 242 -46.86 78.34 -9.12
C GLY B 242 -46.25 78.78 -10.44
N LYS B 243 -44.91 78.79 -10.45
CA LYS B 243 -44.14 79.28 -11.59
C LYS B 243 -43.26 78.17 -12.18
N THR B 244 -42.49 78.56 -13.19
CA THR B 244 -41.43 77.74 -13.76
C THR B 244 -40.19 78.60 -13.95
N TYR B 245 -39.03 78.03 -13.64
CA TYR B 245 -37.78 78.80 -13.59
C TYR B 245 -36.92 78.47 -14.80
N ASP B 246 -35.86 79.27 -14.98
CA ASP B 246 -35.04 79.25 -16.18
C ASP B 246 -33.59 78.95 -15.81
N TYR B 247 -32.96 78.06 -16.56
CA TYR B 247 -31.57 77.68 -16.37
C TYR B 247 -30.78 78.11 -17.61
N ARG B 248 -29.72 78.91 -17.40
CA ARG B 248 -29.01 79.51 -18.52
C ARG B 248 -27.51 79.46 -18.27
N GLY B 249 -26.74 79.42 -19.36
CA GLY B 249 -25.28 79.35 -19.28
C GLY B 249 -24.65 79.78 -20.58
N VAL B 250 -23.32 79.81 -20.58
CA VAL B 250 -22.53 80.29 -21.72
C VAL B 250 -21.09 79.85 -21.55
N PHE B 251 -20.42 79.58 -22.67
CA PHE B 251 -19.00 79.30 -22.67
C PHE B 251 -18.39 79.77 -23.99
N CYS B 252 -17.07 80.00 -23.96
CA CYS B 252 -16.36 80.68 -25.04
C CYS B 252 -15.16 79.84 -25.48
N PHE B 253 -14.79 79.97 -26.75
CA PHE B 253 -13.64 79.28 -27.31
C PHE B 253 -12.85 80.22 -28.21
N ASN B 254 -11.58 79.88 -28.43
CA ASN B 254 -10.78 80.57 -29.43
C ASN B 254 -10.68 79.68 -30.67
N ARG B 255 -10.93 80.26 -31.84
CA ARG B 255 -11.08 79.45 -33.05
C ARG B 255 -9.79 78.70 -33.37
N LYS B 256 -8.64 79.37 -33.29
CA LYS B 256 -7.39 78.73 -33.68
C LYS B 256 -7.08 77.54 -32.78
N ASN B 257 -7.15 77.74 -31.47
CA ASN B 257 -6.86 76.64 -30.55
C ASN B 257 -7.88 75.52 -30.71
N LEU B 258 -9.16 75.86 -30.85
CA LEU B 258 -10.18 74.83 -31.01
C LEU B 258 -9.94 74.02 -32.27
N GLN B 259 -9.46 74.66 -33.35
CA GLN B 259 -9.23 73.94 -34.59
C GLN B 259 -7.97 73.08 -34.50
N GLU B 260 -6.90 73.58 -33.88
CA GLU B 260 -5.62 72.89 -33.92
C GLU B 260 -5.45 71.87 -32.79
N ALA B 261 -6.29 71.92 -31.76
CA ALA B 261 -6.19 70.94 -30.70
C ALA B 261 -6.64 69.57 -31.20
N ASN B 262 -6.01 68.52 -30.69
CA ASN B 262 -6.31 67.16 -31.11
C ASN B 262 -7.37 66.48 -30.24
N TYR B 263 -8.18 67.26 -29.53
CA TYR B 263 -9.24 66.72 -28.68
C TYR B 263 -10.51 67.53 -28.92
N ASP B 264 -11.67 66.88 -28.81
CA ASP B 264 -12.95 67.51 -29.17
C ASP B 264 -13.51 68.22 -27.94
N PHE B 265 -12.94 69.39 -27.66
CA PHE B 265 -13.42 70.19 -26.54
C PHE B 265 -14.88 70.59 -26.69
N LEU B 266 -15.36 70.76 -27.92
CA LEU B 266 -16.75 71.15 -28.13
C LEU B 266 -17.69 70.09 -27.56
N SER B 267 -17.51 68.83 -27.95
CA SER B 267 -18.34 67.77 -27.41
C SER B 267 -18.08 67.53 -25.93
N PHE B 268 -16.84 67.69 -25.49
CA PHE B 268 -16.58 67.57 -24.05
C PHE B 268 -17.45 68.55 -23.26
N MET B 269 -17.49 69.81 -23.69
CA MET B 269 -18.29 70.81 -23.00
C MET B 269 -19.78 70.54 -23.18
N ILE B 270 -20.19 70.08 -24.37
CA ILE B 270 -21.59 69.77 -24.58
C ILE B 270 -22.06 68.64 -23.67
N GLY B 271 -21.18 67.75 -23.26
CA GLY B 271 -21.54 66.72 -22.30
C GLY B 271 -21.51 67.22 -20.87
N ALA B 272 -20.48 68.00 -20.54
CA ALA B 272 -20.36 68.53 -19.19
C ALA B 272 -21.55 69.43 -18.85
N ALA B 273 -22.05 70.19 -19.81
CA ALA B 273 -23.19 71.07 -19.54
C ALA B 273 -24.41 70.27 -19.11
N GLN B 274 -24.73 69.20 -19.83
CA GLN B 274 -25.89 68.39 -19.48
C GLN B 274 -25.69 67.69 -18.15
N ARG B 275 -24.48 67.19 -17.88
CA ARG B 275 -24.22 66.56 -16.59
C ARG B 275 -24.46 67.55 -15.46
N SER B 276 -23.92 68.76 -15.60
CA SER B 276 -24.11 69.79 -14.58
C SER B 276 -25.58 70.16 -14.43
N HIS B 277 -26.32 70.21 -15.54
CA HIS B 277 -27.75 70.52 -15.45
C HIS B 277 -28.48 69.48 -14.63
N ARG B 278 -28.22 68.19 -14.91
CA ARG B 278 -28.90 67.15 -14.13
C ARG B 278 -28.54 67.27 -12.64
N ILE B 279 -27.26 67.43 -12.34
CA ILE B 279 -26.84 67.50 -10.93
C ILE B 279 -27.53 68.67 -10.25
N ASN B 280 -27.49 69.85 -10.88
CA ASN B 280 -28.03 71.05 -10.27
C ASN B 280 -29.54 70.96 -10.09
N ARG B 281 -30.26 70.41 -11.07
CA ARG B 281 -31.70 70.27 -10.92
C ARG B 281 -32.04 69.34 -9.76
N ASN B 282 -31.35 68.19 -9.69
CA ASN B 282 -31.63 67.24 -8.62
C ASN B 282 -31.33 67.84 -7.25
N ARG B 283 -30.27 68.66 -7.16
CA ARG B 283 -29.95 69.27 -5.87
C ARG B 283 -30.89 70.42 -5.54
N ALA B 284 -31.35 71.15 -6.55
CA ALA B 284 -32.21 72.30 -6.31
C ALA B 284 -33.59 71.87 -5.84
N LEU B 285 -34.12 70.78 -6.40
CA LEU B 285 -35.40 70.29 -5.89
C LEU B 285 -35.31 69.89 -4.43
N MET B 286 -34.10 69.66 -3.92
CA MET B 286 -33.91 69.18 -2.55
C MET B 286 -33.61 70.29 -1.56
N VAL B 287 -32.73 71.24 -1.91
CA VAL B 287 -32.33 72.28 -0.95
C VAL B 287 -32.45 73.66 -1.56
N GLY B 288 -33.20 73.80 -2.65
CA GLY B 288 -33.34 75.10 -3.27
C GLY B 288 -34.22 76.04 -2.47
N ASP B 289 -34.16 77.31 -2.83
CA ASP B 289 -35.00 78.35 -2.24
C ASP B 289 -35.83 79.01 -3.34
N GLY B 290 -37.03 79.46 -2.96
CA GLY B 290 -38.02 79.86 -3.94
C GLY B 290 -37.75 81.14 -4.69
N ILE B 291 -36.68 81.86 -4.36
CA ILE B 291 -36.40 83.13 -5.02
C ILE B 291 -36.30 82.92 -6.52
N ASN B 292 -35.33 82.11 -6.95
CA ASN B 292 -35.15 81.79 -8.36
C ASN B 292 -35.07 80.30 -8.63
N GLU B 293 -34.95 79.47 -7.60
CA GLU B 293 -34.89 78.03 -7.73
C GLU B 293 -36.14 77.41 -7.11
N PRO B 294 -36.50 76.19 -7.49
CA PRO B 294 -37.58 75.50 -6.77
C PRO B 294 -37.22 75.37 -5.30
N LYS B 295 -38.21 75.53 -4.43
CA LYS B 295 -37.95 75.52 -3.01
C LYS B 295 -37.98 74.08 -2.50
N GLY B 296 -36.91 73.70 -1.80
CA GLY B 296 -36.70 72.31 -1.42
C GLY B 296 -37.34 71.97 -0.09
N TRP B 297 -37.58 70.66 0.11
CA TRP B 297 -38.27 70.21 1.31
C TRP B 297 -37.33 70.10 2.51
N LEU B 298 -36.02 70.07 2.29
CA LEU B 298 -35.08 70.19 3.41
C LEU B 298 -34.85 71.63 3.81
N LYS B 299 -35.17 72.58 2.94
CA LYS B 299 -35.02 74.00 3.24
C LYS B 299 -36.29 74.58 3.85
N GLU B 300 -37.45 74.26 3.26
CA GLU B 300 -38.70 74.80 3.76
C GLU B 300 -38.94 74.42 5.22
N ASP B 301 -38.37 73.31 5.67
CA ASP B 301 -38.49 72.87 7.05
C ASP B 301 -39.94 72.72 7.47
N CYS B 302 -40.78 72.18 6.58
CA CYS B 302 -42.19 71.99 6.88
C CYS B 302 -42.50 70.60 7.43
N PHE B 303 -41.71 69.60 7.08
CA PHE B 303 -41.93 68.27 7.60
C PHE B 303 -41.60 68.23 9.10
N PRO B 304 -42.40 67.55 9.91
CA PRO B 304 -42.08 67.44 11.34
C PRO B 304 -40.74 66.74 11.55
N THR B 305 -40.02 67.18 12.57
CA THR B 305 -38.69 66.68 12.88
C THR B 305 -38.71 65.86 14.16
N PHE B 306 -37.89 64.82 14.20
CA PHE B 306 -37.77 63.94 15.36
C PHE B 306 -36.31 63.84 15.77
N LEU B 307 -36.06 63.88 17.08
CA LEU B 307 -34.70 63.90 17.61
C LEU B 307 -34.43 62.59 18.35
N THR B 308 -33.19 62.10 18.23
CA THR B 308 -32.78 60.85 18.87
C THR B 308 -32.15 61.17 20.22
N LEU B 309 -32.58 60.45 21.26
CA LEU B 309 -32.11 60.73 22.61
C LEU B 309 -30.64 60.36 22.76
N PRO B 310 -29.93 60.99 23.69
CA PRO B 310 -28.53 60.61 23.95
C PRO B 310 -28.44 59.34 24.78
N VAL B 311 -27.23 58.78 24.83
CA VAL B 311 -26.93 57.57 25.59
C VAL B 311 -25.90 57.91 26.65
N ASN B 312 -26.16 57.50 27.88
CA ASN B 312 -25.24 57.75 28.98
C ASN B 312 -24.12 56.72 28.94
N THR B 313 -22.87 57.20 29.06
CA THR B 313 -21.69 56.34 29.02
C THR B 313 -20.86 56.44 30.30
N GLY B 314 -21.35 57.12 31.32
CA GLY B 314 -20.63 57.29 32.57
C GLY B 314 -21.24 56.50 33.71
N THR B 315 -20.78 56.79 34.92
CA THR B 315 -21.30 56.16 36.11
C THR B 315 -22.63 56.79 36.50
N PRO B 316 -23.41 56.11 37.35
CA PRO B 316 -24.72 56.67 37.74
C PRO B 316 -24.63 58.02 38.42
N GLU B 317 -23.51 58.34 39.06
CA GLU B 317 -23.38 59.60 39.81
C GLU B 317 -22.64 60.69 39.05
N ASN B 318 -21.81 60.37 38.06
CA ASN B 318 -21.12 61.35 37.24
C ASN B 318 -21.30 60.97 35.77
N PRO B 319 -22.53 61.05 35.26
CA PRO B 319 -22.81 60.56 33.92
C PRO B 319 -22.20 61.44 32.83
N VAL B 320 -22.01 60.81 31.67
CA VAL B 320 -21.52 61.51 30.49
C VAL B 320 -22.51 61.26 29.35
N GLN B 321 -23.20 62.32 28.91
CA GLN B 321 -24.19 62.20 27.86
C GLN B 321 -23.52 62.27 26.50
N THR B 322 -23.77 61.28 25.66
CA THR B 322 -23.18 61.20 24.34
C THR B 322 -24.26 60.99 23.29
N PRO B 323 -24.37 61.83 22.26
CA PRO B 323 -25.39 61.58 21.23
C PRO B 323 -25.16 60.24 20.56
N ALA B 324 -26.24 59.55 20.22
CA ALA B 324 -26.15 58.19 19.73
C ALA B 324 -27.30 57.88 18.80
N PHE B 325 -27.15 56.80 18.05
CA PHE B 325 -28.17 56.30 17.13
C PHE B 325 -28.16 54.79 17.22
N LEU B 326 -29.24 54.21 17.74
CA LEU B 326 -29.30 52.79 18.03
C LEU B 326 -30.28 52.11 17.09
N ALA B 327 -30.23 50.77 17.06
CA ALA B 327 -31.03 50.01 16.11
C ALA B 327 -32.52 50.20 16.35
N GLN B 328 -32.95 50.18 17.61
CA GLN B 328 -34.38 50.25 17.89
C GLN B 328 -34.98 51.59 17.48
N ASP B 329 -34.17 52.65 17.44
CA ASP B 329 -34.65 53.93 16.95
C ASP B 329 -35.13 53.84 15.51
N TRP B 330 -34.43 53.08 14.66
CA TRP B 330 -34.87 52.94 13.28
C TRP B 330 -36.26 52.32 13.21
N ARG B 331 -36.49 51.24 13.95
CA ARG B 331 -37.79 50.60 13.93
C ARG B 331 -38.87 51.53 14.50
N ARG B 332 -38.55 52.22 15.59
CA ARG B 332 -39.50 53.16 16.17
C ARG B 332 -39.91 54.22 15.14
N PHE B 333 -38.93 54.80 14.48
CA PHE B 333 -39.20 55.84 13.49
C PHE B 333 -40.01 55.29 12.32
N VAL B 334 -39.65 54.10 11.84
CA VAL B 334 -40.27 53.57 10.63
C VAL B 334 -41.71 53.18 10.88
N THR B 335 -42.00 52.59 12.04
CA THR B 335 -43.33 52.07 12.31
C THR B 335 -44.31 53.13 12.81
N SER B 336 -43.87 54.38 12.97
CA SER B 336 -44.73 55.42 13.50
C SER B 336 -45.45 56.22 12.41
N PHE B 337 -45.31 55.84 11.15
CA PHE B 337 -45.98 56.58 10.08
C PHE B 337 -47.49 56.39 10.20
N PRO B 338 -48.28 57.47 10.18
CA PRO B 338 -49.74 57.31 10.23
C PRO B 338 -50.26 56.40 9.13
N ALA B 339 -51.14 55.45 9.51
CA ALA B 339 -51.59 54.45 8.55
C ALA B 339 -52.48 55.04 7.46
N GLU B 340 -53.23 56.09 7.76
CA GLU B 340 -54.20 56.60 6.79
C GLU B 340 -53.53 57.17 5.55
N TYR B 341 -52.31 57.66 5.68
CA TYR B 341 -51.62 58.31 4.57
C TYR B 341 -51.11 57.33 3.52
N GLY B 342 -51.23 56.03 3.75
CA GLY B 342 -50.79 55.05 2.79
C GLY B 342 -49.32 54.70 2.93
N ASP B 343 -48.83 53.97 1.93
CA ASP B 343 -47.46 53.47 1.94
C ASP B 343 -46.46 54.61 1.78
N ALA B 344 -45.27 54.41 2.36
CA ALA B 344 -44.20 55.40 2.31
C ALA B 344 -42.87 54.70 2.13
N ARG B 345 -41.86 55.48 1.76
CA ARG B 345 -40.53 54.96 1.49
C ARG B 345 -39.49 55.82 2.17
N SER B 346 -38.39 55.20 2.59
CA SER B 346 -37.31 55.91 3.25
C SER B 346 -36.20 56.26 2.25
N VAL B 347 -35.41 57.26 2.61
CA VAL B 347 -34.27 57.68 1.81
C VAL B 347 -33.06 57.84 2.73
N MET B 348 -31.91 57.34 2.28
CA MET B 348 -30.75 57.29 3.15
C MET B 348 -29.47 57.37 2.32
N HIS B 349 -28.39 57.72 3.01
CA HIS B 349 -27.05 57.60 2.47
C HIS B 349 -26.47 56.23 2.83
N GLN B 350 -25.81 55.59 1.87
CA GLN B 350 -25.43 54.19 2.06
C GLN B 350 -24.60 53.99 3.32
N ASN B 351 -23.84 54.99 3.75
CA ASN B 351 -23.06 54.84 4.96
C ASN B 351 -23.94 54.63 6.19
N VAL B 352 -25.11 55.28 6.22
CA VAL B 352 -26.05 55.04 7.31
C VAL B 352 -26.49 53.58 7.33
N PHE B 353 -26.84 53.05 6.15
CA PHE B 353 -27.27 51.66 6.08
C PHE B 353 -26.15 50.72 6.51
N GLY B 354 -24.91 50.99 6.10
CA GLY B 354 -23.80 50.16 6.53
C GLY B 354 -23.56 50.22 8.03
N TYR B 355 -23.62 51.42 8.59
CA TYR B 355 -23.46 51.59 10.03
C TYR B 355 -24.55 50.83 10.78
N LEU B 356 -25.76 50.81 10.23
CA LEU B 356 -26.85 50.08 10.87
C LEU B 356 -26.66 48.58 10.75
N ALA B 357 -26.19 48.11 9.60
CA ALA B 357 -26.04 46.67 9.39
C ALA B 357 -24.85 46.08 10.13
N ALA B 358 -23.83 46.90 10.45
CA ALA B 358 -22.64 46.40 11.12
C ALA B 358 -22.75 46.42 12.64
N MET B 359 -23.96 46.36 13.19
CA MET B 359 -24.13 46.41 14.63
C MET B 359 -24.03 45.02 15.25
N VAL B 360 -23.55 44.97 16.49
CA VAL B 360 -23.45 43.74 17.25
C VAL B 360 -24.08 43.96 18.62
N ASP B 361 -24.48 42.85 19.24
CA ASP B 361 -25.09 42.91 20.56
C ASP B 361 -24.00 42.80 21.64
N ALA B 362 -24.42 42.61 22.88
CA ALA B 362 -23.49 42.63 24.00
C ALA B 362 -22.52 41.45 23.98
N ASN B 363 -22.87 40.35 23.30
CA ASN B 363 -22.04 39.16 23.27
C ASN B 363 -21.15 39.08 22.05
N GLY B 364 -21.13 40.10 21.19
CA GLY B 364 -20.30 40.09 20.01
C GLY B 364 -20.93 39.49 18.78
N ARG B 365 -22.18 39.03 18.87
CA ARG B 365 -22.84 38.46 17.70
C ARG B 365 -23.61 39.53 16.95
N PHE B 366 -23.70 39.36 15.63
CA PHE B 366 -24.33 40.35 14.78
C PHE B 366 -25.84 40.38 14.98
N LEU B 367 -26.40 41.58 14.90
CA LEU B 367 -27.84 41.72 14.72
C LEU B 367 -28.17 41.55 13.24
N PHE B 368 -29.46 41.42 12.95
CA PHE B 368 -29.89 41.24 11.56
C PHE B 368 -29.22 39.97 11.04
N GLY B 369 -28.65 39.97 9.84
CA GLY B 369 -28.03 38.78 9.29
C GLY B 369 -27.00 38.19 10.23
N ASP B 370 -27.30 37.02 10.79
CA ASP B 370 -26.42 36.34 11.72
C ASP B 370 -26.01 34.99 11.14
N GLY B 371 -24.75 34.63 11.35
CA GLY B 371 -24.19 33.42 10.76
C GLY B 371 -23.73 33.58 9.33
N ASP B 372 -23.71 34.80 8.80
CA ASP B 372 -23.30 35.07 7.44
C ASP B 372 -22.22 36.14 7.43
N LEU B 373 -21.32 36.05 6.45
CA LEU B 373 -20.23 37.01 6.37
C LEU B 373 -20.73 38.43 6.17
N THR B 374 -21.72 38.62 5.31
CA THR B 374 -22.27 39.95 5.04
C THR B 374 -23.79 39.88 4.99
N PHE B 375 -24.42 41.01 5.27
CA PHE B 375 -25.88 41.14 5.27
C PHE B 375 -26.30 41.98 4.08
N SER B 376 -27.27 41.49 3.32
CA SER B 376 -27.75 42.17 2.12
C SER B 376 -29.22 41.87 1.93
N PRO B 377 -30.10 42.64 2.57
CA PRO B 377 -31.53 42.39 2.45
C PRO B 377 -32.08 42.86 1.12
N ASP B 378 -33.33 42.52 0.87
CA ASP B 378 -34.03 42.94 -0.34
C ASP B 378 -34.53 44.36 -0.10
N LEU B 379 -33.83 45.33 -0.70
CA LEU B 379 -34.12 46.73 -0.40
C LEU B 379 -35.50 47.13 -0.90
N VAL B 380 -35.90 46.68 -2.08
CA VAL B 380 -37.22 47.07 -2.61
C VAL B 380 -38.32 46.56 -1.69
N ARG B 381 -38.23 45.31 -1.23
CA ARG B 381 -39.20 44.80 -0.29
C ARG B 381 -39.15 45.58 1.03
N GLU B 382 -37.94 45.90 1.50
CA GLU B 382 -37.79 46.62 2.74
C GLU B 382 -38.31 48.05 2.65
N ARG B 383 -38.53 48.55 1.44
CA ARG B 383 -39.02 49.92 1.23
C ARG B 383 -37.98 50.95 1.64
N ILE B 384 -36.75 50.76 1.18
CA ILE B 384 -35.65 51.69 1.43
C ILE B 384 -34.99 52.01 0.09
N ARG B 385 -34.69 53.28 -0.12
CA ARG B 385 -34.00 53.73 -1.32
C ARG B 385 -32.73 54.47 -0.91
N ILE B 386 -31.62 54.15 -1.58
CA ILE B 386 -30.30 54.65 -1.21
C ILE B 386 -29.82 55.59 -2.31
N SER B 387 -29.35 56.76 -1.89
CA SER B 387 -28.80 57.74 -2.83
C SER B 387 -27.85 58.65 -2.06
N ASN B 388 -26.61 58.74 -2.52
CA ASN B 388 -25.57 59.48 -1.82
C ASN B 388 -25.74 60.99 -1.93
N CYS B 389 -26.83 61.51 -2.49
CA CYS B 389 -27.02 62.95 -2.57
C CYS B 389 -27.26 63.55 -1.19
N LEU B 390 -27.94 62.82 -0.32
CA LEU B 390 -28.36 63.37 0.96
C LEU B 390 -27.17 63.55 1.90
N PRO B 391 -27.30 64.39 2.92
CA PRO B 391 -26.20 64.56 3.87
C PRO B 391 -25.83 63.26 4.56
N ASP B 392 -24.54 63.11 4.86
CA ASP B 392 -24.02 61.89 5.45
C ASP B 392 -23.64 62.17 6.90
N PRO B 393 -24.26 61.48 7.88
CA PRO B 393 -23.94 61.78 9.29
C PRO B 393 -22.64 61.19 9.78
N THR B 394 -22.14 60.11 9.16
CA THR B 394 -20.94 59.45 9.63
C THR B 394 -19.66 60.16 9.19
N GLU B 395 -19.75 61.14 8.29
CA GLU B 395 -18.59 61.87 7.82
C GLU B 395 -17.55 60.92 7.22
N GLY B 396 -18.00 60.14 6.24
CA GLY B 396 -17.11 59.21 5.58
C GLY B 396 -16.61 58.09 6.47
N ASN B 397 -17.47 57.54 7.31
CA ASN B 397 -17.17 56.38 8.16
C ASN B 397 -16.11 56.68 9.20
N THR B 398 -15.86 57.96 9.52
CA THR B 398 -14.89 58.30 10.55
C THR B 398 -15.54 58.61 11.90
N LYS B 399 -16.84 58.87 11.93
CA LYS B 399 -17.54 59.24 13.15
C LYS B 399 -18.66 58.25 13.42
N GLY B 400 -18.99 58.08 14.70
CA GLY B 400 -20.07 57.18 15.08
C GLY B 400 -19.78 56.32 16.29
N GLY B 401 -18.64 56.55 16.94
CA GLY B 401 -18.27 55.76 18.10
C GLY B 401 -18.51 56.50 19.40
N THR B 402 -17.57 56.37 20.34
CA THR B 402 -17.65 57.03 21.63
C THR B 402 -16.43 57.94 21.80
N GLY B 403 -16.58 58.94 22.66
CA GLY B 403 -15.50 59.88 22.88
C GLY B 403 -15.48 60.94 21.80
N GLN B 404 -14.30 61.17 21.23
CA GLN B 404 -14.17 62.18 20.19
C GLN B 404 -14.81 61.75 18.87
N ASP B 405 -15.06 60.45 18.70
CA ASP B 405 -15.61 59.93 17.46
C ASP B 405 -17.14 59.94 17.43
N ALA B 406 -17.80 60.47 18.44
CA ALA B 406 -19.25 60.45 18.50
C ALA B 406 -19.84 61.39 17.46
N PHE B 407 -21.13 61.16 17.16
CA PHE B 407 -21.84 61.99 16.21
C PHE B 407 -21.86 63.45 16.67
N ALA B 408 -22.29 64.32 15.76
CA ALA B 408 -22.51 65.73 16.08
C ALA B 408 -24.00 66.01 16.14
N ALA B 409 -24.44 66.67 17.21
CA ALA B 409 -25.86 66.88 17.42
C ALA B 409 -26.48 67.70 16.29
N GLY B 410 -27.67 67.30 15.86
CA GLY B 410 -28.38 67.96 14.79
C GLY B 410 -28.18 67.37 13.42
N SER B 411 -27.33 66.33 13.29
CA SER B 411 -27.02 65.79 11.98
C SER B 411 -28.23 65.09 11.37
N PHE B 412 -28.40 65.26 10.06
CA PHE B 412 -29.46 64.57 9.33
C PHE B 412 -29.13 63.10 9.19
N ILE B 413 -30.18 62.27 9.23
CA ILE B 413 -30.01 60.82 9.11
C ILE B 413 -30.84 60.27 7.97
N ALA B 414 -32.15 60.39 8.07
CA ALA B 414 -33.03 59.79 7.07
C ALA B 414 -34.38 60.51 7.08
N ALA B 415 -35.13 60.30 6.01
CA ALA B 415 -36.45 60.89 5.85
C ALA B 415 -37.40 59.87 5.25
N GLN B 416 -38.69 60.06 5.51
CA GLN B 416 -39.72 59.16 5.05
C GLN B 416 -40.96 59.98 4.71
N ALA B 417 -41.71 59.54 3.70
CA ALA B 417 -42.88 60.28 3.25
C ALA B 417 -43.58 59.47 2.17
N ALA B 418 -44.78 59.94 1.80
CA ALA B 418 -45.49 59.45 0.62
C ALA B 418 -45.22 60.43 -0.49
N TRP B 419 -44.20 60.13 -1.31
CA TRP B 419 -43.65 61.13 -2.21
C TRP B 419 -44.67 61.56 -3.27
N LYS B 420 -45.41 60.61 -3.83
CA LYS B 420 -46.33 60.93 -4.92
C LYS B 420 -47.33 62.02 -4.56
N THR B 421 -47.49 62.33 -3.27
CA THR B 421 -48.40 63.40 -2.85
C THR B 421 -47.74 64.43 -1.95
N ALA B 422 -46.46 64.29 -1.63
CA ALA B 422 -45.78 65.26 -0.78
C ALA B 422 -44.93 66.24 -1.56
N TYR B 423 -44.47 65.88 -2.76
CA TYR B 423 -43.67 66.78 -3.57
C TYR B 423 -43.96 66.53 -5.04
N TYR B 424 -43.97 67.61 -5.82
CA TYR B 424 -44.29 67.57 -7.24
C TYR B 424 -43.15 68.16 -8.05
N ALA B 425 -42.97 67.65 -9.27
CA ALA B 425 -41.98 68.13 -10.20
C ALA B 425 -42.64 68.39 -11.54
N VAL B 426 -42.39 69.57 -12.11
CA VAL B 426 -43.02 70.00 -13.35
C VAL B 426 -41.95 70.12 -14.44
N GLU B 427 -42.25 69.56 -15.61
CA GLU B 427 -41.34 69.57 -16.74
C GLU B 427 -41.89 70.44 -17.86
N LYS B 428 -41.06 71.36 -18.36
CA LYS B 428 -41.50 72.24 -19.44
C LYS B 428 -40.66 72.06 -20.71
N ARG B 429 -39.34 72.18 -20.60
CA ARG B 429 -38.47 72.15 -21.77
C ARG B 429 -37.25 71.29 -21.51
N PRO B 430 -36.70 70.65 -22.54
CA PRO B 430 -35.37 70.05 -22.43
C PRO B 430 -34.29 71.02 -22.87
N MET B 431 -33.04 70.65 -22.58
CA MET B 431 -31.91 71.53 -22.85
C MET B 431 -31.71 71.72 -24.35
N PHE B 432 -31.27 72.92 -24.72
CA PHE B 432 -30.98 73.28 -26.11
C PHE B 432 -29.65 74.02 -26.18
N PHE B 433 -28.97 73.87 -27.30
CA PHE B 433 -27.71 74.55 -27.57
C PHE B 433 -27.80 75.33 -28.86
N GLU B 434 -27.14 76.48 -28.91
CA GLU B 434 -27.05 77.27 -30.13
C GLU B 434 -25.85 78.20 -30.04
N GLN B 435 -25.36 78.62 -31.20
CA GLN B 435 -24.22 79.54 -31.26
C GLN B 435 -24.71 80.98 -31.19
N TYR B 436 -23.98 81.80 -30.44
CA TYR B 436 -24.36 83.20 -30.23
C TYR B 436 -23.68 84.05 -31.30
N GLU B 437 -24.42 84.34 -32.37
CA GLU B 437 -23.85 85.08 -33.49
C GLU B 437 -23.42 86.49 -33.12
N GLY B 438 -24.03 87.08 -32.10
CA GLY B 438 -23.72 88.46 -31.73
C GLY B 438 -22.39 88.62 -31.04
N GLY B 439 -21.86 87.56 -30.43
CA GLY B 439 -20.58 87.62 -29.75
C GLY B 439 -19.50 86.89 -30.52
N SER B 440 -19.90 85.97 -31.38
CA SER B 440 -18.95 85.28 -32.23
C SER B 440 -18.25 86.25 -33.16
N SER B 441 -16.96 86.02 -33.36
CA SER B 441 -16.15 86.86 -34.24
C SER B 441 -15.36 85.94 -35.17
N ALA B 442 -14.53 86.57 -36.01
CA ALA B 442 -13.74 85.81 -36.96
C ALA B 442 -12.59 85.08 -36.28
N TRP B 443 -12.35 85.33 -34.99
CA TRP B 443 -11.23 84.75 -34.29
C TRP B 443 -11.60 84.02 -33.00
N CYS B 444 -12.83 84.16 -32.52
CA CYS B 444 -13.26 83.46 -31.32
C CYS B 444 -14.78 83.41 -31.27
N VAL B 445 -15.29 82.38 -30.59
CA VAL B 445 -16.68 81.95 -30.74
C VAL B 445 -17.35 81.86 -29.38
N LYS B 446 -18.69 81.86 -29.39
CA LYS B 446 -19.48 81.80 -28.18
C LYS B 446 -20.70 80.91 -28.40
N TYR B 447 -21.14 80.25 -27.34
CA TYR B 447 -22.29 79.36 -27.36
C TYR B 447 -23.23 79.69 -26.21
N GLN B 448 -24.50 79.30 -26.35
CA GLN B 448 -25.51 79.54 -25.33
C GLN B 448 -26.44 78.35 -25.23
N PHE B 449 -26.98 78.13 -24.03
CA PHE B 449 -27.85 76.98 -23.77
C PHE B 449 -28.71 77.28 -22.56
N GLY B 450 -29.76 76.49 -22.38
CA GLY B 450 -30.62 76.64 -21.22
C GLY B 450 -31.77 75.65 -21.24
N ALA B 451 -32.49 75.61 -20.13
CA ALA B 451 -33.65 74.76 -19.99
C ALA B 451 -34.54 75.31 -18.88
N GLU B 452 -35.78 74.84 -18.84
CA GLU B 452 -36.78 75.34 -17.90
C GLU B 452 -37.43 74.19 -17.15
N ASP B 453 -37.77 74.43 -15.89
CA ASP B 453 -38.34 73.40 -15.02
C ASP B 453 -38.68 74.04 -13.69
N GLY B 454 -39.36 73.27 -12.84
CA GLY B 454 -39.76 73.78 -11.54
C GLY B 454 -40.29 72.68 -10.65
N GLY B 455 -40.65 73.07 -9.42
CA GLY B 455 -41.20 72.14 -8.46
C GLY B 455 -41.74 72.85 -7.22
N PHE B 456 -42.69 72.22 -6.53
CA PHE B 456 -43.29 72.82 -5.35
C PHE B 456 -43.73 71.74 -4.39
N VAL B 457 -43.87 72.10 -3.12
CA VAL B 457 -44.25 71.14 -2.09
C VAL B 457 -45.76 70.99 -2.07
N GLY B 458 -46.23 69.83 -1.64
CA GLY B 458 -47.65 69.55 -1.55
C GLY B 458 -48.14 69.47 -0.11
N CYS B 459 -48.56 68.28 0.30
CA CYS B 459 -49.09 68.07 1.65
C CYS B 459 -47.92 67.97 2.62
N CYS B 460 -47.80 68.96 3.51
CA CYS B 460 -46.70 68.96 4.47
C CYS B 460 -46.86 67.88 5.53
N GLU B 461 -48.06 67.34 5.71
CA GLU B 461 -48.27 66.35 6.75
C GLU B 461 -47.80 64.96 6.34
N HIS B 462 -47.51 64.74 5.07
CA HIS B 462 -47.11 63.43 4.58
C HIS B 462 -45.61 63.18 4.66
N GLY B 463 -44.90 63.88 5.53
CA GLY B 463 -43.45 63.77 5.56
C GLY B 463 -42.95 63.63 6.99
N ARG B 464 -41.74 63.07 7.10
CA ARG B 464 -41.11 62.84 8.39
C ARG B 464 -39.61 62.87 8.22
N VAL B 465 -38.93 63.58 9.14
CA VAL B 465 -37.49 63.71 9.11
C VAL B 465 -36.93 63.30 10.47
N LEU B 466 -35.84 62.53 10.45
CA LEU B 466 -35.18 62.05 11.65
C LEU B 466 -33.82 62.71 11.78
N ARG B 467 -33.46 63.09 13.00
CA ARG B 467 -32.22 63.81 13.25
C ARG B 467 -31.64 63.38 14.60
N ILE B 468 -30.35 63.61 14.77
CA ILE B 468 -29.67 63.28 16.01
C ILE B 468 -29.96 64.37 17.03
N GLY B 469 -30.42 63.96 18.22
CA GLY B 469 -30.74 64.91 19.27
C GLY B 469 -29.58 65.16 20.22
N PHE C 165 26.27 -19.95 -7.09
CA PHE C 165 26.30 -18.49 -7.38
C PHE C 165 25.42 -17.71 -6.41
N GLU C 166 25.89 -17.57 -5.17
CA GLU C 166 25.14 -16.80 -4.19
C GLU C 166 24.95 -15.38 -4.69
N ALA C 167 23.73 -14.86 -4.47
CA ALA C 167 23.38 -13.54 -5.02
C ALA C 167 24.24 -12.42 -4.46
N SER C 168 24.96 -12.65 -3.37
CA SER C 168 25.80 -11.62 -2.76
C SER C 168 27.27 -11.81 -3.07
N THR C 169 27.61 -12.48 -4.18
CA THR C 169 28.99 -12.66 -4.59
C THR C 169 29.24 -12.48 -6.08
N ILE C 170 28.21 -12.21 -6.88
CA ILE C 170 28.36 -12.16 -8.33
C ILE C 170 28.20 -10.76 -8.90
N GLY C 171 28.04 -9.74 -8.05
CA GLY C 171 28.01 -8.37 -8.51
C GLY C 171 26.65 -7.94 -9.00
N PRO C 172 26.42 -6.62 -9.05
CA PRO C 172 25.08 -6.12 -9.39
C PRO C 172 24.77 -6.18 -10.88
N ALA C 173 25.75 -6.44 -11.74
CA ALA C 173 25.52 -6.34 -13.17
C ALA C 173 24.50 -7.36 -13.67
N PHE C 174 24.24 -8.42 -12.91
CA PHE C 174 23.37 -9.49 -13.39
C PHE C 174 21.90 -9.28 -13.07
N PHE C 175 21.58 -8.43 -12.09
CA PHE C 175 20.21 -8.20 -11.66
C PHE C 175 19.76 -6.83 -12.15
N THR C 176 18.62 -6.80 -12.84
CA THR C 176 18.12 -5.58 -13.47
C THR C 176 16.88 -5.08 -12.74
N PRO C 177 16.93 -3.91 -12.10
CA PRO C 177 15.72 -3.40 -11.45
C PRO C 177 14.61 -3.11 -12.44
N GLN C 178 13.37 -3.29 -11.98
CA GLN C 178 12.22 -2.93 -12.79
C GLN C 178 12.01 -1.42 -12.78
N VAL C 179 11.63 -0.86 -13.94
CA VAL C 179 11.48 0.58 -14.09
C VAL C 179 10.02 0.93 -13.86
N LEU C 180 9.72 1.50 -12.70
CA LEU C 180 8.37 1.95 -12.39
C LEU C 180 8.07 3.25 -13.14
N ALA C 181 6.84 3.37 -13.64
CA ALA C 181 6.44 4.53 -14.42
C ALA C 181 5.70 5.54 -13.52
N LEU C 182 6.48 6.22 -12.69
CA LEU C 182 5.97 7.31 -11.88
C LEU C 182 7.08 8.34 -11.69
N GLU C 183 6.67 9.56 -11.36
CA GLU C 183 7.61 10.67 -11.19
C GLU C 183 7.10 11.57 -10.08
N VAL C 184 7.78 11.56 -8.95
CA VAL C 184 7.38 12.39 -7.81
C VAL C 184 7.70 13.85 -8.13
N ASP C 185 6.71 14.72 -7.93
CA ASP C 185 6.87 16.16 -8.16
C ASP C 185 6.30 16.89 -6.95
N CYS C 186 7.18 17.54 -6.19
CA CYS C 186 6.80 18.14 -4.91
C CYS C 186 6.48 19.62 -5.00
N ASN C 187 6.68 20.25 -6.16
CA ASN C 187 6.57 21.70 -6.25
C ASN C 187 5.13 22.14 -6.46
N ILE C 188 4.87 23.41 -6.14
CA ILE C 188 3.55 24.01 -6.32
C ILE C 188 3.72 25.42 -6.88
N GLU C 189 2.66 25.90 -7.52
CA GLU C 189 2.62 27.24 -8.10
C GLU C 189 1.39 27.97 -7.60
N CYS C 190 1.59 29.16 -7.06
CA CYS C 190 0.50 29.91 -6.45
C CYS C 190 -0.55 30.30 -7.49
N ALA C 191 -1.80 30.41 -7.05
CA ALA C 191 -2.88 30.82 -7.93
C ALA C 191 -2.67 32.26 -8.37
N SER C 192 -2.96 32.54 -9.63
CA SER C 192 -2.71 33.85 -10.21
C SER C 192 -3.98 34.69 -10.26
N LEU C 193 -3.82 35.99 -10.04
CA LEU C 193 -4.89 36.96 -10.18
C LEU C 193 -4.91 37.62 -11.55
N LEU C 194 -4.15 37.08 -12.50
CA LEU C 194 -3.96 37.77 -13.78
C LEU C 194 -5.27 38.00 -14.51
N ASP C 195 -6.20 37.05 -14.44
CA ASP C 195 -7.42 37.15 -15.23
C ASP C 195 -8.38 38.23 -14.74
N LEU C 196 -8.15 38.78 -13.54
CA LEU C 196 -9.00 39.86 -13.07
C LEU C 196 -8.70 41.17 -13.80
N TYR C 197 -7.43 41.46 -14.02
CA TYR C 197 -7.02 42.75 -14.56
C TYR C 197 -7.50 42.90 -16.01
N GLY C 198 -7.46 44.15 -16.49
CA GLY C 198 -7.81 44.41 -17.87
C GLY C 198 -6.67 44.09 -18.81
N GLN C 199 -7.02 43.78 -20.05
CA GLN C 199 -6.06 43.34 -21.06
C GLN C 199 -5.87 44.44 -22.10
N ILE C 200 -4.61 44.73 -22.41
CA ILE C 200 -4.25 45.73 -23.42
C ILE C 200 -3.13 45.19 -24.27
N GLU C 201 -3.16 45.49 -25.56
CA GLU C 201 -2.12 45.09 -26.50
C GLU C 201 -1.47 46.33 -27.10
N VAL C 202 -0.14 46.31 -27.19
CA VAL C 202 0.62 47.41 -27.76
C VAL C 202 1.62 46.84 -28.78
N SER C 203 2.10 47.73 -29.64
CA SER C 203 3.09 47.37 -30.64
C SER C 203 4.43 48.05 -30.43
N ARG C 204 4.46 49.21 -29.77
CA ARG C 204 5.69 49.93 -29.48
C ARG C 204 5.90 50.00 -27.97
N SER C 205 7.15 50.26 -27.58
CA SER C 205 7.53 50.20 -26.18
C SER C 205 6.91 51.31 -25.34
N THR C 206 6.31 52.32 -25.95
CA THR C 206 5.72 53.42 -25.20
C THR C 206 4.31 53.66 -25.71
N PHE C 207 3.40 54.04 -24.80
CA PHE C 207 2.01 54.26 -25.15
C PHE C 207 1.49 55.47 -24.40
N THR C 208 0.31 55.94 -24.81
CA THR C 208 -0.27 57.16 -24.28
C THR C 208 -1.79 57.04 -24.24
N TYR C 209 -2.40 57.64 -23.22
CA TYR C 209 -3.84 57.62 -23.05
C TYR C 209 -4.28 58.88 -22.33
N MET C 210 -5.56 59.21 -22.47
CA MET C 210 -6.14 60.42 -21.89
C MET C 210 -6.89 60.09 -20.62
N LYS C 211 -6.99 61.10 -19.74
CA LYS C 211 -7.68 60.95 -18.46
C LYS C 211 -8.47 62.22 -18.17
N ILE C 212 -9.74 62.05 -17.81
CA ILE C 212 -10.62 63.17 -17.52
C ILE C 212 -10.55 63.44 -16.01
N ALA C 213 -9.73 64.41 -15.63
CA ALA C 213 -9.52 64.68 -14.21
C ALA C 213 -10.74 65.27 -13.53
N ASP C 214 -11.49 66.14 -14.23
CA ASP C 214 -12.64 66.79 -13.64
C ASP C 214 -13.57 67.27 -14.74
N TYR C 215 -14.83 67.49 -14.38
CA TYR C 215 -15.84 67.93 -15.35
C TYR C 215 -16.17 69.42 -15.23
N GLY C 216 -16.04 70.00 -14.04
CA GLY C 216 -16.35 71.40 -13.87
C GLY C 216 -17.84 71.64 -13.64
N GLN C 217 -18.18 72.92 -13.52
CA GLN C 217 -19.55 73.36 -13.26
C GLN C 217 -19.96 74.37 -14.31
N LEU C 218 -21.13 74.16 -14.91
CA LEU C 218 -21.68 75.06 -15.91
C LEU C 218 -23.15 75.30 -15.64
N GLY C 219 -23.63 76.47 -16.04
CA GLY C 219 -25.04 76.81 -15.89
C GLY C 219 -25.37 77.38 -14.53
N GLU C 220 -26.60 77.87 -14.41
CA GLU C 220 -27.08 78.47 -13.18
C GLU C 220 -28.55 78.82 -13.36
N TYR C 221 -29.20 79.14 -12.23
CA TYR C 221 -30.57 79.64 -12.26
C TYR C 221 -30.55 81.15 -12.19
N THR C 222 -31.11 81.80 -13.21
CA THR C 222 -31.08 83.26 -13.32
C THR C 222 -32.47 83.76 -13.67
N CYS C 223 -32.70 85.04 -13.33
CA CYS C 223 -33.97 85.68 -13.66
C CYS C 223 -34.20 85.64 -15.16
N ASP C 224 -35.42 85.27 -15.56
CA ASP C 224 -35.77 85.17 -16.97
C ASP C 224 -35.90 86.53 -17.64
N ALA C 225 -35.90 87.62 -16.88
CA ALA C 225 -35.95 88.95 -17.47
C ALA C 225 -34.64 89.36 -18.11
N LYS C 226 -33.52 88.84 -17.62
CA LYS C 226 -32.22 89.14 -18.22
C LYS C 226 -32.13 88.56 -19.62
N CYS C 227 -31.41 89.26 -20.49
CA CYS C 227 -31.18 88.81 -21.85
C CYS C 227 -29.82 88.14 -22.03
N ASP C 228 -29.06 87.96 -20.96
CA ASP C 228 -27.72 87.39 -21.04
C ASP C 228 -27.52 86.39 -19.91
N ALA C 229 -26.40 85.66 -19.96
CA ALA C 229 -26.08 84.63 -18.99
C ALA C 229 -24.65 84.82 -18.50
N GLU C 230 -24.32 84.15 -17.40
CA GLU C 230 -23.01 84.24 -16.78
C GLU C 230 -22.15 83.05 -17.14
N PHE C 231 -20.83 83.24 -17.06
CA PHE C 231 -19.89 82.17 -17.38
C PHE C 231 -19.73 81.23 -16.20
N GLY C 232 -19.36 79.98 -16.50
CA GLY C 232 -19.16 78.97 -15.49
C GLY C 232 -17.70 78.70 -15.21
N GLU C 233 -17.43 77.50 -14.70
CA GLU C 233 -16.07 77.06 -14.40
C GLU C 233 -15.74 75.84 -15.26
N PRO C 234 -14.71 75.88 -16.10
CA PRO C 234 -14.44 74.75 -16.98
C PRO C 234 -13.82 73.57 -16.25
N GLY C 235 -13.93 72.41 -16.88
CA GLY C 235 -13.39 71.19 -16.34
C GLY C 235 -11.88 71.12 -16.53
N ASN C 236 -11.38 69.89 -16.59
CA ASN C 236 -9.95 69.64 -16.77
C ASN C 236 -9.74 68.27 -17.41
N ILE C 237 -8.67 68.14 -18.18
CA ILE C 237 -8.30 66.90 -18.85
C ILE C 237 -6.79 66.73 -18.73
N ARG C 238 -6.34 65.49 -18.54
CA ARG C 238 -4.95 65.19 -18.28
C ARG C 238 -4.40 64.22 -19.31
N HIS C 239 -3.08 64.16 -19.38
CA HIS C 239 -2.36 63.38 -20.39
C HIS C 239 -1.34 62.48 -19.68
N LEU C 240 -1.36 61.19 -20.00
CA LEU C 240 -0.55 60.20 -19.30
C LEU C 240 0.06 59.21 -20.29
N GLU C 241 1.16 58.57 -19.87
CA GLU C 241 1.85 57.60 -20.71
C GLU C 241 2.58 56.59 -19.83
N GLY C 242 2.90 55.43 -20.43
CA GLY C 242 3.53 54.35 -19.71
C GLY C 242 4.71 53.78 -20.47
N LYS C 243 5.22 52.64 -19.99
CA LYS C 243 6.41 52.00 -20.52
C LYS C 243 6.19 50.49 -20.65
N THR C 244 7.27 49.79 -20.99
CA THR C 244 7.30 48.33 -21.08
C THR C 244 8.70 47.87 -20.72
N TYR C 245 8.81 46.61 -20.28
CA TYR C 245 10.05 46.09 -19.72
C TYR C 245 10.47 44.81 -20.44
N ASP C 246 11.74 44.46 -20.29
CA ASP C 246 12.35 43.33 -21.00
C ASP C 246 12.66 42.20 -20.03
N TYR C 247 12.42 40.96 -20.46
CA TYR C 247 12.73 39.77 -19.70
C TYR C 247 13.68 38.90 -20.51
N ARG C 248 14.79 38.50 -19.91
CA ARG C 248 15.91 37.91 -20.66
C ARG C 248 16.41 36.65 -19.98
N GLY C 249 17.09 35.81 -20.76
CA GLY C 249 17.73 34.62 -20.23
C GLY C 249 18.38 33.83 -21.35
N VAL C 250 19.31 32.96 -20.94
CA VAL C 250 20.08 32.14 -21.89
C VAL C 250 20.50 30.85 -21.19
N PHE C 251 20.54 29.75 -21.96
CA PHE C 251 21.08 28.50 -21.48
C PHE C 251 21.83 27.81 -22.61
N CYS C 252 22.81 26.99 -22.24
CA CYS C 252 23.77 26.41 -23.18
C CYS C 252 23.84 24.90 -22.98
N PHE C 253 24.16 24.18 -24.05
CA PHE C 253 24.17 22.72 -24.03
C PHE C 253 25.41 22.18 -24.74
N ASN C 254 25.55 20.86 -24.71
CA ASN C 254 26.54 20.14 -25.49
C ASN C 254 25.84 19.09 -26.33
N ARG C 255 26.16 19.05 -27.63
CA ARG C 255 25.37 18.25 -28.55
C ARG C 255 25.44 16.77 -28.24
N LYS C 256 26.65 16.24 -28.02
CA LYS C 256 26.80 14.80 -27.82
C LYS C 256 26.06 14.34 -26.57
N ASN C 257 26.27 15.04 -25.45
CA ASN C 257 25.60 14.66 -24.21
C ASN C 257 24.10 14.80 -24.34
N LEU C 258 23.64 15.90 -24.95
CA LEU C 258 22.20 16.10 -25.11
C LEU C 258 21.58 15.01 -25.98
N GLN C 259 22.29 14.54 -26.99
CA GLN C 259 21.75 13.50 -27.86
C GLN C 259 21.77 12.14 -27.19
N GLU C 260 22.80 11.84 -26.41
CA GLU C 260 22.93 10.52 -25.81
C GLU C 260 22.23 10.41 -24.46
N ALA C 261 21.74 11.51 -23.90
CA ALA C 261 21.13 11.47 -22.57
C ALA C 261 19.87 10.62 -22.59
N ASN C 262 19.61 9.97 -21.46
CA ASN C 262 18.44 9.12 -21.31
C ASN C 262 17.17 9.90 -20.99
N TYR C 263 17.29 11.18 -20.64
CA TYR C 263 16.17 12.03 -20.26
C TYR C 263 16.20 13.30 -21.10
N ASP C 264 15.04 13.71 -21.59
CA ASP C 264 14.93 14.85 -22.50
C ASP C 264 15.10 16.14 -21.70
N PHE C 265 16.24 16.81 -21.88
CA PHE C 265 16.54 18.00 -21.10
C PHE C 265 16.11 19.28 -21.80
N LEU C 266 16.03 19.30 -23.12
CA LEU C 266 15.65 20.51 -23.83
C LEU C 266 14.25 20.96 -23.42
N SER C 267 13.27 20.05 -23.50
CA SER C 267 11.92 20.39 -23.11
C SER C 267 11.81 20.71 -21.63
N PHE C 268 12.59 20.02 -20.79
CA PHE C 268 12.58 20.34 -19.37
C PHE C 268 13.03 21.78 -19.14
N MET C 269 14.10 22.20 -19.81
CA MET C 269 14.60 23.57 -19.66
C MET C 269 13.59 24.58 -20.20
N ILE C 270 12.95 24.26 -21.33
CA ILE C 270 11.95 25.17 -21.87
C ILE C 270 10.81 25.34 -20.87
N GLY C 271 10.32 24.23 -20.31
CA GLY C 271 9.24 24.31 -19.34
C GLY C 271 9.64 25.09 -18.10
N ALA C 272 10.86 24.88 -17.62
CA ALA C 272 11.33 25.63 -16.45
C ALA C 272 11.39 27.12 -16.75
N ALA C 273 11.87 27.50 -17.93
CA ALA C 273 11.92 28.90 -18.29
C ALA C 273 10.52 29.52 -18.33
N GLN C 274 9.57 28.81 -18.94
CA GLN C 274 8.21 29.32 -19.00
C GLN C 274 7.60 29.47 -17.61
N ARG C 275 7.82 28.47 -16.75
CA ARG C 275 7.27 28.53 -15.40
C ARG C 275 7.87 29.69 -14.61
N SER C 276 9.17 29.90 -14.72
CA SER C 276 9.80 31.03 -14.05
C SER C 276 9.26 32.35 -14.58
N HIS C 277 9.05 32.45 -15.89
CA HIS C 277 8.47 33.66 -16.45
C HIS C 277 7.09 33.94 -15.87
N ARG C 278 6.24 32.90 -15.80
CA ARG C 278 4.90 33.09 -15.26
C ARG C 278 4.97 33.58 -13.83
N ILE C 279 5.77 32.91 -13.00
CA ILE C 279 5.85 33.27 -11.58
C ILE C 279 6.33 34.71 -11.43
N ASN C 280 7.40 35.07 -12.15
CA ASN C 280 7.94 36.41 -12.03
C ASN C 280 6.96 37.46 -12.51
N ARG C 281 6.25 37.21 -13.61
CA ARG C 281 5.27 38.17 -14.10
C ARG C 281 4.18 38.39 -13.06
N ASN C 282 3.64 37.30 -12.49
CA ASN C 282 2.57 37.45 -11.52
C ASN C 282 3.04 38.20 -10.29
N ARG C 283 4.26 37.90 -9.81
CA ARG C 283 4.77 38.59 -8.64
C ARG C 283 4.99 40.07 -8.92
N ALA C 284 5.55 40.38 -10.10
CA ALA C 284 5.90 41.76 -10.41
C ALA C 284 4.65 42.63 -10.58
N LEU C 285 3.63 42.10 -11.22
CA LEU C 285 2.41 42.88 -11.40
C LEU C 285 1.77 43.27 -10.07
N MET C 286 2.11 42.57 -8.99
CA MET C 286 1.45 42.74 -7.71
C MET C 286 2.29 43.50 -6.69
N VAL C 287 3.59 43.21 -6.60
CA VAL C 287 4.44 43.88 -5.62
C VAL C 287 5.73 44.36 -6.27
N GLY C 288 5.75 44.46 -7.59
CA GLY C 288 6.92 44.96 -8.28
C GLY C 288 7.08 46.45 -8.13
N ASP C 289 8.28 46.93 -8.44
CA ASP C 289 8.60 48.34 -8.44
C ASP C 289 9.00 48.77 -9.85
N GLY C 290 8.77 50.04 -10.17
CA GLY C 290 8.88 50.51 -11.53
C GLY C 290 10.29 50.69 -12.04
N ILE C 291 11.29 50.34 -11.22
CA ILE C 291 12.68 50.51 -11.64
C ILE C 291 12.99 49.62 -12.83
N ASN C 292 12.84 48.31 -12.66
CA ASN C 292 13.09 47.35 -13.73
C ASN C 292 11.94 46.39 -13.97
N GLU C 293 10.88 46.44 -13.16
CA GLU C 293 9.72 45.58 -13.27
C GLU C 293 8.46 46.42 -13.27
N PRO C 294 7.35 45.88 -13.78
CA PRO C 294 6.09 46.62 -13.74
C PRO C 294 5.73 46.99 -12.30
N LYS C 295 5.17 48.18 -12.12
CA LYS C 295 4.80 48.64 -10.79
C LYS C 295 3.43 48.10 -10.43
N GLY C 296 3.36 47.33 -9.34
CA GLY C 296 2.11 46.75 -8.91
C GLY C 296 1.32 47.68 -8.02
N TRP C 297 0.02 47.40 -7.90
CA TRP C 297 -0.85 48.27 -7.12
C TRP C 297 -0.47 48.29 -5.65
N LEU C 298 -0.14 47.13 -5.08
CA LEU C 298 0.22 47.07 -3.67
C LEU C 298 1.47 47.86 -3.34
N LYS C 299 2.46 47.88 -4.25
CA LYS C 299 3.63 48.71 -4.05
C LYS C 299 3.32 50.17 -4.33
N GLU C 300 2.44 50.43 -5.29
CA GLU C 300 2.05 51.80 -5.61
C GLU C 300 1.42 52.48 -4.40
N ASP C 301 0.54 51.76 -3.69
CA ASP C 301 -0.11 52.28 -2.50
C ASP C 301 -0.90 53.55 -2.78
N CYS C 302 -1.63 53.58 -3.90
CA CYS C 302 -2.46 54.73 -4.23
C CYS C 302 -3.91 54.54 -3.82
N PHE C 303 -4.36 53.30 -3.65
CA PHE C 303 -5.72 53.07 -3.23
C PHE C 303 -5.94 53.63 -1.82
N PRO C 304 -7.12 54.16 -1.52
CA PRO C 304 -7.37 54.63 -0.16
C PRO C 304 -7.30 53.49 0.85
N THR C 305 -6.87 53.82 2.06
CA THR C 305 -6.57 52.84 3.09
C THR C 305 -7.47 53.05 4.31
N PHE C 306 -7.85 51.95 4.95
CA PHE C 306 -8.63 51.97 6.18
C PHE C 306 -7.84 51.28 7.29
N LEU C 307 -7.78 51.91 8.46
CA LEU C 307 -7.03 51.38 9.58
C LEU C 307 -7.99 50.79 10.62
N THR C 308 -7.69 49.58 11.06
CA THR C 308 -8.51 48.91 12.06
C THR C 308 -8.15 49.43 13.45
N LEU C 309 -9.16 49.70 14.27
CA LEU C 309 -8.92 50.29 15.58
C LEU C 309 -8.27 49.28 16.51
N PRO C 310 -7.50 49.73 17.51
CA PRO C 310 -6.95 48.81 18.50
C PRO C 310 -7.98 48.40 19.53
N VAL C 311 -7.57 47.50 20.42
CA VAL C 311 -8.42 46.98 21.48
C VAL C 311 -7.68 47.10 22.81
N ASN C 312 -8.43 47.41 23.87
CA ASN C 312 -7.86 47.47 25.21
C ASN C 312 -8.11 46.15 25.92
N THR C 313 -7.04 45.48 26.35
CA THR C 313 -7.14 44.19 27.01
C THR C 313 -7.00 44.28 28.52
N GLY C 314 -6.34 45.32 29.04
CA GLY C 314 -6.16 45.47 30.46
C GLY C 314 -7.32 46.19 31.13
N THR C 315 -7.18 46.38 32.43
CA THR C 315 -8.21 47.08 33.19
C THR C 315 -8.21 48.56 32.81
N PRO C 316 -9.36 49.23 32.88
CA PRO C 316 -9.38 50.67 32.54
C PRO C 316 -8.42 51.49 33.36
N GLU C 317 -8.20 51.13 34.63
CA GLU C 317 -7.25 51.87 35.46
C GLU C 317 -5.82 51.66 34.99
N ASN C 318 -5.56 50.66 34.16
CA ASN C 318 -4.22 50.38 33.64
C ASN C 318 -4.37 49.79 32.24
N PRO C 319 -4.79 50.61 31.27
CA PRO C 319 -5.14 50.08 29.96
C PRO C 319 -3.94 49.49 29.24
N VAL C 320 -4.22 48.48 28.42
CA VAL C 320 -3.20 47.83 27.59
C VAL C 320 -3.68 47.80 26.15
N GLN C 321 -3.30 48.81 25.38
CA GLN C 321 -3.71 48.87 23.98
C GLN C 321 -3.03 47.76 23.19
N THR C 322 -3.79 47.15 22.27
CA THR C 322 -3.28 46.04 21.48
C THR C 322 -3.92 46.08 20.09
N PRO C 323 -3.14 45.95 19.02
CA PRO C 323 -3.74 45.88 17.69
C PRO C 323 -4.66 44.68 17.57
N ALA C 324 -5.74 44.85 16.81
CA ALA C 324 -6.75 43.81 16.72
C ALA C 324 -7.40 43.85 15.34
N PHE C 325 -8.21 42.82 15.07
CA PHE C 325 -8.92 42.70 13.80
C PHE C 325 -10.16 41.86 14.07
N LEU C 326 -11.31 42.52 14.20
CA LEU C 326 -12.54 41.88 14.62
C LEU C 326 -13.43 41.59 13.42
N ALA C 327 -14.40 40.70 13.61
CA ALA C 327 -15.24 40.24 12.51
C ALA C 327 -16.03 41.39 11.90
N GLN C 328 -16.58 42.28 12.72
CA GLN C 328 -17.42 43.35 12.20
C GLN C 328 -16.62 44.28 11.29
N ASP C 329 -15.29 44.33 11.46
CA ASP C 329 -14.47 45.17 10.59
C ASP C 329 -14.53 44.68 9.14
N TRP C 330 -14.49 43.37 8.92
CA TRP C 330 -14.61 42.84 7.57
C TRP C 330 -15.94 43.25 6.95
N ARG C 331 -17.03 43.11 7.71
CA ARG C 331 -18.35 43.47 7.20
C ARG C 331 -18.42 44.95 6.86
N ARG C 332 -17.92 45.80 7.76
CA ARG C 332 -17.93 47.24 7.50
C ARG C 332 -17.12 47.59 6.27
N PHE C 333 -15.94 46.97 6.12
CA PHE C 333 -15.09 47.26 4.97
C PHE C 333 -15.75 46.80 3.67
N VAL C 334 -16.37 45.63 3.69
CA VAL C 334 -16.95 45.08 2.46
C VAL C 334 -18.18 45.88 2.05
N THR C 335 -19.00 46.30 3.01
CA THR C 335 -20.27 46.92 2.69
C THR C 335 -20.16 48.41 2.38
N SER C 336 -18.97 49.00 2.45
CA SER C 336 -18.80 50.44 2.24
C SER C 336 -18.25 50.78 0.86
N PHE C 337 -18.19 49.82 -0.05
CA PHE C 337 -17.69 50.12 -1.40
C PHE C 337 -18.73 50.93 -2.15
N PRO C 338 -18.35 52.02 -2.81
CA PRO C 338 -19.36 52.85 -3.48
C PRO C 338 -20.17 52.06 -4.49
N ALA C 339 -21.47 52.36 -4.55
CA ALA C 339 -22.39 51.59 -5.39
C ALA C 339 -22.22 51.91 -6.86
N GLU C 340 -21.75 53.11 -7.20
CA GLU C 340 -21.67 53.51 -8.61
C GLU C 340 -20.61 52.74 -9.37
N TYR C 341 -19.57 52.24 -8.70
CA TYR C 341 -18.48 51.57 -9.38
C TYR C 341 -18.79 50.14 -9.78
N GLY C 342 -19.94 49.61 -9.37
CA GLY C 342 -20.31 48.25 -9.72
C GLY C 342 -19.89 47.23 -8.68
N ASP C 343 -19.89 45.97 -9.11
CA ASP C 343 -19.56 44.86 -8.23
C ASP C 343 -18.05 44.63 -8.22
N ALA C 344 -17.49 44.47 -7.03
CA ALA C 344 -16.07 44.22 -6.85
C ALA C 344 -15.85 42.81 -6.33
N ARG C 345 -14.58 42.47 -6.11
CA ARG C 345 -14.18 41.16 -5.60
C ARG C 345 -13.03 41.32 -4.63
N SER C 346 -13.12 40.66 -3.50
CA SER C 346 -12.10 40.73 -2.46
C SER C 346 -10.92 39.83 -2.80
N VAL C 347 -9.80 40.06 -2.13
CA VAL C 347 -8.57 39.32 -2.36
C VAL C 347 -7.87 39.12 -1.02
N MET C 348 -7.44 37.89 -0.74
CA MET C 348 -6.88 37.57 0.56
C MET C 348 -5.89 36.42 0.45
N HIS C 349 -5.06 36.29 1.49
CA HIS C 349 -4.25 35.10 1.68
C HIS C 349 -5.06 34.06 2.46
N GLN C 350 -4.93 32.79 2.09
CA GLN C 350 -5.81 31.78 2.67
C GLN C 350 -5.67 31.74 4.19
N ASN C 351 -4.50 32.09 4.72
CA ASN C 351 -4.33 32.15 6.17
C ASN C 351 -5.24 33.20 6.79
N VAL C 352 -5.43 34.34 6.14
CA VAL C 352 -6.33 35.36 6.66
C VAL C 352 -7.76 34.82 6.72
N PHE C 353 -8.19 34.12 5.67
CA PHE C 353 -9.53 33.56 5.67
C PHE C 353 -9.69 32.50 6.75
N GLY C 354 -8.67 31.65 6.94
CA GLY C 354 -8.73 30.67 8.01
C GLY C 354 -8.77 31.29 9.38
N TYR C 355 -8.06 32.41 9.57
CA TYR C 355 -8.14 33.15 10.82
C TYR C 355 -9.52 33.79 11.00
N LEU C 356 -10.11 34.27 9.91
CA LEU C 356 -11.43 34.89 9.98
C LEU C 356 -12.48 33.88 10.37
N ALA C 357 -12.43 32.69 9.77
CA ALA C 357 -13.47 31.68 9.97
C ALA C 357 -13.43 31.05 11.36
N ALA C 358 -12.38 31.29 12.15
CA ALA C 358 -12.18 30.59 13.41
C ALA C 358 -12.44 31.45 14.64
N MET C 359 -13.01 32.63 14.49
CA MET C 359 -13.27 33.48 15.64
C MET C 359 -14.48 32.98 16.42
N VAL C 360 -14.48 33.27 17.73
CA VAL C 360 -15.56 32.90 18.62
C VAL C 360 -16.05 34.14 19.35
N ASP C 361 -17.31 34.11 19.77
CA ASP C 361 -17.90 35.22 20.49
C ASP C 361 -17.56 35.12 21.98
N ALA C 362 -18.22 35.95 22.80
CA ALA C 362 -17.87 36.04 24.20
C ALA C 362 -18.12 34.73 24.95
N ASN C 363 -19.14 33.97 24.57
CA ASN C 363 -19.47 32.75 25.29
C ASN C 363 -18.64 31.55 24.85
N GLY C 364 -17.81 31.69 23.82
CA GLY C 364 -17.01 30.60 23.31
C GLY C 364 -17.56 29.95 22.06
N ARG C 365 -18.77 30.27 21.65
CA ARG C 365 -19.35 29.70 20.44
C ARG C 365 -18.72 30.33 19.20
N PHE C 366 -18.78 29.59 18.10
CA PHE C 366 -18.22 30.08 16.84
C PHE C 366 -19.13 31.11 16.19
N LEU C 367 -18.52 32.14 15.63
CA LEU C 367 -19.19 32.99 14.67
C LEU C 367 -19.22 32.31 13.31
N PHE C 368 -20.07 32.81 12.41
CA PHE C 368 -20.19 32.21 11.08
C PHE C 368 -20.65 30.77 11.27
N GLY C 369 -20.03 29.80 10.60
CA GLY C 369 -20.45 28.41 10.73
C GLY C 369 -20.56 27.96 12.17
N ASP C 370 -21.79 27.68 12.59
CA ASP C 370 -22.08 27.27 13.97
C ASP C 370 -22.71 25.89 13.95
N GLY C 371 -22.24 25.02 14.83
CA GLY C 371 -22.75 23.67 14.90
C GLY C 371 -22.15 22.70 13.90
N ASP C 372 -21.10 23.11 13.19
CA ASP C 372 -20.41 22.25 12.24
C ASP C 372 -18.93 22.21 12.56
N LEU C 373 -18.29 21.10 12.21
CA LEU C 373 -16.86 20.96 12.49
C LEU C 373 -16.04 21.96 11.70
N THR C 374 -16.48 22.32 10.49
CA THR C 374 -15.73 23.24 9.65
C THR C 374 -16.71 24.14 8.91
N PHE C 375 -16.23 25.33 8.55
CA PHE C 375 -17.01 26.32 7.82
C PHE C 375 -16.41 26.48 6.43
N SER C 376 -17.23 26.29 5.40
CA SER C 376 -16.77 26.34 4.00
C SER C 376 -17.88 26.95 3.15
N PRO C 377 -17.91 28.28 3.04
CA PRO C 377 -18.93 28.92 2.22
C PRO C 377 -18.59 28.82 0.74
N ASP C 378 -19.51 29.35 -0.07
CA ASP C 378 -19.32 29.41 -1.52
C ASP C 378 -18.60 30.71 -1.83
N LEU C 379 -17.28 30.61 -2.06
CA LEU C 379 -16.49 31.80 -2.31
C LEU C 379 -16.96 32.54 -3.57
N VAL C 380 -17.48 31.81 -4.55
CA VAL C 380 -17.93 32.46 -5.77
C VAL C 380 -19.08 33.42 -5.47
N ARG C 381 -20.04 33.00 -4.66
CA ARG C 381 -21.13 33.88 -4.26
C ARG C 381 -20.70 34.93 -3.24
N GLU C 382 -19.78 34.58 -2.35
CA GLU C 382 -19.25 35.56 -1.41
C GLU C 382 -18.36 36.60 -2.08
N ARG C 383 -18.00 36.39 -3.35
CA ARG C 383 -17.15 37.31 -4.07
C ARG C 383 -15.80 37.45 -3.38
N ILE C 384 -15.15 36.31 -3.15
CA ILE C 384 -13.83 36.26 -2.54
C ILE C 384 -12.95 35.36 -3.42
N ARG C 385 -11.70 35.75 -3.59
CA ARG C 385 -10.74 34.96 -4.35
C ARG C 385 -9.43 34.93 -3.58
N ILE C 386 -8.84 33.75 -3.45
CA ILE C 386 -7.71 33.52 -2.55
C ILE C 386 -6.47 33.22 -3.36
N SER C 387 -5.37 33.90 -3.03
CA SER C 387 -4.08 33.67 -3.68
C SER C 387 -2.99 33.82 -2.63
N ASN C 388 -2.18 32.78 -2.46
CA ASN C 388 -1.16 32.76 -1.42
C ASN C 388 0.01 33.69 -1.69
N CYS C 389 0.12 34.27 -2.89
CA CYS C 389 1.25 35.14 -3.20
C CYS C 389 1.19 36.43 -2.38
N LEU C 390 0.02 36.77 -1.85
CA LEU C 390 -0.16 38.05 -1.18
C LEU C 390 0.64 38.09 0.12
N PRO C 391 0.95 39.28 0.63
CA PRO C 391 1.53 39.38 1.96
C PRO C 391 0.59 38.78 2.99
N ASP C 392 1.17 38.13 4.00
CA ASP C 392 0.40 37.42 5.02
C ASP C 392 0.64 38.09 6.37
N PRO C 393 -0.39 38.63 7.03
CA PRO C 393 -0.17 39.28 8.33
C PRO C 393 0.03 38.31 9.47
N THR C 394 -0.35 37.04 9.31
CA THR C 394 -0.22 36.05 10.37
C THR C 394 1.17 35.41 10.43
N GLU C 395 2.00 35.62 9.42
CA GLU C 395 3.35 35.07 9.39
C GLU C 395 3.32 33.55 9.57
N GLY C 396 2.56 32.90 8.70
CA GLY C 396 2.46 31.45 8.75
C GLY C 396 1.80 30.91 10.00
N ASN C 397 0.70 31.54 10.43
CA ASN C 397 -0.10 31.10 11.56
C ASN C 397 0.64 31.23 12.89
N THR C 398 1.75 31.96 12.93
CA THR C 398 2.49 32.16 14.18
C THR C 398 2.23 33.51 14.82
N LYS C 399 1.30 34.31 14.28
CA LYS C 399 0.99 35.61 14.84
C LYS C 399 -0.51 35.84 14.76
N GLY C 400 -1.00 36.74 15.62
CA GLY C 400 -2.41 37.09 15.64
C GLY C 400 -3.08 36.79 16.97
N GLY C 401 -2.29 36.56 18.01
CA GLY C 401 -2.83 36.24 19.31
C GLY C 401 -2.80 37.41 20.27
N THR C 402 -2.18 37.21 21.43
CA THR C 402 -2.08 38.25 22.44
C THR C 402 -0.70 38.18 23.08
N GLY C 403 -0.20 39.34 23.50
CA GLY C 403 1.12 39.39 24.10
C GLY C 403 2.19 39.52 23.03
N GLN C 404 3.14 38.59 23.04
CA GLN C 404 4.21 38.61 22.05
C GLN C 404 3.74 38.18 20.67
N ASP C 405 2.55 37.59 20.57
CA ASP C 405 2.01 37.13 19.30
C ASP C 405 1.09 38.16 18.63
N ALA C 406 1.03 39.37 19.17
CA ALA C 406 0.13 40.38 18.63
C ALA C 406 0.53 40.76 17.21
N PHE C 407 -0.45 41.17 16.42
CA PHE C 407 -0.21 41.58 15.06
C PHE C 407 0.84 42.68 15.01
N ALA C 408 1.38 42.91 13.81
CA ALA C 408 2.28 44.02 13.58
C ALA C 408 1.53 45.17 12.91
N ALA C 409 1.69 46.37 13.45
CA ALA C 409 0.96 47.53 12.94
C ALA C 409 1.33 47.79 11.49
N GLY C 410 0.32 48.15 10.70
CA GLY C 410 0.51 48.43 9.29
C GLY C 410 0.48 47.23 8.38
N SER C 411 0.15 46.05 8.90
CA SER C 411 0.14 44.85 8.07
C SER C 411 -0.98 44.91 7.04
N PHE C 412 -0.75 44.30 5.89
CA PHE C 412 -1.76 44.25 4.84
C PHE C 412 -2.68 43.05 5.07
N ILE C 413 -3.98 43.29 5.05
CA ILE C 413 -4.98 42.25 5.31
C ILE C 413 -5.70 41.83 4.04
N ALA C 414 -6.35 42.77 3.36
CA ALA C 414 -7.12 42.43 2.17
C ALA C 414 -7.29 43.67 1.31
N ALA C 415 -7.80 43.46 0.10
CA ALA C 415 -8.07 44.54 -0.84
C ALA C 415 -9.36 44.26 -1.58
N GLN C 416 -9.97 45.31 -2.09
CA GLN C 416 -11.23 45.21 -2.82
C GLN C 416 -11.25 46.27 -3.91
N ALA C 417 -11.71 45.91 -5.10
CA ALA C 417 -11.70 46.83 -6.23
C ALA C 417 -12.42 46.21 -7.41
N ALA C 418 -12.77 47.08 -8.37
CA ALA C 418 -13.27 46.64 -9.68
C ALA C 418 -12.08 46.55 -10.61
N TRP C 419 -11.50 45.35 -10.67
CA TRP C 419 -10.17 45.20 -11.26
C TRP C 419 -10.18 45.50 -12.76
N LYS C 420 -11.26 45.17 -13.46
CA LYS C 420 -11.29 45.37 -14.91
C LYS C 420 -11.05 46.82 -15.31
N THR C 421 -11.08 47.75 -14.36
CA THR C 421 -10.73 49.14 -14.66
C THR C 421 -9.81 49.77 -13.62
N ALA C 422 -9.46 49.08 -12.53
CA ALA C 422 -8.56 49.64 -11.56
C ALA C 422 -7.10 49.31 -11.87
N TYR C 423 -6.86 48.33 -12.73
CA TYR C 423 -5.50 47.95 -13.08
C TYR C 423 -5.52 47.29 -14.46
N TYR C 424 -4.48 47.56 -15.25
CA TYR C 424 -4.37 47.05 -16.61
C TYR C 424 -3.04 46.31 -16.77
N ALA C 425 -3.06 45.25 -17.58
CA ALA C 425 -1.87 44.49 -17.91
C ALA C 425 -1.65 44.53 -19.41
N VAL C 426 -0.48 44.97 -19.84
CA VAL C 426 -0.16 45.16 -21.26
C VAL C 426 0.80 44.07 -21.70
N GLU C 427 0.56 43.53 -22.89
CA GLU C 427 1.40 42.51 -23.51
C GLU C 427 1.95 43.04 -24.82
N LYS C 428 3.25 42.88 -25.04
CA LYS C 428 3.90 43.31 -26.27
C LYS C 428 4.46 42.15 -27.06
N ARG C 429 5.31 41.32 -26.46
CA ARG C 429 5.98 40.23 -27.15
C ARG C 429 5.68 38.90 -26.46
N PRO C 430 5.02 37.94 -27.11
CA PRO C 430 4.90 36.61 -26.50
C PRO C 430 6.25 35.96 -26.38
N MET C 431 6.42 35.15 -25.34
CA MET C 431 7.72 34.54 -25.06
C MET C 431 8.19 33.72 -26.25
N PHE C 432 9.44 33.91 -26.64
CA PHE C 432 10.01 33.29 -27.83
C PHE C 432 11.30 32.56 -27.49
N PHE C 433 11.56 31.47 -28.19
CA PHE C 433 12.79 30.70 -28.07
C PHE C 433 13.43 30.55 -29.44
N GLU C 434 14.70 30.90 -29.56
CA GLU C 434 15.41 30.81 -30.82
C GLU C 434 16.86 30.38 -30.55
N GLN C 435 17.45 29.74 -31.54
CA GLN C 435 18.82 29.26 -31.43
C GLN C 435 19.79 30.32 -31.93
N TYR C 436 20.84 30.57 -31.15
CA TYR C 436 21.83 31.59 -31.46
C TYR C 436 22.89 30.97 -32.36
N GLU C 437 22.86 31.30 -33.65
CA GLU C 437 23.79 30.71 -34.61
C GLU C 437 25.20 31.29 -34.51
N GLY C 438 25.38 32.39 -33.78
CA GLY C 438 26.70 32.97 -33.63
C GLY C 438 27.56 32.29 -32.58
N GLY C 439 26.95 31.51 -31.69
CA GLY C 439 27.69 30.81 -30.66
C GLY C 439 27.56 29.30 -30.77
N SER C 440 26.77 28.83 -31.74
CA SER C 440 26.53 27.40 -31.92
C SER C 440 27.65 26.84 -32.79
N SER C 441 28.72 26.38 -32.15
CA SER C 441 29.78 25.72 -32.87
C SER C 441 29.32 24.35 -33.34
N ALA C 442 30.23 23.59 -33.94
CA ALA C 442 29.88 22.27 -34.46
C ALA C 442 29.64 21.25 -33.36
N TRP C 443 29.93 21.59 -32.10
CA TRP C 443 29.81 20.62 -31.00
C TRP C 443 28.97 21.16 -29.86
N CYS C 444 28.96 22.48 -29.66
CA CYS C 444 28.16 23.11 -28.63
C CYS C 444 26.92 23.77 -29.24
N VAL C 445 26.01 24.21 -28.37
CA VAL C 445 24.78 24.86 -28.78
C VAL C 445 24.38 25.89 -27.73
N LYS C 446 23.78 26.98 -28.19
CA LYS C 446 23.30 28.03 -27.31
C LYS C 446 21.90 28.46 -27.74
N TYR C 447 21.07 28.83 -26.76
CA TYR C 447 19.71 29.28 -26.99
C TYR C 447 19.49 30.62 -26.33
N GLN C 448 18.54 31.39 -26.86
CA GLN C 448 18.15 32.67 -26.29
C GLN C 448 16.63 32.73 -26.18
N PHE C 449 16.15 33.47 -25.18
CA PHE C 449 14.72 33.60 -24.98
C PHE C 449 14.43 34.87 -24.19
N GLY C 450 13.19 35.34 -24.30
CA GLY C 450 12.80 36.55 -23.58
C GLY C 450 11.36 36.91 -23.90
N ALA C 451 10.91 37.99 -23.26
CA ALA C 451 9.56 38.50 -23.48
C ALA C 451 9.48 39.91 -22.93
N GLU C 452 8.42 40.62 -23.31
CA GLU C 452 8.20 42.00 -22.88
C GLU C 452 6.75 42.18 -22.45
N ASP C 453 6.55 42.95 -21.38
CA ASP C 453 5.22 43.17 -20.83
C ASP C 453 5.28 44.32 -19.84
N GLY C 454 4.11 44.71 -19.33
CA GLY C 454 4.04 45.79 -18.37
C GLY C 454 2.64 45.95 -17.84
N GLY C 455 2.47 46.95 -16.99
CA GLY C 455 1.17 47.24 -16.41
C GLY C 455 1.15 48.61 -15.78
N PHE C 456 -0.06 49.15 -15.63
CA PHE C 456 -0.25 50.48 -15.08
C PHE C 456 -1.60 50.55 -14.38
N VAL C 457 -1.73 51.52 -13.47
CA VAL C 457 -2.94 51.66 -12.67
C VAL C 457 -3.92 52.59 -13.39
N GLY C 458 -5.18 52.18 -13.44
CA GLY C 458 -6.20 53.00 -14.07
C GLY C 458 -6.89 53.93 -13.10
N CYS C 459 -8.19 53.75 -12.91
CA CYS C 459 -8.96 54.59 -12.00
C CYS C 459 -8.53 54.29 -10.57
N CYS C 460 -7.80 55.23 -9.96
CA CYS C 460 -7.30 55.02 -8.61
C CYS C 460 -8.44 54.99 -7.60
N GLU C 461 -9.63 55.45 -7.98
CA GLU C 461 -10.73 55.53 -7.02
C GLU C 461 -11.51 54.22 -6.90
N HIS C 462 -11.26 53.25 -7.78
CA HIS C 462 -12.02 52.01 -7.78
C HIS C 462 -11.41 50.93 -6.91
N GLY C 463 -10.62 51.28 -5.89
CA GLY C 463 -9.98 50.30 -5.05
C GLY C 463 -10.00 50.70 -3.59
N ARG C 464 -9.72 49.72 -2.73
CA ARG C 464 -9.66 49.94 -1.30
C ARG C 464 -8.72 48.91 -0.69
N VAL C 465 -7.99 49.33 0.35
CA VAL C 465 -7.04 48.47 1.03
C VAL C 465 -7.30 48.57 2.54
N LEU C 466 -7.39 47.42 3.19
CA LEU C 466 -7.61 47.34 4.63
C LEU C 466 -6.29 47.00 5.31
N ARG C 467 -5.99 47.71 6.39
CA ARG C 467 -4.72 47.55 7.11
C ARG C 467 -4.99 47.52 8.60
N ILE C 468 -3.94 47.24 9.36
CA ILE C 468 -4.02 47.21 10.81
C ILE C 468 -3.48 48.52 11.37
N GLY C 469 -4.30 49.18 12.19
CA GLY C 469 -3.91 50.43 12.79
C GLY C 469 -3.28 50.23 14.16
N PHE D 165 -101.17 69.07 21.91
CA PHE D 165 -100.76 68.00 22.87
C PHE D 165 -99.30 67.66 22.68
N GLU D 166 -98.43 68.36 23.40
CA GLU D 166 -96.99 68.15 23.32
C GLU D 166 -96.55 67.23 24.45
N ALA D 167 -95.76 66.21 24.10
CA ALA D 167 -95.16 65.36 25.10
C ALA D 167 -94.50 66.22 26.17
N SER D 168 -94.38 65.66 27.38
CA SER D 168 -93.99 66.38 28.57
C SER D 168 -95.14 67.17 29.16
N THR D 169 -96.37 66.95 28.67
CA THR D 169 -97.57 67.55 29.25
C THR D 169 -98.70 66.55 29.41
N ILE D 170 -98.67 65.43 28.66
CA ILE D 170 -99.82 64.53 28.63
C ILE D 170 -99.63 63.23 29.39
N GLY D 171 -98.39 62.87 29.72
CA GLY D 171 -98.15 61.69 30.52
C GLY D 171 -97.77 60.47 29.69
N PRO D 172 -97.15 59.48 30.33
CA PRO D 172 -96.56 58.37 29.57
C PRO D 172 -97.56 57.34 29.08
N ALA D 173 -98.79 57.34 29.60
CA ALA D 173 -99.73 56.27 29.25
C ALA D 173 -100.07 56.26 27.76
N PHE D 174 -99.86 57.38 27.06
CA PHE D 174 -100.24 57.44 25.66
C PHE D 174 -99.25 56.71 24.75
N PHE D 175 -97.96 56.70 25.10
CA PHE D 175 -96.92 56.12 24.27
C PHE D 175 -96.49 54.78 24.85
N THR D 176 -96.49 53.74 24.00
CA THR D 176 -96.10 52.40 24.38
C THR D 176 -94.76 52.04 23.76
N PRO D 177 -93.72 51.77 24.55
CA PRO D 177 -92.40 51.55 23.96
C PRO D 177 -92.31 50.24 23.20
N GLN D 178 -91.34 50.19 22.29
CA GLN D 178 -91.08 49.00 21.48
C GLN D 178 -90.57 47.87 22.37
N VAL D 179 -90.93 46.64 22.05
CA VAL D 179 -90.48 45.48 22.80
C VAL D 179 -89.41 44.75 22.00
N LEU D 180 -88.20 44.70 22.54
CA LEU D 180 -87.10 44.03 21.86
C LEU D 180 -87.08 42.55 22.19
N ALA D 181 -86.67 41.75 21.22
CA ALA D 181 -86.60 40.30 21.37
C ALA D 181 -85.22 39.81 21.81
N LEU D 182 -84.72 40.31 22.94
CA LEU D 182 -83.43 39.88 23.45
C LEU D 182 -83.41 40.02 24.97
N GLU D 183 -82.48 39.31 25.59
CA GLU D 183 -82.26 39.39 27.02
C GLU D 183 -80.78 39.23 27.33
N VAL D 184 -80.35 39.84 28.43
CA VAL D 184 -78.96 39.84 28.83
C VAL D 184 -78.77 38.82 29.95
N ASP D 185 -77.75 37.98 29.81
CA ASP D 185 -77.46 36.94 30.81
C ASP D 185 -75.97 37.04 31.16
N CYS D 186 -75.69 37.40 32.40
CA CYS D 186 -74.31 37.65 32.83
C CYS D 186 -73.66 36.44 33.50
N ASN D 187 -74.36 35.30 33.57
CA ASN D 187 -73.89 34.15 34.33
C ASN D 187 -73.27 33.12 33.40
N ILE D 188 -72.21 32.47 33.89
CA ILE D 188 -71.52 31.42 33.15
C ILE D 188 -71.31 30.23 34.07
N GLU D 189 -71.54 29.02 33.54
CA GLU D 189 -71.37 27.79 34.30
C GLU D 189 -69.99 27.22 34.00
N CYS D 190 -69.21 27.00 35.05
CA CYS D 190 -67.83 26.55 34.87
C CYS D 190 -67.77 25.16 34.25
N ALA D 191 -66.63 24.85 33.64
CA ALA D 191 -66.44 23.54 33.03
C ALA D 191 -66.43 22.45 34.10
N SER D 192 -66.84 21.25 33.70
CA SER D 192 -67.01 20.13 34.62
C SER D 192 -65.98 19.04 34.34
N LEU D 193 -65.31 18.58 35.39
CA LEU D 193 -64.41 17.43 35.29
C LEU D 193 -65.15 16.11 35.42
N LEU D 194 -66.48 16.13 35.48
CA LEU D 194 -67.26 14.92 35.75
C LEU D 194 -66.98 13.83 34.73
N ASP D 195 -66.58 14.19 33.52
CA ASP D 195 -66.38 13.19 32.47
C ASP D 195 -65.19 12.29 32.74
N LEU D 196 -64.13 12.83 33.34
CA LEU D 196 -62.90 12.04 33.54
C LEU D 196 -63.16 10.84 34.44
N TYR D 197 -63.93 11.01 35.50
CA TYR D 197 -64.06 10.00 36.53
C TYR D 197 -64.75 8.75 35.99
N GLY D 198 -64.74 7.69 36.79
CA GLY D 198 -65.41 6.45 36.43
C GLY D 198 -66.85 6.45 36.91
N GLN D 199 -67.71 5.74 36.18
CA GLN D 199 -69.15 5.72 36.44
C GLN D 199 -69.56 4.39 37.06
N ILE D 200 -70.37 4.47 38.11
CA ILE D 200 -70.97 3.31 38.76
C ILE D 200 -72.45 3.55 38.92
N GLU D 201 -73.25 2.49 38.88
CA GLU D 201 -74.68 2.55 39.09
C GLU D 201 -75.09 1.59 40.20
N VAL D 202 -75.92 2.07 41.11
CA VAL D 202 -76.39 1.27 42.24
C VAL D 202 -77.89 1.45 42.37
N SER D 203 -78.50 0.61 43.20
CA SER D 203 -79.91 0.70 43.53
C SER D 203 -80.16 0.59 45.03
N ARG D 204 -79.16 0.85 45.86
CA ARG D 204 -79.30 0.76 47.30
C ARG D 204 -78.32 1.72 47.95
N SER D 205 -78.60 2.08 49.20
CA SER D 205 -77.83 3.15 49.85
C SER D 205 -76.37 2.77 50.05
N THR D 206 -76.09 1.52 50.40
CA THR D 206 -74.76 1.09 50.76
C THR D 206 -74.30 -0.03 49.83
N PHE D 207 -72.98 -0.13 49.62
CA PHE D 207 -72.42 -1.11 48.71
C PHE D 207 -71.04 -1.53 49.20
N THR D 208 -70.53 -2.62 48.63
CA THR D 208 -69.28 -3.22 49.07
C THR D 208 -68.42 -3.58 47.86
N TYR D 209 -67.11 -3.60 48.08
CA TYR D 209 -66.17 -4.06 47.07
C TYR D 209 -64.90 -4.52 47.79
N MET D 210 -64.03 -5.19 47.04
CA MET D 210 -62.82 -5.81 47.60
C MET D 210 -61.57 -5.20 46.97
N LYS D 211 -60.51 -5.14 47.75
CA LYS D 211 -59.22 -4.60 47.33
C LYS D 211 -58.14 -5.64 47.56
N ILE D 212 -57.29 -5.84 46.56
CA ILE D 212 -56.18 -6.81 46.67
C ILE D 212 -54.97 -6.02 47.14
N ALA D 213 -54.71 -6.11 48.44
CA ALA D 213 -53.65 -5.31 49.04
C ALA D 213 -52.25 -5.80 48.65
N ASP D 214 -52.02 -7.11 48.69
CA ASP D 214 -50.66 -7.61 48.54
C ASP D 214 -50.71 -9.04 48.00
N TYR D 215 -49.56 -9.50 47.48
CA TYR D 215 -49.42 -10.86 47.00
C TYR D 215 -48.43 -11.70 47.81
N GLY D 216 -47.41 -11.09 48.38
CA GLY D 216 -46.44 -11.86 49.15
C GLY D 216 -45.45 -12.60 48.26
N GLN D 217 -44.54 -13.32 48.93
CA GLN D 217 -43.51 -14.09 48.25
C GLN D 217 -43.40 -15.47 48.88
N LEU D 218 -43.21 -16.49 48.04
CA LEU D 218 -43.22 -17.86 48.51
C LEU D 218 -41.91 -18.60 48.26
N GLY D 219 -41.44 -18.59 47.00
CA GLY D 219 -40.37 -19.47 46.62
C GLY D 219 -39.00 -19.01 47.10
N GLU D 220 -37.99 -19.83 46.79
CA GLU D 220 -36.63 -19.56 47.20
C GLU D 220 -35.67 -20.47 46.44
N TYR D 221 -34.43 -20.03 46.30
CA TYR D 221 -33.38 -20.83 45.70
C TYR D 221 -32.61 -21.56 46.80
N THR D 222 -32.54 -22.89 46.71
CA THR D 222 -31.95 -23.70 47.76
C THR D 222 -31.06 -24.77 47.16
N CYS D 223 -30.19 -25.33 47.99
CA CYS D 223 -29.29 -26.39 47.56
C CYS D 223 -30.09 -27.60 47.09
N ASP D 224 -29.57 -28.29 46.08
CA ASP D 224 -30.27 -29.43 45.48
C ASP D 224 -30.11 -30.70 46.30
N ALA D 225 -29.18 -30.75 47.25
CA ALA D 225 -29.06 -31.94 48.10
C ALA D 225 -30.17 -32.00 49.14
N LYS D 226 -30.87 -30.89 49.37
CA LYS D 226 -31.92 -30.85 50.36
C LYS D 226 -33.10 -31.72 49.92
N CYS D 227 -33.90 -32.13 50.91
CA CYS D 227 -35.06 -32.98 50.65
C CYS D 227 -36.38 -32.23 50.72
N ASP D 228 -36.38 -31.01 51.25
CA ASP D 228 -37.62 -30.29 51.51
C ASP D 228 -37.40 -28.82 51.15
N ALA D 229 -38.36 -27.97 51.53
CA ALA D 229 -38.28 -26.55 51.25
C ALA D 229 -38.91 -25.78 52.41
N GLU D 230 -38.82 -24.46 52.33
CA GLU D 230 -39.28 -23.58 53.40
C GLU D 230 -40.66 -23.03 53.09
N PHE D 231 -41.23 -22.36 54.10
CA PHE D 231 -42.53 -21.69 53.97
C PHE D 231 -42.33 -20.21 53.69
N GLY D 232 -43.26 -19.63 52.93
CA GLY D 232 -43.21 -18.23 52.59
C GLY D 232 -44.04 -17.37 53.51
N GLU D 233 -44.62 -16.32 52.93
CA GLU D 233 -45.48 -15.40 53.67
C GLU D 233 -46.68 -15.04 52.80
N PRO D 234 -47.91 -15.31 53.23
CA PRO D 234 -49.06 -15.10 52.36
C PRO D 234 -49.38 -13.63 52.17
N GLY D 235 -50.18 -13.36 51.15
CA GLY D 235 -50.57 -12.00 50.81
C GLY D 235 -51.62 -11.43 51.74
N ASN D 236 -52.50 -10.59 51.21
CA ASN D 236 -53.54 -9.95 52.01
C ASN D 236 -54.66 -9.49 51.09
N ILE D 237 -55.88 -9.46 51.64
CA ILE D 237 -57.05 -8.97 50.93
C ILE D 237 -57.92 -8.22 51.92
N ARG D 238 -58.70 -7.25 51.41
CA ARG D 238 -59.52 -6.39 52.26
C ARG D 238 -60.90 -6.20 51.66
N HIS D 239 -61.88 -5.91 52.52
CA HIS D 239 -63.22 -5.54 52.11
C HIS D 239 -63.46 -4.07 52.43
N LEU D 240 -64.20 -3.38 51.56
CA LEU D 240 -64.45 -1.96 51.69
C LEU D 240 -65.91 -1.66 51.41
N GLU D 241 -66.38 -0.53 51.96
CA GLU D 241 -67.79 -0.16 51.91
C GLU D 241 -67.93 1.31 51.52
N GLY D 242 -69.09 1.65 50.97
CA GLY D 242 -69.39 3.00 50.53
C GLY D 242 -70.65 3.56 51.18
N LYS D 243 -71.24 4.55 50.51
CA LYS D 243 -72.43 5.20 51.02
C LYS D 243 -73.00 6.08 49.91
N THR D 244 -74.19 6.64 50.18
CA THR D 244 -74.85 7.56 49.26
C THR D 244 -75.49 8.67 50.08
N TYR D 245 -75.72 9.82 49.44
CA TYR D 245 -76.19 11.02 50.11
C TYR D 245 -77.45 11.56 49.45
N ASP D 246 -78.12 12.47 50.14
CA ASP D 246 -79.45 12.93 49.76
C ASP D 246 -79.43 14.44 49.56
N TYR D 247 -80.00 14.90 48.45
CA TYR D 247 -80.12 16.31 48.10
C TYR D 247 -81.60 16.67 48.01
N ARG D 248 -81.99 17.76 48.68
CA ARG D 248 -83.40 18.12 48.80
C ARG D 248 -83.58 19.62 48.88
N GLY D 249 -84.78 20.07 48.49
CA GLY D 249 -85.15 21.47 48.53
C GLY D 249 -86.65 21.62 48.37
N VAL D 250 -87.12 22.86 48.53
CA VAL D 250 -88.55 23.16 48.48
C VAL D 250 -88.73 24.63 48.15
N PHE D 251 -89.83 24.95 47.46
CA PHE D 251 -90.19 26.33 47.16
C PHE D 251 -91.70 26.44 47.06
N CYS D 252 -92.20 27.68 47.24
CA CYS D 252 -93.62 27.93 47.39
C CYS D 252 -94.07 29.05 46.46
N PHE D 253 -95.32 28.98 46.01
CA PHE D 253 -95.90 29.97 45.11
C PHE D 253 -97.28 30.38 45.60
N ASN D 254 -97.79 31.48 45.04
CA ASN D 254 -99.15 31.91 45.30
C ASN D 254 -99.99 31.72 44.03
N ARG D 255 -101.20 31.16 44.21
CA ARG D 255 -102.01 30.79 43.06
C ARG D 255 -102.37 32.01 42.21
N LYS D 256 -102.69 33.13 42.83
CA LYS D 256 -103.12 34.31 42.10
C LYS D 256 -101.98 34.92 41.30
N ASN D 257 -100.88 35.26 41.99
CA ASN D 257 -99.76 35.89 41.32
C ASN D 257 -99.13 34.99 40.27
N LEU D 258 -98.95 33.71 40.58
CA LEU D 258 -98.33 32.80 39.63
C LEU D 258 -99.09 32.78 38.31
N GLN D 259 -100.40 32.96 38.34
CA GLN D 259 -101.19 32.94 37.11
C GLN D 259 -101.25 34.31 36.46
N GLU D 260 -101.34 35.38 37.26
CA GLU D 260 -101.54 36.71 36.69
C GLU D 260 -100.24 37.37 36.25
N ALA D 261 -99.09 36.82 36.62
CA ALA D 261 -97.81 37.35 36.14
C ALA D 261 -97.62 36.98 34.67
N ASN D 262 -96.79 37.77 33.98
CA ASN D 262 -96.58 37.59 32.56
C ASN D 262 -95.31 36.80 32.23
N TYR D 263 -94.64 36.22 33.21
CA TYR D 263 -93.44 35.43 32.98
C TYR D 263 -93.54 34.11 33.72
N ASP D 264 -92.91 33.07 33.19
CA ASP D 264 -93.07 31.70 33.69
C ASP D 264 -92.13 31.46 34.86
N PHE D 265 -92.54 31.92 36.04
CA PHE D 265 -91.74 31.73 37.24
C PHE D 265 -91.55 30.27 37.58
N LEU D 266 -92.54 29.41 37.29
CA LEU D 266 -92.39 27.99 37.59
C LEU D 266 -91.22 27.38 36.82
N SER D 267 -91.19 27.61 35.50
CA SER D 267 -90.08 27.09 34.70
C SER D 267 -88.76 27.74 35.10
N PHE D 268 -88.78 29.05 35.39
CA PHE D 268 -87.54 29.69 35.85
C PHE D 268 -87.00 29.00 37.11
N MET D 269 -87.88 28.71 38.07
CA MET D 269 -87.43 28.08 39.31
C MET D 269 -86.95 26.66 39.08
N ILE D 270 -87.64 25.90 38.22
CA ILE D 270 -87.19 24.54 37.93
C ILE D 270 -85.80 24.57 37.33
N GLY D 271 -85.58 25.44 36.34
CA GLY D 271 -84.27 25.53 35.74
C GLY D 271 -83.20 25.95 36.73
N ALA D 272 -83.51 26.92 37.60
CA ALA D 272 -82.55 27.34 38.59
C ALA D 272 -82.18 26.20 39.53
N ALA D 273 -83.17 25.41 39.94
CA ALA D 273 -82.92 24.30 40.84
C ALA D 273 -82.00 23.28 40.18
N GLN D 274 -82.27 22.93 38.92
CA GLN D 274 -81.41 21.96 38.23
C GLN D 274 -79.99 22.49 38.08
N ARG D 275 -79.85 23.77 37.73
CA ARG D 275 -78.53 24.37 37.58
C ARG D 275 -77.75 24.32 38.88
N SER D 276 -78.42 24.69 39.99
CA SER D 276 -77.76 24.63 41.29
C SER D 276 -77.38 23.21 41.66
N HIS D 277 -78.23 22.23 41.37
CA HIS D 277 -77.87 20.84 41.61
C HIS D 277 -76.58 20.48 40.90
N ARG D 278 -76.49 20.81 39.61
CA ARG D 278 -75.29 20.46 38.85
C ARG D 278 -74.06 21.12 39.45
N ILE D 279 -74.16 22.42 39.75
CA ILE D 279 -73.00 23.14 40.27
C ILE D 279 -72.55 22.52 41.60
N ASN D 280 -73.50 22.25 42.49
CA ASN D 280 -73.14 21.69 43.80
C ASN D 280 -72.54 20.30 43.67
N ARG D 281 -73.08 19.47 42.79
CA ARG D 281 -72.50 18.14 42.58
C ARG D 281 -71.06 18.24 42.12
N ASN D 282 -70.80 19.10 41.13
CA ASN D 282 -69.44 19.24 40.61
C ASN D 282 -68.49 19.74 41.70
N ARG D 283 -68.94 20.73 42.50
CA ARG D 283 -68.07 21.23 43.56
C ARG D 283 -67.80 20.17 44.60
N ALA D 284 -68.82 19.39 44.97
CA ALA D 284 -68.68 18.41 46.04
C ALA D 284 -67.74 17.28 45.62
N LEU D 285 -67.84 16.83 44.36
CA LEU D 285 -66.98 15.74 43.92
C LEU D 285 -65.50 16.11 43.97
N MET D 286 -65.17 17.39 44.03
CA MET D 286 -63.78 17.84 44.08
C MET D 286 -63.33 18.23 45.49
N VAL D 287 -64.06 19.14 46.14
CA VAL D 287 -63.62 19.69 47.42
C VAL D 287 -64.58 19.39 48.56
N GLY D 288 -65.73 18.78 48.29
CA GLY D 288 -66.66 18.49 49.36
C GLY D 288 -66.07 17.51 50.36
N ASP D 289 -66.47 17.65 51.61
CA ASP D 289 -66.06 16.72 52.66
C ASP D 289 -67.09 15.61 52.79
N GLY D 290 -66.72 14.57 53.54
CA GLY D 290 -67.55 13.40 53.67
C GLY D 290 -68.63 13.47 54.73
N ILE D 291 -68.76 14.60 55.42
CA ILE D 291 -69.72 14.70 56.51
C ILE D 291 -71.14 14.59 55.98
N ASN D 292 -71.47 15.36 54.95
CA ASN D 292 -72.76 15.28 54.28
C ASN D 292 -72.65 15.17 52.76
N GLU D 293 -71.56 15.66 52.18
CA GLU D 293 -71.32 15.57 50.76
C GLU D 293 -70.40 14.40 50.44
N PRO D 294 -70.39 13.90 49.21
CA PRO D 294 -69.34 12.97 48.83
C PRO D 294 -67.98 13.61 49.01
N LYS D 295 -67.02 12.84 49.51
CA LYS D 295 -65.69 13.40 49.77
C LYS D 295 -64.88 13.47 48.49
N GLY D 296 -64.38 14.67 48.18
CA GLY D 296 -63.57 14.88 47.01
C GLY D 296 -62.11 14.57 47.27
N TRP D 297 -61.36 14.37 46.19
CA TRP D 297 -59.97 13.95 46.33
C TRP D 297 -59.09 15.05 46.91
N LEU D 298 -59.36 16.32 46.61
CA LEU D 298 -58.57 17.38 47.21
C LEU D 298 -58.69 17.41 48.73
N LYS D 299 -59.90 17.26 49.26
CA LYS D 299 -60.08 17.21 50.71
C LYS D 299 -59.55 15.91 51.28
N GLU D 300 -59.73 14.80 50.56
CA GLU D 300 -59.23 13.52 51.04
C GLU D 300 -57.72 13.55 51.22
N ASP D 301 -57.00 14.11 50.25
CA ASP D 301 -55.56 14.26 50.34
C ASP D 301 -54.85 12.92 50.48
N CYS D 302 -55.37 11.89 49.81
CA CYS D 302 -54.72 10.59 49.84
C CYS D 302 -53.60 10.49 48.80
N PHE D 303 -53.68 11.28 47.74
CA PHE D 303 -52.67 11.23 46.69
C PHE D 303 -51.33 11.71 47.24
N PRO D 304 -50.21 11.10 46.86
CA PRO D 304 -48.90 11.61 47.30
C PRO D 304 -48.66 13.01 46.77
N THR D 305 -47.98 13.83 47.56
CA THR D 305 -47.75 15.22 47.26
C THR D 305 -46.26 15.49 47.11
N PHE D 306 -45.92 16.39 46.20
CA PHE D 306 -44.55 16.84 45.99
C PHE D 306 -44.45 18.32 46.34
N LEU D 307 -43.53 18.65 47.24
CA LEU D 307 -43.28 20.06 47.54
C LEU D 307 -42.36 20.68 46.50
N THR D 308 -42.21 22.00 46.59
CA THR D 308 -41.31 22.75 45.71
C THR D 308 -40.40 23.59 46.58
N LEU D 309 -39.10 23.29 46.52
CA LEU D 309 -38.15 23.98 47.38
C LEU D 309 -38.03 25.45 46.97
N PRO D 310 -37.75 26.33 47.92
CA PRO D 310 -37.78 27.77 47.63
C PRO D 310 -36.53 28.25 46.90
N VAL D 311 -36.47 29.56 46.71
CA VAL D 311 -35.38 30.22 46.01
C VAL D 311 -34.81 31.30 46.93
N ASN D 312 -33.49 31.37 47.01
CA ASN D 312 -32.82 32.40 47.78
C ASN D 312 -32.64 33.62 46.88
N THR D 313 -33.45 34.65 47.10
CA THR D 313 -33.44 35.84 46.27
C THR D 313 -32.63 36.99 46.87
N GLY D 314 -31.85 36.72 47.92
CA GLY D 314 -31.07 37.75 48.56
C GLY D 314 -29.59 37.67 48.27
N THR D 315 -28.77 37.70 49.31
CA THR D 315 -27.32 37.67 49.21
C THR D 315 -26.80 36.68 50.24
N PRO D 316 -25.70 35.99 49.97
CA PRO D 316 -25.22 34.99 50.95
C PRO D 316 -24.86 35.59 52.30
N GLU D 317 -24.54 36.89 52.36
CA GLU D 317 -24.37 37.53 53.66
C GLU D 317 -25.70 37.72 54.37
N ASN D 318 -26.81 37.73 53.63
CA ASN D 318 -28.14 37.98 54.21
C ASN D 318 -29.16 37.25 53.37
N PRO D 319 -29.21 35.92 53.46
CA PRO D 319 -30.14 35.15 52.64
C PRO D 319 -31.60 35.42 53.00
N VAL D 320 -32.45 35.37 51.98
CA VAL D 320 -33.88 35.59 52.15
C VAL D 320 -34.66 34.56 51.35
N GLN D 321 -35.14 33.52 52.01
CA GLN D 321 -35.87 32.46 51.33
C GLN D 321 -37.24 32.96 50.88
N THR D 322 -37.69 32.48 49.73
CA THR D 322 -38.98 32.88 49.16
C THR D 322 -39.59 31.68 48.44
N PRO D 323 -40.88 31.40 48.62
CA PRO D 323 -41.50 30.32 47.85
C PRO D 323 -41.48 30.63 46.38
N ALA D 324 -41.39 29.58 45.57
CA ALA D 324 -41.21 29.75 44.13
C ALA D 324 -41.87 28.60 43.39
N PHE D 325 -42.05 28.81 42.07
CA PHE D 325 -42.58 27.79 41.18
C PHE D 325 -41.93 28.02 39.81
N LEU D 326 -40.85 27.30 39.55
CA LEU D 326 -40.07 27.49 38.34
C LEU D 326 -40.53 26.55 37.24
N ALA D 327 -40.12 26.87 36.01
CA ALA D 327 -40.59 26.13 34.85
C ALA D 327 -40.15 24.66 34.89
N GLN D 328 -38.90 24.41 35.25
CA GLN D 328 -38.40 23.03 35.28
C GLN D 328 -39.15 22.17 36.28
N ASP D 329 -39.76 22.78 37.30
CA ASP D 329 -40.53 21.99 38.27
C ASP D 329 -41.73 21.32 37.60
N TRP D 330 -42.44 22.03 36.73
CA TRP D 330 -43.56 21.42 36.03
C TRP D 330 -43.09 20.25 35.18
N ARG D 331 -41.98 20.42 34.46
CA ARG D 331 -41.46 19.34 33.63
C ARG D 331 -41.09 18.14 34.46
N ARG D 332 -40.38 18.35 35.58
CA ARG D 332 -39.99 17.25 36.45
C ARG D 332 -41.22 16.54 37.00
N PHE D 333 -42.23 17.30 37.42
CA PHE D 333 -43.44 16.70 37.98
C PHE D 333 -44.15 15.85 36.94
N VAL D 334 -44.31 16.38 35.72
CA VAL D 334 -45.09 15.66 34.73
C VAL D 334 -44.34 14.49 34.13
N THR D 335 -43.00 14.49 34.19
CA THR D 335 -42.23 13.38 33.62
C THR D 335 -42.02 12.24 34.60
N SER D 336 -42.40 12.38 35.87
CA SER D 336 -42.11 11.38 36.89
C SER D 336 -43.26 10.43 37.14
N PHE D 337 -44.30 10.45 36.33
CA PHE D 337 -45.43 9.55 36.52
C PHE D 337 -45.01 8.12 36.16
N PRO D 338 -45.19 7.14 37.04
CA PRO D 338 -44.73 5.79 36.72
C PRO D 338 -45.36 5.26 35.44
N ALA D 339 -44.55 4.56 34.64
CA ALA D 339 -45.00 4.14 33.33
C ALA D 339 -46.00 2.99 33.38
N GLU D 340 -45.96 2.17 34.43
CA GLU D 340 -46.81 0.99 34.47
C GLU D 340 -48.30 1.31 34.58
N TYR D 341 -48.65 2.53 35.00
CA TYR D 341 -50.04 2.88 35.21
C TYR D 341 -50.75 3.34 33.94
N GLY D 342 -50.02 3.53 32.84
CA GLY D 342 -50.66 3.93 31.60
C GLY D 342 -50.54 5.41 31.29
N ASP D 343 -51.63 5.99 30.79
CA ASP D 343 -51.64 7.37 30.33
C ASP D 343 -52.45 8.24 31.30
N ALA D 344 -51.90 9.40 31.65
CA ALA D 344 -52.52 10.31 32.59
C ALA D 344 -52.92 11.60 31.90
N ARG D 345 -53.62 12.45 32.65
CA ARG D 345 -54.05 13.77 32.19
C ARG D 345 -53.86 14.77 33.32
N SER D 346 -53.41 15.97 32.97
CA SER D 346 -53.23 17.01 33.97
C SER D 346 -54.51 17.83 34.12
N VAL D 347 -54.69 18.40 35.31
CA VAL D 347 -55.85 19.21 35.63
C VAL D 347 -55.35 20.42 36.42
N MET D 348 -55.77 21.61 36.02
CA MET D 348 -55.21 22.83 36.59
C MET D 348 -56.08 24.02 36.24
N HIS D 349 -55.72 25.18 36.79
CA HIS D 349 -56.48 26.39 36.61
C HIS D 349 -55.89 27.26 35.51
N GLN D 350 -56.75 27.96 34.78
CA GLN D 350 -56.29 28.76 33.65
C GLN D 350 -55.36 29.87 34.09
N ASN D 351 -55.57 30.42 35.28
CA ASN D 351 -54.62 31.41 35.80
C ASN D 351 -53.24 30.80 36.02
N VAL D 352 -53.17 29.58 36.53
CA VAL D 352 -51.87 28.93 36.68
C VAL D 352 -51.25 28.67 35.32
N PHE D 353 -52.07 28.29 34.34
CA PHE D 353 -51.54 28.09 32.99
C PHE D 353 -50.98 29.40 32.42
N GLY D 354 -51.69 30.51 32.62
CA GLY D 354 -51.17 31.79 32.18
C GLY D 354 -49.88 32.17 32.88
N TYR D 355 -49.80 31.89 34.19
CA TYR D 355 -48.55 32.12 34.91
C TYR D 355 -47.42 31.28 34.31
N LEU D 356 -47.72 30.03 33.95
CA LEU D 356 -46.69 29.16 33.39
C LEU D 356 -46.25 29.63 32.01
N ALA D 357 -47.18 30.14 31.21
CA ALA D 357 -46.87 30.51 29.83
C ALA D 357 -46.25 31.89 29.72
N ALA D 358 -46.07 32.61 30.83
CA ALA D 358 -45.53 33.97 30.80
C ALA D 358 -44.25 34.07 31.64
N MET D 359 -43.38 33.06 31.56
CA MET D 359 -42.12 33.08 32.28
C MET D 359 -41.00 33.52 31.36
N VAL D 360 -39.98 34.15 31.95
CA VAL D 360 -38.87 34.72 31.20
C VAL D 360 -37.57 34.21 31.80
N ASP D 361 -36.59 33.97 30.92
CA ASP D 361 -35.27 33.52 31.37
C ASP D 361 -34.49 34.70 31.93
N ALA D 362 -33.19 34.48 32.18
CA ALA D 362 -32.38 35.47 32.85
C ALA D 362 -32.15 36.72 32.02
N ASN D 363 -32.47 36.69 30.73
CA ASN D 363 -32.25 37.84 29.85
C ASN D 363 -33.53 38.57 29.49
N GLY D 364 -34.68 38.09 29.94
CA GLY D 364 -35.95 38.71 29.64
C GLY D 364 -36.71 38.08 28.50
N ARG D 365 -36.07 37.21 27.72
CA ARG D 365 -36.74 36.57 26.61
C ARG D 365 -37.64 35.45 27.11
N PHE D 366 -38.79 35.30 26.45
CA PHE D 366 -39.78 34.32 26.86
C PHE D 366 -39.25 32.90 26.72
N LEU D 367 -39.66 32.04 27.65
CA LEU D 367 -39.62 30.60 27.42
C LEU D 367 -40.85 30.18 26.63
N PHE D 368 -40.87 28.94 26.19
CA PHE D 368 -42.02 28.43 25.42
C PHE D 368 -42.15 29.31 24.18
N GLY D 369 -43.36 29.72 23.80
CA GLY D 369 -43.53 30.56 22.64
C GLY D 369 -42.61 31.77 22.66
N ASP D 370 -41.64 31.79 21.75
CA ASP D 370 -40.64 32.83 21.67
C ASP D 370 -40.72 33.51 20.32
N GLY D 371 -40.64 34.84 20.32
CA GLY D 371 -40.79 35.60 19.09
C GLY D 371 -42.21 35.80 18.65
N ASP D 372 -43.19 35.56 19.52
CA ASP D 372 -44.60 35.74 19.22
C ASP D 372 -45.27 36.49 20.35
N LEU D 373 -46.41 37.12 20.05
CA LEU D 373 -47.10 37.91 21.06
C LEU D 373 -47.75 37.02 22.11
N THR D 374 -48.25 35.84 21.72
CA THR D 374 -48.94 34.96 22.63
C THR D 374 -48.55 33.51 22.35
N PHE D 375 -48.67 32.68 23.38
CA PHE D 375 -48.39 31.25 23.30
C PHE D 375 -49.67 30.47 23.49
N SER D 376 -49.97 29.57 22.55
CA SER D 376 -51.22 28.81 22.57
C SER D 376 -50.97 27.43 21.99
N PRO D 377 -50.49 26.49 22.81
CA PRO D 377 -50.26 25.13 22.32
C PRO D 377 -51.57 24.37 22.18
N ASP D 378 -51.44 23.12 21.71
CA ASP D 378 -52.58 22.24 21.55
C ASP D 378 -52.74 21.41 22.82
N LEU D 379 -53.67 21.85 23.67
CA LEU D 379 -53.88 21.17 24.95
C LEU D 379 -54.35 19.73 24.76
N VAL D 380 -55.08 19.44 23.69
CA VAL D 380 -55.53 18.07 23.49
C VAL D 380 -54.35 17.13 23.32
N ARG D 381 -53.35 17.52 22.54
CA ARG D 381 -52.14 16.73 22.38
C ARG D 381 -51.24 16.79 23.61
N GLU D 382 -51.17 17.94 24.28
CA GLU D 382 -50.38 18.04 25.51
C GLU D 382 -51.01 17.31 26.67
N ARG D 383 -52.24 16.82 26.52
CA ARG D 383 -52.95 16.12 27.59
C ARG D 383 -53.02 16.99 28.85
N ILE D 384 -53.68 18.13 28.71
CA ILE D 384 -53.95 19.04 29.81
C ILE D 384 -55.43 19.41 29.76
N ARG D 385 -56.05 19.51 30.93
CA ARG D 385 -57.44 19.92 31.07
C ARG D 385 -57.51 21.10 32.03
N ILE D 386 -58.40 22.04 31.74
CA ILE D 386 -58.49 23.29 32.49
C ILE D 386 -59.92 23.46 33.00
N SER D 387 -60.04 23.77 34.29
CA SER D 387 -61.33 24.11 34.88
C SER D 387 -61.09 25.15 35.97
N ASN D 388 -62.11 25.94 36.25
CA ASN D 388 -62.00 27.04 37.20
C ASN D 388 -62.57 26.71 38.57
N CYS D 389 -63.07 25.49 38.78
CA CYS D 389 -63.53 25.11 40.11
C CYS D 389 -62.38 24.80 41.05
N LEU D 390 -61.17 24.63 40.52
CA LEU D 390 -60.04 24.26 41.33
C LEU D 390 -59.54 25.46 42.14
N PRO D 391 -58.81 25.21 43.22
CA PRO D 391 -58.18 26.32 43.95
C PRO D 391 -57.21 27.08 43.05
N ASP D 392 -57.15 28.39 43.25
CA ASP D 392 -56.27 29.25 42.46
C ASP D 392 -55.13 29.72 43.34
N PRO D 393 -53.90 29.23 43.16
CA PRO D 393 -52.79 29.70 44.00
C PRO D 393 -52.44 31.16 43.78
N THR D 394 -52.84 31.76 42.66
CA THR D 394 -52.49 33.13 42.33
C THR D 394 -53.44 34.16 42.94
N GLU D 395 -54.56 33.72 43.51
CA GLU D 395 -55.54 34.64 44.11
C GLU D 395 -55.98 35.69 43.11
N GLY D 396 -56.44 35.22 41.95
CA GLY D 396 -56.90 36.12 40.91
C GLY D 396 -55.82 36.99 40.31
N ASN D 397 -54.63 36.43 40.11
CA ASN D 397 -53.50 37.10 39.47
C ASN D 397 -52.88 38.19 40.32
N THR D 398 -53.34 38.37 41.55
CA THR D 398 -52.75 39.35 42.45
C THR D 398 -51.54 38.82 43.20
N LYS D 399 -51.28 37.51 43.13
CA LYS D 399 -50.18 36.88 43.84
C LYS D 399 -49.31 36.10 42.88
N GLY D 400 -48.02 36.01 43.20
CA GLY D 400 -47.08 35.26 42.38
C GLY D 400 -45.80 36.01 42.08
N GLY D 401 -45.59 37.13 42.74
CA GLY D 401 -44.41 37.95 42.53
C GLY D 401 -43.32 37.66 43.56
N THR D 402 -42.68 38.72 44.03
CA THR D 402 -41.63 38.61 45.03
C THR D 402 -41.95 39.56 46.18
N GLY D 403 -41.46 39.19 47.37
CA GLY D 403 -41.71 40.02 48.53
C GLY D 403 -43.16 39.92 48.97
N GLN D 404 -43.85 41.07 48.97
CA GLN D 404 -45.20 41.13 49.51
C GLN D 404 -46.20 40.36 48.65
N ASP D 405 -45.86 40.06 47.40
CA ASP D 405 -46.76 39.35 46.50
C ASP D 405 -46.41 37.88 46.35
N ALA D 406 -45.59 37.34 47.25
CA ALA D 406 -45.15 35.96 47.13
C ALA D 406 -46.32 34.99 47.34
N PHE D 407 -46.14 33.76 46.87
CA PHE D 407 -47.14 32.73 47.04
C PHE D 407 -47.37 32.44 48.51
N ALA D 408 -48.39 31.63 48.77
CA ALA D 408 -48.66 31.11 50.10
C ALA D 408 -48.28 29.64 50.14
N ALA D 409 -47.46 29.25 51.11
CA ALA D 409 -46.96 27.88 51.16
C ALA D 409 -48.10 26.89 51.25
N GLY D 410 -47.95 25.78 50.51
CA GLY D 410 -48.93 24.72 50.53
C GLY D 410 -50.03 24.83 49.50
N SER D 411 -50.06 25.91 48.71
CA SER D 411 -51.13 26.09 47.74
C SER D 411 -51.12 24.96 46.71
N PHE D 412 -52.31 24.43 46.42
CA PHE D 412 -52.43 23.40 45.40
C PHE D 412 -52.24 24.02 44.02
N ILE D 413 -51.40 23.39 43.20
CA ILE D 413 -51.08 23.91 41.87
C ILE D 413 -51.78 23.08 40.80
N ALA D 414 -51.44 21.80 40.71
CA ALA D 414 -52.03 20.94 39.69
C ALA D 414 -51.92 19.50 40.14
N ALA D 415 -52.73 18.64 39.52
CA ALA D 415 -52.79 17.23 39.85
C ALA D 415 -52.78 16.40 38.58
N GLN D 416 -52.28 15.17 38.69
CA GLN D 416 -52.17 14.26 37.57
C GLN D 416 -52.55 12.86 38.04
N ALA D 417 -53.26 12.12 37.19
CA ALA D 417 -53.71 10.79 37.57
C ALA D 417 -54.35 10.13 36.36
N ALA D 418 -54.53 8.80 36.47
CA ALA D 418 -55.35 8.04 35.53
C ALA D 418 -56.77 7.98 36.12
N TRP D 419 -57.58 8.96 35.73
CA TRP D 419 -58.83 9.21 36.44
C TRP D 419 -59.78 8.03 36.35
N LYS D 420 -59.82 7.35 35.21
CA LYS D 420 -60.79 6.28 35.02
C LYS D 420 -60.73 5.20 36.09
N THR D 421 -59.69 5.19 36.93
CA THR D 421 -59.63 4.27 38.06
C THR D 421 -59.15 4.90 39.35
N ALA D 422 -58.81 6.20 39.35
CA ALA D 422 -58.37 6.85 40.58
C ALA D 422 -59.54 7.44 41.35
N TYR D 423 -60.70 7.59 40.71
CA TYR D 423 -61.87 8.15 41.37
C TYR D 423 -63.11 7.67 40.63
N TYR D 424 -64.18 7.40 41.37
CA TYR D 424 -65.42 6.89 40.81
C TYR D 424 -66.57 7.81 41.18
N ALA D 425 -67.57 7.88 40.32
CA ALA D 425 -68.79 8.63 40.57
C ALA D 425 -69.98 7.68 40.46
N VAL D 426 -70.85 7.71 41.46
CA VAL D 426 -71.98 6.79 41.54
C VAL D 426 -73.26 7.60 41.67
N GLU D 427 -74.31 7.13 41.00
CA GLU D 427 -75.61 7.80 40.98
C GLU D 427 -76.71 6.78 41.20
N LYS D 428 -77.73 7.17 41.96
CA LYS D 428 -78.87 6.31 42.23
C LYS D 428 -80.19 6.88 41.70
N ARG D 429 -80.48 8.15 41.98
CA ARG D 429 -81.74 8.76 41.60
C ARG D 429 -81.50 10.09 40.91
N PRO D 430 -82.29 10.44 39.90
CA PRO D 430 -82.19 11.78 39.30
C PRO D 430 -83.09 12.78 40.03
N MET D 431 -83.12 14.00 39.52
CA MET D 431 -83.96 15.04 40.10
C MET D 431 -85.43 14.72 39.86
N PHE D 432 -86.26 14.99 40.86
CA PHE D 432 -87.71 14.81 40.76
C PHE D 432 -88.42 15.97 41.43
N PHE D 433 -89.57 16.34 40.88
CA PHE D 433 -90.40 17.43 41.38
C PHE D 433 -91.79 16.90 41.65
N GLU D 434 -92.32 17.21 42.84
CA GLU D 434 -93.64 16.74 43.25
C GLU D 434 -94.37 17.83 43.99
N GLN D 435 -95.69 17.90 43.79
CA GLN D 435 -96.52 18.88 44.47
C GLN D 435 -96.90 18.35 45.85
N TYR D 436 -96.76 19.21 46.86
CA TYR D 436 -96.95 18.81 48.25
C TYR D 436 -98.42 19.02 48.62
N GLU D 437 -99.17 17.92 48.64
CA GLU D 437 -100.61 18.01 48.90
C GLU D 437 -100.90 18.45 50.32
N GLY D 438 -99.99 18.20 51.27
CA GLY D 438 -100.24 18.59 52.64
C GLY D 438 -99.98 20.05 52.93
N GLY D 439 -99.26 20.75 52.06
CA GLY D 439 -98.98 22.15 52.24
C GLY D 439 -99.77 23.03 51.28
N SER D 440 -100.36 22.41 50.27
CA SER D 440 -101.15 23.15 49.30
C SER D 440 -102.47 23.60 49.92
N SER D 441 -103.16 24.48 49.20
CA SER D 441 -104.46 24.99 49.62
C SER D 441 -105.21 25.43 48.37
N ALA D 442 -106.34 26.11 48.58
CA ALA D 442 -107.06 26.70 47.46
C ALA D 442 -106.48 28.04 47.05
N TRP D 443 -105.49 28.55 47.78
CA TRP D 443 -104.87 29.82 47.47
C TRP D 443 -103.35 29.80 47.60
N CYS D 444 -102.74 28.62 47.53
CA CYS D 444 -101.29 28.49 47.60
C CYS D 444 -100.87 27.19 46.94
N VAL D 445 -99.58 27.08 46.65
CA VAL D 445 -98.98 25.86 46.10
C VAL D 445 -97.58 25.73 46.68
N LYS D 446 -97.12 24.49 46.80
CA LYS D 446 -95.81 24.20 47.39
C LYS D 446 -95.23 22.97 46.72
N TYR D 447 -93.97 23.07 46.29
CA TYR D 447 -93.31 22.02 45.51
C TYR D 447 -92.11 21.49 46.27
N GLN D 448 -91.91 20.18 46.22
CA GLN D 448 -90.76 19.53 46.84
C GLN D 448 -89.93 18.84 45.77
N PHE D 449 -88.61 18.87 45.93
CA PHE D 449 -87.70 18.26 44.97
C PHE D 449 -86.43 17.80 45.68
N GLY D 450 -85.78 16.80 45.10
CA GLY D 450 -84.54 16.28 45.66
C GLY D 450 -83.91 15.27 44.74
N ALA D 451 -82.72 14.82 45.13
CA ALA D 451 -81.99 13.81 44.38
C ALA D 451 -80.95 13.17 45.28
N GLU D 452 -80.40 12.05 44.81
CA GLU D 452 -79.42 11.28 45.58
C GLU D 452 -78.18 11.05 44.75
N ASP D 453 -77.01 11.24 45.37
CA ASP D 453 -75.73 11.16 44.67
C ASP D 453 -74.69 10.57 45.60
N GLY D 454 -73.53 10.22 45.04
CA GLY D 454 -72.44 9.68 45.82
C GLY D 454 -71.17 9.57 45.01
N GLY D 455 -70.08 9.28 45.72
CA GLY D 455 -68.78 9.10 45.09
C GLY D 455 -67.73 8.61 46.07
N PHE D 456 -66.68 7.97 45.57
CA PHE D 456 -65.63 7.42 46.43
C PHE D 456 -64.34 7.31 45.65
N VAL D 457 -63.23 7.16 46.38
CA VAL D 457 -61.92 7.09 45.76
C VAL D 457 -61.55 5.64 45.46
N GLY D 458 -60.80 5.43 44.39
CA GLY D 458 -60.37 4.09 44.00
C GLY D 458 -58.93 3.81 44.34
N CYS D 459 -58.11 3.56 43.32
CA CYS D 459 -56.70 3.26 43.51
C CYS D 459 -56.00 4.51 44.02
N CYS D 460 -55.51 4.47 45.25
CA CYS D 460 -54.90 5.66 45.84
C CYS D 460 -53.63 6.07 45.11
N GLU D 461 -52.89 5.11 44.56
CA GLU D 461 -51.56 5.40 44.02
C GLU D 461 -51.59 5.89 42.58
N HIS D 462 -52.74 5.90 41.92
CA HIS D 462 -52.80 6.31 40.53
C HIS D 462 -52.88 7.82 40.35
N GLY D 463 -52.53 8.60 41.35
CA GLY D 463 -52.60 10.05 41.22
C GLY D 463 -51.50 10.72 42.01
N ARG D 464 -51.22 11.97 41.65
CA ARG D 464 -50.19 12.77 42.31
C ARG D 464 -50.64 14.23 42.33
N VAL D 465 -50.07 14.99 43.27
CA VAL D 465 -50.42 16.39 43.47
C VAL D 465 -49.15 17.18 43.70
N LEU D 466 -49.10 18.39 43.16
CA LEU D 466 -47.98 19.29 43.32
C LEU D 466 -48.39 20.47 44.20
N ARG D 467 -47.45 20.96 45.00
CA ARG D 467 -47.74 22.00 45.97
C ARG D 467 -46.50 22.87 46.17
N ILE D 468 -46.72 24.09 46.65
CA ILE D 468 -45.63 25.01 46.93
C ILE D 468 -45.06 24.70 48.30
N GLY D 469 -43.77 25.03 48.48
CA GLY D 469 -43.11 24.84 49.75
C GLY D 469 -42.05 25.89 49.99
N PHE E 165 -87.91 1.19 60.47
CA PHE E 165 -87.95 2.09 61.65
C PHE E 165 -86.68 2.91 61.71
N GLU E 166 -86.54 3.76 62.74
CA GLU E 166 -85.37 4.61 62.86
C GLU E 166 -84.08 3.80 62.79
N ALA E 167 -83.28 4.05 61.75
CA ALA E 167 -82.06 3.26 61.55
C ALA E 167 -81.08 3.43 62.69
N SER E 168 -81.11 4.57 63.36
CA SER E 168 -80.23 4.80 64.50
C SER E 168 -80.73 4.17 65.78
N THR E 169 -81.69 3.25 65.71
CA THR E 169 -82.22 2.59 66.90
C THR E 169 -82.36 1.09 66.74
N ILE E 170 -81.89 0.51 65.63
CA ILE E 170 -81.96 -0.93 65.39
C ILE E 170 -80.61 -1.40 64.87
N GLY E 171 -80.37 -2.71 64.99
CA GLY E 171 -79.11 -3.29 64.64
C GLY E 171 -78.82 -3.23 63.15
N PRO E 172 -77.54 -3.24 62.78
CA PRO E 172 -77.19 -3.15 61.35
C PRO E 172 -77.52 -4.41 60.57
N ALA E 173 -77.82 -5.53 61.24
CA ALA E 173 -78.03 -6.78 60.53
C ALA E 173 -79.22 -6.74 59.59
N PHE E 174 -80.12 -5.76 59.76
CA PHE E 174 -81.34 -5.75 58.95
C PHE E 174 -81.06 -5.36 57.51
N PHE E 175 -80.07 -4.50 57.26
CA PHE E 175 -79.80 -3.95 55.94
C PHE E 175 -78.63 -4.70 55.32
N THR E 176 -78.84 -5.27 54.13
CA THR E 176 -77.80 -6.00 53.43
C THR E 176 -77.25 -5.12 52.32
N PRO E 177 -76.00 -4.67 52.39
CA PRO E 177 -75.48 -3.75 51.38
C PRO E 177 -75.33 -4.42 50.02
N GLN E 178 -75.34 -3.58 48.99
CA GLN E 178 -75.19 -4.03 47.61
C GLN E 178 -73.76 -4.52 47.39
N VAL E 179 -73.61 -5.57 46.58
CA VAL E 179 -72.28 -6.08 46.24
C VAL E 179 -71.92 -5.61 44.84
N LEU E 180 -70.78 -4.94 44.72
CA LEU E 180 -70.30 -4.47 43.43
C LEU E 180 -69.46 -5.55 42.75
N ALA E 181 -69.34 -5.44 41.43
CA ALA E 181 -68.60 -6.39 40.62
C ALA E 181 -67.25 -5.86 40.19
N LEU E 182 -66.57 -5.09 41.03
CA LEU E 182 -65.27 -4.54 40.71
C LEU E 182 -64.33 -4.75 41.89
N GLU E 183 -63.03 -4.80 41.59
CA GLU E 183 -62.00 -4.93 42.59
C GLU E 183 -60.84 -4.01 42.26
N VAL E 184 -60.15 -3.54 43.29
CA VAL E 184 -59.06 -2.58 43.17
C VAL E 184 -57.74 -3.33 43.29
N ASP E 185 -56.80 -3.03 42.40
CA ASP E 185 -55.49 -3.68 42.40
C ASP E 185 -54.46 -2.62 42.05
N CYS E 186 -53.68 -2.19 43.05
CA CYS E 186 -52.67 -1.16 42.83
C CYS E 186 -51.29 -1.73 42.55
N ASN E 187 -51.14 -3.06 42.52
CA ASN E 187 -49.84 -3.67 42.35
C ASN E 187 -49.37 -3.59 40.90
N ILE E 188 -48.06 -3.50 40.71
CA ILE E 188 -47.44 -3.44 39.40
C ILE E 188 -46.25 -4.40 39.37
N GLU E 189 -45.91 -4.84 38.16
CA GLU E 189 -44.76 -5.72 37.94
C GLU E 189 -43.76 -4.98 37.07
N CYS E 190 -42.55 -4.81 37.57
CA CYS E 190 -41.53 -4.06 36.84
C CYS E 190 -41.19 -4.74 35.53
N ALA E 191 -40.89 -3.94 34.51
CA ALA E 191 -40.53 -4.48 33.21
C ALA E 191 -39.23 -5.28 33.30
N SER E 192 -39.14 -6.34 32.51
CA SER E 192 -38.00 -7.24 32.59
C SER E 192 -36.94 -6.89 31.54
N LEU E 193 -35.72 -7.34 31.81
CA LEU E 193 -34.62 -7.28 30.85
C LEU E 193 -34.30 -8.65 30.27
N LEU E 194 -35.11 -9.67 30.56
CA LEU E 194 -34.74 -11.03 30.23
C LEU E 194 -34.58 -11.26 28.74
N ASP E 195 -35.45 -10.67 27.91
CA ASP E 195 -35.40 -10.93 26.48
C ASP E 195 -34.12 -10.43 25.83
N LEU E 196 -33.41 -9.49 26.46
CA LEU E 196 -32.15 -9.03 25.90
C LEU E 196 -31.10 -10.13 25.92
N TYR E 197 -30.95 -10.81 27.06
CA TYR E 197 -29.89 -11.80 27.21
C TYR E 197 -30.00 -12.88 26.14
N GLY E 198 -28.90 -13.62 25.95
CA GLY E 198 -28.90 -14.70 25.00
C GLY E 198 -29.65 -15.91 25.55
N GLN E 199 -30.28 -16.65 24.65
CA GLN E 199 -31.14 -17.78 25.02
C GLN E 199 -30.44 -19.10 24.74
N ILE E 200 -30.36 -19.95 25.76
CA ILE E 200 -29.81 -21.29 25.65
C ILE E 200 -30.77 -22.25 26.32
N GLU E 201 -31.04 -23.37 25.67
CA GLU E 201 -31.96 -24.38 26.18
C GLU E 201 -31.19 -25.67 26.42
N VAL E 202 -31.10 -26.08 27.68
CA VAL E 202 -30.37 -27.30 28.05
C VAL E 202 -31.36 -28.34 28.54
N SER E 203 -30.85 -29.57 28.80
CA SER E 203 -31.69 -30.60 29.39
C SER E 203 -30.95 -31.41 30.45
N ARG E 204 -29.97 -30.81 31.13
CA ARG E 204 -29.18 -31.52 32.14
C ARG E 204 -28.62 -30.51 33.12
N SER E 205 -28.11 -31.02 34.24
CA SER E 205 -27.62 -30.14 35.30
C SER E 205 -26.20 -29.64 35.05
N THR E 206 -25.61 -29.95 33.90
CA THR E 206 -24.27 -29.46 33.60
C THR E 206 -24.09 -29.41 32.09
N PHE E 207 -23.19 -28.53 31.64
CA PHE E 207 -22.92 -28.36 30.22
C PHE E 207 -21.53 -27.77 30.04
N THR E 208 -21.02 -27.85 28.81
CA THR E 208 -19.67 -27.42 28.50
C THR E 208 -19.65 -26.66 27.18
N TYR E 209 -18.65 -25.80 27.02
CA TYR E 209 -18.45 -25.03 25.79
C TYR E 209 -17.00 -24.60 25.71
N MET E 210 -16.58 -24.18 24.52
CA MET E 210 -15.20 -23.83 24.24
C MET E 210 -15.01 -22.32 24.18
N LYS E 211 -13.83 -21.87 24.57
CA LYS E 211 -13.44 -20.47 24.48
C LYS E 211 -12.08 -20.38 23.80
N ILE E 212 -11.90 -19.35 22.97
CA ILE E 212 -10.63 -19.11 22.29
C ILE E 212 -9.97 -17.95 23.01
N ALA E 213 -8.88 -18.24 23.73
CA ALA E 213 -8.24 -17.26 24.59
C ALA E 213 -7.10 -16.51 23.90
N ASP E 214 -6.62 -16.98 22.77
CA ASP E 214 -5.49 -16.33 22.12
C ASP E 214 -5.24 -16.97 20.76
N TYR E 215 -4.61 -16.22 19.87
CA TYR E 215 -4.24 -16.69 18.54
C TYR E 215 -2.74 -16.84 18.35
N GLY E 216 -1.94 -16.21 19.22
CA GLY E 216 -0.50 -16.30 19.05
C GLY E 216 -0.05 -15.55 17.81
N GLN E 217 1.27 -15.62 17.57
CA GLN E 217 1.88 -15.00 16.40
C GLN E 217 2.80 -16.01 15.73
N LEU E 218 2.81 -15.99 14.40
CA LEU E 218 3.60 -16.93 13.61
C LEU E 218 4.41 -16.16 12.57
N GLY E 219 5.70 -16.44 12.49
CA GLY E 219 6.54 -15.86 11.47
C GLY E 219 6.99 -14.44 11.82
N GLU E 220 7.84 -13.91 10.95
CA GLU E 220 8.38 -12.57 11.11
C GLU E 220 9.05 -12.15 9.81
N TYR E 221 9.55 -10.92 9.80
CA TYR E 221 10.30 -10.43 8.65
C TYR E 221 11.76 -10.81 8.78
N THR E 222 12.20 -11.77 7.97
CA THR E 222 13.52 -12.37 8.07
C THR E 222 14.36 -12.02 6.86
N CYS E 223 15.68 -12.21 6.99
CA CYS E 223 16.59 -11.94 5.89
C CYS E 223 16.30 -12.87 4.73
N ASP E 224 16.54 -12.38 3.51
CA ASP E 224 16.25 -13.18 2.32
C ASP E 224 17.32 -14.22 2.04
N ALA E 225 18.49 -14.11 2.66
CA ALA E 225 19.56 -15.06 2.39
C ALA E 225 19.32 -16.41 3.06
N LYS E 226 18.75 -16.40 4.26
CA LYS E 226 18.57 -17.64 5.01
C LYS E 226 17.69 -18.61 4.25
N CYS E 227 18.02 -19.90 4.34
CA CYS E 227 17.21 -20.94 3.71
C CYS E 227 16.21 -21.58 4.67
N ASP E 228 16.13 -21.12 5.92
CA ASP E 228 15.20 -21.68 6.88
C ASP E 228 14.38 -20.58 7.55
N ALA E 229 13.55 -20.96 8.53
CA ALA E 229 12.70 -20.02 9.24
C ALA E 229 12.66 -20.39 10.71
N GLU E 230 12.13 -19.46 11.52
CA GLU E 230 12.03 -19.66 12.95
C GLU E 230 10.65 -20.18 13.32
N PHE E 231 10.54 -20.68 14.55
CA PHE E 231 9.29 -21.24 15.05
C PHE E 231 8.52 -20.21 15.86
N GLY E 232 7.22 -20.15 15.64
CA GLY E 232 6.37 -19.21 16.35
C GLY E 232 5.77 -19.81 17.61
N GLU E 233 4.88 -19.04 18.22
CA GLU E 233 4.20 -19.44 19.45
C GLU E 233 2.75 -19.73 19.16
N PRO E 234 2.23 -20.91 19.45
CA PRO E 234 0.87 -21.26 19.06
C PRO E 234 -0.17 -20.55 19.93
N GLY E 235 -1.43 -20.71 19.54
CA GLY E 235 -2.52 -20.07 20.23
C GLY E 235 -2.83 -20.72 21.57
N ASN E 236 -4.09 -20.61 21.96
CA ASN E 236 -4.55 -21.16 23.23
C ASN E 236 -6.06 -21.31 23.18
N ILE E 237 -6.57 -22.45 23.63
CA ILE E 237 -7.99 -22.73 23.69
C ILE E 237 -8.30 -23.32 25.06
N ARG E 238 -9.55 -23.16 25.50
CA ARG E 238 -9.96 -23.58 26.84
C ARG E 238 -11.33 -24.22 26.79
N HIS E 239 -11.59 -25.09 27.77
CA HIS E 239 -12.89 -25.70 27.97
C HIS E 239 -13.50 -25.17 29.27
N LEU E 240 -14.78 -24.79 29.22
CA LEU E 240 -15.47 -24.23 30.36
C LEU E 240 -16.77 -24.98 30.59
N GLU E 241 -17.19 -25.02 31.86
CA GLU E 241 -18.39 -25.75 32.27
C GLU E 241 -19.36 -24.81 32.98
N GLY E 242 -20.63 -25.23 33.01
CA GLY E 242 -21.69 -24.48 33.64
C GLY E 242 -22.35 -25.22 34.77
N LYS E 243 -23.64 -24.95 34.96
CA LYS E 243 -24.43 -25.56 36.03
C LYS E 243 -25.87 -25.10 35.87
N THR E 244 -26.75 -25.68 36.71
CA THR E 244 -28.14 -25.29 36.79
C THR E 244 -28.58 -25.34 38.24
N TYR E 245 -29.55 -24.49 38.60
CA TYR E 245 -29.96 -24.29 39.97
C TYR E 245 -31.42 -24.69 40.16
N ASP E 246 -31.81 -24.89 41.41
CA ASP E 246 -33.10 -25.49 41.76
C ASP E 246 -33.94 -24.49 42.56
N TYR E 247 -35.23 -24.41 42.23
CA TYR E 247 -36.17 -23.53 42.90
C TYR E 247 -37.27 -24.40 43.52
N ARG E 248 -37.64 -24.10 44.76
CA ARG E 248 -38.59 -24.95 45.47
C ARG E 248 -39.23 -24.18 46.63
N GLY E 249 -40.42 -24.61 47.00
CA GLY E 249 -41.17 -23.99 48.09
C GLY E 249 -42.36 -24.83 48.47
N VAL E 250 -43.05 -24.40 49.52
CA VAL E 250 -44.18 -25.14 50.09
C VAL E 250 -45.17 -24.16 50.70
N PHE E 251 -46.45 -24.51 50.63
CA PHE E 251 -47.50 -23.80 51.36
C PHE E 251 -48.54 -24.80 51.84
N CYS E 252 -49.23 -24.44 52.91
CA CYS E 252 -50.13 -25.37 53.60
C CYS E 252 -51.48 -24.72 53.84
N PHE E 253 -52.51 -25.56 53.97
CA PHE E 253 -53.87 -25.09 54.17
C PHE E 253 -54.59 -25.96 55.19
N ASN E 254 -55.65 -25.42 55.76
CA ASN E 254 -56.57 -26.20 56.58
C ASN E 254 -57.84 -26.45 55.80
N ARG E 255 -58.27 -27.72 55.74
CA ARG E 255 -59.40 -28.07 54.89
C ARG E 255 -60.70 -27.39 55.32
N LYS E 256 -60.97 -27.30 56.62
CA LYS E 256 -62.21 -26.68 57.08
C LYS E 256 -62.28 -25.23 56.64
N ASN E 257 -61.24 -24.45 56.92
CA ASN E 257 -61.23 -23.04 56.54
C ASN E 257 -61.28 -22.89 55.02
N LEU E 258 -60.48 -23.68 54.31
CA LEU E 258 -60.44 -23.57 52.86
C LEU E 258 -61.78 -23.91 52.24
N GLN E 259 -62.57 -24.75 52.90
CA GLN E 259 -63.87 -25.14 52.38
C GLN E 259 -64.96 -24.13 52.74
N GLU E 260 -64.92 -23.58 53.95
CA GLU E 260 -65.96 -22.65 54.38
C GLU E 260 -65.73 -21.24 53.85
N ALA E 261 -64.49 -20.89 53.48
CA ALA E 261 -64.20 -19.53 53.05
C ALA E 261 -65.00 -19.17 51.81
N ASN E 262 -65.43 -17.91 51.76
CA ASN E 262 -66.24 -17.42 50.65
C ASN E 262 -65.40 -16.92 49.47
N TYR E 263 -64.07 -16.98 49.58
CA TYR E 263 -63.19 -16.53 48.52
C TYR E 263 -62.17 -17.63 48.22
N ASP E 264 -61.91 -17.87 46.94
CA ASP E 264 -61.04 -18.96 46.51
C ASP E 264 -59.59 -18.59 46.78
N PHE E 265 -58.92 -19.38 47.62
CA PHE E 265 -57.55 -19.07 48.02
C PHE E 265 -56.53 -19.88 47.24
N LEU E 266 -56.91 -21.04 46.70
CA LEU E 266 -55.93 -21.91 46.04
C LEU E 266 -55.35 -21.26 44.80
N SER E 267 -56.23 -20.75 43.92
CA SER E 267 -55.75 -20.08 42.72
C SER E 267 -54.94 -18.83 43.08
N PHE E 268 -55.35 -18.12 44.13
CA PHE E 268 -54.59 -16.96 44.57
C PHE E 268 -53.16 -17.36 44.95
N MET E 269 -53.02 -18.44 45.72
CA MET E 269 -51.68 -18.87 46.11
C MET E 269 -50.88 -19.35 44.91
N ILE E 270 -51.52 -20.05 43.97
CA ILE E 270 -50.79 -20.50 42.79
C ILE E 270 -50.27 -19.31 41.98
N GLY E 271 -51.13 -18.30 41.76
CA GLY E 271 -50.69 -17.12 41.04
C GLY E 271 -49.59 -16.38 41.77
N ALA E 272 -49.71 -16.27 43.10
CA ALA E 272 -48.64 -15.64 43.87
C ALA E 272 -47.33 -16.39 43.73
N ALA E 273 -47.38 -17.73 43.74
CA ALA E 273 -46.17 -18.51 43.57
C ALA E 273 -45.52 -18.23 42.22
N GLN E 274 -46.31 -18.24 41.15
CA GLN E 274 -45.74 -18.00 39.83
C GLN E 274 -45.16 -16.60 39.73
N ARG E 275 -45.88 -15.60 40.24
CA ARG E 275 -45.40 -14.22 40.17
C ARG E 275 -44.10 -14.06 40.93
N SER E 276 -44.01 -14.64 42.13
CA SER E 276 -42.77 -14.58 42.89
C SER E 276 -41.65 -15.32 42.18
N HIS E 277 -41.94 -16.45 41.53
CA HIS E 277 -40.92 -17.13 40.74
C HIS E 277 -40.33 -16.19 39.70
N ARG E 278 -41.19 -15.53 38.93
CA ARG E 278 -40.69 -14.64 37.88
C ARG E 278 -39.86 -13.51 38.48
N ILE E 279 -40.36 -12.87 39.54
CA ILE E 279 -39.64 -11.74 40.11
C ILE E 279 -38.29 -12.17 40.64
N ASN E 280 -38.24 -13.31 41.34
CA ASN E 280 -36.99 -13.77 41.91
C ASN E 280 -36.00 -14.20 40.84
N ARG E 281 -36.47 -14.83 39.76
CA ARG E 281 -35.59 -15.14 38.64
C ARG E 281 -34.96 -13.88 38.07
N ASN E 282 -35.78 -12.85 37.85
CA ASN E 282 -35.25 -11.62 37.29
C ASN E 282 -34.22 -10.99 38.23
N ARG E 283 -34.52 -10.97 39.53
CA ARG E 283 -33.58 -10.40 40.48
C ARG E 283 -32.27 -11.19 40.54
N ALA E 284 -32.37 -12.52 40.48
CA ALA E 284 -31.18 -13.36 40.57
C ALA E 284 -30.28 -13.15 39.37
N LEU E 285 -30.86 -13.02 38.17
CA LEU E 285 -30.04 -12.81 36.99
C LEU E 285 -29.24 -11.52 37.06
N MET E 286 -29.59 -10.60 37.96
CA MET E 286 -28.90 -9.32 38.05
C MET E 286 -27.98 -9.23 39.25
N VAL E 287 -28.42 -9.69 40.43
CA VAL E 287 -27.67 -9.44 41.66
C VAL E 287 -27.46 -10.73 42.44
N GLY E 288 -27.64 -11.87 41.79
CA GLY E 288 -27.41 -13.13 42.46
C GLY E 288 -25.94 -13.39 42.73
N ASP E 289 -25.68 -14.31 43.65
CA ASP E 289 -24.33 -14.78 43.96
C ASP E 289 -24.25 -16.27 43.67
N GLY E 290 -23.04 -16.73 43.39
CA GLY E 290 -22.85 -18.06 42.82
C GLY E 290 -23.04 -19.21 43.79
N ILE E 291 -23.31 -18.95 45.07
CA ILE E 291 -23.43 -20.04 46.05
C ILE E 291 -24.60 -20.93 45.66
N ASN E 292 -25.81 -20.38 45.64
CA ASN E 292 -27.00 -21.11 45.24
C ASN E 292 -27.84 -20.39 44.21
N GLU E 293 -27.38 -19.25 43.70
CA GLU E 293 -28.10 -18.47 42.71
C GLU E 293 -27.19 -18.19 41.52
N PRO E 294 -27.75 -17.97 40.34
CA PRO E 294 -26.92 -17.55 39.21
C PRO E 294 -26.20 -16.26 39.55
N LYS E 295 -24.93 -16.17 39.14
CA LYS E 295 -24.16 -14.97 39.41
C LYS E 295 -24.61 -13.85 38.48
N GLY E 296 -24.80 -12.66 39.04
CA GLY E 296 -25.26 -11.52 38.30
C GLY E 296 -24.12 -10.61 37.90
N TRP E 297 -24.31 -9.87 36.79
CA TRP E 297 -23.25 -9.01 36.29
C TRP E 297 -23.01 -7.79 37.17
N LEU E 298 -23.97 -7.41 38.03
CA LEU E 298 -23.73 -6.33 38.98
C LEU E 298 -22.87 -6.79 40.16
N LYS E 299 -23.00 -8.04 40.57
CA LYS E 299 -22.18 -8.60 41.65
C LYS E 299 -20.81 -9.03 41.16
N GLU E 300 -20.73 -9.63 39.98
CA GLU E 300 -19.46 -10.01 39.37
C GLU E 300 -18.86 -8.78 38.73
N ASP E 301 -17.86 -8.19 39.38
CA ASP E 301 -17.26 -6.96 38.87
C ASP E 301 -16.37 -7.26 37.67
N CYS E 302 -16.96 -7.82 36.61
CA CYS E 302 -16.19 -8.10 35.40
C CYS E 302 -16.23 -6.91 34.44
N PHE E 303 -17.39 -6.31 34.25
CA PHE E 303 -17.51 -5.17 33.36
C PHE E 303 -16.69 -4.01 33.91
N PRO E 304 -15.84 -3.37 33.11
CA PRO E 304 -15.10 -2.20 33.61
C PRO E 304 -16.05 -1.08 34.01
N THR E 305 -15.66 -0.33 35.04
CA THR E 305 -16.49 0.71 35.62
C THR E 305 -15.84 2.06 35.43
N PHE E 306 -16.68 3.10 35.29
CA PHE E 306 -16.23 4.47 35.13
C PHE E 306 -16.83 5.34 36.21
N LEU E 307 -16.04 6.28 36.71
CA LEU E 307 -16.45 7.16 37.80
C LEU E 307 -16.63 8.58 37.29
N THR E 308 -17.70 9.23 37.71
CA THR E 308 -17.96 10.61 37.33
C THR E 308 -17.29 11.56 38.32
N LEU E 309 -16.58 12.55 37.80
CA LEU E 309 -15.82 13.46 38.64
C LEU E 309 -16.77 14.38 39.41
N PRO E 310 -16.32 14.94 40.53
CA PRO E 310 -17.16 15.87 41.30
C PRO E 310 -17.14 17.27 40.70
N VAL E 311 -17.82 18.18 41.38
CA VAL E 311 -17.92 19.58 40.97
C VAL E 311 -17.60 20.45 42.18
N ASN E 312 -16.91 21.56 41.93
CA ASN E 312 -16.51 22.49 42.98
C ASN E 312 -17.59 23.56 43.12
N THR E 313 -18.53 23.32 44.03
CA THR E 313 -19.59 24.27 44.31
C THR E 313 -19.16 25.24 45.40
N GLY E 314 -18.01 25.87 45.23
CA GLY E 314 -17.49 26.81 46.22
C GLY E 314 -16.63 27.86 45.57
N THR E 315 -15.52 28.19 46.21
CA THR E 315 -14.57 29.17 45.71
C THR E 315 -13.17 28.61 45.84
N PRO E 316 -12.23 29.07 45.02
CA PRO E 316 -10.86 28.53 45.12
C PRO E 316 -10.25 28.66 46.50
N GLU E 317 -10.61 29.70 47.25
CA GLU E 317 -10.09 29.86 48.60
C GLU E 317 -10.65 28.80 49.54
N ASN E 318 -11.91 28.42 49.37
CA ASN E 318 -12.57 27.45 50.24
C ASN E 318 -13.35 26.47 49.37
N PRO E 319 -12.65 25.58 48.67
CA PRO E 319 -13.35 24.67 47.75
C PRO E 319 -14.32 23.76 48.47
N VAL E 320 -15.42 23.44 47.79
CA VAL E 320 -16.43 22.54 48.32
C VAL E 320 -16.70 21.45 47.29
N GLN E 321 -16.00 20.33 47.40
CA GLN E 321 -16.16 19.24 46.45
C GLN E 321 -17.49 18.54 46.69
N THR E 322 -18.21 18.27 45.60
CA THR E 322 -19.53 17.65 45.67
C THR E 322 -19.69 16.66 44.52
N PRO E 323 -20.27 15.49 44.75
CA PRO E 323 -20.55 14.59 43.63
C PRO E 323 -21.56 15.22 42.68
N ALA E 324 -21.46 14.85 41.40
CA ALA E 324 -22.28 15.49 40.37
C ALA E 324 -22.50 14.51 39.22
N PHE E 325 -23.41 14.89 38.33
CA PHE E 325 -23.72 14.11 37.14
C PHE E 325 -24.25 15.09 36.10
N LEU E 326 -23.41 15.48 35.16
CA LEU E 326 -23.73 16.50 34.18
C LEU E 326 -24.18 15.87 32.87
N ALA E 327 -24.69 16.73 31.98
CA ALA E 327 -25.22 16.25 30.71
C ALA E 327 -24.12 15.60 29.86
N GLN E 328 -22.94 16.22 29.81
CA GLN E 328 -21.89 15.73 28.92
C GLN E 328 -21.34 14.39 29.37
N ASP E 329 -21.50 14.01 30.63
CA ASP E 329 -21.03 12.71 31.07
C ASP E 329 -21.76 11.57 30.37
N TRP E 330 -23.08 11.70 30.23
CA TRP E 330 -23.83 10.67 29.50
C TRP E 330 -23.36 10.58 28.06
N ARG E 331 -23.15 11.73 27.42
CA ARG E 331 -22.71 11.74 26.03
C ARG E 331 -21.35 11.07 25.88
N ARG E 332 -20.39 11.43 26.74
CA ARG E 332 -19.08 10.81 26.71
C ARG E 332 -19.18 9.30 26.91
N PHE E 333 -19.93 8.89 27.93
CA PHE E 333 -20.02 7.47 28.25
C PHE E 333 -20.62 6.69 27.09
N VAL E 334 -21.70 7.20 26.50
CA VAL E 334 -22.37 6.46 25.43
C VAL E 334 -21.49 6.42 24.19
N THR E 335 -20.77 7.51 23.91
CA THR E 335 -19.95 7.55 22.70
C THR E 335 -18.62 6.84 22.84
N SER E 336 -18.18 6.52 24.05
CA SER E 336 -16.88 5.87 24.22
C SER E 336 -16.91 4.37 23.99
N PHE E 337 -18.02 3.81 23.55
CA PHE E 337 -18.10 2.37 23.33
C PHE E 337 -17.22 1.97 22.16
N PRO E 338 -16.35 0.97 22.30
CA PRO E 338 -15.51 0.56 21.16
C PRO E 338 -16.36 0.18 19.96
N ALA E 339 -15.89 0.56 18.78
CA ALA E 339 -16.69 0.39 17.57
C ALA E 339 -16.74 -1.05 17.09
N GLU E 340 -15.70 -1.85 17.37
CA GLU E 340 -15.65 -3.20 16.83
C GLU E 340 -16.74 -4.10 17.44
N TYR E 341 -17.01 -3.94 18.73
CA TYR E 341 -17.92 -4.85 19.42
C TYR E 341 -19.34 -4.81 18.87
N GLY E 342 -19.71 -3.80 18.11
CA GLY E 342 -21.03 -3.75 17.51
C GLY E 342 -21.99 -2.86 18.27
N ASP E 343 -23.24 -2.85 17.79
CA ASP E 343 -24.28 -2.00 18.34
C ASP E 343 -24.57 -2.36 19.79
N ALA E 344 -24.75 -1.34 20.63
CA ALA E 344 -25.03 -1.53 22.04
C ALA E 344 -26.42 -1.00 22.39
N ARG E 345 -26.87 -1.33 23.60
CA ARG E 345 -28.11 -0.82 24.15
C ARG E 345 -27.92 -0.51 25.62
N SER E 346 -28.49 0.60 26.06
CA SER E 346 -28.31 1.06 27.44
C SER E 346 -29.52 0.71 28.28
N VAL E 347 -29.29 0.55 29.58
CA VAL E 347 -30.35 0.25 30.54
C VAL E 347 -30.22 1.23 31.70
N MET E 348 -31.34 1.80 32.12
CA MET E 348 -31.30 2.83 33.15
C MET E 348 -32.68 2.96 33.79
N HIS E 349 -32.70 3.56 34.97
CA HIS E 349 -33.94 3.75 35.72
C HIS E 349 -34.68 4.98 35.20
N GLN E 350 -36.01 4.94 35.30
CA GLN E 350 -36.83 5.99 34.71
C GLN E 350 -36.52 7.34 35.34
N ASN E 351 -36.33 7.38 36.66
CA ASN E 351 -35.98 8.63 37.32
C ASN E 351 -34.66 9.19 36.83
N VAL E 352 -33.71 8.34 36.43
CA VAL E 352 -32.45 8.85 35.90
C VAL E 352 -32.69 9.58 34.60
N PHE E 353 -33.49 9.01 33.70
CA PHE E 353 -33.81 9.69 32.45
C PHE E 353 -34.56 10.99 32.70
N GLY E 354 -35.52 10.97 33.65
CA GLY E 354 -36.21 12.19 33.99
C GLY E 354 -35.30 13.27 34.52
N TYR E 355 -34.34 12.90 35.37
CA TYR E 355 -33.34 13.87 35.85
C TYR E 355 -32.51 14.40 34.70
N LEU E 356 -32.11 13.51 33.78
CA LEU E 356 -31.29 13.93 32.66
C LEU E 356 -32.01 14.93 31.78
N ALA E 357 -33.29 14.68 31.52
CA ALA E 357 -34.04 15.52 30.59
C ALA E 357 -34.44 16.87 31.16
N ALA E 358 -34.23 17.10 32.46
CA ALA E 358 -34.64 18.35 33.11
C ALA E 358 -33.44 19.26 33.39
N MET E 359 -32.39 19.19 32.59
CA MET E 359 -31.27 20.09 32.73
C MET E 359 -31.59 21.47 32.19
N VAL E 360 -30.94 22.48 32.75
CA VAL E 360 -31.05 23.86 32.29
C VAL E 360 -29.66 24.47 32.27
N ASP E 361 -29.38 25.26 31.25
CA ASP E 361 -28.10 25.95 31.15
C ASP E 361 -28.08 27.14 32.10
N ALA E 362 -27.02 27.94 32.02
CA ALA E 362 -26.84 29.04 32.96
C ALA E 362 -27.95 30.08 32.89
N ASN E 363 -28.62 30.22 31.76
CA ASN E 363 -29.67 31.23 31.60
C ASN E 363 -31.05 30.72 31.98
N GLY E 364 -31.21 29.43 32.27
CA GLY E 364 -32.49 28.87 32.63
C GLY E 364 -33.24 28.21 31.49
N ARG E 365 -32.67 28.17 30.29
CA ARG E 365 -33.30 27.48 29.18
C ARG E 365 -32.92 26.00 29.18
N PHE E 366 -33.92 25.17 28.90
CA PHE E 366 -33.71 23.72 28.92
C PHE E 366 -32.69 23.30 27.88
N LEU E 367 -31.84 22.35 28.24
CA LEU E 367 -31.08 21.61 27.25
C LEU E 367 -32.01 20.59 26.59
N PHE E 368 -31.53 20.00 25.50
CA PHE E 368 -32.36 19.03 24.78
C PHE E 368 -33.63 19.78 24.33
N GLY E 369 -34.78 19.11 24.36
CA GLY E 369 -36.02 19.73 23.95
C GLY E 369 -36.20 21.11 24.55
N ASP E 370 -36.19 22.14 23.70
CA ASP E 370 -36.26 23.53 24.12
C ASP E 370 -37.48 24.18 23.48
N GLY E 371 -38.13 25.06 24.23
CA GLY E 371 -39.36 25.68 23.77
C GLY E 371 -40.58 24.82 23.89
N ASP E 372 -40.48 23.67 24.57
CA ASP E 372 -41.62 22.78 24.78
C ASP E 372 -41.67 22.39 26.25
N LEU E 373 -42.88 22.05 26.70
CA LEU E 373 -43.06 21.70 28.11
C LEU E 373 -42.40 20.37 28.46
N THR E 374 -42.36 19.42 27.52
CA THR E 374 -41.82 18.11 27.79
C THR E 374 -40.99 17.63 26.61
N PHE E 375 -40.01 16.78 26.91
CA PHE E 375 -39.12 16.18 25.91
C PHE E 375 -39.35 14.68 25.89
N SER E 376 -39.72 14.15 24.72
CA SER E 376 -40.06 12.75 24.57
C SER E 376 -39.35 12.17 23.35
N PRO E 377 -38.04 11.97 23.44
CA PRO E 377 -37.31 11.41 22.31
C PRO E 377 -37.68 9.96 22.07
N ASP E 378 -37.47 9.52 20.82
CA ASP E 378 -37.74 8.14 20.43
C ASP E 378 -36.68 7.25 21.06
N LEU E 379 -37.03 6.60 22.17
CA LEU E 379 -36.04 5.80 22.89
C LEU E 379 -35.58 4.59 22.08
N VAL E 380 -36.44 4.00 21.26
CA VAL E 380 -36.00 2.87 20.44
C VAL E 380 -34.92 3.30 19.47
N ARG E 381 -35.05 4.48 18.86
CA ARG E 381 -34.01 4.97 17.96
C ARG E 381 -32.78 5.41 18.74
N GLU E 382 -32.97 5.96 19.94
CA GLU E 382 -31.85 6.41 20.76
C GLU E 382 -31.12 5.27 21.45
N ARG E 383 -31.65 4.04 21.38
CA ARG E 383 -31.00 2.86 21.95
C ARG E 383 -30.90 2.98 23.47
N ILE E 384 -32.03 3.25 24.11
CA ILE E 384 -32.14 3.22 25.57
C ILE E 384 -33.37 2.41 25.94
N ARG E 385 -33.24 1.57 26.95
CA ARG E 385 -34.34 0.76 27.46
C ARG E 385 -34.55 1.11 28.92
N ILE E 386 -35.78 1.46 29.27
CA ILE E 386 -36.09 1.92 30.62
C ILE E 386 -36.62 0.74 31.44
N SER E 387 -36.10 0.58 32.65
CA SER E 387 -36.55 -0.47 33.54
C SER E 387 -36.35 0.02 34.98
N ASN E 388 -37.38 -0.17 35.80
CA ASN E 388 -37.33 0.26 37.20
C ASN E 388 -36.66 -0.76 38.10
N CYS E 389 -36.24 -1.90 37.57
CA CYS E 389 -35.61 -2.92 38.40
C CYS E 389 -34.23 -2.48 38.86
N LEU E 390 -33.51 -1.71 38.05
CA LEU E 390 -32.15 -1.32 38.40
C LEU E 390 -32.16 -0.33 39.56
N PRO E 391 -31.04 -0.19 40.26
CA PRO E 391 -30.97 0.79 41.34
C PRO E 391 -31.22 2.21 40.84
N ASP E 392 -31.85 3.01 41.70
CA ASP E 392 -32.18 4.39 41.38
C ASP E 392 -31.32 5.33 42.22
N PRO E 393 -30.42 6.10 41.62
CA PRO E 393 -29.55 6.98 42.43
C PRO E 393 -30.28 8.19 43.01
N THR E 394 -31.46 8.53 42.49
CA THR E 394 -32.16 9.73 42.93
C THR E 394 -33.01 9.52 44.18
N GLU E 395 -33.21 8.27 44.61
CA GLU E 395 -34.02 7.97 45.79
C GLU E 395 -35.44 8.51 45.62
N GLY E 396 -36.05 8.13 44.51
CA GLY E 396 -37.41 8.56 44.23
C GLY E 396 -37.56 10.05 44.03
N ASN E 397 -36.61 10.69 43.35
CA ASN E 397 -36.62 12.11 43.02
C ASN E 397 -36.39 13.01 44.22
N THR E 398 -35.86 12.48 45.33
CA THR E 398 -35.60 13.29 46.51
C THR E 398 -34.14 13.68 46.67
N LYS E 399 -33.26 13.12 45.84
CA LYS E 399 -31.83 13.40 45.92
C LYS E 399 -31.31 13.76 44.53
N GLY E 400 -30.22 14.53 44.51
CA GLY E 400 -29.60 14.92 43.25
C GLY E 400 -29.31 16.39 43.13
N GLY E 401 -29.40 17.12 44.23
CA GLY E 401 -29.14 18.55 44.22
C GLY E 401 -27.77 18.90 44.78
N THR E 402 -27.72 19.91 45.64
CA THR E 402 -26.49 20.37 46.25
C THR E 402 -26.65 20.40 47.77
N GLY E 403 -25.54 20.16 48.46
CA GLY E 403 -25.56 20.23 49.91
C GLY E 403 -26.12 18.95 50.52
N GLN E 404 -27.10 19.11 51.40
CA GLN E 404 -27.62 17.97 52.15
C GLN E 404 -28.28 16.93 51.25
N ASP E 405 -28.70 17.31 50.05
CA ASP E 405 -29.40 16.41 49.14
C ASP E 405 -28.52 15.98 47.98
N ALA E 406 -27.21 16.08 48.11
CA ALA E 406 -26.31 15.67 47.04
C ALA E 406 -26.31 14.16 46.88
N PHE E 407 -25.87 13.71 45.72
CA PHE E 407 -25.79 12.29 45.44
C PHE E 407 -24.92 11.58 46.48
N ALA E 408 -25.00 10.25 46.49
CA ALA E 408 -24.16 9.42 47.33
C ALA E 408 -23.12 8.72 46.47
N ALA E 409 -21.85 8.83 46.87
CA ALA E 409 -20.77 8.25 46.08
C ALA E 409 -20.96 6.75 45.89
N GLY E 410 -20.66 6.27 44.69
CA GLY E 410 -20.79 4.86 44.36
C GLY E 410 -22.13 4.47 43.80
N SER E 411 -23.08 5.38 43.67
CA SER E 411 -24.40 5.03 43.18
C SER E 411 -24.32 4.53 41.75
N PHE E 412 -25.16 3.54 41.43
CA PHE E 412 -25.24 3.03 40.06
C PHE E 412 -26.13 3.93 39.23
N ILE E 413 -25.66 4.30 38.04
CA ILE E 413 -26.40 5.22 37.18
C ILE E 413 -26.97 4.46 35.98
N ALA E 414 -26.10 3.89 35.16
CA ALA E 414 -26.55 3.16 33.98
C ALA E 414 -25.43 2.25 33.50
N ALA E 415 -25.80 1.31 32.65
CA ALA E 415 -24.86 0.35 32.09
C ALA E 415 -25.18 0.11 30.63
N GLN E 416 -24.14 -0.22 29.86
CA GLN E 416 -24.26 -0.45 28.43
C GLN E 416 -23.44 -1.67 28.05
N ALA E 417 -23.96 -2.47 27.13
CA ALA E 417 -23.28 -3.70 26.72
C ALA E 417 -24.00 -4.29 25.52
N ALA E 418 -23.31 -5.21 24.85
CA ALA E 418 -23.92 -6.07 23.83
C ALA E 418 -24.45 -7.30 24.54
N TRP E 419 -25.78 -7.35 24.72
CA TRP E 419 -26.36 -8.33 25.62
C TRP E 419 -26.41 -9.72 25.00
N LYS E 420 -26.57 -9.82 23.68
CA LYS E 420 -26.67 -11.12 23.06
C LYS E 420 -25.39 -11.93 23.16
N THR E 421 -24.29 -11.33 23.62
CA THR E 421 -23.05 -12.06 23.82
C THR E 421 -22.33 -11.70 25.11
N ALA E 422 -22.93 -10.89 25.98
CA ALA E 422 -22.30 -10.53 27.25
C ALA E 422 -22.87 -11.30 28.43
N TYR E 423 -24.10 -11.80 28.31
CA TYR E 423 -24.72 -12.56 29.38
C TYR E 423 -25.73 -13.52 28.76
N TYR E 424 -25.74 -14.76 29.25
CA TYR E 424 -26.61 -15.80 28.74
C TYR E 424 -27.56 -16.27 29.83
N ALA E 425 -28.78 -16.63 29.43
CA ALA E 425 -29.78 -17.17 30.33
C ALA E 425 -30.16 -18.57 29.84
N VAL E 426 -30.06 -19.56 30.73
CA VAL E 426 -30.30 -20.95 30.38
C VAL E 426 -31.58 -21.41 31.05
N GLU E 427 -32.47 -22.00 30.27
CA GLU E 427 -33.76 -22.48 30.75
C GLU E 427 -33.83 -23.99 30.59
N LYS E 428 -34.22 -24.68 31.67
CA LYS E 428 -34.30 -26.13 31.68
C LYS E 428 -35.74 -26.63 31.85
N ARG E 429 -36.44 -26.22 32.91
CA ARG E 429 -37.73 -26.80 33.22
C ARG E 429 -38.68 -25.77 33.84
N PRO E 430 -39.94 -25.73 33.43
CA PRO E 430 -40.87 -24.77 34.02
C PRO E 430 -41.36 -25.23 35.39
N MET E 431 -42.20 -24.39 36.00
CA MET E 431 -42.70 -24.67 37.34
C MET E 431 -43.75 -25.76 37.31
N PHE E 432 -43.87 -26.49 38.42
CA PHE E 432 -44.84 -27.56 38.58
C PHE E 432 -45.40 -27.54 40.00
N PHE E 433 -46.56 -28.15 40.18
CA PHE E 433 -47.22 -28.22 41.47
C PHE E 433 -47.62 -29.67 41.77
N GLU E 434 -47.40 -30.09 43.01
CA GLU E 434 -47.71 -31.45 43.44
C GLU E 434 -48.31 -31.41 44.84
N GLN E 435 -49.13 -32.43 45.14
CA GLN E 435 -49.74 -32.56 46.46
C GLN E 435 -48.93 -33.55 47.30
N TYR E 436 -48.45 -33.09 48.46
CA TYR E 436 -47.59 -33.90 49.30
C TYR E 436 -48.45 -34.88 50.11
N GLU E 437 -48.41 -36.15 49.74
CA GLU E 437 -49.21 -37.15 50.42
C GLU E 437 -48.73 -37.40 51.84
N GLY E 438 -47.40 -37.34 52.06
CA GLY E 438 -46.87 -37.62 53.37
C GLY E 438 -47.27 -36.63 54.45
N GLY E 439 -47.84 -35.49 54.07
CA GLY E 439 -48.27 -34.50 55.02
C GLY E 439 -49.75 -34.21 54.94
N SER E 440 -50.41 -34.71 53.89
CA SER E 440 -51.83 -34.48 53.68
C SER E 440 -52.63 -35.45 54.57
N SER E 441 -52.81 -35.03 55.82
CA SER E 441 -53.64 -35.80 56.74
C SER E 441 -55.11 -35.67 56.33
N ALA E 442 -55.99 -36.25 57.14
CA ALA E 442 -57.42 -36.18 56.86
C ALA E 442 -58.00 -34.82 57.17
N TRP E 443 -57.24 -33.92 57.80
CA TRP E 443 -57.73 -32.61 58.18
C TRP E 443 -56.83 -31.45 57.73
N CYS E 444 -55.76 -31.72 56.99
CA CYS E 444 -54.89 -30.68 56.48
C CYS E 444 -54.46 -31.03 55.06
N VAL E 445 -53.94 -30.03 54.36
CA VAL E 445 -53.47 -30.19 52.98
C VAL E 445 -52.18 -29.42 52.82
N LYS E 446 -51.24 -29.99 52.08
CA LYS E 446 -49.94 -29.36 51.81
C LYS E 446 -49.61 -29.53 50.34
N TYR E 447 -48.94 -28.52 49.77
CA TYR E 447 -48.57 -28.49 48.36
C TYR E 447 -47.10 -28.17 48.19
N GLN E 448 -46.55 -28.60 47.07
CA GLN E 448 -45.13 -28.41 46.74
C GLN E 448 -44.99 -27.91 45.31
N PHE E 449 -43.98 -27.08 45.07
CA PHE E 449 -43.73 -26.50 43.76
C PHE E 449 -42.25 -26.21 43.62
N GLY E 450 -41.80 -26.12 42.37
CA GLY E 450 -40.39 -25.81 42.12
C GLY E 450 -40.11 -25.74 40.64
N ALA E 451 -38.91 -25.25 40.33
CA ALA E 451 -38.44 -25.12 38.96
C ALA E 451 -36.92 -25.01 38.96
N GLU E 452 -36.33 -25.20 37.78
CA GLU E 452 -34.88 -25.22 37.63
C GLU E 452 -34.49 -24.32 36.47
N ASP E 453 -33.56 -23.39 36.72
CA ASP E 453 -33.06 -22.48 35.70
C ASP E 453 -31.70 -21.96 36.16
N GLY E 454 -31.04 -21.22 35.27
CA GLY E 454 -29.74 -20.68 35.60
C GLY E 454 -29.26 -19.67 34.58
N GLY E 455 -28.04 -19.18 34.80
CA GLY E 455 -27.43 -18.23 33.89
C GLY E 455 -25.97 -18.04 34.21
N PHE E 456 -25.22 -17.59 33.20
CA PHE E 456 -23.79 -17.41 33.33
C PHE E 456 -23.34 -16.26 32.44
N VAL E 457 -22.16 -15.72 32.76
CA VAL E 457 -21.64 -14.58 32.01
C VAL E 457 -20.84 -15.07 30.81
N GLY E 458 -20.91 -14.31 29.72
CA GLY E 458 -20.16 -14.64 28.52
C GLY E 458 -18.90 -13.81 28.37
N CYS E 459 -18.90 -12.88 27.43
CA CYS E 459 -17.73 -12.03 27.21
C CYS E 459 -17.71 -10.90 28.23
N CYS E 460 -16.60 -10.77 28.97
CA CYS E 460 -16.52 -9.74 29.99
C CYS E 460 -16.15 -8.38 29.38
N GLU E 461 -15.68 -8.35 28.14
CA GLU E 461 -15.23 -7.11 27.54
C GLU E 461 -16.34 -6.36 26.81
N HIS E 462 -17.52 -6.96 26.66
CA HIS E 462 -18.59 -6.35 25.89
C HIS E 462 -19.54 -5.52 26.75
N GLY E 463 -19.13 -5.10 27.95
CA GLY E 463 -20.02 -4.35 28.82
C GLY E 463 -19.28 -3.26 29.55
N ARG E 464 -20.06 -2.28 30.00
CA ARG E 464 -19.54 -1.14 30.75
C ARG E 464 -20.57 -0.73 31.78
N VAL E 465 -20.10 -0.08 32.84
CA VAL E 465 -20.95 0.37 33.94
C VAL E 465 -20.52 1.77 34.35
N LEU E 466 -21.49 2.63 34.63
CA LEU E 466 -21.25 4.00 35.04
C LEU E 466 -21.69 4.17 36.49
N ARG E 467 -20.85 4.84 37.29
CA ARG E 467 -21.12 5.05 38.69
C ARG E 467 -20.65 6.44 39.10
N ILE E 468 -21.22 6.95 40.18
CA ILE E 468 -20.84 8.27 40.68
C ILE E 468 -19.53 8.16 41.45
N GLY E 469 -18.57 8.99 41.09
CA GLY E 469 -17.27 8.97 41.73
C GLY E 469 -17.18 9.89 42.93
N MET F 1 -87.06 63.34 23.99
CA MET F 1 -88.48 63.15 24.37
C MET F 1 -88.61 63.00 25.88
N ASN F 2 -89.56 63.73 26.46
CA ASN F 2 -89.81 63.69 27.89
C ASN F 2 -91.31 63.66 28.13
N PHE F 3 -91.71 63.11 29.27
CA PHE F 3 -93.10 62.96 29.62
C PHE F 3 -93.38 63.63 30.96
N ASN F 4 -94.62 64.05 31.15
CA ASN F 4 -95.07 64.60 32.44
C ASN F 4 -95.51 63.43 33.32
N VAL F 5 -94.52 62.71 33.84
CA VAL F 5 -94.79 61.52 34.62
C VAL F 5 -95.64 61.83 35.84
N GLY F 6 -95.50 63.03 36.41
CA GLY F 6 -96.27 63.39 37.58
C GLY F 6 -97.77 63.33 37.39
N VAL F 7 -98.24 63.28 36.14
CA VAL F 7 -99.67 63.13 35.88
C VAL F 7 -100.13 61.74 36.25
N ASP F 8 -99.32 60.72 35.97
CA ASP F 8 -99.72 59.33 36.16
C ASP F 8 -99.14 58.71 37.42
N PHE F 9 -97.96 59.15 37.86
CA PHE F 9 -97.26 58.53 39.00
C PHE F 9 -96.79 59.63 39.94
N PRO F 10 -97.72 60.28 40.63
CA PRO F 10 -97.34 61.31 41.60
C PRO F 10 -96.64 60.71 42.81
N SER F 11 -95.81 61.53 43.44
CA SER F 11 -95.07 61.10 44.63
C SER F 11 -95.22 62.18 45.70
N PHE F 12 -95.23 61.74 46.96
CA PHE F 12 -95.42 62.65 48.09
C PHE F 12 -94.39 62.34 49.16
N ILE F 13 -93.95 63.38 49.86
CA ILE F 13 -93.01 63.22 50.95
C ILE F 13 -93.68 62.53 52.12
N ALA F 14 -92.91 61.75 52.87
CA ALA F 14 -93.46 61.03 54.02
C ALA F 14 -92.62 61.26 55.27
N TRP F 15 -91.31 61.50 55.10
CA TRP F 15 -90.43 61.75 56.23
C TRP F 15 -89.32 62.70 55.80
N ASP F 16 -89.05 63.70 56.62
CA ASP F 16 -88.05 64.71 56.31
C ASP F 16 -86.82 64.66 57.22
N GLY F 17 -86.86 63.83 58.26
CA GLY F 17 -85.85 63.88 59.30
C GLY F 17 -86.24 64.68 60.52
N THR F 18 -87.33 65.45 60.44
CA THR F 18 -87.86 66.16 61.60
C THR F 18 -89.36 66.01 61.79
N THR F 19 -90.11 65.58 60.77
CA THR F 19 -91.55 65.39 60.91
C THR F 19 -92.03 64.38 59.88
N SER F 20 -93.23 63.85 60.13
CA SER F 20 -93.85 62.87 59.25
C SER F 20 -95.19 63.42 58.78
N PHE F 21 -95.51 63.16 57.51
CA PHE F 21 -96.71 63.67 56.90
C PHE F 21 -97.61 62.52 56.46
N PRO F 22 -98.85 62.43 56.95
CA PRO F 22 -99.77 61.42 56.42
C PRO F 22 -99.98 61.60 54.93
N VAL F 23 -100.07 60.49 54.21
CA VAL F 23 -100.25 60.48 52.77
C VAL F 23 -101.56 59.78 52.45
N LYS F 24 -102.38 60.41 51.61
CA LYS F 24 -103.71 59.90 51.30
C LYS F 24 -103.62 58.95 50.13
N ILE F 25 -103.71 57.63 50.42
CA ILE F 25 -103.70 56.62 49.38
C ILE F 25 -105.09 56.22 48.93
N ASP F 26 -106.12 56.96 49.34
CA ASP F 26 -107.50 56.55 49.06
C ASP F 26 -107.78 56.52 47.57
N GLY F 27 -107.45 57.59 46.86
CA GLY F 27 -107.79 57.68 45.46
C GLY F 27 -106.93 56.84 44.53
N PHE F 28 -105.78 56.37 45.02
CA PHE F 28 -104.85 55.59 44.21
C PHE F 28 -104.91 54.13 44.66
N ASN F 29 -104.91 53.21 43.70
CA ASN F 29 -105.12 51.80 44.02
C ASN F 29 -103.83 51.03 44.25
N GLN F 30 -102.67 51.67 44.15
CA GLN F 30 -101.40 51.01 44.43
C GLN F 30 -100.40 52.04 44.90
N PHE F 31 -99.36 51.58 45.60
CA PHE F 31 -98.36 52.49 46.14
C PHE F 31 -97.16 51.70 46.64
N GLY F 32 -96.10 52.42 46.98
CA GLY F 32 -94.90 51.83 47.53
C GLY F 32 -93.99 52.90 48.09
N PHE F 33 -93.11 52.48 48.98
CA PHE F 33 -92.19 53.41 49.63
C PHE F 33 -90.87 53.48 48.87
N THR F 34 -90.03 54.44 49.28
CA THR F 34 -88.70 54.60 48.74
C THR F 34 -87.83 55.30 49.77
N PHE F 35 -86.64 54.76 50.00
CA PHE F 35 -85.74 55.25 51.04
C PHE F 35 -84.45 55.76 50.41
N LYS F 36 -83.84 56.75 51.05
CA LYS F 36 -82.53 57.24 50.65
C LYS F 36 -81.86 57.88 51.86
N VAL F 37 -80.54 57.74 51.93
CA VAL F 37 -79.75 58.23 53.05
C VAL F 37 -78.79 59.29 52.52
N ILE F 38 -78.73 60.43 53.22
CA ILE F 38 -77.93 61.56 52.79
C ILE F 38 -76.59 61.64 53.52
N GLU F 39 -76.26 60.65 54.34
CA GLU F 39 -75.01 60.67 55.08
C GLU F 39 -74.76 59.28 55.63
N GLU F 40 -73.53 59.06 56.09
CA GLU F 40 -73.18 57.78 56.68
C GLU F 40 -73.93 57.58 58.00
N LEU F 41 -74.42 56.35 58.19
CA LEU F 41 -75.18 56.02 59.40
C LEU F 41 -74.25 55.44 60.46
N THR F 42 -74.73 55.44 61.70
CA THR F 42 -74.04 54.82 62.82
C THR F 42 -74.56 53.43 63.15
N ALA F 43 -75.82 53.15 62.83
CA ALA F 43 -76.41 51.84 63.07
C ALA F 43 -77.75 51.79 62.36
N ASP F 44 -78.34 50.60 62.31
CA ASP F 44 -79.62 50.43 61.66
C ASP F 44 -80.68 51.27 62.35
N VAL F 45 -81.60 51.80 61.56
CA VAL F 45 -82.68 52.66 62.03
C VAL F 45 -84.00 51.98 61.69
N PRO F 46 -84.75 51.46 62.67
CA PRO F 46 -86.05 50.84 62.37
C PRO F 46 -87.17 51.87 62.33
N PHE F 47 -88.09 51.66 61.39
CA PHE F 47 -89.21 52.55 61.16
C PHE F 47 -90.52 51.85 61.48
N ASN F 48 -91.41 52.56 62.17
CA ASN F 48 -92.75 52.05 62.44
C ASN F 48 -93.72 52.53 61.38
N ILE F 49 -94.59 51.63 60.93
CA ILE F 49 -95.57 51.93 59.89
C ILE F 49 -96.94 52.04 60.54
N PHE F 50 -97.63 53.15 60.27
CA PHE F 50 -98.95 53.42 60.82
C PHE F 50 -99.95 53.60 59.70
N TYR F 51 -101.22 53.68 60.08
CA TYR F 51 -102.29 54.08 59.18
C TYR F 51 -103.36 54.80 60.00
N HIS F 52 -104.10 55.68 59.33
CA HIS F 52 -105.11 56.51 59.99
C HIS F 52 -106.48 56.21 59.42
N GLU F 53 -107.50 56.41 60.24
CA GLU F 53 -108.88 56.29 59.82
C GLU F 53 -109.53 57.67 59.76
N ALA F 54 -110.54 57.79 58.90
CA ALA F 54 -111.20 59.08 58.72
C ALA F 54 -111.75 59.58 60.05
N SER F 55 -111.53 60.87 60.32
CA SER F 55 -111.96 61.45 61.59
C SER F 55 -113.47 61.64 61.61
N GLU F 56 -114.01 61.75 62.82
CA GLU F 56 -115.45 61.90 62.98
C GLU F 56 -115.93 63.27 62.54
N ALA F 57 -115.25 64.32 62.97
CA ALA F 57 -115.72 65.69 62.73
C ALA F 57 -115.59 66.13 61.28
N ASP F 58 -114.70 65.50 60.51
CA ASP F 58 -114.49 65.91 59.12
C ASP F 58 -114.18 64.68 58.27
N PRO F 59 -114.78 64.57 57.08
CA PRO F 59 -114.49 63.40 56.22
C PRO F 59 -113.14 63.44 55.53
N CYS F 60 -112.37 64.52 55.69
CA CYS F 60 -111.08 64.66 55.03
C CYS F 60 -109.99 65.12 56.00
N VAL F 61 -109.98 64.55 57.20
CA VAL F 61 -108.93 64.82 58.17
C VAL F 61 -108.54 63.49 58.82
N PRO F 62 -107.24 63.19 58.96
CA PRO F 62 -106.86 61.89 59.51
C PRO F 62 -107.08 61.82 61.01
N GLY F 63 -107.37 60.61 61.49
CA GLY F 63 -107.52 60.36 62.90
C GLY F 63 -106.19 60.01 63.54
N PRO F 64 -106.24 59.49 64.76
CA PRO F 64 -105.00 59.07 65.43
C PRO F 64 -104.36 57.86 64.75
N ALA F 65 -103.04 57.77 64.91
CA ALA F 65 -102.28 56.74 64.23
C ALA F 65 -102.65 55.35 64.74
N ILE F 66 -102.75 54.39 63.83
CA ILE F 66 -103.03 52.99 64.16
C ILE F 66 -101.92 52.14 63.54
N ARG F 67 -101.37 51.25 64.35
CA ARG F 67 -100.23 50.44 63.92
C ARG F 67 -100.68 49.36 62.95
N VAL F 68 -99.93 49.20 61.86
CA VAL F 68 -100.33 48.25 60.81
C VAL F 68 -100.04 46.83 61.28
N PRO F 69 -100.96 45.88 61.11
CA PRO F 69 -100.67 44.49 61.49
C PRO F 69 -99.82 43.78 60.46
N ASP F 70 -99.14 42.74 60.93
CA ASP F 70 -98.30 41.93 60.05
C ASP F 70 -99.17 41.01 59.20
N VAL F 71 -98.59 40.52 58.11
CA VAL F 71 -99.28 39.58 57.23
C VAL F 71 -98.28 38.52 56.76
N PRO F 72 -98.23 37.35 57.40
CA PRO F 72 -97.30 36.33 56.94
C PRO F 72 -97.59 35.91 55.51
N PHE F 73 -96.52 35.61 54.78
CA PHE F 73 -96.65 35.21 53.38
C PHE F 73 -97.06 33.75 53.30
N CYS F 74 -96.96 33.18 52.10
CA CYS F 74 -97.36 31.78 51.89
C CYS F 74 -96.67 30.87 52.90
N ASP F 75 -95.44 31.20 53.27
CA ASP F 75 -94.74 30.45 54.30
C ASP F 75 -93.46 31.20 54.65
N GLY F 76 -93.11 31.17 55.93
CA GLY F 76 -91.93 31.82 56.44
C GLY F 76 -92.18 32.47 57.78
N VAL F 77 -91.19 33.21 58.24
CA VAL F 77 -91.25 33.80 59.58
C VAL F 77 -92.37 34.83 59.65
N ALA F 78 -92.72 35.19 60.88
CA ALA F 78 -93.64 36.27 61.17
C ALA F 78 -93.00 37.20 62.18
N THR F 79 -93.40 38.47 62.16
CA THR F 79 -92.81 39.44 63.06
C THR F 79 -93.03 39.01 64.51
N ALA F 80 -92.07 39.36 65.36
CA ALA F 80 -92.10 38.88 66.75
C ALA F 80 -93.39 39.29 67.44
N ASP F 81 -93.81 40.54 67.28
CA ASP F 81 -95.01 41.05 67.95
C ASP F 81 -96.20 41.16 66.99
N GLY F 82 -96.11 40.58 65.81
CA GLY F 82 -97.23 40.57 64.89
C GLY F 82 -97.48 41.86 64.16
N LEU F 83 -96.53 42.79 64.17
CA LEU F 83 -96.66 44.07 63.50
C LEU F 83 -95.71 44.14 62.31
N ALA F 84 -95.80 45.23 61.56
CA ALA F 84 -94.96 45.45 60.40
C ALA F 84 -93.90 46.50 60.69
N THR F 85 -92.70 46.25 60.18
CA THR F 85 -91.59 47.16 60.37
C THR F 85 -90.64 47.03 59.18
N VAL F 86 -89.77 48.03 59.03
CA VAL F 86 -88.71 48.02 58.04
C VAL F 86 -87.45 48.53 58.71
N VAL F 87 -86.32 47.86 58.45
CA VAL F 87 -85.04 48.19 59.06
C VAL F 87 -84.07 48.52 57.93
N ILE F 88 -83.41 49.66 58.04
CA ILE F 88 -82.43 50.09 57.04
C ILE F 88 -81.06 49.60 57.50
N PRO F 89 -80.40 48.71 56.75
CA PRO F 89 -79.13 48.16 57.22
C PRO F 89 -78.02 49.19 57.22
N GLU F 90 -77.03 48.93 58.09
CA GLU F 90 -75.91 49.86 58.25
C GLU F 90 -75.00 49.88 57.03
N ALA F 91 -74.94 48.78 56.27
CA ALA F 91 -74.03 48.70 55.13
C ALA F 91 -74.45 49.61 53.98
N VAL F 92 -75.66 50.17 54.01
CA VAL F 92 -76.14 50.98 52.91
C VAL F 92 -75.21 52.18 52.69
N ALA F 93 -74.99 52.52 51.43
CA ALA F 93 -74.16 53.65 51.05
C ALA F 93 -75.02 54.86 50.73
N VAL F 94 -74.36 56.02 50.63
CA VAL F 94 -75.08 57.26 50.39
C VAL F 94 -75.66 57.30 48.98
N ASP F 95 -74.91 56.81 47.99
CA ASP F 95 -75.32 56.90 46.60
C ASP F 95 -76.12 55.69 46.15
N SER F 96 -77.19 55.39 46.88
CA SER F 96 -78.08 54.30 46.52
C SER F 96 -79.43 54.51 47.19
N PHE F 97 -80.44 53.81 46.69
CA PHE F 97 -81.80 53.94 47.20
C PHE F 97 -82.40 52.56 47.39
N CYS F 98 -83.42 52.49 48.23
CA CYS F 98 -84.08 51.25 48.59
C CYS F 98 -85.57 51.39 48.39
N ALA F 99 -86.25 50.29 48.07
CA ALA F 99 -87.67 50.29 47.77
C ALA F 99 -88.37 49.17 48.51
N GLY F 100 -89.60 49.42 48.93
CA GLY F 100 -90.39 48.42 49.62
C GLY F 100 -91.81 48.93 49.84
N SER F 101 -92.72 47.98 50.06
CA SER F 101 -94.12 48.31 50.26
C SER F 101 -94.79 47.24 51.10
N VAL F 102 -95.94 47.60 51.67
CA VAL F 102 -96.73 46.68 52.50
C VAL F 102 -97.64 45.86 51.59
N PRO F 103 -98.12 44.69 52.03
CA PRO F 103 -98.95 43.87 51.13
C PRO F 103 -100.40 44.33 51.03
N CYS F 104 -100.92 45.06 52.01
CA CYS F 104 -102.34 45.37 52.05
C CYS F 104 -102.53 46.85 52.37
N PHE F 105 -103.77 47.31 52.22
CA PHE F 105 -104.06 48.74 52.31
C PHE F 105 -104.45 49.16 53.73
N ASN F 106 -105.51 48.57 54.26
CA ASN F 106 -106.09 48.99 55.56
C ASN F 106 -106.71 50.37 55.35
N GLY F 107 -106.38 51.36 56.18
CA GLY F 107 -107.06 52.62 56.16
C GLY F 107 -106.73 53.45 54.93
N PRO F 108 -107.42 54.58 54.78
CA PRO F 108 -107.21 55.42 53.59
C PRO F 108 -106.01 56.35 53.67
N TRP F 109 -105.43 56.58 54.84
CA TRP F 109 -104.19 57.34 54.98
C TRP F 109 -103.11 56.41 55.50
N ILE F 110 -101.87 56.70 55.14
CA ILE F 110 -100.73 55.92 55.61
C ILE F 110 -99.62 56.87 56.04
N SER F 111 -98.74 56.36 56.90
CA SER F 111 -97.68 57.18 57.46
C SER F 111 -96.54 56.26 57.92
N ILE F 112 -95.39 56.87 58.16
CA ILE F 112 -94.20 56.14 58.60
C ILE F 112 -93.34 57.08 59.42
N ALA F 113 -92.73 56.57 60.48
CA ALA F 113 -91.91 57.37 61.37
C ALA F 113 -90.90 56.46 62.06
N PRO F 114 -89.78 57.01 62.51
CA PRO F 114 -88.79 56.18 63.20
C PRO F 114 -89.26 55.77 64.59
N VAL F 115 -88.66 54.68 65.08
CA VAL F 115 -88.98 54.23 66.43
C VAL F 115 -88.50 55.25 67.46
N THR F 116 -87.31 55.81 67.27
CA THR F 116 -86.80 56.85 68.16
C THR F 116 -86.20 57.96 67.32
N VAL F 117 -86.29 59.18 67.84
CA VAL F 117 -85.74 60.35 67.15
C VAL F 117 -84.31 60.55 67.58
N ASN F 118 -83.39 59.84 66.93
CA ASN F 118 -81.97 59.97 67.23
C ASN F 118 -81.27 60.74 66.13
N ALA F 119 -79.97 61.00 66.34
CA ALA F 119 -79.20 61.74 65.35
C ALA F 119 -79.16 61.02 64.01
N ASP F 120 -79.24 59.69 64.02
CA ASP F 120 -79.19 58.94 62.76
C ASP F 120 -80.51 59.05 62.00
N SER F 121 -81.63 59.18 62.72
CA SER F 121 -82.92 59.25 62.06
C SER F 121 -83.05 60.49 61.18
N ALA F 122 -82.22 61.51 61.40
CA ALA F 122 -82.30 62.72 60.59
C ALA F 122 -81.62 62.56 59.25
N LYS F 123 -80.90 61.46 59.02
CA LYS F 123 -80.17 61.25 57.79
C LYS F 123 -80.96 60.51 56.73
N VAL F 124 -82.20 60.13 57.01
CA VAL F 124 -82.98 59.28 56.12
C VAL F 124 -84.17 60.06 55.57
N GLN F 125 -84.45 59.87 54.29
CA GLN F 125 -85.59 60.49 53.63
C GLN F 125 -86.49 59.41 53.06
N VAL F 126 -87.79 59.53 53.30
CA VAL F 126 -88.78 58.55 52.86
C VAL F 126 -89.80 59.26 51.98
N THR F 127 -90.09 58.66 50.82
CA THR F 127 -91.03 59.21 49.86
C THR F 127 -91.98 58.12 49.42
N VAL F 128 -93.24 58.49 49.17
CA VAL F 128 -94.29 57.55 48.78
C VAL F 128 -94.68 57.83 47.34
N THR F 129 -94.75 56.78 46.53
CA THR F 129 -95.17 56.85 45.14
C THR F 129 -96.46 56.09 44.95
N MET F 130 -97.39 56.68 44.20
CA MET F 130 -98.68 56.06 43.93
C MET F 130 -98.87 55.87 42.43
N LYS F 131 -99.61 54.83 42.07
CA LYS F 131 -99.83 54.46 40.69
C LYS F 131 -101.31 54.20 40.44
N GLY F 132 -101.76 54.47 39.22
CA GLY F 132 -103.09 54.10 38.81
C GLY F 132 -104.21 54.81 39.54
N ALA F 133 -104.36 56.11 39.31
CA ALA F 133 -105.51 56.82 39.86
C ALA F 133 -106.80 56.18 39.39
N THR F 134 -107.76 56.03 40.31
CA THR F 134 -108.99 55.31 40.02
C THR F 134 -110.18 56.23 39.78
N ARG F 135 -110.27 57.36 40.47
CA ARG F 135 -111.42 58.25 40.32
C ARG F 135 -111.40 58.90 38.95
N MET G 1 -41.66 85.11 -14.45
CA MET G 1 -42.07 86.44 -14.96
C MET G 1 -42.73 87.27 -13.86
N ASN G 2 -42.82 88.57 -14.09
CA ASN G 2 -43.49 89.47 -13.17
C ASN G 2 -44.36 90.42 -13.99
N PHE G 3 -45.41 90.93 -13.36
CA PHE G 3 -46.41 91.74 -14.05
C PHE G 3 -46.61 93.05 -13.32
N ASN G 4 -47.13 94.03 -14.05
CA ASN G 4 -47.52 95.32 -13.47
C ASN G 4 -48.97 95.21 -12.99
N VAL G 5 -49.14 94.46 -11.89
CA VAL G 5 -50.48 94.18 -11.38
C VAL G 5 -51.21 95.45 -10.98
N GLY G 6 -50.49 96.55 -10.80
CA GLY G 6 -51.13 97.82 -10.51
C GLY G 6 -51.95 98.37 -11.66
N VAL G 7 -51.76 97.86 -12.87
CA VAL G 7 -52.56 98.31 -14.00
C VAL G 7 -53.99 97.81 -13.88
N ASP G 8 -54.17 96.56 -13.47
CA ASP G 8 -55.49 95.94 -13.42
C ASP G 8 -56.11 95.90 -12.03
N PHE G 9 -55.31 95.84 -10.97
CA PHE G 9 -55.83 95.73 -9.61
C PHE G 9 -55.19 96.79 -8.72
N PRO G 10 -55.51 98.05 -8.95
CA PRO G 10 -54.93 99.12 -8.11
C PRO G 10 -55.45 99.07 -6.70
N SER G 11 -54.67 99.64 -5.79
CA SER G 11 -55.04 99.70 -4.38
C SER G 11 -54.74 101.09 -3.85
N PHE G 12 -55.54 101.52 -2.86
CA PHE G 12 -55.43 102.85 -2.30
C PHE G 12 -55.54 102.79 -0.79
N ILE G 13 -54.82 103.68 -0.11
CA ILE G 13 -54.89 103.77 1.34
C ILE G 13 -56.27 104.25 1.76
N ALA G 14 -56.84 103.61 2.77
CA ALA G 14 -58.16 103.95 3.28
C ALA G 14 -58.15 104.46 4.70
N TRP G 15 -57.28 103.92 5.56
CA TRP G 15 -57.16 104.38 6.93
C TRP G 15 -55.71 104.26 7.34
N ASP G 16 -55.09 105.40 7.63
CA ASP G 16 -53.66 105.48 7.95
C ASP G 16 -53.40 105.18 9.42
N GLY G 17 -54.43 105.25 10.26
CA GLY G 17 -54.27 105.21 11.70
C GLY G 17 -54.44 106.56 12.37
N THR G 18 -54.36 107.65 11.61
CA THR G 18 -54.65 108.99 12.12
C THR G 18 -55.57 109.81 11.22
N THR G 19 -55.75 109.43 9.95
CA THR G 19 -56.61 110.18 9.05
C THR G 19 -57.29 109.19 8.10
N SER G 20 -58.52 109.53 7.70
CA SER G 20 -59.30 108.71 6.79
C SER G 20 -59.44 109.40 5.45
N PHE G 21 -59.21 108.65 4.37
CA PHE G 21 -59.25 109.19 3.02
C PHE G 21 -60.39 108.55 2.24
N PRO G 22 -61.28 109.34 1.63
CA PRO G 22 -62.28 108.74 0.74
C PRO G 22 -61.62 108.04 -0.44
N VAL G 23 -62.26 106.96 -0.90
CA VAL G 23 -61.75 106.15 -2.01
C VAL G 23 -62.81 106.13 -3.09
N LYS G 24 -62.46 106.58 -4.29
CA LYS G 24 -63.40 106.61 -5.41
C LYS G 24 -63.52 105.22 -6.01
N ILE G 25 -64.76 104.80 -6.28
CA ILE G 25 -65.02 103.47 -6.84
C ILE G 25 -65.95 103.57 -8.03
N ASP G 26 -66.11 104.77 -8.58
CA ASP G 26 -67.03 104.95 -9.70
C ASP G 26 -66.58 104.17 -10.93
N GLY G 27 -65.29 104.20 -11.23
CA GLY G 27 -64.76 103.56 -12.42
C GLY G 27 -64.47 102.08 -12.30
N PHE G 28 -64.74 101.48 -11.14
CA PHE G 28 -64.47 100.07 -10.90
C PHE G 28 -65.74 99.40 -10.40
N ASN G 29 -65.92 98.13 -10.77
CA ASN G 29 -67.14 97.39 -10.46
C ASN G 29 -66.96 96.36 -9.35
N GLN G 30 -65.77 96.25 -8.76
CA GLN G 30 -65.57 95.41 -7.59
C GLN G 30 -64.62 96.12 -6.64
N PHE G 31 -64.69 95.77 -5.36
CA PHE G 31 -63.79 96.35 -4.37
C PHE G 31 -63.86 95.53 -3.09
N GLY G 32 -62.84 95.70 -2.26
CA GLY G 32 -62.77 95.01 -0.99
C GLY G 32 -61.65 95.56 -0.14
N PHE G 33 -61.76 95.31 1.16
CA PHE G 33 -60.81 95.86 2.13
C PHE G 33 -59.72 94.85 2.44
N THR G 34 -58.75 95.30 3.24
CA THR G 34 -57.68 94.43 3.71
C THR G 34 -57.09 95.04 4.98
N PHE G 35 -57.31 94.39 6.11
CA PHE G 35 -56.87 94.89 7.41
C PHE G 35 -55.56 94.23 7.82
N LYS G 36 -54.67 95.02 8.39
CA LYS G 36 -53.40 94.50 8.90
C LYS G 36 -53.03 95.27 10.16
N VAL G 37 -52.29 94.61 11.03
CA VAL G 37 -51.84 95.18 12.30
C VAL G 37 -50.33 95.39 12.23
N ILE G 38 -49.83 96.34 13.01
CA ILE G 38 -48.40 96.64 13.01
C ILE G 38 -47.80 96.22 14.35
N GLU G 39 -48.61 96.20 15.40
CA GLU G 39 -48.13 95.83 16.72
C GLU G 39 -49.27 95.22 17.51
N GLU G 40 -48.92 94.41 18.51
CA GLU G 40 -49.91 93.60 19.22
C GLU G 40 -51.01 94.48 19.81
N LEU G 41 -52.25 94.05 19.62
CA LEU G 41 -53.39 94.77 20.18
C LEU G 41 -53.60 94.38 21.64
N THR G 42 -54.37 95.21 22.34
CA THR G 42 -54.75 94.95 23.73
C THR G 42 -56.26 94.86 23.94
N ALA G 43 -57.07 95.26 22.96
CA ALA G 43 -58.51 95.16 23.07
C ALA G 43 -59.11 95.23 21.68
N ASP G 44 -60.36 94.81 21.57
CA ASP G 44 -61.04 94.82 20.29
C ASP G 44 -61.23 96.25 19.80
N VAL G 45 -61.34 96.41 18.47
CA VAL G 45 -61.48 97.71 17.85
C VAL G 45 -62.54 97.61 16.75
N PRO G 46 -63.67 98.32 16.86
CA PRO G 46 -64.66 98.31 15.78
C PRO G 46 -64.47 99.45 14.78
N PHE G 47 -65.02 99.31 13.58
CA PHE G 47 -64.88 100.30 12.53
C PHE G 47 -66.23 100.57 11.87
N ASN G 48 -66.44 101.82 11.47
CA ASN G 48 -67.64 102.23 10.76
C ASN G 48 -67.33 102.37 9.27
N ILE G 49 -68.34 102.17 8.43
CA ILE G 49 -68.22 102.29 6.99
C ILE G 49 -69.11 103.44 6.54
N PHE G 50 -68.53 104.39 5.79
CA PHE G 50 -69.25 105.53 5.28
C PHE G 50 -69.14 105.59 3.76
N TYR G 51 -70.06 106.30 3.13
CA TYR G 51 -70.00 106.64 1.72
C TYR G 51 -70.30 108.13 1.57
N HIS G 52 -70.12 108.64 0.34
CA HIS G 52 -70.32 110.05 0.07
C HIS G 52 -71.06 110.21 -1.26
N GLU G 53 -71.68 111.37 -1.43
CA GLU G 53 -72.30 111.75 -2.68
C GLU G 53 -71.51 112.90 -3.31
N ALA G 54 -71.58 112.99 -4.64
CA ALA G 54 -70.84 114.01 -5.35
C ALA G 54 -71.22 115.39 -4.84
N SER G 55 -70.21 116.21 -4.54
CA SER G 55 -70.46 117.53 -4.00
C SER G 55 -71.21 118.38 -5.03
N GLU G 56 -72.04 119.29 -4.52
CA GLU G 56 -72.87 120.11 -5.40
C GLU G 56 -72.02 121.05 -6.24
N ALA G 57 -71.12 121.80 -5.59
CA ALA G 57 -70.33 122.79 -6.31
C ALA G 57 -69.41 122.15 -7.33
N ASP G 58 -68.74 121.06 -6.97
CA ASP G 58 -67.75 120.43 -7.83
C ASP G 58 -68.06 118.94 -7.90
N PRO G 59 -68.44 118.42 -9.09
CA PRO G 59 -68.79 117.00 -9.19
C PRO G 59 -67.63 116.05 -8.99
N CYS G 60 -66.39 116.53 -8.96
CA CYS G 60 -65.23 115.67 -8.78
C CYS G 60 -64.73 115.66 -7.34
N VAL G 61 -65.47 116.25 -6.42
CA VAL G 61 -65.09 116.30 -5.00
C VAL G 61 -66.21 115.65 -4.20
N PRO G 62 -65.90 114.76 -3.26
CA PRO G 62 -66.97 114.06 -2.53
C PRO G 62 -67.72 114.99 -1.59
N GLY G 63 -68.97 114.61 -1.31
CA GLY G 63 -69.79 115.35 -0.38
C GLY G 63 -69.62 114.87 1.04
N PRO G 64 -70.59 115.18 1.91
CA PRO G 64 -70.48 114.76 3.31
C PRO G 64 -70.67 113.25 3.47
N ALA G 65 -70.07 112.73 4.54
CA ALA G 65 -70.11 111.29 4.79
C ALA G 65 -71.50 110.86 5.23
N ILE G 66 -71.89 109.66 4.83
CA ILE G 66 -73.17 109.06 5.19
C ILE G 66 -72.91 107.64 5.69
N ARG G 67 -73.81 107.15 6.54
CA ARG G 67 -73.63 105.82 7.13
C ARG G 67 -74.21 104.76 6.19
N VAL G 68 -73.43 103.71 5.96
CA VAL G 68 -73.86 102.65 5.04
C VAL G 68 -74.97 101.84 5.70
N PRO G 69 -76.02 101.43 4.98
CA PRO G 69 -77.03 100.57 5.59
C PRO G 69 -76.62 99.11 5.58
N ASP G 70 -77.38 98.31 6.31
CA ASP G 70 -77.15 96.87 6.38
C ASP G 70 -77.97 96.15 5.32
N VAL G 71 -77.64 94.89 5.08
CA VAL G 71 -78.36 94.05 4.12
C VAL G 71 -78.33 92.61 4.59
N PRO G 72 -79.34 92.15 5.34
CA PRO G 72 -79.33 90.75 5.79
C PRO G 72 -79.32 89.78 4.61
N PHE G 73 -78.61 88.67 4.78
CA PHE G 73 -78.47 87.70 3.73
C PHE G 73 -79.72 86.82 3.64
N CYS G 74 -79.63 85.75 2.84
CA CYS G 74 -80.79 84.90 2.61
C CYS G 74 -81.39 84.41 3.92
N ASP G 75 -80.57 84.16 4.92
CA ASP G 75 -81.06 83.86 6.27
C ASP G 75 -79.90 84.00 7.25
N GLY G 76 -80.13 84.81 8.27
CA GLY G 76 -79.11 85.05 9.27
C GLY G 76 -79.46 86.28 10.10
N VAL G 77 -78.57 86.56 11.07
CA VAL G 77 -78.81 87.66 11.98
C VAL G 77 -78.75 88.99 11.23
N ALA G 78 -79.25 90.03 11.89
CA ALA G 78 -79.19 91.39 11.39
C ALA G 78 -78.62 92.31 12.47
N THR G 79 -78.00 93.40 12.04
CA THR G 79 -77.38 94.31 12.98
C THR G 79 -78.44 94.93 13.90
N ALA G 80 -78.02 95.25 15.13
CA ALA G 80 -78.97 95.78 16.10
C ALA G 80 -79.60 97.09 15.63
N ASP G 81 -78.80 98.01 15.09
CA ASP G 81 -79.29 99.28 14.57
C ASP G 81 -79.37 99.29 13.05
N GLY G 82 -79.12 98.16 12.41
CA GLY G 82 -79.31 98.05 10.97
C GLY G 82 -78.25 98.73 10.13
N LEU G 83 -77.09 99.06 10.69
CA LEU G 83 -76.03 99.74 9.98
C LEU G 83 -74.78 98.87 9.96
N ALA G 84 -74.16 98.75 8.80
CA ALA G 84 -73.01 97.87 8.64
C ALA G 84 -71.85 98.32 9.53
N THR G 85 -71.12 97.34 10.06
CA THR G 85 -69.99 97.60 10.92
C THR G 85 -69.01 96.44 10.84
N VAL G 86 -67.79 96.67 11.30
CA VAL G 86 -66.71 95.70 11.26
C VAL G 86 -65.98 95.73 12.59
N VAL G 87 -65.60 94.56 13.10
CA VAL G 87 -64.88 94.43 14.36
C VAL G 87 -63.69 93.51 14.16
N ILE G 88 -62.53 93.93 14.64
CA ILE G 88 -61.29 93.16 14.53
C ILE G 88 -61.00 92.52 15.88
N PRO G 89 -60.93 91.20 15.98
CA PRO G 89 -60.67 90.57 17.28
C PRO G 89 -59.25 90.86 17.76
N GLU G 90 -59.10 90.84 19.09
CA GLU G 90 -57.82 91.19 19.70
C GLU G 90 -56.81 90.07 19.57
N ALA G 91 -57.21 88.88 19.14
CA ALA G 91 -56.31 87.74 19.03
C ALA G 91 -55.54 87.70 17.73
N VAL G 92 -55.64 88.74 16.89
CA VAL G 92 -54.97 88.74 15.59
C VAL G 92 -53.47 88.87 15.81
N ALA G 93 -52.71 88.00 15.16
CA ALA G 93 -51.25 88.07 15.22
C ALA G 93 -50.72 89.11 14.25
N VAL G 94 -49.49 89.56 14.50
CA VAL G 94 -48.90 90.60 13.66
C VAL G 94 -48.67 90.09 12.25
N ASP G 95 -48.28 88.83 12.09
CA ASP G 95 -47.94 88.27 10.78
C ASP G 95 -49.15 87.64 10.11
N SER G 96 -50.18 88.43 9.86
CA SER G 96 -51.38 87.95 9.18
C SER G 96 -52.16 89.14 8.66
N PHE G 97 -53.30 88.85 8.03
CA PHE G 97 -54.15 89.88 7.46
C PHE G 97 -55.57 89.36 7.36
N CYS G 98 -56.51 90.29 7.17
CA CYS G 98 -57.93 89.99 7.08
C CYS G 98 -58.53 90.67 5.86
N ALA G 99 -59.54 90.03 5.26
CA ALA G 99 -60.17 90.52 4.05
C ALA G 99 -61.68 90.55 4.24
N GLY G 100 -62.29 91.71 3.96
CA GLY G 100 -63.73 91.85 4.07
C GLY G 100 -64.25 92.77 2.98
N SER G 101 -65.57 92.74 2.80
CA SER G 101 -66.20 93.51 1.74
C SER G 101 -67.65 93.79 2.11
N VAL G 102 -68.27 94.65 1.31
CA VAL G 102 -69.67 95.04 1.50
C VAL G 102 -70.48 94.54 0.31
N PRO G 103 -71.72 94.09 0.49
CA PRO G 103 -72.48 93.56 -0.66
C PRO G 103 -73.00 94.62 -1.61
N CYS G 104 -73.07 95.89 -1.21
CA CYS G 104 -73.69 96.92 -2.01
C CYS G 104 -72.74 98.10 -2.18
N PHE G 105 -73.04 98.95 -3.17
CA PHE G 105 -72.16 100.05 -3.55
C PHE G 105 -72.62 101.39 -2.98
N ASN G 106 -73.88 101.75 -3.19
CA ASN G 106 -74.41 103.05 -2.78
C ASN G 106 -73.66 104.12 -3.57
N GLY G 107 -73.09 105.14 -2.93
CA GLY G 107 -72.50 106.25 -3.64
C GLY G 107 -71.19 105.90 -4.32
N PRO G 108 -70.67 106.84 -5.13
CA PRO G 108 -69.41 106.58 -5.83
C PRO G 108 -68.16 106.73 -4.98
N TRP G 109 -68.28 107.17 -3.73
CA TRP G 109 -67.18 107.21 -2.79
C TRP G 109 -67.46 106.29 -1.62
N ILE G 110 -66.39 105.80 -0.98
CA ILE G 110 -66.51 104.98 0.21
C ILE G 110 -65.40 105.38 1.18
N SER G 111 -65.65 105.15 2.46
CA SER G 111 -64.69 105.49 3.49
C SER G 111 -64.89 104.58 4.69
N ILE G 112 -63.85 104.47 5.52
CA ILE G 112 -63.88 103.65 6.73
C ILE G 112 -63.15 104.40 7.83
N ALA G 113 -63.70 104.36 9.04
CA ALA G 113 -63.11 105.06 10.16
C ALA G 113 -63.45 104.33 11.45
N PRO G 114 -62.59 104.41 12.47
CA PRO G 114 -62.90 103.73 13.73
C PRO G 114 -64.00 104.45 14.50
N VAL G 115 -64.66 103.69 15.38
CA VAL G 115 -65.68 104.27 16.22
C VAL G 115 -65.09 105.33 17.15
N THR G 116 -63.94 105.04 17.76
CA THR G 116 -63.27 105.98 18.65
C THR G 116 -61.78 105.91 18.39
N VAL G 117 -61.16 107.06 18.15
CA VAL G 117 -59.73 107.12 17.87
C VAL G 117 -58.98 107.01 19.18
N ASN G 118 -58.04 106.06 19.24
CA ASN G 118 -57.26 105.83 20.44
C ASN G 118 -56.00 105.04 20.07
N ALA G 119 -55.23 104.68 21.08
CA ALA G 119 -54.02 103.91 20.85
C ALA G 119 -54.32 102.61 20.12
N ASP G 120 -55.42 101.94 20.48
CA ASP G 120 -55.76 100.69 19.82
C ASP G 120 -56.00 100.90 18.33
N SER G 121 -56.76 101.94 17.97
CA SER G 121 -57.03 102.20 16.56
C SER G 121 -55.78 102.71 15.84
N ALA G 122 -54.82 103.26 16.58
CA ALA G 122 -53.59 103.75 15.95
C ALA G 122 -52.69 102.61 15.48
N LYS G 123 -53.00 101.36 15.84
CA LYS G 123 -52.16 100.23 15.48
C LYS G 123 -52.66 99.46 14.27
N VAL G 124 -53.74 99.90 13.63
CA VAL G 124 -54.37 99.16 12.54
C VAL G 124 -54.17 99.93 11.24
N GLN G 125 -54.20 99.21 10.12
CA GLN G 125 -54.07 99.79 8.79
C GLN G 125 -55.08 99.12 7.87
N VAL G 126 -55.76 99.92 7.05
CA VAL G 126 -56.79 99.42 6.14
C VAL G 126 -56.48 99.95 4.75
N THR G 127 -56.57 99.07 3.75
CA THR G 127 -56.31 99.44 2.37
C THR G 127 -57.40 98.82 1.48
N VAL G 128 -57.76 99.54 0.43
CA VAL G 128 -58.84 99.14 -0.47
C VAL G 128 -58.25 98.71 -1.81
N THR G 129 -58.82 97.67 -2.38
CA THR G 129 -58.39 97.13 -3.66
C THR G 129 -59.57 97.09 -4.62
N MET G 130 -59.33 97.44 -5.88
CA MET G 130 -60.36 97.43 -6.90
C MET G 130 -60.07 96.37 -7.95
N LYS G 131 -60.96 96.28 -8.94
CA LYS G 131 -60.85 95.28 -10.00
C LYS G 131 -61.76 95.67 -11.14
N GLY G 132 -61.32 95.40 -12.37
CA GLY G 132 -62.18 95.54 -13.53
C GLY G 132 -62.57 96.96 -13.86
N ALA G 133 -61.61 97.76 -14.32
CA ALA G 133 -61.93 99.12 -14.76
C ALA G 133 -62.97 99.09 -15.87
N THR G 134 -63.89 100.06 -15.81
CA THR G 134 -64.99 100.11 -16.76
C THR G 134 -64.99 101.38 -17.60
N ARG G 135 -63.84 102.03 -17.77
CA ARG G 135 -63.74 103.21 -18.62
C ARG G 135 -62.39 103.28 -19.29
N MET H 1 13.55 52.93 -21.33
CA MET H 1 14.71 53.70 -21.87
C MET H 1 14.69 55.13 -21.32
N ASN H 2 15.86 55.74 -21.25
CA ASN H 2 16.00 57.12 -20.80
C ASN H 2 16.45 57.97 -21.98
N PHE H 3 15.83 59.14 -22.13
CA PHE H 3 15.88 59.89 -23.39
C PHE H 3 16.79 61.11 -23.36
N ASN H 4 17.32 61.50 -22.21
CA ASN H 4 18.14 62.71 -22.11
C ASN H 4 17.34 63.92 -22.58
N VAL H 5 16.28 64.24 -21.82
CA VAL H 5 15.35 65.28 -22.22
C VAL H 5 16.01 66.65 -22.28
N GLY H 6 17.09 66.86 -21.53
CA GLY H 6 17.69 68.18 -21.45
C GLY H 6 18.15 68.75 -22.78
N VAL H 7 18.36 67.90 -23.78
CA VAL H 7 18.74 68.41 -25.10
C VAL H 7 17.59 69.18 -25.72
N ASP H 8 16.38 68.64 -25.63
CA ASP H 8 15.23 69.25 -26.31
C ASP H 8 14.48 70.24 -25.43
N PHE H 9 14.44 70.02 -24.11
CA PHE H 9 13.66 70.85 -23.19
C PHE H 9 14.57 71.33 -22.07
N PRO H 10 15.48 72.25 -22.36
CA PRO H 10 16.34 72.80 -21.31
C PRO H 10 15.53 73.57 -20.28
N SER H 11 16.01 73.55 -19.04
CA SER H 11 15.38 74.28 -17.96
C SER H 11 16.44 75.09 -17.22
N PHE H 12 16.05 76.28 -16.77
CA PHE H 12 16.98 77.21 -16.14
C PHE H 12 16.41 77.70 -14.81
N ILE H 13 17.31 78.02 -13.89
CA ILE H 13 16.90 78.57 -12.60
C ILE H 13 16.44 80.01 -12.78
N ALA H 14 15.41 80.39 -12.03
CA ALA H 14 14.87 81.74 -12.10
C ALA H 14 14.84 82.44 -10.75
N TRP H 15 14.50 81.73 -9.67
CA TRP H 15 14.46 82.28 -8.33
C TRP H 15 14.84 81.19 -7.36
N ASP H 16 16.12 81.13 -7.00
CA ASP H 16 16.63 80.09 -6.13
C ASP H 16 16.23 80.27 -4.67
N GLY H 17 15.76 81.45 -4.29
CA GLY H 17 15.36 81.74 -2.93
C GLY H 17 15.95 83.00 -2.35
N THR H 18 17.04 83.52 -2.93
CA THR H 18 17.67 84.73 -2.42
C THR H 18 18.09 85.67 -3.54
N THR H 19 17.88 85.29 -4.79
CA THR H 19 18.30 86.10 -5.91
C THR H 19 17.46 85.75 -7.13
N SER H 20 17.31 86.71 -8.03
CA SER H 20 16.58 86.53 -9.27
C SER H 20 17.56 86.52 -10.44
N PHE H 21 17.33 85.64 -11.41
CA PHE H 21 18.21 85.46 -12.54
C PHE H 21 17.45 85.68 -13.84
N PRO H 22 17.87 86.63 -14.69
CA PRO H 22 17.24 86.75 -16.01
C PRO H 22 17.45 85.49 -16.84
N VAL H 23 16.44 85.13 -17.62
CA VAL H 23 16.48 83.96 -18.48
C VAL H 23 16.20 84.41 -19.91
N LYS H 24 17.05 83.97 -20.84
CA LYS H 24 16.95 84.40 -22.23
C LYS H 24 15.99 83.47 -22.97
N ILE H 25 14.78 83.97 -23.22
CA ILE H 25 13.78 83.20 -23.97
C ILE H 25 13.87 83.40 -25.47
N ASP H 26 14.83 84.21 -25.94
CA ASP H 26 14.88 84.54 -27.35
C ASP H 26 15.11 83.32 -28.23
N GLY H 27 16.00 82.41 -27.83
CA GLY H 27 16.38 81.32 -28.70
C GLY H 27 15.35 80.22 -28.83
N PHE H 28 14.28 80.26 -28.04
CA PHE H 28 13.24 79.23 -28.07
C PHE H 28 11.90 79.90 -28.38
N ASN H 29 10.91 79.06 -28.68
CA ASN H 29 9.61 79.54 -29.14
C ASN H 29 8.47 79.29 -28.17
N GLN H 30 8.71 78.58 -27.06
CA GLN H 30 7.72 78.46 -26.00
C GLN H 30 8.44 78.29 -24.67
N PHE H 31 7.71 78.57 -23.59
CA PHE H 31 8.29 78.49 -22.26
C PHE H 31 7.17 78.48 -21.22
N GLY H 32 7.53 78.15 -19.98
CA GLY H 32 6.58 78.16 -18.89
C GLY H 32 7.29 78.04 -17.57
N PHE H 33 6.65 78.59 -16.54
CA PHE H 33 7.23 78.59 -15.20
C PHE H 33 6.83 77.34 -14.43
N THR H 34 7.55 77.07 -13.35
CA THR H 34 7.27 75.97 -12.45
C THR H 34 7.64 76.38 -11.03
N PHE H 35 6.67 76.28 -10.12
CA PHE H 35 6.85 76.68 -8.73
C PHE H 35 6.87 75.46 -7.83
N LYS H 36 7.74 75.49 -6.82
CA LYS H 36 7.80 74.41 -5.83
C LYS H 36 8.11 75.01 -4.47
N VAL H 37 7.59 74.38 -3.43
CA VAL H 37 7.83 74.81 -2.06
C VAL H 37 8.82 73.87 -1.40
N ILE H 38 9.56 74.39 -0.41
CA ILE H 38 10.45 73.58 0.40
C ILE H 38 10.12 73.64 1.88
N GLU H 39 9.28 74.57 2.31
CA GLU H 39 8.85 74.64 3.71
C GLU H 39 7.51 75.34 3.76
N GLU H 40 6.77 75.06 4.84
CA GLU H 40 5.40 75.57 4.96
C GLU H 40 5.40 77.09 4.99
N LEU H 41 4.41 77.68 4.31
CA LEU H 41 4.25 79.13 4.28
C LEU H 41 3.31 79.59 5.40
N THR H 42 3.24 80.91 5.57
CA THR H 42 2.34 81.51 6.55
C THR H 42 1.32 82.45 5.94
N ALA H 43 1.56 82.97 4.75
CA ALA H 43 0.60 83.83 4.06
C ALA H 43 0.88 83.78 2.57
N ASP H 44 -0.13 84.12 1.79
CA ASP H 44 0.00 84.09 0.34
C ASP H 44 1.15 84.99 -0.10
N VAL H 45 1.99 84.47 -0.98
CA VAL H 45 3.17 85.17 -1.47
C VAL H 45 2.92 85.56 -2.93
N PRO H 46 2.88 86.86 -3.25
CA PRO H 46 2.70 87.26 -4.65
C PRO H 46 4.04 87.46 -5.37
N PHE H 47 4.01 87.23 -6.69
CA PHE H 47 5.19 87.34 -7.52
C PHE H 47 4.94 88.31 -8.67
N ASN H 48 5.98 89.03 -9.06
CA ASN H 48 5.93 89.95 -10.18
C ASN H 48 6.71 89.39 -11.35
N ILE H 49 6.19 89.54 -12.56
CA ILE H 49 6.79 89.01 -13.77
C ILE H 49 7.21 90.19 -14.65
N PHE H 50 8.48 90.23 -15.01
CA PHE H 50 9.04 91.31 -15.81
C PHE H 50 9.53 90.78 -17.15
N TYR H 51 9.98 91.71 -17.99
CA TYR H 51 10.75 91.39 -19.19
C TYR H 51 11.80 92.48 -19.38
N HIS H 52 12.92 92.10 -19.99
CA HIS H 52 14.06 92.99 -20.16
C HIS H 52 14.37 93.17 -21.64
N GLU H 53 14.82 94.36 -22.00
CA GLU H 53 15.27 94.64 -23.35
C GLU H 53 16.79 94.60 -23.41
N ALA H 54 17.32 94.59 -24.64
CA ALA H 54 18.76 94.57 -24.83
C ALA H 54 19.38 95.87 -24.30
N SER H 55 20.53 95.74 -23.66
CA SER H 55 21.21 96.91 -23.10
C SER H 55 21.73 97.80 -24.22
N GLU H 56 21.66 99.11 -24.01
CA GLU H 56 22.07 100.05 -25.05
C GLU H 56 23.58 100.00 -25.28
N ALA H 57 24.37 100.03 -24.20
CA ALA H 57 25.81 100.07 -24.32
C ALA H 57 26.40 98.74 -24.78
N ASP H 58 25.69 97.63 -24.60
CA ASP H 58 26.18 96.32 -24.98
C ASP H 58 25.02 95.43 -25.39
N PRO H 59 24.92 95.05 -26.67
CA PRO H 59 23.73 94.29 -27.11
C PRO H 59 23.59 92.92 -26.47
N CYS H 60 24.65 92.36 -25.88
CA CYS H 60 24.60 91.02 -25.33
C CYS H 60 24.24 90.98 -23.85
N VAL H 61 23.91 92.12 -23.24
CA VAL H 61 23.58 92.18 -21.82
C VAL H 61 22.15 92.67 -21.65
N PRO H 62 21.36 92.09 -20.75
CA PRO H 62 19.98 92.56 -20.57
C PRO H 62 19.93 93.98 -20.01
N GLY H 63 18.86 94.69 -20.33
CA GLY H 63 18.66 96.05 -19.89
C GLY H 63 17.87 96.12 -18.60
N PRO H 64 17.17 97.22 -18.38
CA PRO H 64 16.40 97.37 -17.14
C PRO H 64 15.12 96.53 -17.15
N ALA H 65 14.57 96.35 -15.95
CA ALA H 65 13.37 95.54 -15.80
C ALA H 65 12.13 96.36 -16.15
N ILE H 66 11.22 95.73 -16.89
CA ILE H 66 9.96 96.34 -17.29
C ILE H 66 8.83 95.36 -16.98
N ARG H 67 7.77 95.86 -16.37
CA ARG H 67 6.67 95.00 -15.95
C ARG H 67 5.89 94.49 -17.16
N VAL H 68 5.47 93.23 -17.10
CA VAL H 68 4.74 92.63 -18.22
C VAL H 68 3.30 93.13 -18.20
N PRO H 69 2.74 93.56 -19.32
CA PRO H 69 1.32 93.96 -19.33
C PRO H 69 0.40 92.77 -19.48
N ASP H 70 -0.85 92.98 -19.05
CA ASP H 70 -1.85 91.92 -19.12
C ASP H 70 -2.61 91.99 -20.44
N VAL H 71 -3.00 90.84 -20.95
CA VAL H 71 -3.84 90.72 -22.13
C VAL H 71 -5.15 90.06 -21.72
N PRO H 72 -6.29 90.75 -21.74
CA PRO H 72 -7.54 90.11 -21.33
C PRO H 72 -7.86 88.91 -22.22
N PHE H 73 -8.36 87.84 -21.60
CA PHE H 73 -8.73 86.66 -22.33
C PHE H 73 -10.02 86.90 -23.12
N CYS H 74 -10.42 85.88 -23.87
CA CYS H 74 -11.53 85.99 -24.81
C CYS H 74 -12.85 86.28 -24.11
N ASP H 75 -12.94 85.97 -22.82
CA ASP H 75 -14.22 86.01 -22.12
C ASP H 75 -14.13 86.58 -20.71
N GLY H 76 -13.02 87.17 -20.32
CA GLY H 76 -12.81 87.59 -18.95
C GLY H 76 -12.59 89.08 -18.85
N VAL H 77 -11.93 89.50 -17.76
CA VAL H 77 -11.70 90.90 -17.48
C VAL H 77 -10.22 91.09 -17.15
N ALA H 78 -9.75 92.32 -17.27
CA ALA H 78 -8.37 92.64 -16.95
C ALA H 78 -8.19 92.71 -15.43
N THR H 79 -6.92 92.75 -15.01
CA THR H 79 -6.61 92.87 -13.60
C THR H 79 -6.96 94.27 -13.11
N ALA H 80 -6.62 94.54 -11.85
CA ALA H 80 -6.91 95.84 -11.27
C ALA H 80 -6.21 96.96 -12.04
N ASP H 81 -4.99 96.72 -12.52
CA ASP H 81 -4.22 97.74 -13.23
C ASP H 81 -3.64 97.23 -14.54
N GLY H 82 -4.06 96.07 -15.02
CA GLY H 82 -3.62 95.59 -16.32
C GLY H 82 -2.23 94.98 -16.34
N LEU H 83 -1.67 94.65 -15.17
CA LEU H 83 -0.35 94.04 -15.08
C LEU H 83 -0.46 92.61 -14.57
N ALA H 84 0.36 91.73 -15.15
CA ALA H 84 0.34 90.32 -14.80
C ALA H 84 0.96 90.09 -13.42
N THR H 85 0.40 89.13 -12.70
CA THR H 85 0.87 88.79 -11.37
C THR H 85 0.45 87.37 -11.04
N VAL H 86 1.09 86.79 -10.02
CA VAL H 86 0.83 85.43 -9.60
C VAL H 86 0.84 85.37 -8.08
N VAL H 87 0.04 84.48 -7.50
CA VAL H 87 -0.04 84.30 -6.06
C VAL H 87 -0.03 82.80 -5.78
N ILE H 88 0.81 82.38 -4.83
CA ILE H 88 0.88 80.99 -4.40
C ILE H 88 0.01 80.84 -3.15
N PRO H 89 -1.05 80.04 -3.19
CA PRO H 89 -1.98 79.99 -2.06
C PRO H 89 -1.40 79.26 -0.86
N GLU H 90 -2.16 79.30 0.24
CA GLU H 90 -1.70 78.71 1.49
C GLU H 90 -1.77 77.19 1.46
N ALA H 91 -2.77 76.63 0.78
CA ALA H 91 -3.03 75.20 0.82
C ALA H 91 -1.93 74.36 0.18
N VAL H 92 -1.00 74.96 -0.54
CA VAL H 92 0.05 74.21 -1.22
C VAL H 92 0.85 73.44 -0.17
N ALA H 93 0.96 72.13 -0.35
CA ALA H 93 1.80 71.32 0.51
C ALA H 93 3.23 71.30 0.00
N VAL H 94 4.14 70.80 0.84
CA VAL H 94 5.55 70.76 0.45
C VAL H 94 5.75 69.83 -0.73
N ASP H 95 4.99 68.73 -0.78
CA ASP H 95 5.14 67.75 -1.85
C ASP H 95 4.23 68.09 -3.03
N SER H 96 4.34 69.30 -3.57
CA SER H 96 3.52 69.70 -4.69
C SER H 96 4.22 70.82 -5.45
N PHE H 97 3.79 71.02 -6.70
CA PHE H 97 4.35 72.05 -7.55
C PHE H 97 3.22 72.69 -8.36
N CYS H 98 3.46 73.94 -8.78
CA CYS H 98 2.49 74.74 -9.51
C CYS H 98 3.10 75.22 -10.80
N ALA H 99 2.30 75.28 -11.87
CA ALA H 99 2.78 75.68 -13.18
C ALA H 99 1.85 76.71 -13.80
N GLY H 100 2.45 77.64 -14.54
CA GLY H 100 1.68 78.67 -15.23
C GLY H 100 2.59 79.48 -16.12
N SER H 101 1.98 80.12 -17.11
CA SER H 101 2.74 80.87 -18.11
C SER H 101 1.93 82.06 -18.60
N VAL H 102 2.62 83.00 -19.23
CA VAL H 102 2.00 84.22 -19.75
C VAL H 102 1.52 83.97 -21.17
N PRO H 103 0.55 84.73 -21.68
CA PRO H 103 0.05 84.48 -23.04
C PRO H 103 0.90 85.08 -24.15
N CYS H 104 1.74 86.07 -23.85
CA CYS H 104 2.46 86.80 -24.89
C CYS H 104 3.93 86.88 -24.53
N PHE H 105 4.76 87.11 -25.56
CA PHE H 105 6.20 87.04 -25.38
C PHE H 105 6.79 88.36 -24.89
N ASN H 106 6.61 89.43 -25.65
CA ASN H 106 7.26 90.71 -25.35
C ASN H 106 8.77 90.57 -25.50
N GLY H 107 9.54 91.21 -24.61
CA GLY H 107 10.97 91.29 -24.76
C GLY H 107 11.66 89.95 -24.87
N PRO H 108 12.97 89.97 -25.17
CA PRO H 108 13.70 88.70 -25.34
C PRO H 108 14.13 88.05 -24.03
N TRP H 109 14.27 88.80 -22.95
CA TRP H 109 14.60 88.27 -21.65
C TRP H 109 13.37 88.30 -20.76
N ILE H 110 13.31 87.37 -19.82
CA ILE H 110 12.22 87.31 -18.85
C ILE H 110 12.81 87.19 -17.46
N SER H 111 12.03 87.59 -16.46
CA SER H 111 12.47 87.57 -15.08
C SER H 111 11.25 87.48 -14.17
N ILE H 112 11.51 87.10 -12.91
CA ILE H 112 10.47 86.96 -11.91
C ILE H 112 11.08 87.19 -10.54
N ALA H 113 10.33 87.83 -9.65
CA ALA H 113 10.80 88.11 -8.31
C ALA H 113 9.60 88.36 -7.42
N PRO H 114 9.70 88.09 -6.13
CA PRO H 114 8.57 88.35 -5.23
C PRO H 114 8.38 89.83 -4.98
N VAL H 115 7.15 90.19 -4.61
CA VAL H 115 6.86 91.58 -4.28
C VAL H 115 7.61 91.99 -3.03
N THR H 116 7.78 91.07 -2.07
CA THR H 116 8.48 91.34 -0.84
C THR H 116 9.59 90.31 -0.66
N VAL H 117 10.59 90.65 0.16
CA VAL H 117 11.74 89.78 0.38
C VAL H 117 11.71 89.26 1.81
N ASN H 118 10.51 89.11 2.37
CA ASN H 118 10.37 88.63 3.74
C ASN H 118 10.77 87.15 3.82
N ALA H 119 10.62 86.56 5.00
CA ALA H 119 11.05 85.18 5.21
C ALA H 119 10.22 84.18 4.42
N ASP H 120 8.95 84.50 4.13
CA ASP H 120 8.10 83.58 3.39
C ASP H 120 8.58 83.35 1.96
N SER H 121 9.01 84.40 1.28
CA SER H 121 9.43 84.26 -0.12
C SER H 121 10.66 83.38 -0.27
N ALA H 122 11.49 83.27 0.76
CA ALA H 122 12.70 82.48 0.66
C ALA H 122 12.42 80.98 0.62
N LYS H 123 11.18 80.57 0.86
CA LYS H 123 10.82 79.15 0.90
C LYS H 123 10.31 78.63 -0.42
N VAL H 124 10.38 79.41 -1.49
CA VAL H 124 9.83 79.03 -2.80
C VAL H 124 10.96 78.97 -3.80
N GLN H 125 10.81 78.10 -4.80
CA GLN H 125 11.77 77.94 -5.88
C GLN H 125 11.04 78.00 -7.21
N VAL H 126 11.62 78.72 -8.17
CA VAL H 126 11.02 78.93 -9.48
C VAL H 126 12.05 78.65 -10.56
N THR H 127 11.61 78.00 -11.64
CA THR H 127 12.46 77.70 -12.78
C THR H 127 11.65 77.81 -14.05
N VAL H 128 12.35 77.98 -15.18
CA VAL H 128 11.73 78.19 -16.48
C VAL H 128 12.13 77.04 -17.38
N THR H 129 11.14 76.45 -18.07
CA THR H 129 11.37 75.36 -18.99
C THR H 129 11.13 75.85 -20.41
N MET H 130 11.98 75.40 -21.34
CA MET H 130 11.91 75.82 -22.73
C MET H 130 11.48 74.66 -23.62
N LYS H 131 10.75 75.00 -24.69
CA LYS H 131 10.33 73.99 -25.66
C LYS H 131 11.28 74.04 -26.85
N GLY H 132 11.11 73.15 -27.83
CA GLY H 132 12.04 73.00 -28.93
C GLY H 132 12.64 74.29 -29.45
N ALA H 133 13.93 74.24 -29.77
CA ALA H 133 14.65 75.44 -30.18
C ALA H 133 14.39 75.75 -31.65
N THR H 134 15.04 76.83 -32.12
CA THR H 134 14.86 77.29 -33.49
C THR H 134 16.17 77.74 -34.13
N ARG H 135 17.31 77.22 -33.69
CA ARG H 135 18.60 77.62 -34.23
C ARG H 135 19.48 76.41 -34.49
N MET I 1 18.11 -8.46 -1.58
CA MET I 1 19.51 -8.98 -1.75
C MET I 1 20.52 -7.91 -1.39
N ASN I 2 21.78 -8.31 -1.26
CA ASN I 2 22.88 -7.38 -1.03
C ASN I 2 24.03 -7.79 -1.95
N PHE I 3 24.04 -7.24 -3.16
CA PHE I 3 25.08 -7.58 -4.12
C PHE I 3 26.43 -7.11 -3.62
N ASN I 4 27.48 -7.82 -4.01
CA ASN I 4 28.85 -7.48 -3.59
C ASN I 4 29.41 -6.43 -4.55
N VAL I 5 28.84 -5.24 -4.47
CA VAL I 5 29.34 -4.10 -5.24
C VAL I 5 30.82 -3.94 -4.89
N GLY I 6 31.59 -3.37 -5.81
CA GLY I 6 33.02 -3.34 -5.70
C GLY I 6 33.72 -4.40 -6.54
N VAL I 7 32.99 -5.45 -6.93
CA VAL I 7 33.49 -6.36 -7.95
C VAL I 7 33.53 -5.65 -9.29
N ASP I 8 32.63 -4.68 -9.51
CA ASP I 8 32.63 -3.88 -10.72
C ASP I 8 32.48 -2.39 -10.47
N PHE I 9 32.39 -1.95 -9.22
CA PHE I 9 32.44 -0.53 -8.86
C PHE I 9 33.43 -0.33 -7.73
N PRO I 10 34.71 -0.65 -7.96
CA PRO I 10 35.69 -0.53 -6.89
C PRO I 10 35.97 0.92 -6.54
N SER I 11 36.48 1.11 -5.31
CA SER I 11 36.85 2.43 -4.83
C SER I 11 38.18 2.33 -4.08
N PHE I 12 38.96 3.41 -4.14
CA PHE I 12 40.28 3.45 -3.52
C PHE I 12 40.48 4.77 -2.81
N ILE I 13 41.20 4.73 -1.69
CA ILE I 13 41.49 5.95 -0.94
C ILE I 13 42.44 6.82 -1.75
N ALA I 14 42.19 8.12 -1.73
CA ALA I 14 43.04 9.10 -2.41
C ALA I 14 43.65 10.12 -1.47
N TRP I 15 43.00 10.41 -0.34
CA TRP I 15 43.55 11.33 0.65
C TRP I 15 42.94 10.98 2.00
N ASP I 16 43.77 10.43 2.89
CA ASP I 16 43.32 10.00 4.21
C ASP I 16 43.45 11.08 5.27
N GLY I 17 43.94 12.26 4.90
CA GLY I 17 44.14 13.35 5.84
C GLY I 17 45.58 13.72 6.09
N THR I 18 46.53 12.84 5.76
CA THR I 18 47.94 13.16 5.93
C THR I 18 48.78 12.76 4.73
N THR I 19 48.29 11.81 3.93
CA THR I 19 49.07 11.25 2.82
C THR I 19 48.19 11.10 1.59
N SER I 20 48.80 11.34 0.43
CA SER I 20 48.12 11.15 -0.85
C SER I 20 48.63 9.88 -1.53
N PHE I 21 47.70 9.16 -2.17
CA PHE I 21 48.03 7.93 -2.85
C PHE I 21 47.65 8.04 -4.33
N PRO I 22 48.60 7.89 -5.25
CA PRO I 22 48.23 7.81 -6.67
C PRO I 22 47.31 6.61 -6.91
N VAL I 23 46.31 6.83 -7.76
CA VAL I 23 45.30 5.81 -8.07
C VAL I 23 45.37 5.51 -9.55
N LYS I 24 45.41 4.23 -9.89
CA LYS I 24 45.48 3.82 -11.29
C LYS I 24 44.08 3.77 -11.88
N ILE I 25 43.85 4.56 -12.93
CA ILE I 25 42.57 4.57 -13.63
C ILE I 25 42.67 4.03 -15.04
N ASP I 26 43.83 3.49 -15.44
CA ASP I 26 44.00 3.03 -16.81
C ASP I 26 43.06 1.88 -17.14
N GLY I 27 42.81 0.97 -16.20
CA GLY I 27 41.98 -0.18 -16.48
C GLY I 27 40.49 0.09 -16.48
N PHE I 28 40.08 1.31 -16.12
CA PHE I 28 38.67 1.68 -16.09
C PHE I 28 38.46 2.92 -16.94
N ASN I 29 37.30 3.01 -17.58
CA ASN I 29 37.04 4.08 -18.53
C ASN I 29 36.29 5.26 -17.93
N GLN I 30 35.88 5.20 -16.67
CA GLN I 30 35.22 6.33 -16.02
C GLN I 30 35.52 6.28 -14.54
N PHE I 31 35.38 7.43 -13.88
CA PHE I 31 35.72 7.53 -12.46
C PHE I 31 35.16 8.83 -11.90
N GLY I 32 35.28 8.99 -10.58
CA GLY I 32 34.82 10.19 -9.92
C GLY I 32 35.35 10.25 -8.50
N PHE I 33 35.16 11.41 -7.87
CA PHE I 33 35.60 11.64 -6.51
C PHE I 33 34.43 11.52 -5.54
N THR I 34 34.75 11.65 -4.24
CA THR I 34 33.74 11.67 -3.19
C THR I 34 34.37 12.26 -1.94
N PHE I 35 33.86 13.41 -1.51
CA PHE I 35 34.40 14.13 -0.36
C PHE I 35 33.47 13.96 0.83
N LYS I 36 34.05 13.70 2.00
CA LYS I 36 33.31 13.66 3.24
C LYS I 36 34.11 14.37 4.33
N VAL I 37 33.39 15.08 5.19
CA VAL I 37 34.00 15.85 6.28
C VAL I 37 33.65 15.17 7.59
N ILE I 38 34.63 15.09 8.50
CA ILE I 38 34.44 14.42 9.77
C ILE I 38 34.29 15.39 10.94
N GLU I 39 34.62 16.66 10.76
CA GLU I 39 34.48 17.64 11.83
C GLU I 39 34.13 18.99 11.21
N GLU I 40 33.60 19.88 12.03
CA GLU I 40 33.21 21.21 11.56
C GLU I 40 34.43 21.96 11.07
N LEU I 41 34.31 22.53 9.87
CA LEU I 41 35.43 23.23 9.24
C LEU I 41 35.53 24.66 9.79
N THR I 42 36.74 25.21 9.74
CA THR I 42 36.99 26.57 10.21
C THR I 42 37.17 27.56 9.07
N ALA I 43 37.63 27.11 7.91
CA ALA I 43 37.80 27.98 6.75
C ALA I 43 37.80 27.12 5.50
N ASP I 44 37.63 27.78 4.35
CA ASP I 44 37.60 27.06 3.09
C ASP I 44 38.92 26.35 2.84
N VAL I 45 38.85 25.15 2.30
CA VAL I 45 40.02 24.32 2.03
C VAL I 45 40.01 23.95 0.56
N PRO I 46 40.94 24.47 -0.26
CA PRO I 46 40.98 24.09 -1.68
C PRO I 46 41.90 22.91 -1.94
N PHE I 47 41.68 22.21 -3.06
CA PHE I 47 42.48 21.05 -3.42
C PHE I 47 43.02 21.20 -4.84
N ASN I 48 44.07 20.45 -5.15
CA ASN I 48 44.68 20.42 -6.46
C ASN I 48 44.57 19.02 -7.05
N ILE I 49 44.41 18.95 -8.37
CA ILE I 49 44.28 17.68 -9.08
C ILE I 49 45.51 17.49 -9.94
N PHE I 50 46.21 16.37 -9.76
CA PHE I 50 47.40 16.04 -10.51
C PHE I 50 47.15 14.78 -11.33
N TYR I 51 48.16 14.41 -12.12
CA TYR I 51 48.14 13.14 -12.85
C TYR I 51 49.58 12.70 -13.08
N HIS I 52 49.73 11.40 -13.34
CA HIS I 52 51.05 10.81 -13.52
C HIS I 52 51.05 9.95 -14.77
N GLU I 53 52.25 9.68 -15.28
CA GLU I 53 52.44 8.76 -16.38
C GLU I 53 53.44 7.68 -15.98
N ALA I 54 53.41 6.56 -16.68
CA ALA I 54 54.26 5.42 -16.32
C ALA I 54 55.73 5.82 -16.34
N SER I 55 56.43 5.44 -15.27
CA SER I 55 57.86 5.72 -15.19
C SER I 55 58.64 4.79 -16.10
N GLU I 56 59.68 5.33 -16.74
CA GLU I 56 60.50 4.53 -17.65
C GLU I 56 61.29 3.45 -16.92
N ALA I 57 61.64 3.68 -15.65
CA ALA I 57 62.37 2.66 -14.90
C ALA I 57 61.56 1.39 -14.72
N ASP I 58 60.25 1.52 -14.49
CA ASP I 58 59.37 0.37 -14.37
C ASP I 58 57.97 0.79 -14.83
N PRO I 59 57.43 0.17 -15.90
CA PRO I 59 56.14 0.64 -16.43
C PRO I 59 54.97 0.47 -15.47
N CYS I 60 55.15 -0.24 -14.36
CA CYS I 60 54.08 -0.45 -13.40
C CYS I 60 54.14 0.50 -12.20
N VAL I 61 55.01 1.50 -12.24
CA VAL I 61 55.16 2.45 -11.14
C VAL I 61 54.90 3.86 -11.66
N PRO I 62 54.12 4.68 -10.95
CA PRO I 62 53.84 6.03 -11.43
C PRO I 62 55.07 6.92 -11.35
N GLY I 63 55.10 7.93 -12.22
CA GLY I 63 56.19 8.86 -12.29
C GLY I 63 55.93 10.12 -11.49
N PRO I 64 56.63 11.21 -11.80
CA PRO I 64 56.44 12.46 -11.07
C PRO I 64 55.10 13.10 -11.36
N ALA I 65 54.70 13.99 -10.46
CA ALA I 65 53.38 14.60 -10.55
C ALA I 65 53.35 15.70 -11.60
N ILE I 66 52.24 15.78 -12.32
CA ILE I 66 51.97 16.84 -13.28
C ILE I 66 50.62 17.45 -12.96
N ARG I 67 50.46 18.72 -13.34
CA ARG I 67 49.25 19.46 -12.99
C ARG I 67 48.23 19.35 -14.11
N VAL I 68 46.97 19.11 -13.73
CA VAL I 68 45.92 18.88 -14.72
C VAL I 68 45.50 20.22 -15.33
N PRO I 69 45.43 20.35 -16.66
CA PRO I 69 44.95 21.60 -17.24
C PRO I 69 43.44 21.69 -17.25
N ASP I 70 42.94 22.92 -17.32
CA ASP I 70 41.51 23.14 -17.30
C ASP I 70 40.95 23.13 -18.73
N VAL I 71 39.66 22.81 -18.83
CA VAL I 71 38.95 22.83 -20.11
C VAL I 71 37.64 23.58 -19.93
N PRO I 72 37.52 24.82 -20.39
CA PRO I 72 36.25 25.54 -20.24
C PRO I 72 35.12 24.80 -20.92
N PHE I 73 33.93 24.91 -20.33
CA PHE I 73 32.76 24.20 -20.84
C PHE I 73 32.14 24.97 -22.00
N CYS I 74 30.95 24.53 -22.42
CA CYS I 74 30.30 25.13 -23.58
C CYS I 74 30.14 26.64 -23.40
N ASP I 75 29.98 27.09 -22.17
CA ASP I 75 30.03 28.52 -21.88
C ASP I 75 30.13 28.70 -20.38
N GLY I 76 31.10 29.51 -19.97
CA GLY I 76 31.35 29.74 -18.56
C GLY I 76 32.74 30.31 -18.36
N VAL I 77 33.05 30.56 -17.09
CA VAL I 77 34.32 31.19 -16.74
C VAL I 77 35.46 30.19 -16.87
N ALA I 78 36.64 30.70 -17.21
CA ALA I 78 37.85 29.90 -17.31
C ALA I 78 38.77 30.23 -16.14
N THR I 79 39.34 29.19 -15.54
CA THR I 79 40.20 29.38 -14.38
C THR I 79 41.31 30.38 -14.71
N ALA I 80 41.81 31.06 -13.68
CA ALA I 80 42.80 32.11 -13.90
C ALA I 80 44.06 31.56 -14.54
N ASP I 81 44.57 30.43 -14.05
CA ASP I 81 45.82 29.86 -14.53
C ASP I 81 45.62 28.61 -15.37
N GLY I 82 44.38 28.23 -15.67
CA GLY I 82 44.13 27.07 -16.50
C GLY I 82 44.39 25.74 -15.84
N LEU I 83 44.39 25.70 -14.51
CA LEU I 83 44.64 24.47 -13.77
C LEU I 83 43.43 24.17 -12.89
N ALA I 84 42.99 22.91 -12.92
CA ALA I 84 41.78 22.52 -12.22
C ALA I 84 41.99 22.55 -10.72
N THR I 85 40.93 22.94 -10.00
CA THR I 85 40.97 23.01 -8.54
C THR I 85 39.57 22.76 -8.00
N VAL I 86 39.51 22.37 -6.72
CA VAL I 86 38.26 22.10 -6.04
C VAL I 86 38.29 22.80 -4.69
N VAL I 87 37.18 23.42 -4.31
CA VAL I 87 37.07 24.18 -3.07
C VAL I 87 35.91 23.62 -2.26
N ILE I 88 36.17 23.28 -1.01
CA ILE I 88 35.16 22.78 -0.08
C ILE I 88 34.69 23.96 0.78
N PRO I 89 33.42 24.34 0.71
CA PRO I 89 32.99 25.54 1.44
C PRO I 89 32.84 25.29 2.93
N GLU I 90 32.73 26.39 3.68
CA GLU I 90 32.51 26.31 5.12
C GLU I 90 31.18 25.65 5.45
N ALA I 91 30.13 26.00 4.73
CA ALA I 91 28.78 25.51 5.01
C ALA I 91 28.59 24.07 4.58
N VAL I 92 29.37 23.15 5.13
CA VAL I 92 29.23 21.72 4.87
C VAL I 92 28.97 21.03 6.20
N ALA I 93 27.87 20.30 6.27
CA ALA I 93 27.51 19.58 7.49
C ALA I 93 28.28 18.27 7.58
N VAL I 94 28.48 17.80 8.81
CA VAL I 94 29.20 16.55 9.02
C VAL I 94 28.45 15.39 8.40
N ASP I 95 27.12 15.42 8.44
CA ASP I 95 26.31 14.34 7.90
C ASP I 95 25.94 14.59 6.45
N SER I 96 26.96 14.67 5.58
CA SER I 96 26.72 14.88 4.16
C SER I 96 27.99 14.54 3.40
N PHE I 97 27.90 14.59 2.08
CA PHE I 97 29.04 14.29 1.21
C PHE I 97 28.92 15.10 -0.07
N CYS I 98 30.03 15.24 -0.77
CA CYS I 98 30.12 16.01 -2.01
C CYS I 98 30.70 15.12 -3.10
N ALA I 99 30.24 15.32 -4.33
CA ALA I 99 30.64 14.53 -5.48
C ALA I 99 31.14 15.43 -6.60
N GLY I 100 32.30 15.11 -7.15
CA GLY I 100 32.85 15.87 -8.26
C GLY I 100 33.73 14.99 -9.13
N SER I 101 33.92 15.42 -10.37
CA SER I 101 34.72 14.66 -11.32
C SER I 101 35.34 15.61 -12.33
N VAL I 102 36.43 15.18 -12.95
CA VAL I 102 37.13 15.98 -13.95
C VAL I 102 36.52 15.70 -15.32
N PRO I 103 36.67 16.60 -16.29
CA PRO I 103 35.96 16.41 -17.57
C PRO I 103 36.53 15.28 -18.43
N CYS I 104 37.85 15.13 -18.51
CA CYS I 104 38.43 14.19 -19.45
C CYS I 104 39.74 13.64 -18.91
N PHE I 105 40.13 12.48 -19.44
CA PHE I 105 41.34 11.79 -19.00
C PHE I 105 42.59 12.50 -19.51
N ASN I 106 43.69 12.30 -18.79
CA ASN I 106 45.00 12.74 -19.25
C ASN I 106 46.11 11.73 -19.03
N GLY I 107 45.90 10.70 -18.21
CA GLY I 107 46.94 9.74 -17.93
C GLY I 107 46.41 8.49 -17.24
N PRO I 108 47.28 7.50 -17.05
CA PRO I 108 46.84 6.26 -16.41
C PRO I 108 46.68 6.36 -14.90
N TRP I 109 47.32 7.32 -14.25
CA TRP I 109 47.18 7.52 -12.81
C TRP I 109 46.64 8.92 -12.54
N ILE I 110 45.96 9.07 -11.40
CA ILE I 110 45.44 10.35 -10.97
C ILE I 110 45.72 10.50 -9.47
N SER I 111 45.66 11.75 -9.01
CA SER I 111 45.97 12.06 -7.62
C SER I 111 45.28 13.37 -7.23
N ILE I 112 45.26 13.64 -5.93
CA ILE I 112 44.68 14.85 -5.39
C ILE I 112 45.35 15.16 -4.06
N ALA I 113 45.78 16.42 -3.91
CA ALA I 113 46.44 16.85 -2.68
C ALA I 113 45.99 18.28 -2.38
N PRO I 114 45.96 18.67 -1.11
CA PRO I 114 45.54 20.03 -0.78
C PRO I 114 46.58 21.06 -1.16
N VAL I 115 46.13 22.31 -1.30
CA VAL I 115 47.06 23.40 -1.58
C VAL I 115 48.06 23.55 -0.45
N THR I 116 47.62 23.36 0.79
CA THR I 116 48.50 23.44 1.94
C THR I 116 48.02 22.46 3.00
N VAL I 117 48.97 21.86 3.71
CA VAL I 117 48.66 20.90 4.76
C VAL I 117 48.49 21.64 6.08
N ASN I 118 47.30 22.18 6.31
CA ASN I 118 47.00 22.88 7.55
C ASN I 118 46.15 21.99 8.46
N ALA I 119 45.69 22.56 9.58
CA ALA I 119 44.86 21.80 10.50
C ALA I 119 43.53 21.40 9.86
N ASP I 120 42.93 22.31 9.09
CA ASP I 120 41.64 22.02 8.48
C ASP I 120 41.74 20.88 7.47
N SER I 121 42.83 20.80 6.72
CA SER I 121 42.96 19.76 5.71
C SER I 121 42.88 18.36 6.31
N ALA I 122 43.19 18.22 7.60
CA ALA I 122 43.11 16.91 8.25
C ALA I 122 41.68 16.47 8.53
N LYS I 123 40.71 17.36 8.35
CA LYS I 123 39.31 17.06 8.64
C LYS I 123 38.55 16.55 7.42
N VAL I 124 39.22 16.36 6.28
CA VAL I 124 38.56 15.98 5.05
C VAL I 124 39.09 14.63 4.59
N GLN I 125 38.27 13.89 3.86
CA GLN I 125 38.63 12.59 3.31
C GLN I 125 38.13 12.49 1.88
N VAL I 126 38.99 12.01 0.98
CA VAL I 126 38.67 11.93 -0.44
C VAL I 126 38.82 10.49 -0.90
N THR I 127 37.84 10.00 -1.63
CA THR I 127 37.84 8.64 -2.16
C THR I 127 37.51 8.67 -3.64
N VAL I 128 38.05 7.72 -4.39
CA VAL I 128 37.88 7.65 -5.84
C VAL I 128 37.05 6.41 -6.15
N THR I 129 36.12 6.55 -7.10
CA THR I 129 35.23 5.46 -7.49
C THR I 129 35.29 5.27 -9.00
N MET I 130 35.58 4.05 -9.43
CA MET I 130 35.59 3.70 -10.84
C MET I 130 34.26 3.06 -11.23
N LYS I 131 34.00 2.99 -12.55
CA LYS I 131 32.67 2.61 -13.01
C LYS I 131 32.62 1.59 -14.13
N GLY I 132 33.71 1.32 -14.85
CA GLY I 132 33.62 0.35 -15.93
C GLY I 132 34.97 -0.25 -16.30
N ALA I 133 35.03 -1.57 -16.35
CA ALA I 133 36.26 -2.27 -16.70
C ALA I 133 36.39 -2.44 -18.20
N THR I 134 37.63 -2.43 -18.68
CA THR I 134 37.90 -2.56 -20.10
C THR I 134 38.94 -3.62 -20.43
N ARG I 135 39.57 -4.24 -19.43
CA ARG I 135 40.50 -5.33 -19.66
C ARG I 135 40.20 -6.51 -18.74
N MET J 1 -24.93 -29.32 42.64
CA MET J 1 -24.37 -30.60 43.12
C MET J 1 -22.93 -30.78 42.66
N ASN J 2 -22.04 -31.10 43.60
CA ASN J 2 -20.67 -31.43 43.28
C ASN J 2 -20.49 -32.94 43.36
N PHE J 3 -19.25 -33.40 43.25
CA PHE J 3 -18.94 -34.82 43.21
C PHE J 3 -17.77 -35.11 44.13
N ASN J 4 -17.51 -36.40 44.34
CA ASN J 4 -16.29 -36.86 45.01
C ASN J 4 -15.19 -37.01 43.97
N VAL J 5 -14.72 -35.85 43.48
CA VAL J 5 -13.78 -35.85 42.37
C VAL J 5 -12.50 -36.58 42.74
N GLY J 6 -12.13 -36.58 44.02
CA GLY J 6 -10.94 -37.28 44.45
C GLY J 6 -10.97 -38.78 44.18
N VAL J 7 -12.15 -39.35 43.94
CA VAL J 7 -12.23 -40.75 43.58
C VAL J 7 -11.54 -41.01 42.26
N ASP J 8 -11.77 -40.14 41.28
CA ASP J 8 -11.25 -40.35 39.93
C ASP J 8 -9.94 -39.60 39.67
N PHE J 9 -9.71 -38.47 40.32
CA PHE J 9 -8.55 -37.63 40.05
C PHE J 9 -7.85 -37.25 41.35
N PRO J 10 -7.24 -38.23 42.03
CA PRO J 10 -6.53 -37.92 43.27
C PRO J 10 -5.29 -37.08 43.03
N SER J 11 -4.91 -36.34 44.07
CA SER J 11 -3.70 -35.51 44.02
C SER J 11 -2.88 -35.75 45.27
N PHE J 12 -1.57 -35.62 45.15
CA PHE J 12 -0.65 -35.89 46.24
C PHE J 12 0.39 -34.79 46.34
N ILE J 13 0.83 -34.51 47.57
CA ILE J 13 1.85 -33.50 47.79
C ILE J 13 3.18 -34.00 47.25
N ALA J 14 3.91 -33.12 46.56
CA ALA J 14 5.23 -33.42 46.05
C ALA J 14 6.33 -32.54 46.63
N TRP J 15 6.00 -31.34 47.11
CA TRP J 15 6.98 -30.47 47.75
C TRP J 15 6.22 -29.43 48.57
N ASP J 16 6.35 -29.49 49.88
CA ASP J 16 5.62 -28.60 50.78
C ASP J 16 6.41 -27.37 51.18
N GLY J 17 7.61 -27.18 50.62
CA GLY J 17 8.45 -26.06 50.96
C GLY J 17 9.61 -26.38 51.88
N THR J 18 9.64 -27.56 52.48
CA THR J 18 10.75 -27.94 53.34
C THR J 18 11.23 -29.36 53.06
N THR J 19 10.39 -30.19 52.45
CA THR J 19 10.72 -31.58 52.16
C THR J 19 10.09 -32.00 50.84
N SER J 20 10.71 -32.97 50.18
CA SER J 20 10.21 -33.52 48.92
C SER J 20 9.80 -34.97 49.14
N PHE J 21 8.58 -35.30 48.72
CA PHE J 21 7.99 -36.60 48.98
C PHE J 21 7.87 -37.41 47.69
N PRO J 22 8.48 -38.59 47.60
CA PRO J 22 8.27 -39.43 46.41
C PRO J 22 6.79 -39.77 46.24
N VAL J 23 6.37 -39.85 44.98
CA VAL J 23 4.99 -40.12 44.62
C VAL J 23 4.97 -41.33 43.69
N LYS J 24 3.97 -42.19 43.87
CA LYS J 24 3.84 -43.40 43.06
C LYS J 24 2.88 -43.14 41.90
N ILE J 25 3.33 -43.43 40.68
CA ILE J 25 2.51 -43.27 39.49
C ILE J 25 2.26 -44.59 38.78
N ASP J 26 2.48 -45.72 39.45
CA ASP J 26 2.39 -47.01 38.79
C ASP J 26 0.99 -47.26 38.23
N GLY J 27 -0.03 -47.12 39.07
CA GLY J 27 -1.38 -47.48 38.70
C GLY J 27 -2.13 -46.47 37.87
N PHE J 28 -1.54 -45.31 37.60
CA PHE J 28 -2.19 -44.26 36.83
C PHE J 28 -1.41 -44.05 35.54
N ASN J 29 -2.12 -44.00 34.42
CA ASN J 29 -1.50 -43.89 33.10
C ASN J 29 -1.39 -42.46 32.59
N GLN J 30 -1.74 -41.47 33.41
CA GLN J 30 -1.43 -40.07 33.10
C GLN J 30 -1.22 -39.32 34.41
N PHE J 31 -0.50 -38.22 34.33
CA PHE J 31 -0.23 -37.42 35.52
C PHE J 31 0.38 -36.09 35.11
N GLY J 32 0.40 -35.16 36.05
CA GLY J 32 0.96 -33.85 35.80
C GLY J 32 1.16 -33.09 37.10
N PHE J 33 1.90 -32.00 37.00
CA PHE J 33 2.21 -31.18 38.16
C PHE J 33 1.28 -29.97 38.25
N THR J 34 1.44 -29.22 39.33
CA THR J 34 0.73 -27.96 39.52
C THR J 34 1.51 -27.13 40.53
N PHE J 35 1.78 -25.87 40.17
CA PHE J 35 2.64 -25.00 40.95
C PHE J 35 1.85 -23.80 41.45
N LYS J 36 2.17 -23.35 42.67
CA LYS J 36 1.55 -22.17 43.25
C LYS J 36 2.55 -21.49 44.17
N VAL J 37 2.32 -20.21 44.41
CA VAL J 37 3.21 -19.38 45.22
C VAL J 37 2.39 -18.81 46.38
N ILE J 38 3.10 -18.46 47.45
CA ILE J 38 2.47 -17.91 48.65
C ILE J 38 3.07 -16.58 49.09
N GLU J 39 4.06 -16.05 48.36
CA GLU J 39 4.67 -14.78 48.72
C GLU J 39 5.39 -14.22 47.50
N GLU J 40 5.75 -12.94 47.58
CA GLU J 40 6.51 -12.31 46.51
C GLU J 40 7.88 -12.96 46.41
N LEU J 41 8.34 -13.20 45.18
CA LEU J 41 9.61 -13.86 44.94
C LEU J 41 10.73 -12.85 44.74
N THR J 42 11.94 -13.25 45.10
CA THR J 42 13.13 -12.42 44.91
C THR J 42 13.89 -12.76 43.64
N ALA J 43 13.73 -13.97 43.12
CA ALA J 43 14.41 -14.37 41.89
C ALA J 43 13.81 -15.69 41.43
N ASP J 44 14.20 -16.10 40.24
CA ASP J 44 13.70 -17.35 39.68
C ASP J 44 14.18 -18.53 40.53
N VAL J 45 13.35 -19.57 40.60
CA VAL J 45 13.64 -20.77 41.35
C VAL J 45 13.52 -21.96 40.42
N PRO J 46 14.62 -22.65 40.09
CA PRO J 46 14.53 -23.85 39.26
C PRO J 46 14.38 -25.12 40.07
N PHE J 47 13.84 -26.14 39.41
CA PHE J 47 13.59 -27.44 40.03
C PHE J 47 14.18 -28.56 39.19
N ASN J 48 14.45 -29.68 39.83
CA ASN J 48 14.94 -30.88 39.18
C ASN J 48 13.91 -31.99 39.33
N ILE J 49 13.79 -32.82 38.29
CA ILE J 49 12.83 -33.92 38.27
C ILE J 49 13.61 -35.23 38.36
N PHE J 50 13.21 -36.08 39.31
CA PHE J 50 13.84 -37.37 39.51
C PHE J 50 12.80 -38.47 39.34
N TYR J 51 13.28 -39.70 39.18
CA TYR J 51 12.43 -40.88 39.22
C TYR J 51 13.14 -41.99 39.99
N HIS J 52 12.34 -42.87 40.59
CA HIS J 52 12.86 -43.98 41.37
C HIS J 52 12.34 -45.29 40.79
N GLU J 53 12.76 -46.39 41.40
CA GLU J 53 12.29 -47.72 41.02
C GLU J 53 12.30 -48.60 42.26
N ALA J 54 11.74 -49.79 42.11
CA ALA J 54 11.53 -50.69 43.25
C ALA J 54 12.84 -50.94 43.97
N SER J 55 12.81 -50.82 45.30
CA SER J 55 13.99 -51.10 46.10
C SER J 55 14.25 -52.60 46.16
N GLU J 56 15.49 -52.95 46.54
CA GLU J 56 15.88 -54.35 46.59
C GLU J 56 15.22 -55.07 47.78
N ALA J 57 15.22 -54.44 48.95
CA ALA J 57 14.72 -55.09 50.14
C ALA J 57 13.21 -55.25 50.16
N ASP J 58 12.49 -54.49 49.35
CA ASP J 58 11.04 -54.58 49.33
C ASP J 58 10.50 -54.00 48.02
N PRO J 59 9.55 -54.68 47.37
CA PRO J 59 9.04 -54.17 46.09
C PRO J 59 8.08 -52.99 46.22
N CYS J 60 7.86 -52.45 47.42
CA CYS J 60 6.93 -51.35 47.62
C CYS J 60 7.60 -50.15 48.28
N VAL J 61 8.91 -50.00 48.14
CA VAL J 61 9.63 -48.85 48.66
C VAL J 61 10.55 -48.34 47.57
N PRO J 62 10.63 -47.04 47.31
CA PRO J 62 11.46 -46.53 46.23
C PRO J 62 12.94 -46.59 46.56
N GLY J 63 13.76 -46.69 45.52
CA GLY J 63 15.19 -46.75 45.67
C GLY J 63 15.82 -45.37 45.63
N PRO J 64 17.09 -45.29 45.27
CA PRO J 64 17.75 -43.99 45.15
C PRO J 64 17.25 -43.20 43.96
N ALA J 65 17.43 -41.88 44.03
CA ALA J 65 16.90 -40.99 43.02
C ALA J 65 17.71 -41.08 41.73
N ILE J 66 17.01 -41.17 40.61
CA ILE J 66 17.63 -41.19 39.28
C ILE J 66 17.11 -39.99 38.51
N ARG J 67 18.04 -39.18 38.00
CA ARG J 67 17.66 -37.96 37.29
C ARG J 67 16.98 -38.30 35.98
N VAL J 68 15.93 -37.57 35.64
CA VAL J 68 15.14 -37.87 34.45
C VAL J 68 15.92 -37.44 33.21
N PRO J 69 15.82 -38.15 32.09
CA PRO J 69 16.47 -37.70 30.86
C PRO J 69 15.55 -36.82 30.02
N ASP J 70 16.18 -36.00 29.17
CA ASP J 70 15.44 -35.08 28.32
C ASP J 70 14.89 -35.81 27.10
N VAL J 71 13.87 -35.23 26.49
CA VAL J 71 13.25 -35.77 25.28
C VAL J 71 12.93 -34.62 24.33
N PRO J 72 13.81 -34.32 23.37
CA PRO J 72 13.51 -33.23 22.42
C PRO J 72 12.22 -33.48 21.67
N PHE J 73 11.48 -32.40 21.41
CA PHE J 73 10.17 -32.49 20.80
C PHE J 73 10.28 -32.60 19.28
N CYS J 74 9.12 -32.51 18.61
CA CYS J 74 9.06 -32.60 17.16
C CYS J 74 10.24 -31.91 16.49
N ASP J 75 10.45 -30.65 16.83
CA ASP J 75 11.61 -29.90 16.36
C ASP J 75 11.80 -28.70 17.26
N GLY J 76 12.96 -28.59 17.87
CA GLY J 76 13.22 -27.51 18.80
C GLY J 76 14.48 -27.74 19.58
N VAL J 77 14.78 -26.77 20.45
CA VAL J 77 16.02 -26.81 21.22
C VAL J 77 15.98 -27.97 22.21
N ALA J 78 17.17 -28.37 22.64
CA ALA J 78 17.35 -29.38 23.67
C ALA J 78 18.18 -28.78 24.81
N THR J 79 17.98 -29.31 26.00
CA THR J 79 18.64 -28.76 27.18
C THR J 79 20.15 -28.90 27.06
N ALA J 80 20.87 -27.96 27.68
CA ALA J 80 22.33 -27.93 27.57
C ALA J 80 22.99 -29.17 28.16
N ASP J 81 22.33 -29.84 29.12
CA ASP J 81 22.88 -31.02 29.76
C ASP J 81 22.05 -32.27 29.50
N GLY J 82 20.99 -32.18 28.71
CA GLY J 82 20.20 -33.34 28.40
C GLY J 82 19.31 -33.84 29.52
N LEU J 83 19.00 -32.99 30.49
CA LEU J 83 18.18 -33.35 31.63
C LEU J 83 17.03 -32.37 31.77
N ALA J 84 15.86 -32.89 32.14
CA ALA J 84 14.67 -32.06 32.27
C ALA J 84 14.74 -31.19 33.51
N THR J 85 14.21 -29.98 33.40
CA THR J 85 14.14 -29.05 34.52
C THR J 85 12.93 -28.13 34.32
N VAL J 86 12.53 -27.49 35.41
CA VAL J 86 11.43 -26.52 35.39
C VAL J 86 11.90 -25.26 36.09
N VAL J 87 11.67 -24.11 35.46
CA VAL J 87 12.07 -22.81 35.98
C VAL J 87 10.80 -22.00 36.21
N ILE J 88 10.60 -21.57 37.44
CA ILE J 88 9.42 -20.78 37.82
C ILE J 88 9.77 -19.30 37.61
N PRO J 89 9.04 -18.58 36.77
CA PRO J 89 9.40 -17.18 36.50
C PRO J 89 9.20 -16.29 37.73
N GLU J 90 10.01 -15.23 37.79
CA GLU J 90 9.92 -14.28 38.90
C GLU J 90 8.60 -13.53 38.88
N ALA J 91 8.05 -13.26 37.70
CA ALA J 91 6.86 -12.42 37.59
C ALA J 91 5.59 -13.12 38.07
N VAL J 92 5.68 -14.39 38.44
CA VAL J 92 4.48 -15.13 38.83
C VAL J 92 3.75 -14.39 39.94
N ALA J 93 2.44 -14.27 39.81
CA ALA J 93 1.62 -13.62 40.82
C ALA J 93 1.19 -14.62 41.87
N VAL J 94 0.80 -14.10 43.05
CA VAL J 94 0.40 -14.98 44.14
C VAL J 94 -0.90 -15.70 43.80
N ASP J 95 -1.82 -15.02 43.14
CA ASP J 95 -3.13 -15.60 42.80
C ASP J 95 -3.13 -16.23 41.41
N SER J 96 -2.23 -17.16 41.16
CA SER J 96 -2.18 -17.87 39.89
C SER J 96 -1.54 -19.25 40.10
N PHE J 97 -1.80 -20.15 39.15
CA PHE J 97 -1.25 -21.49 39.20
C PHE J 97 -0.67 -21.84 37.84
N CYS J 98 0.35 -22.71 37.86
CA CYS J 98 1.07 -23.12 36.67
C CYS J 98 1.02 -24.64 36.56
N ALA J 99 0.92 -25.14 35.33
CA ALA J 99 0.77 -26.57 35.09
C ALA J 99 1.74 -27.02 34.02
N GLY J 100 2.40 -28.16 34.24
CA GLY J 100 3.29 -28.73 33.25
C GLY J 100 3.65 -30.15 33.63
N SER J 101 3.92 -30.98 32.62
CA SER J 101 4.21 -32.39 32.85
C SER J 101 5.24 -32.86 31.84
N VAL J 102 5.94 -33.94 32.21
CA VAL J 102 7.01 -34.50 31.39
C VAL J 102 6.40 -35.43 30.34
N PRO J 103 7.06 -35.67 29.20
CA PRO J 103 6.44 -36.50 28.15
C PRO J 103 6.61 -37.99 28.38
N CYS J 104 7.51 -38.43 29.26
CA CYS J 104 7.86 -39.84 29.37
C CYS J 104 7.73 -40.29 30.82
N PHE J 105 7.54 -41.60 30.99
CA PHE J 105 7.27 -42.15 32.31
C PHE J 105 8.54 -42.49 33.07
N ASN J 106 9.37 -43.35 32.50
CA ASN J 106 10.54 -43.90 33.21
C ASN J 106 10.03 -44.71 34.40
N GLY J 107 10.78 -44.69 35.51
CA GLY J 107 10.46 -45.50 36.66
C GLY J 107 9.03 -45.32 37.15
N PRO J 108 8.56 -46.22 38.01
CA PRO J 108 7.19 -46.13 38.51
C PRO J 108 6.99 -45.12 39.65
N TRP J 109 8.03 -44.42 40.06
CA TRP J 109 7.92 -43.36 41.06
C TRP J 109 8.54 -42.09 40.51
N ILE J 110 8.09 -40.95 41.04
CA ILE J 110 8.59 -39.64 40.61
C ILE J 110 8.82 -38.77 41.83
N SER J 111 9.66 -37.75 41.65
CA SER J 111 10.01 -36.84 42.72
C SER J 111 10.45 -35.52 42.13
N ILE J 112 10.53 -34.49 42.98
CA ILE J 112 10.94 -33.16 42.56
C ILE J 112 11.51 -32.44 43.77
N ALA J 113 12.50 -31.59 43.54
CA ALA J 113 13.14 -30.82 44.59
C ALA J 113 13.82 -29.61 43.97
N PRO J 114 14.03 -28.54 44.73
CA PRO J 114 14.69 -27.36 44.17
C PRO J 114 16.18 -27.61 43.99
N VAL J 115 16.78 -26.80 43.11
CA VAL J 115 18.22 -26.93 42.87
C VAL J 115 19.00 -26.51 44.11
N THR J 116 18.53 -25.52 44.85
CA THR J 116 19.20 -25.06 46.05
C THR J 116 18.15 -24.64 47.06
N VAL J 117 18.24 -25.17 48.28
CA VAL J 117 17.29 -24.84 49.33
C VAL J 117 17.71 -23.54 50.00
N ASN J 118 16.80 -22.57 50.03
CA ASN J 118 17.06 -21.29 50.67
C ASN J 118 15.71 -20.66 51.04
N ALA J 119 15.76 -19.41 51.51
CA ALA J 119 14.55 -18.73 51.92
C ALA J 119 13.57 -18.53 50.77
N ASP J 120 14.06 -18.52 49.52
CA ASP J 120 13.20 -18.27 48.37
C ASP J 120 12.53 -19.55 47.88
N SER J 121 13.17 -20.71 48.09
CA SER J 121 12.58 -21.96 47.63
C SER J 121 11.44 -22.43 48.52
N ALA J 122 11.27 -21.82 49.70
CA ALA J 122 10.19 -22.21 50.59
C ALA J 122 8.87 -21.54 50.23
N LYS J 123 8.87 -20.63 49.25
CA LYS J 123 7.68 -19.89 48.88
C LYS J 123 6.88 -20.55 47.77
N VAL J 124 7.16 -21.80 47.43
CA VAL J 124 6.49 -22.48 46.33
C VAL J 124 5.86 -23.76 46.87
N GLN J 125 4.82 -24.21 46.18
CA GLN J 125 4.12 -25.44 46.53
C GLN J 125 3.84 -26.22 45.24
N VAL J 126 4.20 -27.50 45.25
CA VAL J 126 4.07 -28.35 44.06
C VAL J 126 3.20 -29.53 44.42
N THR J 127 2.22 -29.83 43.57
CA THR J 127 1.30 -30.92 43.78
C THR J 127 1.15 -31.71 42.48
N VAL J 128 1.01 -33.03 42.60
CA VAL J 128 0.91 -33.92 41.46
C VAL J 128 -0.51 -34.44 41.36
N THR J 129 -1.06 -34.46 40.15
CA THR J 129 -2.40 -34.95 39.89
C THR J 129 -2.33 -36.19 39.01
N MET J 130 -3.22 -37.15 39.27
CA MET J 130 -3.28 -38.38 38.51
C MET J 130 -4.51 -38.38 37.61
N LYS J 131 -4.67 -39.48 36.87
CA LYS J 131 -5.85 -39.69 36.04
C LYS J 131 -5.80 -41.09 35.47
N GLY J 132 -6.97 -41.67 35.26
CA GLY J 132 -7.07 -42.96 34.59
C GLY J 132 -6.42 -44.09 35.35
N ALA J 133 -7.01 -44.48 36.48
CA ALA J 133 -6.52 -45.65 37.21
C ALA J 133 -6.64 -46.89 36.35
N THR J 134 -5.66 -47.80 36.49
CA THR J 134 -5.59 -49.00 35.66
C THR J 134 -5.70 -50.27 36.49
N ARG J 135 -6.35 -50.21 37.65
CA ARG J 135 -6.53 -51.39 38.49
C ARG J 135 -7.91 -51.39 39.13
N MET K 1 -76.86 7.08 56.78
CA MET K 1 -77.47 6.14 57.76
C MET K 1 -76.50 5.81 58.88
N ASN K 2 -77.03 5.62 60.08
CA ASN K 2 -76.25 5.17 61.22
C ASN K 2 -77.05 4.07 61.91
N PHE K 3 -76.35 3.00 62.32
CA PHE K 3 -77.03 1.75 62.62
C PHE K 3 -76.93 1.33 64.09
N ASN K 4 -76.32 2.14 64.95
CA ASN K 4 -76.19 1.78 66.36
C ASN K 4 -75.57 0.41 66.49
N VAL K 5 -74.37 0.25 65.92
CA VAL K 5 -73.77 -1.07 65.78
C VAL K 5 -73.48 -1.72 67.12
N GLY K 6 -73.43 -0.93 68.20
CA GLY K 6 -73.18 -1.49 69.51
C GLY K 6 -74.20 -2.52 69.95
N VAL K 7 -75.36 -2.56 69.31
CA VAL K 7 -76.35 -3.59 69.62
C VAL K 7 -75.82 -4.97 69.24
N ASP K 8 -75.17 -5.08 68.08
CA ASP K 8 -74.75 -6.36 67.55
C ASP K 8 -73.27 -6.65 67.78
N PHE K 9 -72.44 -5.62 67.88
CA PHE K 9 -70.98 -5.80 67.99
C PHE K 9 -70.45 -5.00 69.17
N PRO K 10 -70.84 -5.39 70.39
CA PRO K 10 -70.36 -4.66 71.57
C PRO K 10 -68.86 -4.77 71.75
N SER K 11 -68.28 -3.75 72.37
CA SER K 11 -66.86 -3.71 72.68
C SER K 11 -66.68 -3.41 74.15
N PHE K 12 -65.73 -4.10 74.79
CA PHE K 12 -65.50 -3.95 76.21
C PHE K 12 -64.02 -3.70 76.47
N ILE K 13 -63.75 -2.85 77.45
CA ILE K 13 -62.37 -2.51 77.79
C ILE K 13 -61.68 -3.72 78.40
N ALA K 14 -60.42 -3.93 78.06
CA ALA K 14 -59.62 -5.03 78.59
C ALA K 14 -58.39 -4.56 79.35
N TRP K 15 -57.72 -3.50 78.89
CA TRP K 15 -56.55 -2.96 79.55
C TRP K 15 -56.50 -1.46 79.30
N ASP K 16 -56.47 -0.67 80.38
CA ASP K 16 -56.47 0.78 80.28
C ASP K 16 -55.19 1.41 80.82
N GLY K 17 -54.10 0.64 80.92
CA GLY K 17 -52.83 1.17 81.35
C GLY K 17 -52.56 1.07 82.83
N THR K 18 -53.58 0.81 83.65
CA THR K 18 -53.38 0.69 85.09
C THR K 18 -54.00 -0.58 85.64
N THR K 19 -55.08 -1.05 85.02
CA THR K 19 -55.81 -2.21 85.50
C THR K 19 -56.27 -3.06 84.32
N SER K 20 -56.40 -4.36 84.56
CA SER K 20 -56.93 -5.30 83.59
C SER K 20 -58.26 -5.85 84.09
N PHE K 21 -59.26 -5.84 83.21
CA PHE K 21 -60.61 -6.24 83.58
C PHE K 21 -60.98 -7.53 82.88
N PRO K 22 -61.40 -8.57 83.61
CA PRO K 22 -61.87 -9.79 82.92
C PRO K 22 -63.04 -9.46 82.01
N VAL K 23 -63.05 -10.08 80.83
CA VAL K 23 -64.06 -9.82 79.82
C VAL K 23 -64.85 -11.11 79.61
N LYS K 24 -66.13 -11.07 79.98
CA LYS K 24 -66.98 -12.26 79.92
C LYS K 24 -67.39 -12.53 78.47
N ILE K 25 -66.86 -13.60 77.89
CA ILE K 25 -67.28 -14.03 76.58
C ILE K 25 -68.53 -14.89 76.66
N ASP K 26 -68.43 -16.06 77.31
CA ASP K 26 -69.54 -16.95 77.56
C ASP K 26 -70.57 -16.96 76.42
N GLY K 27 -71.44 -15.96 76.38
CA GLY K 27 -72.57 -15.95 75.48
C GLY K 27 -72.28 -15.53 74.06
N PHE K 28 -71.05 -15.11 73.76
CA PHE K 28 -70.68 -14.68 72.42
C PHE K 28 -69.74 -15.71 71.80
N ASN K 29 -70.04 -16.09 70.56
CA ASN K 29 -69.35 -17.20 69.91
C ASN K 29 -68.10 -16.78 69.14
N GLN K 30 -67.82 -15.49 69.00
CA GLN K 30 -66.60 -15.03 68.37
C GLN K 30 -66.15 -13.74 69.02
N PHE K 31 -64.86 -13.44 68.91
CA PHE K 31 -64.30 -12.27 69.58
C PHE K 31 -62.90 -12.01 69.05
N GLY K 32 -62.26 -10.98 69.59
CA GLY K 32 -60.90 -10.63 69.21
C GLY K 32 -60.45 -9.37 69.92
N PHE K 33 -59.14 -9.14 69.85
CA PHE K 33 -58.54 -7.98 70.51
C PHE K 33 -58.32 -6.85 69.50
N THR K 34 -57.96 -5.68 70.04
CA THR K 34 -57.59 -4.52 69.25
C THR K 34 -56.69 -3.63 70.09
N PHE K 35 -55.54 -3.27 69.54
CA PHE K 35 -54.52 -2.51 70.25
C PHE K 35 -54.38 -1.11 69.67
N LYS K 36 -53.99 -0.16 70.52
CA LYS K 36 -53.72 1.20 70.08
C LYS K 36 -52.72 1.84 71.04
N VAL K 37 -52.08 2.89 70.57
CA VAL K 37 -51.07 3.62 71.34
C VAL K 37 -51.53 5.05 71.52
N ILE K 38 -51.01 5.70 72.57
CA ILE K 38 -51.27 7.11 72.80
C ILE K 38 -50.01 7.95 72.87
N GLU K 39 -48.84 7.34 73.09
CA GLU K 39 -47.57 8.07 73.07
C GLU K 39 -46.48 7.11 72.63
N GLU K 40 -45.39 7.69 72.13
CA GLU K 40 -44.34 6.89 71.52
C GLU K 40 -43.74 5.91 72.52
N LEU K 41 -43.48 4.69 72.04
CA LEU K 41 -42.93 3.65 72.90
C LEU K 41 -41.41 3.77 72.99
N THR K 42 -40.89 3.66 74.21
CA THR K 42 -39.44 3.67 74.40
C THR K 42 -38.81 2.33 74.02
N ALA K 43 -39.52 1.22 74.25
CA ALA K 43 -38.99 -0.10 73.98
C ALA K 43 -40.15 -1.05 73.74
N ASP K 44 -39.84 -2.19 73.13
CA ASP K 44 -40.85 -3.20 72.85
C ASP K 44 -41.45 -3.70 74.16
N VAL K 45 -42.76 -3.94 74.17
CA VAL K 45 -43.49 -4.36 75.35
C VAL K 45 -44.36 -5.56 75.01
N PRO K 46 -44.13 -6.73 75.62
CA PRO K 46 -45.00 -7.88 75.35
C PRO K 46 -46.16 -8.01 76.33
N PHE K 47 -47.17 -8.79 75.97
CA PHE K 47 -48.35 -8.99 76.79
C PHE K 47 -48.64 -10.48 76.97
N ASN K 48 -49.14 -10.85 78.13
CA ASN K 48 -49.59 -12.20 78.40
C ASN K 48 -51.11 -12.29 78.27
N ILE K 49 -51.59 -13.49 77.95
CA ILE K 49 -53.01 -13.75 77.79
C ILE K 49 -53.42 -14.82 78.79
N PHE K 50 -54.48 -14.56 79.54
CA PHE K 50 -54.97 -15.45 80.58
C PHE K 50 -56.39 -15.88 80.27
N TYR K 51 -56.94 -16.72 81.14
CA TYR K 51 -58.34 -17.09 81.10
C TYR K 51 -58.79 -17.50 82.51
N HIS K 52 -60.09 -17.44 82.74
CA HIS K 52 -60.68 -17.83 84.00
C HIS K 52 -61.84 -18.78 83.75
N GLU K 53 -62.37 -19.34 84.83
CA GLU K 53 -63.56 -20.18 84.79
C GLU K 53 -64.42 -19.87 86.00
N ALA K 54 -65.69 -20.25 85.91
CA ALA K 54 -66.66 -19.88 86.94
C ALA K 54 -66.21 -20.39 88.30
N SER K 55 -66.38 -19.54 89.32
CA SER K 55 -66.01 -19.91 90.68
C SER K 55 -67.02 -20.88 91.26
N GLU K 56 -66.64 -21.50 92.38
CA GLU K 56 -67.51 -22.47 93.03
C GLU K 56 -68.67 -21.82 93.76
N ALA K 57 -68.50 -20.61 94.26
CA ALA K 57 -69.54 -19.95 95.04
C ALA K 57 -70.60 -19.29 94.18
N ASP K 58 -70.26 -18.89 92.96
CA ASP K 58 -71.20 -18.19 92.10
C ASP K 58 -70.88 -18.47 90.63
N PRO K 59 -71.83 -18.98 89.84
CA PRO K 59 -71.53 -19.27 88.43
C PRO K 59 -71.31 -18.03 87.57
N CYS K 60 -71.57 -16.82 88.10
CA CYS K 60 -71.43 -15.60 87.33
C CYS K 60 -70.23 -14.77 87.76
N VAL K 61 -69.32 -15.34 88.54
CA VAL K 61 -68.11 -14.62 88.98
C VAL K 61 -66.89 -15.49 88.67
N PRO K 62 -65.91 -14.99 87.94
CA PRO K 62 -64.78 -15.82 87.55
C PRO K 62 -63.81 -16.10 88.69
N GLY K 63 -63.04 -17.17 88.54
CA GLY K 63 -62.07 -17.56 89.52
C GLY K 63 -60.68 -17.02 89.21
N PRO K 64 -59.64 -17.69 89.69
CA PRO K 64 -58.29 -17.18 89.48
C PRO K 64 -57.84 -17.30 88.03
N ALA K 65 -56.88 -16.46 87.66
CA ALA K 65 -56.37 -16.43 86.30
C ALA K 65 -55.52 -17.67 86.01
N ILE K 66 -55.60 -18.15 84.77
CA ILE K 66 -54.83 -19.30 84.33
C ILE K 66 -54.22 -18.96 82.97
N ARG K 67 -52.97 -19.36 82.77
CA ARG K 67 -52.24 -19.04 81.54
C ARG K 67 -52.83 -19.81 80.36
N VAL K 68 -52.81 -19.19 79.20
CA VAL K 68 -53.40 -19.81 78.00
C VAL K 68 -52.37 -20.73 77.34
N PRO K 69 -52.75 -21.92 76.89
CA PRO K 69 -51.79 -22.77 76.18
C PRO K 69 -51.71 -22.42 74.70
N ASP K 70 -50.51 -22.56 74.14
CA ASP K 70 -50.32 -22.31 72.72
C ASP K 70 -50.93 -23.44 71.89
N VAL K 71 -51.13 -23.16 70.60
CA VAL K 71 -51.67 -24.16 69.67
C VAL K 71 -51.01 -23.97 68.31
N PRO K 72 -49.99 -24.76 67.98
CA PRO K 72 -49.36 -24.63 66.66
C PRO K 72 -50.36 -24.88 65.54
N PHE K 73 -50.20 -24.12 64.45
CA PHE K 73 -51.09 -24.26 63.31
C PHE K 73 -50.72 -25.49 62.48
N CYS K 74 -51.37 -25.62 61.33
CA CYS K 74 -51.19 -26.80 60.49
C CYS K 74 -49.74 -27.21 60.36
N ASP K 75 -48.89 -26.28 59.92
CA ASP K 75 -47.46 -26.53 59.76
C ASP K 75 -46.69 -25.36 60.33
N GLY K 76 -45.97 -25.61 61.42
CA GLY K 76 -45.26 -24.56 62.11
C GLY K 76 -44.66 -25.11 63.40
N VAL K 77 -44.11 -24.18 64.18
CA VAL K 77 -43.38 -24.52 65.39
C VAL K 77 -43.98 -23.75 66.57
N ALA K 78 -44.08 -24.44 67.69
CA ALA K 78 -44.58 -23.81 68.91
C ALA K 78 -43.54 -22.88 69.50
N THR K 79 -44.01 -21.92 70.30
CA THR K 79 -43.09 -21.05 71.02
C THR K 79 -42.39 -21.83 72.13
N ALA K 80 -41.27 -21.28 72.59
CA ALA K 80 -40.43 -22.01 73.54
C ALA K 80 -41.18 -22.32 74.83
N ASP K 81 -41.86 -21.33 75.42
CA ASP K 81 -42.53 -21.54 76.68
C ASP K 81 -43.80 -22.39 76.54
N GLY K 82 -44.32 -22.56 75.33
CA GLY K 82 -45.55 -23.29 75.15
C GLY K 82 -46.80 -22.53 75.57
N LEU K 83 -46.74 -21.20 75.64
CA LEU K 83 -47.85 -20.38 76.08
C LEU K 83 -48.06 -19.23 75.12
N ALA K 84 -49.30 -18.73 75.07
CA ALA K 84 -49.64 -17.66 74.14
C ALA K 84 -49.05 -16.33 74.60
N THR K 85 -48.76 -15.46 73.63
CA THR K 85 -48.20 -14.15 73.91
C THR K 85 -48.34 -13.28 72.67
N VAL K 86 -48.20 -11.98 72.88
CA VAL K 86 -48.22 -11.00 71.79
C VAL K 86 -47.21 -9.91 72.10
N VAL K 87 -46.54 -9.42 71.06
CA VAL K 87 -45.48 -8.44 71.18
C VAL K 87 -45.82 -7.23 70.33
N ILE K 88 -45.68 -6.04 70.91
CA ILE K 88 -45.96 -4.78 70.22
C ILE K 88 -44.62 -4.13 69.86
N PRO K 89 -44.27 -4.03 68.58
CA PRO K 89 -42.98 -3.45 68.22
C PRO K 89 -42.98 -1.94 68.32
N GLU K 90 -41.76 -1.37 68.34
CA GLU K 90 -41.62 0.07 68.42
C GLU K 90 -42.06 0.79 67.15
N ALA K 91 -42.12 0.09 66.03
CA ALA K 91 -42.41 0.74 64.76
C ALA K 91 -43.84 1.26 64.68
N VAL K 92 -44.72 0.84 65.58
CA VAL K 92 -46.12 1.25 65.52
C VAL K 92 -46.21 2.75 65.78
N ALA K 93 -46.91 3.46 64.91
CA ALA K 93 -47.14 4.88 65.11
C ALA K 93 -48.39 5.10 65.96
N VAL K 94 -48.53 6.33 66.45
CA VAL K 94 -49.66 6.66 67.31
C VAL K 94 -50.98 6.49 66.56
N ASP K 95 -51.01 6.95 65.30
CA ASP K 95 -52.24 6.90 64.51
C ASP K 95 -52.37 5.57 63.79
N SER K 96 -52.36 4.46 64.52
CA SER K 96 -52.56 3.15 63.93
C SER K 96 -53.08 2.20 64.99
N PHE K 97 -53.67 1.10 64.53
CA PHE K 97 -54.24 0.09 65.41
C PHE K 97 -53.85 -1.30 64.91
N CYS K 98 -53.84 -2.26 65.84
CA CYS K 98 -53.46 -3.63 65.54
C CYS K 98 -54.58 -4.57 65.95
N ALA K 99 -54.74 -5.67 65.21
CA ALA K 99 -55.82 -6.62 65.43
C ALA K 99 -55.26 -8.04 65.53
N GLY K 100 -55.78 -8.82 66.46
CA GLY K 100 -55.39 -10.20 66.61
C GLY K 100 -56.25 -10.90 67.64
N SER K 101 -56.30 -12.23 67.52
CA SER K 101 -57.11 -13.03 68.43
C SER K 101 -56.51 -14.43 68.54
N VAL K 102 -56.88 -15.12 69.62
CA VAL K 102 -56.38 -16.48 69.88
C VAL K 102 -57.26 -17.48 69.13
N PRO K 103 -56.74 -18.68 68.81
CA PRO K 103 -57.54 -19.63 68.03
C PRO K 103 -58.53 -20.45 68.84
N CYS K 104 -58.36 -20.56 70.16
CA CYS K 104 -59.20 -21.42 70.98
C CYS K 104 -59.75 -20.62 72.16
N PHE K 105 -60.87 -21.10 72.69
CA PHE K 105 -61.61 -20.37 73.71
C PHE K 105 -61.16 -20.69 75.13
N ASN K 106 -61.02 -21.96 75.47
CA ASN K 106 -60.76 -22.35 76.86
C ASN K 106 -61.87 -21.81 77.76
N GLY K 107 -61.50 -21.17 78.87
CA GLY K 107 -62.48 -20.70 79.84
C GLY K 107 -63.36 -19.60 79.28
N PRO K 108 -64.55 -19.44 79.87
CA PRO K 108 -65.48 -18.40 79.39
C PRO K 108 -64.99 -16.97 79.58
N TRP K 109 -64.07 -16.73 80.51
CA TRP K 109 -63.54 -15.39 80.76
C TRP K 109 -62.14 -15.27 80.16
N ILE K 110 -61.78 -14.06 79.74
CA ILE K 110 -60.48 -13.76 79.18
C ILE K 110 -59.94 -12.49 79.81
N SER K 111 -58.61 -12.38 79.84
CA SER K 111 -57.94 -11.20 80.37
C SER K 111 -56.59 -11.08 79.70
N ILE K 112 -56.07 -9.85 79.67
CA ILE K 112 -54.77 -9.55 79.10
C ILE K 112 -54.05 -8.56 80.00
N ALA K 113 -52.78 -8.80 80.27
CA ALA K 113 -51.99 -7.96 81.13
C ALA K 113 -50.56 -7.93 80.62
N PRO K 114 -49.81 -6.86 80.89
CA PRO K 114 -48.41 -6.82 80.45
C PRO K 114 -47.55 -7.78 81.25
N VAL K 115 -46.43 -8.20 80.63
CA VAL K 115 -45.50 -9.08 81.32
C VAL K 115 -44.97 -8.40 82.58
N THR K 116 -44.59 -7.13 82.47
CA THR K 116 -44.14 -6.36 83.62
C THR K 116 -44.75 -4.96 83.55
N VAL K 117 -45.11 -4.44 84.71
CA VAL K 117 -45.67 -3.08 84.79
C VAL K 117 -44.51 -2.09 84.77
N ASN K 118 -44.55 -1.18 83.80
CA ASN K 118 -43.49 -0.19 83.65
C ASN K 118 -44.07 1.05 82.97
N ALA K 119 -43.19 2.01 82.70
CA ALA K 119 -43.63 3.27 82.11
C ALA K 119 -44.24 3.04 80.74
N ASP K 120 -43.61 2.22 79.90
CA ASP K 120 -44.10 2.02 78.55
C ASP K 120 -45.41 1.26 78.52
N SER K 121 -45.68 0.44 79.54
CA SER K 121 -46.92 -0.31 79.57
C SER K 121 -48.14 0.60 79.66
N ALA K 122 -47.98 1.78 80.27
CA ALA K 122 -49.08 2.71 80.44
C ALA K 122 -49.49 3.38 79.13
N LYS K 123 -48.73 3.20 78.05
CA LYS K 123 -48.98 3.90 76.81
C LYS K 123 -49.80 3.09 75.80
N VAL K 124 -50.35 1.95 76.20
CA VAL K 124 -51.10 1.10 75.29
C VAL K 124 -52.51 0.92 75.83
N GLN K 125 -53.45 0.68 74.91
CA GLN K 125 -54.84 0.45 75.25
C GLN K 125 -55.37 -0.74 74.47
N VAL K 126 -56.13 -1.60 75.13
CA VAL K 126 -56.65 -2.82 74.54
C VAL K 126 -58.15 -2.89 74.79
N THR K 127 -58.89 -3.37 73.79
CA THR K 127 -60.31 -3.59 73.91
C THR K 127 -60.68 -4.85 73.14
N VAL K 128 -61.80 -5.46 73.51
CA VAL K 128 -62.25 -6.73 72.96
C VAL K 128 -63.59 -6.51 72.28
N THR K 129 -63.69 -6.94 71.03
CA THR K 129 -64.92 -6.82 70.24
C THR K 129 -65.51 -8.20 70.02
N MET K 130 -66.83 -8.30 70.05
CA MET K 130 -67.53 -9.57 70.01
C MET K 130 -68.54 -9.58 68.88
N LYS K 131 -68.41 -10.57 67.98
CA LYS K 131 -69.08 -10.53 66.68
C LYS K 131 -70.32 -11.40 66.60
N GLY K 132 -70.75 -12.03 67.69
CA GLY K 132 -71.93 -12.86 67.61
C GLY K 132 -72.53 -13.22 68.94
N ALA K 133 -73.84 -13.04 69.07
CA ALA K 133 -74.55 -13.43 70.28
C ALA K 133 -75.44 -14.62 70.01
N THR K 134 -75.45 -15.57 70.94
CA THR K 134 -76.19 -16.81 70.80
C THR K 134 -77.30 -16.96 71.83
N ARG K 135 -77.67 -15.90 72.53
CA ARG K 135 -78.75 -15.96 73.50
C ARG K 135 -79.85 -14.97 73.14
N PHE L 165 1.39 -28.04 19.07
CA PHE L 165 0.39 -28.58 20.03
C PHE L 165 0.66 -30.04 20.36
N GLU L 166 1.72 -30.28 21.12
CA GLU L 166 2.07 -31.63 21.55
C GLU L 166 1.11 -32.08 22.65
N ALA L 167 0.77 -33.36 22.65
CA ALA L 167 -0.19 -33.88 23.63
C ALA L 167 0.29 -33.67 25.05
N SER L 168 1.60 -33.50 25.26
CA SER L 168 2.13 -33.36 26.60
C SER L 168 1.99 -31.95 27.16
N THR L 169 1.50 -30.99 26.37
CA THR L 169 1.37 -29.62 26.82
C THR L 169 -0.08 -29.11 26.91
N ILE L 170 -1.04 -29.82 26.35
CA ILE L 170 -2.42 -29.40 26.36
C ILE L 170 -3.22 -30.30 27.29
N GLY L 171 -4.46 -29.89 27.57
CA GLY L 171 -5.28 -30.55 28.55
C GLY L 171 -5.90 -31.84 28.04
N PRO L 172 -6.32 -32.72 28.95
CA PRO L 172 -6.91 -33.99 28.52
C PRO L 172 -8.20 -33.86 27.73
N ALA L 173 -8.89 -32.72 27.83
CA ALA L 173 -10.22 -32.60 27.26
C ALA L 173 -10.24 -32.82 25.76
N PHE L 174 -9.10 -32.70 25.08
CA PHE L 174 -9.09 -32.78 23.62
C PHE L 174 -9.08 -34.22 23.12
N PHE L 175 -8.95 -35.20 24.00
CA PHE L 175 -8.86 -36.61 23.60
C PHE L 175 -9.91 -37.40 24.37
N THR L 176 -10.78 -38.11 23.65
CA THR L 176 -11.82 -38.94 24.25
C THR L 176 -11.45 -40.41 24.10
N PRO L 177 -11.35 -41.18 25.18
CA PRO L 177 -10.94 -42.58 25.05
C PRO L 177 -12.02 -43.48 24.46
N GLN L 178 -11.56 -44.60 23.93
CA GLN L 178 -12.45 -45.59 23.34
C GLN L 178 -13.21 -46.33 24.45
N VAL L 179 -14.52 -46.50 24.27
CA VAL L 179 -15.35 -47.16 25.26
C VAL L 179 -15.50 -48.63 24.88
N LEU L 180 -15.01 -49.51 25.74
CA LEU L 180 -15.06 -50.94 25.50
C LEU L 180 -16.32 -51.56 26.10
N ALA L 181 -16.84 -52.57 25.44
CA ALA L 181 -18.06 -53.25 25.87
C ALA L 181 -17.75 -54.51 26.68
N LEU L 182 -17.04 -54.35 27.79
CA LEU L 182 -16.75 -55.46 28.67
C LEU L 182 -16.69 -54.96 30.11
N GLU L 183 -16.99 -55.87 31.05
CA GLU L 183 -16.93 -55.57 32.47
C GLU L 183 -16.29 -56.72 33.21
N VAL L 184 -15.55 -56.39 34.26
CA VAL L 184 -14.80 -57.35 35.05
C VAL L 184 -15.54 -57.61 36.35
N ASP L 185 -15.67 -58.88 36.73
CA ASP L 185 -16.42 -59.24 37.92
C ASP L 185 -15.83 -60.54 38.47
N CYS L 186 -15.16 -60.45 39.62
CA CYS L 186 -14.52 -61.60 40.25
C CYS L 186 -15.36 -62.24 41.33
N ASN L 187 -16.58 -61.77 41.56
CA ASN L 187 -17.38 -62.27 42.67
C ASN L 187 -17.84 -63.70 42.42
N ILE L 188 -18.09 -64.41 43.52
CA ILE L 188 -18.43 -65.84 43.49
C ILE L 188 -19.59 -66.11 44.44
N GLU L 189 -20.23 -67.25 44.23
CA GLU L 189 -21.36 -67.68 45.05
C GLU L 189 -21.24 -69.18 45.29
N CYS L 190 -21.09 -69.58 46.55
CA CYS L 190 -20.84 -70.98 46.87
C CYS L 190 -22.07 -71.83 46.56
N ALA L 191 -21.82 -73.11 46.30
CA ALA L 191 -22.91 -74.05 46.03
C ALA L 191 -23.74 -74.27 47.28
N SER L 192 -25.04 -74.50 47.08
CA SER L 192 -25.98 -74.58 48.19
C SER L 192 -26.35 -76.03 48.49
N LEU L 193 -26.53 -76.31 49.78
CA LEU L 193 -27.02 -77.60 50.25
C LEU L 193 -28.53 -77.64 50.38
N LEU L 194 -29.23 -76.65 49.83
CA LEU L 194 -30.66 -76.48 50.13
C LEU L 194 -31.48 -77.69 49.72
N ASP L 195 -31.24 -78.25 48.54
CA ASP L 195 -32.07 -79.33 48.03
C ASP L 195 -31.94 -80.61 48.85
N LEU L 196 -30.92 -80.72 49.69
CA LEU L 196 -30.81 -81.89 50.55
C LEU L 196 -31.88 -81.88 51.65
N TYR L 197 -32.17 -80.71 52.20
CA TYR L 197 -33.05 -80.61 53.35
C TYR L 197 -34.49 -80.92 52.98
N GLY L 198 -35.26 -81.32 53.98
CA GLY L 198 -36.68 -81.58 53.75
C GLY L 198 -37.47 -80.30 53.63
N GLN L 199 -38.53 -80.34 52.82
CA GLN L 199 -39.32 -79.16 52.51
C GLN L 199 -40.65 -79.22 53.25
N ILE L 200 -41.04 -78.10 53.87
CA ILE L 200 -42.29 -77.97 54.59
C ILE L 200 -42.94 -76.64 54.21
N GLU L 201 -44.26 -76.64 54.11
CA GLU L 201 -45.03 -75.44 53.78
C GLU L 201 -45.94 -75.09 54.93
N VAL L 202 -45.93 -73.82 55.35
CA VAL L 202 -46.79 -73.32 56.40
C VAL L 202 -47.42 -72.02 55.95
N SER L 203 -48.48 -71.62 56.65
CA SER L 203 -49.16 -70.36 56.36
C SER L 203 -49.39 -69.53 57.62
N ARG L 204 -48.74 -69.85 58.73
CA ARG L 204 -48.85 -69.08 59.95
C ARG L 204 -47.49 -69.02 60.64
N SER L 205 -47.36 -68.07 61.56
CA SER L 205 -46.07 -67.83 62.22
C SER L 205 -45.68 -68.93 63.19
N THR L 206 -46.57 -69.87 63.50
CA THR L 206 -46.25 -70.93 64.45
C THR L 206 -46.89 -72.23 63.96
N PHE L 207 -46.32 -73.35 64.43
CA PHE L 207 -46.77 -74.66 64.02
C PHE L 207 -46.41 -75.67 65.10
N THR L 208 -47.02 -76.85 65.02
CA THR L 208 -46.83 -77.90 66.01
C THR L 208 -46.63 -79.25 65.31
N TYR L 209 -45.92 -80.14 66.00
CA TYR L 209 -45.75 -81.51 65.53
C TYR L 209 -45.41 -82.39 66.73
N MET L 210 -45.54 -83.71 66.53
CA MET L 210 -45.41 -84.68 67.61
C MET L 210 -44.16 -85.55 67.40
N LYS L 211 -43.53 -85.92 68.52
CA LYS L 211 -42.34 -86.76 68.51
C LYS L 211 -42.59 -87.94 69.45
N ILE L 212 -42.37 -89.15 68.94
CA ILE L 212 -42.55 -90.38 69.72
C ILE L 212 -41.18 -90.68 70.34
N ALA L 213 -41.04 -90.34 71.61
CA ALA L 213 -39.73 -90.45 72.26
C ALA L 213 -39.35 -91.89 72.56
N ASP L 214 -40.30 -92.71 73.02
CA ASP L 214 -39.98 -94.06 73.48
C ASP L 214 -41.21 -94.93 73.39
N TYR L 215 -40.99 -96.24 73.29
CA TYR L 215 -42.09 -97.20 73.23
C TYR L 215 -42.30 -97.94 74.55
N GLY L 216 -41.26 -98.05 75.38
CA GLY L 216 -41.39 -98.73 76.65
C GLY L 216 -41.35 -100.23 76.50
N GLN L 217 -41.35 -100.91 77.64
CA GLN L 217 -41.28 -102.37 77.71
C GLN L 217 -42.57 -102.92 78.27
N LEU L 218 -43.02 -104.04 77.71
CA LEU L 218 -44.22 -104.73 78.18
C LEU L 218 -43.99 -106.24 78.11
N GLY L 219 -44.67 -106.97 78.98
CA GLY L 219 -44.63 -108.42 78.93
C GLY L 219 -43.38 -109.02 79.55
N GLU L 220 -43.33 -110.34 79.63
CA GLU L 220 -42.20 -111.03 80.22
C GLU L 220 -42.40 -112.52 80.09
N TYR L 221 -41.32 -113.28 80.26
CA TYR L 221 -41.42 -114.73 80.32
C TYR L 221 -41.65 -115.16 81.77
N THR L 222 -42.74 -115.87 82.01
CA THR L 222 -43.16 -116.24 83.35
C THR L 222 -43.37 -117.75 83.43
N CYS L 223 -43.28 -118.27 84.65
CA CYS L 223 -43.56 -119.68 84.88
C CYS L 223 -45.03 -119.97 84.60
N ASP L 224 -45.31 -121.20 84.15
CA ASP L 224 -46.67 -121.55 83.77
C ASP L 224 -47.54 -121.92 84.97
N ALA L 225 -46.96 -122.02 86.17
CA ALA L 225 -47.75 -122.39 87.34
C ALA L 225 -48.48 -121.20 87.95
N LYS L 226 -48.10 -119.98 87.60
CA LYS L 226 -48.73 -118.79 88.16
C LYS L 226 -50.00 -118.44 87.38
N CYS L 227 -50.97 -117.87 88.10
CA CYS L 227 -52.25 -117.53 87.49
C CYS L 227 -52.37 -116.06 87.10
N ASP L 228 -51.33 -115.25 87.34
CA ASP L 228 -51.40 -113.82 87.12
C ASP L 228 -50.19 -113.37 86.31
N ALA L 229 -50.10 -112.06 86.09
CA ALA L 229 -49.01 -111.45 85.35
C ALA L 229 -48.54 -110.21 86.11
N GLU L 230 -47.66 -109.43 85.49
CA GLU L 230 -47.08 -108.25 86.09
C GLU L 230 -47.15 -107.07 85.14
N PHE L 231 -47.11 -105.87 85.71
CA PHE L 231 -47.21 -104.66 84.91
C PHE L 231 -45.85 -104.26 84.35
N GLY L 232 -45.88 -103.63 83.17
CA GLY L 232 -44.67 -103.16 82.52
C GLY L 232 -44.43 -101.69 82.79
N GLU L 233 -43.84 -101.03 81.80
CA GLU L 233 -43.56 -99.60 81.86
C GLU L 233 -44.12 -98.91 80.63
N PRO L 234 -44.86 -97.80 80.77
CA PRO L 234 -45.45 -97.16 79.61
C PRO L 234 -44.42 -96.41 78.77
N GLY L 235 -44.82 -96.08 77.54
CA GLY L 235 -43.96 -95.38 76.62
C GLY L 235 -43.86 -93.89 76.90
N ASN L 236 -43.78 -93.08 75.84
CA ASN L 236 -43.69 -91.64 76.00
C ASN L 236 -43.92 -90.97 74.65
N ILE L 237 -44.78 -89.96 74.63
CA ILE L 237 -45.05 -89.16 73.44
C ILE L 237 -44.96 -87.69 73.84
N ARG L 238 -44.44 -86.87 72.93
CA ARG L 238 -44.15 -85.48 73.22
C ARG L 238 -44.67 -84.58 72.10
N HIS L 239 -45.00 -83.34 72.45
CA HIS L 239 -45.48 -82.35 71.49
C HIS L 239 -44.43 -81.26 71.32
N LEU L 240 -44.24 -80.81 70.07
CA LEU L 240 -43.22 -79.84 69.74
C LEU L 240 -43.80 -78.77 68.83
N GLU L 241 -43.15 -77.59 68.84
CA GLU L 241 -43.62 -76.46 68.06
C GLU L 241 -42.42 -75.61 67.63
N GLY L 242 -42.60 -74.84 66.57
CA GLY L 242 -41.54 -74.01 66.03
C GLY L 242 -41.91 -72.55 65.85
N LYS L 243 -41.37 -71.91 64.82
CA LYS L 243 -41.59 -70.49 64.59
C LYS L 243 -41.12 -70.14 63.18
N THR L 244 -41.43 -68.92 62.77
CA THR L 244 -40.99 -68.38 61.49
C THR L 244 -40.40 -66.99 61.70
N TYR L 245 -39.44 -66.62 60.87
CA TYR L 245 -38.66 -65.41 61.05
C TYR L 245 -38.85 -64.46 59.87
N ASP L 246 -38.44 -63.21 60.07
CA ASP L 246 -38.74 -62.11 59.16
C ASP L 246 -37.47 -61.47 58.63
N TYR L 247 -37.47 -61.14 57.34
CA TYR L 247 -36.37 -60.47 56.67
C TYR L 247 -36.85 -59.13 56.14
N ARG L 248 -36.10 -58.06 56.41
CA ARG L 248 -36.54 -56.71 56.06
C ARG L 248 -35.35 -55.85 55.65
N GLY L 249 -35.63 -54.85 54.83
CA GLY L 249 -34.62 -53.91 54.39
C GLY L 249 -35.25 -52.74 53.69
N VAL L 250 -34.49 -51.65 53.59
CA VAL L 250 -34.98 -50.40 53.02
C VAL L 250 -33.82 -49.61 52.44
N PHE L 251 -34.05 -48.97 51.31
CA PHE L 251 -33.06 -48.09 50.70
C PHE L 251 -33.76 -46.94 50.00
N CYS L 252 -33.02 -45.86 49.78
CA CYS L 252 -33.60 -44.61 49.29
C CYS L 252 -32.70 -43.99 48.24
N PHE L 253 -33.31 -43.17 47.38
CA PHE L 253 -32.62 -42.53 46.27
C PHE L 253 -32.98 -41.05 46.21
N ASN L 254 -32.13 -40.28 45.52
CA ASN L 254 -32.45 -38.90 45.20
C ASN L 254 -32.84 -38.82 43.72
N ARG L 255 -33.99 -38.20 43.44
CA ARG L 255 -34.60 -38.31 42.13
C ARG L 255 -33.71 -37.72 41.04
N LYS L 256 -33.12 -36.55 41.28
CA LYS L 256 -32.35 -35.91 40.21
C LYS L 256 -31.09 -36.69 39.88
N ASN L 257 -30.36 -37.14 40.91
CA ASN L 257 -29.16 -37.94 40.65
C ASN L 257 -29.53 -39.25 39.95
N LEU L 258 -30.61 -39.90 40.40
CA LEU L 258 -31.03 -41.14 39.76
C LEU L 258 -31.43 -40.92 38.31
N GLN L 259 -31.98 -39.73 38.00
CA GLN L 259 -32.39 -39.45 36.63
C GLN L 259 -31.23 -39.05 35.74
N GLU L 260 -30.18 -38.45 36.31
CA GLU L 260 -29.07 -37.94 35.53
C GLU L 260 -27.94 -38.94 35.35
N ALA L 261 -27.73 -39.84 36.32
CA ALA L 261 -26.65 -40.81 36.19
C ALA L 261 -26.86 -41.67 34.95
N ASN L 262 -25.76 -42.00 34.27
CA ASN L 262 -25.80 -42.76 33.04
C ASN L 262 -25.85 -44.27 33.27
N TYR L 263 -25.81 -44.72 34.52
CA TYR L 263 -25.86 -46.14 34.85
C TYR L 263 -27.03 -46.39 35.77
N ASP L 264 -27.79 -47.44 35.49
CA ASP L 264 -29.03 -47.75 36.22
C ASP L 264 -28.68 -48.36 37.57
N PHE L 265 -28.83 -47.55 38.62
CA PHE L 265 -28.55 -48.03 39.97
C PHE L 265 -29.70 -48.83 40.57
N LEU L 266 -30.93 -48.62 40.08
CA LEU L 266 -32.09 -49.27 40.68
C LEU L 266 -32.02 -50.79 40.51
N SER L 267 -31.81 -51.25 39.26
CA SER L 267 -31.72 -52.68 39.02
C SER L 267 -30.51 -53.28 39.75
N PHE L 268 -29.41 -52.54 39.81
CA PHE L 268 -28.25 -53.02 40.55
C PHE L 268 -28.60 -53.26 42.01
N MET L 269 -29.31 -52.31 42.63
CA MET L 269 -29.67 -52.48 44.03
C MET L 269 -30.67 -53.62 44.22
N ILE L 270 -31.62 -53.78 43.29
CA ILE L 270 -32.56 -54.89 43.40
C ILE L 270 -31.84 -56.23 43.34
N GLY L 271 -30.93 -56.36 42.36
CA GLY L 271 -30.16 -57.60 42.26
C GLY L 271 -29.30 -57.84 43.48
N ALA L 272 -28.68 -56.79 44.02
CA ALA L 272 -27.90 -56.95 45.23
C ALA L 272 -28.76 -57.40 46.41
N ALA L 273 -29.96 -56.85 46.52
CA ALA L 273 -30.86 -57.26 47.60
C ALA L 273 -31.21 -58.74 47.49
N GLN L 274 -31.56 -59.19 46.29
CA GLN L 274 -31.90 -60.60 46.12
C GLN L 274 -30.71 -61.49 46.41
N ARG L 275 -29.52 -61.12 45.92
CA ARG L 275 -28.33 -61.91 46.16
C ARG L 275 -28.02 -62.01 47.66
N SER L 276 -28.11 -60.89 48.36
CA SER L 276 -27.86 -60.90 49.79
C SER L 276 -28.90 -61.74 50.53
N HIS L 277 -30.15 -61.69 50.10
CA HIS L 277 -31.17 -62.53 50.72
C HIS L 277 -30.83 -64.00 50.58
N ARG L 278 -30.45 -64.41 49.36
CA ARG L 278 -30.10 -65.82 49.16
C ARG L 278 -28.91 -66.22 50.02
N ILE L 279 -27.86 -65.40 50.02
CA ILE L 279 -26.66 -65.73 50.77
C ILE L 279 -26.97 -65.85 52.26
N ASN L 280 -27.74 -64.89 52.77
CA ASN L 280 -28.06 -64.91 54.19
C ASN L 280 -28.93 -66.11 54.56
N ARG L 281 -29.88 -66.48 53.70
CA ARG L 281 -30.69 -67.66 53.98
C ARG L 281 -29.82 -68.92 54.05
N ASN L 282 -28.92 -69.08 53.07
CA ASN L 282 -28.06 -70.26 53.08
C ASN L 282 -27.14 -70.27 54.29
N ARG L 283 -26.61 -69.13 54.69
CA ARG L 283 -25.76 -69.08 55.88
C ARG L 283 -26.56 -69.40 57.13
N ALA L 284 -27.79 -68.87 57.22
CA ALA L 284 -28.59 -69.07 58.43
C ALA L 284 -28.96 -70.53 58.61
N LEU L 285 -29.34 -71.21 57.53
CA LEU L 285 -29.73 -72.61 57.66
C LEU L 285 -28.60 -73.47 58.21
N MET L 286 -27.35 -73.04 58.11
CA MET L 286 -26.20 -73.86 58.47
C MET L 286 -25.53 -73.42 59.75
N VAL L 287 -25.41 -72.12 60.01
CA VAL L 287 -24.68 -71.63 61.18
C VAL L 287 -25.51 -70.63 61.97
N GLY L 288 -26.65 -70.22 61.40
CA GLY L 288 -27.46 -69.21 62.09
C GLY L 288 -27.90 -69.71 63.46
N ASP L 289 -27.95 -68.77 64.41
CA ASP L 289 -28.43 -69.06 65.75
C ASP L 289 -29.91 -68.73 65.85
N GLY L 290 -30.53 -69.22 66.93
CA GLY L 290 -31.98 -69.19 67.05
C GLY L 290 -32.58 -67.89 67.54
N ILE L 291 -31.76 -66.89 67.87
CA ILE L 291 -32.30 -65.65 68.42
C ILE L 291 -33.24 -64.98 67.43
N ASN L 292 -32.73 -64.62 66.25
CA ASN L 292 -33.54 -64.02 65.21
C ASN L 292 -33.45 -64.75 63.88
N GLU L 293 -32.63 -65.80 63.78
CA GLU L 293 -32.48 -66.57 62.56
C GLU L 293 -32.77 -68.03 62.82
N PRO L 294 -33.12 -68.81 61.79
CA PRO L 294 -33.25 -70.25 61.99
C PRO L 294 -31.96 -70.83 62.54
N LYS L 295 -32.09 -71.79 63.46
CA LYS L 295 -30.91 -72.37 64.09
C LYS L 295 -30.30 -73.42 63.19
N GLY L 296 -28.98 -73.34 63.00
CA GLY L 296 -28.29 -74.27 62.14
C GLY L 296 -27.74 -75.46 62.92
N TRP L 297 -27.49 -76.55 62.20
CA TRP L 297 -27.04 -77.77 62.86
C TRP L 297 -25.62 -77.65 63.37
N LEU L 298 -24.74 -76.93 62.68
CA LEU L 298 -23.40 -76.70 63.22
C LEU L 298 -23.43 -75.91 64.51
N LYS L 299 -24.26 -74.87 64.58
CA LYS L 299 -24.37 -74.10 65.81
C LYS L 299 -25.01 -74.91 66.92
N GLU L 300 -26.05 -75.69 66.59
CA GLU L 300 -26.69 -76.52 67.60
C GLU L 300 -25.74 -77.56 68.16
N ASP L 301 -24.96 -78.22 67.31
CA ASP L 301 -23.97 -79.20 67.74
C ASP L 301 -24.62 -80.34 68.52
N CYS L 302 -25.71 -80.89 67.99
CA CYS L 302 -26.41 -81.99 68.63
C CYS L 302 -26.06 -83.35 68.05
N PHE L 303 -25.48 -83.40 66.86
CA PHE L 303 -25.12 -84.67 66.27
C PHE L 303 -23.99 -85.30 67.08
N PRO L 304 -23.98 -86.64 67.24
CA PRO L 304 -22.87 -87.28 67.95
C PRO L 304 -21.55 -87.05 67.24
N THR L 305 -20.48 -86.92 68.02
CA THR L 305 -19.17 -86.53 67.51
C THR L 305 -18.17 -87.68 67.66
N PHE L 306 -17.28 -87.79 66.67
CA PHE L 306 -16.17 -88.73 66.71
C PHE L 306 -14.87 -87.95 66.68
N LEU L 307 -13.82 -88.51 67.28
CA LEU L 307 -12.51 -87.86 67.35
C LEU L 307 -11.45 -88.75 66.72
N THR L 308 -10.53 -88.13 65.99
CA THR L 308 -9.39 -88.83 65.44
C THR L 308 -8.26 -88.92 66.46
N LEU L 309 -7.46 -89.98 66.37
CA LEU L 309 -6.41 -90.18 67.35
C LEU L 309 -5.10 -89.53 66.90
N PRO L 310 -4.27 -89.07 67.83
CA PRO L 310 -3.00 -88.48 67.44
C PRO L 310 -1.99 -89.54 67.03
N VAL L 311 -0.99 -89.12 66.26
CA VAL L 311 0.05 -90.00 65.74
C VAL L 311 1.38 -89.60 66.37
N ASN L 312 2.11 -90.58 66.89
CA ASN L 312 3.38 -90.33 67.56
C ASN L 312 4.48 -90.32 66.50
N THR L 313 4.94 -89.12 66.14
CA THR L 313 6.01 -88.95 65.17
C THR L 313 7.40 -89.02 65.80
N GLY L 314 7.49 -89.18 67.12
CA GLY L 314 8.78 -89.31 67.78
C GLY L 314 9.22 -90.75 67.85
N THR L 315 9.72 -91.16 69.00
CA THR L 315 10.14 -92.53 69.24
C THR L 315 9.66 -92.97 70.61
N PRO L 316 9.49 -94.27 70.83
CA PRO L 316 9.16 -94.73 72.19
C PRO L 316 10.12 -94.20 73.24
N GLU L 317 11.38 -93.95 72.86
CA GLU L 317 12.33 -93.35 73.79
C GLU L 317 11.89 -91.94 74.19
N ASN L 318 11.40 -91.15 73.23
CA ASN L 318 10.99 -89.77 73.47
C ASN L 318 9.74 -89.49 72.66
N PRO L 319 8.59 -89.96 73.11
CA PRO L 319 7.36 -89.82 72.30
C PRO L 319 7.00 -88.36 72.07
N VAL L 320 6.45 -88.09 70.89
CA VAL L 320 5.96 -86.77 70.53
C VAL L 320 4.60 -86.93 69.84
N GLN L 321 3.52 -86.69 70.58
CA GLN L 321 2.18 -86.87 70.03
C GLN L 321 1.83 -85.68 69.14
N THR L 322 1.22 -85.97 67.98
CA THR L 322 0.83 -84.95 67.03
C THR L 322 -0.57 -85.24 66.51
N PRO L 323 -1.49 -84.26 66.49
CA PRO L 323 -2.79 -84.50 65.86
C PRO L 323 -2.62 -84.83 64.39
N ALA L 324 -3.46 -85.74 63.90
CA ALA L 324 -3.26 -86.28 62.56
C ALA L 324 -4.60 -86.69 61.96
N PHE L 325 -4.58 -86.90 60.64
CA PHE L 325 -5.73 -87.38 59.89
C PHE L 325 -5.20 -88.33 58.82
N LEU L 326 -5.78 -89.53 58.76
CA LEU L 326 -5.26 -90.59 57.92
C LEU L 326 -6.39 -91.17 57.07
N ALA L 327 -5.99 -91.88 56.01
CA ALA L 327 -6.98 -92.37 55.05
C ALA L 327 -7.95 -93.36 55.66
N GLN L 328 -7.45 -94.29 56.48
CA GLN L 328 -8.34 -95.32 57.03
C GLN L 328 -9.39 -94.74 57.95
N ASP L 329 -9.13 -93.58 58.57
CA ASP L 329 -10.16 -92.94 59.38
C ASP L 329 -11.38 -92.56 58.54
N TRP L 330 -11.16 -92.08 57.32
CA TRP L 330 -12.29 -91.76 56.46
C TRP L 330 -13.13 -92.99 56.17
N ARG L 331 -12.48 -94.11 55.82
CA ARG L 331 -13.23 -95.32 55.54
C ARG L 331 -14.00 -95.79 56.77
N ARG L 332 -13.36 -95.77 57.93
CA ARG L 332 -14.03 -96.18 59.15
C ARG L 332 -15.26 -95.31 59.41
N PHE L 333 -15.09 -94.00 59.34
CA PHE L 333 -16.19 -93.08 59.60
C PHE L 333 -17.34 -93.32 58.62
N VAL L 334 -17.02 -93.41 57.33
CA VAL L 334 -18.07 -93.55 56.33
C VAL L 334 -18.82 -94.86 56.51
N THR L 335 -18.11 -95.95 56.77
CA THR L 335 -18.75 -97.26 56.85
C THR L 335 -19.37 -97.56 58.21
N SER L 336 -19.10 -96.74 59.23
CA SER L 336 -19.69 -96.98 60.54
C SER L 336 -21.14 -96.53 60.64
N PHE L 337 -21.69 -95.88 59.61
CA PHE L 337 -23.04 -95.36 59.71
C PHE L 337 -24.03 -96.52 59.79
N PRO L 338 -24.93 -96.53 60.77
CA PRO L 338 -25.86 -97.66 60.91
C PRO L 338 -26.69 -97.87 59.65
N ALA L 339 -26.90 -99.14 59.31
CA ALA L 339 -27.66 -99.47 58.11
C ALA L 339 -29.17 -99.33 58.30
N GLU L 340 -29.64 -99.29 59.55
CA GLU L 340 -31.07 -99.18 59.79
C GLU L 340 -31.62 -97.85 59.27
N TYR L 341 -30.89 -96.76 59.47
CA TYR L 341 -31.35 -95.43 59.08
C TYR L 341 -31.48 -95.27 57.58
N GLY L 342 -30.88 -96.14 56.79
CA GLY L 342 -30.98 -96.04 55.35
C GLY L 342 -29.76 -95.38 54.73
N ASP L 343 -30.01 -94.73 53.58
CA ASP L 343 -28.94 -94.09 52.82
C ASP L 343 -28.37 -92.89 53.57
N ALA L 344 -27.24 -92.39 53.08
CA ALA L 344 -26.56 -91.28 53.71
C ALA L 344 -25.78 -90.51 52.65
N ARG L 345 -25.29 -89.34 53.05
CA ARG L 345 -24.50 -88.49 52.17
C ARG L 345 -23.59 -87.61 53.01
N SER L 346 -22.42 -87.28 52.46
CA SER L 346 -21.42 -86.50 53.18
C SER L 346 -21.32 -85.09 52.62
N VAL L 347 -20.78 -84.19 53.43
CA VAL L 347 -20.54 -82.81 53.04
C VAL L 347 -19.16 -82.41 53.56
N MET L 348 -18.42 -81.64 52.78
CA MET L 348 -17.03 -81.36 53.11
C MET L 348 -16.47 -80.31 52.16
N HIS L 349 -15.48 -79.57 52.65
CA HIS L 349 -14.82 -78.54 51.84
C HIS L 349 -13.87 -79.20 50.84
N GLN L 350 -13.79 -78.62 49.64
CA GLN L 350 -12.98 -79.23 48.60
C GLN L 350 -11.52 -79.35 49.01
N ASN L 351 -11.06 -78.49 49.91
CA ASN L 351 -9.68 -78.59 50.38
C ASN L 351 -9.43 -79.91 51.10
N VAL L 352 -10.40 -80.37 51.89
CA VAL L 352 -10.22 -81.64 52.58
C VAL L 352 -10.18 -82.79 51.58
N PHE L 353 -11.00 -82.73 50.53
CA PHE L 353 -10.95 -83.78 49.50
C PHE L 353 -9.61 -83.78 48.78
N GLY L 354 -9.09 -82.59 48.47
CA GLY L 354 -7.77 -82.51 47.88
C GLY L 354 -6.69 -83.06 48.79
N TYR L 355 -6.78 -82.76 50.08
CA TYR L 355 -5.86 -83.34 51.05
C TYR L 355 -5.95 -84.85 51.06
N LEU L 356 -7.18 -85.37 51.00
CA LEU L 356 -7.38 -86.82 51.00
C LEU L 356 -6.75 -87.46 49.77
N ALA L 357 -6.90 -86.82 48.60
CA ALA L 357 -6.43 -87.42 47.35
C ALA L 357 -4.93 -87.29 47.15
N ALA L 358 -4.22 -86.57 48.03
CA ALA L 358 -2.80 -86.32 47.84
C ALA L 358 -1.92 -87.05 48.87
N MET L 359 -2.37 -88.19 49.37
CA MET L 359 -1.58 -88.95 50.33
C MET L 359 -0.75 -90.03 49.65
N VAL L 360 0.36 -90.40 50.29
CA VAL L 360 1.28 -91.40 49.75
C VAL L 360 1.58 -92.42 50.83
N ASP L 361 1.90 -93.64 50.39
CA ASP L 361 2.19 -94.72 51.31
C ASP L 361 3.66 -94.66 51.74
N ALA L 362 4.12 -95.75 52.38
CA ALA L 362 5.45 -95.76 52.97
C ALA L 362 6.56 -95.60 51.94
N ASN L 363 6.31 -95.99 50.69
CA ASN L 363 7.34 -95.91 49.65
C ASN L 363 7.34 -94.58 48.92
N GLY L 364 6.18 -93.94 48.79
CA GLY L 364 6.04 -92.73 48.01
C GLY L 364 5.04 -92.84 46.88
N ARG L 365 4.43 -94.00 46.69
CA ARG L 365 3.41 -94.15 45.66
C ARG L 365 2.06 -93.71 46.20
N PHE L 366 1.28 -93.06 45.33
CA PHE L 366 0.00 -92.50 45.74
C PHE L 366 -0.99 -93.60 46.11
N LEU L 367 -1.75 -93.36 47.18
CA LEU L 367 -2.97 -94.12 47.40
C LEU L 367 -4.05 -93.62 46.45
N PHE L 368 -5.17 -94.35 46.42
CA PHE L 368 -6.28 -94.00 45.54
C PHE L 368 -5.74 -94.03 44.11
N GLY L 369 -5.95 -93.00 43.30
CA GLY L 369 -5.45 -93.01 41.94
C GLY L 369 -3.95 -93.19 41.88
N ASP L 370 -3.49 -94.16 41.10
CA ASP L 370 -2.08 -94.45 40.94
C ASP L 370 -1.77 -94.61 39.46
N GLY L 371 -0.55 -94.22 39.07
CA GLY L 371 -0.16 -94.23 37.68
C GLY L 371 -0.62 -93.04 36.88
N ASP L 372 -1.30 -92.08 37.51
CA ASP L 372 -1.79 -90.89 36.84
C ASP L 372 -1.36 -89.66 37.64
N LEU L 373 -1.34 -88.52 36.97
CA LEU L 373 -0.93 -87.28 37.63
C LEU L 373 -2.01 -86.76 38.58
N THR L 374 -3.27 -87.05 38.29
CA THR L 374 -4.38 -86.55 39.09
C THR L 374 -5.43 -87.65 39.28
N PHE L 375 -6.12 -87.59 40.42
CA PHE L 375 -7.20 -88.50 40.75
C PHE L 375 -8.51 -87.72 40.81
N SER L 376 -9.51 -88.18 40.06
CA SER L 376 -10.79 -87.49 39.95
C SER L 376 -11.91 -88.51 39.92
N PRO L 377 -12.38 -88.95 41.08
CA PRO L 377 -13.45 -89.96 41.11
C PRO L 377 -14.80 -89.36 40.77
N ASP L 378 -15.80 -90.25 40.70
CA ASP L 378 -17.17 -89.86 40.41
C ASP L 378 -17.87 -89.57 41.74
N LEU L 379 -17.96 -88.28 42.08
CA LEU L 379 -18.56 -87.89 43.35
C LEU L 379 -20.01 -88.31 43.45
N VAL L 380 -20.76 -88.24 42.34
CA VAL L 380 -22.15 -88.65 42.37
C VAL L 380 -22.29 -90.11 42.74
N ARG L 381 -21.45 -90.98 42.20
CA ARG L 381 -21.48 -92.39 42.55
C ARG L 381 -20.97 -92.64 43.96
N GLU L 382 -19.96 -91.90 44.40
CA GLU L 382 -19.42 -92.05 45.74
C GLU L 382 -20.31 -91.43 46.81
N ARG L 383 -21.35 -90.68 46.42
CA ARG L 383 -22.25 -90.04 47.38
C ARG L 383 -21.50 -89.07 48.28
N ILE L 384 -20.87 -88.08 47.68
CA ILE L 384 -20.22 -86.99 48.40
C ILE L 384 -20.62 -85.68 47.75
N ARG L 385 -20.83 -84.65 48.57
CA ARG L 385 -21.19 -83.33 48.10
C ARG L 385 -20.21 -82.32 48.67
N ILE L 386 -19.80 -81.36 47.85
CA ILE L 386 -18.76 -80.40 48.21
C ILE L 386 -19.36 -79.01 48.21
N SER L 387 -19.06 -78.25 49.26
CA SER L 387 -19.48 -76.85 49.35
C SER L 387 -18.42 -76.09 50.14
N ASN L 388 -18.00 -74.94 49.62
CA ASN L 388 -16.95 -74.17 50.24
C ASN L 388 -17.43 -73.38 51.45
N CYS L 389 -18.73 -73.37 51.73
CA CYS L 389 -19.24 -72.63 52.88
C CYS L 389 -18.81 -73.27 54.20
N LEU L 390 -18.67 -74.59 54.23
CA LEU L 390 -18.38 -75.28 55.47
C LEU L 390 -16.99 -74.92 55.98
N PRO L 391 -16.74 -75.09 57.27
CA PRO L 391 -15.42 -74.76 57.82
C PRO L 391 -14.32 -75.56 57.13
N ASP L 392 -13.17 -74.90 56.95
CA ASP L 392 -12.03 -75.51 56.27
C ASP L 392 -10.96 -75.83 57.30
N PRO L 393 -10.70 -77.11 57.59
CA PRO L 393 -9.65 -77.41 58.59
C PRO L 393 -8.24 -77.18 58.09
N THR L 394 -8.04 -77.03 56.78
CA THR L 394 -6.69 -76.88 56.22
C THR L 394 -6.19 -75.45 56.22
N GLU L 395 -7.04 -74.48 56.54
CA GLU L 395 -6.65 -73.07 56.52
C GLU L 395 -6.15 -72.66 55.13
N GLY L 396 -6.94 -72.98 54.12
CA GLY L 396 -6.60 -72.64 52.75
C GLY L 396 -5.33 -73.32 52.28
N ASN L 397 -5.23 -74.63 52.53
CA ASN L 397 -4.07 -75.41 52.09
C ASN L 397 -2.79 -74.92 52.75
N THR L 398 -2.84 -74.65 54.06
CA THR L 398 -1.69 -74.15 54.80
C THR L 398 -1.35 -74.97 56.03
N LYS L 399 -2.29 -75.75 56.56
CA LYS L 399 -2.06 -76.59 57.73
C LYS L 399 -2.38 -78.04 57.39
N GLY L 400 -1.73 -78.95 58.09
CA GLY L 400 -1.95 -80.37 57.87
C GLY L 400 -0.68 -81.19 57.77
N GLY L 401 0.46 -80.57 58.03
CA GLY L 401 1.73 -81.24 58.04
C GLY L 401 2.15 -81.64 59.44
N THR L 402 3.45 -81.66 59.68
CA THR L 402 4.01 -81.97 60.98
C THR L 402 4.61 -80.72 61.60
N GLY L 403 4.96 -80.82 62.88
CA GLY L 403 5.56 -79.69 63.57
C GLY L 403 4.63 -78.50 63.64
N GLN L 404 5.17 -77.33 63.26
CA GLN L 404 4.43 -76.08 63.41
C GLN L 404 3.25 -75.96 62.46
N ASP L 405 3.11 -76.86 61.50
CA ASP L 405 2.00 -76.83 60.55
C ASP L 405 0.92 -77.84 60.87
N ALA L 406 0.95 -78.42 62.07
CA ALA L 406 -0.01 -79.46 62.42
C ALA L 406 -1.41 -78.90 62.60
N PHE L 407 -2.40 -79.77 62.45
CA PHE L 407 -3.78 -79.38 62.64
C PHE L 407 -4.01 -78.81 64.03
N ALA L 408 -5.20 -78.25 64.23
CA ALA L 408 -5.62 -77.75 65.53
C ALA L 408 -6.75 -78.62 66.07
N ALA L 409 -6.65 -78.97 67.36
CA ALA L 409 -7.63 -79.86 67.96
C ALA L 409 -9.03 -79.27 67.90
N GLY L 410 -10.02 -80.15 67.71
CA GLY L 410 -11.40 -79.73 67.62
C GLY L 410 -11.83 -79.27 66.24
N SER L 411 -10.95 -79.28 65.26
CA SER L 411 -11.31 -78.79 63.93
C SER L 411 -12.37 -79.67 63.29
N PHE L 412 -13.27 -79.03 62.54
CA PHE L 412 -14.31 -79.75 61.82
C PHE L 412 -13.75 -80.27 60.51
N ILE L 413 -14.16 -81.49 60.13
CA ILE L 413 -13.69 -82.13 58.90
C ILE L 413 -14.87 -82.42 57.95
N ALA L 414 -15.80 -83.27 58.39
CA ALA L 414 -16.91 -83.64 57.53
C ALA L 414 -18.08 -84.11 58.39
N ALA L 415 -19.26 -84.13 57.78
CA ALA L 415 -20.48 -84.55 58.42
C ALA L 415 -21.26 -85.47 57.50
N GLN L 416 -22.12 -86.31 58.10
CA GLN L 416 -22.88 -87.28 57.35
C GLN L 416 -24.20 -87.52 58.05
N ALA L 417 -25.26 -87.70 57.27
CA ALA L 417 -26.60 -87.84 57.82
C ALA L 417 -27.57 -88.16 56.69
N ALA L 418 -28.80 -88.50 57.06
CA ALA L 418 -29.91 -88.60 56.13
C ALA L 418 -30.72 -87.31 56.26
N TRP L 419 -30.36 -86.33 55.43
CA TRP L 419 -30.83 -84.97 55.64
C TRP L 419 -32.35 -84.87 55.53
N LYS L 420 -32.95 -85.58 54.58
CA LYS L 420 -34.39 -85.51 54.36
C LYS L 420 -35.20 -85.74 55.62
N THR L 421 -34.60 -86.30 56.68
CA THR L 421 -35.26 -86.41 57.96
C THR L 421 -34.45 -85.82 59.09
N ALA L 422 -33.16 -85.50 58.88
CA ALA L 422 -32.34 -84.94 59.94
C ALA L 422 -32.44 -83.42 59.99
N TYR L 423 -32.95 -82.79 58.94
CA TYR L 423 -33.12 -81.34 58.95
C TYR L 423 -34.19 -80.95 57.96
N TYR L 424 -35.02 -79.97 58.34
CA TYR L 424 -36.13 -79.49 57.53
C TYR L 424 -35.96 -78.01 57.25
N ALA L 425 -36.51 -77.56 56.13
CA ALA L 425 -36.57 -76.16 55.77
C ALA L 425 -38.00 -75.78 55.43
N VAL L 426 -38.48 -74.69 56.01
CA VAL L 426 -39.87 -74.25 55.85
C VAL L 426 -39.89 -72.83 55.33
N GLU L 427 -40.77 -72.58 54.36
CA GLU L 427 -40.91 -71.28 53.73
C GLU L 427 -42.38 -70.87 53.77
N LYS L 428 -42.63 -69.60 54.10
CA LYS L 428 -43.99 -69.09 54.24
C LYS L 428 -44.39 -68.16 53.09
N ARG L 429 -43.59 -67.14 52.80
CA ARG L 429 -43.92 -66.17 51.77
C ARG L 429 -42.67 -65.77 51.00
N PRO L 430 -42.74 -65.65 49.68
CA PRO L 430 -41.56 -65.23 48.91
C PRO L 430 -41.29 -63.73 49.09
N MET L 431 -40.31 -63.25 48.34
CA MET L 431 -39.90 -61.86 48.44
C MET L 431 -40.87 -60.93 47.73
N PHE L 432 -40.85 -59.66 48.11
CA PHE L 432 -41.71 -58.65 47.52
C PHE L 432 -41.03 -57.28 47.59
N PHE L 433 -41.45 -56.39 46.70
CA PHE L 433 -40.93 -55.03 46.64
C PHE L 433 -42.09 -54.05 46.58
N GLU L 434 -41.94 -52.92 47.28
CA GLU L 434 -42.97 -51.88 47.28
C GLU L 434 -42.30 -50.51 47.34
N GLN L 435 -43.11 -49.47 47.17
CA GLN L 435 -42.67 -48.09 47.28
C GLN L 435 -43.39 -47.43 48.46
N TYR L 436 -42.61 -46.82 49.35
CA TYR L 436 -43.15 -46.22 50.57
C TYR L 436 -43.65 -44.82 50.25
N GLU L 437 -44.98 -44.65 50.25
CA GLU L 437 -45.56 -43.35 49.91
C GLU L 437 -45.37 -42.33 51.02
N GLY L 438 -45.16 -42.78 52.25
CA GLY L 438 -45.01 -41.85 53.36
C GLY L 438 -43.67 -41.15 53.41
N GLY L 439 -42.72 -41.58 52.58
CA GLY L 439 -41.41 -40.94 52.53
C GLY L 439 -41.07 -40.43 51.15
N SER L 440 -41.90 -40.78 50.17
CA SER L 440 -41.66 -40.35 48.79
C SER L 440 -42.17 -38.93 48.58
N SER L 441 -41.33 -37.94 48.85
CA SER L 441 -41.68 -36.56 48.55
C SER L 441 -41.55 -36.31 47.06
N ALA L 442 -41.66 -35.04 46.67
CA ALA L 442 -41.49 -34.67 45.27
C ALA L 442 -40.03 -34.59 44.86
N TRP L 443 -39.09 -34.91 45.76
CA TRP L 443 -37.67 -34.83 45.46
C TRP L 443 -36.88 -36.06 45.92
N CYS L 444 -37.52 -37.07 46.50
CA CYS L 444 -36.86 -38.27 46.96
C CYS L 444 -37.78 -39.47 46.80
N VAL L 445 -37.19 -40.65 46.86
CA VAL L 445 -37.92 -41.91 46.74
C VAL L 445 -37.42 -42.88 47.80
N LYS L 446 -38.27 -43.84 48.16
CA LYS L 446 -37.91 -44.89 49.10
C LYS L 446 -38.58 -46.19 48.71
N TYR L 447 -37.90 -47.30 48.99
CA TYR L 447 -38.37 -48.64 48.66
C TYR L 447 -38.24 -49.55 49.87
N GLN L 448 -39.12 -50.55 49.95
CA GLN L 448 -39.14 -51.50 51.05
C GLN L 448 -39.30 -52.92 50.50
N PHE L 449 -38.67 -53.89 51.18
CA PHE L 449 -38.73 -55.28 50.76
C PHE L 449 -38.54 -56.18 51.97
N GLY L 450 -38.99 -57.42 51.84
CA GLY L 450 -38.83 -58.38 52.92
C GLY L 450 -39.30 -59.76 52.51
N ALA L 451 -39.06 -60.72 53.41
CA ALA L 451 -39.47 -62.10 53.20
C ALA L 451 -39.42 -62.83 54.52
N GLU L 452 -40.07 -64.00 54.56
CA GLU L 452 -40.19 -64.80 55.78
C GLU L 452 -39.78 -66.24 55.49
N ASP L 453 -38.90 -66.78 56.34
CA ASP L 453 -38.39 -68.14 56.18
C ASP L 453 -38.11 -68.74 57.54
N GLY L 454 -38.04 -70.07 57.60
CA GLY L 454 -37.76 -70.76 58.84
C GLY L 454 -37.23 -72.15 58.60
N GLY L 455 -36.67 -72.74 59.67
CA GLY L 455 -36.13 -74.08 59.61
C GLY L 455 -35.85 -74.66 60.99
N PHE L 456 -35.99 -75.97 61.15
CA PHE L 456 -35.83 -76.60 62.46
C PHE L 456 -35.18 -77.97 62.29
N VAL L 457 -34.50 -78.41 63.34
CA VAL L 457 -33.78 -79.68 63.31
C VAL L 457 -34.75 -80.83 63.55
N GLY L 458 -34.66 -81.86 62.71
CA GLY L 458 -35.49 -83.03 62.87
C GLY L 458 -34.87 -84.08 63.79
N CYS L 459 -34.79 -85.31 63.31
CA CYS L 459 -34.20 -86.39 64.10
C CYS L 459 -32.73 -86.10 64.37
N CYS L 460 -32.36 -86.05 65.65
CA CYS L 460 -30.99 -85.72 66.02
C CYS L 460 -30.04 -86.85 65.66
N GLU L 461 -30.41 -88.09 65.96
CA GLU L 461 -29.49 -89.21 65.82
C GLU L 461 -29.19 -89.57 64.37
N HIS L 462 -29.91 -89.00 63.41
CA HIS L 462 -29.69 -89.35 62.02
C HIS L 462 -28.44 -88.72 61.42
N GLY L 463 -27.53 -88.14 62.18
CA GLY L 463 -26.35 -87.53 61.58
C GLY L 463 -25.11 -87.78 62.41
N ARG L 464 -23.96 -87.57 61.76
CA ARG L 464 -22.67 -87.79 62.39
C ARG L 464 -21.72 -86.68 61.99
N VAL L 465 -20.76 -86.39 62.87
CA VAL L 465 -19.77 -85.34 62.65
C VAL L 465 -18.39 -85.89 63.02
N LEU L 466 -17.41 -85.60 62.19
CA LEU L 466 -16.03 -86.05 62.38
C LEU L 466 -15.16 -84.84 62.71
N ARG L 467 -14.30 -84.98 63.71
CA ARG L 467 -13.46 -83.89 64.18
C ARG L 467 -12.09 -84.42 64.53
N ILE L 468 -11.15 -83.50 64.72
CA ILE L 468 -9.79 -83.85 65.07
C ILE L 468 -9.65 -83.90 66.60
N GLY L 469 -8.83 -84.81 67.08
CA GLY L 469 -8.62 -84.96 68.50
C GLY L 469 -7.14 -85.10 68.87
N PHE M 165 47.30 -77.79 -17.60
CA PHE M 165 47.74 -79.21 -17.68
C PHE M 165 47.08 -80.06 -16.61
N GLU M 166 47.40 -79.79 -15.34
CA GLU M 166 46.95 -80.60 -14.23
C GLU M 166 46.51 -79.72 -13.08
N ALA M 167 45.49 -80.20 -12.35
CA ALA M 167 45.16 -79.59 -11.07
C ALA M 167 46.32 -79.77 -10.11
N SER M 168 46.48 -78.83 -9.20
CA SER M 168 47.66 -78.66 -8.36
C SER M 168 48.79 -77.98 -9.11
N THR M 169 48.61 -77.69 -10.39
CA THR M 169 49.53 -76.83 -11.12
C THR M 169 48.78 -75.61 -11.66
N ILE M 170 47.60 -75.83 -12.25
CA ILE M 170 46.81 -74.71 -12.75
C ILE M 170 45.95 -74.15 -11.62
N GLY M 171 45.42 -72.95 -11.85
CA GLY M 171 44.64 -72.27 -10.84
C GLY M 171 43.22 -72.79 -10.73
N PRO M 172 42.55 -72.49 -9.62
CA PRO M 172 41.18 -73.01 -9.43
C PRO M 172 40.14 -72.41 -10.34
N ALA M 173 40.47 -71.33 -11.06
CA ALA M 173 39.47 -70.64 -11.86
C ALA M 173 38.92 -71.51 -12.98
N PHE M 174 39.59 -72.61 -13.32
CA PHE M 174 39.17 -73.44 -14.45
C PHE M 174 38.07 -74.42 -14.08
N PHE M 175 37.83 -74.66 -12.80
CA PHE M 175 36.89 -75.67 -12.33
C PHE M 175 35.71 -74.99 -11.66
N THR M 176 34.50 -75.33 -12.10
CA THR M 176 33.27 -74.71 -11.60
C THR M 176 32.57 -75.67 -10.66
N PRO M 177 32.49 -75.39 -9.36
CA PRO M 177 31.84 -76.32 -8.45
C PRO M 177 30.33 -76.40 -8.69
N GLN M 178 29.78 -77.56 -8.35
CA GLN M 178 28.35 -77.80 -8.50
C GLN M 178 27.57 -76.96 -7.50
N VAL M 179 26.37 -76.54 -7.89
CA VAL M 179 25.51 -75.74 -7.01
C VAL M 179 24.37 -76.63 -6.52
N LEU M 180 24.34 -76.87 -5.21
CA LEU M 180 23.30 -77.70 -4.61
C LEU M 180 22.09 -76.85 -4.23
N ALA M 181 20.90 -77.43 -4.39
CA ALA M 181 19.65 -76.75 -4.07
C ALA M 181 19.16 -77.15 -2.68
N LEU M 182 19.88 -76.70 -1.66
CA LEU M 182 19.48 -76.92 -0.28
C LEU M 182 20.07 -75.82 0.59
N GLU M 183 19.47 -75.66 1.77
CA GLU M 183 19.92 -74.68 2.75
C GLU M 183 19.97 -75.32 4.13
N VAL M 184 20.92 -74.86 4.95
CA VAL M 184 21.05 -75.31 6.32
C VAL M 184 20.52 -74.21 7.23
N ASP M 185 19.58 -74.57 8.11
CA ASP M 185 18.92 -73.59 8.98
C ASP M 185 18.68 -74.26 10.32
N CYS M 186 19.47 -73.85 11.32
CA CYS M 186 19.42 -74.44 12.65
C CYS M 186 18.64 -73.59 13.65
N ASN M 187 17.90 -72.59 13.18
CA ASN M 187 17.16 -71.71 14.10
C ASN M 187 15.79 -72.29 14.40
N ILE M 188 15.30 -71.99 15.60
CA ILE M 188 13.97 -72.40 16.04
C ILE M 188 13.30 -71.21 16.73
N GLU M 189 11.97 -71.24 16.76
CA GLU M 189 11.18 -70.23 17.44
C GLU M 189 10.25 -70.92 18.44
N CYS M 190 10.27 -70.45 19.68
CA CYS M 190 9.48 -71.07 20.73
C CYS M 190 7.99 -70.91 20.47
N ALA M 191 7.21 -71.84 21.00
CA ALA M 191 5.76 -71.78 20.85
C ALA M 191 5.20 -70.57 21.58
N SER M 192 4.14 -69.99 21.03
CA SER M 192 3.56 -68.78 21.60
C SER M 192 2.30 -69.11 22.39
N LEU M 193 2.17 -68.45 23.54
CA LEU M 193 0.95 -68.54 24.33
C LEU M 193 -0.12 -67.54 23.89
N LEU M 194 0.14 -66.79 22.82
CA LEU M 194 -0.76 -65.70 22.42
C LEU M 194 -2.15 -66.20 22.08
N ASP M 195 -2.31 -67.49 21.79
CA ASP M 195 -3.63 -68.01 21.46
C ASP M 195 -4.50 -68.23 22.69
N LEU M 196 -3.90 -68.30 23.88
CA LEU M 196 -4.69 -68.50 25.09
C LEU M 196 -5.42 -67.23 25.49
N TYR M 197 -4.78 -66.08 25.34
CA TYR M 197 -5.27 -64.84 25.93
C TYR M 197 -6.58 -64.40 25.27
N GLY M 198 -7.27 -63.48 25.93
CA GLY M 198 -8.48 -62.91 25.37
C GLY M 198 -8.14 -61.90 24.29
N GLN M 199 -9.01 -61.80 23.29
CA GLN M 199 -8.76 -60.99 22.11
C GLN M 199 -9.62 -59.75 22.12
N ILE M 200 -8.99 -58.58 22.02
CA ILE M 200 -9.66 -57.30 21.90
C ILE M 200 -8.99 -56.50 20.79
N GLU M 201 -9.77 -55.66 20.13
CA GLU M 201 -9.26 -54.76 19.09
C GLU M 201 -9.78 -53.35 19.33
N VAL M 202 -8.89 -52.38 19.17
CA VAL M 202 -9.22 -50.97 19.36
C VAL M 202 -8.66 -50.18 18.19
N SER M 203 -9.24 -48.99 17.99
CA SER M 203 -8.79 -48.08 16.94
C SER M 203 -8.36 -46.73 17.51
N ARG M 204 -7.97 -46.67 18.78
CA ARG M 204 -7.50 -45.43 19.39
C ARG M 204 -6.45 -45.77 20.43
N SER M 205 -5.70 -44.75 20.83
CA SER M 205 -4.56 -44.96 21.73
C SER M 205 -4.98 -45.11 23.18
N THR M 206 -6.26 -44.91 23.51
CA THR M 206 -6.71 -45.02 24.90
C THR M 206 -8.11 -45.60 24.91
N PHE M 207 -8.45 -46.28 26.00
CA PHE M 207 -9.75 -46.92 26.13
C PHE M 207 -10.12 -47.05 27.61
N THR M 208 -11.39 -47.33 27.86
CA THR M 208 -11.90 -47.44 29.21
C THR M 208 -12.87 -48.61 29.30
N TYR M 209 -13.03 -49.13 30.51
CA TYR M 209 -13.97 -50.22 30.77
C TYR M 209 -14.38 -50.18 32.23
N MET M 210 -15.38 -50.99 32.57
CA MET M 210 -16.00 -50.99 33.88
C MET M 210 -15.61 -52.22 34.69
N LYS M 211 -15.52 -52.06 36.00
CA LYS M 211 -15.27 -53.16 36.92
C LYS M 211 -16.26 -53.07 38.07
N ILE M 212 -16.90 -54.20 38.38
CA ILE M 212 -17.87 -54.28 39.47
C ILE M 212 -17.13 -54.83 40.69
N ALA M 213 -16.77 -53.95 41.61
CA ALA M 213 -15.95 -54.36 42.75
C ALA M 213 -16.74 -55.22 43.72
N ASP M 214 -17.81 -54.68 44.30
CA ASP M 214 -18.58 -55.35 45.34
C ASP M 214 -20.07 -55.22 45.05
N TYR M 215 -20.86 -56.10 45.66
CA TYR M 215 -22.31 -56.04 45.57
C TYR M 215 -22.96 -55.47 46.83
N GLY M 216 -22.27 -55.53 47.97
CA GLY M 216 -22.79 -54.91 49.18
C GLY M 216 -23.80 -55.78 49.91
N GLN M 217 -24.21 -55.28 51.07
CA GLN M 217 -25.16 -55.95 51.96
C GLN M 217 -26.34 -55.05 52.22
N LEU M 218 -27.55 -55.56 51.99
CA LEU M 218 -28.75 -54.75 52.16
C LEU M 218 -29.66 -55.28 53.26
N GLY M 219 -30.06 -56.55 53.16
CA GLY M 219 -31.08 -57.07 54.05
C GLY M 219 -30.52 -57.48 55.41
N GLU M 220 -31.43 -57.95 56.26
CA GLU M 220 -31.08 -58.42 57.60
C GLU M 220 -32.29 -59.10 58.23
N TYR M 221 -32.02 -59.94 59.22
CA TYR M 221 -33.07 -60.54 60.04
C TYR M 221 -33.31 -59.65 61.25
N THR M 222 -34.57 -59.23 61.43
CA THR M 222 -34.90 -58.27 62.47
C THR M 222 -36.13 -58.74 63.25
N CYS M 223 -36.33 -58.14 64.41
CA CYS M 223 -37.48 -58.47 65.24
C CYS M 223 -38.78 -58.17 64.51
N ASP M 224 -39.77 -59.03 64.70
CA ASP M 224 -41.01 -58.90 63.96
C ASP M 224 -41.88 -57.76 64.45
N ALA M 225 -41.70 -57.33 65.71
CA ALA M 225 -42.51 -56.24 66.28
C ALA M 225 -41.87 -54.87 66.05
N LYS M 226 -41.60 -54.52 64.81
CA LYS M 226 -41.01 -53.22 64.47
C LYS M 226 -41.65 -52.71 63.18
N CYS M 227 -41.78 -51.39 63.09
CA CYS M 227 -42.38 -50.75 61.92
C CYS M 227 -41.33 -50.13 60.99
N ASP M 228 -40.06 -50.43 61.21
CA ASP M 228 -38.99 -49.82 60.43
C ASP M 228 -37.98 -50.89 60.04
N ALA M 229 -37.22 -50.60 58.99
CA ALA M 229 -36.16 -51.47 58.53
C ALA M 229 -34.87 -50.66 58.46
N GLU M 230 -33.74 -51.36 58.52
CA GLU M 230 -32.45 -50.70 58.59
C GLU M 230 -31.88 -50.46 57.20
N PHE M 231 -30.99 -49.48 57.10
CA PHE M 231 -30.30 -49.18 55.86
C PHE M 231 -29.03 -50.00 55.76
N GLY M 232 -28.81 -50.60 54.60
CA GLY M 232 -27.67 -51.47 54.38
C GLY M 232 -26.43 -50.72 53.95
N GLU M 233 -25.55 -51.43 53.25
CA GLU M 233 -24.32 -50.85 52.72
C GLU M 233 -24.29 -51.06 51.21
N PRO M 234 -24.36 -50.01 50.39
CA PRO M 234 -24.47 -50.20 48.95
C PRO M 234 -23.19 -50.73 48.34
N GLY M 235 -23.31 -51.21 47.11
CA GLY M 235 -22.20 -51.79 46.39
C GLY M 235 -21.12 -50.80 46.05
N ASN M 236 -20.28 -51.14 45.06
CA ASN M 236 -19.15 -50.29 44.68
C ASN M 236 -18.77 -50.63 43.24
N ILE M 237 -18.68 -49.60 42.40
CA ILE M 237 -18.36 -49.75 40.99
C ILE M 237 -17.18 -48.84 40.67
N ARG M 238 -16.41 -49.21 39.64
CA ARG M 238 -15.18 -48.52 39.29
C ARG M 238 -15.07 -48.35 37.79
N HIS M 239 -14.26 -47.38 37.39
CA HIS M 239 -13.90 -47.16 35.99
C HIS M 239 -12.39 -47.30 35.83
N LEU M 240 -11.97 -47.92 34.73
CA LEU M 240 -10.56 -48.20 34.47
C LEU M 240 -10.20 -47.79 33.06
N GLU M 241 -8.91 -47.61 32.82
CA GLU M 241 -8.40 -47.19 31.52
C GLU M 241 -7.14 -47.95 31.17
N GLY M 242 -6.80 -47.93 29.87
CA GLY M 242 -5.60 -48.59 29.38
C GLY M 242 -4.88 -47.71 28.38
N LYS M 243 -3.89 -48.30 27.72
CA LYS M 243 -3.07 -47.60 26.74
C LYS M 243 -2.69 -48.55 25.61
N THR M 244 -1.92 -48.01 24.67
CA THR M 244 -1.35 -48.77 23.57
C THR M 244 0.09 -48.29 23.34
N TYR M 245 0.98 -49.22 23.01
CA TYR M 245 2.39 -48.92 22.93
C TYR M 245 2.87 -48.95 21.47
N ASP M 246 4.12 -48.54 21.27
CA ASP M 246 4.66 -48.30 19.94
C ASP M 246 5.96 -49.05 19.76
N TYR M 247 6.09 -49.77 18.65
CA TYR M 247 7.28 -50.54 18.30
C TYR M 247 7.81 -50.01 16.97
N ARG M 248 9.10 -49.67 16.93
CA ARG M 248 9.66 -48.95 15.79
C ARG M 248 11.10 -49.35 15.54
N GLY M 249 11.55 -49.18 14.29
CA GLY M 249 12.90 -49.52 13.90
C GLY M 249 13.24 -48.91 12.55
N VAL M 250 14.45 -49.20 12.09
CA VAL M 250 14.97 -48.61 10.86
C VAL M 250 16.17 -49.41 10.39
N PHE M 251 16.37 -49.45 9.07
CA PHE M 251 17.56 -50.08 8.49
C PHE M 251 17.90 -49.38 7.17
N CYS M 252 19.18 -49.49 6.79
CA CYS M 252 19.73 -48.74 5.66
C CYS M 252 20.50 -49.66 4.72
N PHE M 253 20.69 -49.21 3.49
CA PHE M 253 21.39 -49.99 2.48
C PHE M 253 22.24 -49.06 1.60
N ASN M 254 22.99 -49.69 0.70
CA ASN M 254 23.73 -48.97 -0.34
C ASN M 254 23.25 -49.47 -1.69
N ARG M 255 22.88 -48.54 -2.58
CA ARG M 255 22.20 -48.92 -3.82
C ARG M 255 23.06 -49.80 -4.71
N LYS M 256 24.34 -49.43 -4.89
CA LYS M 256 25.20 -50.18 -5.80
C LYS M 256 25.38 -51.62 -5.32
N ASN M 257 25.72 -51.79 -4.05
CA ASN M 257 25.90 -53.13 -3.51
C ASN M 257 24.60 -53.93 -3.55
N LEU M 258 23.49 -53.29 -3.20
CA LEU M 258 22.20 -53.99 -3.22
C LEU M 258 21.84 -54.44 -4.64
N GLN M 259 22.22 -53.65 -5.65
CA GLN M 259 21.92 -54.02 -7.02
C GLN M 259 22.86 -55.09 -7.53
N GLU M 260 24.12 -55.09 -7.10
CA GLU M 260 25.11 -56.00 -7.66
C GLU M 260 25.16 -57.34 -6.94
N ALA M 261 24.75 -57.41 -5.68
CA ALA M 261 24.86 -58.64 -4.92
C ALA M 261 24.05 -59.76 -5.58
N ASN M 262 24.59 -60.98 -5.51
CA ASN M 262 23.96 -62.14 -6.12
C ASN M 262 22.81 -62.71 -5.27
N TYR M 263 22.68 -62.27 -4.02
CA TYR M 263 21.64 -62.76 -3.13
C TYR M 263 20.83 -61.58 -2.62
N ASP M 264 19.52 -61.79 -2.47
CA ASP M 264 18.60 -60.72 -2.11
C ASP M 264 18.71 -60.43 -0.61
N PHE M 265 18.92 -59.16 -0.26
CA PHE M 265 19.04 -58.78 1.14
C PHE M 265 17.80 -58.06 1.66
N LEU M 266 17.05 -57.40 0.78
CA LEU M 266 15.90 -56.62 1.23
C LEU M 266 14.85 -57.51 1.89
N SER M 267 14.45 -58.56 1.19
CA SER M 267 13.47 -59.49 1.75
C SER M 267 14.00 -60.19 3.00
N PHE M 268 15.29 -60.52 3.03
CA PHE M 268 15.87 -61.13 4.22
C PHE M 268 15.73 -60.22 5.42
N MET M 269 16.04 -58.93 5.25
CA MET M 269 15.92 -58.00 6.37
C MET M 269 14.47 -57.77 6.76
N ILE M 270 13.55 -57.74 5.79
CA ILE M 270 12.13 -57.61 6.11
C ILE M 270 11.67 -58.79 6.96
N GLY M 271 12.04 -60.00 6.54
CA GLY M 271 11.67 -61.17 7.32
C GLY M 271 12.28 -61.16 8.71
N ALA M 272 13.54 -60.74 8.81
CA ALA M 272 14.16 -60.64 10.13
C ALA M 272 13.40 -59.66 11.02
N ALA M 273 13.01 -58.52 10.46
CA ALA M 273 12.29 -57.53 11.25
C ALA M 273 10.96 -58.10 11.76
N GLN M 274 10.21 -58.76 10.89
CA GLN M 274 8.93 -59.33 11.32
C GLN M 274 9.12 -60.40 12.39
N ARG M 275 10.12 -61.27 12.20
CA ARG M 275 10.39 -62.32 13.18
C ARG M 275 10.75 -61.73 14.53
N SER M 276 11.61 -60.71 14.53
CA SER M 276 11.97 -60.05 15.79
C SER M 276 10.76 -59.39 16.43
N HIS M 277 9.88 -58.81 15.62
CA HIS M 277 8.66 -58.22 16.18
C HIS M 277 7.83 -59.27 16.91
N ARG M 278 7.62 -60.42 16.28
CA ARG M 278 6.84 -61.47 16.92
C ARG M 278 7.49 -61.90 18.24
N ILE M 279 8.80 -62.12 18.21
CA ILE M 279 9.50 -62.58 19.41
C ILE M 279 9.35 -61.56 20.53
N ASN M 280 9.58 -60.28 20.22
CA ASN M 280 9.51 -59.25 21.25
C ASN M 280 8.10 -59.10 21.79
N ARG M 281 7.09 -59.19 20.93
CA ARG M 281 5.71 -59.11 21.40
C ARG M 281 5.41 -60.22 22.39
N ASN M 282 5.77 -61.46 22.03
CA ASN M 282 5.49 -62.58 22.94
C ASN M 282 6.23 -62.40 24.26
N ARG M 283 7.50 -61.99 24.20
CA ARG M 283 8.25 -61.80 25.44
C ARG M 283 7.63 -60.71 26.30
N ALA M 284 7.23 -59.60 25.69
CA ALA M 284 6.69 -58.47 26.44
C ALA M 284 5.39 -58.83 27.13
N LEU M 285 4.50 -59.54 26.42
CA LEU M 285 3.22 -59.89 27.04
C LEU M 285 3.40 -60.73 28.30
N MET M 286 4.55 -61.40 28.46
CA MET M 286 4.77 -62.22 29.64
C MET M 286 5.57 -61.50 30.72
N VAL M 287 6.66 -60.83 30.34
CA VAL M 287 7.58 -60.25 31.31
C VAL M 287 7.79 -58.76 31.11
N GLY M 288 7.21 -58.15 30.08
CA GLY M 288 7.42 -56.74 29.83
C GLY M 288 6.98 -55.86 30.99
N ASP M 289 7.84 -54.94 31.41
CA ASP M 289 7.47 -53.98 32.43
C ASP M 289 6.67 -52.84 31.82
N GLY M 290 5.98 -52.09 32.68
CA GLY M 290 4.99 -51.14 32.23
C GLY M 290 5.52 -49.80 31.77
N ILE M 291 6.83 -49.54 31.85
CA ILE M 291 7.34 -48.23 31.50
C ILE M 291 7.07 -47.93 30.02
N ASN M 292 7.45 -48.86 29.15
CA ASN M 292 7.20 -48.71 27.72
C ASN M 292 6.68 -49.98 27.07
N GLU M 293 6.64 -51.10 27.77
CA GLU M 293 6.15 -52.37 27.27
C GLU M 293 4.90 -52.78 28.05
N PRO M 294 4.02 -53.58 27.46
CA PRO M 294 2.85 -54.03 28.21
C PRO M 294 3.27 -54.76 29.49
N LYS M 295 2.53 -54.51 30.56
CA LYS M 295 2.83 -55.16 31.83
C LYS M 295 2.57 -56.66 31.72
N GLY M 296 3.50 -57.46 32.22
CA GLY M 296 3.38 -58.90 32.12
C GLY M 296 3.02 -59.54 33.45
N TRP M 297 2.19 -60.58 33.38
CA TRP M 297 1.68 -61.20 34.59
C TRP M 297 2.79 -61.86 35.40
N LEU M 298 3.97 -62.06 34.84
CA LEU M 298 5.12 -62.48 35.62
C LEU M 298 5.88 -61.30 36.24
N LYS M 299 5.59 -60.08 35.81
CA LYS M 299 6.22 -58.88 36.37
C LYS M 299 5.34 -58.21 37.43
N GLU M 300 4.05 -58.06 37.14
CA GLU M 300 3.14 -57.47 38.13
C GLU M 300 3.05 -58.33 39.38
N ASP M 301 3.16 -59.65 39.23
CA ASP M 301 3.16 -60.57 40.35
C ASP M 301 1.91 -60.41 41.21
N CYS M 302 0.78 -60.11 40.58
CA CYS M 302 -0.46 -59.95 41.32
C CYS M 302 -1.18 -61.28 41.55
N PHE M 303 -0.76 -62.35 40.88
CA PHE M 303 -1.37 -63.65 41.09
C PHE M 303 -0.91 -64.22 42.45
N PRO M 304 -1.79 -64.85 43.21
CA PRO M 304 -1.35 -65.47 44.46
C PRO M 304 -0.32 -66.56 44.19
N THR M 305 0.67 -66.65 45.09
CA THR M 305 1.83 -67.50 44.89
C THR M 305 1.87 -68.59 45.95
N PHE M 306 2.24 -69.81 45.55
CA PHE M 306 2.40 -70.94 46.45
C PHE M 306 3.86 -71.37 46.45
N LEU M 307 4.42 -71.55 47.64
CA LEU M 307 5.79 -72.07 47.75
C LEU M 307 5.76 -73.57 47.98
N THR M 308 6.92 -74.20 47.80
CA THR M 308 7.10 -75.64 47.99
C THR M 308 8.02 -75.87 49.18
N LEU M 309 7.62 -76.78 50.06
CA LEU M 309 8.38 -77.01 51.28
C LEU M 309 9.73 -77.64 50.96
N PRO M 310 10.75 -77.43 51.81
CA PRO M 310 12.04 -78.09 51.61
C PRO M 310 12.01 -79.56 52.02
N VAL M 311 13.16 -80.21 51.96
CA VAL M 311 13.30 -81.61 52.35
C VAL M 311 14.54 -81.76 53.21
N ASN M 312 14.45 -82.58 54.26
CA ASN M 312 15.55 -82.78 55.19
C ASN M 312 16.38 -83.96 54.72
N THR M 313 17.46 -83.68 53.99
CA THR M 313 18.39 -84.71 53.54
C THR M 313 19.30 -85.20 54.65
N GLY M 314 19.38 -84.48 55.77
CA GLY M 314 20.26 -84.84 56.86
C GLY M 314 19.69 -85.94 57.73
N THR M 315 20.16 -85.98 58.97
CA THR M 315 19.75 -87.01 59.92
C THR M 315 18.71 -86.43 60.88
N PRO M 316 18.05 -87.27 61.68
CA PRO M 316 17.15 -86.72 62.72
C PRO M 316 17.87 -85.85 63.72
N GLU M 317 19.19 -86.01 63.86
CA GLU M 317 19.97 -85.24 64.81
C GLU M 317 20.56 -83.98 64.18
N ASN M 318 21.13 -84.11 62.98
CA ASN M 318 21.76 -82.99 62.28
C ASN M 318 21.06 -82.77 60.95
N PRO M 319 19.96 -82.02 60.92
CA PRO M 319 19.23 -81.84 59.67
C PRO M 319 19.94 -80.92 58.70
N VAL M 320 19.65 -81.13 57.41
CA VAL M 320 20.11 -80.25 56.33
C VAL M 320 18.89 -79.96 55.47
N GLN M 321 18.57 -78.68 55.31
CA GLN M 321 17.36 -78.27 54.59
C GLN M 321 17.69 -78.10 53.11
N THR M 322 17.03 -78.89 52.26
CA THR M 322 17.28 -78.85 50.82
C THR M 322 15.99 -78.51 50.08
N PRO M 323 15.95 -77.46 49.26
CA PRO M 323 14.74 -77.19 48.49
C PRO M 323 14.42 -78.35 47.56
N ALA M 324 13.12 -78.58 47.36
CA ALA M 324 12.69 -79.78 46.64
C ALA M 324 11.36 -79.51 45.93
N PHE M 325 11.01 -80.42 45.05
CA PHE M 325 9.76 -80.40 44.29
C PHE M 325 9.32 -81.83 44.06
N LEU M 326 8.03 -82.11 44.28
CA LEU M 326 7.55 -83.47 44.30
C LEU M 326 6.23 -83.61 43.54
N ALA M 327 5.96 -84.85 43.11
CA ALA M 327 4.74 -85.12 42.37
C ALA M 327 3.51 -84.86 43.23
N GLN M 328 3.59 -85.18 44.52
CA GLN M 328 2.45 -84.88 45.39
C GLN M 328 2.24 -83.38 45.52
N ASP M 329 3.32 -82.60 45.53
CA ASP M 329 3.17 -81.14 45.49
C ASP M 329 2.48 -80.70 44.21
N TRP M 330 2.87 -81.27 43.07
CA TRP M 330 2.21 -80.92 41.82
C TRP M 330 0.72 -81.24 41.87
N ARG M 331 0.38 -82.43 42.38
CA ARG M 331 -1.03 -82.83 42.46
C ARG M 331 -1.81 -81.90 43.38
N ARG M 332 -1.23 -81.57 44.54
CA ARG M 332 -1.89 -80.65 45.46
C ARG M 332 -2.13 -79.31 44.79
N PHE M 333 -1.14 -78.78 44.07
CA PHE M 333 -1.31 -77.51 43.39
C PHE M 333 -2.42 -77.59 42.34
N VAL M 334 -2.39 -78.62 41.50
CA VAL M 334 -3.33 -78.68 40.39
C VAL M 334 -4.75 -78.88 40.88
N THR M 335 -4.94 -79.64 41.96
CA THR M 335 -6.29 -79.95 42.42
C THR M 335 -6.89 -78.86 43.31
N SER M 336 -6.16 -77.79 43.59
CA SER M 336 -6.62 -76.76 44.53
C SER M 336 -7.27 -75.57 43.84
N PHE M 337 -7.50 -75.64 42.54
CA PHE M 337 -8.11 -74.51 41.84
C PHE M 337 -9.58 -74.37 42.25
N PRO M 338 -10.05 -73.16 42.56
CA PRO M 338 -11.46 -73.00 42.92
C PRO M 338 -12.39 -73.48 41.81
N ALA M 339 -13.52 -74.08 42.21
CA ALA M 339 -14.45 -74.67 41.26
C ALA M 339 -15.27 -73.61 40.53
N GLU M 340 -15.57 -72.50 41.20
CA GLU M 340 -16.47 -71.51 40.59
C GLU M 340 -15.89 -70.90 39.33
N TYR M 341 -14.58 -70.62 39.32
CA TYR M 341 -13.96 -69.94 38.19
C TYR M 341 -13.97 -70.76 36.91
N GLY M 342 -14.24 -72.06 36.99
CA GLY M 342 -14.27 -72.89 35.81
C GLY M 342 -12.93 -73.53 35.51
N ASP M 343 -12.89 -74.22 34.37
CA ASP M 343 -11.71 -74.96 33.99
C ASP M 343 -10.53 -74.03 33.70
N ALA M 344 -9.33 -74.57 33.84
CA ALA M 344 -8.10 -73.81 33.62
C ALA M 344 -7.08 -74.70 32.92
N ARG M 345 -5.97 -74.09 32.52
CA ARG M 345 -4.88 -74.80 31.87
C ARG M 345 -3.56 -74.37 32.50
N SER M 346 -2.63 -75.32 32.57
CA SER M 346 -1.29 -75.03 33.07
C SER M 346 -0.34 -74.71 31.92
N VAL M 347 0.74 -74.01 32.25
CA VAL M 347 1.79 -73.69 31.29
C VAL M 347 3.13 -74.09 31.92
N MET M 348 3.97 -74.76 31.13
CA MET M 348 5.18 -75.36 31.66
C MET M 348 6.30 -75.29 30.63
N HIS M 349 7.53 -75.36 31.13
CA HIS M 349 8.67 -75.61 30.27
C HIS M 349 8.88 -77.11 30.14
N GLN M 350 9.19 -77.56 28.91
CA GLN M 350 9.29 -78.99 28.67
C GLN M 350 10.28 -79.67 29.62
N ASN M 351 11.30 -78.94 30.06
CA ASN M 351 12.25 -79.51 31.00
C ASN M 351 11.61 -79.87 32.32
N VAL M 352 10.68 -79.06 32.83
CA VAL M 352 10.01 -79.40 34.08
C VAL M 352 9.14 -80.63 33.91
N PHE M 353 8.45 -80.75 32.78
CA PHE M 353 7.65 -81.94 32.54
C PHE M 353 8.53 -83.19 32.47
N GLY M 354 9.67 -83.08 31.78
CA GLY M 354 10.60 -84.19 31.75
C GLY M 354 11.17 -84.54 33.11
N TYR M 355 11.41 -83.54 33.95
CA TYR M 355 11.85 -83.78 35.32
C TYR M 355 10.77 -84.51 36.11
N LEU M 356 9.52 -84.12 35.92
CA LEU M 356 8.43 -84.78 36.63
C LEU M 356 8.28 -86.23 36.19
N ALA M 357 8.37 -86.49 34.89
CA ALA M 357 8.09 -87.82 34.36
C ALA M 357 9.14 -88.86 34.75
N ALA M 358 10.28 -88.44 35.31
CA ALA M 358 11.38 -89.35 35.59
C ALA M 358 11.58 -89.59 37.09
N MET M 359 10.54 -89.43 37.90
CA MET M 359 10.65 -89.69 39.33
C MET M 359 10.47 -91.17 39.63
N VAL M 360 11.04 -91.60 40.75
CA VAL M 360 10.97 -92.99 41.19
C VAL M 360 10.60 -93.01 42.67
N ASP M 361 10.00 -94.13 43.09
CA ASP M 361 9.67 -94.33 44.49
C ASP M 361 10.89 -94.82 45.25
N ALA M 362 10.68 -95.26 46.50
CA ALA M 362 11.79 -95.69 47.34
C ALA M 362 12.47 -96.96 46.82
N ASN M 363 11.77 -97.78 46.04
CA ASN M 363 12.32 -99.04 45.55
C ASN M 363 12.92 -98.93 44.16
N GLY M 364 12.83 -97.77 43.52
CA GLY M 364 13.39 -97.59 42.19
C GLY M 364 12.41 -97.78 41.06
N ARG M 365 11.21 -98.28 41.33
CA ARG M 365 10.21 -98.38 40.28
C ARG M 365 9.67 -97.01 39.92
N PHE M 366 9.42 -96.80 38.63
CA PHE M 366 8.96 -95.51 38.16
C PHE M 366 7.59 -95.17 38.72
N LEU M 367 7.37 -93.87 38.97
CA LEU M 367 6.03 -93.37 39.15
C LEU M 367 5.40 -93.09 37.79
N PHE M 368 4.09 -92.91 37.78
CA PHE M 368 3.38 -92.69 36.52
C PHE M 368 3.58 -93.94 35.66
N GLY M 369 3.70 -93.78 34.35
CA GLY M 369 3.90 -94.91 33.46
C GLY M 369 4.95 -95.87 33.95
N ASP M 370 4.55 -97.09 34.29
CA ASP M 370 5.44 -98.11 34.82
C ASP M 370 5.50 -99.29 33.86
N GLY M 371 6.71 -99.80 33.65
CA GLY M 371 6.94 -100.87 32.71
C GLY M 371 7.25 -100.42 31.30
N ASP M 372 7.06 -99.14 30.99
CA ASP M 372 7.40 -98.62 29.68
C ASP M 372 8.78 -97.96 29.71
N LEU M 373 9.35 -97.80 28.52
CA LEU M 373 10.64 -97.11 28.42
C LEU M 373 10.47 -95.60 28.56
N THR M 374 9.34 -95.06 28.13
CA THR M 374 9.10 -93.63 28.17
C THR M 374 7.64 -93.35 28.48
N PHE M 375 7.38 -92.16 29.01
CA PHE M 375 6.04 -91.72 29.36
C PHE M 375 5.55 -90.69 28.35
N SER M 376 4.35 -90.90 27.82
CA SER M 376 3.78 -90.02 26.80
C SER M 376 2.28 -89.88 27.05
N PRO M 377 1.89 -89.16 28.09
CA PRO M 377 0.46 -88.97 28.36
C PRO M 377 -0.16 -88.02 27.36
N ASP M 378 -1.49 -88.12 27.24
CA ASP M 378 -2.22 -87.21 26.36
C ASP M 378 -2.33 -85.84 27.01
N LEU M 379 -1.46 -84.91 26.59
CA LEU M 379 -1.40 -83.61 27.25
C LEU M 379 -2.71 -82.84 27.10
N VAL M 380 -3.43 -83.03 26.00
CA VAL M 380 -4.70 -82.35 25.82
C VAL M 380 -5.68 -82.77 26.91
N ARG M 381 -5.78 -84.07 27.16
CA ARG M 381 -6.64 -84.55 28.25
C ARG M 381 -6.10 -84.12 29.60
N GLU M 382 -4.77 -84.09 29.76
CA GLU M 382 -4.18 -83.63 31.01
C GLU M 382 -4.40 -82.14 31.25
N ARG M 383 -4.80 -81.40 30.22
CA ARG M 383 -5.08 -79.97 30.36
C ARG M 383 -3.80 -79.18 30.69
N ILE M 384 -2.75 -79.47 29.92
CA ILE M 384 -1.47 -78.79 30.08
C ILE M 384 -1.02 -78.28 28.71
N ARG M 385 -0.27 -77.18 28.73
CA ARG M 385 0.30 -76.59 27.53
C ARG M 385 1.77 -76.33 27.77
N ILE M 386 2.61 -76.75 26.84
CA ILE M 386 4.06 -76.70 26.99
C ILE M 386 4.60 -75.60 26.08
N SER M 387 5.38 -74.69 26.65
CA SER M 387 6.01 -73.62 25.89
C SER M 387 7.38 -73.34 26.50
N ASN M 388 8.39 -73.24 25.64
CA ASN M 388 9.77 -73.04 26.09
C ASN M 388 10.09 -71.59 26.40
N CYS M 389 9.16 -70.66 26.17
CA CYS M 389 9.42 -69.26 26.47
C CYS M 389 9.54 -69.02 27.96
N LEU M 390 8.81 -69.78 28.76
CA LEU M 390 8.74 -69.53 30.19
C LEU M 390 10.07 -69.86 30.87
N PRO M 391 10.30 -69.32 32.06
CA PRO M 391 11.55 -69.61 32.77
C PRO M 391 11.72 -71.10 33.02
N ASP M 392 12.98 -71.53 32.99
CA ASP M 392 13.32 -72.93 33.21
C ASP M 392 14.01 -73.07 34.57
N PRO M 393 13.41 -73.76 35.54
CA PRO M 393 14.08 -73.92 36.83
C PRO M 393 15.22 -74.93 36.83
N THR M 394 15.22 -75.88 35.89
CA THR M 394 16.28 -76.88 35.80
C THR M 394 17.57 -76.32 35.21
N GLU M 395 17.49 -75.26 34.40
CA GLU M 395 18.66 -74.68 33.75
C GLU M 395 19.33 -75.70 32.84
N GLY M 396 18.58 -76.16 31.85
CA GLY M 396 19.11 -77.12 30.90
C GLY M 396 19.47 -78.46 31.50
N ASN M 397 18.64 -78.98 32.41
CA ASN M 397 18.80 -80.29 33.00
C ASN M 397 20.06 -80.40 33.87
N THR M 398 20.69 -79.28 34.21
CA THR M 398 21.89 -79.32 35.05
C THR M 398 21.58 -79.14 36.52
N LYS M 399 20.40 -78.65 36.86
CA LYS M 399 19.99 -78.47 38.25
C LYS M 399 18.74 -79.28 38.52
N GLY M 400 18.60 -79.74 39.76
CA GLY M 400 17.43 -80.50 40.15
C GLY M 400 17.74 -81.74 40.96
N GLY M 401 19.01 -81.93 41.33
CA GLY M 401 19.40 -83.07 42.12
C GLY M 401 19.58 -82.74 43.59
N THR M 402 20.70 -83.15 44.16
CA THR M 402 20.99 -82.90 45.57
C THR M 402 22.43 -82.40 45.70
N GLY M 403 22.68 -81.64 46.76
CA GLY M 403 23.98 -81.06 46.98
C GLY M 403 24.23 -79.83 46.13
N GLN M 404 25.20 -79.91 45.22
CA GLN M 404 25.51 -78.77 44.37
C GLN M 404 24.52 -78.60 43.22
N ASP M 405 23.73 -79.63 42.92
CA ASP M 405 22.73 -79.58 41.87
C ASP M 405 21.37 -79.11 42.39
N ALA M 406 21.27 -78.74 43.65
CA ALA M 406 19.99 -78.38 44.23
C ALA M 406 19.41 -77.14 43.56
N PHE M 407 18.09 -77.05 43.57
CA PHE M 407 17.41 -75.90 43.00
C PHE M 407 17.84 -74.62 43.70
N ALA M 408 17.45 -73.50 43.11
CA ALA M 408 17.66 -72.18 43.69
C ALA M 408 16.34 -71.63 44.21
N ALA M 409 16.35 -71.15 45.44
CA ALA M 409 15.13 -70.66 46.07
C ALA M 409 14.51 -69.54 45.25
N GLY M 410 13.19 -69.60 45.09
CA GLY M 410 12.46 -68.59 44.35
C GLY M 410 12.28 -68.86 42.88
N SER M 411 12.73 -70.01 42.38
CA SER M 411 12.60 -70.32 40.96
C SER M 411 11.14 -70.49 40.59
N PHE M 412 10.82 -70.19 39.32
CA PHE M 412 9.49 -70.37 38.80
C PHE M 412 9.33 -71.76 38.20
N ILE M 413 8.19 -72.39 38.47
CA ILE M 413 7.92 -73.76 38.03
C ILE M 413 6.78 -73.81 37.01
N ALA M 414 5.58 -73.41 37.42
CA ALA M 414 4.44 -73.47 36.51
C ALA M 414 3.36 -72.53 37.01
N ALA M 415 2.43 -72.20 36.12
CA ALA M 415 1.33 -71.31 36.43
C ALA M 415 0.03 -71.89 35.87
N GLN M 416 -1.07 -71.59 36.54
CA GLN M 416 -2.39 -72.06 36.16
C GLN M 416 -3.38 -70.91 36.32
N ALA M 417 -4.33 -70.82 35.40
CA ALA M 417 -5.27 -69.71 35.42
C ALA M 417 -6.32 -69.92 34.34
N ALA M 418 -7.40 -69.15 34.42
CA ALA M 418 -8.40 -69.06 33.35
C ALA M 418 -7.97 -67.93 32.42
N TRP M 419 -7.23 -68.29 31.38
CA TRP M 419 -6.55 -67.30 30.56
C TRP M 419 -7.54 -66.41 29.81
N LYS M 420 -8.65 -66.96 29.32
CA LYS M 420 -9.59 -66.17 28.54
C LYS M 420 -10.16 -64.99 29.32
N THR M 421 -9.92 -64.90 30.62
CA THR M 421 -10.31 -63.72 31.39
C THR M 421 -9.24 -63.26 32.37
N ALA M 422 -8.09 -63.93 32.47
CA ALA M 422 -7.04 -63.49 33.38
C ALA M 422 -6.11 -62.47 32.73
N TYR M 423 -6.01 -62.48 31.40
CA TYR M 423 -5.12 -61.58 30.69
C TYR M 423 -5.69 -61.30 29.31
N TYR M 424 -5.54 -60.07 28.84
CA TYR M 424 -6.09 -59.62 27.57
C TYR M 424 -4.97 -59.12 26.66
N ALA M 425 -5.19 -59.24 25.36
CA ALA M 425 -4.27 -58.73 24.35
C ALA M 425 -5.04 -57.83 23.39
N VAL M 426 -4.51 -56.64 23.13
CA VAL M 426 -5.14 -55.66 22.25
C VAL M 426 -4.21 -55.36 21.10
N GLU M 427 -4.78 -55.25 19.90
CA GLU M 427 -4.04 -54.99 18.68
C GLU M 427 -4.64 -53.77 17.97
N LYS M 428 -3.76 -52.89 17.48
CA LYS M 428 -4.21 -51.66 16.84
C LYS M 428 -3.78 -51.58 15.38
N ARG M 429 -2.50 -51.82 15.09
CA ARG M 429 -1.97 -51.66 13.74
C ARG M 429 -0.99 -52.78 13.40
N PRO M 430 -1.11 -53.38 12.22
CA PRO M 430 -0.07 -54.31 11.76
C PRO M 430 1.17 -53.55 11.30
N MET M 431 2.29 -54.29 11.25
CA MET M 431 3.56 -53.68 10.91
C MET M 431 3.53 -53.14 9.48
N PHE M 432 4.20 -52.00 9.28
CA PHE M 432 4.25 -51.35 7.99
C PHE M 432 5.67 -50.90 7.68
N PHE M 433 5.97 -50.78 6.38
CA PHE M 433 7.29 -50.37 5.90
C PHE M 433 7.15 -49.18 4.97
N GLU M 434 8.04 -48.21 5.12
CA GLU M 434 8.06 -47.02 4.28
C GLU M 434 9.49 -46.63 3.99
N GLN M 435 9.68 -45.94 2.85
CA GLN M 435 10.99 -45.47 2.43
C GLN M 435 11.17 -44.02 2.84
N TYR M 436 12.29 -43.72 3.48
CA TYR M 436 12.54 -42.39 4.05
C TYR M 436 13.11 -41.49 2.96
N GLU M 437 12.27 -40.62 2.41
CA GLU M 437 12.72 -39.71 1.37
C GLU M 437 13.71 -38.67 1.88
N GLY M 438 13.60 -38.28 3.15
CA GLY M 438 14.52 -37.28 3.69
C GLY M 438 15.93 -37.78 3.92
N GLY M 439 16.11 -39.09 4.06
CA GLY M 439 17.43 -39.66 4.28
C GLY M 439 17.94 -40.41 3.07
N SER M 440 17.07 -40.64 2.09
CA SER M 440 17.49 -41.29 0.86
C SER M 440 18.42 -40.37 0.07
N SER M 441 18.88 -40.87 -1.06
CA SER M 441 19.79 -40.13 -1.94
C SER M 441 19.84 -40.85 -3.27
N ALA M 442 20.76 -40.43 -4.14
CA ALA M 442 20.98 -41.14 -5.39
C ALA M 442 21.88 -42.35 -5.21
N TRP M 443 22.54 -42.47 -4.05
CA TRP M 443 23.45 -43.57 -3.77
C TRP M 443 23.16 -44.26 -2.44
N CYS M 444 22.01 -44.02 -1.83
CA CYS M 444 21.63 -44.64 -0.57
C CYS M 444 20.13 -44.79 -0.52
N VAL M 445 19.67 -45.64 0.40
CA VAL M 445 18.25 -45.85 0.65
C VAL M 445 18.05 -46.16 2.11
N LYS M 446 16.94 -45.70 2.67
CA LYS M 446 16.63 -45.88 4.09
C LYS M 446 15.17 -46.25 4.23
N TYR M 447 14.89 -47.26 5.05
CA TYR M 447 13.55 -47.76 5.27
C TYR M 447 13.17 -47.60 6.74
N GLN M 448 11.87 -47.43 6.98
CA GLN M 448 11.33 -47.24 8.32
C GLN M 448 10.15 -48.18 8.54
N PHE M 449 10.00 -48.66 9.76
CA PHE M 449 8.93 -49.61 10.08
C PHE M 449 8.56 -49.49 11.55
N GLY M 450 7.33 -49.87 11.85
CA GLY M 450 6.86 -49.87 13.23
C GLY M 450 5.46 -50.44 13.33
N ALA M 451 5.05 -50.68 14.57
CA ALA M 451 3.73 -51.25 14.83
C ALA M 451 3.27 -50.86 16.24
N GLU M 452 1.97 -50.98 16.48
CA GLU M 452 1.35 -50.58 17.73
C GLU M 452 0.58 -51.75 18.32
N ASP M 453 0.67 -51.93 19.63
CA ASP M 453 0.02 -53.05 20.31
C ASP M 453 0.05 -52.80 21.81
N GLY M 454 -0.63 -53.68 22.55
CA GLY M 454 -0.63 -53.56 23.99
C GLY M 454 -1.41 -54.70 24.63
N GLY M 455 -1.41 -54.69 25.96
CA GLY M 455 -2.13 -55.69 26.73
C GLY M 455 -2.19 -55.30 28.19
N PHE M 456 -3.20 -55.83 28.88
CA PHE M 456 -3.44 -55.50 30.27
C PHE M 456 -4.00 -56.71 31.01
N VAL M 457 -3.80 -56.73 32.32
CA VAL M 457 -4.27 -57.84 33.15
C VAL M 457 -5.73 -57.65 33.48
N GLY M 458 -6.47 -58.75 33.53
CA GLY M 458 -7.89 -58.70 33.82
C GLY M 458 -8.22 -59.06 35.26
N CYS M 459 -8.89 -60.18 35.46
CA CYS M 459 -9.29 -60.61 36.80
C CYS M 459 -8.08 -61.17 37.54
N CYS M 460 -7.79 -60.60 38.71
CA CYS M 460 -6.62 -61.01 39.46
C CYS M 460 -6.78 -62.37 40.14
N GLU M 461 -8.02 -62.76 40.48
CA GLU M 461 -8.23 -63.97 41.25
C GLU M 461 -8.20 -65.23 40.39
N HIS M 462 -8.24 -65.11 39.07
CA HIS M 462 -8.38 -66.25 38.18
C HIS M 462 -7.07 -66.93 37.85
N GLY M 463 -6.00 -66.68 38.60
CA GLY M 463 -4.72 -67.29 38.30
C GLY M 463 -3.96 -67.63 39.57
N ARG M 464 -3.06 -68.60 39.43
CA ARG M 464 -2.20 -69.04 40.53
C ARG M 464 -0.82 -69.35 39.99
N VAL M 465 0.19 -69.18 40.85
CA VAL M 465 1.58 -69.35 40.47
C VAL M 465 2.26 -70.25 41.50
N LEU M 466 3.15 -71.12 41.03
CA LEU M 466 3.89 -72.04 41.88
C LEU M 466 5.38 -71.69 41.81
N ARG M 467 6.01 -71.63 42.99
CA ARG M 467 7.43 -71.28 43.08
C ARG M 467 8.09 -72.19 44.10
N ILE M 468 9.39 -72.38 43.94
CA ILE M 468 10.15 -73.21 44.86
C ILE M 468 10.37 -72.43 46.16
N GLY M 469 10.12 -73.08 47.28
CA GLY M 469 10.32 -72.46 48.58
C GLY M 469 11.71 -72.71 49.12
N PHE N 165 45.87 -157.49 1.88
CA PHE N 165 45.80 -156.00 1.73
C PHE N 165 44.81 -155.40 2.72
N GLU N 166 45.33 -154.59 3.63
CA GLU N 166 44.52 -153.95 4.65
C GLU N 166 44.86 -152.47 4.70
N ALA N 167 43.87 -151.65 5.04
CA ALA N 167 44.02 -150.20 4.92
C ALA N 167 45.22 -149.69 5.70
N SER N 168 45.55 -150.33 6.83
CA SER N 168 46.61 -149.83 7.69
C SER N 168 48.00 -150.03 7.11
N THR N 169 48.14 -150.78 6.02
CA THR N 169 49.45 -151.09 5.45
C THR N 169 49.68 -150.56 4.05
N ILE N 170 48.65 -150.05 3.39
CA ILE N 170 48.76 -149.56 2.02
C ILE N 170 48.48 -148.07 1.99
N GLY N 171 48.88 -147.44 0.88
CA GLY N 171 48.78 -146.01 0.75
C GLY N 171 47.35 -145.52 0.56
N PRO N 172 47.12 -144.24 0.86
CA PRO N 172 45.74 -143.72 0.78
C PRO N 172 45.20 -143.57 -0.63
N ALA N 173 46.04 -143.69 -1.66
CA ALA N 173 45.60 -143.42 -3.02
C ALA N 173 44.48 -144.35 -3.47
N PHE N 174 44.30 -145.50 -2.81
CA PHE N 174 43.32 -146.47 -3.27
C PHE N 174 41.90 -146.05 -2.91
N PHE N 175 41.72 -145.31 -1.82
CA PHE N 175 40.41 -144.95 -1.31
C PHE N 175 40.12 -143.49 -1.61
N THR N 176 38.98 -143.23 -2.25
CA THR N 176 38.55 -141.88 -2.58
C THR N 176 37.40 -141.45 -1.70
N PRO N 177 37.52 -140.37 -0.93
CA PRO N 177 36.44 -140.00 -0.01
C PRO N 177 35.22 -139.46 -0.73
N GLN N 178 34.08 -139.52 -0.04
CA GLN N 178 32.81 -139.02 -0.56
C GLN N 178 32.83 -137.49 -0.58
N VAL N 179 32.27 -136.91 -1.63
CA VAL N 179 32.23 -135.46 -1.78
C VAL N 179 30.85 -134.96 -1.37
N LEU N 180 30.80 -134.14 -0.32
CA LEU N 180 29.55 -133.62 0.20
C LEU N 180 29.27 -132.23 -0.37
N ALA N 181 27.99 -131.97 -0.61
CA ALA N 181 27.55 -130.69 -1.18
C ALA N 181 27.07 -129.75 -0.08
N LEU N 182 28.00 -129.34 0.79
CA LEU N 182 27.71 -128.37 1.83
C LEU N 182 28.91 -127.46 2.00
N GLU N 183 28.64 -126.24 2.47
CA GLU N 183 29.66 -125.23 2.68
C GLU N 183 29.47 -124.60 4.06
N VAL N 184 30.58 -124.40 4.76
CA VAL N 184 30.57 -123.80 6.10
C VAL N 184 31.02 -122.36 5.98
N ASP N 185 30.25 -121.44 6.54
CA ASP N 185 30.54 -120.01 6.40
C ASP N 185 29.98 -119.29 7.64
N CYS N 186 30.88 -118.85 8.51
CA CYS N 186 30.50 -118.17 9.75
C CYS N 186 30.55 -116.65 9.64
N ASN N 187 30.83 -116.11 8.46
CA ASN N 187 31.00 -114.68 8.33
C ASN N 187 29.67 -113.94 8.49
N ILE N 188 29.75 -112.68 8.92
CA ILE N 188 28.59 -111.86 9.25
C ILE N 188 28.77 -110.47 8.67
N GLU N 189 27.66 -109.75 8.57
CA GLU N 189 27.65 -108.38 8.04
C GLU N 189 26.65 -107.57 8.86
N CYS N 190 27.14 -106.54 9.54
CA CYS N 190 26.31 -105.76 10.45
C CYS N 190 25.25 -104.97 9.68
N ALA N 191 24.14 -104.69 10.35
CA ALA N 191 23.07 -103.92 9.76
C ALA N 191 23.53 -102.48 9.52
N SER N 192 23.01 -101.88 8.44
CA SER N 192 23.48 -100.56 8.02
C SER N 192 22.50 -99.47 8.44
N LEU N 193 23.04 -98.31 8.76
CA LEU N 193 22.26 -97.12 9.06
C LEU N 193 22.07 -96.24 7.83
N LEU N 194 22.38 -96.74 6.65
CA LEU N 194 22.49 -95.88 5.47
C LEU N 194 21.16 -95.19 5.16
N ASP N 195 20.06 -95.93 5.23
CA ASP N 195 18.77 -95.37 4.82
C ASP N 195 18.31 -94.22 5.71
N LEU N 196 18.87 -94.09 6.92
CA LEU N 196 18.51 -92.96 7.77
C LEU N 196 19.02 -91.64 7.18
N TYR N 197 20.23 -91.66 6.63
CA TYR N 197 20.87 -90.42 6.21
C TYR N 197 20.16 -89.81 5.02
N GLY N 198 20.31 -88.49 4.87
CA GLY N 198 19.75 -87.80 3.73
C GLY N 198 20.52 -88.12 2.47
N GLN N 199 19.80 -88.16 1.35
CA GLN N 199 20.37 -88.56 0.06
C GLN N 199 20.58 -87.34 -0.82
N ILE N 200 21.77 -87.22 -1.39
CA ILE N 200 22.11 -86.14 -2.31
C ILE N 200 22.80 -86.76 -3.52
N GLU N 201 22.63 -86.12 -4.67
CA GLU N 201 23.24 -86.56 -5.92
C GLU N 201 24.03 -85.41 -6.54
N VAL N 202 25.24 -85.73 -7.02
CA VAL N 202 26.09 -84.76 -7.68
C VAL N 202 26.69 -85.41 -8.92
N SER N 203 27.22 -84.56 -9.81
CA SER N 203 27.88 -85.01 -11.03
C SER N 203 29.26 -84.41 -11.20
N ARG N 204 29.79 -83.74 -10.17
CA ARG N 204 31.13 -83.17 -10.22
C ARG N 204 31.82 -83.39 -8.89
N SER N 205 33.14 -83.25 -8.89
CA SER N 205 33.94 -83.54 -7.72
C SER N 205 33.78 -82.52 -6.60
N THR N 206 33.12 -81.39 -6.86
CA THR N 206 32.94 -80.35 -5.84
C THR N 206 31.54 -79.78 -5.95
N PHE N 207 31.07 -79.20 -4.84
CA PHE N 207 29.72 -78.66 -4.77
C PHE N 207 29.69 -77.56 -3.71
N THR N 208 28.62 -76.77 -3.74
CA THR N 208 28.46 -75.65 -2.82
C THR N 208 27.03 -75.61 -2.29
N TYR N 209 26.87 -75.04 -1.10
CA TYR N 209 25.55 -74.81 -0.50
C TYR N 209 25.68 -73.70 0.54
N MET N 210 24.53 -73.17 0.94
CA MET N 210 24.46 -72.00 1.80
C MET N 210 23.87 -72.35 3.16
N LYS N 211 24.37 -71.67 4.19
CA LYS N 211 23.92 -71.85 5.57
C LYS N 211 23.55 -70.49 6.14
N ILE N 212 22.33 -70.39 6.68
CA ILE N 212 21.85 -69.16 7.30
C ILE N 212 22.21 -69.19 8.78
N ALA N 213 23.36 -68.61 9.13
CA ALA N 213 23.86 -68.74 10.50
C ALA N 213 22.96 -68.04 11.51
N ASP N 214 22.47 -66.85 11.19
CA ASP N 214 21.76 -66.04 12.19
C ASP N 214 20.82 -65.08 11.47
N TYR N 215 19.80 -64.61 12.21
CA TYR N 215 18.85 -63.64 11.69
C TYR N 215 19.04 -62.24 12.26
N GLY N 216 19.72 -62.11 13.40
CA GLY N 216 19.93 -60.80 13.99
C GLY N 216 18.68 -60.27 14.67
N GLN N 217 18.80 -59.04 15.16
CA GLN N 217 17.72 -58.37 15.87
C GLN N 217 17.42 -57.03 15.21
N LEU N 218 16.15 -56.63 15.24
CA LEU N 218 15.72 -55.37 14.66
C LEU N 218 14.58 -54.81 15.49
N GLY N 219 14.45 -53.49 15.50
CA GLY N 219 13.33 -52.84 16.15
C GLY N 219 13.49 -52.76 17.66
N GLU N 220 12.52 -52.09 18.28
CA GLU N 220 12.52 -51.91 19.73
C GLU N 220 11.24 -51.19 20.12
N TYR N 221 10.93 -51.25 21.42
CA TYR N 221 9.85 -50.46 21.97
C TYR N 221 10.38 -49.10 22.38
N THR N 222 9.80 -48.04 21.81
CA THR N 222 10.31 -46.68 22.00
C THR N 222 9.23 -45.79 22.58
N CYS N 223 9.67 -44.67 23.14
CA CYS N 223 8.74 -43.69 23.68
C CYS N 223 7.92 -43.07 22.56
N ASP N 224 6.71 -42.60 22.90
CA ASP N 224 5.83 -42.07 21.89
C ASP N 224 6.30 -40.70 21.38
N ALA N 225 6.86 -39.89 22.26
CA ALA N 225 7.27 -38.54 21.87
C ALA N 225 8.46 -38.53 20.92
N LYS N 226 9.23 -39.62 20.85
CA LYS N 226 10.40 -39.65 19.99
C LYS N 226 9.99 -39.49 18.53
N CYS N 227 10.87 -38.87 17.74
CA CYS N 227 10.62 -38.60 16.34
C CYS N 227 11.27 -39.62 15.41
N ASP N 228 12.19 -40.44 15.91
CA ASP N 228 13.02 -41.27 15.06
C ASP N 228 13.07 -42.69 15.64
N ALA N 229 13.96 -43.50 15.10
CA ALA N 229 14.16 -44.87 15.56
C ALA N 229 15.66 -45.11 15.72
N GLU N 230 16.01 -46.36 16.02
CA GLU N 230 17.38 -46.75 16.25
C GLU N 230 17.75 -47.94 15.36
N PHE N 231 19.03 -48.04 15.03
CA PHE N 231 19.50 -49.11 14.17
C PHE N 231 19.69 -50.39 14.96
N GLY N 232 19.44 -51.53 14.31
CA GLY N 232 19.60 -52.83 14.91
C GLY N 232 20.93 -53.46 14.55
N GLU N 233 20.92 -54.80 14.47
CA GLU N 233 22.10 -55.57 14.11
C GLU N 233 21.73 -56.54 12.99
N PRO N 234 22.49 -56.60 11.90
CA PRO N 234 22.12 -57.49 10.79
C PRO N 234 22.46 -58.94 11.10
N GLY N 235 21.95 -59.82 10.25
CA GLY N 235 22.14 -61.24 10.41
C GLY N 235 23.50 -61.69 9.87
N ASN N 236 23.52 -62.92 9.39
CA ASN N 236 24.73 -63.51 8.84
C ASN N 236 24.35 -64.67 7.93
N ILE N 237 25.08 -64.82 6.82
CA ILE N 237 24.89 -65.92 5.88
C ILE N 237 26.26 -66.41 5.44
N ARG N 238 26.38 -67.73 5.27
CA ARG N 238 27.65 -68.36 4.97
C ARG N 238 27.53 -69.24 3.73
N HIS N 239 28.65 -69.43 3.04
CA HIS N 239 28.74 -70.32 1.90
C HIS N 239 29.65 -71.49 2.24
N LEU N 240 29.24 -72.69 1.83
CA LEU N 240 29.94 -73.91 2.19
C LEU N 240 30.12 -74.79 0.96
N GLU N 241 31.11 -75.68 1.04
CA GLU N 241 31.45 -76.56 -0.08
C GLU N 241 32.02 -77.86 0.47
N GLY N 242 32.00 -78.90 -0.38
CA GLY N 242 32.49 -80.21 0.01
C GLY N 242 33.37 -80.86 -1.04
N LYS N 243 33.40 -82.19 -1.05
CA LYS N 243 34.25 -82.95 -1.97
C LYS N 243 33.62 -84.29 -2.26
N THR N 244 34.26 -85.04 -3.14
CA THR N 244 33.93 -86.44 -3.41
C THR N 244 35.21 -87.24 -3.46
N TYR N 245 35.16 -88.48 -2.99
CA TYR N 245 36.35 -89.30 -2.77
C TYR N 245 36.34 -90.52 -3.68
N ASP N 246 37.52 -91.11 -3.86
CA ASP N 246 37.76 -92.15 -4.86
C ASP N 246 38.15 -93.46 -4.20
N TYR N 247 37.62 -94.56 -4.73
CA TYR N 247 37.92 -95.91 -4.25
C TYR N 247 38.55 -96.68 -5.41
N ARG N 248 39.71 -97.29 -5.15
CA ARG N 248 40.48 -97.95 -6.19
C ARG N 248 41.02 -99.29 -5.68
N GLY N 249 41.23 -100.21 -6.63
CA GLY N 249 41.79 -101.50 -6.31
C GLY N 249 42.16 -102.25 -7.58
N VAL N 250 43.06 -103.21 -7.43
CA VAL N 250 43.57 -103.97 -8.56
C VAL N 250 44.01 -105.35 -8.08
N PHE N 251 43.73 -106.37 -8.89
CA PHE N 251 44.18 -107.73 -8.58
C PHE N 251 44.50 -108.43 -9.90
N CYS N 252 45.34 -109.47 -9.80
CA CYS N 252 45.92 -110.10 -10.98
C CYS N 252 45.92 -111.62 -10.81
N PHE N 253 45.97 -112.33 -11.94
CA PHE N 253 45.92 -113.78 -11.96
C PHE N 253 46.96 -114.33 -12.92
N ASN N 254 47.29 -115.62 -12.73
CA ASN N 254 48.08 -116.35 -13.69
C ASN N 254 47.15 -117.24 -14.52
N ARG N 255 47.28 -117.15 -15.85
CA ARG N 255 46.31 -117.76 -16.74
C ARG N 255 46.26 -119.28 -16.62
N LYS N 256 47.41 -119.94 -16.46
CA LYS N 256 47.40 -121.40 -16.44
C LYS N 256 46.84 -121.93 -15.12
N ASN N 257 47.22 -121.31 -14.00
CA ASN N 257 46.63 -121.71 -12.72
C ASN N 257 45.14 -121.45 -12.69
N LEU N 258 44.70 -120.29 -13.20
CA LEU N 258 43.28 -119.98 -13.21
C LEU N 258 42.48 -120.95 -14.06
N GLN N 259 43.13 -121.63 -15.00
CA GLN N 259 42.45 -122.60 -15.85
C GLN N 259 42.53 -124.02 -15.30
N GLU N 260 43.63 -124.35 -14.63
CA GLU N 260 43.78 -125.69 -14.06
C GLU N 260 42.96 -125.87 -12.79
N ALA N 261 42.87 -124.83 -11.97
CA ALA N 261 42.19 -124.95 -10.69
C ALA N 261 40.74 -125.37 -10.88
N ASN N 262 40.24 -126.17 -9.94
CA ASN N 262 38.90 -126.73 -10.01
C ASN N 262 37.86 -125.86 -9.32
N TYR N 263 38.24 -124.69 -8.81
CA TYR N 263 37.31 -123.78 -8.16
C TYR N 263 37.48 -122.39 -8.76
N ASP N 264 36.36 -121.71 -8.99
CA ASP N 264 36.35 -120.43 -9.70
C ASP N 264 36.78 -119.33 -8.75
N PHE N 265 38.01 -118.85 -8.92
CA PHE N 265 38.52 -117.77 -8.09
C PHE N 265 38.04 -116.39 -8.53
N LEU N 266 37.69 -116.23 -9.80
CA LEU N 266 37.36 -114.91 -10.32
C LEU N 266 36.09 -114.36 -9.68
N SER N 267 35.02 -115.15 -9.68
CA SER N 267 33.79 -114.69 -9.05
C SER N 267 33.96 -114.50 -7.55
N PHE N 268 34.77 -115.35 -6.91
CA PHE N 268 35.05 -115.16 -5.49
C PHE N 268 35.71 -113.81 -5.25
N MET N 269 36.69 -113.45 -6.07
CA MET N 269 37.36 -112.16 -5.88
C MET N 269 36.43 -110.99 -6.18
N ILE N 270 35.58 -111.12 -7.20
CA ILE N 270 34.62 -110.05 -7.50
C ILE N 270 33.68 -109.83 -6.32
N GLY N 271 33.13 -110.92 -5.78
CA GLY N 271 32.26 -110.80 -4.63
C GLY N 271 32.97 -110.21 -3.42
N ALA N 272 34.22 -110.63 -3.19
CA ALA N 272 34.98 -110.06 -2.08
C ALA N 272 35.20 -108.57 -2.27
N ALA N 273 35.50 -108.13 -3.49
CA ALA N 273 35.69 -106.71 -3.75
C ALA N 273 34.42 -105.93 -3.44
N GLN N 274 33.28 -106.42 -3.92
CA GLN N 274 32.02 -105.72 -3.66
C GLN N 274 31.71 -105.66 -2.16
N ARG N 275 31.90 -106.79 -1.47
CA ARG N 275 31.63 -106.84 -0.04
C ARG N 275 32.52 -105.86 0.72
N SER N 276 33.80 -105.83 0.38
CA SER N 276 34.71 -104.90 1.04
C SER N 276 34.35 -103.46 0.75
N HIS N 277 33.92 -103.16 -0.48
CA HIS N 277 33.47 -101.81 -0.80
C HIS N 277 32.32 -101.40 0.09
N ARG N 278 31.31 -102.27 0.21
CA ARG N 278 30.15 -101.92 1.05
C ARG N 278 30.57 -101.72 2.50
N ILE N 279 31.38 -102.63 3.04
CA ILE N 279 31.78 -102.53 4.44
C ILE N 279 32.56 -101.24 4.67
N ASN N 280 33.49 -100.93 3.78
CA ASN N 280 34.30 -99.72 3.95
C ASN N 280 33.45 -98.47 3.83
N ARG N 281 32.48 -98.45 2.92
CA ARG N 281 31.59 -97.29 2.81
C ARG N 281 30.83 -97.06 4.12
N ASN N 282 30.25 -98.14 4.66
CA ASN N 282 29.49 -98.01 5.89
C ASN N 282 30.38 -97.58 7.05
N ARG N 283 31.61 -98.10 7.13
CA ARG N 283 32.51 -97.69 8.19
C ARG N 283 32.90 -96.23 8.04
N ALA N 284 33.15 -95.79 6.80
CA ALA N 284 33.61 -94.43 6.56
C ALA N 284 32.53 -93.42 6.94
N LEU N 285 31.27 -93.70 6.57
CA LEU N 285 30.20 -92.76 6.88
C LEU N 285 30.07 -92.50 8.38
N MET N 286 30.55 -93.42 9.23
CA MET N 286 30.34 -93.33 10.67
C MET N 286 31.58 -92.96 11.45
N VAL N 287 32.77 -93.41 11.04
CA VAL N 287 34.00 -93.18 11.79
C VAL N 287 35.13 -92.64 10.93
N GLY N 288 34.97 -92.62 9.61
CA GLY N 288 36.05 -92.18 8.76
C GLY N 288 36.44 -90.73 9.04
N ASP N 289 37.70 -90.42 8.76
CA ASP N 289 38.22 -89.07 8.86
C ASP N 289 38.29 -88.44 7.48
N GLY N 290 38.33 -87.12 7.43
CA GLY N 290 38.16 -86.40 6.18
C GLY N 290 39.38 -86.36 5.29
N ILE N 291 40.45 -87.06 5.65
CA ILE N 291 41.70 -86.98 4.91
C ILE N 291 41.51 -87.51 3.49
N ASN N 292 41.15 -88.78 3.36
CA ASN N 292 40.93 -89.41 2.06
C ASN N 292 39.55 -90.04 1.92
N GLU N 293 38.77 -90.10 3.00
CA GLU N 293 37.44 -90.67 3.00
C GLU N 293 36.51 -89.72 3.72
N PRO N 294 35.19 -89.85 3.52
CA PRO N 294 34.25 -88.96 4.20
C PRO N 294 34.53 -88.91 5.69
N LYS N 295 34.04 -87.86 6.34
CA LYS N 295 34.19 -87.69 7.78
C LYS N 295 32.93 -88.16 8.49
N GLY N 296 33.10 -88.97 9.53
CA GLY N 296 31.99 -89.51 10.27
C GLY N 296 31.60 -88.63 11.44
N TRP N 297 30.37 -88.80 11.91
CA TRP N 297 29.87 -87.97 12.99
C TRP N 297 30.38 -88.38 14.35
N LEU N 298 31.01 -89.55 14.48
CA LEU N 298 31.69 -89.90 15.71
C LEU N 298 33.08 -89.31 15.78
N LYS N 299 33.79 -89.22 14.66
CA LYS N 299 35.07 -88.52 14.61
C LYS N 299 34.88 -87.01 14.72
N GLU N 300 33.87 -86.48 14.03
CA GLU N 300 33.51 -85.07 14.13
C GLU N 300 32.46 -84.93 15.23
N ASP N 301 32.94 -84.93 16.47
CA ASP N 301 32.05 -84.92 17.62
C ASP N 301 31.49 -83.53 17.87
N CYS N 302 30.75 -83.00 16.88
CA CYS N 302 30.14 -81.69 17.06
C CYS N 302 28.82 -81.76 17.81
N PHE N 303 28.24 -82.95 17.94
CA PHE N 303 26.98 -83.10 18.67
C PHE N 303 27.22 -82.81 20.14
N PRO N 304 26.32 -82.09 20.82
CA PRO N 304 26.52 -81.82 22.24
C PRO N 304 26.51 -83.11 23.05
N THR N 305 27.31 -83.13 24.10
CA THR N 305 27.58 -84.33 24.87
C THR N 305 26.99 -84.20 26.26
N PHE N 306 26.35 -85.27 26.74
CA PHE N 306 25.81 -85.29 28.09
C PHE N 306 26.46 -86.43 28.84
N LEU N 307 26.62 -86.26 30.15
CA LEU N 307 27.32 -87.21 30.99
C LEU N 307 26.41 -87.75 32.08
N THR N 308 26.64 -89.01 32.44
CA THR N 308 25.92 -89.64 33.54
C THR N 308 26.68 -89.45 34.84
N LEU N 309 25.95 -89.33 35.95
CA LEU N 309 26.58 -89.06 37.23
C LEU N 309 26.99 -90.36 37.92
N PRO N 310 28.04 -90.32 38.73
CA PRO N 310 28.46 -91.54 39.44
C PRO N 310 27.55 -91.84 40.62
N VAL N 311 27.57 -93.10 41.05
CA VAL N 311 26.74 -93.60 42.14
C VAL N 311 27.65 -93.99 43.29
N ASN N 312 27.36 -93.47 44.48
CA ASN N 312 28.18 -93.74 45.66
C ASN N 312 27.73 -95.06 46.28
N THR N 313 28.44 -96.14 45.95
CA THR N 313 28.15 -97.46 46.47
C THR N 313 28.75 -97.70 47.86
N GLY N 314 29.51 -96.74 48.38
CA GLY N 314 30.06 -96.86 49.72
C GLY N 314 29.09 -96.38 50.77
N THR N 315 29.58 -95.62 51.75
CA THR N 315 28.75 -95.06 52.79
C THR N 315 29.07 -93.58 52.96
N PRO N 316 28.12 -92.78 53.44
CA PRO N 316 28.44 -91.38 53.77
C PRO N 316 29.65 -91.28 54.69
N GLU N 317 29.84 -92.31 55.52
CA GLU N 317 31.01 -92.36 56.38
C GLU N 317 32.30 -92.45 55.57
N ASN N 318 32.29 -93.21 54.48
CA ASN N 318 33.46 -93.38 53.63
C ASN N 318 33.02 -93.51 52.18
N PRO N 319 32.71 -92.41 51.50
CA PRO N 319 32.14 -92.51 50.15
C PRO N 319 33.08 -93.20 49.17
N VAL N 320 32.47 -93.91 48.21
CA VAL N 320 33.21 -94.55 47.13
C VAL N 320 32.45 -94.30 45.82
N GLN N 321 32.94 -93.35 45.03
CA GLN N 321 32.27 -92.99 43.78
C GLN N 321 32.52 -94.06 42.74
N THR N 322 31.45 -94.46 42.04
CA THR N 322 31.55 -95.46 40.98
C THR N 322 30.76 -95.00 39.76
N PRO N 323 31.35 -94.99 38.56
CA PRO N 323 30.56 -94.66 37.37
C PRO N 323 29.43 -95.66 37.20
N ALA N 324 28.28 -95.17 36.73
CA ALA N 324 27.07 -95.98 36.71
C ALA N 324 26.18 -95.55 35.57
N PHE N 325 25.21 -96.41 35.26
CA PHE N 325 24.19 -96.16 34.26
C PHE N 325 22.88 -96.74 34.75
N LEU N 326 21.90 -95.87 34.97
CA LEU N 326 20.64 -96.28 35.59
C LEU N 326 19.50 -96.09 34.59
N ALA N 327 18.37 -96.72 34.89
CA ALA N 327 17.24 -96.71 33.97
C ALA N 327 16.70 -95.31 33.74
N GLN N 328 16.55 -94.51 34.80
CA GLN N 328 15.96 -93.19 34.64
C GLN N 328 16.81 -92.26 33.80
N ASP N 329 18.11 -92.51 33.72
CA ASP N 329 18.95 -91.70 32.84
C ASP N 329 18.54 -91.86 31.38
N TRP N 330 18.18 -93.07 30.97
CA TRP N 330 17.71 -93.27 29.60
C TRP N 330 16.45 -92.45 29.33
N ARG N 331 15.50 -92.49 30.25
CA ARG N 331 14.27 -91.72 30.07
C ARG N 331 14.58 -90.23 30.00
N ARG N 332 15.41 -89.74 30.91
CA ARG N 332 15.74 -88.32 30.92
C ARG N 332 16.39 -87.91 29.61
N PHE N 333 17.32 -88.72 29.11
CA PHE N 333 18.00 -88.41 27.85
C PHE N 333 17.01 -88.41 26.69
N VAL N 334 16.22 -89.46 26.56
CA VAL N 334 15.37 -89.58 25.38
C VAL N 334 14.28 -88.52 25.36
N THR N 335 13.70 -88.18 26.52
CA THR N 335 12.58 -87.25 26.54
C THR N 335 13.00 -85.79 26.49
N SER N 336 14.30 -85.50 26.51
CA SER N 336 14.76 -84.12 26.52
C SER N 336 15.01 -83.55 25.13
N PHE N 337 14.73 -84.32 24.08
CA PHE N 337 14.95 -83.83 22.73
C PHE N 337 13.92 -82.74 22.41
N PRO N 338 14.35 -81.54 22.01
CA PRO N 338 13.36 -80.45 21.78
C PRO N 338 12.32 -80.85 20.76
N ALA N 339 11.07 -80.46 21.03
CA ALA N 339 9.98 -80.78 20.12
C ALA N 339 10.02 -79.94 18.85
N GLU N 340 10.77 -78.84 18.85
CA GLU N 340 10.83 -78.00 17.65
C GLU N 340 11.45 -78.74 16.49
N TYR N 341 12.52 -79.50 16.72
CA TYR N 341 13.22 -80.18 15.66
C TYR N 341 12.42 -81.33 15.03
N GLY N 342 11.43 -81.85 15.73
CA GLY N 342 10.61 -82.91 15.19
C GLY N 342 10.97 -84.28 15.74
N ASP N 343 10.71 -85.30 14.93
CA ASP N 343 10.91 -86.68 15.34
C ASP N 343 12.40 -87.01 15.40
N ALA N 344 12.70 -88.16 16.01
CA ALA N 344 14.08 -88.60 16.16
C ALA N 344 14.12 -90.11 16.33
N ARG N 345 15.32 -90.68 16.16
CA ARG N 345 15.57 -92.09 16.37
C ARG N 345 16.87 -92.27 17.13
N SER N 346 16.99 -93.36 17.86
CA SER N 346 18.21 -93.67 18.61
C SER N 346 18.98 -94.79 17.93
N VAL N 347 20.25 -94.93 18.31
CA VAL N 347 21.11 -95.97 17.80
C VAL N 347 21.90 -96.56 18.98
N MET N 348 21.95 -97.89 19.05
CA MET N 348 22.59 -98.55 20.18
C MET N 348 23.19 -99.87 19.71
N HIS N 349 24.14 -100.37 20.50
CA HIS N 349 24.58 -101.75 20.37
C HIS N 349 23.66 -102.66 21.18
N GLN N 350 23.32 -103.82 20.63
CA GLN N 350 22.33 -104.67 21.29
C GLN N 350 22.74 -105.04 22.70
N ASN N 351 24.04 -105.03 23.00
CA ASN N 351 24.47 -105.29 24.37
C ASN N 351 23.94 -104.24 25.33
N VAL N 352 23.89 -102.98 24.91
CA VAL N 352 23.36 -101.94 25.78
C VAL N 352 21.87 -102.14 26.01
N PHE N 353 21.13 -102.55 24.97
CA PHE N 353 19.71 -102.83 25.14
C PHE N 353 19.48 -104.00 26.09
N GLY N 354 20.29 -105.06 25.97
CA GLY N 354 20.19 -106.15 26.92
C GLY N 354 20.50 -105.73 28.33
N TYR N 355 21.53 -104.89 28.50
CA TYR N 355 21.86 -104.36 29.82
C TYR N 355 20.69 -103.58 30.38
N LEU N 356 20.04 -102.77 29.53
CA LEU N 356 18.87 -102.01 29.98
C LEU N 356 17.74 -102.92 30.41
N ALA N 357 17.48 -103.98 29.64
CA ALA N 357 16.35 -104.86 29.93
C ALA N 357 16.63 -105.81 31.09
N ALA N 358 17.89 -106.01 31.47
CA ALA N 358 18.22 -106.93 32.55
C ALA N 358 18.36 -106.24 33.90
N MET N 359 17.62 -105.17 34.16
CA MET N 359 17.72 -104.44 35.41
C MET N 359 16.65 -104.88 36.39
N VAL N 360 16.95 -104.73 37.69
CA VAL N 360 16.05 -105.10 38.76
C VAL N 360 15.96 -103.96 39.77
N ASP N 361 14.85 -103.93 40.52
CA ASP N 361 14.65 -102.91 41.52
C ASP N 361 15.17 -103.37 42.88
N ALA N 362 14.81 -102.64 43.93
CA ALA N 362 15.33 -102.92 45.26
C ALA N 362 14.92 -104.29 45.78
N ASN N 363 13.80 -104.84 45.33
CA ASN N 363 13.34 -106.13 45.82
C ASN N 363 13.80 -107.29 44.97
N GLY N 364 14.07 -107.08 43.69
CA GLY N 364 14.45 -108.14 42.78
C GLY N 364 13.49 -108.39 41.65
N ARG N 365 12.39 -107.66 41.59
CA ARG N 365 11.46 -107.80 40.47
C ARG N 365 11.93 -106.93 39.30
N PHE N 366 11.87 -107.51 38.11
CA PHE N 366 12.38 -106.82 36.94
C PHE N 366 11.60 -105.55 36.66
N LEU N 367 12.33 -104.52 36.23
CA LEU N 367 11.69 -103.38 35.59
C LEU N 367 11.30 -103.75 34.17
N PHE N 368 10.57 -102.87 33.50
CA PHE N 368 10.13 -103.12 32.13
C PHE N 368 9.32 -104.41 32.15
N GLY N 369 9.66 -105.41 31.34
CA GLY N 369 8.92 -106.66 31.35
C GLY N 369 8.97 -107.31 32.71
N ASP N 370 7.81 -107.66 33.27
CA ASP N 370 7.71 -108.33 34.56
C ASP N 370 6.73 -109.49 34.45
N GLY N 371 7.00 -110.55 35.21
CA GLY N 371 6.20 -111.75 35.15
C GLY N 371 6.53 -112.68 34.00
N ASP N 372 7.53 -112.35 33.19
CA ASP N 372 7.96 -113.18 32.07
C ASP N 372 9.46 -113.41 32.16
N LEU N 373 9.93 -114.46 31.50
CA LEU N 373 11.34 -114.79 31.54
C LEU N 373 12.17 -113.82 30.70
N THR N 374 11.56 -113.22 29.66
CA THR N 374 12.28 -112.32 28.77
C THR N 374 11.40 -111.15 28.40
N PHE N 375 12.04 -110.02 28.13
CA PHE N 375 11.38 -108.79 27.68
C PHE N 375 11.80 -108.49 26.25
N SER N 376 10.83 -108.28 25.37
CA SER N 376 11.09 -108.03 23.95
C SER N 376 10.07 -107.03 23.43
N PRO N 377 10.35 -105.74 23.57
CA PRO N 377 9.39 -104.73 23.11
C PRO N 377 9.42 -104.58 21.61
N ASP N 378 8.52 -103.72 21.12
CA ASP N 378 8.40 -103.42 19.69
C ASP N 378 9.30 -102.24 19.37
N LEU N 379 10.48 -102.54 18.83
CA LEU N 379 11.45 -101.49 18.54
C LEU N 379 10.92 -100.51 17.49
N VAL N 380 10.08 -100.99 16.57
CA VAL N 380 9.52 -100.09 15.56
C VAL N 380 8.68 -99.01 16.22
N ARG N 381 7.84 -99.38 17.19
CA ARG N 381 7.04 -98.40 17.91
C ARG N 381 7.87 -97.57 18.88
N GLU N 382 8.92 -98.16 19.45
CA GLU N 382 9.80 -97.43 20.35
C GLU N 382 10.74 -96.48 19.63
N ARG N 383 10.83 -96.57 18.31
CA ARG N 383 11.73 -95.73 17.52
C ARG N 383 13.17 -95.88 17.95
N ILE N 384 13.58 -97.11 18.27
CA ILE N 384 14.98 -97.42 18.51
C ILE N 384 15.48 -98.29 17.37
N ARG N 385 16.77 -98.17 17.06
CA ARG N 385 17.39 -98.95 16.00
C ARG N 385 18.74 -99.45 16.50
N ILE N 386 19.07 -100.68 16.14
CA ILE N 386 20.24 -101.37 16.69
C ILE N 386 21.20 -101.70 15.56
N SER N 387 22.49 -101.47 15.79
CA SER N 387 23.53 -101.85 14.86
C SER N 387 24.79 -102.18 15.65
N ASN N 388 25.38 -103.34 15.37
CA ASN N 388 26.54 -103.81 16.10
C ASN N 388 27.81 -103.04 15.74
N CYS N 389 27.79 -102.19 14.72
CA CYS N 389 28.97 -101.41 14.36
C CYS N 389 29.26 -100.33 15.39
N LEU N 390 28.25 -99.87 16.12
CA LEU N 390 28.45 -98.81 17.09
C LEU N 390 29.39 -99.27 18.19
N PRO N 391 30.11 -98.35 18.84
CA PRO N 391 30.97 -98.73 19.96
C PRO N 391 30.16 -99.40 21.06
N ASP N 392 30.75 -100.40 21.70
CA ASP N 392 30.08 -101.20 22.71
C ASP N 392 30.65 -100.84 24.08
N PRO N 393 29.89 -100.17 24.95
CA PRO N 393 30.44 -99.82 26.28
C PRO N 393 30.56 -101.00 27.22
N THR N 394 29.92 -102.14 26.93
CA THR N 394 29.91 -103.27 27.85
C THR N 394 31.11 -104.19 27.67
N GLU N 395 31.91 -104.00 26.62
CA GLU N 395 33.06 -104.86 26.35
C GLU N 395 32.61 -106.32 26.19
N GLY N 396 31.63 -106.52 25.33
CA GLY N 396 31.14 -107.87 25.07
C GLY N 396 30.50 -108.52 26.28
N ASN N 397 29.67 -107.77 27.01
CA ASN N 397 28.96 -108.28 28.18
C ASN N 397 29.91 -108.72 29.28
N THR N 398 30.94 -107.91 29.56
CA THR N 398 31.90 -108.23 30.62
C THR N 398 32.18 -107.05 31.53
N LYS N 399 31.64 -105.87 31.26
CA LYS N 399 31.81 -104.70 32.12
C LYS N 399 30.45 -104.07 32.37
N GLY N 400 30.30 -103.46 33.54
CA GLY N 400 29.05 -102.82 33.91
C GLY N 400 28.59 -103.14 35.31
N GLY N 401 29.41 -103.86 36.07
CA GLY N 401 29.09 -104.19 37.44
C GLY N 401 29.63 -103.17 38.41
N THR N 402 30.22 -103.63 39.51
CA THR N 402 30.81 -102.76 40.51
C THR N 402 32.24 -103.21 40.79
N GLY N 403 33.04 -102.27 41.27
CA GLY N 403 34.41 -102.59 41.61
C GLY N 403 35.24 -102.83 40.35
N GLN N 404 35.80 -104.04 40.26
CA GLN N 404 36.72 -104.35 39.16
C GLN N 404 36.04 -104.34 37.81
N ASP N 405 34.71 -104.43 37.77
CA ASP N 405 33.97 -104.53 36.52
C ASP N 405 33.26 -103.23 36.15
N ALA N 406 33.61 -102.12 36.81
CA ALA N 406 32.91 -100.86 36.58
C ALA N 406 33.20 -100.32 35.19
N PHE N 407 32.26 -99.53 34.68
CA PHE N 407 32.42 -98.89 33.39
C PHE N 407 33.68 -98.03 33.37
N ALA N 408 34.03 -97.56 32.17
CA ALA N 408 35.14 -96.63 31.98
C ALA N 408 34.60 -95.27 31.56
N ALA N 409 35.15 -94.22 32.15
CA ALA N 409 34.66 -92.87 31.89
C ALA N 409 34.84 -92.50 30.43
N GLY N 410 33.88 -91.74 29.91
CA GLY N 410 33.90 -91.31 28.53
C GLY N 410 33.34 -92.31 27.54
N SER N 411 32.86 -93.46 28.01
CA SER N 411 32.37 -94.49 27.11
C SER N 411 31.13 -94.01 26.37
N PHE N 412 31.03 -94.38 25.10
CA PHE N 412 29.85 -94.05 24.30
C PHE N 412 28.73 -95.04 24.60
N ILE N 413 27.50 -94.52 24.69
CA ILE N 413 26.35 -95.38 24.98
C ILE N 413 25.36 -95.34 23.82
N ALA N 414 24.80 -94.16 23.54
CA ALA N 414 23.80 -94.05 22.49
C ALA N 414 23.77 -92.62 21.97
N ALA N 415 23.19 -92.48 20.77
CA ALA N 415 23.06 -91.18 20.12
C ALA N 415 21.65 -91.03 19.57
N GLN N 416 21.24 -89.78 19.37
CA GLN N 416 19.90 -89.48 18.91
C GLN N 416 19.94 -88.20 18.09
N ALA N 417 19.13 -88.15 17.04
CA ALA N 417 19.16 -87.02 16.12
C ALA N 417 18.04 -87.19 15.10
N ALA N 418 17.81 -86.14 14.33
CA ALA N 418 16.97 -86.20 13.12
C ALA N 418 17.91 -86.32 11.93
N TRP N 419 18.20 -87.57 11.56
CA TRP N 419 19.30 -87.83 10.63
C TRP N 419 19.06 -87.18 9.28
N LYS N 420 17.82 -87.23 8.78
CA LYS N 420 17.51 -86.72 7.45
C LYS N 420 17.97 -85.28 7.24
N THR N 421 18.29 -84.55 8.32
CA THR N 421 18.89 -83.24 8.21
C THR N 421 20.19 -83.10 8.99
N ALA N 422 20.50 -84.05 9.87
CA ALA N 422 21.73 -83.96 10.66
C ALA N 422 22.91 -84.59 9.94
N TYR N 423 22.66 -85.39 8.91
CA TYR N 423 23.76 -85.98 8.15
C TYR N 423 23.27 -86.35 6.76
N TYR N 424 24.14 -86.13 5.76
CA TYR N 424 23.83 -86.39 4.36
C TYR N 424 24.82 -87.38 3.78
N ALA N 425 24.37 -88.13 2.79
CA ALA N 425 25.21 -89.04 2.02
C ALA N 425 25.04 -88.74 0.54
N VAL N 426 26.15 -88.61 -0.17
CA VAL N 426 26.15 -88.25 -1.58
C VAL N 426 26.93 -89.28 -2.39
N GLU N 427 26.39 -89.65 -3.55
CA GLU N 427 26.99 -90.64 -4.42
C GLU N 427 27.08 -90.07 -5.83
N LYS N 428 28.23 -90.29 -6.49
CA LYS N 428 28.46 -89.77 -7.83
C LYS N 428 28.40 -90.85 -8.91
N ARG N 429 29.19 -91.91 -8.76
CA ARG N 429 29.25 -92.97 -9.76
C ARG N 429 29.24 -94.34 -9.07
N PRO N 430 28.53 -95.32 -9.62
CA PRO N 430 28.57 -96.67 -9.03
C PRO N 430 29.86 -97.39 -9.39
N MET N 431 29.94 -98.64 -8.94
CA MET N 431 31.13 -99.45 -9.15
C MET N 431 31.23 -99.93 -10.59
N PHE N 432 32.46 -100.23 -11.03
CA PHE N 432 32.72 -100.70 -12.37
C PHE N 432 33.93 -101.63 -12.36
N PHE N 433 33.98 -102.51 -13.36
CA PHE N 433 35.08 -103.45 -13.54
C PHE N 433 35.59 -103.39 -14.97
N GLU N 434 36.90 -103.48 -15.13
CA GLU N 434 37.54 -103.49 -16.44
C GLU N 434 38.76 -104.37 -16.42
N GLN N 435 39.28 -104.64 -17.62
CA GLN N 435 40.50 -105.42 -17.80
C GLN N 435 41.60 -104.51 -18.33
N TYR N 436 42.77 -104.55 -17.68
CA TYR N 436 43.88 -103.67 -18.02
C TYR N 436 44.68 -104.31 -19.15
N GLU N 437 44.60 -103.72 -20.35
CA GLU N 437 45.30 -104.28 -21.50
C GLU N 437 46.80 -104.03 -21.45
N GLY N 438 47.26 -103.06 -20.66
CA GLY N 438 48.68 -102.78 -20.60
C GLY N 438 49.48 -103.75 -19.76
N GLY N 439 48.82 -104.68 -19.07
CA GLY N 439 49.51 -105.68 -18.29
C GLY N 439 49.07 -107.08 -18.63
N SER N 440 48.03 -107.20 -19.44
CA SER N 440 47.50 -108.50 -19.87
C SER N 440 48.39 -109.04 -20.99
N SER N 441 49.44 -109.75 -20.61
CA SER N 441 50.31 -110.41 -21.57
C SER N 441 49.63 -111.71 -22.02
N ALA N 442 50.38 -112.57 -22.70
CA ALA N 442 49.86 -113.86 -23.11
C ALA N 442 49.92 -114.90 -22.01
N TRP N 443 50.45 -114.54 -20.84
CA TRP N 443 50.58 -115.47 -19.72
C TRP N 443 49.99 -114.96 -18.41
N CYS N 444 49.45 -113.74 -18.37
CA CYS N 444 48.90 -113.17 -17.16
C CYS N 444 47.71 -112.27 -17.50
N VAL N 445 46.93 -111.95 -16.47
CA VAL N 445 45.77 -111.08 -16.61
C VAL N 445 45.76 -110.10 -15.45
N LYS N 446 45.09 -108.96 -15.65
CA LYS N 446 44.94 -107.95 -14.61
C LYS N 446 43.57 -107.29 -14.73
N TYR N 447 43.00 -106.90 -13.58
CA TYR N 447 41.69 -106.28 -13.52
C TYR N 447 41.76 -105.05 -12.63
N GLN N 448 40.88 -104.07 -12.93
CA GLN N 448 40.84 -102.82 -12.19
C GLN N 448 39.38 -102.47 -11.89
N PHE N 449 39.16 -101.82 -10.74
CA PHE N 449 37.81 -101.45 -10.33
C PHE N 449 37.90 -100.24 -9.41
N GLY N 450 36.78 -99.52 -9.30
CA GLY N 450 36.72 -98.37 -8.42
C GLY N 450 35.34 -97.78 -8.37
N ALA N 451 35.16 -96.81 -7.47
CA ALA N 451 33.89 -96.11 -7.31
C ALA N 451 34.15 -94.80 -6.59
N GLU N 452 33.16 -93.90 -6.68
CA GLU N 452 33.27 -92.56 -6.10
C GLU N 452 32.02 -92.25 -5.28
N ASP N 453 32.21 -91.69 -4.09
CA ASP N 453 31.12 -91.38 -3.19
C ASP N 453 31.62 -90.43 -2.11
N GLY N 454 30.68 -89.79 -1.42
CA GLY N 454 31.04 -88.85 -0.37
C GLY N 454 29.87 -88.58 0.57
N GLY N 455 30.18 -87.81 1.62
CA GLY N 455 29.18 -87.43 2.60
C GLY N 455 29.66 -86.31 3.51
N PHE N 456 28.73 -85.52 4.06
CA PHE N 456 29.10 -84.37 4.87
C PHE N 456 28.05 -84.17 5.97
N VAL N 457 28.48 -83.51 7.05
CA VAL N 457 27.61 -83.30 8.19
C VAL N 457 26.72 -82.09 7.94
N GLY N 458 25.42 -82.25 8.19
CA GLY N 458 24.48 -81.17 8.04
C GLY N 458 24.34 -80.32 9.30
N CYS N 459 23.11 -80.12 9.76
CA CYS N 459 22.87 -79.32 10.95
C CYS N 459 23.52 -79.98 12.17
N CYS N 460 24.36 -79.22 12.87
CA CYS N 460 25.07 -79.78 14.02
C CYS N 460 24.13 -80.00 15.20
N GLU N 461 23.31 -78.99 15.51
CA GLU N 461 22.51 -79.04 16.74
C GLU N 461 21.42 -80.10 16.70
N HIS N 462 21.15 -80.70 15.56
CA HIS N 462 20.11 -81.73 15.47
C HIS N 462 20.53 -83.05 16.06
N GLY N 463 21.64 -83.13 16.80
CA GLY N 463 22.13 -84.41 17.26
C GLY N 463 22.39 -84.38 18.75
N ARG N 464 22.46 -85.58 19.33
CA ARG N 464 22.50 -85.74 20.78
C ARG N 464 23.26 -87.02 21.09
N VAL N 465 24.19 -86.92 22.03
CA VAL N 465 25.07 -88.03 22.38
C VAL N 465 25.10 -88.19 23.89
N LEU N 466 25.04 -89.45 24.34
CA LEU N 466 25.06 -89.78 25.76
C LEU N 466 26.34 -90.56 26.07
N ARG N 467 26.99 -90.21 27.17
CA ARG N 467 28.25 -90.83 27.54
C ARG N 467 28.30 -91.00 29.04
N ILE N 468 29.28 -91.77 29.50
CA ILE N 468 29.46 -92.02 30.93
C ILE N 468 30.40 -90.97 31.51
N GLY N 469 30.14 -90.59 32.75
CA GLY N 469 30.94 -89.59 33.42
C GLY N 469 31.27 -89.97 34.86
N PHE O 165 -7.25 -183.57 51.33
CA PHE O 165 -8.37 -183.29 52.27
C PHE O 165 -8.54 -181.80 52.50
N GLU O 166 -7.53 -181.17 53.08
CA GLU O 166 -7.59 -179.77 53.47
C GLU O 166 -6.37 -179.03 52.95
N ALA O 167 -6.57 -177.76 52.56
CA ALA O 167 -5.52 -177.00 51.91
C ALA O 167 -4.31 -176.83 52.83
N SER O 168 -4.54 -176.53 54.11
CA SER O 168 -3.44 -176.32 55.03
C SER O 168 -2.65 -177.59 55.31
N THR O 169 -3.07 -178.73 54.76
CA THR O 169 -2.36 -179.99 54.96
C THR O 169 -1.86 -180.62 53.67
N ILE O 170 -2.46 -180.32 52.52
CA ILE O 170 -2.03 -180.90 51.26
C ILE O 170 -1.07 -179.95 50.57
N GLY O 171 -0.33 -180.48 49.59
CA GLY O 171 0.68 -179.72 48.90
C GLY O 171 0.09 -178.71 47.93
N PRO O 172 0.89 -177.70 47.55
CA PRO O 172 0.38 -176.66 46.67
C PRO O 172 0.10 -177.12 45.25
N ALA O 173 0.54 -178.31 44.87
CA ALA O 173 0.40 -178.74 43.48
C ALA O 173 -1.05 -178.87 43.05
N PHE O 174 -1.99 -178.92 43.99
CA PHE O 174 -3.40 -179.13 43.65
C PHE O 174 -4.09 -177.84 43.23
N PHE O 175 -3.57 -176.68 43.61
CA PHE O 175 -4.20 -175.40 43.37
C PHE O 175 -3.46 -174.65 42.27
N THR O 176 -4.21 -174.19 41.25
CA THR O 176 -3.63 -173.52 40.11
C THR O 176 -3.88 -172.03 40.19
N PRO O 177 -2.86 -171.19 40.42
CA PRO O 177 -3.12 -169.76 40.54
C PRO O 177 -3.58 -169.14 39.23
N GLN O 178 -4.38 -168.08 39.36
CA GLN O 178 -4.89 -167.36 38.21
C GLN O 178 -3.76 -166.64 37.49
N VAL O 179 -3.87 -166.49 36.16
CA VAL O 179 -2.85 -165.81 35.38
C VAL O 179 -3.42 -164.47 34.93
N LEU O 180 -2.81 -163.38 35.40
CA LEU O 180 -3.26 -162.04 35.04
C LEU O 180 -2.57 -161.58 33.76
N ALA O 181 -3.31 -160.83 32.95
CA ALA O 181 -2.80 -160.30 31.69
C ALA O 181 -2.33 -158.85 31.86
N LEU O 182 -1.24 -158.69 32.60
CA LEU O 182 -0.63 -157.38 32.75
C LEU O 182 0.85 -157.55 33.04
N GLU O 183 1.61 -156.47 32.81
CA GLU O 183 3.04 -156.44 33.06
C GLU O 183 3.40 -155.16 33.80
N VAL O 184 4.47 -155.23 34.58
CA VAL O 184 4.97 -154.09 35.35
C VAL O 184 6.39 -153.79 34.90
N ASP O 185 6.63 -152.55 34.50
CA ASP O 185 7.97 -152.12 34.08
C ASP O 185 8.15 -150.67 34.49
N CYS O 186 9.20 -150.41 35.26
CA CYS O 186 9.47 -149.08 35.79
C CYS O 186 10.59 -148.37 35.03
N ASN O 187 10.83 -148.72 33.78
CA ASN O 187 11.92 -148.16 33.00
C ASN O 187 11.42 -147.00 32.14
N ILE O 188 12.27 -145.98 32.00
CA ILE O 188 11.99 -144.84 31.16
C ILE O 188 13.23 -144.55 30.31
N GLU O 189 13.00 -143.94 29.14
CA GLU O 189 14.06 -143.53 28.25
C GLU O 189 14.00 -142.01 28.08
N CYS O 190 15.13 -141.35 28.32
CA CYS O 190 15.16 -139.90 28.25
C CYS O 190 14.90 -139.41 26.84
N ALA O 191 14.36 -138.20 26.73
CA ALA O 191 14.08 -137.61 25.43
C ALA O 191 15.37 -137.36 24.67
N SER O 192 15.32 -137.54 23.35
CA SER O 192 16.50 -137.38 22.53
C SER O 192 16.51 -136.01 21.85
N LEU O 193 17.70 -135.42 21.78
CA LEU O 193 17.93 -134.18 21.05
C LEU O 193 18.26 -134.43 19.58
N LEU O 194 18.20 -135.68 19.13
CA LEU O 194 18.66 -136.04 17.80
C LEU O 194 17.83 -135.39 16.69
N ASP O 195 16.66 -134.86 17.00
CA ASP O 195 15.85 -134.23 15.96
C ASP O 195 16.26 -132.78 15.70
N LEU O 196 17.03 -132.17 16.59
CA LEU O 196 17.48 -130.80 16.37
C LEU O 196 18.62 -130.73 15.36
N TYR O 197 19.49 -131.74 15.35
CA TYR O 197 20.71 -131.69 14.58
C TYR O 197 20.44 -131.74 13.08
N GLY O 198 21.44 -131.33 12.30
CA GLY O 198 21.33 -131.43 10.85
C GLY O 198 21.55 -132.86 10.39
N GLN O 199 20.83 -133.25 9.34
CA GLN O 199 20.79 -134.62 8.87
C GLN O 199 21.59 -134.76 7.58
N ILE O 200 22.56 -135.68 7.58
CA ILE O 200 23.34 -136.03 6.41
C ILE O 200 23.38 -137.54 6.30
N GLU O 201 23.55 -138.03 5.07
CA GLU O 201 23.69 -139.46 4.82
C GLU O 201 24.85 -139.68 3.84
N VAL O 202 25.67 -140.67 4.13
CA VAL O 202 26.83 -141.01 3.31
C VAL O 202 26.88 -142.51 3.12
N SER O 203 27.30 -142.95 1.94
CA SER O 203 27.43 -144.37 1.64
C SER O 203 28.86 -144.85 1.67
N ARG O 204 29.79 -144.07 2.19
CA ARG O 204 31.20 -144.44 2.26
C ARG O 204 31.75 -144.10 3.63
N SER O 205 32.94 -144.62 3.93
CA SER O 205 33.52 -144.46 5.26
C SER O 205 34.24 -143.13 5.45
N THR O 206 34.36 -142.30 4.42
CA THR O 206 35.03 -141.02 4.52
C THR O 206 34.36 -140.02 3.59
N PHE O 207 34.46 -138.74 3.94
CA PHE O 207 33.82 -137.69 3.16
C PHE O 207 34.58 -136.38 3.33
N THR O 208 34.31 -135.44 2.42
CA THR O 208 34.98 -134.15 2.39
C THR O 208 33.95 -133.04 2.17
N TYR O 209 34.28 -131.85 2.64
CA TYR O 209 33.43 -130.69 2.43
C TYR O 209 34.29 -129.42 2.48
N MET O 210 33.67 -128.29 2.15
CA MET O 210 34.36 -127.02 1.97
C MET O 210 33.99 -126.04 3.07
N LYS O 211 34.97 -125.26 3.50
CA LYS O 211 34.77 -124.19 4.48
C LYS O 211 35.39 -122.91 3.95
N ILE O 212 34.63 -121.83 3.99
CA ILE O 212 35.09 -120.52 3.52
C ILE O 212 35.57 -119.76 4.75
N ALA O 213 36.86 -119.86 5.04
CA ALA O 213 37.40 -119.29 6.26
C ALA O 213 37.31 -117.77 6.29
N ASP O 214 37.59 -117.11 5.16
CA ASP O 214 37.68 -115.66 5.15
C ASP O 214 37.41 -115.14 3.75
N TYR O 215 37.11 -113.84 3.66
CA TYR O 215 36.88 -113.16 2.39
C TYR O 215 37.99 -112.18 2.03
N GLY O 216 38.65 -111.59 3.02
CA GLY O 216 39.70 -110.64 2.74
C GLY O 216 39.15 -109.29 2.28
N GLN O 217 40.08 -108.34 2.15
CA GLN O 217 39.74 -106.99 1.71
C GLN O 217 40.62 -106.61 0.53
N LEU O 218 40.02 -105.94 -0.46
CA LEU O 218 40.74 -105.60 -1.70
C LEU O 218 40.86 -104.10 -1.87
N GLY O 219 39.75 -103.35 -1.83
CA GLY O 219 39.80 -101.94 -2.18
C GLY O 219 40.35 -101.07 -1.06
N GLU O 220 40.50 -99.79 -1.37
CA GLU O 220 40.98 -98.80 -0.41
C GLU O 220 40.67 -97.41 -0.94
N TYR O 221 40.67 -96.43 -0.04
CA TYR O 221 40.50 -95.04 -0.41
C TYR O 221 41.87 -94.43 -0.68
N THR O 222 42.05 -93.85 -1.87
CA THR O 222 43.35 -93.33 -2.28
C THR O 222 43.17 -91.97 -2.93
N CYS O 223 44.30 -91.27 -3.11
CA CYS O 223 44.29 -89.95 -3.70
C CYS O 223 43.96 -90.02 -5.18
N ASP O 224 43.50 -88.90 -5.73
CA ASP O 224 43.17 -88.85 -7.15
C ASP O 224 44.43 -88.74 -8.01
N ALA O 225 45.49 -88.13 -7.48
CA ALA O 225 46.72 -88.00 -8.26
C ALA O 225 47.34 -89.35 -8.57
N LYS O 226 47.32 -90.28 -7.62
CA LYS O 226 47.92 -91.59 -7.81
C LYS O 226 47.18 -92.31 -8.92
N CYS O 227 47.83 -92.46 -10.08
CA CYS O 227 47.22 -93.14 -11.22
C CYS O 227 47.19 -94.65 -11.05
N ASP O 228 47.95 -95.20 -10.12
CA ASP O 228 48.00 -96.64 -9.93
C ASP O 228 46.98 -97.07 -8.87
N ALA O 229 47.09 -98.33 -8.45
CA ALA O 229 46.22 -98.88 -7.42
C ALA O 229 47.00 -99.93 -6.64
N GLU O 230 46.50 -100.25 -5.45
CA GLU O 230 47.20 -101.15 -4.55
C GLU O 230 46.65 -102.56 -4.62
N PHE O 231 47.44 -103.51 -4.14
CA PHE O 231 47.05 -104.91 -4.08
C PHE O 231 46.61 -105.25 -2.66
N GLY O 232 45.45 -105.89 -2.53
CA GLY O 232 44.89 -106.22 -1.24
C GLY O 232 45.34 -107.58 -0.74
N GLU O 233 44.58 -108.12 0.21
CA GLU O 233 44.82 -109.44 0.78
C GLU O 233 43.70 -110.37 0.34
N PRO O 234 43.98 -111.46 -0.36
CA PRO O 234 42.91 -112.34 -0.85
C PRO O 234 42.32 -113.19 0.27
N GLY O 235 41.20 -113.82 -0.05
CA GLY O 235 40.49 -114.67 0.89
C GLY O 235 41.29 -115.89 1.29
N ASN O 236 40.58 -116.84 1.89
CA ASN O 236 41.22 -118.07 2.39
C ASN O 236 40.14 -119.16 2.44
N ILE O 237 40.24 -120.10 1.49
CA ILE O 237 39.33 -121.24 1.46
C ILE O 237 40.06 -122.47 1.99
N ARG O 238 39.30 -123.44 2.50
CA ARG O 238 39.88 -124.62 3.13
C ARG O 238 39.05 -125.86 2.80
N HIS O 239 39.67 -127.02 2.97
CA HIS O 239 39.02 -128.32 2.78
C HIS O 239 39.04 -129.09 4.10
N LEU O 240 37.97 -129.84 4.35
CA LEU O 240 37.82 -130.60 5.58
C LEU O 240 37.27 -131.99 5.25
N GLU O 241 37.33 -132.88 6.24
CA GLU O 241 36.83 -134.24 6.07
C GLU O 241 36.50 -134.84 7.43
N GLY O 242 35.76 -135.94 7.40
CA GLY O 242 35.33 -136.64 8.59
C GLY O 242 35.33 -138.14 8.37
N LYS O 243 34.76 -138.87 9.33
CA LYS O 243 34.72 -140.32 9.31
C LYS O 243 33.38 -140.83 9.80
N THR O 244 33.24 -142.15 9.78
CA THR O 244 32.16 -142.85 10.47
C THR O 244 32.77 -143.82 11.48
N TYR O 245 31.90 -144.43 12.28
CA TYR O 245 32.35 -145.31 13.36
C TYR O 245 31.53 -146.59 13.36
N ASP O 246 31.97 -147.56 14.16
CA ASP O 246 31.44 -148.91 14.13
C ASP O 246 30.92 -149.30 15.50
N TYR O 247 29.72 -149.88 15.53
CA TYR O 247 29.09 -150.38 16.74
C TYR O 247 28.82 -151.87 16.54
N ARG O 248 29.25 -152.70 17.50
CA ARG O 248 29.19 -154.15 17.33
C ARG O 248 28.99 -154.83 18.66
N GLY O 249 28.38 -156.02 18.62
CA GLY O 249 28.12 -156.81 19.80
C GLY O 249 27.80 -158.25 19.43
N VAL O 250 27.57 -159.07 20.45
CA VAL O 250 27.34 -160.50 20.26
C VAL O 250 26.63 -161.05 21.49
N PHE O 251 25.78 -162.05 21.26
CA PHE O 251 25.13 -162.78 22.36
C PHE O 251 24.90 -164.22 21.93
N CYS O 252 24.89 -165.12 22.91
CA CYS O 252 24.84 -166.55 22.66
C CYS O 252 23.72 -167.19 23.47
N PHE O 253 23.27 -168.37 23.02
CA PHE O 253 22.16 -169.08 23.65
C PHE O 253 22.48 -170.57 23.73
N ASN O 254 21.56 -171.29 24.37
CA ASN O 254 21.58 -172.75 24.39
C ASN O 254 20.28 -173.26 23.79
N ARG O 255 20.38 -174.15 22.80
CA ARG O 255 19.22 -174.53 22.01
C ARG O 255 18.13 -175.20 22.86
N LYS O 256 18.52 -176.13 23.72
CA LYS O 256 17.53 -176.86 24.50
C LYS O 256 16.75 -175.93 25.42
N ASN O 257 17.46 -175.08 26.16
CA ASN O 257 16.79 -174.14 27.06
C ASN O 257 15.93 -173.16 26.28
N LEU O 258 16.44 -172.65 25.16
CA LEU O 258 15.67 -171.71 24.36
C LEU O 258 14.39 -172.34 23.83
N GLN O 259 14.45 -173.64 23.51
CA GLN O 259 13.26 -174.32 23.00
C GLN O 259 12.28 -174.64 24.12
N GLU O 260 12.77 -174.96 25.31
CA GLU O 260 11.90 -175.43 26.38
C GLU O 260 11.30 -174.29 27.19
N ALA O 261 11.96 -173.13 27.25
CA ALA O 261 11.50 -172.05 28.11
C ALA O 261 10.10 -171.59 27.68
N ASN O 262 9.30 -171.20 28.67
CA ASN O 262 7.93 -170.78 28.44
C ASN O 262 7.82 -169.32 27.99
N TYR O 263 8.91 -168.58 28.00
CA TYR O 263 8.91 -167.17 27.60
C TYR O 263 9.98 -166.95 26.55
N ASP O 264 9.69 -166.08 25.59
CA ASP O 264 10.58 -165.85 24.45
C ASP O 264 11.73 -164.95 24.88
N PHE O 265 12.96 -165.46 24.71
CA PHE O 265 14.15 -164.69 25.09
C PHE O 265 14.80 -164.02 23.89
N LEU O 266 14.63 -164.57 22.69
CA LEU O 266 15.29 -164.01 21.52
C LEU O 266 14.81 -162.59 21.23
N SER O 267 13.49 -162.40 21.22
CA SER O 267 12.95 -161.06 20.99
C SER O 267 13.35 -160.11 22.10
N PHE O 268 13.39 -160.59 23.34
CA PHE O 268 13.82 -159.74 24.44
C PHE O 268 15.24 -159.25 24.23
N MET O 269 16.15 -160.15 23.85
CA MET O 269 17.53 -159.75 23.62
C MET O 269 17.64 -158.80 22.44
N ILE O 270 16.88 -159.04 21.37
CA ILE O 270 16.93 -158.14 20.21
C ILE O 270 16.48 -156.75 20.61
N GLY O 271 15.36 -156.67 21.34
CA GLY O 271 14.89 -155.36 21.79
C GLY O 271 15.87 -154.67 22.70
N ALA O 272 16.49 -155.42 23.61
CA ALA O 272 17.49 -154.83 24.49
C ALA O 272 18.65 -154.27 23.69
N ALA O 273 19.12 -155.01 22.68
CA ALA O 273 20.23 -154.56 21.87
C ALA O 273 19.88 -153.25 21.15
N GLN O 274 18.70 -153.18 20.56
CA GLN O 274 18.31 -151.96 19.84
C GLN O 274 18.18 -150.78 20.80
N ARG O 275 17.56 -151.01 21.96
CA ARG O 275 17.40 -149.93 22.93
C ARG O 275 18.75 -149.41 23.40
N SER O 276 19.68 -150.31 23.69
CA SER O 276 21.02 -149.88 24.10
C SER O 276 21.73 -149.14 22.98
N HIS O 277 21.52 -149.56 21.73
CA HIS O 277 22.11 -148.83 20.62
C HIS O 277 21.61 -147.39 20.58
N ARG O 278 20.30 -147.20 20.72
CA ARG O 278 19.76 -145.83 20.71
C ARG O 278 20.36 -145.00 21.84
N ILE O 279 20.40 -145.57 23.05
CA ILE O 279 20.91 -144.83 24.20
C ILE O 279 22.36 -144.44 23.96
N ASN O 280 23.18 -145.39 23.50
CA ASN O 280 24.60 -145.09 23.29
C ASN O 280 24.81 -144.09 22.17
N ARG O 281 23.99 -144.15 21.11
CA ARG O 281 24.11 -143.17 20.04
C ARG O 281 23.85 -141.77 20.56
N ASN O 282 22.77 -141.59 21.32
CA ASN O 282 22.49 -140.26 21.87
C ASN O 282 23.62 -139.81 22.79
N ARG O 283 24.08 -140.69 23.68
CA ARG O 283 25.14 -140.31 24.60
C ARG O 283 26.40 -139.91 23.86
N ALA O 284 26.75 -140.65 22.80
CA ALA O 284 27.96 -140.34 22.04
C ALA O 284 27.85 -139.00 21.36
N LEU O 285 26.74 -138.77 20.64
CA LEU O 285 26.57 -137.48 19.98
C LEU O 285 26.57 -136.34 20.98
N MET O 286 26.14 -136.59 22.21
CA MET O 286 26.07 -135.51 23.19
C MET O 286 27.42 -135.22 23.81
N VAL O 287 28.05 -136.23 24.43
CA VAL O 287 29.24 -136.02 25.24
C VAL O 287 30.33 -137.00 24.85
N GLY O 288 30.21 -137.62 23.68
CA GLY O 288 31.20 -138.60 23.27
C GLY O 288 32.55 -137.97 23.00
N ASP O 289 33.60 -138.80 23.08
CA ASP O 289 34.96 -138.38 22.82
C ASP O 289 35.42 -139.01 21.51
N GLY O 290 36.37 -138.35 20.83
CA GLY O 290 36.66 -138.66 19.44
C GLY O 290 37.57 -139.84 19.17
N ILE O 291 38.01 -140.55 20.22
CA ILE O 291 38.95 -141.65 20.01
C ILE O 291 38.33 -142.73 19.13
N ASN O 292 37.23 -143.32 19.60
CA ASN O 292 36.54 -144.38 18.86
C ASN O 292 35.07 -144.09 18.62
N GLU O 293 34.53 -143.00 19.17
CA GLU O 293 33.14 -142.62 19.01
C GLU O 293 33.08 -141.15 18.66
N PRO O 294 31.98 -140.68 18.08
CA PRO O 294 31.91 -139.28 17.66
C PRO O 294 32.16 -138.34 18.83
N LYS O 295 32.86 -137.25 18.56
CA LYS O 295 33.11 -136.25 19.58
C LYS O 295 31.89 -135.35 19.73
N GLY O 296 31.37 -135.25 20.95
CA GLY O 296 30.23 -134.41 21.22
C GLY O 296 30.64 -132.97 21.47
N TRP O 297 29.70 -132.05 21.25
CA TRP O 297 30.00 -130.64 21.42
C TRP O 297 30.37 -130.31 22.86
N LEU O 298 29.65 -130.90 23.83
CA LEU O 298 29.96 -130.64 25.23
C LEU O 298 31.33 -131.18 25.62
N LYS O 299 31.91 -132.07 24.82
CA LYS O 299 33.26 -132.57 25.07
C LYS O 299 34.31 -131.72 24.34
N GLU O 300 34.05 -131.40 23.07
CA GLU O 300 34.99 -130.59 22.31
C GLU O 300 35.15 -129.20 22.93
N ASP O 301 34.06 -128.65 23.47
CA ASP O 301 34.12 -127.37 24.19
C ASP O 301 34.64 -126.25 23.29
N CYS O 302 34.26 -126.27 22.01
CA CYS O 302 34.62 -125.18 21.12
C CYS O 302 33.65 -124.01 21.23
N PHE O 303 32.49 -124.20 21.85
CA PHE O 303 31.54 -123.12 22.02
C PHE O 303 32.04 -122.14 23.07
N PRO O 304 31.92 -120.83 22.85
CA PRO O 304 32.31 -119.87 23.89
C PRO O 304 31.48 -120.08 25.15
N THR O 305 32.13 -119.92 26.30
CA THR O 305 31.55 -120.23 27.60
C THR O 305 31.36 -118.96 28.41
N PHE O 306 30.23 -118.85 29.11
CA PHE O 306 29.93 -117.74 29.99
C PHE O 306 29.81 -118.26 31.41
N LEU O 307 30.47 -117.59 32.35
CA LEU O 307 30.39 -117.94 33.75
C LEU O 307 29.37 -117.06 34.46
N THR O 308 29.02 -117.45 35.69
CA THR O 308 28.05 -116.73 36.51
C THR O 308 28.77 -116.22 37.75
N LEU O 309 28.56 -114.95 38.07
CA LEU O 309 29.26 -114.33 39.18
C LEU O 309 28.78 -114.93 40.51
N PRO O 310 29.63 -114.93 41.54
CA PRO O 310 29.20 -115.44 42.85
C PRO O 310 28.31 -114.44 43.59
N VAL O 311 27.96 -114.77 44.83
CA VAL O 311 27.16 -113.90 45.68
C VAL O 311 27.79 -113.89 47.08
N ASN O 312 27.80 -112.72 47.71
CA ASN O 312 28.35 -112.56 49.05
C ASN O 312 27.22 -112.57 50.05
N THR O 313 27.07 -113.68 50.77
CA THR O 313 26.03 -113.81 51.79
C THR O 313 26.48 -113.27 53.14
N GLY O 314 27.74 -112.87 53.28
CA GLY O 314 28.25 -112.38 54.53
C GLY O 314 28.17 -110.87 54.65
N THR O 315 28.95 -110.33 55.56
CA THR O 315 29.03 -108.89 55.81
C THR O 315 30.07 -108.27 54.89
N PRO O 316 30.03 -106.96 54.66
CA PRO O 316 31.13 -106.34 53.90
C PRO O 316 32.47 -106.48 54.60
N GLU O 317 32.47 -106.63 55.93
CA GLU O 317 33.72 -106.84 56.65
C GLU O 317 34.17 -108.30 56.60
N ASN O 318 33.22 -109.23 56.61
CA ASN O 318 33.51 -110.67 56.60
C ASN O 318 32.75 -111.31 55.44
N PRO O 319 33.27 -111.24 54.22
CA PRO O 319 32.56 -111.80 53.08
C PRO O 319 32.69 -113.31 53.00
N VAL O 320 31.65 -113.91 52.43
CA VAL O 320 31.63 -115.35 52.15
C VAL O 320 31.15 -115.56 50.73
N GLN O 321 32.10 -115.73 49.81
CA GLN O 321 31.77 -115.84 48.39
C GLN O 321 31.08 -117.16 48.12
N THR O 322 29.83 -117.09 47.64
CA THR O 322 29.02 -118.27 47.37
C THR O 322 28.60 -118.30 45.91
N PRO O 323 28.85 -119.38 45.18
CA PRO O 323 28.35 -119.44 43.80
C PRO O 323 26.83 -119.38 43.77
N ALA O 324 26.29 -118.76 42.72
CA ALA O 324 24.86 -118.51 42.64
C ALA O 324 24.42 -118.56 41.19
N PHE O 325 23.10 -118.47 41.00
CA PHE O 325 22.49 -118.46 39.67
C PHE O 325 21.13 -117.81 39.79
N LEU O 326 20.98 -116.60 39.26
CA LEU O 326 19.76 -115.82 39.41
C LEU O 326 19.00 -115.74 38.09
N ALA O 327 17.79 -115.21 38.16
CA ALA O 327 16.95 -115.11 36.97
C ALA O 327 17.49 -114.07 36.00
N GLN O 328 18.06 -112.99 36.51
CA GLN O 328 18.63 -111.98 35.63
C GLN O 328 19.80 -112.53 34.83
N ASP O 329 20.55 -113.47 35.40
CA ASP O 329 21.60 -114.13 34.62
C ASP O 329 21.02 -114.90 33.44
N TRP O 330 19.91 -115.62 33.65
CA TRP O 330 19.28 -116.32 32.54
C TRP O 330 18.78 -115.33 31.49
N ARG O 331 18.16 -114.23 31.94
CA ARG O 331 17.67 -113.24 30.98
C ARG O 331 18.80 -112.65 30.16
N ARG O 332 19.90 -112.29 30.82
CA ARG O 332 21.07 -111.75 30.12
C ARG O 332 21.61 -112.75 29.13
N PHE O 333 21.73 -114.01 29.53
CA PHE O 333 22.26 -115.04 28.65
C PHE O 333 21.38 -115.19 27.41
N VAL O 334 20.07 -115.30 27.61
CA VAL O 334 19.18 -115.57 26.48
C VAL O 334 19.14 -114.36 25.54
N THR O 335 19.20 -113.15 26.09
CA THR O 335 19.08 -111.96 25.25
C THR O 335 20.38 -111.59 24.54
N SER O 336 21.48 -112.28 24.82
CA SER O 336 22.78 -111.89 24.27
C SER O 336 23.16 -112.63 22.99
N PHE O 337 22.26 -113.44 22.44
CA PHE O 337 22.59 -114.16 21.22
C PHE O 337 22.76 -113.19 20.05
N PRO O 338 23.80 -113.30 19.25
CA PRO O 338 23.94 -112.42 18.09
C PRO O 338 22.74 -112.54 17.15
N ALA O 339 22.34 -111.40 16.57
CA ALA O 339 21.12 -111.37 15.77
C ALA O 339 21.33 -111.98 14.39
N GLU O 340 22.54 -111.87 13.84
CA GLU O 340 22.75 -112.29 12.45
C GLU O 340 22.56 -113.79 12.27
N TYR O 341 22.88 -114.59 13.30
CA TYR O 341 22.83 -116.04 13.17
C TYR O 341 21.42 -116.59 13.12
N GLY O 342 20.40 -115.80 13.47
CA GLY O 342 19.03 -116.26 13.43
C GLY O 342 18.58 -116.83 14.77
N ASP O 343 17.32 -117.29 14.76
CA ASP O 343 16.71 -117.79 15.98
C ASP O 343 17.40 -119.07 16.45
N ALA O 344 17.46 -119.24 17.77
CA ALA O 344 18.05 -120.41 18.39
C ALA O 344 17.08 -121.06 19.35
N ARG O 345 17.53 -122.13 20.00
CA ARG O 345 16.75 -122.83 21.02
C ARG O 345 17.67 -123.24 22.16
N SER O 346 17.15 -123.20 23.37
CA SER O 346 17.90 -123.64 24.53
C SER O 346 17.58 -125.09 24.86
N VAL O 347 18.50 -125.74 25.56
CA VAL O 347 18.32 -127.11 26.03
C VAL O 347 18.66 -127.13 27.51
N MET O 348 17.80 -127.78 28.30
CA MET O 348 17.88 -127.70 29.75
C MET O 348 17.51 -129.04 30.37
N HIS O 349 17.99 -129.26 31.59
CA HIS O 349 17.48 -130.36 32.39
C HIS O 349 16.23 -129.90 33.15
N GLN O 350 15.24 -130.79 33.24
CA GLN O 350 13.98 -130.41 33.86
C GLN O 350 14.19 -129.85 35.26
N ASN O 351 15.18 -130.37 35.98
CA ASN O 351 15.44 -129.88 37.33
C ASN O 351 15.87 -128.42 37.34
N VAL O 352 16.67 -128.01 36.36
CA VAL O 352 17.09 -126.61 36.28
C VAL O 352 15.90 -125.70 36.02
N PHE O 353 14.99 -126.11 35.11
CA PHE O 353 13.80 -125.31 34.88
C PHE O 353 12.94 -125.21 36.14
N GLY O 354 12.79 -126.33 36.84
CA GLY O 354 12.05 -126.30 38.10
C GLY O 354 12.70 -125.42 39.14
N TYR O 355 14.02 -125.39 39.21
CA TYR O 355 14.74 -124.50 40.10
C TYR O 355 14.51 -123.04 39.71
N LEU O 356 14.50 -122.76 38.41
CA LEU O 356 14.25 -121.40 37.94
C LEU O 356 12.85 -120.93 38.32
N ALA O 357 11.86 -121.80 38.13
CA ALA O 357 10.46 -121.39 38.30
C ALA O 357 10.08 -121.18 39.76
N ALA O 358 10.94 -121.53 40.71
CA ALA O 358 10.54 -121.52 42.11
C ALA O 358 11.44 -120.64 42.98
N MET O 359 11.72 -119.41 42.52
CA MET O 359 12.45 -118.43 43.32
C MET O 359 11.58 -117.23 43.61
N VAL O 360 11.88 -116.54 44.71
CA VAL O 360 11.06 -115.46 45.22
C VAL O 360 11.91 -114.20 45.36
N ASP O 361 11.24 -113.06 45.40
CA ASP O 361 11.92 -111.79 45.61
C ASP O 361 12.22 -111.60 47.10
N ALA O 362 12.62 -110.38 47.47
CA ALA O 362 12.99 -110.12 48.86
C ALA O 362 11.81 -110.22 49.82
N ASN O 363 10.58 -110.06 49.33
CA ASN O 363 9.40 -110.11 50.18
C ASN O 363 8.74 -111.47 50.21
N GLY O 364 9.23 -112.44 49.45
CA GLY O 364 8.67 -113.77 49.45
C GLY O 364 7.63 -114.05 48.38
N ARG O 365 7.24 -113.05 47.60
CA ARG O 365 6.30 -113.28 46.53
C ARG O 365 7.02 -113.83 45.30
N PHE O 366 6.38 -114.79 44.64
CA PHE O 366 7.01 -115.49 43.53
C PHE O 366 7.34 -114.53 42.40
N LEU O 367 8.47 -114.81 41.73
CA LEU O 367 8.73 -114.23 40.43
C LEU O 367 8.03 -115.06 39.35
N PHE O 368 7.95 -114.50 38.16
CA PHE O 368 7.25 -115.19 37.06
C PHE O 368 5.79 -115.35 37.50
N GLY O 369 5.16 -116.46 37.14
CA GLY O 369 3.78 -116.70 37.53
C GLY O 369 3.54 -116.39 38.99
N ASP O 370 2.65 -115.44 39.26
CA ASP O 370 2.38 -114.99 40.62
C ASP O 370 0.88 -115.12 40.88
N GLY O 371 0.54 -115.46 42.12
CA GLY O 371 -0.84 -115.72 42.48
C GLY O 371 -1.36 -117.08 42.06
N ASP O 372 -0.49 -117.97 41.63
CA ASP O 372 -0.88 -119.31 41.20
C ASP O 372 -0.09 -120.35 41.98
N LEU O 373 -0.66 -121.54 42.07
CA LEU O 373 0.04 -122.63 42.76
C LEU O 373 1.23 -123.12 41.96
N THR O 374 1.15 -123.08 40.63
CA THR O 374 2.23 -123.55 39.78
C THR O 374 2.33 -122.67 38.54
N PHE O 375 3.50 -122.68 37.92
CA PHE O 375 3.78 -121.91 36.71
C PHE O 375 4.08 -122.87 35.57
N SER O 376 3.32 -122.75 34.48
CA SER O 376 3.45 -123.64 33.32
C SER O 376 3.43 -122.80 32.05
N PRO O 377 4.55 -122.19 31.70
CA PRO O 377 4.60 -121.38 30.48
C PRO O 377 4.61 -122.24 29.23
N ASP O 378 4.31 -121.61 28.11
CA ASP O 378 4.30 -122.29 26.81
C ASP O 378 5.74 -122.41 26.35
N LEU O 379 6.34 -123.58 26.63
CA LEU O 379 7.75 -123.79 26.30
C LEU O 379 8.03 -123.65 24.82
N VAL O 380 7.06 -123.97 23.96
CA VAL O 380 7.27 -123.78 22.53
C VAL O 380 7.48 -122.31 22.20
N ARG O 381 6.65 -121.44 22.78
CA ARG O 381 6.83 -120.00 22.58
C ARG O 381 8.12 -119.52 23.23
N GLU O 382 8.49 -120.08 24.38
CA GLU O 382 9.74 -119.72 25.02
C GLU O 382 10.95 -120.22 24.25
N ARG O 383 10.76 -121.16 23.33
CA ARG O 383 11.85 -121.75 22.57
C ARG O 383 12.88 -122.39 23.50
N ILE O 384 12.40 -123.39 24.25
CA ILE O 384 13.23 -124.18 25.14
C ILE O 384 12.87 -125.65 24.94
N ARG O 385 13.88 -126.51 25.02
CA ARG O 385 13.70 -127.96 24.92
C ARG O 385 14.19 -128.62 26.18
N ILE O 386 13.35 -129.45 26.79
CA ILE O 386 13.67 -130.13 28.04
C ILE O 386 14.15 -131.54 27.70
N SER O 387 15.31 -131.91 28.24
CA SER O 387 15.87 -133.23 28.01
C SER O 387 16.70 -133.62 29.23
N ASN O 388 16.40 -134.77 29.82
CA ASN O 388 17.07 -135.23 31.02
C ASN O 388 18.43 -135.87 30.75
N CYS O 389 18.79 -136.04 29.47
CA CYS O 389 20.10 -136.60 29.16
C CYS O 389 21.21 -135.67 29.61
N LEU O 390 20.97 -134.37 29.57
CA LEU O 390 22.02 -133.39 29.83
C LEU O 390 22.43 -133.43 31.29
N PRO O 391 23.62 -132.90 31.61
CA PRO O 391 24.06 -132.89 33.01
C PRO O 391 23.11 -132.08 33.88
N ASP O 392 22.99 -132.51 35.13
CA ASP O 392 22.11 -131.87 36.11
C ASP O 392 22.96 -131.16 37.16
N PRO O 393 22.89 -129.83 37.27
CA PRO O 393 23.67 -129.15 38.32
C PRO O 393 23.05 -129.25 39.70
N THR O 394 21.75 -129.49 39.80
CA THR O 394 21.10 -129.61 41.10
C THR O 394 21.38 -130.94 41.77
N GLU O 395 21.68 -131.98 41.01
CA GLU O 395 21.93 -133.32 41.54
C GLU O 395 20.69 -133.84 42.28
N GLY O 396 19.60 -133.95 41.53
CA GLY O 396 18.36 -134.45 42.09
C GLY O 396 17.76 -133.56 43.16
N ASN O 397 17.80 -132.24 42.96
CA ASN O 397 17.20 -131.26 43.85
C ASN O 397 17.86 -131.20 45.21
N THR O 398 19.00 -131.86 45.40
CA THR O 398 19.69 -131.84 46.68
C THR O 398 20.70 -130.70 46.80
N LYS O 399 21.04 -130.05 45.69
CA LYS O 399 21.99 -128.94 45.69
C LYS O 399 21.33 -127.72 45.06
N GLY O 400 21.74 -126.55 45.52
CA GLY O 400 21.22 -125.30 44.99
C GLY O 400 20.81 -124.31 46.05
N GLY O 401 21.14 -124.61 47.31
CA GLY O 401 20.80 -123.72 48.41
C GLY O 401 21.98 -122.88 48.86
N THR O 402 22.21 -122.84 50.17
CA THR O 402 23.31 -122.08 50.74
C THR O 402 24.04 -122.94 51.76
N GLY O 403 25.32 -122.63 51.96
CA GLY O 403 26.11 -123.40 52.91
C GLY O 403 26.56 -124.71 52.29
N GLN O 404 26.15 -125.81 52.91
CA GLN O 404 26.54 -127.13 52.42
C GLN O 404 25.79 -127.53 51.17
N ASP O 405 24.67 -126.87 50.85
CA ASP O 405 23.89 -127.16 49.67
C ASP O 405 24.30 -126.32 48.47
N ALA O 406 25.37 -125.52 48.60
CA ALA O 406 25.77 -124.63 47.53
C ALA O 406 26.21 -125.41 46.29
N PHE O 407 26.05 -124.78 45.14
CA PHE O 407 26.45 -125.38 43.89
C PHE O 407 27.94 -125.71 43.91
N ALA O 408 28.37 -126.47 42.90
CA ALA O 408 29.78 -126.80 42.70
C ALA O 408 30.31 -126.02 41.51
N ALA O 409 31.44 -125.36 41.69
CA ALA O 409 32.00 -124.52 40.64
C ALA O 409 32.25 -125.33 39.38
N GLY O 410 31.93 -124.74 38.23
CA GLY O 410 32.15 -125.37 36.95
C GLY O 410 31.01 -126.25 36.46
N SER O 411 29.88 -126.27 37.15
CA SER O 411 28.76 -127.11 36.73
C SER O 411 28.16 -126.58 35.44
N PHE O 412 27.50 -127.47 34.70
CA PHE O 412 26.83 -127.10 33.46
C PHE O 412 25.36 -126.81 33.73
N ILE O 413 24.85 -125.74 33.11
CA ILE O 413 23.49 -125.27 33.35
C ILE O 413 22.63 -125.41 32.10
N ALA O 414 22.98 -124.72 31.03
CA ALA O 414 22.20 -124.76 29.80
C ALA O 414 23.06 -124.32 28.64
N ALA O 415 22.59 -124.64 27.43
CA ALA O 415 23.29 -124.29 26.20
C ALA O 415 22.29 -123.77 25.18
N GLN O 416 22.77 -122.90 24.31
CA GLN O 416 21.94 -122.29 23.27
C GLN O 416 22.75 -122.21 21.98
N ALA O 417 22.10 -122.46 20.85
CA ALA O 417 22.81 -122.48 19.57
C ALA O 417 21.80 -122.66 18.45
N ALA O 418 22.27 -122.45 17.22
CA ALA O 418 21.51 -122.78 16.01
C ALA O 418 21.87 -124.21 15.63
N TRP O 419 21.03 -125.15 16.08
CA TRP O 419 21.40 -126.56 15.99
C TRP O 419 21.46 -127.04 14.56
N LYS O 420 20.56 -126.58 13.69
CA LYS O 420 20.56 -127.06 12.31
C LYS O 420 21.84 -126.70 11.57
N THR O 421 22.77 -125.96 12.19
CA THR O 421 24.08 -125.71 11.59
C THR O 421 25.23 -125.85 12.57
N ALA O 422 24.98 -125.90 13.88
CA ALA O 422 26.07 -126.02 14.84
C ALA O 422 26.62 -127.44 14.90
N TYR O 423 25.77 -128.44 14.70
CA TYR O 423 26.18 -129.84 14.83
C TYR O 423 25.45 -130.66 13.77
N TYR O 424 26.15 -131.66 13.24
CA TYR O 424 25.61 -132.51 12.18
C TYR O 424 25.61 -133.97 12.64
N ALA O 425 24.71 -134.76 12.08
CA ALA O 425 24.63 -136.19 12.34
C ALA O 425 24.59 -136.93 11.02
N VAL O 426 25.46 -137.94 10.88
CA VAL O 426 25.58 -138.72 9.65
C VAL O 426 25.25 -140.17 9.96
N GLU O 427 24.47 -140.79 9.08
CA GLU O 427 24.05 -142.18 9.21
C GLU O 427 24.43 -142.95 7.97
N LYS O 428 24.95 -144.17 8.17
CA LYS O 428 25.42 -144.99 7.06
C LYS O 428 24.65 -146.30 6.95
N ARG O 429 24.53 -147.03 8.06
CA ARG O 429 23.91 -148.35 8.05
C ARG O 429 22.97 -148.55 9.23
N PRO O 430 21.78 -149.09 9.02
CA PRO O 430 20.96 -149.53 10.15
C PRO O 430 21.49 -150.82 10.76
N MET O 431 21.03 -151.11 11.97
CA MET O 431 21.48 -152.31 12.66
C MET O 431 21.04 -153.56 11.93
N PHE O 432 21.89 -154.59 11.97
CA PHE O 432 21.61 -155.88 11.34
C PHE O 432 21.99 -157.00 12.29
N PHE O 433 21.33 -158.15 12.12
CA PHE O 433 21.58 -159.34 12.92
C PHE O 433 21.88 -160.52 12.02
N GLU O 434 22.87 -161.31 12.41
CA GLU O 434 23.27 -162.49 11.64
C GLU O 434 23.65 -163.61 12.59
N GLN O 435 23.48 -164.84 12.11
CA GLN O 435 23.81 -166.02 12.91
C GLN O 435 25.23 -166.48 12.56
N TYR O 436 26.03 -166.75 13.58
CA TYR O 436 27.44 -167.07 13.41
C TYR O 436 27.57 -168.57 13.19
N GLU O 437 27.87 -168.98 11.96
CA GLU O 437 28.02 -170.39 11.65
C GLU O 437 29.30 -170.99 12.21
N GLY O 438 30.33 -170.17 12.43
CA GLY O 438 31.58 -170.69 12.94
C GLY O 438 31.56 -171.05 14.40
N GLY O 439 30.63 -170.48 15.17
CA GLY O 439 30.54 -170.76 16.59
C GLY O 439 29.31 -171.56 16.95
N SER O 440 28.38 -171.71 16.00
CA SER O 440 27.20 -172.51 16.24
C SER O 440 27.57 -173.99 16.38
N SER O 441 26.58 -174.79 16.71
CA SER O 441 26.74 -176.23 16.84
C SER O 441 25.35 -176.86 16.71
N ALA O 442 25.25 -178.14 17.08
CA ALA O 442 23.94 -178.77 17.19
C ALA O 442 23.29 -178.48 18.53
N TRP O 443 24.04 -177.92 19.49
CA TRP O 443 23.53 -177.64 20.82
C TRP O 443 23.79 -176.22 21.28
N CYS O 444 24.16 -175.31 20.37
CA CYS O 444 24.39 -173.91 20.70
C CYS O 444 24.07 -173.05 19.49
N VAL O 445 23.89 -171.76 19.74
CA VAL O 445 23.65 -170.78 18.69
C VAL O 445 24.27 -169.46 19.11
N LYS O 446 24.82 -168.73 18.15
CA LYS O 446 25.50 -167.46 18.41
C LYS O 446 25.07 -166.44 17.37
N TYR O 447 24.75 -165.23 17.82
CA TYR O 447 24.28 -164.16 16.96
C TYR O 447 25.23 -162.98 17.01
N GLN O 448 25.30 -162.23 15.91
CA GLN O 448 26.16 -161.07 15.79
C GLN O 448 25.36 -159.90 15.26
N PHE O 449 25.71 -158.69 15.70
CA PHE O 449 25.00 -157.49 15.29
C PHE O 449 25.94 -156.30 15.35
N GLY O 450 25.62 -155.28 14.56
CA GLY O 450 26.39 -154.05 14.57
C GLY O 450 25.78 -153.00 13.67
N ALA O 451 26.30 -151.79 13.79
CA ALA O 451 25.80 -150.66 13.00
C ALA O 451 26.89 -149.61 12.90
N GLU O 452 26.76 -148.73 11.91
CA GLU O 452 27.74 -147.67 11.64
C GLU O 452 27.05 -146.31 11.64
N ASP O 453 27.76 -145.30 12.12
CA ASP O 453 27.20 -143.97 12.28
C ASP O 453 28.30 -143.01 12.71
N GLY O 454 27.96 -141.72 12.75
CA GLY O 454 28.92 -140.73 13.18
C GLY O 454 28.34 -139.34 13.15
N GLY O 455 29.15 -138.37 13.56
CA GLY O 455 28.75 -136.98 13.59
C GLY O 455 29.95 -136.08 13.82
N PHE O 456 29.78 -134.82 13.42
CA PHE O 456 30.86 -133.84 13.51
C PHE O 456 30.29 -132.45 13.74
N VAL O 457 31.14 -131.57 14.28
CA VAL O 457 30.71 -130.21 14.60
C VAL O 457 30.86 -129.33 13.37
N GLY O 458 29.92 -128.39 13.20
CA GLY O 458 29.96 -127.47 12.08
C GLY O 458 30.47 -126.10 12.47
N CYS O 459 29.63 -125.07 12.32
CA CYS O 459 30.01 -123.70 12.65
C CYS O 459 30.13 -123.53 14.16
N CYS O 460 31.36 -123.46 14.67
CA CYS O 460 31.58 -123.36 16.11
C CYS O 460 31.15 -122.02 16.69
N GLU O 461 30.85 -121.02 15.85
CA GLU O 461 30.46 -119.73 16.38
C GLU O 461 28.98 -119.65 16.70
N HIS O 462 28.18 -120.62 16.25
CA HIS O 462 26.73 -120.54 16.37
C HIS O 462 26.19 -121.11 17.68
N GLY O 463 27.03 -121.25 18.71
CA GLY O 463 26.56 -121.78 19.98
C GLY O 463 27.22 -121.09 21.15
N ARG O 464 26.55 -121.17 22.29
CA ARG O 464 27.05 -120.61 23.53
C ARG O 464 26.72 -121.56 24.67
N VAL O 465 27.56 -121.55 25.70
CA VAL O 465 27.41 -122.44 26.85
C VAL O 465 27.45 -121.61 28.12
N LEU O 466 26.62 -121.97 29.09
CA LEU O 466 26.54 -121.30 30.37
C LEU O 466 27.01 -122.24 31.47
N ARG O 467 27.88 -121.75 32.35
CA ARG O 467 28.43 -122.55 33.42
C ARG O 467 28.48 -121.72 34.69
N ILE O 468 28.43 -122.40 35.83
CA ILE O 468 28.49 -121.71 37.12
C ILE O 468 29.92 -121.26 37.38
N GLY O 469 30.08 -120.00 37.75
CA GLY O 469 31.38 -119.46 38.05
C GLY O 469 31.74 -119.63 39.51
N PHE P 165 -54.18 -53.42 70.32
CA PHE P 165 -54.02 -54.87 70.63
C PHE P 165 -52.74 -55.40 70.00
N GLU P 166 -51.80 -55.82 70.86
CA GLU P 166 -50.50 -56.30 70.44
C GLU P 166 -50.28 -57.71 70.97
N ALA P 167 -49.70 -58.56 70.11
CA ALA P 167 -49.45 -59.95 70.51
C ALA P 167 -48.67 -60.01 71.82
N SER P 168 -47.76 -59.06 72.03
CA SER P 168 -46.99 -59.02 73.27
C SER P 168 -47.81 -58.61 74.47
N THR P 169 -49.12 -58.40 74.33
CA THR P 169 -49.94 -57.98 75.46
C THR P 169 -51.24 -58.77 75.59
N ILE P 170 -51.74 -59.32 74.47
CA ILE P 170 -53.10 -59.89 74.48
C ILE P 170 -53.13 -61.36 74.88
N GLY P 171 -51.99 -61.99 75.15
CA GLY P 171 -51.97 -63.35 75.63
C GLY P 171 -52.03 -64.36 74.51
N PRO P 172 -51.61 -65.60 74.79
CA PRO P 172 -51.48 -66.59 73.71
C PRO P 172 -52.79 -67.19 73.25
N ALA P 173 -53.87 -67.07 74.03
CA ALA P 173 -55.10 -67.80 73.72
C ALA P 173 -55.71 -67.38 72.40
N PHE P 174 -55.33 -66.21 71.86
CA PHE P 174 -55.98 -65.70 70.66
C PHE P 174 -55.38 -66.25 69.37
N PHE P 175 -54.19 -66.85 69.44
CA PHE P 175 -53.47 -67.30 68.25
C PHE P 175 -53.46 -68.83 68.22
N THR P 176 -53.86 -69.41 67.08
CA THR P 176 -53.95 -70.85 66.93
C THR P 176 -52.79 -71.36 66.11
N PRO P 177 -51.84 -72.10 66.68
CA PRO P 177 -50.70 -72.57 65.88
C PRO P 177 -51.12 -73.58 64.82
N GLN P 178 -50.36 -73.60 63.73
CA GLN P 178 -50.60 -74.52 62.63
C GLN P 178 -50.31 -75.95 63.08
N VAL P 179 -51.03 -76.91 62.51
CA VAL P 179 -50.82 -78.32 62.83
C VAL P 179 -50.15 -78.99 61.63
N LEU P 180 -48.94 -79.48 61.84
CA LEU P 180 -48.20 -80.14 60.77
C LEU P 180 -48.49 -81.64 60.77
N ALA P 181 -48.54 -82.22 59.57
CA ALA P 181 -48.81 -83.64 59.40
C ALA P 181 -47.50 -84.42 59.22
N LEU P 182 -46.74 -84.51 60.30
CA LEU P 182 -45.52 -85.29 60.32
C LEU P 182 -45.23 -85.74 61.74
N GLU P 183 -44.41 -86.78 61.86
CA GLU P 183 -44.00 -87.33 63.15
C GLU P 183 -42.49 -87.57 63.14
N VAL P 184 -41.88 -87.40 64.29
CA VAL P 184 -40.46 -87.68 64.48
C VAL P 184 -40.32 -88.98 65.23
N ASP P 185 -39.56 -89.92 64.65
CA ASP P 185 -39.41 -91.26 65.23
C ASP P 185 -37.96 -91.69 65.01
N CYS P 186 -37.18 -91.71 66.10
CA CYS P 186 -35.76 -92.02 66.05
C CYS P 186 -35.46 -93.45 66.49
N ASN P 187 -36.46 -94.31 66.60
CA ASN P 187 -36.24 -95.67 67.04
C ASN P 187 -35.89 -96.59 65.88
N ILE P 188 -35.11 -97.61 66.17
CA ILE P 188 -34.73 -98.63 65.19
C ILE P 188 -34.89 -99.99 65.83
N GLU P 189 -35.06 -101.01 64.99
CA GLU P 189 -35.18 -102.40 65.44
C GLU P 189 -34.17 -103.24 64.70
N CYS P 190 -33.35 -103.97 65.44
CA CYS P 190 -32.27 -104.74 64.84
C CYS P 190 -32.82 -105.86 63.97
N ALA P 191 -32.05 -106.25 62.96
CA ALA P 191 -32.43 -107.32 62.06
C ALA P 191 -32.49 -108.65 62.83
N SER P 192 -33.42 -109.51 62.43
CA SER P 192 -33.62 -110.77 63.13
C SER P 192 -33.01 -111.92 62.34
N LEU P 193 -32.42 -112.87 63.08
CA LEU P 193 -31.92 -114.11 62.50
C LEU P 193 -32.96 -115.20 62.47
N LEU P 194 -34.21 -114.89 62.87
CA LEU P 194 -35.22 -115.92 63.03
C LEU P 194 -35.53 -116.65 61.74
N ASP P 195 -35.18 -116.08 60.59
CA ASP P 195 -35.45 -116.74 59.32
C ASP P 195 -34.39 -117.77 58.95
N LEU P 196 -33.24 -117.76 59.61
CA LEU P 196 -32.22 -118.77 59.33
C LEU P 196 -32.56 -120.12 59.94
N TYR P 197 -33.22 -120.11 61.10
CA TYR P 197 -33.42 -121.32 61.87
C TYR P 197 -34.43 -122.24 61.20
N GLY P 198 -34.43 -123.50 61.63
CA GLY P 198 -35.40 -124.45 61.14
C GLY P 198 -36.76 -124.22 61.79
N GLN P 199 -37.82 -124.41 61.02
CA GLN P 199 -39.18 -124.10 61.45
C GLN P 199 -39.95 -125.36 61.79
N ILE P 200 -40.51 -125.40 63.00
CA ILE P 200 -41.36 -126.49 63.45
C ILE P 200 -42.59 -125.87 64.11
N GLU P 201 -43.70 -126.60 64.07
CA GLU P 201 -44.93 -126.20 64.72
C GLU P 201 -45.52 -127.37 65.50
N VAL P 202 -45.97 -127.10 66.72
CA VAL P 202 -46.56 -128.12 67.58
C VAL P 202 -47.83 -127.55 68.21
N SER P 203 -48.79 -128.43 68.45
CA SER P 203 -50.06 -128.05 69.05
C SER P 203 -50.20 -128.51 70.50
N ARG P 204 -49.13 -128.99 71.12
CA ARG P 204 -49.17 -129.46 72.50
C ARG P 204 -47.94 -128.95 73.25
N SER P 205 -48.07 -128.87 74.57
CA SER P 205 -47.03 -128.27 75.40
C SER P 205 -45.75 -129.09 75.48
N THR P 206 -45.78 -130.35 75.03
CA THR P 206 -44.59 -131.19 75.09
C THR P 206 -44.52 -132.03 73.81
N PHE P 207 -43.30 -132.39 73.43
CA PHE P 207 -43.08 -133.17 72.21
C PHE P 207 -41.82 -134.00 72.37
N THR P 208 -41.70 -135.03 71.54
CA THR P 208 -40.58 -135.95 71.59
C THR P 208 -40.08 -136.24 70.19
N TYR P 209 -38.77 -136.42 70.05
CA TYR P 209 -38.17 -136.78 68.77
C TYR P 209 -37.05 -137.79 69.03
N MET P 210 -36.46 -138.28 67.95
CA MET P 210 -35.56 -139.42 68.00
C MET P 210 -34.25 -139.09 67.29
N LYS P 211 -33.14 -139.63 67.82
CA LYS P 211 -31.80 -139.31 67.37
C LYS P 211 -31.00 -140.59 67.21
N ILE P 212 -30.14 -140.64 66.20
CA ILE P 212 -29.27 -141.78 65.96
C ILE P 212 -27.89 -141.42 66.50
N ALA P 213 -27.55 -141.98 67.66
CA ALA P 213 -26.28 -141.64 68.30
C ALA P 213 -25.09 -142.26 67.58
N ASP P 214 -25.23 -143.50 67.10
CA ASP P 214 -24.09 -144.21 66.53
C ASP P 214 -24.60 -145.34 65.63
N TYR P 215 -23.70 -145.83 64.79
CA TYR P 215 -24.00 -146.96 63.92
C TYR P 215 -23.29 -148.24 64.32
N GLY P 216 -22.12 -148.15 64.94
CA GLY P 216 -21.38 -149.32 65.34
C GLY P 216 -20.71 -150.02 64.16
N GLN P 217 -19.95 -151.06 64.49
CA GLN P 217 -19.24 -151.85 63.51
C GLN P 217 -19.52 -153.33 63.74
N LEU P 218 -19.68 -154.06 62.64
CA LEU P 218 -20.04 -155.47 62.70
C LEU P 218 -18.98 -156.38 62.10
N GLY P 219 -18.55 -156.12 60.87
CA GLY P 219 -17.68 -157.04 60.18
C GLY P 219 -16.23 -156.94 60.63
N GLU P 220 -15.42 -157.83 60.05
CA GLU P 220 -13.99 -157.87 60.35
C GLU P 220 -13.30 -158.76 59.32
N TYR P 221 -11.99 -158.57 59.19
CA TYR P 221 -11.18 -159.42 58.33
C TYR P 221 -10.63 -160.60 59.13
N THR P 222 -10.88 -161.82 58.66
CA THR P 222 -10.51 -163.02 59.39
C THR P 222 -9.89 -164.03 58.44
N CYS P 223 -9.32 -165.08 59.03
CA CYS P 223 -8.66 -166.12 58.26
C CYS P 223 -9.68 -166.97 57.52
N ASP P 224 -9.23 -167.60 56.44
CA ASP P 224 -10.11 -168.44 55.65
C ASP P 224 -10.27 -169.83 56.25
N ALA P 225 -9.43 -170.18 57.23
CA ALA P 225 -9.47 -171.51 57.83
C ALA P 225 -10.33 -171.56 59.09
N LYS P 226 -11.35 -170.71 59.18
CA LYS P 226 -12.26 -170.68 60.31
C LYS P 226 -13.69 -170.86 59.81
N CYS P 227 -14.47 -171.63 60.56
CA CYS P 227 -15.86 -171.92 60.22
C CYS P 227 -16.84 -171.06 61.00
N ASP P 228 -16.35 -170.02 61.69
CA ASP P 228 -17.18 -169.17 62.51
C ASP P 228 -16.85 -167.71 62.25
N ALA P 229 -17.72 -166.83 62.73
CA ALA P 229 -17.54 -165.39 62.62
C ALA P 229 -17.77 -164.76 63.98
N GLU P 230 -17.26 -163.54 64.15
CA GLU P 230 -17.30 -162.87 65.43
C GLU P 230 -18.51 -161.95 65.53
N PHE P 231 -18.87 -161.61 66.76
CA PHE P 231 -19.96 -160.68 67.03
C PHE P 231 -19.40 -159.29 67.27
N GLY P 232 -19.97 -158.31 66.59
CA GLY P 232 -19.51 -156.93 66.67
C GLY P 232 -20.17 -156.15 67.78
N GLU P 233 -20.15 -154.83 67.64
CA GLU P 233 -20.78 -153.93 68.61
C GLU P 233 -21.95 -153.24 67.92
N PRO P 234 -23.19 -153.41 68.40
CA PRO P 234 -24.33 -152.81 67.70
C PRO P 234 -24.39 -151.31 67.90
N GLY P 235 -25.27 -150.67 67.12
CA GLY P 235 -25.42 -149.24 67.14
C GLY P 235 -25.98 -148.76 68.47
N ASN P 236 -26.53 -147.54 68.42
CA ASN P 236 -27.06 -146.89 69.62
C ASN P 236 -28.06 -145.82 69.18
N ILE P 237 -29.31 -145.98 69.56
CA ILE P 237 -30.37 -145.03 69.24
C ILE P 237 -30.92 -144.46 70.54
N ARG P 238 -31.41 -143.22 70.48
CA ARG P 238 -31.86 -142.50 71.66
C ARG P 238 -33.15 -141.76 71.35
N HIS P 239 -33.91 -141.47 72.41
CA HIS P 239 -35.12 -140.66 72.33
C HIS P 239 -34.91 -139.38 73.13
N LEU P 240 -35.46 -138.28 72.61
CA LEU P 240 -35.29 -136.96 73.22
C LEU P 240 -36.64 -136.26 73.30
N GLU P 241 -36.73 -135.28 74.20
CA GLU P 241 -37.96 -134.53 74.41
C GLU P 241 -37.66 -133.04 74.50
N GLY P 242 -38.67 -132.22 74.18
CA GLY P 242 -38.57 -130.79 74.25
C GLY P 242 -39.58 -130.19 75.22
N LYS P 243 -39.97 -128.94 74.94
CA LYS P 243 -40.93 -128.23 75.78
C LYS P 243 -41.35 -126.96 75.07
N THR P 244 -42.24 -126.21 75.73
CA THR P 244 -42.71 -124.93 75.25
C THR P 244 -42.85 -123.99 76.45
N TYR P 245 -42.68 -122.69 76.21
CA TYR P 245 -42.66 -121.70 77.28
C TYR P 245 -43.78 -120.69 77.09
N ASP P 246 -43.98 -119.84 78.09
CA ASP P 246 -45.13 -118.95 78.17
C ASP P 246 -44.68 -117.52 78.35
N TYR P 247 -45.33 -116.60 77.63
CA TYR P 247 -45.06 -115.17 77.69
C TYR P 247 -46.37 -114.46 78.00
N ARG P 248 -46.36 -113.55 78.98
CA ARG P 248 -47.60 -112.95 79.45
C ARG P 248 -47.34 -111.55 80.01
N GLY P 249 -48.39 -110.75 80.04
CA GLY P 249 -48.32 -109.39 80.53
C GLY P 249 -49.71 -108.83 80.74
N VAL P 250 -49.75 -107.57 81.19
CA VAL P 250 -51.01 -106.92 81.54
C VAL P 250 -50.79 -105.41 81.58
N PHE P 251 -51.85 -104.66 81.23
CA PHE P 251 -51.82 -103.20 81.34
C PHE P 251 -53.22 -102.69 81.64
N CYS P 252 -53.29 -101.50 82.25
CA CYS P 252 -54.53 -100.94 82.76
C CYS P 252 -54.75 -99.54 82.20
N PHE P 253 -55.99 -99.07 82.26
CA PHE P 253 -56.36 -97.74 81.82
C PHE P 253 -57.43 -97.16 82.74
N ASN P 254 -57.79 -95.91 82.47
CA ASN P 254 -58.90 -95.24 83.15
C ASN P 254 -59.92 -94.82 82.10
N ARG P 255 -61.19 -95.12 82.35
CA ARG P 255 -62.22 -94.90 81.33
C ARG P 255 -62.30 -93.44 80.91
N LYS P 256 -62.40 -92.54 81.89
CA LYS P 256 -62.62 -91.13 81.58
C LYS P 256 -61.42 -90.54 80.84
N ASN P 257 -60.21 -90.80 81.33
CA ASN P 257 -59.01 -90.28 80.67
C ASN P 257 -58.86 -90.85 79.28
N LEU P 258 -59.12 -92.15 79.10
CA LEU P 258 -59.01 -92.75 77.79
C LEU P 258 -60.04 -92.17 76.82
N GLN P 259 -61.23 -91.84 77.31
CA GLN P 259 -62.28 -91.32 76.44
C GLN P 259 -62.02 -89.85 76.08
N GLU P 260 -61.51 -89.06 77.02
CA GLU P 260 -61.42 -87.62 76.81
C GLU P 260 -60.19 -87.21 76.01
N ALA P 261 -59.12 -87.99 76.06
CA ALA P 261 -57.87 -87.58 75.45
C ALA P 261 -58.01 -87.47 73.93
N ASN P 262 -57.20 -86.60 73.35
CA ASN P 262 -57.25 -86.32 71.91
C ASN P 262 -56.42 -87.29 71.09
N TYR P 263 -55.67 -88.20 71.72
CA TYR P 263 -54.83 -89.16 71.02
C TYR P 263 -55.16 -90.56 71.52
N ASP P 264 -55.01 -91.54 70.64
CA ASP P 264 -55.40 -92.92 70.94
C ASP P 264 -54.26 -93.61 71.67
N PHE P 265 -54.47 -93.90 72.96
CA PHE P 265 -53.46 -94.60 73.76
C PHE P 265 -53.66 -96.10 73.78
N LEU P 266 -54.75 -96.62 73.23
CA LEU P 266 -55.00 -98.06 73.28
C LEU P 266 -54.17 -98.80 72.23
N SER P 267 -54.35 -98.42 70.97
CA SER P 267 -53.56 -99.02 69.90
C SER P 267 -52.06 -98.79 70.11
N PHE P 268 -51.67 -97.67 70.72
CA PHE P 268 -50.26 -97.44 70.99
C PHE P 268 -49.71 -98.51 71.91
N MET P 269 -50.40 -98.82 73.00
CA MET P 269 -49.92 -99.84 73.92
C MET P 269 -50.01 -101.24 73.31
N ILE P 270 -51.04 -101.50 72.50
CA ILE P 270 -51.11 -102.77 71.80
C ILE P 270 -49.88 -102.96 70.91
N GLY P 271 -49.55 -101.94 70.12
CA GLY P 271 -48.38 -102.02 69.27
C GLY P 271 -47.10 -102.15 70.06
N ALA P 272 -47.01 -101.44 71.18
CA ALA P 272 -45.81 -101.55 72.01
C ALA P 272 -45.64 -102.97 72.53
N ALA P 273 -46.72 -103.60 72.99
CA ALA P 273 -46.64 -104.97 73.48
C ALA P 273 -46.22 -105.92 72.37
N GLN P 274 -46.82 -105.77 71.19
CA GLN P 274 -46.46 -106.65 70.08
C GLN P 274 -44.99 -106.49 69.71
N ARG P 275 -44.50 -105.25 69.68
CA ARG P 275 -43.10 -104.99 69.35
C ARG P 275 -42.18 -105.62 70.38
N SER P 276 -42.47 -105.39 71.66
CA SER P 276 -41.65 -105.98 72.71
C SER P 276 -41.64 -107.50 72.66
N HIS P 277 -42.73 -108.10 72.18
CA HIS P 277 -42.75 -109.56 72.05
C HIS P 277 -41.60 -110.03 71.16
N ARG P 278 -41.49 -109.47 69.95
CA ARG P 278 -40.42 -109.87 69.05
C ARG P 278 -39.06 -109.51 69.63
N ILE P 279 -38.97 -108.32 70.23
CA ILE P 279 -37.70 -107.88 70.80
C ILE P 279 -37.19 -108.92 71.80
N ASN P 280 -38.08 -109.43 72.65
CA ASN P 280 -37.67 -110.41 73.65
C ASN P 280 -37.45 -111.79 73.04
N ARG P 281 -38.27 -112.16 72.05
CA ARG P 281 -38.17 -113.50 71.47
C ARG P 281 -36.82 -113.69 70.78
N ASN P 282 -36.40 -112.71 69.98
CA ASN P 282 -35.12 -112.85 69.29
C ASN P 282 -33.97 -112.95 70.28
N ARG P 283 -33.98 -112.13 71.33
CA ARG P 283 -32.93 -112.20 72.33
C ARG P 283 -32.93 -113.54 73.04
N ALA P 284 -34.11 -114.06 73.36
CA ALA P 284 -34.20 -115.32 74.09
C ALA P 284 -33.64 -116.46 73.25
N LEU P 285 -34.01 -116.51 71.96
CA LEU P 285 -33.53 -117.60 71.12
C LEU P 285 -32.01 -117.62 71.00
N MET P 286 -31.34 -116.51 71.28
CA MET P 286 -29.89 -116.42 71.13
C MET P 286 -29.15 -116.60 72.46
N VAL P 287 -29.56 -115.89 73.50
CA VAL P 287 -28.81 -115.88 74.75
C VAL P 287 -29.70 -116.26 75.93
N GLY P 288 -30.91 -116.72 75.65
CA GLY P 288 -31.82 -117.08 76.72
C GLY P 288 -31.37 -118.36 77.42
N ASP P 289 -31.52 -118.36 78.75
CA ASP P 289 -31.22 -119.53 79.56
C ASP P 289 -32.46 -120.40 79.67
N GLY P 290 -32.27 -121.70 79.84
CA GLY P 290 -33.34 -122.67 79.66
C GLY P 290 -34.33 -122.77 80.79
N ILE P 291 -34.12 -122.09 81.92
CA ILE P 291 -35.02 -122.28 83.07
C ILE P 291 -36.42 -121.74 82.80
N ASN P 292 -36.55 -120.56 82.18
CA ASN P 292 -37.85 -120.03 81.83
C ASN P 292 -37.88 -119.58 80.38
N GLU P 293 -36.73 -119.15 79.88
CA GLU P 293 -36.62 -118.76 78.48
C GLU P 293 -36.05 -119.93 77.67
N PRO P 294 -36.29 -119.96 76.36
CA PRO P 294 -35.66 -120.99 75.53
C PRO P 294 -34.14 -120.90 75.62
N LYS P 295 -33.50 -122.06 75.59
CA LYS P 295 -32.04 -122.11 75.66
C LYS P 295 -31.45 -121.57 74.36
N GLY P 296 -30.51 -120.63 74.47
CA GLY P 296 -29.88 -120.05 73.31
C GLY P 296 -28.51 -120.64 73.06
N TRP P 297 -28.13 -120.73 71.79
CA TRP P 297 -26.90 -121.40 71.42
C TRP P 297 -25.65 -120.67 71.91
N LEU P 298 -25.78 -119.44 72.40
CA LEU P 298 -24.68 -118.77 73.06
C LEU P 298 -24.62 -119.05 74.55
N LYS P 299 -25.61 -119.73 75.11
CA LYS P 299 -25.61 -120.19 76.49
C LYS P 299 -25.39 -121.68 76.61
N GLU P 300 -25.98 -122.47 75.71
CA GLU P 300 -25.73 -123.90 75.70
C GLU P 300 -24.26 -124.20 75.50
N ASP P 301 -23.60 -123.46 74.61
CA ASP P 301 -22.15 -123.51 74.44
C ASP P 301 -21.68 -124.89 74.01
N CYS P 302 -22.51 -125.62 73.27
CA CYS P 302 -22.09 -126.90 72.73
C CYS P 302 -21.27 -126.77 71.46
N PHE P 303 -21.24 -125.60 70.85
CA PHE P 303 -20.46 -125.41 69.63
C PHE P 303 -18.97 -125.35 69.98
N PRO P 304 -18.11 -126.06 69.25
CA PRO P 304 -16.67 -125.93 69.51
C PRO P 304 -16.20 -124.51 69.29
N THR P 305 -15.26 -124.08 70.13
CA THR P 305 -14.81 -122.69 70.16
C THR P 305 -13.35 -122.61 69.70
N PHE P 306 -13.04 -121.58 68.90
CA PHE P 306 -11.70 -121.33 68.43
C PHE P 306 -11.22 -119.99 68.98
N LEU P 307 -10.01 -119.97 69.54
CA LEU P 307 -9.43 -118.75 70.06
C LEU P 307 -8.49 -118.13 69.02
N THR P 308 -8.11 -116.87 69.27
CA THR P 308 -7.20 -116.13 68.42
C THR P 308 -5.93 -115.83 69.18
N LEU P 309 -4.78 -116.06 68.55
CA LEU P 309 -3.51 -115.89 69.23
C LEU P 309 -3.24 -114.42 69.51
N PRO P 310 -2.45 -114.11 70.55
CA PRO P 310 -2.09 -112.72 70.80
C PRO P 310 -1.01 -112.20 69.86
N VAL P 311 -0.54 -110.99 70.10
CA VAL P 311 0.53 -110.38 69.30
C VAL P 311 1.49 -109.68 70.24
N ASN P 312 2.78 -109.76 69.94
CA ASN P 312 3.82 -109.12 70.74
C ASN P 312 4.21 -107.81 70.08
N THR P 313 3.78 -106.70 70.65
CA THR P 313 4.09 -105.37 70.11
C THR P 313 5.39 -104.82 70.66
N GLY P 314 6.08 -105.55 71.53
CA GLY P 314 7.31 -105.06 72.12
C GLY P 314 8.55 -105.61 71.45
N THR P 315 9.48 -106.10 72.27
CA THR P 315 10.75 -106.63 71.81
C THR P 315 10.99 -107.95 72.52
N PRO P 316 11.79 -108.85 71.93
CA PRO P 316 12.11 -110.10 72.64
C PRO P 316 12.73 -109.88 74.00
N GLU P 317 13.44 -108.78 74.20
CA GLU P 317 13.99 -108.47 75.51
C GLU P 317 12.93 -107.93 76.47
N ASN P 318 11.76 -107.55 75.97
CA ASN P 318 10.69 -107.03 76.82
C ASN P 318 9.37 -107.24 76.09
N PRO P 319 8.79 -108.42 76.21
CA PRO P 319 7.55 -108.70 75.47
C PRO P 319 6.32 -108.08 76.12
N VAL P 320 5.37 -107.72 75.26
CA VAL P 320 4.07 -107.21 75.70
C VAL P 320 2.98 -107.93 74.93
N GLN P 321 2.41 -108.97 75.54
CA GLN P 321 1.41 -109.79 74.87
C GLN P 321 0.09 -109.05 74.74
N THR P 322 -0.28 -108.71 73.51
CA THR P 322 -1.49 -107.96 73.23
C THR P 322 -2.50 -108.82 72.48
N PRO P 323 -3.73 -108.99 72.96
CA PRO P 323 -4.72 -109.74 72.17
C PRO P 323 -4.97 -109.04 70.84
N ALA P 324 -5.25 -109.84 69.82
CA ALA P 324 -5.33 -109.32 68.46
C ALA P 324 -6.29 -110.15 67.63
N PHE P 325 -6.67 -109.58 66.49
CA PHE P 325 -7.53 -110.24 65.51
C PHE P 325 -7.08 -109.80 64.13
N LEU P 326 -6.98 -110.75 63.19
CA LEU P 326 -6.34 -110.49 61.92
C LEU P 326 -7.14 -111.10 60.76
N ALA P 327 -6.93 -110.53 59.59
CA ALA P 327 -7.61 -111.00 58.39
C ALA P 327 -7.23 -112.45 58.08
N GLN P 328 -5.97 -112.82 58.31
CA GLN P 328 -5.59 -114.20 58.09
C GLN P 328 -6.27 -115.13 59.08
N ASP P 329 -6.47 -114.68 60.33
CA ASP P 329 -7.24 -115.47 61.28
C ASP P 329 -8.67 -115.67 60.79
N TRP P 330 -9.30 -114.60 60.29
CA TRP P 330 -10.65 -114.76 59.75
C TRP P 330 -10.67 -115.74 58.58
N ARG P 331 -9.67 -115.64 57.69
CA ARG P 331 -9.62 -116.52 56.54
C ARG P 331 -9.46 -117.98 56.96
N ARG P 332 -8.56 -118.23 57.91
CA ARG P 332 -8.37 -119.58 58.43
C ARG P 332 -9.66 -120.11 59.03
N PHE P 333 -10.34 -119.29 59.83
CA PHE P 333 -11.58 -119.73 60.45
C PHE P 333 -12.61 -120.10 59.40
N VAL P 334 -12.82 -119.21 58.42
CA VAL P 334 -13.88 -119.45 57.44
C VAL P 334 -13.57 -120.66 56.57
N THR P 335 -12.29 -120.89 56.26
CA THR P 335 -11.93 -122.00 55.37
C THR P 335 -11.85 -123.35 56.07
N SER P 336 -12.06 -123.41 57.38
CA SER P 336 -11.86 -124.65 58.12
C SER P 336 -13.14 -125.42 58.37
N PHE P 337 -14.26 -125.01 57.80
CA PHE P 337 -15.52 -125.71 58.04
C PHE P 337 -15.49 -127.08 57.35
N PRO P 338 -15.87 -128.15 58.04
CA PRO P 338 -15.88 -129.47 57.39
C PRO P 338 -16.76 -129.47 56.15
N ALA P 339 -16.31 -130.22 55.13
CA ALA P 339 -17.00 -130.21 53.84
C ALA P 339 -18.28 -131.04 53.87
N GLU P 340 -18.31 -132.11 54.66
CA GLU P 340 -19.45 -133.03 54.62
C GLU P 340 -20.75 -132.34 55.04
N TYR P 341 -20.68 -131.43 56.02
CA TYR P 341 -21.88 -130.81 56.55
C TYR P 341 -22.56 -129.88 55.55
N GLY P 342 -21.90 -129.52 54.46
CA GLY P 342 -22.50 -128.65 53.48
C GLY P 342 -22.19 -127.18 53.73
N ASP P 343 -22.81 -126.34 52.90
CA ASP P 343 -22.57 -124.90 52.97
C ASP P 343 -23.10 -124.33 54.28
N ALA P 344 -22.50 -123.21 54.70
CA ALA P 344 -22.87 -122.54 55.93
C ALA P 344 -22.86 -121.04 55.69
N ARG P 345 -23.29 -120.29 56.71
CA ARG P 345 -23.31 -118.84 56.69
C ARG P 345 -22.76 -118.29 57.99
N SER P 346 -22.06 -117.17 57.90
CA SER P 346 -21.56 -116.49 59.07
C SER P 346 -22.53 -115.41 59.53
N VAL P 347 -22.46 -115.06 60.80
CA VAL P 347 -23.23 -113.98 61.38
C VAL P 347 -22.29 -113.06 62.13
N MET P 348 -22.44 -111.75 61.92
CA MET P 348 -21.47 -110.79 62.40
C MET P 348 -22.19 -109.51 62.84
N HIS P 349 -21.53 -108.76 63.72
CA HIS P 349 -21.95 -107.40 64.01
C HIS P 349 -21.33 -106.45 62.99
N GLN P 350 -22.11 -105.47 62.56
CA GLN P 350 -21.66 -104.55 61.52
C GLN P 350 -20.33 -103.91 61.89
N ASN P 351 -20.11 -103.64 63.18
CA ASN P 351 -18.87 -103.01 63.60
C ASN P 351 -17.67 -103.91 63.34
N VAL P 352 -17.81 -105.22 63.53
CA VAL P 352 -16.69 -106.13 63.27
C VAL P 352 -16.37 -106.15 61.79
N PHE P 353 -17.38 -106.16 60.92
CA PHE P 353 -17.12 -106.12 59.49
C PHE P 353 -16.42 -104.82 59.11
N GLY P 354 -16.87 -103.70 59.68
CA GLY P 354 -16.20 -102.43 59.41
C GLY P 354 -14.77 -102.43 59.90
N TYR P 355 -14.50 -103.07 61.04
CA TYR P 355 -13.14 -103.19 61.54
C TYR P 355 -12.29 -104.01 60.58
N LEU P 356 -12.85 -105.10 60.05
CA LEU P 356 -12.11 -105.93 59.11
C LEU P 356 -11.79 -105.17 57.84
N ALA P 357 -12.75 -104.42 57.32
CA ALA P 357 -12.59 -103.79 56.00
C ALA P 357 -11.57 -102.66 56.00
N ALA P 358 -11.10 -102.21 57.16
CA ALA P 358 -10.21 -101.07 57.25
C ALA P 358 -8.81 -101.43 57.73
N MET P 359 -8.31 -102.62 57.37
CA MET P 359 -6.96 -103.00 57.72
C MET P 359 -5.96 -102.57 56.64
N VAL P 360 -4.70 -102.45 57.03
CA VAL P 360 -3.63 -102.03 56.14
C VAL P 360 -2.44 -102.94 56.33
N ASP P 361 -1.61 -103.04 55.30
CA ASP P 361 -0.38 -103.80 55.39
C ASP P 361 0.72 -102.94 56.02
N ALA P 362 1.96 -103.44 55.95
CA ALA P 362 3.07 -102.74 56.56
C ALA P 362 3.37 -101.41 55.90
N ASN P 363 2.96 -101.21 54.64
CA ASN P 363 3.25 -99.98 53.91
C ASN P 363 2.11 -98.97 53.97
N GLY P 364 1.00 -99.29 54.64
CA GLY P 364 -0.11 -98.37 54.72
C GLY P 364 -1.16 -98.54 53.64
N ARG P 365 -0.94 -99.40 52.66
CA ARG P 365 -1.96 -99.66 51.65
C ARG P 365 -3.03 -100.59 52.20
N PHE P 366 -4.28 -100.32 51.82
CA PHE P 366 -5.40 -101.13 52.29
C PHE P 366 -5.28 -102.56 51.81
N LEU P 367 -5.71 -103.49 52.65
CA LEU P 367 -6.02 -104.83 52.20
C LEU P 367 -7.41 -104.85 51.59
N PHE P 368 -7.73 -105.93 50.89
CA PHE P 368 -9.04 -106.04 50.25
C PHE P 368 -9.11 -104.91 49.20
N GLY P 369 -10.29 -104.34 48.99
CA GLY P 369 -10.46 -103.27 48.03
C GLY P 369 -9.38 -102.20 48.14
N ASP P 370 -8.57 -102.07 47.10
CA ASP P 370 -7.46 -101.12 47.08
C ASP P 370 -7.68 -100.11 45.96
N GLY P 371 -7.29 -98.86 46.23
CA GLY P 371 -7.53 -97.78 45.29
C GLY P 371 -8.91 -97.19 45.34
N ASP P 372 -9.74 -97.59 46.31
CA ASP P 372 -11.08 -97.06 46.47
C ASP P 372 -11.23 -96.42 47.85
N LEU P 373 -12.11 -95.43 47.93
CA LEU P 373 -12.36 -94.78 49.21
C LEU P 373 -13.01 -95.76 50.19
N THR P 374 -13.91 -96.60 49.71
CA THR P 374 -14.63 -97.54 50.56
C THR P 374 -14.70 -98.90 49.89
N PHE P 375 -14.83 -99.94 50.72
CA PHE P 375 -14.94 -101.32 50.26
C PHE P 375 -16.35 -101.83 50.52
N SER P 376 -16.98 -102.38 49.48
CA SER P 376 -18.37 -102.83 49.56
C SER P 376 -18.52 -104.12 48.77
N PRO P 377 -18.13 -105.25 49.35
CA PRO P 377 -18.28 -106.53 48.65
C PRO P 377 -19.73 -106.99 48.65
N ASP P 378 -20.00 -107.97 47.78
CA ASP P 378 -21.33 -108.55 47.67
C ASP P 378 -21.50 -109.57 48.79
N LEU P 379 -22.17 -109.14 49.87
CA LEU P 379 -22.27 -109.99 51.05
C LEU P 379 -23.05 -111.27 50.77
N VAL P 380 -24.09 -111.20 49.95
CA VAL P 380 -24.85 -112.41 49.66
C VAL P 380 -23.99 -113.46 48.97
N ARG P 381 -23.08 -113.04 48.09
CA ARG P 381 -22.15 -113.97 47.47
C ARG P 381 -21.05 -114.41 48.43
N GLU P 382 -20.62 -113.53 49.33
CA GLU P 382 -19.67 -113.91 50.37
C GLU P 382 -20.28 -114.86 51.38
N ARG P 383 -21.60 -115.00 51.41
CA ARG P 383 -22.31 -115.83 52.39
C ARG P 383 -22.04 -115.33 53.81
N ILE P 384 -22.42 -114.08 54.06
CA ILE P 384 -22.38 -113.49 55.38
C ILE P 384 -23.67 -112.70 55.57
N ARG P 385 -24.14 -112.64 56.82
CA ARG P 385 -25.31 -111.85 57.17
C ARG P 385 -25.02 -111.07 58.44
N ILE P 386 -25.38 -109.79 58.44
CA ILE P 386 -25.01 -108.86 59.48
C ILE P 386 -26.26 -108.48 60.26
N SER P 387 -26.18 -108.55 61.58
CA SER P 387 -27.25 -108.13 62.46
C SER P 387 -26.65 -107.64 63.76
N ASN P 388 -27.10 -106.47 64.21
CA ASN P 388 -26.54 -105.82 65.38
C ASN P 388 -27.01 -106.44 66.69
N CYS P 389 -27.84 -107.48 66.64
CA CYS P 389 -28.29 -108.12 67.87
C CYS P 389 -27.13 -108.79 68.59
N LEU P 390 -26.18 -109.36 67.84
CA LEU P 390 -25.11 -110.13 68.44
C LEU P 390 -24.16 -109.24 69.22
N PRO P 391 -23.37 -109.82 70.12
CA PRO P 391 -22.42 -109.02 70.89
C PRO P 391 -21.42 -108.29 70.00
N ASP P 392 -21.01 -107.11 70.44
CA ASP P 392 -20.06 -106.27 69.72
C ASP P 392 -18.74 -106.28 70.45
N PRO P 393 -17.66 -106.83 69.87
CA PRO P 393 -16.36 -106.78 70.57
C PRO P 393 -15.68 -105.43 70.52
N THR P 394 -16.00 -104.58 69.54
CA THR P 394 -15.40 -103.26 69.44
C THR P 394 -15.94 -102.28 70.46
N GLU P 395 -17.15 -102.50 70.96
CA GLU P 395 -17.78 -101.59 71.92
C GLU P 395 -17.95 -100.19 71.32
N GLY P 396 -18.71 -100.13 70.24
CA GLY P 396 -18.99 -98.86 69.59
C GLY P 396 -17.76 -98.20 69.00
N ASN P 397 -16.88 -98.97 68.37
CA ASN P 397 -15.70 -98.47 67.69
C ASN P 397 -14.69 -97.84 68.64
N THR P 398 -14.83 -98.03 69.94
CA THR P 398 -13.90 -97.46 70.90
C THR P 398 -12.78 -98.41 71.29
N LYS P 399 -12.93 -99.71 71.02
CA LYS P 399 -11.91 -100.70 71.30
C LYS P 399 -11.50 -101.38 70.01
N GLY P 400 -10.23 -101.77 69.93
CA GLY P 400 -9.73 -102.47 68.76
C GLY P 400 -8.32 -102.06 68.35
N GLY P 401 -7.74 -101.11 69.08
CA GLY P 401 -6.39 -100.68 68.77
C GLY P 401 -5.35 -101.36 69.64
N THR P 402 -4.45 -100.57 70.22
CA THR P 402 -3.42 -101.07 71.11
C THR P 402 -3.43 -100.27 72.40
N GLY P 403 -2.51 -100.60 73.29
CA GLY P 403 -2.44 -99.89 74.56
C GLY P 403 -3.73 -100.05 75.33
N GLN P 404 -4.38 -98.92 75.64
CA GLN P 404 -5.61 -98.94 76.41
C GLN P 404 -6.82 -99.30 75.56
N ASP P 405 -6.70 -99.27 74.24
CA ASP P 405 -7.79 -99.62 73.34
C ASP P 405 -7.82 -101.09 72.99
N ALA P 406 -6.95 -101.90 73.59
CA ALA P 406 -6.86 -103.31 73.23
C ALA P 406 -8.15 -104.05 73.58
N PHE P 407 -8.41 -105.11 72.83
CA PHE P 407 -9.59 -105.92 73.06
C PHE P 407 -9.56 -106.50 74.48
N ALA P 408 -10.70 -107.08 74.87
CA ALA P 408 -10.83 -107.78 76.13
C ALA P 408 -10.88 -109.28 75.87
N ALA P 409 -10.06 -110.03 76.61
CA ALA P 409 -9.97 -111.47 76.40
C ALA P 409 -11.33 -112.12 76.58
N GLY P 410 -11.66 -113.05 75.67
CA GLY P 410 -12.91 -113.78 75.73
C GLY P 410 -14.06 -113.15 74.98
N SER P 411 -13.83 -112.06 74.25
CA SER P 411 -14.91 -111.40 73.52
C SER P 411 -15.40 -112.29 72.38
N PHE P 412 -16.67 -112.10 72.00
CA PHE P 412 -17.25 -112.83 70.89
C PHE P 412 -17.10 -112.04 69.60
N ILE P 413 -16.74 -112.73 68.52
CA ILE P 413 -16.46 -112.11 67.23
C ILE P 413 -17.49 -112.52 66.18
N ALA P 414 -17.56 -113.81 65.86
CA ALA P 414 -18.47 -114.28 64.83
C ALA P 414 -18.70 -115.76 65.02
N ALA P 415 -19.77 -116.26 64.38
CA ALA P 415 -20.14 -117.66 64.45
C ALA P 415 -20.53 -118.15 63.05
N GLN P 416 -20.36 -119.45 62.84
CA GLN P 416 -20.66 -120.07 61.56
C GLN P 416 -21.25 -121.45 61.82
N ALA P 417 -22.25 -121.83 61.02
CA ALA P 417 -22.94 -123.10 61.22
C ALA P 417 -23.93 -123.31 60.09
N ALA P 418 -24.45 -124.53 60.02
CA ALA P 418 -25.57 -124.87 59.14
C ALA P 418 -26.85 -124.65 59.94
N TRP P 419 -27.43 -123.46 59.77
CA TRP P 419 -28.50 -123.03 60.67
C TRP P 419 -29.76 -123.88 60.51
N LYS P 420 -30.12 -124.24 59.28
CA LYS P 420 -31.35 -125.00 59.08
C LYS P 420 -31.32 -126.37 59.75
N THR P 421 -30.21 -126.76 60.36
CA THR P 421 -30.15 -127.97 61.16
C THR P 421 -29.45 -127.80 62.51
N ALA P 422 -28.70 -126.72 62.71
CA ALA P 422 -28.02 -126.54 63.99
C ALA P 422 -28.97 -126.09 65.09
N TYR P 423 -30.02 -125.34 64.75
CA TYR P 423 -30.93 -124.78 65.73
C TYR P 423 -32.34 -124.77 65.15
N TYR P 424 -33.32 -125.04 66.01
CA TYR P 424 -34.72 -125.11 65.61
C TYR P 424 -35.54 -124.09 66.40
N ALA P 425 -36.65 -123.67 65.80
CA ALA P 425 -37.61 -122.77 66.44
C ALA P 425 -39.00 -123.36 66.33
N VAL P 426 -39.71 -123.43 67.46
CA VAL P 426 -41.05 -124.02 67.52
C VAL P 426 -42.03 -122.94 67.96
N GLU P 427 -43.18 -122.90 67.30
CA GLU P 427 -44.24 -121.94 67.58
C GLU P 427 -45.54 -122.67 67.84
N LYS P 428 -46.28 -122.24 68.86
CA LYS P 428 -47.53 -122.89 69.25
C LYS P 428 -48.73 -121.96 69.12
N ARG P 429 -48.67 -120.75 69.67
CA ARG P 429 -49.81 -119.86 69.69
C ARG P 429 -49.42 -118.45 69.30
N PRO P 430 -50.18 -117.78 68.44
CA PRO P 430 -49.97 -116.34 68.22
C PRO P 430 -50.45 -115.54 69.41
N MET P 431 -49.94 -114.31 69.50
CA MET P 431 -50.23 -113.47 70.66
C MET P 431 -51.67 -113.02 70.63
N PHE P 432 -52.29 -112.94 71.82
CA PHE P 432 -53.71 -112.65 71.95
C PHE P 432 -53.95 -111.64 73.05
N PHE P 433 -55.07 -110.93 72.95
CA PHE P 433 -55.47 -109.91 73.92
C PHE P 433 -56.88 -110.20 74.42
N GLU P 434 -57.09 -110.00 75.72
CA GLU P 434 -58.40 -110.20 76.33
C GLU P 434 -58.62 -109.14 77.40
N GLN P 435 -59.89 -108.89 77.71
CA GLN P 435 -60.28 -107.92 78.72
C GLN P 435 -60.66 -108.65 80.01
N TYR P 436 -60.11 -108.20 81.13
CA TYR P 436 -60.27 -108.88 82.41
C TYR P 436 -61.52 -108.36 83.09
N GLU P 437 -62.59 -109.16 83.06
CA GLU P 437 -63.84 -108.77 83.69
C GLU P 437 -63.73 -108.71 85.21
N GLY P 438 -62.88 -109.55 85.81
CA GLY P 438 -62.78 -109.56 87.26
C GLY P 438 -62.12 -108.32 87.83
N GLY P 439 -61.29 -107.65 87.04
CA GLY P 439 -60.60 -106.46 87.49
C GLY P 439 -61.18 -105.19 86.91
N SER P 440 -62.03 -105.32 85.89
CA SER P 440 -62.68 -104.17 85.30
C SER P 440 -63.65 -103.55 86.30
N SER P 441 -64.30 -102.48 85.86
CA SER P 441 -65.26 -101.76 86.68
C SER P 441 -66.03 -100.80 85.78
N ALA P 442 -66.81 -99.92 86.38
CA ALA P 442 -67.47 -98.87 85.62
C ALA P 442 -66.55 -97.68 85.36
N TRP P 443 -65.41 -97.62 86.04
CA TRP P 443 -64.47 -96.52 85.91
C TRP P 443 -63.04 -96.97 85.65
N CYS P 444 -62.83 -98.23 85.29
CA CYS P 444 -61.50 -98.76 84.98
C CYS P 444 -61.63 -99.87 83.96
N VAL P 445 -60.51 -100.22 83.34
CA VAL P 445 -60.42 -101.33 82.40
C VAL P 445 -59.07 -102.00 82.57
N LYS P 446 -59.02 -103.31 82.34
CA LYS P 446 -57.79 -104.08 82.44
C LYS P 446 -57.73 -105.07 81.30
N TYR P 447 -56.56 -105.16 80.66
CA TYR P 447 -56.35 -106.04 79.52
C TYR P 447 -55.24 -107.04 79.83
N GLN P 448 -55.33 -108.22 79.22
CA GLN P 448 -54.37 -109.29 79.43
C GLN P 448 -53.93 -109.84 78.08
N PHE P 449 -52.67 -110.27 78.02
CA PHE P 449 -52.11 -110.79 76.78
C PHE P 449 -51.02 -111.80 77.10
N GLY P 450 -50.75 -112.69 76.14
CA GLY P 450 -49.68 -113.65 76.29
C GLY P 450 -49.51 -114.47 75.03
N ALA P 451 -48.41 -115.22 75.00
CA ALA P 451 -48.10 -116.08 73.86
C ALA P 451 -47.16 -117.19 74.31
N GLU P 452 -47.09 -118.25 73.50
CA GLU P 452 -46.30 -119.43 73.80
C GLU P 452 -45.36 -119.74 72.64
N ASP P 453 -44.16 -120.20 72.95
CA ASP P 453 -43.15 -120.48 71.94
C ASP P 453 -41.96 -121.16 72.60
N GLY P 454 -41.01 -121.57 71.78
CA GLY P 454 -39.81 -122.20 72.31
C GLY P 454 -38.84 -122.57 71.21
N GLY P 455 -37.72 -123.13 71.61
CA GLY P 455 -36.69 -123.58 70.68
C GLY P 455 -35.67 -124.45 71.38
N PHE P 456 -34.99 -125.27 70.57
CA PHE P 456 -34.03 -126.23 71.11
C PHE P 456 -32.89 -126.41 70.12
N VAL P 457 -31.74 -126.84 70.63
CA VAL P 457 -30.55 -127.02 69.81
C VAL P 457 -30.59 -128.39 69.13
N GLY P 458 -30.20 -128.43 67.87
CA GLY P 458 -30.18 -129.68 67.13
C GLY P 458 -28.82 -130.32 67.09
N CYS P 459 -28.26 -130.50 65.90
CA CYS P 459 -26.94 -131.10 65.73
C CYS P 459 -25.85 -130.17 66.22
N CYS P 460 -25.28 -130.45 67.39
CA CYS P 460 -24.28 -129.58 67.99
C CYS P 460 -22.96 -129.58 67.22
N GLU P 461 -22.76 -130.50 66.28
CA GLU P 461 -21.50 -130.55 65.54
C GLU P 461 -21.48 -129.60 64.35
N HIS P 462 -22.63 -129.05 63.96
CA HIS P 462 -22.73 -128.28 62.73
C HIS P 462 -22.45 -126.79 62.93
N GLY P 463 -21.75 -126.39 63.99
CA GLY P 463 -21.46 -125.00 64.21
C GLY P 463 -20.09 -124.80 64.82
N ARG P 464 -19.56 -123.59 64.62
CA ARG P 464 -18.30 -123.18 65.20
C ARG P 464 -18.43 -121.76 65.72
N VAL P 465 -17.62 -121.43 66.72
CA VAL P 465 -17.63 -120.12 67.35
C VAL P 465 -16.20 -119.60 67.44
N LEU P 466 -16.02 -118.31 67.16
CA LEU P 466 -14.72 -117.66 67.21
C LEU P 466 -14.70 -116.66 68.35
N ARG P 467 -13.64 -116.69 69.15
CA ARG P 467 -13.49 -115.82 70.30
C ARG P 467 -12.06 -115.31 70.37
N ILE P 468 -11.90 -114.14 70.97
CA ILE P 468 -10.57 -113.56 71.12
C ILE P 468 -9.82 -114.30 72.22
N GLY P 469 -8.59 -114.71 71.92
CA GLY P 469 -7.77 -115.40 72.89
C GLY P 469 -6.94 -114.44 73.71
N PHE Q 165 -56.41 -131.82 90.21
CA PHE Q 165 -56.64 -130.69 89.26
C PHE Q 165 -55.30 -130.15 88.76
N GLU Q 166 -54.41 -129.82 89.69
CA GLU Q 166 -53.11 -129.30 89.33
C GLU Q 166 -52.29 -130.34 88.58
N ALA Q 167 -51.40 -129.87 87.72
CA ALA Q 167 -50.60 -130.78 86.91
C ALA Q 167 -49.25 -131.11 87.55
N SER Q 168 -48.93 -130.51 88.69
CA SER Q 168 -47.65 -130.74 89.35
C SER Q 168 -47.74 -131.77 90.46
N THR Q 169 -48.90 -132.40 90.65
CA THR Q 169 -49.08 -133.44 91.67
C THR Q 169 -49.44 -134.80 91.09
N ILE Q 170 -50.21 -134.85 90.01
CA ILE Q 170 -50.61 -136.11 89.41
C ILE Q 170 -49.45 -136.66 88.59
N GLY Q 171 -49.49 -137.96 88.31
CA GLY Q 171 -48.42 -138.63 87.61
C GLY Q 171 -48.36 -138.27 86.14
N PRO Q 172 -47.21 -138.51 85.51
CA PRO Q 172 -47.05 -138.13 84.09
C PRO Q 172 -47.86 -138.97 83.12
N ALA Q 173 -48.44 -140.08 83.57
CA ALA Q 173 -49.12 -140.98 82.63
C ALA Q 173 -50.33 -140.33 81.98
N PHE Q 174 -50.83 -139.23 82.52
CA PHE Q 174 -52.03 -138.61 81.97
C PHE Q 174 -51.76 -137.84 80.69
N PHE Q 175 -50.55 -137.31 80.54
CA PHE Q 175 -50.19 -136.44 79.42
C PHE Q 175 -49.28 -137.19 78.45
N THR Q 176 -49.67 -137.21 77.16
CA THR Q 176 -48.90 -137.88 76.13
C THR Q 176 -48.22 -136.85 75.25
N PRO Q 177 -46.89 -136.85 75.14
CA PRO Q 177 -46.22 -135.82 74.35
C PRO Q 177 -46.43 -135.98 72.86
N GLN Q 178 -46.32 -134.86 72.14
CA GLN Q 178 -46.45 -134.85 70.70
C GLN Q 178 -45.26 -135.57 70.06
N VAL Q 179 -45.52 -136.33 69.01
CA VAL Q 179 -44.49 -137.11 68.33
C VAL Q 179 -44.09 -136.37 67.05
N LEU Q 180 -42.83 -135.98 66.96
CA LEU Q 180 -42.32 -135.24 65.82
C LEU Q 180 -41.71 -136.18 64.79
N ALA Q 181 -41.86 -135.80 63.52
CA ALA Q 181 -41.32 -136.58 62.40
C ALA Q 181 -39.96 -136.04 61.93
N LEU Q 182 -38.98 -136.02 62.82
CA LEU Q 182 -37.64 -135.60 62.47
C LEU Q 182 -36.62 -136.54 63.13
N GLU Q 183 -35.44 -136.61 62.53
CA GLU Q 183 -34.41 -137.54 62.99
C GLU Q 183 -33.06 -136.84 62.93
N VAL Q 184 -32.41 -136.72 64.09
CA VAL Q 184 -31.10 -136.09 64.18
C VAL Q 184 -30.02 -137.13 63.88
N ASP Q 185 -29.03 -136.75 63.07
CA ASP Q 185 -27.98 -137.67 62.66
C ASP Q 185 -26.75 -136.85 62.28
N CYS Q 186 -25.72 -136.91 63.12
CA CYS Q 186 -24.50 -136.13 62.92
C CYS Q 186 -23.37 -136.94 62.28
N ASN Q 187 -23.60 -138.19 61.89
CA ASN Q 187 -22.54 -139.02 61.39
C ASN Q 187 -22.10 -138.58 59.99
N ILE Q 188 -20.85 -138.90 59.66
CA ILE Q 188 -20.22 -138.47 58.42
C ILE Q 188 -19.47 -139.64 57.79
N GLU Q 189 -19.16 -139.49 56.50
CA GLU Q 189 -18.43 -140.50 55.75
C GLU Q 189 -17.46 -139.80 54.82
N CYS Q 190 -16.16 -140.07 54.99
CA CYS Q 190 -15.14 -139.36 54.23
C CYS Q 190 -15.17 -139.76 52.76
N ALA Q 191 -14.70 -138.85 51.90
CA ALA Q 191 -14.64 -139.11 50.48
C ALA Q 191 -13.61 -140.21 50.19
N SER Q 192 -13.88 -141.01 49.16
CA SER Q 192 -13.06 -142.17 48.87
C SER Q 192 -12.14 -141.90 47.69
N LEU Q 193 -10.93 -142.48 47.77
CA LEU Q 193 -9.97 -142.44 46.68
C LEU Q 193 -10.08 -143.63 45.76
N LEU Q 194 -11.16 -144.41 45.85
CA LEU Q 194 -11.21 -145.70 45.20
C LEU Q 194 -11.09 -145.58 43.68
N ASP Q 195 -11.78 -144.63 43.07
CA ASP Q 195 -11.80 -144.54 41.62
C ASP Q 195 -10.45 -144.18 41.02
N LEU Q 196 -9.50 -143.71 41.83
CA LEU Q 196 -8.16 -143.44 41.30
C LEU Q 196 -7.43 -144.74 40.99
N TYR Q 197 -7.60 -145.75 41.83
CA TYR Q 197 -6.81 -146.97 41.72
C TYR Q 197 -7.21 -147.77 40.49
N GLY Q 198 -6.29 -148.60 40.03
CA GLY Q 198 -6.57 -149.48 38.90
C GLY Q 198 -7.45 -150.65 39.32
N GLN Q 199 -8.28 -151.11 38.41
CA GLN Q 199 -9.28 -152.13 38.69
C GLN Q 199 -8.84 -153.47 38.09
N ILE Q 200 -8.94 -154.52 38.90
CA ILE Q 200 -8.60 -155.88 38.48
C ILE Q 200 -9.68 -156.83 38.97
N GLU Q 201 -10.07 -157.77 38.12
CA GLU Q 201 -11.07 -158.77 38.45
C GLU Q 201 -10.46 -160.16 38.39
N VAL Q 202 -10.68 -160.95 39.44
CA VAL Q 202 -10.18 -162.31 39.52
C VAL Q 202 -11.32 -163.23 39.94
N SER Q 203 -11.12 -164.53 39.73
CA SER Q 203 -12.09 -165.53 40.11
C SER Q 203 -11.47 -166.65 40.95
N ARG Q 204 -10.25 -166.47 41.45
CA ARG Q 204 -9.62 -167.45 42.32
C ARG Q 204 -8.85 -166.71 43.41
N SER Q 205 -8.55 -167.45 44.48
CA SER Q 205 -7.91 -166.86 45.65
C SER Q 205 -6.47 -166.44 45.40
N THR Q 206 -5.86 -166.83 44.28
CA THR Q 206 -4.48 -166.49 43.99
C THR Q 206 -4.34 -166.13 42.52
N PHE Q 207 -3.30 -165.35 42.21
CA PHE Q 207 -3.07 -164.87 40.86
C PHE Q 207 -1.57 -164.64 40.66
N THR Q 208 -1.17 -164.51 39.40
CA THR Q 208 0.22 -164.36 39.03
C THR Q 208 0.38 -163.29 37.96
N TYR Q 209 1.50 -162.58 37.99
CA TYR Q 209 1.83 -161.60 36.97
C TYR Q 209 3.34 -161.42 36.92
N MET Q 210 3.82 -160.80 35.84
CA MET Q 210 5.24 -160.70 35.55
C MET Q 210 5.70 -159.24 35.62
N LYS Q 211 6.94 -159.06 36.06
CA LYS Q 211 7.57 -157.75 36.18
C LYS Q 211 8.91 -157.78 35.46
N ILE Q 212 9.11 -156.82 34.56
CA ILE Q 212 10.38 -156.71 33.80
C ILE Q 212 11.28 -155.79 34.61
N ALA Q 213 12.22 -156.39 35.35
CA ALA Q 213 13.04 -155.61 36.27
C ALA Q 213 14.06 -154.75 35.53
N ASP Q 214 14.72 -155.29 34.50
CA ASP Q 214 15.82 -154.59 33.86
C ASP Q 214 15.98 -155.09 32.43
N TYR Q 215 16.58 -154.26 31.58
CA TYR Q 215 16.85 -154.62 30.19
C TYR Q 215 18.30 -154.97 29.92
N GLY Q 216 19.22 -154.55 30.79
CA GLY Q 216 20.62 -154.85 30.58
C GLY Q 216 21.24 -153.98 29.49
N GLN Q 217 22.52 -154.23 29.24
CA GLN Q 217 23.30 -153.49 28.26
C GLN Q 217 23.91 -154.45 27.26
N LEU Q 218 24.00 -154.00 26.01
CA LEU Q 218 24.57 -154.79 24.93
C LEU Q 218 25.30 -153.88 23.96
N GLY Q 219 26.30 -154.42 23.27
CA GLY Q 219 26.98 -153.69 22.23
C GLY Q 219 28.00 -152.71 22.79
N GLU Q 220 28.72 -152.08 21.87
CA GLU Q 220 29.75 -151.12 22.23
C GLU Q 220 30.34 -150.52 20.97
N TYR Q 221 31.09 -149.44 21.14
CA TYR Q 221 31.88 -148.88 20.04
C TYR Q 221 33.27 -149.48 20.05
N THR Q 222 33.66 -150.08 18.92
CA THR Q 222 34.90 -150.83 18.83
C THR Q 222 35.73 -150.31 17.66
N CYS Q 223 37.03 -150.57 17.72
CA CYS Q 223 37.92 -150.22 16.63
C CYS Q 223 37.56 -151.00 15.39
N ASP Q 224 37.72 -150.37 14.22
CA ASP Q 224 37.30 -151.00 12.97
C ASP Q 224 38.25 -152.13 12.55
N ALA Q 225 39.49 -152.11 13.03
CA ALA Q 225 40.43 -153.17 12.70
C ALA Q 225 40.16 -154.46 13.46
N LYS Q 226 39.37 -154.42 14.52
CA LYS Q 226 39.12 -155.60 15.33
C LYS Q 226 38.38 -156.64 14.52
N CYS Q 227 38.59 -157.91 14.88
CA CYS Q 227 38.02 -159.01 14.10
C CYS Q 227 36.67 -159.46 14.63
N ASP Q 228 36.38 -159.21 15.91
CA ASP Q 228 35.24 -159.80 16.57
C ASP Q 228 34.60 -158.75 17.47
N ALA Q 229 33.69 -159.19 18.35
CA ALA Q 229 33.00 -158.31 19.27
C ALA Q 229 33.14 -158.87 20.68
N GLU Q 230 32.42 -158.27 21.61
CA GLU Q 230 32.48 -158.64 23.02
C GLU Q 230 31.09 -158.89 23.57
N PHE Q 231 31.03 -159.67 24.65
CA PHE Q 231 29.74 -160.02 25.25
C PHE Q 231 29.28 -158.93 26.19
N GLY Q 232 27.96 -158.74 26.24
CA GLY Q 232 27.35 -157.76 27.13
C GLY Q 232 26.88 -158.40 28.42
N GLU Q 233 25.78 -157.85 28.95
CA GLU Q 233 25.17 -158.34 30.17
C GLU Q 233 23.68 -158.57 29.94
N PRO Q 234 23.11 -159.68 30.39
CA PRO Q 234 21.68 -159.94 30.15
C PRO Q 234 20.80 -159.13 31.08
N GLY Q 235 19.51 -159.10 30.74
CA GLY Q 235 18.53 -158.36 31.51
C GLY Q 235 18.04 -159.11 32.74
N ASN Q 236 16.75 -159.02 33.02
CA ASN Q 236 16.17 -159.69 34.17
C ASN Q 236 14.65 -159.61 34.09
N ILE Q 237 13.99 -160.74 34.37
CA ILE Q 237 12.53 -160.80 34.41
C ILE Q 237 12.13 -161.58 35.65
N ARG Q 238 11.00 -161.22 36.24
CA ARG Q 238 10.58 -161.77 37.52
C ARG Q 238 9.09 -162.11 37.49
N HIS Q 239 8.69 -163.05 38.34
CA HIS Q 239 7.30 -163.47 38.45
C HIS Q 239 6.78 -163.10 39.83
N LEU Q 240 5.51 -162.67 39.89
CA LEU Q 240 4.91 -162.18 41.12
C LEU Q 240 3.51 -162.75 41.27
N GLU Q 241 3.02 -162.76 42.51
CA GLU Q 241 1.71 -163.33 42.83
C GLU Q 241 1.14 -162.64 44.06
N GLY Q 242 -0.16 -162.81 44.26
CA GLY Q 242 -0.85 -162.19 45.39
C GLY Q 242 -2.00 -163.04 45.87
N LYS Q 243 -2.68 -162.54 46.90
CA LYS Q 243 -3.77 -163.24 47.55
C LYS Q 243 -5.07 -162.45 47.43
N THR Q 244 -6.13 -163.03 48.01
CA THR Q 244 -7.41 -162.36 48.20
C THR Q 244 -7.88 -162.66 49.62
N TYR Q 245 -8.58 -161.70 50.23
CA TYR Q 245 -8.88 -161.75 51.66
C TYR Q 245 -10.39 -161.83 51.88
N ASP Q 246 -10.77 -162.20 53.11
CA ASP Q 246 -12.14 -162.57 53.44
C ASP Q 246 -12.69 -161.67 54.54
N TYR Q 247 -13.95 -161.28 54.40
CA TYR Q 247 -14.68 -160.47 55.36
C TYR Q 247 -15.86 -161.27 55.88
N ARG Q 248 -16.02 -161.34 57.20
CA ARG Q 248 -17.06 -162.16 57.81
C ARG Q 248 -17.65 -161.47 59.02
N GLY Q 249 -18.90 -161.81 59.32
CA GLY Q 249 -19.59 -161.27 60.47
C GLY Q 249 -20.88 -162.02 60.73
N VAL Q 250 -21.39 -161.89 61.95
CA VAL Q 250 -22.58 -162.63 62.38
C VAL Q 250 -23.26 -161.86 63.50
N PHE Q 251 -24.60 -161.89 63.49
CA PHE Q 251 -25.38 -161.29 64.56
C PHE Q 251 -26.68 -162.08 64.72
N CYS Q 252 -27.26 -161.98 65.93
CA CYS Q 252 -28.42 -162.78 66.28
C CYS Q 252 -29.46 -161.91 66.96
N PHE Q 253 -30.72 -162.35 66.89
CA PHE Q 253 -31.84 -161.63 67.47
C PHE Q 253 -32.72 -162.59 68.26
N ASN Q 254 -33.52 -162.02 69.17
CA ASN Q 254 -34.55 -162.76 69.87
C ASN Q 254 -35.90 -162.48 69.20
N ARG Q 255 -36.64 -163.54 68.87
CA ARG Q 255 -37.82 -163.39 68.04
C ARG Q 255 -38.90 -162.57 68.71
N LYS Q 256 -39.08 -162.72 70.02
CA LYS Q 256 -40.17 -162.00 70.69
C LYS Q 256 -39.86 -160.51 70.81
N ASN Q 257 -38.62 -160.17 71.19
CA ASN Q 257 -38.25 -158.76 71.26
C ASN Q 257 -38.29 -158.11 69.88
N LEU Q 258 -37.76 -158.81 68.87
CA LEU Q 258 -37.76 -158.26 67.52
C LEU Q 258 -39.17 -158.05 66.98
N GLN Q 259 -40.16 -158.71 67.55
CA GLN Q 259 -41.54 -158.54 67.12
C GLN Q 259 -42.29 -157.51 67.95
N GLU Q 260 -41.96 -157.40 69.25
CA GLU Q 260 -42.63 -156.44 70.10
C GLU Q 260 -42.11 -155.02 69.85
N ALA Q 261 -40.81 -154.87 69.62
CA ALA Q 261 -40.24 -153.54 69.44
C ALA Q 261 -40.90 -152.81 68.29
N ASN Q 262 -40.83 -151.48 68.34
CA ASN Q 262 -41.49 -150.63 67.36
C ASN Q 262 -40.51 -149.97 66.38
N TYR Q 263 -39.32 -150.55 66.21
CA TYR Q 263 -38.34 -150.03 65.27
C TYR Q 263 -37.66 -151.19 64.56
N ASP Q 264 -37.19 -150.94 63.34
CA ASP Q 264 -36.71 -152.01 62.46
C ASP Q 264 -35.22 -152.24 62.69
N PHE Q 265 -34.91 -152.93 63.80
CA PHE Q 265 -33.53 -153.27 64.11
C PHE Q 265 -32.87 -154.08 63.01
N LEU Q 266 -33.63 -154.93 62.31
CA LEU Q 266 -33.04 -155.76 61.26
C LEU Q 266 -32.46 -154.90 60.14
N SER Q 267 -33.27 -153.99 59.60
CA SER Q 267 -32.78 -153.10 58.56
C SER Q 267 -31.69 -152.19 59.08
N PHE Q 268 -31.82 -151.71 60.32
CA PHE Q 268 -30.77 -150.90 60.91
C PHE Q 268 -29.43 -151.64 60.89
N MET Q 269 -29.45 -152.91 61.30
CA MET Q 269 -28.20 -153.66 61.37
C MET Q 269 -27.67 -154.02 59.98
N ILE Q 270 -28.56 -154.27 59.02
CA ILE Q 270 -28.10 -154.52 57.65
C ILE Q 270 -27.38 -153.28 57.11
N GLY Q 271 -27.98 -152.11 57.28
CA GLY Q 271 -27.33 -150.89 56.85
C GLY Q 271 -26.01 -150.64 57.56
N ALA Q 272 -25.98 -150.90 58.86
CA ALA Q 272 -24.73 -150.74 59.61
C ALA Q 272 -23.66 -151.68 59.10
N ALA Q 273 -24.01 -152.92 58.79
CA ALA Q 273 -23.03 -153.88 58.26
C ALA Q 273 -22.46 -153.39 56.94
N GLN Q 274 -23.32 -152.94 56.02
CA GLN Q 274 -22.82 -152.46 54.74
C GLN Q 274 -21.92 -151.23 54.93
N ARG Q 275 -22.34 -150.31 55.78
CA ARG Q 275 -21.55 -149.10 56.01
C ARG Q 275 -20.18 -149.45 56.58
N SER Q 276 -20.14 -150.35 57.56
CA SER Q 276 -18.86 -150.74 58.15
C SER Q 276 -17.98 -151.47 57.14
N HIS Q 277 -18.58 -152.28 56.27
CA HIS Q 277 -17.81 -152.94 55.22
C HIS Q 277 -17.13 -151.91 54.33
N ARG Q 278 -17.88 -150.90 53.88
CA ARG Q 278 -17.28 -149.88 53.03
C ARG Q 278 -16.18 -149.14 53.76
N ILE Q 279 -16.43 -148.73 55.01
CA ILE Q 279 -15.45 -147.98 55.77
C ILE Q 279 -14.16 -148.79 55.91
N ASN Q 280 -14.30 -150.08 56.27
CA ASN Q 280 -13.11 -150.89 56.50
C ASN Q 280 -12.37 -151.17 55.20
N ARG Q 281 -13.07 -151.35 54.09
CA ARG Q 281 -12.39 -151.55 52.81
C ARG Q 281 -11.55 -150.32 52.46
N ASN Q 282 -12.14 -149.13 52.59
CA ASN Q 282 -11.40 -147.92 52.26
C ASN Q 282 -10.21 -147.72 53.20
N ARG Q 283 -10.37 -148.02 54.49
CA ARG Q 283 -9.25 -147.91 55.41
C ARG Q 283 -8.15 -148.90 55.05
N ALA Q 284 -8.53 -150.13 54.70
CA ALA Q 284 -7.55 -151.18 54.44
C ALA Q 284 -6.72 -150.84 53.21
N LEU Q 285 -7.37 -150.36 52.15
CA LEU Q 285 -6.61 -150.06 50.94
C LEU Q 285 -5.51 -149.02 51.16
N MET Q 286 -5.61 -148.22 52.21
CA MET Q 286 -4.70 -147.10 52.44
C MET Q 286 -3.73 -147.31 53.58
N VAL Q 287 -4.15 -147.98 54.66
CA VAL Q 287 -3.29 -148.12 55.83
C VAL Q 287 -3.23 -149.58 56.28
N GLY Q 288 -4.13 -150.41 55.76
CA GLY Q 288 -4.16 -151.80 56.19
C GLY Q 288 -2.84 -152.49 55.95
N ASP Q 289 -2.47 -153.37 56.87
CA ASP Q 289 -1.28 -154.19 56.74
C ASP Q 289 -1.61 -155.50 56.06
N GLY Q 290 -0.58 -156.22 55.63
CA GLY Q 290 -0.76 -157.40 54.80
C GLY Q 290 -1.10 -158.67 55.53
N ILE Q 291 -1.20 -158.65 56.86
CA ILE Q 291 -1.47 -159.88 57.62
C ILE Q 291 -2.80 -160.48 57.19
N ASN Q 292 -3.89 -159.75 57.41
CA ASN Q 292 -5.21 -160.19 57.00
C ASN Q 292 -5.93 -159.20 56.09
N GLU Q 293 -5.44 -157.98 55.98
CA GLU Q 293 -6.00 -156.97 55.10
C GLU Q 293 -5.05 -156.72 53.94
N PRO Q 294 -5.54 -156.18 52.83
CA PRO Q 294 -4.63 -155.72 51.78
C PRO Q 294 -3.65 -154.70 52.34
N LYS Q 295 -2.42 -154.74 51.86
CA LYS Q 295 -1.38 -153.84 52.36
C LYS Q 295 -1.53 -152.47 51.69
N GLY Q 296 -1.53 -151.42 52.51
CA GLY Q 296 -1.71 -150.08 52.00
C GLY Q 296 -0.38 -149.42 51.66
N TRP Q 297 -0.46 -148.38 50.84
CA TRP Q 297 0.76 -147.72 50.37
C TRP Q 297 1.37 -146.80 51.42
N LEU Q 298 0.65 -146.47 52.48
CA LEU Q 298 1.24 -145.75 53.60
C LEU Q 298 1.97 -146.67 54.56
N LYS Q 299 1.46 -147.88 54.80
CA LYS Q 299 2.18 -148.87 55.59
C LYS Q 299 3.39 -149.39 54.82
N GLU Q 300 3.22 -149.66 53.52
CA GLU Q 300 4.32 -150.06 52.65
C GLU Q 300 4.93 -148.80 52.05
N ASP Q 301 5.79 -148.15 52.85
CA ASP Q 301 6.36 -146.88 52.45
C ASP Q 301 7.48 -147.08 51.43
N CYS Q 302 7.14 -147.67 50.28
CA CYS Q 302 8.15 -147.89 49.24
C CYS Q 302 8.33 -146.65 48.37
N PHE Q 303 7.41 -145.70 48.42
CA PHE Q 303 7.55 -144.49 47.62
C PHE Q 303 8.73 -143.66 48.11
N PRO Q 304 9.56 -143.12 47.23
CA PRO Q 304 10.67 -142.26 47.68
C PRO Q 304 10.15 -141.03 48.41
N THR Q 305 10.91 -140.60 49.40
CA THR Q 305 10.49 -139.54 50.32
C THR Q 305 11.33 -138.29 50.12
N PHE Q 306 10.67 -137.13 50.22
CA PHE Q 306 11.32 -135.83 50.20
C PHE Q 306 11.06 -135.13 51.53
N LEU Q 307 12.10 -134.52 52.10
CA LEU Q 307 11.97 -133.82 53.37
C LEU Q 307 11.83 -132.31 53.12
N THR Q 308 11.78 -131.56 54.22
CA THR Q 308 11.67 -130.10 54.17
C THR Q 308 12.70 -129.51 55.13
N LEU Q 309 13.37 -128.45 54.71
CA LEU Q 309 14.44 -127.89 55.51
C LEU Q 309 13.87 -127.08 56.68
N PRO Q 310 14.56 -127.04 57.81
CA PRO Q 310 14.12 -126.17 58.91
C PRO Q 310 14.45 -124.72 58.62
N VAL Q 311 13.76 -123.83 59.33
CA VAL Q 311 13.92 -122.39 59.18
C VAL Q 311 14.49 -121.83 60.47
N ASN Q 312 15.54 -121.02 60.35
CA ASN Q 312 16.20 -120.43 61.52
C ASN Q 312 15.48 -119.13 61.88
N THR Q 313 14.70 -119.17 62.95
CA THR Q 313 13.98 -118.00 63.44
C THR Q 313 14.77 -117.19 64.44
N GLY Q 314 16.00 -117.58 64.75
CA GLY Q 314 16.83 -116.84 65.68
C GLY Q 314 17.76 -115.88 64.95
N THR Q 315 18.96 -115.70 65.50
CA THR Q 315 19.97 -114.83 64.91
C THR Q 315 21.22 -115.65 64.57
N PRO Q 316 22.00 -115.22 63.58
CA PRO Q 316 23.20 -116.01 63.22
C PRO Q 316 24.14 -116.25 64.37
N GLU Q 317 24.23 -115.32 65.33
CA GLU Q 317 25.07 -115.52 66.49
C GLU Q 317 24.45 -116.49 67.50
N ASN Q 318 23.15 -116.75 67.39
CA ASN Q 318 22.45 -117.66 68.31
C ASN Q 318 21.31 -118.34 67.55
N PRO Q 319 21.65 -119.22 66.60
CA PRO Q 319 20.61 -119.79 65.74
C PRO Q 319 19.60 -120.63 66.51
N VAL Q 320 18.38 -120.66 66.00
CA VAL Q 320 17.31 -121.48 66.55
C VAL Q 320 16.59 -122.17 65.41
N GLN Q 321 16.90 -123.44 65.18
CA GLN Q 321 16.31 -124.18 64.07
C GLN Q 321 14.88 -124.57 64.42
N THR Q 322 13.96 -124.37 63.48
CA THR Q 322 12.55 -124.69 63.65
C THR Q 322 12.04 -125.42 62.42
N PRO Q 323 11.40 -126.58 62.56
CA PRO Q 323 10.78 -127.21 61.38
C PRO Q 323 9.71 -126.31 60.79
N ALA Q 324 9.61 -126.31 59.47
CA ALA Q 324 8.78 -125.34 58.78
C ALA Q 324 8.26 -125.90 57.47
N PHE Q 325 7.25 -125.23 56.94
CA PHE Q 325 6.65 -125.56 55.66
C PHE Q 325 6.31 -124.24 54.96
N LEU Q 326 6.84 -124.06 53.75
CA LEU Q 326 6.69 -122.80 53.04
C LEU Q 326 6.06 -123.05 51.68
N ALA Q 327 5.59 -121.96 51.06
CA ALA Q 327 4.85 -122.07 49.81
C ALA Q 327 5.70 -122.65 48.70
N GLN Q 328 6.96 -122.22 48.58
CA GLN Q 328 7.79 -122.66 47.47
C GLN Q 328 8.15 -124.14 47.56
N ASP Q 329 8.11 -124.73 48.75
CA ASP Q 329 8.33 -126.17 48.86
C ASP Q 329 7.26 -126.95 48.13
N TRP Q 330 5.99 -126.56 48.29
CA TRP Q 330 4.92 -127.21 47.53
C TRP Q 330 5.15 -127.06 46.04
N ARG Q 331 5.54 -125.86 45.62
CA ARG Q 331 5.77 -125.60 44.20
C ARG Q 331 6.85 -126.53 43.65
N ARG Q 332 7.99 -126.60 44.35
CA ARG Q 332 9.08 -127.47 43.92
C ARG Q 332 8.63 -128.92 43.87
N PHE Q 333 7.95 -129.38 44.92
CA PHE Q 333 7.54 -130.78 44.99
C PHE Q 333 6.61 -131.13 43.83
N VAL Q 334 5.61 -130.28 43.57
CA VAL Q 334 4.65 -130.63 42.52
C VAL Q 334 5.31 -130.56 41.15
N THR Q 335 6.21 -129.59 40.92
CA THR Q 335 6.80 -129.44 39.61
C THR Q 335 7.98 -130.36 39.35
N SER Q 336 8.47 -131.07 40.37
CA SER Q 336 9.59 -131.98 40.19
C SER Q 336 9.20 -133.35 39.66
N PHE Q 337 7.91 -133.58 39.37
CA PHE Q 337 7.49 -134.90 38.89
C PHE Q 337 8.05 -135.15 37.50
N PRO Q 338 8.74 -136.27 37.25
CA PRO Q 338 9.26 -136.52 35.90
C PRO Q 338 8.15 -136.54 34.87
N ALA Q 339 8.45 -135.99 33.69
CA ALA Q 339 7.46 -135.92 32.63
C ALA Q 339 7.30 -137.25 31.89
N GLU Q 340 8.25 -138.16 32.03
CA GLU Q 340 8.15 -139.45 31.35
C GLU Q 340 6.96 -140.26 31.83
N TYR Q 341 6.71 -140.25 33.14
CA TYR Q 341 5.66 -141.07 33.72
C TYR Q 341 4.26 -140.60 33.33
N GLY Q 342 4.10 -139.35 32.91
CA GLY Q 342 2.80 -138.84 32.51
C GLY Q 342 2.13 -137.98 33.56
N ASP Q 343 0.79 -137.99 33.56
CA ASP Q 343 0.02 -137.13 34.46
C ASP Q 343 0.07 -137.66 35.88
N ALA Q 344 -0.41 -136.84 36.81
CA ALA Q 344 -0.42 -137.19 38.22
C ALA Q 344 -1.47 -136.37 38.96
N ARG Q 345 -1.83 -136.85 40.15
CA ARG Q 345 -2.74 -136.13 41.03
C ARG Q 345 -2.20 -136.18 42.46
N SER Q 346 -2.51 -135.15 43.24
CA SER Q 346 -2.09 -135.09 44.63
C SER Q 346 -3.23 -135.46 45.55
N VAL Q 347 -2.88 -135.79 46.79
CA VAL Q 347 -3.86 -136.10 47.83
C VAL Q 347 -3.39 -135.45 49.12
N MET Q 348 -4.34 -134.92 49.90
CA MET Q 348 -3.98 -134.15 51.07
C MET Q 348 -5.23 -133.85 51.89
N HIS Q 349 -5.02 -133.65 53.18
CA HIS Q 349 -6.12 -133.28 54.08
C HIS Q 349 -6.48 -131.82 53.87
N GLN Q 350 -7.77 -131.51 53.93
CA GLN Q 350 -8.22 -130.14 53.65
C GLN Q 350 -7.56 -129.14 54.59
N ASN Q 351 -7.15 -129.57 55.78
CA ASN Q 351 -6.46 -128.66 56.69
C ASN Q 351 -5.15 -128.17 56.09
N VAL Q 352 -4.43 -129.05 55.39
CA VAL Q 352 -3.17 -128.62 54.78
C VAL Q 352 -3.43 -127.61 53.67
N PHE Q 353 -4.50 -127.82 52.90
CA PHE Q 353 -4.85 -126.85 51.87
C PHE Q 353 -5.23 -125.50 52.48
N GLY Q 354 -6.00 -125.52 53.57
CA GLY Q 354 -6.32 -124.28 54.26
C GLY Q 354 -5.08 -123.58 54.78
N TYR Q 355 -4.13 -124.34 55.33
CA TYR Q 355 -2.87 -123.78 55.77
C TYR Q 355 -2.11 -123.17 54.60
N LEU Q 356 -2.13 -123.84 53.45
CA LEU Q 356 -1.45 -123.35 52.26
C LEU Q 356 -2.05 -122.02 51.80
N ALA Q 357 -3.37 -121.91 51.85
CA ALA Q 357 -4.04 -120.73 51.31
C ALA Q 357 -4.05 -119.55 52.27
N ALA Q 358 -3.51 -119.69 53.47
CA ALA Q 358 -3.55 -118.64 54.48
C ALA Q 358 -2.18 -118.09 54.84
N MET Q 359 -1.26 -118.04 53.89
CA MET Q 359 0.06 -117.47 54.15
C MET Q 359 0.13 -116.02 53.67
N VAL Q 360 1.04 -115.27 54.27
CA VAL Q 360 1.23 -113.85 53.97
C VAL Q 360 2.71 -113.59 53.70
N ASP Q 361 2.98 -112.56 52.91
CA ASP Q 361 4.36 -112.21 52.56
C ASP Q 361 4.98 -111.36 53.67
N ALA Q 362 6.12 -110.76 53.35
CA ALA Q 362 6.88 -109.99 54.34
C ALA Q 362 6.13 -108.78 54.87
N ASN Q 363 5.23 -108.19 54.08
CA ASN Q 363 4.50 -107.01 54.52
C ASN Q 363 3.20 -107.36 55.23
N GLY Q 364 2.51 -108.40 54.80
CA GLY Q 364 1.22 -108.76 55.35
C GLY Q 364 0.17 -109.05 54.30
N ARG Q 365 0.45 -108.91 53.02
CA ARG Q 365 -0.51 -109.21 51.99
C ARG Q 365 -0.50 -110.70 51.66
N PHE Q 366 -1.67 -111.24 51.38
CA PHE Q 366 -1.80 -112.66 51.11
C PHE Q 366 -1.12 -113.04 49.81
N LEU Q 367 -0.53 -114.22 49.79
CA LEU Q 367 -0.18 -114.86 48.53
C LEU Q 367 -1.42 -115.52 47.93
N PHE Q 368 -1.26 -116.07 46.74
CA PHE Q 368 -2.37 -116.73 46.05
C PHE Q 368 -3.49 -115.70 45.92
N GLY Q 369 -4.71 -115.99 46.36
CA GLY Q 369 -5.78 -115.02 46.24
C GLY Q 369 -5.46 -113.75 47.00
N ASP Q 370 -5.56 -112.61 46.33
CA ASP Q 370 -5.30 -111.32 46.94
C ASP Q 370 -6.40 -110.35 46.56
N GLY Q 371 -6.71 -109.44 47.48
CA GLY Q 371 -7.80 -108.50 47.28
C GLY Q 371 -9.18 -109.06 47.59
N ASP Q 372 -9.27 -110.32 48.03
CA ASP Q 372 -10.53 -110.95 48.36
C ASP Q 372 -10.46 -111.53 49.77
N LEU Q 373 -11.62 -111.75 50.36
CA LEU Q 373 -11.68 -112.29 51.71
C LEU Q 373 -11.28 -113.77 51.78
N THR Q 374 -11.48 -114.52 50.70
CA THR Q 374 -11.16 -115.94 50.70
C THR Q 374 -10.65 -116.35 49.33
N PHE Q 375 -9.84 -117.41 49.32
CA PHE Q 375 -9.30 -117.99 48.11
C PHE Q 375 -9.87 -119.39 47.90
N SER Q 376 -10.42 -119.63 46.71
CA SER Q 376 -11.07 -120.91 46.40
C SER Q 376 -10.78 -121.26 44.94
N PRO Q 377 -9.64 -121.89 44.67
CA PRO Q 377 -9.29 -122.23 43.29
C PRO Q 377 -10.11 -123.40 42.78
N ASP Q 378 -9.89 -123.71 41.50
CA ASP Q 378 -10.56 -124.82 40.84
C ASP Q 378 -9.70 -126.06 40.99
N LEU Q 379 -10.05 -126.90 41.98
CA LEU Q 379 -9.27 -128.09 42.24
C LEU Q 379 -9.24 -129.04 41.06
N VAL Q 380 -10.30 -129.06 40.26
CA VAL Q 380 -10.32 -129.93 39.09
C VAL Q 380 -9.21 -129.53 38.12
N ARG Q 381 -9.05 -128.22 37.88
CA ARG Q 381 -7.98 -127.75 37.02
C ARG Q 381 -6.61 -127.87 37.67
N GLU Q 382 -6.54 -127.72 38.99
CA GLU Q 382 -5.27 -127.86 39.69
C GLU Q 382 -4.84 -129.31 39.83
N ARG Q 383 -5.72 -130.26 39.56
CA ARG Q 383 -5.42 -131.68 39.72
C ARG Q 383 -5.00 -131.98 41.16
N ILE Q 384 -5.89 -131.66 42.10
CA ILE Q 384 -5.71 -131.97 43.50
C ILE Q 384 -6.99 -132.62 44.01
N ARG Q 385 -6.85 -133.64 44.85
CA ARG Q 385 -7.98 -134.33 45.45
C ARG Q 385 -7.82 -134.30 46.95
N ILE Q 386 -8.91 -134.05 47.66
CA ILE Q 386 -8.91 -133.86 49.11
C ILE Q 386 -9.72 -134.98 49.74
N SER Q 387 -9.15 -135.59 50.78
CA SER Q 387 -9.84 -136.60 51.57
C SER Q 387 -9.38 -136.49 53.01
N ASN Q 388 -10.33 -136.51 53.94
CA ASN Q 388 -10.01 -136.32 55.35
C ASN Q 388 -9.46 -137.58 56.01
N CYS Q 389 -9.44 -138.71 55.29
CA CYS Q 389 -8.91 -139.94 55.87
C CYS Q 389 -7.41 -139.86 56.09
N LEU Q 390 -6.70 -139.13 55.22
CA LEU Q 390 -5.26 -139.12 55.27
C LEU Q 390 -4.77 -138.43 56.55
N PRO Q 391 -3.54 -138.71 56.97
CA PRO Q 391 -3.03 -138.09 58.20
C PRO Q 391 -3.03 -136.57 58.08
N ASP Q 392 -3.32 -135.90 59.20
CA ASP Q 392 -3.41 -134.45 59.26
C ASP Q 392 -2.20 -133.91 60.01
N PRO Q 393 -1.25 -133.26 59.35
CA PRO Q 393 -0.08 -132.74 60.07
C PRO Q 393 -0.39 -131.56 60.98
N THR Q 394 -1.53 -130.89 60.80
CA THR Q 394 -1.86 -129.70 61.56
C THR Q 394 -2.49 -129.99 62.91
N GLU Q 395 -2.83 -131.25 63.20
CA GLU Q 395 -3.47 -131.62 64.45
C GLU Q 395 -4.78 -130.83 64.64
N GLY Q 396 -5.61 -130.85 63.60
CA GLY Q 396 -6.88 -130.16 63.67
C GLY Q 396 -6.74 -128.66 63.79
N ASN Q 397 -5.86 -128.05 63.01
CA ASN Q 397 -5.67 -126.60 63.00
C ASN Q 397 -5.16 -126.09 64.34
N THR Q 398 -4.20 -126.78 64.95
CA THR Q 398 -3.63 -126.37 66.22
C THR Q 398 -2.11 -126.40 66.24
N LYS Q 399 -1.46 -126.84 65.16
CA LYS Q 399 -0.01 -126.85 65.05
C LYS Q 399 0.38 -126.27 63.70
N GLY Q 400 1.55 -125.63 63.68
CA GLY Q 400 2.05 -125.04 62.45
C GLY Q 400 2.64 -123.66 62.62
N GLY Q 401 2.69 -123.17 63.85
CA GLY Q 401 3.27 -121.90 64.18
C GLY Q 401 4.72 -122.01 64.57
N THR Q 402 5.15 -121.13 65.47
CA THR Q 402 6.52 -121.15 65.97
C THR Q 402 6.52 -121.50 67.45
N GLY Q 403 7.70 -121.90 67.93
CA GLY Q 403 7.82 -122.23 69.34
C GLY Q 403 7.01 -123.45 69.71
N GLN Q 404 6.16 -123.30 70.72
CA GLN Q 404 5.41 -124.42 71.26
C GLN Q 404 4.48 -125.05 70.23
N ASP Q 405 4.15 -124.34 69.15
CA ASP Q 405 3.20 -124.82 68.16
C ASP Q 405 3.87 -125.36 66.90
N ALA Q 406 5.18 -125.58 66.94
CA ALA Q 406 5.90 -126.01 65.76
C ALA Q 406 5.50 -127.42 65.34
N PHE Q 407 5.64 -127.69 64.05
CA PHE Q 407 5.34 -129.01 63.51
C PHE Q 407 6.20 -130.08 64.21
N ALA Q 408 5.87 -131.34 63.93
CA ALA Q 408 6.63 -132.47 64.42
C ALA Q 408 7.36 -133.14 63.25
N ALA Q 409 8.64 -133.47 63.46
CA ALA Q 409 9.44 -134.03 62.40
C ALA Q 409 8.86 -135.36 61.93
N GLY Q 410 8.98 -135.61 60.63
CA GLY Q 410 8.47 -136.83 60.03
C GLY Q 410 6.99 -136.80 59.70
N SER Q 411 6.31 -135.69 59.94
CA SER Q 411 4.87 -135.64 59.69
C SER Q 411 4.57 -135.74 58.21
N PHE Q 412 3.52 -136.51 57.88
CA PHE Q 412 3.08 -136.63 56.50
C PHE Q 412 2.34 -135.38 56.08
N ILE Q 413 2.52 -134.98 54.82
CA ILE Q 413 1.87 -133.79 54.27
C ILE Q 413 1.02 -134.14 53.05
N ALA Q 414 1.66 -134.63 51.99
CA ALA Q 414 0.93 -134.93 50.76
C ALA Q 414 1.70 -135.96 49.95
N ALA Q 415 0.99 -136.61 49.03
CA ALA Q 415 1.56 -137.63 48.17
C ALA Q 415 1.10 -137.37 46.74
N GLN Q 416 1.89 -137.87 45.79
CA GLN Q 416 1.61 -137.68 44.38
C GLN Q 416 2.09 -138.90 43.61
N ALA Q 417 1.34 -139.29 42.59
CA ALA Q 417 1.64 -140.51 41.85
C ALA Q 417 0.69 -140.63 40.68
N ALA Q 418 0.98 -141.57 39.79
CA ALA Q 418 0.07 -141.99 38.73
C ALA Q 418 -0.60 -143.28 39.21
N TRP Q 419 -1.75 -143.11 39.88
CA TRP Q 419 -2.33 -144.21 40.64
C TRP Q 419 -2.71 -145.38 39.73
N LYS Q 420 -3.24 -145.10 38.53
CA LYS Q 420 -3.73 -146.13 37.64
C LYS Q 420 -2.68 -147.19 37.34
N THR Q 421 -1.42 -146.92 37.67
CA THR Q 421 -0.37 -147.92 37.60
C THR Q 421 0.43 -148.06 38.89
N ALA Q 422 0.32 -147.13 39.83
CA ALA Q 422 1.05 -147.24 41.08
C ALA Q 422 0.31 -148.05 42.13
N TYR Q 423 -0.99 -148.30 41.93
CA TYR Q 423 -1.74 -149.11 42.87
C TYR Q 423 -2.96 -149.71 42.17
N TYR Q 424 -3.31 -150.92 42.56
CA TYR Q 424 -4.42 -151.66 41.97
C TYR Q 424 -5.40 -152.10 43.05
N ALA Q 425 -6.64 -152.35 42.64
CA ALA Q 425 -7.67 -152.88 43.51
C ALA Q 425 -8.25 -154.13 42.89
N VAL Q 426 -8.39 -155.19 43.69
CA VAL Q 426 -8.85 -156.49 43.23
C VAL Q 426 -10.18 -156.81 43.91
N GLU Q 427 -11.18 -157.19 43.11
CA GLU Q 427 -12.51 -157.51 43.61
C GLU Q 427 -12.93 -158.87 43.09
N LYS Q 428 -13.38 -159.74 43.99
CA LYS Q 428 -13.76 -161.11 43.65
C LYS Q 428 -15.25 -161.37 43.83
N ARG Q 429 -15.78 -161.13 45.03
CA ARG Q 429 -17.18 -161.41 45.33
C ARG Q 429 -17.85 -160.21 45.98
N PRO Q 430 -19.08 -159.89 45.60
CA PRO Q 430 -19.84 -158.86 46.33
C PRO Q 430 -20.39 -159.41 47.63
N MET Q 431 -21.07 -158.53 48.37
CA MET Q 431 -21.59 -158.90 49.68
C MET Q 431 -22.84 -159.77 49.54
N PHE Q 432 -23.07 -160.61 50.55
CA PHE Q 432 -24.20 -161.52 50.56
C PHE Q 432 -24.70 -161.70 51.98
N PHE Q 433 -25.99 -162.01 52.11
CA PHE Q 433 -26.63 -162.25 53.39
C PHE Q 433 -27.38 -163.59 53.36
N GLU Q 434 -27.28 -164.34 54.45
CA GLU Q 434 -27.98 -165.62 54.58
C GLU Q 434 -28.51 -165.76 55.99
N GLN Q 435 -29.34 -166.79 56.18
CA GLN Q 435 -29.86 -167.14 57.50
C GLN Q 435 -29.31 -168.51 57.90
N TYR Q 436 -28.74 -168.57 59.10
CA TYR Q 436 -28.07 -169.78 59.58
C TYR Q 436 -29.12 -170.71 60.19
N GLU Q 437 -29.43 -171.80 59.48
CA GLU Q 437 -30.44 -172.74 59.96
C GLU Q 437 -29.96 -173.55 61.15
N GLY Q 438 -28.66 -173.64 61.38
CA GLY Q 438 -28.15 -174.44 62.48
C GLY Q 438 -28.28 -173.79 63.83
N GLY Q 439 -28.69 -172.52 63.87
CA GLY Q 439 -28.87 -171.81 65.13
C GLY Q 439 -30.26 -171.21 65.25
N SER Q 440 -31.00 -171.21 64.15
CA SER Q 440 -32.36 -170.66 64.13
C SER Q 440 -33.31 -171.66 64.77
N SER Q 441 -33.41 -171.57 66.09
CA SER Q 441 -34.37 -172.40 66.83
C SER Q 441 -35.76 -171.79 66.66
N ALA Q 442 -36.72 -172.29 67.44
CA ALA Q 442 -38.06 -171.74 67.40
C ALA Q 442 -38.21 -170.47 68.23
N TRP Q 443 -37.15 -170.03 68.91
CA TRP Q 443 -37.19 -168.83 69.73
C TRP Q 443 -36.13 -167.80 69.37
N CYS Q 444 -35.17 -168.12 68.52
CA CYS Q 444 -34.11 -167.19 68.14
C CYS Q 444 -33.88 -167.26 66.63
N VAL Q 445 -33.17 -166.26 66.13
CA VAL Q 445 -32.82 -166.15 64.72
C VAL Q 445 -31.34 -165.80 64.62
N LYS Q 446 -30.72 -166.12 63.49
CA LYS Q 446 -29.30 -165.86 63.28
C LYS Q 446 -29.05 -165.56 61.81
N TYR Q 447 -28.09 -164.67 61.54
CA TYR Q 447 -27.76 -164.24 60.19
C TYR Q 447 -26.25 -164.22 60.01
N GLN Q 448 -25.81 -164.42 58.76
CA GLN Q 448 -24.40 -164.43 58.41
C GLN Q 448 -24.17 -163.67 57.13
N PHE Q 449 -23.00 -163.03 57.02
CA PHE Q 449 -22.67 -162.22 55.86
C PHE Q 449 -21.16 -162.17 55.70
N GLY Q 450 -20.72 -161.87 54.47
CA GLY Q 450 -19.30 -161.77 54.20
C GLY Q 450 -19.05 -161.31 52.78
N ALA Q 451 -17.78 -161.04 52.49
CA ALA Q 451 -17.36 -160.61 51.17
C ALA Q 451 -15.87 -160.84 51.02
N GLU Q 452 -15.40 -160.82 49.76
CA GLU Q 452 -14.01 -161.10 49.42
C GLU Q 452 -13.48 -160.03 48.48
N ASP Q 453 -12.25 -159.59 48.72
CA ASP Q 453 -11.64 -158.55 47.90
C ASP Q 453 -10.17 -158.42 48.32
N GLY Q 454 -9.39 -157.74 47.46
CA GLY Q 454 -7.98 -157.58 47.71
C GLY Q 454 -7.38 -156.48 46.86
N GLY Q 455 -6.10 -156.21 47.10
CA GLY Q 455 -5.36 -155.20 46.36
C GLY Q 455 -3.86 -155.28 46.60
N PHE Q 456 -3.06 -154.82 45.64
CA PHE Q 456 -1.62 -154.95 45.72
C PHE Q 456 -0.95 -153.72 45.11
N VAL Q 457 0.28 -153.45 45.56
CA VAL Q 457 1.01 -152.28 45.08
C VAL Q 457 1.65 -152.59 43.74
N GLY Q 458 1.44 -151.69 42.77
CA GLY Q 458 2.01 -151.86 41.45
C GLY Q 458 3.39 -151.25 41.32
N CYS Q 459 3.57 -150.38 40.32
CA CYS Q 459 4.86 -149.75 40.07
C CYS Q 459 5.22 -148.86 41.25
N CYS Q 460 6.31 -149.20 41.95
CA CYS Q 460 6.73 -148.40 43.09
C CYS Q 460 7.18 -147.01 42.68
N GLU Q 461 7.91 -146.91 41.57
CA GLU Q 461 8.56 -145.66 41.21
C GLU Q 461 7.57 -144.56 40.86
N HIS Q 462 6.32 -144.89 40.57
CA HIS Q 462 5.36 -143.91 40.05
C HIS Q 462 4.74 -143.04 41.13
N GLY Q 463 5.31 -142.98 42.33
CA GLY Q 463 4.74 -142.16 43.38
C GLY Q 463 5.81 -141.53 44.26
N ARG Q 464 5.40 -140.50 45.00
CA ARG Q 464 6.28 -139.79 45.90
C ARG Q 464 5.50 -139.32 47.12
N VAL Q 465 6.23 -139.07 48.21
CA VAL Q 465 5.66 -138.60 49.46
C VAL Q 465 6.47 -137.42 49.97
N LEU Q 466 5.78 -136.40 50.47
CA LEU Q 466 6.40 -135.22 51.03
C LEU Q 466 6.22 -135.25 52.55
N ARG Q 467 7.28 -134.91 53.28
CA ARG Q 467 7.27 -134.97 54.73
C ARG Q 467 8.05 -133.80 55.30
N ILE Q 468 7.95 -133.63 56.61
CA ILE Q 468 8.63 -132.54 57.29
C ILE Q 468 9.98 -133.02 57.80
N GLY Q 469 11.02 -132.26 57.50
CA GLY Q 469 12.37 -132.59 57.93
C GLY Q 469 12.82 -131.78 59.13
N MET R 1 0.40 -41.78 25.57
CA MET R 1 0.42 -40.30 25.64
C MET R 1 0.27 -39.82 27.07
N ASN R 2 1.17 -38.93 27.49
CA ASN R 2 0.96 -38.20 28.73
C ASN R 2 0.15 -36.95 28.46
N PHE R 3 -0.32 -36.30 29.52
CA PHE R 3 -1.16 -35.13 29.40
C PHE R 3 -0.79 -34.11 30.47
N ASN R 4 -1.12 -32.85 30.19
CA ASN R 4 -1.01 -31.78 31.18
C ASN R 4 -2.31 -31.72 31.97
N VAL R 5 -2.50 -32.73 32.80
CA VAL R 5 -3.76 -32.87 33.53
C VAL R 5 -4.04 -31.64 34.38
N GLY R 6 -2.99 -31.03 34.94
CA GLY R 6 -3.19 -29.87 35.79
C GLY R 6 -3.88 -28.71 35.12
N VAL R 7 -3.94 -28.70 33.79
CA VAL R 7 -4.64 -27.63 33.08
C VAL R 7 -6.14 -27.69 33.34
N ASP R 8 -6.72 -28.89 33.38
CA ASP R 8 -8.15 -29.06 33.57
C ASP R 8 -8.54 -29.51 34.97
N PHE R 9 -7.64 -30.17 35.69
CA PHE R 9 -7.91 -30.69 37.02
C PHE R 9 -6.80 -30.26 37.97
N PRO R 10 -6.71 -28.98 38.28
CA PRO R 10 -5.67 -28.50 39.19
C PRO R 10 -5.92 -28.99 40.61
N SER R 11 -4.90 -28.84 41.45
CA SER R 11 -4.98 -29.26 42.84
C SER R 11 -4.16 -28.31 43.69
N PHE R 12 -4.58 -28.16 44.95
CA PHE R 12 -3.93 -27.23 45.87
C PHE R 12 -3.82 -27.86 47.25
N ILE R 13 -2.74 -27.55 47.95
CA ILE R 13 -2.54 -28.05 49.30
C ILE R 13 -3.57 -27.43 50.23
N ALA R 14 -4.06 -28.21 51.17
CA ALA R 14 -5.01 -27.75 52.18
C ALA R 14 -4.50 -27.91 53.60
N TRP R 15 -3.83 -29.02 53.91
CA TRP R 15 -3.29 -29.26 55.24
C TRP R 15 -2.01 -30.06 55.09
N ASP R 16 -0.88 -29.43 55.42
CA ASP R 16 0.43 -30.04 55.27
C ASP R 16 0.95 -30.67 56.54
N GLY R 17 0.16 -30.69 57.62
CA GLY R 17 0.58 -31.23 58.88
C GLY R 17 1.03 -30.20 59.90
N THR R 18 1.26 -28.97 59.47
CA THR R 18 1.66 -27.89 60.38
C THR R 18 0.78 -26.65 60.25
N THR R 19 0.31 -26.34 59.05
CA THR R 19 -0.49 -25.14 58.82
C THR R 19 -1.63 -25.47 57.86
N SER R 20 -2.71 -24.73 57.97
CA SER R 20 -3.87 -24.89 57.11
C SER R 20 -3.96 -23.72 56.14
N PHE R 21 -4.22 -24.02 54.87
CA PHE R 21 -4.23 -23.03 53.81
C PHE R 21 -5.64 -22.90 53.24
N PRO R 22 -6.21 -21.70 53.17
CA PRO R 22 -7.50 -21.56 52.49
C PRO R 22 -7.39 -21.94 51.02
N VAL R 23 -8.45 -22.54 50.50
CA VAL R 23 -8.53 -22.97 49.11
C VAL R 23 -9.73 -22.26 48.48
N LYS R 24 -9.50 -21.63 47.33
CA LYS R 24 -10.53 -20.82 46.69
C LYS R 24 -11.28 -21.69 45.68
N ILE R 25 -12.54 -22.01 46.02
CA ILE R 25 -13.37 -22.80 45.11
C ILE R 25 -14.32 -21.92 44.30
N ASP R 26 -14.19 -20.61 44.40
CA ASP R 26 -15.11 -19.71 43.70
C ASP R 26 -15.02 -19.91 42.20
N GLY R 27 -13.81 -20.03 41.66
CA GLY R 27 -13.61 -20.09 40.23
C GLY R 27 -13.92 -21.42 39.58
N PHE R 28 -14.23 -22.45 40.36
CA PHE R 28 -14.52 -23.78 39.84
C PHE R 28 -15.85 -24.26 40.38
N ASN R 29 -16.57 -25.05 39.57
CA ASN R 29 -17.93 -25.42 39.92
C ASN R 29 -18.04 -26.76 40.65
N GLN R 30 -16.95 -27.50 40.81
CA GLN R 30 -16.97 -28.74 41.58
C GLN R 30 -15.61 -28.98 42.20
N PHE R 31 -15.58 -29.76 43.28
CA PHE R 31 -14.35 -29.98 44.02
C PHE R 31 -14.53 -31.16 44.96
N GLY R 32 -13.41 -31.60 45.53
CA GLY R 32 -13.41 -32.69 46.49
C GLY R 32 -12.07 -32.80 47.17
N PHE R 33 -12.08 -33.50 48.30
CA PHE R 33 -10.86 -33.67 49.09
C PHE R 33 -10.16 -34.98 48.76
N THR R 34 -8.96 -35.14 49.32
CA THR R 34 -8.18 -36.37 49.20
C THR R 34 -7.24 -36.45 50.39
N PHE R 35 -7.31 -37.54 51.14
CA PHE R 35 -6.54 -37.73 52.37
C PHE R 35 -5.51 -38.83 52.18
N LYS R 36 -4.32 -38.63 52.73
CA LYS R 36 -3.28 -39.65 52.72
C LYS R 36 -2.53 -39.61 54.05
N VAL R 37 -2.03 -40.76 54.45
CA VAL R 37 -1.25 -40.90 55.68
C VAL R 37 0.19 -41.17 55.30
N ILE R 38 1.12 -40.66 56.12
CA ILE R 38 2.55 -40.83 55.87
C ILE R 38 3.25 -41.64 56.94
N GLU R 39 2.54 -42.09 57.97
CA GLU R 39 3.15 -42.91 59.02
C GLU R 39 2.03 -43.50 59.86
N GLU R 40 2.36 -44.57 60.57
CA GLU R 40 1.36 -45.26 61.37
C GLU R 40 0.77 -44.35 62.43
N LEU R 41 -0.55 -44.45 62.64
CA LEU R 41 -1.26 -43.59 63.57
C LEU R 41 -1.37 -44.24 64.94
N THR R 42 -1.65 -43.41 65.96
CA THR R 42 -1.87 -43.91 67.30
C THR R 42 -3.35 -43.87 67.68
N ALA R 43 -4.02 -42.76 67.38
CA ALA R 43 -5.43 -42.60 67.70
C ALA R 43 -6.10 -41.86 66.54
N ASP R 44 -7.43 -41.97 66.48
CA ASP R 44 -8.16 -41.36 65.38
C ASP R 44 -8.01 -39.85 65.40
N VAL R 45 -8.00 -39.24 64.23
CA VAL R 45 -7.80 -37.81 64.05
C VAL R 45 -9.03 -37.24 63.37
N PRO R 46 -9.86 -36.45 64.07
CA PRO R 46 -11.01 -35.82 63.39
C PRO R 46 -10.68 -34.44 62.86
N PHE R 47 -11.38 -34.01 61.81
CA PHE R 47 -11.12 -32.73 61.16
C PHE R 47 -12.37 -31.89 61.10
N ASN R 48 -12.19 -30.57 61.21
CA ASN R 48 -13.28 -29.62 61.08
C ASN R 48 -13.21 -28.93 59.72
N ILE R 49 -14.36 -28.74 59.09
CA ILE R 49 -14.45 -28.11 57.78
C ILE R 49 -15.00 -26.70 57.96
N PHE R 50 -14.33 -25.73 57.34
CA PHE R 50 -14.69 -24.32 57.46
C PHE R 50 -14.99 -23.74 56.09
N TYR R 51 -15.42 -22.49 56.09
CA TYR R 51 -15.57 -21.69 54.88
C TYR R 51 -15.37 -20.23 55.25
N HIS R 52 -15.08 -19.41 54.24
CA HIS R 52 -14.75 -18.01 54.45
C HIS R 52 -15.56 -17.11 53.52
N GLU R 53 -15.83 -15.91 53.99
CA GLU R 53 -16.45 -14.87 53.18
C GLU R 53 -15.42 -13.81 52.82
N ALA R 54 -15.60 -13.20 51.66
CA ALA R 54 -14.66 -12.18 51.20
C ALA R 54 -14.59 -11.04 52.21
N SER R 55 -13.36 -10.65 52.56
CA SER R 55 -13.18 -9.58 53.53
C SER R 55 -13.77 -8.28 53.00
N GLU R 56 -14.43 -7.54 53.89
CA GLU R 56 -15.11 -6.31 53.48
C GLU R 56 -14.15 -5.27 52.94
N ALA R 57 -12.88 -5.31 53.33
CA ALA R 57 -11.91 -4.32 52.87
C ALA R 57 -11.32 -4.67 51.52
N ASP R 58 -11.07 -5.95 51.26
CA ASP R 58 -10.44 -6.38 50.02
C ASP R 58 -11.04 -7.69 49.53
N PRO R 59 -11.54 -7.76 48.29
CA PRO R 59 -12.15 -9.01 47.81
C PRO R 59 -11.14 -10.10 47.47
N CYS R 60 -9.84 -9.82 47.52
CA CYS R 60 -8.83 -10.81 47.19
C CYS R 60 -8.28 -11.53 48.41
N VAL R 61 -8.78 -11.24 49.61
CA VAL R 61 -8.30 -11.86 50.84
C VAL R 61 -9.49 -12.42 51.61
N PRO R 62 -9.42 -13.65 52.10
CA PRO R 62 -10.58 -14.24 52.80
C PRO R 62 -10.75 -13.71 54.21
N GLY R 63 -11.97 -13.82 54.70
CA GLY R 63 -12.32 -13.37 56.03
C GLY R 63 -12.15 -14.46 57.07
N PRO R 64 -12.74 -14.26 58.25
CA PRO R 64 -12.61 -15.26 59.32
C PRO R 64 -13.32 -16.55 58.97
N ALA R 65 -12.83 -17.65 59.56
CA ALA R 65 -13.37 -18.97 59.27
C ALA R 65 -14.73 -19.15 59.93
N ILE R 66 -15.61 -19.89 59.24
CA ILE R 66 -16.95 -20.20 59.74
C ILE R 66 -17.19 -21.69 59.52
N ARG R 67 -17.71 -22.37 60.54
CA ARG R 67 -17.94 -23.80 60.44
C ARG R 67 -19.03 -24.11 59.43
N VAL R 68 -18.82 -25.16 58.65
CA VAL R 68 -19.81 -25.56 57.64
C VAL R 68 -21.01 -26.19 58.33
N PRO R 69 -22.24 -25.87 57.92
CA PRO R 69 -23.41 -26.52 58.53
C PRO R 69 -23.67 -27.88 57.90
N ASP R 70 -24.00 -28.85 58.75
CA ASP R 70 -24.35 -30.18 58.28
C ASP R 70 -25.69 -30.16 57.54
N VAL R 71 -25.86 -31.14 56.65
CA VAL R 71 -27.11 -31.32 55.93
C VAL R 71 -27.46 -32.81 55.93
N PRO R 72 -28.68 -33.19 56.28
CA PRO R 72 -29.07 -34.60 56.16
C PRO R 72 -29.22 -35.00 54.71
N PHE R 73 -29.02 -36.29 54.45
CA PHE R 73 -29.15 -36.83 53.11
C PHE R 73 -30.60 -37.26 52.88
N CYS R 74 -30.83 -38.01 51.80
CA CYS R 74 -32.17 -38.40 51.40
C CYS R 74 -32.95 -39.06 52.54
N ASP R 75 -32.29 -39.66 53.52
CA ASP R 75 -32.97 -40.14 54.71
C ASP R 75 -31.95 -40.62 55.74
N GLY R 76 -32.24 -40.35 57.00
CA GLY R 76 -31.54 -41.00 58.10
C GLY R 76 -30.76 -40.01 58.95
N VAL R 77 -29.48 -40.33 59.21
CA VAL R 77 -28.75 -39.74 60.31
C VAL R 77 -28.52 -38.24 60.10
N ALA R 78 -28.28 -37.54 61.20
CA ALA R 78 -27.81 -36.17 61.20
C ALA R 78 -26.78 -36.01 62.31
N THR R 79 -25.88 -35.04 62.14
CA THR R 79 -24.83 -34.85 63.12
C THR R 79 -25.40 -34.39 64.46
N ALA R 80 -24.69 -34.71 65.53
CA ALA R 80 -25.16 -34.37 66.87
C ALA R 80 -25.30 -32.86 67.04
N ASP R 81 -24.31 -32.09 66.58
CA ASP R 81 -24.32 -30.64 66.71
C ASP R 81 -24.61 -29.93 65.39
N GLY R 82 -24.86 -30.69 64.32
CA GLY R 82 -25.22 -30.08 63.05
C GLY R 82 -24.07 -29.54 62.24
N LEU R 83 -22.83 -29.78 62.65
CA LEU R 83 -21.65 -29.29 61.95
C LEU R 83 -20.88 -30.44 61.34
N ALA R 84 -20.55 -30.31 60.06
CA ALA R 84 -19.88 -31.37 59.34
C ALA R 84 -18.46 -31.58 59.87
N THR R 85 -18.00 -32.83 59.80
CA THR R 85 -16.65 -33.18 60.23
C THR R 85 -16.25 -34.48 59.57
N VAL R 86 -14.96 -34.81 59.66
CA VAL R 86 -14.41 -36.01 59.06
C VAL R 86 -13.43 -36.64 60.05
N VAL R 87 -13.43 -37.97 60.13
CA VAL R 87 -12.58 -38.71 61.05
C VAL R 87 -11.88 -39.81 60.27
N ILE R 88 -10.57 -39.94 60.49
CA ILE R 88 -9.74 -40.93 59.80
C ILE R 88 -9.44 -42.06 60.77
N PRO R 89 -9.79 -43.30 60.45
CA PRO R 89 -9.58 -44.40 61.41
C PRO R 89 -8.15 -44.91 61.43
N GLU R 90 -7.87 -45.74 62.45
CA GLU R 90 -6.58 -46.42 62.54
C GLU R 90 -6.41 -47.46 61.46
N ALA R 91 -7.47 -48.18 61.10
CA ALA R 91 -7.36 -49.30 60.19
C ALA R 91 -6.84 -48.89 58.82
N VAL R 92 -6.89 -47.61 58.47
CA VAL R 92 -6.39 -47.15 57.18
C VAL R 92 -4.89 -47.44 57.08
N ALA R 93 -4.49 -48.03 55.96
CA ALA R 93 -3.10 -48.40 55.76
C ALA R 93 -2.26 -47.20 55.38
N VAL R 94 -0.94 -47.36 55.49
CA VAL R 94 -0.03 -46.29 55.12
C VAL R 94 -0.05 -46.06 53.61
N ASP R 95 -0.16 -47.14 52.83
CA ASP R 95 -0.13 -47.05 51.38
C ASP R 95 -1.54 -47.03 50.78
N SER R 96 -2.27 -45.95 51.03
CA SER R 96 -3.61 -45.79 50.46
C SER R 96 -4.02 -44.34 50.65
N PHE R 97 -5.21 -44.02 50.12
CA PHE R 97 -5.74 -42.67 50.18
C PHE R 97 -7.25 -42.73 50.35
N CYS R 98 -7.82 -41.62 50.83
CA CYS R 98 -9.25 -41.52 51.10
C CYS R 98 -9.81 -40.31 50.36
N ALA R 99 -11.09 -40.37 50.00
CA ALA R 99 -11.72 -39.32 49.23
C ALA R 99 -13.13 -39.05 49.75
N GLY R 100 -13.46 -37.77 49.87
CA GLY R 100 -14.80 -37.38 50.28
C GLY R 100 -14.99 -35.89 50.14
N SER R 101 -16.24 -35.49 49.91
CA SER R 101 -16.55 -34.09 49.65
C SER R 101 -17.91 -33.74 50.26
N VAL R 102 -18.10 -32.45 50.51
CA VAL R 102 -19.34 -31.97 51.12
C VAL R 102 -20.42 -31.87 50.05
N PRO R 103 -21.71 -31.91 50.40
CA PRO R 103 -22.75 -31.80 49.36
C PRO R 103 -23.06 -30.37 48.96
N CYS R 104 -22.73 -29.39 49.80
CA CYS R 104 -23.11 -28.01 49.58
C CYS R 104 -21.86 -27.15 49.39
N PHE R 105 -22.01 -26.07 48.62
CA PHE R 105 -20.87 -25.24 48.29
C PHE R 105 -20.58 -24.22 49.38
N ASN R 106 -21.59 -23.42 49.75
CA ASN R 106 -21.40 -22.38 50.75
C ASN R 106 -20.40 -21.34 50.24
N GLY R 107 -19.68 -20.68 51.15
CA GLY R 107 -18.85 -19.55 50.81
C GLY R 107 -17.87 -19.83 49.68
N PRO R 108 -17.33 -18.76 49.08
CA PRO R 108 -16.41 -18.93 47.95
C PRO R 108 -15.13 -19.68 48.29
N TRP R 109 -14.64 -19.60 49.51
CA TRP R 109 -13.43 -20.30 49.93
C TRP R 109 -13.82 -21.48 50.81
N ILE R 110 -12.89 -22.44 50.94
CA ILE R 110 -13.06 -23.56 51.83
C ILE R 110 -11.76 -23.81 52.57
N SER R 111 -11.85 -24.52 53.69
CA SER R 111 -10.68 -24.80 54.52
C SER R 111 -10.96 -26.01 55.38
N ILE R 112 -9.89 -26.59 55.92
CA ILE R 112 -9.98 -27.76 56.79
C ILE R 112 -8.85 -27.69 57.81
N ALA R 113 -9.16 -28.06 59.05
CA ALA R 113 -8.17 -28.04 60.12
C ALA R 113 -8.51 -29.15 61.10
N PRO R 114 -7.51 -29.70 61.79
CA PRO R 114 -7.80 -30.75 62.76
C PRO R 114 -8.50 -30.20 63.99
N VAL R 115 -9.27 -31.06 64.66
CA VAL R 115 -9.96 -30.65 65.87
C VAL R 115 -8.95 -30.27 66.95
N THR R 116 -7.91 -31.08 67.12
CA THR R 116 -6.87 -30.81 68.09
C THR R 116 -5.52 -31.09 67.45
N VAL R 117 -4.52 -30.31 67.84
CA VAL R 117 -3.17 -30.43 67.30
C VAL R 117 -2.36 -31.34 68.22
N ASN R 118 -1.75 -32.36 67.64
CA ASN R 118 -0.95 -33.33 68.39
C ASN R 118 -0.03 -34.04 67.41
N ALA R 119 0.70 -35.03 67.93
CA ALA R 119 1.62 -35.78 67.08
C ALA R 119 0.87 -36.53 65.98
N ASP R 120 -0.26 -37.12 66.31
CA ASP R 120 -1.03 -37.86 65.32
C ASP R 120 -1.52 -36.97 64.20
N SER R 121 -1.81 -35.69 64.50
CA SER R 121 -2.33 -34.79 63.47
C SER R 121 -1.31 -34.55 62.37
N ALA R 122 -0.03 -34.37 62.74
CA ALA R 122 0.98 -34.07 61.74
C ALA R 122 1.24 -35.21 60.78
N LYS R 123 0.73 -36.41 61.07
CA LYS R 123 0.99 -37.58 60.25
C LYS R 123 0.00 -37.73 59.12
N VAL R 124 -0.76 -36.69 58.77
CA VAL R 124 -1.78 -36.74 57.73
C VAL R 124 -1.53 -35.61 56.76
N GLN R 125 -1.92 -35.83 55.50
CA GLN R 125 -1.83 -34.82 54.46
C GLN R 125 -3.16 -34.75 53.71
N VAL R 126 -3.62 -33.53 53.42
CA VAL R 126 -4.89 -33.30 52.74
C VAL R 126 -4.66 -32.39 51.56
N THR R 127 -5.23 -32.75 50.42
CA THR R 127 -5.11 -31.97 49.19
C THR R 127 -6.48 -31.86 48.54
N VAL R 128 -6.75 -30.72 47.90
CA VAL R 128 -8.04 -30.43 47.30
C VAL R 128 -7.88 -30.47 45.78
N THR R 129 -8.95 -30.86 45.09
CA THR R 129 -8.97 -30.94 43.64
C THR R 129 -10.24 -30.28 43.12
N MET R 130 -10.12 -29.64 41.97
CA MET R 130 -11.25 -28.96 41.32
C MET R 130 -11.42 -29.51 39.91
N LYS R 131 -12.68 -29.66 39.49
CA LYS R 131 -13.01 -30.45 38.31
C LYS R 131 -13.45 -29.62 37.11
N GLY R 132 -13.92 -28.39 37.31
CA GLY R 132 -14.42 -27.61 36.20
C GLY R 132 -14.22 -26.12 36.36
N ALA R 133 -13.62 -25.49 35.36
CA ALA R 133 -13.41 -24.05 35.38
C ALA R 133 -14.61 -23.33 34.75
N THR R 134 -14.84 -22.09 35.20
CA THR R 134 -15.93 -21.30 34.67
C THR R 134 -15.54 -19.85 34.40
N ARG R 135 -14.27 -19.49 34.56
CA ARG R 135 -13.79 -18.16 34.25
C ARG R 135 -12.59 -18.22 33.31
N MET S 1 40.89 -83.55 -5.06
CA MET S 1 41.96 -82.89 -5.85
C MET S 1 42.42 -81.61 -5.16
N ASN S 2 43.50 -81.02 -5.66
CA ASN S 2 44.05 -79.78 -5.13
C ASN S 2 44.33 -78.85 -6.28
N PHE S 3 44.19 -77.54 -6.03
CA PHE S 3 44.14 -76.56 -7.11
C PHE S 3 45.31 -75.59 -7.13
N ASN S 4 46.19 -75.61 -6.13
CA ASN S 4 47.31 -74.66 -6.08
C ASN S 4 46.76 -73.22 -6.14
N VAL S 5 46.00 -72.86 -5.12
CA VAL S 5 45.30 -71.58 -5.12
C VAL S 5 46.26 -70.40 -5.14
N GLY S 6 47.52 -70.61 -4.74
CA GLY S 6 48.46 -69.51 -4.71
C GLY S 6 48.63 -68.81 -6.04
N VAL S 7 48.25 -69.44 -7.15
CA VAL S 7 48.32 -68.80 -8.45
C VAL S 7 47.29 -67.68 -8.56
N ASP S 8 46.10 -67.89 -7.99
CA ASP S 8 45.00 -66.95 -8.13
C ASP S 8 44.82 -66.03 -6.92
N PHE S 9 45.12 -66.49 -5.72
CA PHE S 9 44.89 -65.73 -4.49
C PHE S 9 46.17 -65.67 -3.68
N PRO S 10 47.19 -64.99 -4.18
CA PRO S 10 48.44 -64.87 -3.42
C PRO S 10 48.24 -64.06 -2.15
N SER S 11 49.06 -64.36 -1.15
CA SER S 11 49.01 -63.67 0.13
C SER S 11 50.42 -63.36 0.60
N PHE S 12 50.56 -62.31 1.41
CA PHE S 12 51.86 -61.83 1.83
C PHE S 12 51.80 -61.45 3.31
N ILE S 13 52.95 -61.55 3.98
CA ILE S 13 53.04 -61.23 5.39
C ILE S 13 52.99 -59.73 5.58
N ALA S 14 52.23 -59.27 6.58
CA ALA S 14 52.10 -57.86 6.89
C ALA S 14 52.70 -57.48 8.24
N TRP S 15 52.44 -58.27 9.29
CA TRP S 15 53.01 -58.02 10.61
C TRP S 15 53.30 -59.36 11.26
N ASP S 16 54.58 -59.65 11.50
CA ASP S 16 54.99 -60.93 12.04
C ASP S 16 55.32 -60.87 13.52
N GLY S 17 54.89 -59.82 14.22
CA GLY S 17 55.12 -59.69 15.64
C GLY S 17 56.33 -58.87 16.03
N THR S 18 57.23 -58.59 15.09
CA THR S 18 58.38 -57.75 15.40
C THR S 18 58.62 -56.69 14.32
N THR S 19 58.12 -56.93 13.11
CA THR S 19 58.37 -56.04 11.98
C THR S 19 57.12 -55.93 11.12
N SER S 20 57.00 -54.82 10.40
CA SER S 20 55.91 -54.59 9.47
C SER S 20 56.48 -54.41 8.06
N PHE S 21 55.81 -55.00 7.08
CA PHE S 21 56.28 -54.99 5.70
C PHE S 21 55.24 -54.35 4.79
N PRO S 22 55.59 -53.35 4.00
CA PRO S 22 54.64 -52.83 3.01
C PRO S 22 54.27 -53.92 2.01
N VAL S 23 53.01 -53.86 1.55
CA VAL S 23 52.47 -54.84 0.62
C VAL S 23 51.97 -54.10 -0.62
N LYS S 24 52.35 -54.60 -1.79
CA LYS S 24 51.99 -53.96 -3.06
C LYS S 24 50.66 -54.53 -3.52
N ILE S 25 49.62 -53.67 -3.55
CA ILE S 25 48.29 -54.08 -4.00
C ILE S 25 47.91 -53.48 -5.34
N ASP S 26 48.86 -52.85 -6.05
CA ASP S 26 48.52 -52.17 -7.30
C ASP S 26 48.01 -53.15 -8.34
N GLY S 27 48.63 -54.33 -8.42
CA GLY S 27 48.28 -55.29 -9.45
C GLY S 27 47.00 -56.05 -9.20
N PHE S 28 46.41 -55.93 -8.02
CA PHE S 28 45.20 -56.65 -7.66
C PHE S 28 44.12 -55.67 -7.24
N ASN S 29 42.86 -56.03 -7.52
CA ASN S 29 41.74 -55.13 -7.32
C ASN S 29 40.86 -55.49 -6.12
N GLN S 30 41.28 -56.42 -5.28
CA GLN S 30 40.71 -56.57 -3.94
C GLN S 30 41.78 -57.11 -3.01
N PHE S 31 41.55 -56.96 -1.71
CA PHE S 31 42.47 -57.44 -0.69
C PHE S 31 41.74 -57.48 0.64
N GLY S 32 42.41 -58.03 1.64
CA GLY S 32 41.84 -58.14 2.97
C GLY S 32 42.86 -58.70 3.94
N PHE S 33 42.60 -58.46 5.22
CA PHE S 33 43.50 -58.89 6.28
C PHE S 33 42.98 -60.16 6.95
N THR S 34 43.89 -60.86 7.61
CA THR S 34 43.56 -62.00 8.45
C THR S 34 44.36 -61.90 9.74
N PHE S 35 43.67 -61.93 10.87
CA PHE S 35 44.29 -61.81 12.18
C PHE S 35 44.23 -63.15 12.90
N LYS S 36 45.36 -63.59 13.44
CA LYS S 36 45.42 -64.79 14.25
C LYS S 36 46.27 -64.52 15.48
N VAL S 37 46.00 -65.27 16.54
CA VAL S 37 46.69 -65.13 17.82
C VAL S 37 47.39 -66.44 18.14
N ILE S 38 48.64 -66.35 18.60
CA ILE S 38 49.40 -67.55 18.93
C ILE S 38 49.22 -67.95 20.40
N GLU S 39 48.88 -67.01 21.27
CA GLU S 39 48.65 -67.32 22.67
C GLU S 39 47.74 -66.26 23.27
N GLU S 40 47.12 -66.61 24.40
CA GLU S 40 46.07 -65.78 24.96
C GLU S 40 46.58 -64.37 25.25
N LEU S 41 45.77 -63.37 24.90
CA LEU S 41 46.13 -61.98 25.10
C LEU S 41 45.87 -61.55 26.53
N THR S 42 46.51 -60.45 26.94
CA THR S 42 46.27 -59.90 28.26
C THR S 42 45.25 -58.77 28.23
N ALA S 43 45.27 -57.94 27.19
CA ALA S 43 44.36 -56.81 27.09
C ALA S 43 44.18 -56.48 25.61
N ASP S 44 43.35 -55.47 25.36
CA ASP S 44 43.08 -55.06 23.98
C ASP S 44 44.34 -54.49 23.34
N VAL S 45 44.45 -54.67 22.03
CA VAL S 45 45.59 -54.19 21.27
C VAL S 45 45.05 -53.47 20.03
N PRO S 46 45.27 -52.16 19.87
CA PRO S 46 44.83 -51.47 18.66
C PRO S 46 45.91 -51.41 17.58
N PHE S 47 45.50 -51.49 16.31
CA PHE S 47 46.42 -51.46 15.18
C PHE S 47 46.09 -50.28 14.28
N ASN S 48 47.13 -49.64 13.74
CA ASN S 48 46.98 -48.54 12.81
C ASN S 48 47.18 -49.04 11.38
N ILE S 49 46.42 -48.45 10.45
CA ILE S 49 46.51 -48.82 9.04
C ILE S 49 47.08 -47.64 8.27
N PHE S 50 48.10 -47.91 7.46
CA PHE S 50 48.78 -46.89 6.69
C PHE S 50 48.73 -47.24 5.20
N TYR S 51 49.16 -46.29 4.38
CA TYR S 51 49.32 -46.51 2.95
C TYR S 51 50.51 -45.69 2.46
N HIS S 52 51.18 -46.20 1.43
CA HIS S 52 52.36 -45.55 0.87
C HIS S 52 52.12 -45.25 -0.60
N GLU S 53 53.11 -44.59 -1.20
CA GLU S 53 53.06 -44.21 -2.60
C GLU S 53 54.48 -44.15 -3.15
N ALA S 54 54.59 -44.20 -4.47
CA ALA S 54 55.88 -44.33 -5.12
C ALA S 54 56.82 -43.23 -4.66
N SER S 55 58.05 -43.62 -4.31
CA SER S 55 59.03 -42.68 -3.82
C SER S 55 59.53 -41.78 -4.96
N GLU S 56 60.08 -40.63 -4.59
CA GLU S 56 60.62 -39.70 -5.58
C GLU S 56 61.86 -40.25 -6.26
N ALA S 57 62.66 -41.07 -5.57
CA ALA S 57 63.89 -41.59 -6.12
C ALA S 57 63.68 -42.74 -7.09
N ASP S 58 62.64 -43.54 -6.89
CA ASP S 58 62.43 -44.72 -7.72
C ASP S 58 60.94 -45.05 -7.78
N PRO S 59 60.42 -45.49 -8.92
CA PRO S 59 59.00 -45.82 -9.01
C PRO S 59 58.62 -47.14 -8.36
N CYS S 60 59.53 -47.79 -7.64
CA CYS S 60 59.24 -49.05 -6.96
C CYS S 60 59.83 -49.08 -5.55
N VAL S 61 59.66 -47.99 -4.81
CA VAL S 61 60.25 -47.85 -3.48
C VAL S 61 59.26 -47.11 -2.59
N PRO S 62 59.07 -47.53 -1.34
CA PRO S 62 58.11 -46.82 -0.49
C PRO S 62 58.60 -45.44 -0.10
N GLY S 63 57.65 -44.52 0.04
CA GLY S 63 57.91 -43.25 0.66
C GLY S 63 57.55 -43.32 2.13
N PRO S 64 57.46 -42.17 2.79
CA PRO S 64 57.00 -42.17 4.18
C PRO S 64 55.55 -42.60 4.29
N ALA S 65 55.21 -43.21 5.41
CA ALA S 65 53.87 -43.74 5.61
C ALA S 65 52.86 -42.61 5.76
N ILE S 66 51.65 -42.87 5.26
CA ILE S 66 50.54 -41.93 5.36
C ILE S 66 49.36 -42.65 6.01
N ARG S 67 48.76 -42.01 7.01
CA ARG S 67 47.64 -42.60 7.73
C ARG S 67 46.41 -42.68 6.86
N VAL S 68 45.73 -43.81 6.88
CA VAL S 68 44.54 -43.99 6.05
C VAL S 68 43.37 -43.22 6.67
N PRO S 69 42.62 -42.44 5.90
CA PRO S 69 41.49 -41.72 6.47
C PRO S 69 40.25 -42.59 6.63
N ASP S 70 39.32 -42.11 7.44
CA ASP S 70 38.08 -42.82 7.70
C ASP S 70 37.09 -42.62 6.56
N VAL S 71 36.09 -43.49 6.51
CA VAL S 71 35.01 -43.39 5.52
C VAL S 71 33.71 -43.81 6.19
N PRO S 72 32.89 -42.88 6.67
CA PRO S 72 31.60 -43.27 7.27
C PRO S 72 30.71 -43.98 6.26
N PHE S 73 29.97 -44.96 6.75
CA PHE S 73 29.05 -45.71 5.89
C PHE S 73 27.74 -44.94 5.74
N CYS S 74 26.80 -45.56 5.02
CA CYS S 74 25.54 -44.89 4.71
C CYS S 74 24.90 -44.30 5.96
N ASP S 75 24.92 -45.03 7.07
CA ASP S 75 24.50 -44.50 8.34
C ASP S 75 25.24 -45.23 9.45
N GLY S 76 25.89 -44.46 10.31
CA GLY S 76 26.68 -45.02 11.38
C GLY S 76 27.63 -44.03 12.01
N VAL S 77 28.26 -44.42 13.11
CA VAL S 77 29.12 -43.52 13.85
C VAL S 77 30.45 -43.33 13.11
N ALA S 78 30.84 -42.07 12.95
CA ALA S 78 32.18 -41.77 12.46
C ALA S 78 33.18 -41.89 13.59
N THR S 79 34.41 -42.28 13.25
CA THR S 79 35.41 -42.53 14.27
C THR S 79 35.75 -41.24 15.01
N ALA S 80 36.58 -41.38 16.03
CA ALA S 80 36.86 -40.25 16.92
C ALA S 80 37.54 -39.10 16.19
N ASP S 81 38.57 -39.40 15.40
CA ASP S 81 39.37 -38.34 14.77
C ASP S 81 39.60 -38.59 13.28
N GLY S 82 38.66 -39.23 12.59
CA GLY S 82 38.73 -39.36 11.15
C GLY S 82 39.82 -40.26 10.64
N LEU S 83 40.26 -41.24 11.41
CA LEU S 83 41.30 -42.18 10.98
C LEU S 83 40.83 -43.61 11.24
N ALA S 84 41.20 -44.51 10.32
CA ALA S 84 40.77 -45.89 10.44
C ALA S 84 41.68 -46.67 11.37
N THR S 85 41.08 -47.54 12.18
CA THR S 85 41.84 -48.36 13.12
C THR S 85 41.09 -49.68 13.33
N VAL S 86 41.84 -50.68 13.79
CA VAL S 86 41.29 -51.99 14.11
C VAL S 86 41.82 -52.40 15.48
N VAL S 87 40.91 -52.89 16.33
CA VAL S 87 41.25 -53.29 17.70
C VAL S 87 40.85 -54.75 17.85
N ILE S 88 41.78 -55.56 18.35
CA ILE S 88 41.58 -57.00 18.54
C ILE S 88 41.08 -57.21 19.97
N PRO S 89 39.90 -57.80 20.16
CA PRO S 89 39.39 -57.96 21.53
C PRO S 89 40.23 -58.94 22.34
N GLU S 90 40.25 -58.71 23.65
CA GLU S 90 41.02 -59.56 24.55
C GLU S 90 40.45 -60.96 24.62
N ALA S 91 39.15 -61.12 24.38
CA ALA S 91 38.50 -62.42 24.50
C ALA S 91 38.77 -63.34 23.32
N VAL S 92 39.58 -62.92 22.36
CA VAL S 92 39.87 -63.76 21.20
C VAL S 92 40.54 -65.05 21.65
N ALA S 93 40.17 -66.16 21.02
CA ALA S 93 40.68 -67.47 21.34
C ALA S 93 41.78 -67.86 20.36
N VAL S 94 42.72 -68.69 20.83
CA VAL S 94 43.87 -69.05 20.00
C VAL S 94 43.43 -69.79 18.75
N ASP S 95 42.52 -70.75 18.88
CA ASP S 95 42.06 -71.55 17.75
C ASP S 95 40.97 -70.85 16.97
N SER S 96 41.25 -69.62 16.53
CA SER S 96 40.30 -68.85 15.75
C SER S 96 41.05 -67.78 14.97
N PHE S 97 40.37 -67.22 13.98
CA PHE S 97 40.95 -66.15 13.16
C PHE S 97 39.88 -65.12 12.87
N CYS S 98 40.33 -63.92 12.52
CA CYS S 98 39.46 -62.77 12.29
C CYS S 98 39.77 -62.16 10.94
N ALA S 99 38.76 -61.59 10.31
CA ALA S 99 38.90 -60.99 8.99
C ALA S 99 38.24 -59.63 8.94
N GLY S 100 38.93 -58.66 8.34
CA GLY S 100 38.38 -57.33 8.15
C GLY S 100 39.18 -56.58 7.11
N SER S 101 38.48 -55.71 6.38
CA SER S 101 39.08 -55.01 5.26
C SER S 101 38.65 -53.54 5.28
N VAL S 102 39.48 -52.69 4.69
CA VAL S 102 39.20 -51.27 4.58
C VAL S 102 38.26 -51.03 3.40
N PRO S 103 37.49 -49.95 3.37
CA PRO S 103 36.54 -49.75 2.26
C PRO S 103 37.16 -49.14 1.02
N CYS S 104 38.35 -48.56 1.11
CA CYS S 104 38.91 -47.78 0.01
C CYS S 104 40.39 -48.14 -0.17
N PHE S 105 40.94 -47.72 -1.30
CA PHE S 105 42.30 -48.09 -1.69
C PHE S 105 43.34 -47.05 -1.29
N ASN S 106 43.10 -45.78 -1.60
CA ASN S 106 44.07 -44.70 -1.35
C ASN S 106 45.31 -45.01 -2.19
N GLY S 107 46.50 -45.06 -1.59
CA GLY S 107 47.71 -45.23 -2.35
C GLY S 107 47.87 -46.64 -2.88
N PRO S 108 48.90 -46.85 -3.70
CA PRO S 108 49.11 -48.18 -4.31
C PRO S 108 49.60 -49.25 -3.34
N TRP S 109 50.17 -48.88 -2.20
CA TRP S 109 50.68 -49.84 -1.24
C TRP S 109 49.92 -49.69 0.08
N ILE S 110 49.97 -50.72 0.91
CA ILE S 110 49.29 -50.70 2.20
C ILE S 110 50.23 -51.29 3.26
N SER S 111 49.91 -51.00 4.52
CA SER S 111 50.74 -51.44 5.63
C SER S 111 49.90 -51.43 6.91
N ILE S 112 50.46 -52.01 7.95
CA ILE S 112 49.78 -52.10 9.24
C ILE S 112 50.84 -52.28 10.33
N ALA S 113 50.60 -51.69 11.49
CA ALA S 113 51.51 -51.79 12.62
C ALA S 113 50.75 -51.45 13.89
N PRO S 114 51.18 -51.96 15.04
CA PRO S 114 50.47 -51.65 16.28
C PRO S 114 50.71 -50.22 16.73
N VAL S 115 49.77 -49.71 17.52
CA VAL S 115 49.93 -48.37 18.08
C VAL S 115 51.13 -48.34 19.03
N THR S 116 51.30 -49.38 19.84
CA THR S 116 52.40 -49.46 20.78
C THR S 116 53.06 -50.83 20.65
N VAL S 117 54.36 -50.87 20.92
CA VAL S 117 55.14 -52.10 20.82
C VAL S 117 55.38 -52.62 22.24
N ASN S 118 55.07 -53.89 22.45
CA ASN S 118 55.27 -54.51 23.76
C ASN S 118 55.14 -56.02 23.61
N ALA S 119 55.44 -56.72 24.71
CA ALA S 119 55.35 -58.18 24.71
C ALA S 119 53.93 -58.66 24.44
N ASP S 120 52.92 -57.86 24.76
CA ASP S 120 51.55 -58.20 24.45
C ASP S 120 51.26 -58.03 22.97
N SER S 121 51.80 -56.96 22.37
CA SER S 121 51.58 -56.73 20.95
C SER S 121 52.32 -57.75 20.09
N ALA S 122 53.45 -58.26 20.60
CA ALA S 122 54.27 -59.17 19.81
C ALA S 122 53.66 -60.56 19.67
N LYS S 123 52.41 -60.75 20.09
CA LYS S 123 51.77 -62.07 20.06
C LYS S 123 50.67 -62.18 19.01
N VAL S 124 50.72 -61.33 17.98
CA VAL S 124 49.70 -61.33 16.93
C VAL S 124 50.40 -61.46 15.57
N GLN S 125 49.67 -61.99 14.59
CA GLN S 125 50.20 -62.19 13.24
C GLN S 125 49.14 -61.76 12.23
N VAL S 126 49.57 -61.02 11.21
CA VAL S 126 48.67 -60.45 10.21
C VAL S 126 49.21 -60.75 8.83
N THR S 127 48.33 -61.18 7.92
CA THR S 127 48.70 -61.47 6.55
C THR S 127 47.64 -60.94 5.61
N VAL S 128 48.05 -60.39 4.47
CA VAL S 128 47.15 -59.78 3.50
C VAL S 128 46.96 -60.75 2.34
N THR S 129 45.71 -60.93 1.94
CA THR S 129 45.34 -61.83 0.85
C THR S 129 44.70 -61.04 -0.27
N MET S 130 45.39 -60.93 -1.41
CA MET S 130 44.87 -60.20 -2.55
C MET S 130 44.10 -61.15 -3.47
N LYS S 131 43.45 -60.57 -4.47
CA LYS S 131 42.55 -61.32 -5.33
C LYS S 131 42.38 -60.60 -6.65
N GLY S 132 42.10 -61.37 -7.70
CA GLY S 132 41.77 -60.80 -9.00
C GLY S 132 42.93 -60.09 -9.69
N ALA S 133 43.92 -60.85 -10.13
CA ALA S 133 45.05 -60.25 -10.85
C ALA S 133 44.56 -59.61 -12.14
N THR S 134 45.24 -58.53 -12.53
CA THR S 134 44.85 -57.77 -13.72
C THR S 134 46.03 -57.46 -14.64
N ARG S 135 47.19 -58.07 -14.42
CA ARG S 135 48.34 -57.83 -15.29
C ARG S 135 49.10 -59.14 -15.53
N MET T 1 39.16 -146.04 9.66
CA MET T 1 40.36 -146.43 8.89
C MET T 1 41.42 -145.34 8.91
N ASN T 2 42.68 -145.74 9.08
CA ASN T 2 43.80 -144.87 8.83
C ASN T 2 44.77 -145.61 7.93
N PHE T 3 45.57 -144.84 7.18
CA PHE T 3 46.37 -145.38 6.10
C PHE T 3 47.85 -145.17 6.38
N ASN T 4 48.68 -145.91 5.64
CA ASN T 4 50.12 -145.70 5.67
C ASN T 4 50.45 -144.51 4.76
N VAL T 5 50.19 -143.32 5.29
CA VAL T 5 50.31 -142.12 4.48
C VAL T 5 51.73 -141.93 3.97
N GLY T 6 52.73 -142.29 4.78
CA GLY T 6 54.11 -142.12 4.38
C GLY T 6 54.47 -142.83 3.08
N VAL T 7 53.65 -143.79 2.64
CA VAL T 7 53.91 -144.45 1.37
C VAL T 7 53.75 -143.50 0.21
N ASP T 8 52.77 -142.58 0.28
CA ASP T 8 52.49 -141.66 -0.82
C ASP T 8 52.95 -140.24 -0.55
N PHE T 9 53.00 -139.82 0.72
CA PHE T 9 53.38 -138.46 1.08
C PHE T 9 54.46 -138.51 2.15
N PRO T 10 55.67 -138.94 1.78
CA PRO T 10 56.75 -139.02 2.77
C PRO T 10 57.19 -137.63 3.20
N SER T 11 58.06 -137.61 4.22
CA SER T 11 58.57 -136.37 4.76
C SER T 11 59.97 -136.60 5.31
N PHE T 12 60.78 -135.55 5.27
CA PHE T 12 62.17 -135.64 5.70
C PHE T 12 62.54 -134.39 6.50
N ILE T 13 63.42 -134.56 7.47
CA ILE T 13 63.89 -133.45 8.27
C ILE T 13 64.76 -132.53 7.42
N ALA T 14 64.64 -131.23 7.63
CA ALA T 14 65.45 -130.23 6.94
C ALA T 14 66.30 -129.41 7.89
N TRP T 15 65.70 -128.88 8.96
CA TRP T 15 66.41 -128.09 9.95
C TRP T 15 66.16 -128.71 11.32
N ASP T 16 67.19 -129.34 11.88
CA ASP T 16 67.11 -129.99 13.18
C ASP T 16 67.11 -128.98 14.32
N GLY T 17 67.65 -127.79 14.10
CA GLY T 17 67.88 -126.83 15.15
C GLY T 17 69.33 -126.68 15.55
N THR T 18 70.20 -127.60 15.15
CA THR T 18 71.64 -127.44 15.36
C THR T 18 72.40 -127.78 14.08
N THR T 19 71.76 -128.49 13.15
CA THR T 19 72.38 -128.90 11.90
C THR T 19 71.34 -128.85 10.79
N SER T 20 71.83 -128.68 9.55
CA SER T 20 70.99 -128.65 8.37
C SER T 20 71.28 -129.87 7.50
N PHE T 21 70.22 -130.47 6.95
CA PHE T 21 70.34 -131.69 6.18
C PHE T 21 69.88 -131.45 4.74
N PRO T 22 70.68 -131.82 3.73
CA PRO T 22 70.17 -131.75 2.36
C PRO T 22 68.99 -132.68 2.16
N VAL T 23 68.05 -132.24 1.32
CA VAL T 23 66.84 -133.00 1.04
C VAL T 23 66.74 -133.19 -0.47
N LYS T 24 66.51 -134.43 -0.89
CA LYS T 24 66.51 -134.75 -2.31
C LYS T 24 65.10 -134.64 -2.86
N ILE T 25 64.95 -133.98 -4.01
CA ILE T 25 63.66 -133.78 -4.66
C ILE T 25 63.61 -134.38 -6.06
N ASP T 26 64.74 -134.89 -6.56
CA ASP T 26 64.76 -135.40 -7.93
C ASP T 26 63.67 -136.44 -8.16
N GLY T 27 63.38 -137.26 -7.15
CA GLY T 27 62.44 -138.35 -7.31
C GLY T 27 60.97 -137.98 -7.21
N PHE T 28 60.64 -136.76 -6.81
CA PHE T 28 59.26 -136.33 -6.62
C PHE T 28 59.03 -135.04 -7.38
N ASN T 29 57.81 -134.87 -7.91
CA ASN T 29 57.54 -133.76 -8.82
C ASN T 29 57.00 -132.52 -8.13
N GLN T 30 56.77 -132.54 -6.82
CA GLN T 30 56.46 -131.30 -6.09
C GLN T 30 56.65 -131.53 -4.60
N PHE T 31 56.79 -130.42 -3.88
CA PHE T 31 57.17 -130.47 -2.47
C PHE T 31 56.81 -129.15 -1.80
N GLY T 32 56.95 -129.12 -0.48
CA GLY T 32 56.68 -127.92 0.29
C GLY T 32 57.26 -128.03 1.68
N PHE T 33 57.45 -126.88 2.31
CA PHE T 33 58.01 -126.83 3.65
C PHE T 33 56.89 -126.78 4.70
N THR T 34 57.29 -126.95 5.96
CA THR T 34 56.41 -126.75 7.10
C THR T 34 57.26 -126.35 8.30
N PHE T 35 56.88 -125.26 8.95
CA PHE T 35 57.64 -124.69 10.05
C PHE T 35 56.84 -124.80 11.34
N LYS T 36 57.53 -125.11 12.44
CA LYS T 36 56.91 -125.14 13.76
C LYS T 36 57.88 -124.58 14.78
N VAL T 37 57.34 -123.95 15.80
CA VAL T 37 58.12 -123.39 16.90
C VAL T 37 57.92 -124.25 18.13
N ILE T 38 58.95 -124.32 18.98
CA ILE T 38 58.91 -125.14 20.18
C ILE T 38 59.15 -124.33 21.45
N GLU T 39 59.21 -123.01 21.36
CA GLU T 39 59.41 -122.17 22.53
C GLU T 39 59.22 -120.72 22.12
N GLU T 40 58.99 -119.86 23.11
CA GLU T 40 58.83 -118.45 22.84
C GLU T 40 60.12 -117.86 22.25
N LEU T 41 59.95 -116.91 21.34
CA LEU T 41 61.06 -116.31 20.63
C LEU T 41 61.45 -114.98 21.25
N THR T 42 62.56 -114.42 20.76
CA THR T 42 63.02 -113.09 21.16
C THR T 42 63.17 -112.14 19.98
N ALA T 43 63.39 -112.65 18.77
CA ALA T 43 63.50 -111.82 17.58
C ALA T 43 63.15 -112.69 16.37
N ASP T 44 62.85 -112.02 15.26
CA ASP T 44 62.47 -112.74 14.05
C ASP T 44 63.63 -113.59 13.55
N VAL T 45 63.29 -114.74 12.98
CA VAL T 45 64.26 -115.71 12.47
C VAL T 45 64.17 -115.71 10.95
N PRO T 46 65.17 -115.18 10.24
CA PRO T 46 65.18 -115.29 8.77
C PRO T 46 65.94 -116.53 8.30
N PHE T 47 65.54 -117.10 7.16
CA PHE T 47 66.13 -118.32 6.65
C PHE T 47 66.55 -118.14 5.20
N ASN T 48 67.66 -118.78 4.82
CA ASN T 48 68.15 -118.78 3.46
C ASN T 48 67.87 -120.13 2.82
N ILE T 49 67.43 -120.11 1.57
CA ILE T 49 67.10 -121.33 0.82
C ILE T 49 68.22 -121.58 -0.18
N PHE T 50 68.72 -122.81 -0.20
CA PHE T 50 69.81 -123.21 -1.07
C PHE T 50 69.36 -124.34 -1.99
N TYR T 51 70.26 -124.74 -2.88
CA TYR T 51 70.09 -125.94 -3.69
C TYR T 51 71.48 -126.48 -4.03
N HIS T 52 71.53 -127.74 -4.44
CA HIS T 52 72.79 -128.42 -4.68
C HIS T 52 72.78 -129.09 -6.04
N GLU T 53 73.96 -129.17 -6.65
CA GLU T 53 74.16 -129.92 -7.88
C GLU T 53 74.92 -131.21 -7.59
N ALA T 54 74.61 -132.25 -8.36
CA ALA T 54 75.27 -133.53 -8.17
C ALA T 54 76.78 -133.39 -8.28
N SER T 55 77.49 -133.95 -7.31
CA SER T 55 78.95 -133.85 -7.31
C SER T 55 79.53 -134.53 -8.54
N GLU T 56 80.55 -133.88 -9.12
CA GLU T 56 81.13 -134.39 -10.36
C GLU T 56 81.75 -135.77 -10.18
N ALA T 57 82.14 -136.14 -8.97
CA ALA T 57 82.77 -137.43 -8.74
C ALA T 57 81.75 -138.54 -8.45
N ASP T 58 80.65 -138.22 -7.78
CA ASP T 58 79.66 -139.23 -7.42
C ASP T 58 78.26 -138.65 -7.63
N PRO T 59 77.39 -139.32 -8.40
CA PRO T 59 76.04 -138.79 -8.60
C PRO T 59 75.10 -139.00 -7.42
N CYS T 60 75.56 -139.59 -6.32
CA CYS T 60 74.73 -139.84 -5.16
C CYS T 60 75.12 -138.97 -3.97
N VAL T 61 75.98 -137.97 -4.16
CA VAL T 61 76.39 -137.08 -3.08
C VAL T 61 76.25 -135.64 -3.57
N PRO T 62 75.57 -134.77 -2.83
CA PRO T 62 75.34 -133.41 -3.31
C PRO T 62 76.60 -132.55 -3.26
N GLY T 63 76.62 -131.54 -4.13
CA GLY T 63 77.73 -130.62 -4.20
C GLY T 63 77.56 -129.43 -3.27
N PRO T 64 78.34 -128.38 -3.49
CA PRO T 64 78.25 -127.21 -2.61
C PRO T 64 76.91 -126.48 -2.76
N ALA T 65 76.52 -125.79 -1.69
CA ALA T 65 75.24 -125.11 -1.67
C ALA T 65 75.26 -123.86 -2.55
N ILE T 66 74.13 -123.58 -3.19
CA ILE T 66 73.96 -122.40 -4.04
C ILE T 66 72.64 -121.73 -3.69
N ARG T 67 72.66 -120.42 -3.51
CA ARG T 67 71.46 -119.69 -3.14
C ARG T 67 70.43 -119.74 -4.25
N VAL T 68 69.17 -119.93 -3.87
CA VAL T 68 68.09 -119.96 -4.86
C VAL T 68 67.83 -118.55 -5.38
N PRO T 69 67.64 -118.36 -6.68
CA PRO T 69 67.29 -117.02 -7.17
C PRO T 69 65.80 -116.76 -7.06
N ASP T 70 65.47 -115.58 -6.54
CA ASP T 70 64.07 -115.19 -6.43
C ASP T 70 63.47 -114.95 -7.82
N VAL T 71 62.16 -115.11 -7.90
CA VAL T 71 61.43 -114.84 -9.14
C VAL T 71 60.23 -113.97 -8.81
N PRO T 72 60.00 -112.88 -9.54
CA PRO T 72 58.78 -112.09 -9.30
C PRO T 72 57.55 -112.87 -9.70
N PHE T 73 56.45 -112.57 -9.02
CA PHE T 73 55.17 -113.20 -9.33
C PHE T 73 54.51 -112.42 -10.47
N CYS T 74 53.23 -112.70 -10.74
CA CYS T 74 52.59 -112.14 -11.93
C CYS T 74 52.59 -110.62 -11.93
N ASP T 75 52.79 -109.97 -10.78
CA ASP T 75 52.97 -108.53 -10.77
C ASP T 75 53.43 -108.08 -9.39
N GLY T 76 54.42 -107.19 -9.38
CA GLY T 76 54.73 -106.41 -8.20
C GLY T 76 56.10 -106.72 -7.61
N VAL T 77 56.11 -107.01 -6.31
CA VAL T 77 57.33 -106.93 -5.53
C VAL T 77 58.40 -107.90 -6.01
N ALA T 78 59.66 -107.52 -5.79
CA ALA T 78 60.81 -108.39 -5.95
C ALA T 78 61.80 -108.08 -4.85
N THR T 79 62.45 -109.13 -4.33
CA THR T 79 63.33 -108.94 -3.19
C THR T 79 64.51 -108.05 -3.55
N ALA T 80 65.14 -107.49 -2.51
CA ALA T 80 66.17 -106.49 -2.72
C ALA T 80 67.37 -107.03 -3.50
N ASP T 81 67.85 -108.23 -3.16
CA ASP T 81 69.04 -108.80 -3.79
C ASP T 81 68.71 -109.94 -4.75
N GLY T 82 67.44 -110.21 -5.01
CA GLY T 82 67.06 -111.24 -5.95
C GLY T 82 67.12 -112.65 -5.41
N LEU T 83 67.47 -112.83 -4.14
CA LEU T 83 67.62 -114.16 -3.54
C LEU T 83 66.47 -114.42 -2.59
N ALA T 84 65.84 -115.58 -2.75
CA ALA T 84 64.68 -115.92 -1.93
C ALA T 84 65.09 -116.16 -0.48
N THR T 85 64.17 -115.85 0.43
CA THR T 85 64.39 -116.07 1.87
C THR T 85 63.04 -116.11 2.55
N VAL T 86 63.04 -116.57 3.80
CA VAL T 86 61.83 -116.71 4.60
C VAL T 86 62.09 -116.14 5.98
N VAL T 87 61.11 -115.41 6.52
CA VAL T 87 61.19 -114.83 7.84
C VAL T 87 59.95 -115.24 8.63
N ILE T 88 60.16 -115.80 9.82
CA ILE T 88 59.08 -116.24 10.69
C ILE T 88 58.90 -115.17 11.77
N PRO T 89 57.71 -114.57 11.89
CA PRO T 89 57.54 -113.44 12.81
C PRO T 89 57.49 -113.85 14.27
N GLU T 90 57.51 -112.83 15.13
CA GLU T 90 57.46 -113.05 16.57
C GLU T 90 56.08 -113.50 17.03
N ALA T 91 55.02 -113.01 16.38
CA ALA T 91 53.66 -113.27 16.83
C ALA T 91 53.26 -114.73 16.74
N VAL T 92 54.04 -115.56 16.04
CA VAL T 92 53.69 -116.97 15.88
C VAL T 92 53.64 -117.61 17.27
N ALA T 93 52.55 -118.32 17.55
CA ALA T 93 52.38 -118.98 18.83
C ALA T 93 53.09 -120.33 18.84
N VAL T 94 53.27 -120.87 20.04
CA VAL T 94 53.94 -122.16 20.18
C VAL T 94 53.09 -123.27 19.57
N ASP T 95 51.78 -123.21 19.72
CA ASP T 95 50.88 -124.26 19.27
C ASP T 95 50.33 -123.97 17.88
N SER T 96 51.20 -123.90 16.88
CA SER T 96 50.77 -123.69 15.50
C SER T 96 51.94 -124.02 14.58
N PHE T 97 51.65 -124.00 13.28
CA PHE T 97 52.64 -124.33 12.27
C PHE T 97 52.45 -123.43 11.06
N CYS T 98 53.51 -123.30 10.25
CA CYS T 98 53.52 -122.43 9.09
C CYS T 98 53.95 -123.24 7.87
N ALA T 99 53.41 -122.88 6.71
CA ALA T 99 53.67 -123.61 5.48
C ALA T 99 53.92 -122.64 4.33
N GLY T 100 54.87 -123.00 3.47
CA GLY T 100 55.19 -122.19 2.29
C GLY T 100 56.28 -122.82 1.45
N SER T 101 56.20 -122.67 0.14
CA SER T 101 57.13 -123.34 -0.76
C SER T 101 57.51 -122.41 -1.91
N VAL T 102 58.67 -122.71 -2.50
CA VAL T 102 59.19 -121.93 -3.64
C VAL T 102 58.36 -122.26 -4.87
N PRO T 103 58.32 -121.38 -5.89
CA PRO T 103 57.46 -121.63 -7.04
C PRO T 103 58.11 -122.41 -8.17
N CYS T 104 59.43 -122.56 -8.18
CA CYS T 104 60.12 -123.17 -9.31
C CYS T 104 61.16 -124.18 -8.80
N PHE T 105 61.48 -125.14 -9.66
CA PHE T 105 62.47 -126.16 -9.38
C PHE T 105 63.82 -125.71 -9.93
N ASN T 106 64.85 -125.75 -9.10
CA ASN T 106 66.16 -125.26 -9.48
C ASN T 106 67.24 -126.33 -9.49
N GLY T 107 67.08 -127.41 -8.74
CA GLY T 107 68.09 -128.45 -8.67
C GLY T 107 67.55 -129.75 -8.14
N PRO T 108 68.36 -130.82 -8.21
CA PRO T 108 67.91 -132.12 -7.71
C PRO T 108 67.83 -132.20 -6.19
N TRP T 109 68.39 -131.23 -5.47
CA TRP T 109 68.33 -131.21 -4.02
C TRP T 109 67.77 -129.88 -3.55
N ILE T 110 67.75 -129.68 -2.24
CA ILE T 110 67.37 -128.41 -1.63
C ILE T 110 67.85 -128.41 -0.19
N SER T 111 68.03 -127.21 0.35
CA SER T 111 68.49 -127.06 1.72
C SER T 111 68.00 -125.72 2.25
N ILE T 112 67.98 -125.61 3.58
CA ILE T 112 67.56 -124.40 4.27
C ILE T 112 68.42 -124.24 5.51
N ALA T 113 68.82 -123.01 5.80
CA ALA T 113 69.67 -122.73 6.95
C ALA T 113 69.40 -121.32 7.43
N PRO T 114 69.50 -121.06 8.73
CA PRO T 114 69.26 -119.72 9.24
C PRO T 114 70.37 -118.77 8.83
N VAL T 115 70.02 -117.48 8.78
CA VAL T 115 71.01 -116.47 8.44
C VAL T 115 72.08 -116.39 9.52
N THR T 116 71.67 -116.43 10.78
CA THR T 116 72.59 -116.37 11.91
C THR T 116 72.28 -117.48 12.89
N VAL T 117 73.32 -118.07 13.46
CA VAL T 117 73.19 -119.12 14.46
C VAL T 117 73.15 -118.47 15.83
N ASN T 118 72.09 -118.71 16.58
CA ASN T 118 71.91 -118.13 17.89
C ASN T 118 70.84 -118.91 18.63
N ALA T 119 70.49 -118.44 19.83
CA ALA T 119 69.49 -119.13 20.63
C ALA T 119 68.13 -119.13 19.95
N ASP T 120 67.74 -118.01 19.34
CA ASP T 120 66.43 -117.92 18.71
C ASP T 120 66.30 -118.91 17.56
N SER T 121 67.35 -119.08 16.76
CA SER T 121 67.30 -119.98 15.63
C SER T 121 67.12 -121.44 16.05
N ALA T 122 67.49 -121.80 17.27
CA ALA T 122 67.33 -123.17 17.73
C ALA T 122 65.91 -123.47 18.18
N LYS T 123 65.05 -122.46 18.25
CA LYS T 123 63.66 -122.64 18.68
C LYS T 123 62.75 -123.11 17.56
N VAL T 124 63.27 -123.28 16.34
CA VAL T 124 62.45 -123.57 15.18
C VAL T 124 62.80 -124.97 14.66
N GLN T 125 61.82 -125.61 14.04
CA GLN T 125 61.98 -126.90 13.39
C GLN T 125 61.35 -126.84 12.01
N VAL T 126 62.09 -127.32 11.00
CA VAL T 126 61.63 -127.27 9.62
C VAL T 126 61.65 -128.69 9.05
N THR T 127 60.57 -129.06 8.38
CA THR T 127 60.45 -130.38 7.78
C THR T 127 59.93 -130.20 6.36
N VAL T 128 60.27 -131.14 5.48
CA VAL T 128 59.89 -131.10 4.07
C VAL T 128 58.92 -132.23 3.79
N THR T 129 57.95 -131.97 2.90
CA THR T 129 56.98 -132.96 2.46
C THR T 129 56.97 -133.01 0.94
N MET T 130 56.69 -134.20 0.41
CA MET T 130 56.74 -134.44 -1.03
C MET T 130 55.49 -135.18 -1.48
N LYS T 131 55.16 -135.01 -2.75
CA LYS T 131 53.98 -135.60 -3.34
C LYS T 131 54.29 -136.12 -4.74
N GLY T 132 53.60 -137.18 -5.14
CA GLY T 132 53.67 -137.66 -6.50
C GLY T 132 55.03 -138.20 -6.90
N ALA T 133 55.40 -139.35 -6.33
CA ALA T 133 56.65 -139.99 -6.73
C ALA T 133 56.59 -140.37 -8.21
N THR T 134 57.74 -140.28 -8.88
CA THR T 134 57.82 -140.56 -10.31
C THR T 134 58.92 -141.55 -10.66
N ARG T 135 59.43 -142.29 -9.68
CA ARG T 135 60.40 -143.34 -9.92
C ARG T 135 60.09 -144.58 -9.09
N MET U 1 -5.36 -168.32 52.49
CA MET U 1 -5.01 -169.73 52.82
C MET U 1 -3.60 -170.06 52.34
N ASN U 2 -2.79 -170.62 53.23
CA ASN U 2 -1.47 -171.13 52.87
C ASN U 2 -1.54 -172.64 52.73
N PHE U 3 -0.41 -173.24 52.37
CA PHE U 3 -0.35 -174.67 52.08
C PHE U 3 0.81 -175.29 52.86
N ASN U 4 0.85 -176.61 52.85
CA ASN U 4 1.97 -177.36 53.43
C ASN U 4 3.05 -177.55 52.37
N VAL U 5 3.73 -176.45 52.05
CA VAL U 5 4.70 -176.45 50.96
C VAL U 5 5.83 -177.45 51.23
N GLY U 6 6.15 -177.71 52.49
CA GLY U 6 7.19 -178.68 52.80
C GLY U 6 6.93 -180.06 52.23
N VAL U 7 5.69 -180.35 51.84
CA VAL U 7 5.38 -181.63 51.21
C VAL U 7 6.01 -181.71 49.82
N ASP U 8 6.02 -180.59 49.09
CA ASP U 8 6.47 -180.56 47.71
C ASP U 8 7.88 -180.03 47.54
N PHE U 9 8.30 -179.08 48.38
CA PHE U 9 9.60 -178.43 48.25
C PHE U 9 10.36 -178.49 49.57
N PRO U 10 10.74 -179.69 50.00
CA PRO U 10 11.49 -179.82 51.25
C PRO U 10 12.87 -179.21 51.13
N SER U 11 13.42 -178.79 52.27
CA SER U 11 14.75 -178.19 52.31
C SER U 11 15.48 -178.70 53.54
N PHE U 12 16.81 -178.65 53.49
CA PHE U 12 17.65 -179.18 54.56
C PHE U 12 18.84 -178.25 54.77
N ILE U 13 19.40 -178.30 55.98
CA ILE U 13 20.53 -177.45 56.33
C ILE U 13 21.80 -178.00 55.71
N ALA U 14 22.62 -177.13 55.15
CA ALA U 14 23.90 -177.49 54.55
C ALA U 14 25.10 -176.99 55.32
N TRP U 15 25.12 -175.71 55.69
CA TRP U 15 26.20 -175.14 56.48
C TRP U 15 25.61 -174.16 57.47
N ASP U 16 25.82 -174.41 58.76
CA ASP U 16 25.25 -173.59 59.83
C ASP U 16 26.30 -172.75 60.54
N GLY U 17 27.47 -172.55 59.93
CA GLY U 17 28.52 -171.75 60.52
C GLY U 17 29.50 -172.50 61.38
N THR U 18 29.22 -173.76 61.71
CA THR U 18 30.15 -174.55 62.51
C THR U 18 30.41 -175.91 61.86
N THR U 19 29.39 -176.50 61.24
CA THR U 19 29.48 -177.84 60.68
C THR U 19 28.81 -177.88 59.31
N SER U 20 29.23 -178.83 58.49
CA SER U 20 28.64 -179.07 57.18
C SER U 20 28.02 -180.45 57.15
N PHE U 21 26.82 -180.55 56.56
CA PHE U 21 26.06 -181.77 56.52
C PHE U 21 25.81 -182.20 55.07
N PRO U 22 26.18 -183.42 54.69
CA PRO U 22 25.81 -183.90 53.35
C PRO U 22 24.29 -183.93 53.18
N VAL U 23 23.84 -183.62 51.97
CA VAL U 23 22.43 -183.58 51.64
C VAL U 23 22.18 -184.57 50.51
N LYS U 24 21.17 -185.41 50.68
CA LYS U 24 20.87 -186.47 49.71
C LYS U 24 19.89 -185.93 48.68
N ILE U 25 20.36 -185.83 47.43
CA ILE U 25 19.52 -185.32 46.34
C ILE U 25 19.09 -186.40 45.37
N ASP U 26 19.31 -187.68 45.70
CA ASP U 26 18.99 -188.75 44.76
C ASP U 26 17.50 -188.79 44.44
N GLY U 27 16.66 -188.63 45.45
CA GLY U 27 15.22 -188.74 45.26
C GLY U 27 14.58 -187.57 44.54
N PHE U 28 15.24 -186.41 44.51
CA PHE U 28 14.70 -185.22 43.89
C PHE U 28 15.55 -184.85 42.69
N ASN U 29 14.89 -184.44 41.60
CA ASN U 29 15.57 -184.23 40.33
C ASN U 29 16.12 -182.82 40.15
N GLN U 30 15.85 -181.89 41.06
CA GLN U 30 16.37 -180.54 40.96
C GLN U 30 16.63 -180.00 42.36
N PHE U 31 17.50 -179.00 42.44
CA PHE U 31 17.88 -178.44 43.73
C PHE U 31 18.52 -177.08 43.51
N GLY U 32 18.89 -176.44 44.63
CA GLY U 32 19.52 -175.13 44.60
C GLY U 32 19.87 -174.63 45.98
N PHE U 33 20.81 -173.70 46.07
CA PHE U 33 21.26 -173.20 47.36
C PHE U 33 20.62 -171.85 47.68
N THR U 34 20.65 -171.50 48.97
CA THR U 34 20.24 -170.18 49.44
C THR U 34 21.25 -169.71 50.47
N PHE U 35 21.76 -168.50 50.31
CA PHE U 35 22.76 -167.92 51.19
C PHE U 35 22.16 -166.74 51.93
N LYS U 36 22.38 -166.68 53.25
CA LYS U 36 21.98 -165.54 54.05
C LYS U 36 23.08 -165.21 55.04
N VAL U 37 23.14 -163.93 55.44
CA VAL U 37 24.11 -163.44 56.39
C VAL U 37 23.37 -162.99 57.64
N ILE U 38 24.01 -163.15 58.80
CA ILE U 38 23.39 -162.74 60.05
C ILE U 38 23.96 -161.41 60.58
N GLU U 39 25.18 -161.05 60.17
CA GLU U 39 25.77 -159.79 60.60
C GLU U 39 26.83 -159.38 59.59
N GLU U 40 27.26 -158.13 59.70
CA GLU U 40 28.13 -157.55 58.67
C GLU U 40 29.40 -158.36 58.50
N LEU U 41 29.77 -158.60 57.25
CA LEU U 41 31.00 -159.31 56.94
C LEU U 41 32.19 -158.36 56.94
N THR U 42 33.38 -158.94 57.03
CA THR U 42 34.62 -158.16 56.94
C THR U 42 35.24 -158.20 55.56
N ALA U 43 35.15 -159.33 54.87
CA ALA U 43 35.73 -159.49 53.55
C ALA U 43 35.06 -160.66 52.85
N ASP U 44 35.35 -160.81 51.56
CA ASP U 44 34.76 -161.89 50.79
C ASP U 44 35.17 -163.23 51.35
N VAL U 45 34.26 -164.20 51.28
CA VAL U 45 34.48 -165.55 51.78
C VAL U 45 34.17 -166.53 50.65
N PRO U 46 35.11 -167.37 50.22
CA PRO U 46 34.83 -168.36 49.20
C PRO U 46 34.41 -169.71 49.78
N PHE U 47 33.51 -170.38 49.07
CA PHE U 47 32.98 -171.67 49.49
C PHE U 47 33.26 -172.72 48.42
N ASN U 48 33.63 -173.92 48.86
CA ASN U 48 33.86 -175.05 47.97
C ASN U 48 32.62 -175.94 47.93
N ILE U 49 32.38 -176.54 46.76
CA ILE U 49 31.23 -177.41 46.55
C ILE U 49 31.74 -178.82 46.29
N PHE U 50 31.21 -179.79 47.03
CA PHE U 50 31.64 -181.17 46.95
C PHE U 50 30.45 -182.06 46.59
N TYR U 51 30.75 -183.33 46.32
CA TYR U 51 29.75 -184.35 46.13
C TYR U 51 30.30 -185.68 46.61
N HIS U 52 29.41 -186.53 47.12
CA HIS U 52 29.79 -187.84 47.63
C HIS U 52 29.05 -188.92 46.86
N GLU U 53 29.31 -190.17 47.25
CA GLU U 53 28.70 -191.33 46.60
C GLU U 53 28.65 -192.47 47.62
N ALA U 54 27.81 -193.46 47.32
CA ALA U 54 27.54 -194.51 48.28
C ALA U 54 28.83 -195.17 48.75
N SER U 55 28.94 -195.33 50.07
CA SER U 55 30.15 -195.91 50.64
C SER U 55 30.22 -197.40 50.34
N GLU U 56 31.43 -197.96 50.45
CA GLU U 56 31.63 -199.38 50.20
C GLU U 56 30.94 -200.24 51.25
N ALA U 57 30.86 -199.77 52.50
CA ALA U 57 30.31 -200.57 53.58
C ALA U 57 28.79 -200.60 53.59
N ASP U 58 28.14 -199.53 53.14
CA ASP U 58 26.69 -199.44 53.22
C ASP U 58 26.15 -198.63 52.05
N PRO U 59 25.03 -199.06 51.43
CA PRO U 59 24.47 -198.29 50.32
C PRO U 59 23.73 -197.02 50.75
N CYS U 60 23.76 -196.66 52.03
CA CYS U 60 23.07 -195.46 52.52
C CYS U 60 23.98 -194.66 53.44
N VAL U 61 25.27 -194.55 53.09
CA VAL U 61 26.23 -193.79 53.88
C VAL U 61 27.21 -193.11 52.94
N PRO U 62 27.41 -191.80 53.04
CA PRO U 62 28.32 -191.14 52.09
C PRO U 62 29.77 -191.56 52.32
N GLY U 63 30.54 -191.55 51.23
CA GLY U 63 31.96 -191.81 51.30
C GLY U 63 32.73 -190.51 51.45
N PRO U 64 34.02 -190.54 51.16
CA PRO U 64 34.82 -189.32 51.24
C PRO U 64 34.41 -188.31 50.18
N ALA U 65 34.61 -187.04 50.49
CA ALA U 65 34.16 -185.96 49.63
C ALA U 65 34.98 -185.92 48.33
N ILE U 66 34.31 -185.56 47.25
CA ILE U 66 34.95 -185.37 45.94
C ILE U 66 34.57 -183.98 45.43
N ARG U 67 35.58 -183.25 44.96
CA ARG U 67 35.37 -181.87 44.53
C ARG U 67 34.61 -181.85 43.21
N VAL U 68 33.63 -180.96 43.11
CA VAL U 68 32.80 -180.89 41.90
C VAL U 68 33.60 -180.23 40.77
N PRO U 69 33.58 -180.77 39.56
CA PRO U 69 34.28 -180.12 38.46
C PRO U 69 33.47 -179.01 37.83
N ASP U 70 34.15 -178.18 37.04
CA ASP U 70 33.51 -177.06 36.38
C ASP U 70 32.96 -177.47 35.01
N VAL U 71 32.02 -176.67 34.50
CA VAL U 71 31.47 -176.86 33.17
C VAL U 71 31.33 -175.49 32.52
N PRO U 72 32.17 -175.15 31.53
CA PRO U 72 31.99 -173.86 30.84
C PRO U 72 30.64 -173.81 30.12
N PHE U 73 30.06 -172.61 30.09
CA PHE U 73 28.78 -172.42 29.41
C PHE U 73 29.01 -172.22 27.92
N CYS U 74 27.90 -171.98 27.21
CA CYS U 74 27.96 -171.82 25.75
C CYS U 74 29.12 -170.91 25.34
N ASP U 75 29.31 -169.81 26.05
CA ASP U 75 30.47 -168.96 25.85
C ASP U 75 30.71 -168.14 27.10
N GLY U 76 31.96 -168.16 27.57
CA GLY U 76 32.31 -167.45 28.79
C GLY U 76 33.62 -167.94 29.39
N VAL U 77 34.11 -167.22 30.40
CA VAL U 77 35.39 -167.56 30.99
C VAL U 77 35.28 -168.87 31.76
N ALA U 78 36.23 -169.76 31.52
CA ALA U 78 36.33 -170.98 32.31
C ALA U 78 37.15 -170.73 33.56
N THR U 79 36.81 -171.43 34.63
CA THR U 79 37.51 -171.25 35.90
C THR U 79 38.99 -171.57 35.73
N ALA U 80 39.83 -170.81 36.43
CA ALA U 80 41.27 -170.97 36.28
C ALA U 80 41.73 -172.37 36.70
N ASP U 81 41.22 -172.89 37.81
CA ASP U 81 41.62 -174.19 38.31
C ASP U 81 40.70 -175.32 37.87
N GLY U 82 39.61 -175.00 37.17
CA GLY U 82 38.70 -176.02 36.67
C GLY U 82 37.78 -176.62 37.70
N LEU U 83 37.55 -175.95 38.82
CA LEU U 83 36.67 -176.44 39.88
C LEU U 83 35.63 -175.38 40.22
N ALA U 84 34.45 -175.84 40.64
CA ALA U 84 33.36 -174.94 40.94
C ALA U 84 33.58 -174.28 42.31
N THR U 85 33.22 -173.00 42.39
CA THR U 85 33.34 -172.25 43.62
C THR U 85 32.28 -171.17 43.67
N VAL U 86 31.98 -170.71 44.88
CA VAL U 86 31.07 -169.59 45.11
C VAL U 86 31.70 -168.66 46.13
N VAL U 87 31.69 -167.37 45.84
CA VAL U 87 32.27 -166.35 46.68
C VAL U 87 31.18 -165.35 47.05
N ILE U 88 31.05 -165.08 48.35
CA ILE U 88 30.04 -164.16 48.87
C ILE U 88 30.69 -162.79 49.02
N PRO U 89 30.23 -161.77 48.30
CA PRO U 89 30.88 -160.45 48.40
C PRO U 89 30.66 -159.80 49.74
N GLU U 90 31.62 -158.96 50.12
CA GLU U 90 31.54 -158.25 51.40
C GLU U 90 30.39 -157.24 51.42
N ALA U 91 29.98 -156.72 50.26
CA ALA U 91 28.94 -155.71 50.22
C ALA U 91 27.55 -156.25 50.56
N VAL U 92 27.40 -157.57 50.69
CA VAL U 92 26.09 -158.14 50.96
C VAL U 92 25.54 -157.57 52.26
N ALA U 93 24.23 -157.33 52.28
CA ALA U 93 23.55 -156.75 53.43
C ALA U 93 22.82 -157.84 54.22
N VAL U 94 22.61 -157.58 55.50
CA VAL U 94 22.01 -158.58 56.38
C VAL U 94 20.58 -158.91 55.93
N ASP U 95 19.80 -157.89 55.60
CA ASP U 95 18.40 -158.10 55.21
C ASP U 95 18.28 -158.45 53.74
N SER U 96 19.00 -159.49 53.32
CA SER U 96 18.94 -159.95 51.94
C SER U 96 19.42 -161.39 51.88
N PHE U 97 19.10 -162.06 50.78
CA PHE U 97 19.49 -163.44 50.56
C PHE U 97 19.94 -163.61 49.12
N CYS U 98 20.74 -164.64 48.89
CA CYS U 98 21.35 -164.90 47.59
C CYS U 98 21.01 -166.33 47.16
N ALA U 99 20.89 -166.53 45.84
CA ALA U 99 20.54 -167.83 45.29
C ALA U 99 21.47 -168.18 44.14
N GLY U 100 21.91 -169.44 44.11
CA GLY U 100 22.75 -169.94 43.03
C GLY U 100 22.81 -171.46 43.04
N SER U 101 22.88 -172.06 41.85
CA SER U 101 22.81 -173.52 41.72
C SER U 101 23.89 -174.01 40.77
N VAL U 102 24.27 -175.27 40.94
CA VAL U 102 25.29 -175.88 40.08
C VAL U 102 24.63 -176.39 38.81
N PRO U 103 25.34 -176.44 37.68
CA PRO U 103 24.68 -176.89 36.44
C PRO U 103 24.50 -178.40 36.33
N CYS U 104 25.21 -179.19 37.12
CA CYS U 104 25.23 -180.64 36.93
C CYS U 104 25.07 -181.32 38.28
N PHE U 105 24.83 -182.64 38.23
CA PHE U 105 24.50 -183.42 39.41
C PHE U 105 25.69 -184.16 40.00
N ASN U 106 26.40 -184.92 39.18
CA ASN U 106 27.51 -185.78 39.64
C ASN U 106 26.90 -186.84 40.57
N GLY U 107 27.39 -187.02 41.79
CA GLY U 107 26.94 -188.09 42.64
C GLY U 107 25.57 -187.80 43.24
N PRO U 108 25.04 -188.78 43.98
CA PRO U 108 23.72 -188.60 44.61
C PRO U 108 23.74 -187.70 45.83
N TRP U 109 24.90 -187.47 46.44
CA TRP U 109 25.04 -186.64 47.61
C TRP U 109 25.64 -185.30 47.19
N ILE U 110 25.48 -184.28 48.05
CA ILE U 110 26.08 -182.98 47.82
C ILE U 110 26.44 -182.36 49.17
N SER U 111 27.36 -181.40 49.12
CA SER U 111 27.87 -180.76 50.32
C SER U 111 28.48 -179.42 49.96
N ILE U 112 28.79 -178.64 51.00
CA ILE U 112 29.40 -177.33 50.83
C ILE U 112 30.09 -176.95 52.12
N ALA U 113 31.25 -176.29 52.00
CA ALA U 113 32.01 -175.86 53.16
C ALA U 113 32.93 -174.72 52.73
N PRO U 114 33.33 -173.86 53.66
CA PRO U 114 34.22 -172.75 53.28
C PRO U 114 35.63 -173.23 52.99
N VAL U 115 36.34 -172.45 52.19
CA VAL U 115 37.73 -172.76 51.89
C VAL U 115 38.57 -172.71 53.16
N THR U 116 38.27 -171.77 54.05
CA THR U 116 38.99 -171.62 55.31
C THR U 116 38.00 -171.40 56.44
N VAL U 117 38.39 -171.82 57.64
CA VAL U 117 37.55 -171.68 58.83
C VAL U 117 38.14 -170.57 59.69
N ASN U 118 37.30 -169.60 60.03
CA ASN U 118 37.72 -168.47 60.85
C ASN U 118 36.50 -167.88 61.53
N ALA U 119 36.66 -166.69 62.12
CA ALA U 119 35.56 -166.01 62.79
C ALA U 119 34.64 -165.29 61.82
N ASP U 120 34.97 -165.25 60.53
CA ASP U 120 34.16 -164.58 59.52
C ASP U 120 33.24 -165.55 58.79
N SER U 121 33.75 -166.72 58.40
CA SER U 121 32.91 -167.69 57.70
C SER U 121 31.77 -168.20 58.58
N ALA U 122 31.86 -168.03 59.90
CA ALA U 122 30.81 -168.46 60.80
C ALA U 122 29.55 -167.61 60.70
N LYS U 123 29.59 -166.50 59.98
CA LYS U 123 28.47 -165.58 59.89
C LYS U 123 27.51 -165.91 58.75
N VAL U 124 27.74 -166.99 58.01
CA VAL U 124 26.94 -167.34 56.86
C VAL U 124 26.13 -168.59 57.16
N GLN U 125 24.98 -168.74 56.50
CA GLN U 125 24.12 -169.89 56.64
C GLN U 125 23.64 -170.32 55.27
N VAL U 126 23.64 -171.64 55.02
CA VAL U 126 23.35 -172.19 53.70
C VAL U 126 22.34 -173.32 53.86
N THR U 127 21.35 -173.36 52.98
CA THR U 127 20.36 -174.43 52.98
C THR U 127 20.00 -174.77 51.54
N VAL U 128 19.56 -176.01 51.32
CA VAL U 128 19.31 -176.55 50.00
C VAL U 128 17.81 -176.84 49.88
N THR U 129 17.23 -176.49 48.74
CA THR U 129 15.82 -176.72 48.45
C THR U 129 15.68 -177.56 47.20
N MET U 130 14.87 -178.61 47.27
CA MET U 130 14.65 -179.52 46.15
C MET U 130 13.25 -179.38 45.58
N LYS U 131 13.11 -179.69 44.30
CA LYS U 131 11.85 -179.65 43.59
C LYS U 131 11.16 -181.02 43.69
N GLY U 132 10.12 -181.23 42.89
CA GLY U 132 9.26 -182.39 43.01
C GLY U 132 9.98 -183.73 43.09
N ALA U 133 9.45 -184.62 43.92
CA ALA U 133 10.07 -185.93 44.11
C ALA U 133 9.69 -186.86 42.96
N THR U 134 10.39 -188.00 42.89
CA THR U 134 10.14 -189.00 41.86
C THR U 134 10.01 -190.41 42.41
N ARG U 135 9.86 -190.56 43.72
CA ARG U 135 9.72 -191.88 44.32
C ARG U 135 8.73 -191.86 45.49
N MET V 1 -44.00 -127.69 82.10
CA MET V 1 -44.74 -128.43 83.15
C MET V 1 -43.82 -129.35 83.94
N ASN V 2 -44.16 -129.56 85.21
CA ASN V 2 -43.51 -130.54 86.04
C ASN V 2 -44.57 -131.54 86.48
N PHE V 3 -44.15 -132.79 86.71
CA PHE V 3 -45.12 -133.87 86.75
C PHE V 3 -45.10 -134.70 88.03
N ASN V 4 -44.13 -134.53 88.92
CA ASN V 4 -44.02 -135.39 90.09
C ASN V 4 -43.92 -136.85 89.65
N VAL V 5 -42.85 -137.15 88.91
CA VAL V 5 -42.73 -138.46 88.28
C VAL V 5 -42.67 -139.59 89.29
N GLY V 6 -42.28 -139.29 90.53
CA GLY V 6 -42.16 -140.34 91.53
C GLY V 6 -43.41 -141.15 91.76
N VAL V 7 -44.58 -140.62 91.36
CA VAL V 7 -45.82 -141.38 91.52
C VAL V 7 -45.83 -142.60 90.62
N ASP V 8 -45.29 -142.49 89.41
CA ASP V 8 -45.30 -143.59 88.44
C ASP V 8 -43.97 -144.30 88.29
N PHE V 9 -42.85 -143.62 88.55
CA PHE V 9 -41.51 -144.18 88.38
C PHE V 9 -40.72 -143.96 89.67
N PRO V 10 -41.09 -144.64 90.75
CA PRO V 10 -40.37 -144.46 92.01
C PRO V 10 -38.96 -145.03 91.94
N SER V 11 -38.16 -144.69 92.95
CA SER V 11 -36.79 -145.14 93.02
C SER V 11 -36.40 -145.34 94.48
N PHE V 12 -35.47 -146.27 94.71
CA PHE V 12 -35.05 -146.60 96.07
C PHE V 12 -33.54 -146.80 96.09
N ILE V 13 -32.92 -146.46 97.22
CA ILE V 13 -31.49 -146.64 97.38
C ILE V 13 -31.18 -148.13 97.47
N ALA V 14 -30.05 -148.52 96.87
CA ALA V 14 -29.59 -149.90 96.93
C ALA V 14 -28.23 -150.03 97.60
N TRP V 15 -27.26 -149.20 97.19
CA TRP V 15 -25.92 -149.23 97.76
C TRP V 15 -25.60 -147.83 98.29
N ASP V 16 -25.39 -147.73 99.60
CA ASP V 16 -25.16 -146.44 100.24
C ASP V 16 -23.69 -146.02 100.19
N GLY V 17 -22.78 -146.98 100.05
CA GLY V 17 -21.37 -146.75 100.19
C GLY V 17 -20.79 -147.39 101.43
N THR V 18 -21.62 -147.66 102.44
CA THR V 18 -21.20 -148.41 103.61
C THR V 18 -22.22 -149.47 104.02
N THR V 19 -23.37 -149.55 103.38
CA THR V 19 -24.40 -150.51 103.73
C THR V 19 -25.24 -150.81 102.50
N SER V 20 -25.78 -152.02 102.45
CA SER V 20 -26.64 -152.46 101.36
C SER V 20 -28.05 -152.66 101.86
N PHE V 21 -29.03 -152.20 101.09
CA PHE V 21 -30.43 -152.24 101.47
C PHE V 21 -31.21 -153.15 100.54
N PRO V 22 -31.96 -154.13 101.04
CA PRO V 22 -32.84 -154.91 100.15
C PRO V 22 -33.86 -154.01 99.49
N VAL V 23 -34.18 -154.34 98.23
CA VAL V 23 -35.14 -153.57 97.44
C VAL V 23 -36.22 -154.54 96.98
N LYS V 24 -37.48 -154.17 97.21
CA LYS V 24 -38.60 -155.06 96.94
C LYS V 24 -39.14 -154.78 95.54
N ILE V 25 -38.87 -155.70 94.61
CA ILE V 25 -39.37 -155.56 93.25
C ILE V 25 -40.67 -156.33 93.04
N ASP V 26 -41.26 -156.89 94.10
CA ASP V 26 -42.44 -157.72 93.96
C ASP V 26 -43.61 -156.95 93.36
N GLY V 27 -43.82 -155.72 93.83
CA GLY V 27 -45.00 -154.96 93.44
C GLY V 27 -44.94 -154.30 92.07
N PHE V 28 -43.81 -154.38 91.38
CA PHE V 28 -43.64 -153.74 90.08
C PHE V 28 -43.16 -154.77 89.07
N ASN V 29 -43.59 -154.63 87.83
CA ASN V 29 -43.36 -155.68 86.83
C ASN V 29 -42.07 -155.50 86.03
N GLN V 30 -41.27 -154.47 86.30
CA GLN V 30 -39.92 -154.40 85.73
C GLN V 30 -39.14 -153.30 86.42
N PHE V 31 -37.82 -153.38 86.30
CA PHE V 31 -36.92 -152.51 87.06
C PHE V 31 -35.56 -152.48 86.41
N GLY V 32 -34.69 -151.62 86.94
CA GLY V 32 -33.34 -151.50 86.42
C GLY V 32 -32.47 -150.74 87.41
N PHE V 33 -31.16 -150.89 87.24
CA PHE V 33 -30.21 -150.23 88.13
C PHE V 33 -29.71 -148.92 87.53
N THR V 34 -28.94 -148.18 88.33
CA THR V 34 -28.29 -146.96 87.89
C THR V 34 -27.10 -146.70 88.79
N PHE V 35 -25.92 -146.56 88.18
CA PHE V 35 -24.66 -146.40 88.92
C PHE V 35 -24.11 -145.00 88.68
N LYS V 36 -23.52 -144.43 89.72
CA LYS V 36 -22.84 -143.14 89.62
C LYS V 36 -21.61 -143.15 90.52
N VAL V 37 -20.59 -142.41 90.11
CA VAL V 37 -19.36 -142.27 90.89
C VAL V 37 -19.34 -140.87 91.49
N ILE V 38 -18.74 -140.75 92.67
CA ILE V 38 -18.67 -139.47 93.38
C ILE V 38 -17.25 -138.97 93.56
N GLU V 39 -16.23 -139.73 93.16
CA GLU V 39 -14.85 -139.28 93.27
C GLU V 39 -13.98 -140.26 92.48
N GLU V 40 -12.81 -139.77 92.07
CA GLU V 40 -11.95 -140.54 91.18
C GLU V 40 -11.60 -141.88 91.80
N LEU V 41 -11.62 -142.93 90.97
CA LEU V 41 -11.36 -144.29 91.43
C LEU V 41 -9.87 -144.63 91.34
N THR V 42 -9.53 -145.79 91.90
CA THR V 42 -8.17 -146.33 91.81
C THR V 42 -8.11 -147.68 91.13
N ALA V 43 -9.10 -148.55 91.35
CA ALA V 43 -9.15 -149.86 90.71
C ALA V 43 -10.61 -150.21 90.48
N ASP V 44 -10.83 -151.14 89.54
CA ASP V 44 -12.19 -151.52 89.20
C ASP V 44 -12.88 -152.16 90.38
N VAL V 45 -14.18 -151.92 90.50
CA VAL V 45 -15.00 -152.42 91.60
C VAL V 45 -16.04 -153.39 91.01
N PRO V 46 -15.96 -154.69 91.33
CA PRO V 46 -17.02 -155.60 90.89
C PRO V 46 -18.12 -155.74 91.93
N PHE V 47 -19.35 -156.00 91.50
CA PHE V 47 -20.49 -156.11 92.39
C PHE V 47 -21.20 -157.44 92.19
N ASN V 48 -21.67 -158.01 93.30
CA ASN V 48 -22.46 -159.23 93.26
C ASN V 48 -23.95 -158.89 93.37
N ILE V 49 -24.78 -159.63 92.65
CA ILE V 49 -26.22 -159.41 92.62
C ILE V 49 -26.88 -160.57 93.35
N PHE V 50 -27.75 -160.24 94.31
CA PHE V 50 -28.41 -161.23 95.13
C PHE V 50 -29.93 -161.11 94.96
N TYR V 51 -30.64 -162.02 95.62
CA TYR V 51 -32.09 -161.95 95.76
C TYR V 51 -32.48 -162.65 97.06
N HIS V 52 -33.69 -162.36 97.53
CA HIS V 52 -34.15 -162.85 98.83
C HIS V 52 -35.50 -163.54 98.67
N GLU V 53 -35.74 -164.55 99.51
CA GLU V 53 -37.04 -165.18 99.62
C GLU V 53 -37.72 -164.76 100.92
N ALA V 54 -39.04 -164.65 100.86
CA ALA V 54 -39.80 -164.22 102.02
C ALA V 54 -39.52 -165.13 103.21
N SER V 55 -39.22 -164.53 104.35
CA SER V 55 -38.93 -165.31 105.56
C SER V 55 -40.13 -166.15 105.94
N GLU V 56 -39.85 -167.38 106.38
CA GLU V 56 -40.93 -168.32 106.71
C GLU V 56 -41.78 -167.84 107.87
N ALA V 57 -41.29 -166.89 108.67
CA ALA V 57 -42.03 -166.42 109.83
C ALA V 57 -42.85 -165.17 109.56
N ASP V 58 -42.37 -164.28 108.70
CA ASP V 58 -43.04 -163.01 108.45
C ASP V 58 -42.91 -162.67 106.96
N PRO V 59 -44.02 -162.61 106.22
CA PRO V 59 -43.92 -162.29 104.78
C PRO V 59 -43.35 -160.91 104.48
N CYS V 60 -43.32 -160.00 105.45
CA CYS V 60 -42.88 -158.64 105.23
C CYS V 60 -41.41 -158.43 105.58
N VAL V 61 -40.66 -159.50 105.84
CA VAL V 61 -39.23 -159.39 106.14
C VAL V 61 -38.47 -160.35 105.24
N PRO V 62 -37.44 -159.90 104.53
CA PRO V 62 -36.75 -160.79 103.59
C PRO V 62 -35.84 -161.78 104.28
N GLY V 63 -35.60 -162.89 103.59
CA GLY V 63 -34.75 -163.95 104.11
C GLY V 63 -33.30 -163.75 103.73
N PRO V 64 -32.49 -164.80 103.87
CA PRO V 64 -31.06 -164.68 103.55
C PRO V 64 -30.83 -164.49 102.06
N ALA V 65 -29.70 -163.86 101.75
CA ALA V 65 -29.39 -163.53 100.36
C ALA V 65 -29.01 -164.78 99.58
N ILE V 66 -29.59 -164.93 98.39
CA ILE V 66 -29.29 -166.04 97.50
C ILE V 66 -28.66 -165.45 96.23
N ARG V 67 -27.49 -165.96 95.86
CA ARG V 67 -26.78 -165.45 94.70
C ARG V 67 -27.60 -165.65 93.43
N VAL V 68 -27.66 -164.62 92.60
CA VAL V 68 -28.44 -164.69 91.37
C VAL V 68 -27.73 -165.60 90.37
N PRO V 69 -28.43 -166.46 89.64
CA PRO V 69 -27.77 -167.27 88.60
C PRO V 69 -27.76 -166.56 87.26
N ASP V 70 -26.60 -166.62 86.61
CA ASP V 70 -26.45 -166.03 85.29
C ASP V 70 -27.21 -166.84 84.24
N VAL V 71 -27.55 -166.17 83.15
CA VAL V 71 -28.21 -166.83 82.02
C VAL V 71 -27.51 -166.40 80.73
N PRO V 72 -27.33 -167.30 79.76
CA PRO V 72 -26.77 -166.89 78.48
C PRO V 72 -27.79 -166.14 77.63
N PHE V 73 -27.29 -165.26 76.77
CA PHE V 73 -28.16 -164.53 75.86
C PHE V 73 -28.37 -165.34 74.59
N CYS V 74 -28.92 -164.71 73.54
CA CYS V 74 -29.24 -165.43 72.32
C CYS V 74 -28.16 -166.38 71.88
N ASP V 75 -26.89 -166.04 72.11
CA ASP V 75 -25.79 -166.97 71.81
C ASP V 75 -24.51 -166.34 72.31
N GLY V 76 -23.59 -167.21 72.74
CA GLY V 76 -22.23 -166.79 73.01
C GLY V 76 -21.85 -166.88 74.48
N VAL V 77 -21.30 -165.80 75.02
CA VAL V 77 -20.57 -165.86 76.27
C VAL V 77 -21.46 -166.30 77.42
N ALA V 78 -20.84 -166.98 78.39
CA ALA V 78 -21.45 -167.28 79.68
C ALA V 78 -20.39 -167.11 80.75
N THR V 79 -20.78 -166.51 81.87
CA THR V 79 -19.82 -166.20 82.92
C THR V 79 -19.19 -167.47 83.47
N ALA V 80 -18.00 -167.31 84.06
CA ALA V 80 -17.19 -168.47 84.42
C ALA V 80 -17.90 -169.37 85.43
N ASP V 81 -18.50 -168.80 86.47
CA ASP V 81 -19.11 -169.58 87.54
C ASP V 81 -20.63 -169.59 87.46
N GLY V 82 -21.22 -169.07 86.38
CA GLY V 82 -22.65 -169.10 86.22
C GLY V 82 -23.40 -168.06 87.03
N LEU V 83 -22.71 -167.16 87.72
CA LEU V 83 -23.33 -166.17 88.59
C LEU V 83 -23.15 -164.78 88.00
N ALA V 84 -24.23 -164.01 87.98
CA ALA V 84 -24.19 -162.68 87.36
C ALA V 84 -23.37 -161.72 88.21
N THR V 85 -22.80 -160.72 87.55
CA THR V 85 -22.02 -159.69 88.22
C THR V 85 -21.86 -158.50 87.27
N VAL V 86 -21.29 -157.42 87.81
CA VAL V 86 -21.05 -156.19 87.05
C VAL V 86 -19.74 -155.57 87.52
N VAL V 87 -19.05 -154.90 86.61
CA VAL V 87 -17.77 -154.26 86.88
C VAL V 87 -17.83 -152.83 86.36
N ILE V 88 -17.40 -151.88 87.19
CA ILE V 88 -17.35 -150.47 86.84
C ILE V 88 -15.90 -150.11 86.54
N PRO V 89 -15.55 -149.73 85.31
CA PRO V 89 -14.14 -149.49 84.99
C PRO V 89 -13.65 -148.13 85.48
N GLU V 90 -12.35 -147.90 85.26
CA GLU V 90 -11.74 -146.63 85.61
C GLU V 90 -12.08 -145.51 84.64
N ALA V 91 -12.30 -145.84 83.37
CA ALA V 91 -12.48 -144.82 82.34
C ALA V 91 -13.68 -143.93 82.57
N VAL V 92 -14.64 -144.35 83.39
CA VAL V 92 -15.84 -143.56 83.63
C VAL V 92 -15.48 -142.31 84.40
N ALA V 93 -15.95 -141.16 83.90
CA ALA V 93 -15.67 -139.89 84.54
C ALA V 93 -16.60 -139.67 85.73
N VAL V 94 -16.26 -138.68 86.55
CA VAL V 94 -17.08 -138.37 87.72
C VAL V 94 -18.46 -137.87 87.32
N ASP V 95 -18.56 -137.13 86.22
CA ASP V 95 -19.83 -136.53 85.80
C ASP V 95 -20.54 -137.40 84.76
N SER V 96 -20.99 -138.58 85.17
CA SER V 96 -21.74 -139.46 84.28
C SER V 96 -22.37 -140.56 85.13
N PHE V 97 -23.20 -141.37 84.48
CA PHE V 97 -23.91 -142.45 85.15
C PHE V 97 -24.00 -143.66 84.23
N CYS V 98 -24.25 -144.83 84.83
CA CYS V 98 -24.30 -146.09 84.12
C CYS V 98 -25.62 -146.79 84.42
N ALA V 99 -26.10 -147.58 83.47
CA ALA V 99 -27.38 -148.25 83.60
C ALA V 99 -27.31 -149.67 83.05
N GLY V 100 -27.96 -150.60 83.75
CA GLY V 100 -28.01 -151.99 83.33
C GLY V 100 -28.87 -152.84 84.23
N SER V 101 -29.58 -153.82 83.67
CA SER V 101 -30.53 -154.63 84.43
C SER V 101 -30.41 -156.09 84.03
N VAL V 102 -30.83 -156.96 84.96
CA VAL V 102 -30.75 -158.41 84.76
C VAL V 102 -31.88 -158.87 83.85
N PRO V 103 -31.77 -160.04 83.20
CA PRO V 103 -32.84 -160.45 82.28
C PRO V 103 -34.03 -161.10 82.97
N CYS V 104 -33.84 -161.70 84.14
CA CYS V 104 -34.88 -162.49 84.79
C CYS V 104 -35.13 -161.96 86.19
N PHE V 105 -36.39 -162.03 86.62
CA PHE V 105 -36.77 -161.44 87.90
C PHE V 105 -36.24 -162.24 89.08
N ASN V 106 -36.38 -163.55 89.04
CA ASN V 106 -35.98 -164.39 90.18
C ASN V 106 -36.87 -164.00 91.37
N GLY V 107 -36.33 -164.06 92.59
CA GLY V 107 -37.11 -163.85 93.79
C GLY V 107 -37.81 -162.50 93.82
N PRO V 108 -38.63 -162.29 94.85
CA PRO V 108 -39.40 -161.04 94.91
C PRO V 108 -38.59 -159.82 95.33
N TRP V 109 -37.46 -160.00 96.01
CA TRP V 109 -36.60 -158.89 96.40
C TRP V 109 -35.32 -158.94 95.56
N ILE V 110 -34.65 -157.82 95.45
CA ILE V 110 -33.36 -157.74 94.79
C ILE V 110 -32.38 -157.02 95.71
N SER V 111 -31.09 -157.27 95.50
CA SER V 111 -30.06 -156.66 96.32
C SER V 111 -28.75 -156.66 95.54
N ILE V 112 -27.82 -155.83 96.00
CA ILE V 112 -26.51 -155.70 95.36
C ILE V 112 -25.50 -155.31 96.43
N ALA V 113 -24.28 -155.84 96.30
CA ALA V 113 -23.23 -155.56 97.26
C ALA V 113 -21.88 -155.75 96.57
N PRO V 114 -20.86 -155.00 96.95
CA PRO V 114 -19.55 -155.16 96.33
C PRO V 114 -18.91 -156.49 96.69
N VAL V 115 -18.07 -156.99 95.79
CA VAL V 115 -17.38 -158.25 96.05
C VAL V 115 -16.47 -158.10 97.26
N THR V 116 -15.72 -157.01 97.33
CA THR V 116 -14.84 -156.73 98.45
C THR V 116 -15.02 -155.27 98.87
N VAL V 117 -14.98 -155.04 100.18
CA VAL V 117 -15.17 -153.71 100.75
C VAL V 117 -13.79 -153.07 100.92
N ASN V 118 -13.62 -151.90 100.32
CA ASN V 118 -12.36 -151.18 100.40
C ASN V 118 -12.66 -149.69 100.22
N ALA V 119 -11.62 -148.88 100.03
CA ALA V 119 -11.83 -147.45 99.84
C ALA V 119 -12.50 -147.16 98.51
N ASP V 120 -12.21 -147.95 97.47
CA ASP V 120 -12.80 -147.70 96.16
C ASP V 120 -14.29 -148.01 96.13
N SER V 121 -14.73 -149.02 96.88
CA SER V 121 -16.14 -149.39 96.87
C SER V 121 -17.03 -148.31 97.47
N ALA V 122 -16.52 -147.55 98.44
CA ALA V 122 -17.31 -146.50 99.08
C ALA V 122 -17.55 -145.32 98.15
N LYS V 123 -16.90 -145.27 97.01
CA LYS V 123 -17.00 -144.14 96.10
C LYS V 123 -18.05 -144.33 95.01
N VAL V 124 -18.92 -145.32 95.14
CA VAL V 124 -19.93 -145.62 94.13
C VAL V 124 -21.30 -145.59 94.80
N GLN V 125 -22.29 -145.08 94.06
CA GLN V 125 -23.67 -145.03 94.52
C GLN V 125 -24.57 -145.75 93.53
N VAL V 126 -25.44 -146.62 94.03
CA VAL V 126 -26.33 -147.43 93.20
C VAL V 126 -27.76 -147.18 93.64
N THR V 127 -28.63 -146.91 92.68
CA THR V 127 -30.05 -146.65 92.95
C THR V 127 -30.89 -147.45 91.97
N VAL V 128 -32.03 -147.96 92.44
CA VAL V 128 -32.91 -148.81 91.65
C VAL V 128 -34.13 -148.00 91.24
N THR V 129 -34.64 -148.28 90.04
CA THR V 129 -35.84 -147.66 89.51
C THR V 129 -36.82 -148.72 89.07
N MET V 130 -38.11 -148.42 89.17
CA MET V 130 -39.18 -149.37 88.88
C MET V 130 -40.24 -148.72 88.00
N LYS V 131 -40.95 -149.55 87.25
CA LYS V 131 -41.98 -149.10 86.33
C LYS V 131 -43.18 -150.02 86.39
N GLY V 132 -44.35 -149.48 86.09
CA GLY V 132 -45.54 -150.31 85.94
C GLY V 132 -45.98 -151.00 87.21
N ALA V 133 -46.46 -150.24 88.19
CA ALA V 133 -47.00 -150.85 89.39
C ALA V 133 -48.21 -151.71 89.06
N THR V 134 -48.38 -152.79 89.82
CA THR V 134 -49.46 -153.73 89.57
C THR V 134 -50.30 -154.02 90.81
N ARG V 135 -50.11 -153.28 91.90
CA ARG V 135 -50.95 -153.42 93.08
C ARG V 135 -51.30 -152.04 93.63
N MET W 1 -42.43 -63.01 66.95
CA MET W 1 -43.74 -62.90 67.64
C MET W 1 -43.65 -63.48 69.05
N ASN W 2 -43.92 -62.64 70.05
CA ASN W 2 -43.88 -63.06 71.44
C ASN W 2 -45.20 -62.69 72.10
N PHE W 3 -45.57 -63.46 73.12
CA PHE W 3 -46.86 -63.30 73.78
C PHE W 3 -46.65 -62.99 75.26
N ASN W 4 -47.71 -62.51 75.89
CA ASN W 4 -47.73 -62.28 77.34
C ASN W 4 -48.35 -63.49 78.02
N VAL W 5 -47.57 -64.57 78.10
CA VAL W 5 -48.08 -65.82 78.63
C VAL W 5 -48.52 -65.67 80.08
N GLY W 6 -47.92 -64.76 80.84
CA GLY W 6 -48.31 -64.56 82.22
C GLY W 6 -49.77 -64.20 82.40
N VAL W 7 -50.44 -63.73 81.35
CA VAL W 7 -51.87 -63.44 81.43
C VAL W 7 -52.66 -64.72 81.58
N ASP W 8 -52.25 -65.79 80.92
CA ASP W 8 -53.01 -67.03 80.88
C ASP W 8 -52.47 -68.11 81.80
N PHE W 9 -51.16 -68.17 82.01
CA PHE W 9 -50.53 -69.23 82.80
C PHE W 9 -49.64 -68.61 83.87
N PRO W 10 -50.24 -67.92 84.84
CA PRO W 10 -49.43 -67.32 85.92
C PRO W 10 -48.79 -68.40 86.79
N SER W 11 -47.67 -68.05 87.40
CA SER W 11 -46.94 -68.95 88.25
C SER W 11 -46.50 -68.22 89.51
N PHE W 12 -46.27 -68.98 90.58
CA PHE W 12 -45.94 -68.41 91.87
C PHE W 12 -44.87 -69.27 92.54
N ILE W 13 -44.10 -68.64 93.42
CA ILE W 13 -43.02 -69.33 94.12
C ILE W 13 -43.60 -70.15 95.27
N ALA W 14 -43.11 -71.38 95.42
CA ALA W 14 -43.56 -72.29 96.47
C ALA W 14 -42.49 -72.57 97.51
N TRP W 15 -41.26 -72.86 97.09
CA TRP W 15 -40.15 -73.10 98.00
C TRP W 15 -38.88 -72.52 97.39
N ASP W 16 -38.29 -71.55 98.08
CA ASP W 16 -37.11 -70.85 97.59
C ASP W 16 -35.83 -71.27 98.31
N GLY W 17 -35.84 -72.39 99.01
CA GLY W 17 -34.67 -72.88 99.71
C GLY W 17 -34.54 -72.46 101.14
N THR W 18 -35.34 -71.50 101.60
CA THR W 18 -35.30 -71.08 102.99
C THR W 18 -36.69 -70.91 103.60
N THR W 19 -37.70 -70.71 102.76
CA THR W 19 -39.07 -70.50 103.23
C THR W 19 -40.05 -71.13 102.24
N SER W 20 -41.22 -71.51 102.75
CA SER W 20 -42.30 -72.05 101.94
C SER W 20 -43.49 -71.10 102.01
N PHE W 21 -44.11 -70.84 100.86
CA PHE W 21 -45.21 -69.89 100.76
C PHE W 21 -46.48 -70.60 100.33
N PRO W 22 -47.57 -70.49 101.08
CA PRO W 22 -48.85 -71.03 100.58
C PRO W 22 -49.25 -70.39 99.27
N VAL W 23 -49.85 -71.18 98.40
CA VAL W 23 -50.27 -70.74 97.07
C VAL W 23 -51.76 -70.96 96.95
N LYS W 24 -52.46 -69.94 96.46
CA LYS W 24 -53.91 -69.98 96.33
C LYS W 24 -54.28 -70.43 94.93
N ILE W 25 -55.03 -71.54 94.84
CA ILE W 25 -55.33 -72.16 93.56
C ILE W 25 -56.82 -72.23 93.25
N ASP W 26 -57.69 -71.77 94.15
CA ASP W 26 -59.12 -71.92 93.92
C ASP W 26 -59.60 -71.20 92.67
N GLY W 27 -58.89 -70.16 92.22
CA GLY W 27 -59.29 -69.44 91.03
C GLY W 27 -58.96 -70.14 89.74
N PHE W 28 -58.10 -71.16 89.77
CA PHE W 28 -57.68 -71.89 88.58
C PHE W 28 -57.98 -73.37 88.76
N ASN W 29 -58.31 -74.05 87.66
CA ASN W 29 -58.79 -75.42 87.71
C ASN W 29 -57.72 -76.45 87.35
N GLN W 30 -56.47 -76.03 87.18
CA GLN W 30 -55.36 -76.98 87.05
C GLN W 30 -54.11 -76.33 87.60
N PHE W 31 -53.12 -77.17 87.93
CA PHE W 31 -51.86 -76.67 88.45
C PHE W 31 -50.83 -77.79 88.38
N GLY W 32 -49.59 -77.44 88.72
CA GLY W 32 -48.50 -78.41 88.70
C GLY W 32 -47.23 -77.77 89.19
N PHE W 33 -46.32 -78.62 89.66
CA PHE W 33 -45.05 -78.17 90.20
C PHE W 33 -43.94 -78.26 89.17
N THR W 34 -42.87 -77.50 89.41
CA THR W 34 -41.65 -77.57 88.62
C THR W 34 -40.46 -77.54 89.57
N PHE W 35 -39.66 -78.59 89.54
CA PHE W 35 -38.50 -78.73 90.41
C PHE W 35 -37.23 -78.46 89.63
N LYS W 36 -36.38 -77.58 90.14
CA LYS W 36 -35.07 -77.31 89.56
C LYS W 36 -34.03 -77.30 90.68
N VAL W 37 -32.83 -77.74 90.34
CA VAL W 37 -31.71 -77.81 91.27
C VAL W 37 -30.61 -76.91 90.75
N ILE W 38 -30.02 -76.11 91.65
CA ILE W 38 -28.98 -75.15 91.27
C ILE W 38 -27.58 -75.65 91.54
N GLU W 39 -27.42 -76.74 92.29
CA GLU W 39 -26.09 -77.23 92.65
C GLU W 39 -26.17 -78.73 92.87
N GLU W 40 -25.01 -79.38 92.76
CA GLU W 40 -24.97 -80.83 92.88
C GLU W 40 -25.52 -81.28 94.23
N LEU W 41 -26.38 -82.30 94.19
CA LEU W 41 -26.95 -82.85 95.41
C LEU W 41 -26.04 -83.93 95.99
N THR W 42 -26.10 -84.07 97.31
CA THR W 42 -25.35 -85.12 98.00
C THR W 42 -26.15 -86.40 98.17
N ALA W 43 -27.47 -86.29 98.35
CA ALA W 43 -28.32 -87.46 98.55
C ALA W 43 -29.75 -87.07 98.24
N ASP W 44 -30.62 -88.07 98.20
CA ASP W 44 -32.02 -87.83 97.91
C ASP W 44 -32.64 -86.95 98.99
N VAL W 45 -33.59 -86.11 98.59
CA VAL W 45 -34.28 -85.20 99.49
C VAL W 45 -35.78 -85.40 99.30
N PRO W 46 -36.54 -85.77 100.33
CA PRO W 46 -37.99 -85.91 100.20
C PRO W 46 -38.73 -84.64 100.60
N PHE W 47 -39.84 -84.38 99.91
CA PHE W 47 -40.67 -83.21 100.14
C PHE W 47 -42.09 -83.62 100.51
N ASN W 48 -42.66 -82.92 101.48
CA ASN W 48 -44.03 -83.13 101.90
C ASN W 48 -44.96 -82.14 101.22
N ILE W 49 -46.16 -82.60 100.87
CA ILE W 49 -47.16 -81.77 100.21
C ILE W 49 -48.30 -81.54 101.18
N PHE W 50 -48.71 -80.28 101.33
CA PHE W 50 -49.76 -79.89 102.26
C PHE W 50 -50.88 -79.16 101.53
N TYR W 51 -51.96 -78.90 102.25
CA TYR W 51 -53.05 -78.06 101.77
C TYR W 51 -53.68 -77.35 102.95
N HIS W 52 -54.21 -76.15 102.69
CA HIS W 52 -54.83 -75.34 103.73
C HIS W 52 -56.26 -75.02 103.33
N GLU W 53 -56.94 -74.29 104.21
CA GLU W 53 -58.32 -73.89 104.00
C GLU W 53 -58.58 -72.59 104.76
N ALA W 54 -59.66 -71.92 104.38
CA ALA W 54 -59.92 -70.58 104.90
C ALA W 54 -59.92 -70.58 106.42
N SER W 55 -59.21 -69.62 106.99
CA SER W 55 -59.08 -69.53 108.44
C SER W 55 -60.42 -69.10 109.06
N GLU W 56 -60.56 -69.39 110.35
CA GLU W 56 -61.77 -69.01 111.07
C GLU W 56 -61.92 -67.51 111.21
N ALA W 57 -60.82 -66.78 111.34
CA ALA W 57 -60.86 -65.34 111.59
C ALA W 57 -61.11 -64.54 110.32
N ASP W 58 -60.67 -65.03 109.17
CA ASP W 58 -60.77 -64.26 107.93
C ASP W 58 -60.98 -65.19 106.74
N PRO W 59 -61.87 -64.85 105.80
CA PRO W 59 -62.10 -65.73 104.65
C PRO W 59 -60.99 -65.70 103.61
N CYS W 60 -59.93 -64.93 103.80
CA CYS W 60 -58.82 -64.88 102.85
C CYS W 60 -57.46 -65.02 103.55
N VAL W 61 -57.38 -65.89 104.55
CA VAL W 61 -56.12 -66.15 105.26
C VAL W 61 -56.01 -67.64 105.51
N PRO W 62 -54.90 -68.28 105.16
CA PRO W 62 -54.81 -69.73 105.33
C PRO W 62 -54.76 -70.13 106.81
N GLY W 63 -55.28 -71.31 107.09
CA GLY W 63 -55.21 -71.89 108.40
C GLY W 63 -53.99 -72.78 108.55
N PRO W 64 -53.98 -73.63 109.56
CA PRO W 64 -52.85 -74.56 109.72
C PRO W 64 -52.82 -75.60 108.61
N ALA W 65 -51.61 -76.10 108.35
CA ALA W 65 -51.40 -77.01 107.24
C ALA W 65 -51.98 -78.39 107.54
N ILE W 66 -52.37 -79.09 106.47
CA ILE W 66 -52.88 -80.45 106.54
C ILE W 66 -52.21 -81.27 105.45
N ARG W 67 -51.76 -82.47 105.79
CA ARG W 67 -51.09 -83.32 104.83
C ARG W 67 -52.09 -83.81 103.78
N VAL W 68 -51.65 -83.83 102.52
CA VAL W 68 -52.53 -84.28 101.44
C VAL W 68 -52.58 -85.80 101.45
N PRO W 69 -53.77 -86.40 101.53
CA PRO W 69 -53.85 -87.87 101.56
C PRO W 69 -53.51 -88.48 100.22
N ASP W 70 -53.03 -89.73 100.28
CA ASP W 70 -52.70 -90.47 99.07
C ASP W 70 -53.97 -90.89 98.33
N VAL W 71 -53.80 -91.17 97.04
CA VAL W 71 -54.89 -91.67 96.21
C VAL W 71 -54.31 -92.71 95.25
N PRO W 72 -54.43 -94.01 95.55
CA PRO W 72 -53.87 -95.02 94.65
C PRO W 72 -54.50 -94.93 93.26
N PHE W 73 -53.67 -95.14 92.24
CA PHE W 73 -54.16 -95.12 90.88
C PHE W 73 -54.96 -96.40 90.60
N CYS W 74 -55.45 -96.51 89.36
CA CYS W 74 -56.31 -97.63 89.01
C CYS W 74 -55.67 -98.96 89.40
N ASP W 75 -54.41 -99.14 89.04
CA ASP W 75 -53.67 -100.35 89.38
C ASP W 75 -52.23 -99.98 89.70
N GLY W 76 -51.83 -100.24 90.94
CA GLY W 76 -50.50 -99.88 91.39
C GLY W 76 -50.34 -99.90 92.88
N VAL W 77 -49.11 -99.72 93.35
CA VAL W 77 -48.82 -99.81 94.78
C VAL W 77 -49.29 -98.54 95.48
N ALA W 78 -49.85 -98.74 96.67
CA ALA W 78 -50.18 -97.62 97.54
C ALA W 78 -48.97 -97.26 98.39
N THR W 79 -48.87 -95.98 98.76
CA THR W 79 -47.73 -95.51 99.52
C THR W 79 -47.68 -96.18 100.89
N ALA W 80 -46.61 -95.90 101.63
CA ALA W 80 -46.36 -96.61 102.88
C ALA W 80 -47.43 -96.29 103.92
N ASP W 81 -47.70 -95.00 104.15
CA ASP W 81 -48.57 -94.58 105.23
C ASP W 81 -49.73 -93.72 104.75
N GLY W 82 -50.13 -93.86 103.49
CA GLY W 82 -51.31 -93.18 102.98
C GLY W 82 -51.16 -91.69 102.75
N LEU W 83 -49.93 -91.19 102.65
CA LEU W 83 -49.70 -89.77 102.44
C LEU W 83 -48.84 -89.57 101.20
N ALA W 84 -49.10 -88.48 100.48
CA ALA W 84 -48.39 -88.18 99.24
C ALA W 84 -47.07 -87.48 99.53
N THR W 85 -46.03 -87.87 98.79
CA THR W 85 -44.71 -87.28 98.95
C THR W 85 -43.99 -87.34 97.61
N VAL W 86 -42.97 -86.48 97.48
CA VAL W 86 -42.11 -86.43 96.30
C VAL W 86 -40.67 -86.46 96.76
N VAL W 87 -39.86 -87.29 96.11
CA VAL W 87 -38.45 -87.44 96.44
C VAL W 87 -37.64 -87.09 95.19
N ILE W 88 -36.68 -86.19 95.34
CA ILE W 88 -35.83 -85.76 94.25
C ILE W 88 -34.57 -86.63 94.25
N PRO W 89 -34.29 -87.38 93.18
CA PRO W 89 -33.12 -88.26 93.19
C PRO W 89 -31.82 -87.47 93.15
N GLU W 90 -30.77 -88.11 93.68
CA GLU W 90 -29.46 -87.47 93.71
C GLU W 90 -28.87 -87.31 92.32
N ALA W 91 -29.31 -88.10 91.35
CA ALA W 91 -28.72 -88.08 90.01
C ALA W 91 -29.11 -86.86 89.19
N VAL W 92 -30.00 -86.01 89.71
CA VAL W 92 -30.44 -84.84 88.95
C VAL W 92 -29.23 -83.97 88.60
N ALA W 93 -29.27 -83.40 87.39
CA ALA W 93 -28.22 -82.52 86.90
C ALA W 93 -28.70 -81.07 86.98
N VAL W 94 -27.75 -80.15 87.12
CA VAL W 94 -28.09 -78.75 87.30
C VAL W 94 -28.86 -78.22 86.09
N ASP W 95 -28.44 -78.61 84.89
CA ASP W 95 -29.10 -78.14 83.66
C ASP W 95 -30.31 -78.98 83.29
N SER W 96 -31.25 -79.16 84.21
CA SER W 96 -32.46 -79.92 83.92
C SER W 96 -33.54 -79.52 84.93
N PHE W 97 -34.77 -79.86 84.60
CA PHE W 97 -35.92 -79.58 85.45
C PHE W 97 -36.85 -80.77 85.46
N CYS W 98 -37.65 -80.87 86.52
CA CYS W 98 -38.55 -81.99 86.74
C CYS W 98 -39.97 -81.45 86.96
N ALA W 99 -40.96 -82.23 86.56
CA ALA W 99 -42.36 -81.83 86.66
C ALA W 99 -43.21 -82.97 87.23
N GLY W 100 -44.08 -82.64 88.17
CA GLY W 100 -45.00 -83.61 88.73
C GLY W 100 -46.15 -82.90 89.41
N SER W 101 -47.32 -83.53 89.38
CA SER W 101 -48.53 -82.91 89.89
C SER W 101 -49.32 -83.90 90.74
N VAL W 102 -50.11 -83.36 91.65
CA VAL W 102 -50.95 -84.21 92.50
C VAL W 102 -52.24 -84.55 91.77
N PRO W 103 -52.89 -85.68 92.03
CA PRO W 103 -54.11 -86.03 91.27
C PRO W 103 -55.36 -85.33 91.77
N CYS W 104 -55.35 -84.75 92.96
CA CYS W 104 -56.59 -84.22 93.56
C CYS W 104 -56.32 -82.84 94.12
N PHE W 105 -57.41 -82.12 94.41
CA PHE W 105 -57.35 -80.72 94.82
C PHE W 105 -57.33 -80.55 96.33
N ASN W 106 -58.29 -81.16 97.04
CA ASN W 106 -58.45 -80.97 98.48
C ASN W 106 -58.79 -79.49 98.73
N GLY W 107 -58.09 -78.80 99.62
CA GLY W 107 -58.44 -77.44 99.98
C GLY W 107 -58.11 -76.44 98.89
N PRO W 108 -58.52 -75.17 99.11
CA PRO W 108 -58.28 -74.14 98.10
C PRO W 108 -56.86 -73.60 98.06
N TRP W 109 -56.02 -73.92 99.05
CA TRP W 109 -54.62 -73.55 99.05
C TRP W 109 -53.77 -74.80 98.95
N ILE W 110 -52.51 -74.63 98.58
CA ILE W 110 -51.55 -75.72 98.52
C ILE W 110 -50.19 -75.21 98.99
N SER W 111 -49.33 -76.14 99.37
CA SER W 111 -48.01 -75.80 99.90
C SER W 111 -47.09 -77.00 99.76
N ILE W 112 -45.80 -76.75 99.98
CA ILE W 112 -44.79 -77.80 99.91
C ILE W 112 -43.59 -77.37 100.74
N ALA W 113 -42.97 -78.32 101.42
CA ALA W 113 -41.79 -78.05 102.24
C ALA W 113 -41.01 -79.34 102.40
N PRO W 114 -39.71 -79.27 102.65
CA PRO W 114 -38.92 -80.50 102.80
C PRO W 114 -39.22 -81.18 104.13
N VAL W 115 -38.97 -82.49 104.17
CA VAL W 115 -39.14 -83.23 105.40
C VAL W 115 -38.13 -82.77 106.45
N THR W 116 -36.92 -82.42 106.01
CA THR W 116 -35.86 -81.97 106.91
C THR W 116 -35.22 -80.71 106.36
N VAL W 117 -34.77 -79.84 107.24
CA VAL W 117 -34.11 -78.60 106.87
C VAL W 117 -32.63 -78.75 107.16
N ASN W 118 -31.79 -78.51 106.16
CA ASN W 118 -30.35 -78.66 106.29
C ASN W 118 -29.69 -77.89 105.15
N ALA W 119 -28.38 -78.11 104.98
CA ALA W 119 -27.63 -77.45 103.91
C ALA W 119 -27.84 -78.09 102.56
N ASP W 120 -28.56 -79.20 102.48
CA ASP W 120 -28.82 -79.90 101.22
C ASP W 120 -30.17 -79.53 100.61
N SER W 121 -31.23 -79.49 101.42
CA SER W 121 -32.54 -79.13 100.89
C SER W 121 -32.60 -77.68 100.43
N ALA W 122 -31.63 -76.85 100.84
CA ALA W 122 -31.62 -75.45 100.43
C ALA W 122 -31.22 -75.26 98.98
N LYS W 123 -30.81 -76.32 98.29
CA LYS W 123 -30.32 -76.22 96.93
C LYS W 123 -31.41 -76.45 95.88
N VAL W 124 -32.66 -76.60 96.30
CA VAL W 124 -33.77 -76.89 95.39
C VAL W 124 -34.69 -75.67 95.35
N GLN W 125 -35.40 -75.52 94.23
CA GLN W 125 -36.36 -74.44 94.03
C GLN W 125 -37.61 -74.99 93.38
N VAL W 126 -38.77 -74.58 93.89
CA VAL W 126 -40.06 -75.11 93.46
C VAL W 126 -41.00 -73.95 93.16
N THR W 127 -41.71 -74.04 92.04
CA THR W 127 -42.70 -73.05 91.66
C THR W 127 -43.90 -73.73 91.04
N VAL W 128 -45.07 -73.11 91.21
CA VAL W 128 -46.35 -73.69 90.79
C VAL W 128 -46.86 -72.88 89.59
N THR W 129 -47.40 -73.59 88.61
CA THR W 129 -47.97 -72.99 87.40
C THR W 129 -49.44 -73.37 87.31
N MET W 130 -50.29 -72.40 86.98
CA MET W 130 -51.73 -72.62 86.88
C MET W 130 -52.17 -72.57 85.42
N LYS W 131 -53.33 -73.14 85.16
CA LYS W 131 -53.96 -73.10 83.85
C LYS W 131 -55.10 -72.07 83.87
N GLY W 132 -55.89 -72.04 82.80
CA GLY W 132 -56.92 -71.04 82.60
C GLY W 132 -57.73 -70.68 83.83
N ALA W 133 -58.03 -69.40 84.00
CA ALA W 133 -58.79 -68.92 85.13
C ALA W 133 -60.28 -69.09 84.89
N THR W 134 -61.06 -68.86 85.95
CA THR W 134 -62.50 -68.97 85.88
C THR W 134 -63.22 -67.83 86.62
N ARG W 135 -62.57 -66.69 86.79
CA ARG W 135 -63.20 -65.54 87.45
C ARG W 135 -62.78 -64.23 86.79
N PHE X 165 19.00 108.66 -142.05
CA PHE X 165 18.35 109.37 -140.91
C PHE X 165 19.18 109.18 -139.64
N GLU X 166 19.90 110.22 -139.25
CA GLU X 166 20.82 110.16 -138.12
C GLU X 166 20.17 110.75 -136.88
N ALA X 167 20.60 110.24 -135.72
CA ALA X 167 20.07 110.74 -134.46
C ALA X 167 20.41 112.21 -134.27
N SER X 168 21.62 112.62 -134.64
CA SER X 168 22.04 114.01 -134.53
C SER X 168 21.56 114.85 -135.69
N THR X 169 20.59 114.37 -136.47
CA THR X 169 20.06 115.11 -137.60
C THR X 169 18.54 115.19 -137.62
N ILE X 170 17.84 114.19 -137.08
CA ILE X 170 16.39 114.12 -137.27
C ILE X 170 15.59 114.87 -136.20
N GLY X 171 16.01 114.83 -134.94
CA GLY X 171 15.30 115.54 -133.89
C GLY X 171 14.79 114.62 -132.81
N PRO X 172 14.49 115.20 -131.63
CA PRO X 172 14.18 114.37 -130.46
C PRO X 172 12.77 113.80 -130.46
N ALA X 173 11.85 114.33 -131.25
CA ALA X 173 10.46 113.91 -131.17
C ALA X 173 10.27 112.44 -131.52
N PHE X 174 11.23 111.84 -132.22
CA PHE X 174 11.06 110.46 -132.68
C PHE X 174 11.39 109.45 -131.60
N PHE X 175 12.25 109.79 -130.64
CA PHE X 175 12.71 108.87 -129.61
C PHE X 175 11.97 109.18 -128.30
N THR X 176 11.34 108.15 -127.73
CA THR X 176 10.59 108.28 -126.49
C THR X 176 11.36 107.60 -125.37
N PRO X 177 11.79 108.30 -124.33
CA PRO X 177 12.61 107.66 -123.30
C PRO X 177 11.84 106.65 -122.46
N GLN X 178 12.59 105.70 -121.91
CA GLN X 178 12.03 104.69 -121.02
C GLN X 178 11.56 105.35 -119.73
N VAL X 179 10.45 104.88 -119.20
CA VAL X 179 9.88 105.45 -117.97
C VAL X 179 10.24 104.54 -116.81
N LEU X 180 11.05 105.05 -115.88
CA LEU X 180 11.38 104.30 -114.68
C LEU X 180 10.25 104.41 -113.66
N ALA X 181 10.41 103.71 -112.54
CA ALA X 181 9.39 103.71 -111.50
C ALA X 181 9.82 104.49 -110.26
N LEU X 182 11.12 104.60 -110.02
CA LEU X 182 11.58 105.20 -108.77
C LEU X 182 11.26 106.68 -108.72
N GLU X 183 11.07 107.18 -107.50
CA GLU X 183 10.90 108.60 -107.24
C GLU X 183 11.90 108.98 -106.15
N VAL X 184 12.83 109.87 -106.48
CA VAL X 184 13.91 110.22 -105.56
C VAL X 184 13.34 111.16 -104.49
N ASP X 185 13.35 110.72 -103.25
CA ASP X 185 12.92 111.52 -102.12
C ASP X 185 14.16 112.03 -101.39
N CYS X 186 14.23 113.36 -101.22
CA CYS X 186 15.46 114.01 -100.80
C CYS X 186 15.26 115.02 -99.67
N ASN X 187 14.17 114.92 -98.92
CA ASN X 187 13.87 115.89 -97.87
C ASN X 187 14.26 115.35 -96.50
N ILE X 188 14.44 116.27 -95.56
CA ILE X 188 14.82 115.92 -94.19
C ILE X 188 13.55 115.76 -93.36
N GLU X 189 13.60 114.88 -92.36
CA GLU X 189 12.46 114.64 -91.48
C GLU X 189 13.00 114.09 -90.16
N CYS X 190 12.90 114.90 -89.10
CA CYS X 190 13.43 114.50 -87.81
C CYS X 190 12.75 113.22 -87.33
N ALA X 191 13.53 112.37 -86.67
CA ALA X 191 13.01 111.11 -86.17
C ALA X 191 11.92 111.35 -85.13
N SER X 192 10.82 110.62 -85.25
CA SER X 192 9.70 110.81 -84.35
C SER X 192 9.85 109.95 -83.09
N LEU X 193 9.12 110.34 -82.06
CA LEU X 193 9.09 109.61 -80.79
C LEU X 193 7.72 109.03 -80.48
N LEU X 194 6.80 109.02 -81.45
CA LEU X 194 5.42 108.64 -81.16
C LEU X 194 5.31 107.22 -80.62
N ASP X 195 6.13 106.30 -81.12
CA ASP X 195 6.00 104.90 -80.72
C ASP X 195 6.39 104.64 -79.28
N LEU X 196 6.99 105.63 -78.60
CA LEU X 196 7.40 105.43 -77.21
C LEU X 196 6.30 105.75 -76.21
N TYR X 197 5.20 106.35 -76.65
CA TYR X 197 4.28 107.03 -75.75
C TYR X 197 3.10 106.18 -75.29
N GLY X 198 3.05 104.91 -75.66
CA GLY X 198 1.97 104.07 -75.18
C GLY X 198 0.60 104.53 -75.64
N GLN X 199 0.32 104.35 -76.93
CA GLN X 199 -0.87 104.92 -77.54
C GLN X 199 -2.14 104.40 -76.89
N ILE X 200 -3.18 105.24 -76.92
CA ILE X 200 -4.55 104.85 -76.61
C ILE X 200 -5.45 105.41 -77.71
N GLU X 201 -6.66 104.87 -77.80
CA GLU X 201 -7.58 105.26 -78.85
C GLU X 201 -8.96 105.50 -78.28
N VAL X 202 -9.63 106.55 -78.77
CA VAL X 202 -10.96 106.93 -78.31
C VAL X 202 -11.85 107.16 -79.53
N SER X 203 -13.15 107.24 -79.27
CA SER X 203 -14.15 107.47 -80.32
C SER X 203 -15.02 108.67 -80.02
N ARG X 204 -14.66 109.49 -79.03
CA ARG X 204 -15.41 110.69 -78.69
C ARG X 204 -14.44 111.80 -78.36
N SER X 205 -14.91 113.04 -78.47
CA SER X 205 -14.03 114.19 -78.34
C SER X 205 -13.59 114.44 -76.90
N THR X 206 -14.16 113.74 -75.93
CA THR X 206 -13.80 113.89 -74.53
C THR X 206 -13.73 112.52 -73.88
N PHE X 207 -12.84 112.37 -72.90
CA PHE X 207 -12.64 111.10 -72.23
C PHE X 207 -12.22 111.34 -70.78
N THR X 208 -12.41 110.32 -69.95
CA THR X 208 -12.09 110.40 -68.53
C THR X 208 -11.43 109.12 -68.07
N TYR X 209 -10.66 109.22 -66.97
CA TYR X 209 -9.98 108.08 -66.40
C TYR X 209 -9.76 108.34 -64.92
N MET X 210 -9.38 107.29 -64.19
CA MET X 210 -9.23 107.34 -62.74
C MET X 210 -7.76 107.24 -62.37
N LYS X 211 -7.37 108.02 -61.37
CA LYS X 211 -6.00 108.04 -60.86
C LYS X 211 -6.01 107.64 -59.39
N ILE X 212 -5.16 106.67 -59.03
CA ILE X 212 -5.08 106.19 -57.66
C ILE X 212 -4.05 107.07 -56.94
N ALA X 213 -4.53 108.08 -56.22
CA ALA X 213 -3.63 109.03 -55.57
C ALA X 213 -2.82 108.36 -54.47
N ASP X 214 -3.43 107.48 -53.69
CA ASP X 214 -2.76 106.94 -52.52
C ASP X 214 -3.38 105.61 -52.12
N TYR X 215 -2.55 104.76 -51.50
CA TYR X 215 -2.99 103.56 -50.82
C TYR X 215 -2.90 103.79 -49.32
N GLY X 216 -3.93 103.41 -48.58
CA GLY X 216 -3.91 103.59 -47.14
C GLY X 216 -3.07 102.53 -46.45
N GLN X 217 -2.72 102.83 -45.20
CA GLN X 217 -1.99 101.89 -44.35
C GLN X 217 -3.02 101.02 -43.63
N LEU X 218 -3.15 99.77 -44.06
CA LEU X 218 -4.24 98.90 -43.63
C LEU X 218 -3.66 97.62 -43.06
N GLY X 219 -4.12 97.24 -41.87
CA GLY X 219 -3.68 96.02 -41.23
C GLY X 219 -2.49 96.22 -40.32
N GLU X 220 -2.13 95.16 -39.61
CA GLU X 220 -1.01 95.21 -38.66
C GLU X 220 -0.71 93.80 -38.16
N TYR X 221 0.48 93.65 -37.58
CA TYR X 221 0.87 92.38 -36.95
C TYR X 221 0.39 92.37 -35.50
N THR X 222 -0.60 91.52 -35.21
CA THR X 222 -1.25 91.48 -33.91
C THR X 222 -0.93 90.18 -33.20
N CYS X 223 -0.97 90.22 -31.87
CA CYS X 223 -0.73 89.03 -31.06
C CYS X 223 -1.83 88.01 -31.31
N ASP X 224 -1.48 86.73 -31.14
CA ASP X 224 -2.41 85.66 -31.45
C ASP X 224 -3.46 85.43 -30.35
N ALA X 225 -3.29 86.05 -29.19
CA ALA X 225 -4.08 85.68 -28.03
C ALA X 225 -5.37 86.50 -27.87
N LYS X 226 -5.57 87.54 -28.67
CA LYS X 226 -6.69 88.45 -28.48
C LYS X 226 -7.68 88.34 -29.64
N CYS X 227 -8.88 88.86 -29.41
CA CYS X 227 -10.02 88.59 -30.29
C CYS X 227 -10.36 89.73 -31.23
N ASP X 228 -9.74 90.91 -31.07
CA ASP X 228 -10.19 92.11 -31.77
C ASP X 228 -9.11 92.61 -32.72
N ALA X 229 -9.41 93.72 -33.39
CA ALA X 229 -8.50 94.37 -34.32
C ALA X 229 -8.88 95.84 -34.42
N GLU X 230 -8.03 96.62 -35.08
CA GLU X 230 -8.16 98.07 -35.10
C GLU X 230 -8.23 98.60 -36.53
N PHE X 231 -8.73 99.83 -36.65
CA PHE X 231 -8.99 100.43 -37.96
C PHE X 231 -7.70 100.97 -38.57
N GLY X 232 -7.59 100.87 -39.90
CA GLY X 232 -6.53 101.52 -40.63
C GLY X 232 -7.03 102.74 -41.39
N GLU X 233 -6.14 103.71 -41.59
CA GLU X 233 -6.54 104.95 -42.25
C GLU X 233 -6.78 104.71 -43.74
N PRO X 234 -7.62 105.53 -44.37
CA PRO X 234 -8.06 105.24 -45.74
C PRO X 234 -7.11 105.78 -46.80
N GLY X 235 -7.34 105.33 -48.02
CA GLY X 235 -6.58 105.77 -49.17
C GLY X 235 -7.19 107.01 -49.81
N ASN X 236 -6.95 107.16 -51.10
CA ASN X 236 -7.44 108.31 -51.84
C ASN X 236 -7.40 108.01 -53.32
N ILE X 237 -8.54 108.10 -54.00
CA ILE X 237 -8.64 107.91 -55.43
C ILE X 237 -9.45 109.07 -56.01
N ARG X 238 -9.00 109.59 -57.15
CA ARG X 238 -9.62 110.77 -57.75
C ARG X 238 -9.85 110.54 -59.23
N HIS X 239 -10.51 111.50 -59.86
CA HIS X 239 -11.05 111.37 -61.20
C HIS X 239 -10.49 112.48 -62.09
N LEU X 240 -10.13 112.13 -63.33
CA LEU X 240 -9.47 113.04 -64.25
C LEU X 240 -10.14 112.98 -65.61
N GLU X 241 -9.94 114.03 -66.41
CA GLU X 241 -10.54 114.14 -67.74
C GLU X 241 -9.55 114.75 -68.71
N GLY X 242 -9.84 114.58 -70.01
CA GLY X 242 -9.06 115.18 -71.07
C GLY X 242 -9.93 115.49 -72.27
N LYS X 243 -9.31 116.11 -73.27
CA LYS X 243 -10.02 116.49 -74.49
C LYS X 243 -9.08 116.37 -75.69
N THR X 244 -9.61 116.71 -76.87
CA THR X 244 -8.94 116.47 -78.14
C THR X 244 -8.91 117.75 -78.97
N TYR X 245 -7.90 117.85 -79.83
CA TYR X 245 -7.69 119.02 -80.68
C TYR X 245 -7.70 118.58 -82.14
N ASP X 246 -7.98 119.52 -83.03
CA ASP X 246 -8.24 119.21 -84.44
C ASP X 246 -7.27 119.96 -85.35
N TYR X 247 -6.83 119.28 -86.41
CA TYR X 247 -5.96 119.82 -87.43
C TYR X 247 -6.78 120.06 -88.69
N ARG X 248 -6.57 121.20 -89.36
CA ARG X 248 -7.47 121.60 -90.43
C ARG X 248 -6.71 122.33 -91.52
N GLY X 249 -7.23 122.25 -92.75
CA GLY X 249 -6.59 122.90 -93.89
C GLY X 249 -7.49 122.83 -95.11
N VAL X 250 -6.93 123.23 -96.26
CA VAL X 250 -7.67 123.27 -97.51
C VAL X 250 -6.69 123.42 -98.67
N PHE X 251 -7.09 122.94 -99.85
CA PHE X 251 -6.32 123.11 -101.07
C PHE X 251 -7.25 122.98 -102.28
N CYS X 252 -6.74 123.41 -103.44
CA CYS X 252 -7.57 123.54 -104.64
C CYS X 252 -6.85 122.96 -105.84
N PHE X 253 -7.58 122.86 -106.95
CA PHE X 253 -7.04 122.38 -108.22
C PHE X 253 -7.82 122.95 -109.39
N ASN X 254 -7.24 122.83 -110.58
CA ASN X 254 -7.97 123.09 -111.81
C ASN X 254 -8.30 121.77 -112.48
N ARG X 255 -9.55 121.62 -112.92
CA ARG X 255 -10.04 120.31 -113.33
C ARG X 255 -9.30 119.76 -114.56
N LYS X 256 -9.13 120.57 -115.60
CA LYS X 256 -8.50 120.06 -116.82
C LYS X 256 -7.06 119.66 -116.57
N ASN X 257 -6.30 120.53 -115.90
CA ASN X 257 -4.90 120.22 -115.61
C ASN X 257 -4.79 119.00 -114.70
N LEU X 258 -5.67 118.88 -113.71
CA LEU X 258 -5.64 117.72 -112.84
C LEU X 258 -5.93 116.45 -113.61
N GLN X 259 -6.90 116.49 -114.52
CA GLN X 259 -7.34 115.27 -115.20
C GLN X 259 -6.34 114.82 -116.26
N GLU X 260 -5.80 115.76 -117.03
CA GLU X 260 -5.01 115.41 -118.21
C GLU X 260 -3.51 115.36 -117.94
N ALA X 261 -3.09 115.32 -116.68
CA ALA X 261 -1.68 115.15 -116.36
C ALA X 261 -1.32 113.67 -116.32
N ASN X 262 -0.01 113.41 -116.37
CA ASN X 262 0.52 112.05 -116.31
C ASN X 262 1.01 111.68 -114.92
N TYR X 263 0.67 112.47 -113.90
CA TYR X 263 1.07 112.20 -112.53
C TYR X 263 -0.13 112.43 -111.62
N ASP X 264 -0.12 111.77 -110.45
CA ASP X 264 -1.27 111.79 -109.56
C ASP X 264 -1.08 112.89 -108.52
N PHE X 265 -1.45 114.11 -108.92
CA PHE X 265 -1.27 115.26 -108.06
C PHE X 265 -2.16 115.19 -106.83
N LEU X 266 -3.37 114.64 -106.96
CA LEU X 266 -4.24 114.51 -105.81
C LEU X 266 -3.62 113.60 -104.76
N SER X 267 -3.08 112.46 -105.19
CA SER X 267 -2.40 111.57 -104.25
C SER X 267 -1.17 112.23 -103.65
N PHE X 268 -0.42 112.99 -104.45
CA PHE X 268 0.74 113.69 -103.90
C PHE X 268 0.31 114.66 -102.82
N MET X 269 -0.76 115.42 -103.03
CA MET X 269 -1.22 116.36 -102.02
C MET X 269 -1.73 115.64 -100.78
N ILE X 270 -2.42 114.51 -100.96
CA ILE X 270 -2.84 113.73 -99.80
C ILE X 270 -1.63 113.33 -98.96
N GLY X 271 -0.60 112.79 -99.62
CA GLY X 271 0.59 112.40 -98.90
C GLY X 271 1.27 113.57 -98.22
N ALA X 272 1.35 114.71 -98.89
CA ALA X 272 1.99 115.89 -98.30
C ALA X 272 1.22 116.36 -97.06
N ALA X 273 -0.11 116.39 -97.14
CA ALA X 273 -0.90 116.82 -96.00
C ALA X 273 -0.69 115.87 -94.82
N GLN X 274 -0.68 114.56 -95.08
CA GLN X 274 -0.47 113.60 -93.99
C GLN X 274 0.92 113.77 -93.38
N ARG X 275 1.94 113.99 -94.22
CA ARG X 275 3.29 114.21 -93.70
C ARG X 275 3.34 115.44 -92.82
N SER X 276 2.72 116.53 -93.25
CA SER X 276 2.70 117.74 -92.45
C SER X 276 1.98 117.50 -91.12
N HIS X 277 0.87 116.76 -91.14
CA HIS X 277 0.18 116.45 -89.90
C HIS X 277 1.08 115.67 -88.95
N ARG X 278 1.79 114.67 -89.47
CA ARG X 278 2.67 113.88 -88.62
C ARG X 278 3.75 114.76 -87.99
N ILE X 279 4.38 115.61 -88.80
CA ILE X 279 5.45 116.46 -88.27
C ILE X 279 4.91 117.39 -87.19
N ASN X 280 3.77 118.05 -87.47
CA ASN X 280 3.22 118.99 -86.50
C ASN X 280 2.81 118.28 -85.22
N ARG X 281 2.20 117.10 -85.33
CA ARG X 281 1.81 116.35 -84.13
C ARG X 281 3.04 115.97 -83.32
N ASN X 282 4.10 115.51 -83.98
CA ASN X 282 5.30 115.13 -83.26
C ASN X 282 5.90 116.31 -82.52
N ARG X 283 5.92 117.49 -83.16
CA ARG X 283 6.43 118.67 -82.46
C ARG X 283 5.53 119.06 -81.29
N ALA X 284 4.21 119.00 -81.49
CA ALA X 284 3.28 119.47 -80.47
C ALA X 284 3.34 118.59 -79.23
N LEU X 285 3.36 117.27 -79.42
CA LEU X 285 3.44 116.36 -78.28
C LEU X 285 4.70 116.57 -77.45
N MET X 286 5.64 117.39 -77.92
CA MET X 286 6.93 117.58 -77.27
C MET X 286 7.10 118.96 -76.68
N VAL X 287 6.69 120.02 -77.40
CA VAL X 287 6.86 121.38 -76.92
C VAL X 287 5.57 122.18 -77.09
N GLY X 288 4.46 121.50 -77.29
CA GLY X 288 3.21 122.19 -77.49
C GLY X 288 2.65 122.77 -76.22
N ASP X 289 1.70 123.70 -76.39
CA ASP X 289 0.98 124.32 -75.29
C ASP X 289 -0.50 124.00 -75.41
N GLY X 290 -1.15 123.87 -74.26
CA GLY X 290 -2.50 123.31 -74.21
C GLY X 290 -3.59 124.19 -74.76
N ILE X 291 -3.29 125.42 -75.17
CA ILE X 291 -4.37 126.32 -75.60
C ILE X 291 -5.02 125.82 -76.89
N ASN X 292 -4.23 125.41 -77.88
CA ASN X 292 -4.78 124.90 -79.13
C ASN X 292 -4.13 123.57 -79.51
N GLU X 293 -2.87 123.40 -79.14
CA GLU X 293 -2.13 122.18 -79.39
C GLU X 293 -2.09 121.32 -78.15
N PRO X 294 -1.79 120.03 -78.28
CA PRO X 294 -1.57 119.21 -77.10
C PRO X 294 -0.41 119.75 -76.27
N LYS X 295 -0.36 119.43 -74.98
CA LYS X 295 0.67 119.94 -74.09
C LYS X 295 1.81 118.93 -74.01
N GLY X 296 3.03 119.39 -74.24
CA GLY X 296 4.20 118.54 -74.26
C GLY X 296 4.86 118.45 -72.90
N TRP X 297 5.54 117.33 -72.66
CA TRP X 297 6.19 117.12 -71.38
C TRP X 297 7.29 118.15 -71.13
N LEU X 298 8.09 118.47 -72.15
CA LEU X 298 9.16 119.43 -71.97
C LEU X 298 8.65 120.84 -71.67
N LYS X 299 7.49 121.21 -72.22
CA LYS X 299 6.90 122.51 -71.90
C LYS X 299 6.20 122.50 -70.54
N GLU X 300 5.56 121.39 -70.17
CA GLU X 300 4.93 121.31 -68.86
C GLU X 300 5.97 121.37 -67.75
N ASP X 301 7.12 120.71 -67.94
CA ASP X 301 8.23 120.82 -67.00
C ASP X 301 7.88 120.26 -65.62
N CYS X 302 7.13 119.16 -65.59
CA CYS X 302 6.79 118.51 -64.33
C CYS X 302 7.80 117.45 -63.92
N PHE X 303 8.74 117.11 -64.79
CA PHE X 303 9.74 116.09 -64.46
C PHE X 303 10.78 116.68 -63.50
N PRO X 304 11.17 115.97 -62.44
CA PRO X 304 12.24 116.47 -61.58
C PRO X 304 13.52 116.71 -62.36
N THR X 305 14.25 117.75 -61.97
CA THR X 305 15.40 118.24 -62.73
C THR X 305 16.69 118.02 -61.93
N PHE X 306 17.78 117.74 -62.65
CA PHE X 306 19.11 117.68 -62.07
C PHE X 306 20.01 118.70 -62.78
N LEU X 307 20.82 119.41 -62.00
CA LEU X 307 21.73 120.41 -62.55
C LEU X 307 23.09 119.76 -62.79
N THR X 308 24.08 120.58 -63.14
CA THR X 308 25.45 120.12 -63.32
C THR X 308 26.38 121.02 -62.52
N LEU X 309 27.35 120.42 -61.86
CA LEU X 309 28.25 121.19 -61.00
C LEU X 309 29.18 122.05 -61.85
N PRO X 310 29.40 123.31 -61.47
CA PRO X 310 30.30 124.16 -62.24
C PRO X 310 31.77 123.84 -61.95
N VAL X 311 32.64 124.55 -62.66
CA VAL X 311 34.09 124.36 -62.55
C VAL X 311 34.75 125.71 -62.36
N ASN X 312 35.74 125.76 -61.47
CA ASN X 312 36.55 126.96 -61.26
C ASN X 312 37.74 126.89 -62.22
N THR X 313 37.49 127.33 -63.46
CA THR X 313 38.48 127.24 -64.51
C THR X 313 39.67 128.16 -64.31
N GLY X 314 39.61 129.09 -63.35
CA GLY X 314 40.68 130.05 -63.16
C GLY X 314 41.73 129.57 -62.18
N THR X 315 41.84 130.27 -61.05
CA THR X 315 42.83 129.96 -60.03
C THR X 315 42.14 129.94 -58.68
N PRO X 316 42.70 129.24 -57.70
CA PRO X 316 42.03 129.17 -56.39
C PRO X 316 41.78 130.54 -55.76
N GLU X 317 42.68 131.49 -55.97
CA GLU X 317 42.51 132.82 -55.40
C GLU X 317 41.40 133.62 -56.06
N ASN X 318 40.87 133.14 -57.19
CA ASN X 318 39.80 133.83 -57.91
C ASN X 318 38.81 132.80 -58.43
N PRO X 319 37.77 132.48 -57.65
CA PRO X 319 36.78 131.50 -58.12
C PRO X 319 35.88 132.06 -59.20
N VAL X 320 36.06 131.58 -60.43
CA VAL X 320 35.22 132.04 -61.54
C VAL X 320 33.90 131.29 -61.59
N GLN X 321 33.92 129.96 -61.38
CA GLN X 321 32.71 129.16 -61.34
C GLN X 321 31.95 129.23 -62.66
N THR X 322 32.61 128.78 -63.73
CA THR X 322 31.96 128.73 -65.03
C THR X 322 31.22 127.41 -65.20
N PRO X 323 30.14 127.39 -65.98
CA PRO X 323 29.42 126.12 -66.21
C PRO X 323 30.24 125.16 -67.05
N ALA X 324 29.94 123.87 -66.89
CA ALA X 324 30.66 122.83 -67.61
C ALA X 324 29.78 121.59 -67.70
N PHE X 325 30.27 120.60 -68.43
CA PHE X 325 29.56 119.34 -68.63
C PHE X 325 30.61 118.25 -68.79
N LEU X 326 30.50 117.19 -67.98
CA LEU X 326 31.56 116.19 -67.87
C LEU X 326 30.97 114.79 -67.90
N ALA X 327 31.81 113.84 -68.33
CA ALA X 327 31.42 112.44 -68.34
C ALA X 327 31.06 111.96 -66.95
N GLN X 328 31.72 112.49 -65.91
CA GLN X 328 31.33 112.14 -64.56
C GLN X 328 29.89 112.53 -64.29
N ASP X 329 29.50 113.73 -64.70
CA ASP X 329 28.12 114.17 -64.51
C ASP X 329 27.17 113.30 -65.31
N TRP X 330 27.54 112.94 -66.54
CA TRP X 330 26.66 112.08 -67.34
C TRP X 330 26.45 110.73 -66.66
N ARG X 331 27.53 110.13 -66.17
CA ARG X 331 27.42 108.84 -65.49
C ARG X 331 26.58 108.96 -64.23
N ARG X 332 26.78 110.03 -63.46
CA ARG X 332 26.00 110.21 -62.24
C ARG X 332 24.53 110.38 -62.55
N PHE X 333 24.20 111.11 -63.61
CA PHE X 333 22.80 111.27 -63.99
C PHE X 333 22.20 109.93 -64.42
N VAL X 334 22.89 109.19 -65.29
CA VAL X 334 22.30 107.98 -65.83
C VAL X 334 22.14 106.93 -64.73
N THR X 335 23.06 106.86 -63.77
CA THR X 335 22.97 105.84 -62.73
C THR X 335 22.00 106.20 -61.61
N SER X 336 21.43 107.40 -61.63
CA SER X 336 20.59 107.89 -60.54
C SER X 336 19.11 107.62 -60.75
N PHE X 337 18.72 107.03 -61.88
CA PHE X 337 17.31 106.76 -62.13
C PHE X 337 16.85 105.56 -61.31
N PRO X 338 15.70 105.62 -60.64
CA PRO X 338 15.25 104.47 -59.85
C PRO X 338 15.11 103.22 -60.69
N ALA X 339 15.47 102.07 -60.09
CA ALA X 339 15.40 100.81 -60.81
C ALA X 339 14.03 100.16 -60.73
N GLU X 340 13.10 100.74 -59.94
CA GLU X 340 11.77 100.15 -59.81
C GLU X 340 10.95 100.30 -61.08
N TYR X 341 11.26 101.30 -61.91
CA TYR X 341 10.39 101.71 -63.01
C TYR X 341 10.65 100.95 -64.30
N GLY X 342 11.25 99.76 -64.24
CA GLY X 342 11.35 98.92 -65.41
C GLY X 342 12.34 99.40 -66.44
N ASP X 343 11.94 99.37 -67.72
CA ASP X 343 12.85 99.66 -68.84
C ASP X 343 12.84 101.15 -69.16
N ALA X 344 13.81 101.85 -68.58
CA ALA X 344 13.99 103.27 -68.87
C ALA X 344 14.69 103.45 -70.20
N ARG X 345 14.46 104.61 -70.82
CA ARG X 345 15.15 104.99 -72.04
C ARG X 345 15.46 106.47 -71.98
N SER X 346 16.51 106.89 -72.68
CA SER X 346 16.96 108.27 -72.68
C SER X 346 16.83 108.86 -74.07
N VAL X 347 16.79 110.18 -74.13
CA VAL X 347 16.53 110.92 -75.36
C VAL X 347 17.46 112.12 -75.38
N MET X 348 18.03 112.40 -76.55
CA MET X 348 19.04 113.45 -76.66
C MET X 348 19.14 113.93 -78.11
N HIS X 349 19.83 115.05 -78.28
CA HIS X 349 20.08 115.61 -79.60
C HIS X 349 21.43 115.14 -80.13
N GLN X 350 21.49 114.90 -81.44
CA GLN X 350 22.66 114.25 -82.02
C GLN X 350 23.95 115.00 -81.71
N ASN X 351 23.90 116.32 -81.63
CA ASN X 351 25.07 117.09 -81.24
C ASN X 351 25.52 116.76 -79.82
N VAL X 352 24.59 116.49 -78.91
CA VAL X 352 24.95 116.08 -77.56
C VAL X 352 25.72 114.77 -77.59
N PHE X 353 25.23 113.80 -78.37
CA PHE X 353 25.93 112.53 -78.49
C PHE X 353 27.31 112.71 -79.10
N GLY X 354 27.41 113.56 -80.13
CA GLY X 354 28.70 113.80 -80.73
C GLY X 354 29.69 114.41 -79.76
N TYR X 355 29.24 115.40 -78.98
CA TYR X 355 30.10 116.01 -77.97
C TYR X 355 30.50 114.98 -76.92
N LEU X 356 29.57 114.12 -76.53
CA LEU X 356 29.83 113.15 -75.48
C LEU X 356 30.84 112.09 -75.93
N ALA X 357 30.73 111.62 -77.16
CA ALA X 357 31.55 110.51 -77.63
C ALA X 357 32.98 110.92 -77.97
N ALA X 358 33.29 112.21 -78.00
CA ALA X 358 34.60 112.69 -78.40
C ALA X 358 35.44 113.18 -77.21
N MET X 359 35.08 112.80 -75.99
CA MET X 359 35.86 113.18 -74.82
C MET X 359 37.02 112.22 -74.62
N VAL X 360 38.10 112.72 -74.05
CA VAL X 360 39.32 111.94 -73.85
C VAL X 360 39.80 112.13 -72.42
N ASP X 361 40.62 111.19 -71.96
CA ASP X 361 41.17 111.22 -70.62
C ASP X 361 42.52 111.94 -70.63
N ALA X 362 43.25 111.87 -69.52
CA ALA X 362 44.47 112.64 -69.35
C ALA X 362 45.56 112.23 -70.32
N ASN X 363 45.61 110.95 -70.72
CA ASN X 363 46.71 110.44 -71.53
C ASN X 363 46.33 110.30 -73.00
N GLY X 364 45.25 110.94 -73.44
CA GLY X 364 44.97 111.11 -74.84
C GLY X 364 43.96 110.15 -75.44
N ARG X 365 43.56 109.10 -74.72
CA ARG X 365 42.66 108.12 -75.29
C ARG X 365 41.23 108.36 -74.82
N PHE X 366 40.28 107.87 -75.61
CA PHE X 366 38.87 108.08 -75.32
C PHE X 366 38.48 107.39 -74.02
N LEU X 367 37.25 107.68 -73.57
CA LEU X 367 36.71 107.04 -72.38
C LEU X 367 35.29 106.53 -72.58
N PHE X 368 34.71 106.74 -73.77
CA PHE X 368 33.45 106.12 -74.15
C PHE X 368 33.69 105.37 -75.45
N GLY X 369 33.41 104.07 -75.46
CA GLY X 369 33.78 103.24 -76.59
C GLY X 369 35.28 103.28 -76.79
N ASP X 370 36.02 102.78 -75.80
CA ASP X 370 37.46 103.01 -75.77
C ASP X 370 38.16 102.46 -77.00
N GLY X 371 37.93 101.20 -77.33
CA GLY X 371 38.63 100.53 -78.41
C GLY X 371 37.84 100.32 -79.67
N ASP X 372 36.73 101.03 -79.87
CA ASP X 372 35.84 100.81 -80.99
C ASP X 372 36.23 101.73 -82.14
N LEU X 373 36.44 101.16 -83.32
CA LEU X 373 36.78 101.95 -84.50
C LEU X 373 35.57 102.46 -85.24
N THR X 374 34.36 102.02 -84.88
CA THR X 374 33.16 102.44 -85.58
C THR X 374 32.05 102.87 -84.62
N PHE X 375 32.39 103.57 -83.54
CA PHE X 375 31.39 104.02 -82.59
C PHE X 375 30.36 104.89 -83.29
N SER X 376 29.08 104.61 -83.04
CA SER X 376 27.99 105.26 -83.74
C SER X 376 26.70 104.96 -82.99
N PRO X 377 25.67 105.81 -83.16
CA PRO X 377 24.39 105.54 -82.49
C PRO X 377 23.80 104.17 -82.79
N ASP X 378 24.27 103.48 -83.83
CA ASP X 378 23.76 102.15 -84.11
C ASP X 378 24.01 101.20 -82.95
N LEU X 379 25.13 101.35 -82.26
CA LEU X 379 25.46 100.46 -81.16
C LEU X 379 24.49 100.63 -79.99
N VAL X 380 24.12 101.88 -79.69
CA VAL X 380 23.31 102.17 -78.51
C VAL X 380 21.87 102.47 -78.93
N ARG X 381 21.50 102.05 -80.14
CA ARG X 381 20.16 102.30 -80.64
C ARG X 381 19.08 101.81 -79.68
N GLU X 382 19.42 100.84 -78.82
CA GLU X 382 18.40 100.25 -77.95
C GLU X 382 18.16 101.05 -76.69
N ARG X 383 19.15 101.83 -76.23
CA ARG X 383 19.03 102.56 -74.98
C ARG X 383 18.96 104.07 -75.14
N ILE X 384 19.44 104.62 -76.25
CA ILE X 384 19.46 106.06 -76.48
C ILE X 384 18.73 106.32 -77.78
N ARG X 385 17.80 107.28 -77.76
CA ARG X 385 16.96 107.63 -78.90
C ARG X 385 17.34 109.04 -79.34
N ILE X 386 18.10 109.12 -80.44
CA ILE X 386 18.58 110.41 -80.90
C ILE X 386 17.56 111.02 -81.85
N SER X 387 17.14 112.25 -81.56
CA SER X 387 16.26 113.00 -82.44
C SER X 387 16.73 114.45 -82.50
N ASN X 388 16.62 115.05 -83.67
CA ASN X 388 17.16 116.38 -83.91
C ASN X 388 16.16 117.49 -83.67
N CYS X 389 14.94 117.18 -83.24
CA CYS X 389 13.94 118.20 -82.97
C CYS X 389 14.06 118.80 -81.57
N LEU X 390 14.96 118.29 -80.73
CA LEU X 390 15.09 118.75 -79.37
C LEU X 390 15.98 119.99 -79.29
N PRO X 391 15.92 120.73 -78.19
CA PRO X 391 16.86 121.83 -77.99
C PRO X 391 18.29 121.32 -77.98
N ASP X 392 19.19 122.12 -78.56
CA ASP X 392 20.60 121.74 -78.68
C ASP X 392 21.43 122.67 -77.82
N PRO X 393 22.03 122.20 -76.72
CA PRO X 393 22.86 123.10 -75.90
C PRO X 393 24.06 123.68 -76.66
N THR X 394 24.63 122.93 -77.60
CA THR X 394 25.80 123.40 -78.33
C THR X 394 25.45 124.42 -79.42
N GLU X 395 24.21 124.44 -79.89
CA GLU X 395 23.81 125.38 -80.94
C GLU X 395 24.73 125.30 -82.14
N GLY X 396 24.71 124.15 -82.83
CA GLY X 396 25.54 123.97 -84.00
C GLY X 396 27.02 123.92 -83.69
N ASN X 397 27.40 123.32 -82.58
CA ASN X 397 28.80 123.10 -82.24
C ASN X 397 29.57 124.42 -82.10
N THR X 398 28.85 125.51 -81.78
CA THR X 398 29.49 126.80 -81.61
C THR X 398 29.83 127.12 -80.16
N LYS X 399 29.51 126.22 -79.23
CA LYS X 399 29.78 126.44 -77.81
C LYS X 399 30.24 125.14 -77.15
N GLY X 400 30.99 125.29 -76.06
CA GLY X 400 31.41 124.16 -75.26
C GLY X 400 32.73 123.55 -75.65
N GLY X 401 33.25 123.86 -76.82
CA GLY X 401 34.51 123.28 -77.26
C GLY X 401 35.71 124.03 -76.71
N THR X 402 36.88 123.62 -77.18
CA THR X 402 38.12 124.27 -76.78
C THR X 402 38.28 125.60 -77.50
N GLY X 403 38.46 126.67 -76.74
CA GLY X 403 38.58 128.00 -77.30
C GLY X 403 37.28 128.69 -77.59
N GLN X 404 36.15 127.98 -77.51
CA GLN X 404 34.85 128.57 -77.78
C GLN X 404 34.22 129.07 -76.48
N ASP X 405 33.19 129.90 -76.62
CA ASP X 405 32.45 130.37 -75.46
C ASP X 405 31.72 129.21 -74.79
N ALA X 406 31.60 129.31 -73.46
CA ALA X 406 31.03 128.22 -72.68
C ALA X 406 29.52 128.13 -72.90
N PHE X 407 28.92 127.09 -72.33
CA PHE X 407 27.48 126.89 -72.43
C PHE X 407 26.74 128.02 -71.73
N ALA X 408 25.41 127.99 -71.88
CA ALA X 408 24.53 128.92 -71.18
C ALA X 408 23.77 128.18 -70.10
N ALA X 409 23.77 128.72 -68.89
CA ALA X 409 23.15 128.04 -67.76
C ALA X 409 21.66 127.86 -68.00
N GLY X 410 21.13 126.73 -67.52
CA GLY X 410 19.73 126.41 -67.66
C GLY X 410 19.35 125.72 -68.95
N SER X 411 20.32 125.36 -69.79
CA SER X 411 20.01 124.73 -71.07
C SER X 411 19.60 123.27 -70.88
N PHE X 412 18.86 122.76 -71.85
CA PHE X 412 18.41 121.37 -71.83
C PHE X 412 19.46 120.48 -72.49
N ILE X 413 19.69 119.32 -71.89
CA ILE X 413 20.73 118.39 -72.34
C ILE X 413 20.15 117.04 -72.74
N ALA X 414 19.51 116.34 -71.81
CA ALA X 414 18.94 115.04 -72.10
C ALA X 414 17.87 114.72 -71.07
N ALA X 415 16.96 113.82 -71.45
CA ALA X 415 15.84 113.43 -70.61
C ALA X 415 15.71 111.92 -70.59
N GLN X 416 15.40 111.39 -69.42
CA GLN X 416 15.19 109.96 -69.23
C GLN X 416 13.88 109.72 -68.51
N ALA X 417 13.21 108.63 -68.85
CA ALA X 417 11.94 108.29 -68.22
C ALA X 417 11.51 106.91 -68.70
N ALA X 418 10.56 106.33 -67.97
CA ALA X 418 10.00 105.03 -68.33
C ALA X 418 8.71 105.28 -69.11
N TRP X 419 8.88 105.69 -70.36
CA TRP X 419 7.73 106.02 -71.20
C TRP X 419 6.81 104.82 -71.32
N LYS X 420 5.63 105.08 -71.88
CA LYS X 420 4.44 104.23 -71.84
C LYS X 420 3.74 104.36 -70.49
N THR X 421 4.32 105.07 -69.53
CA THR X 421 3.62 105.47 -68.31
C THR X 421 3.85 106.93 -67.94
N ALA X 422 4.90 107.57 -68.47
CA ALA X 422 5.11 108.99 -68.19
C ALA X 422 4.33 109.88 -69.14
N TYR X 423 3.97 109.38 -70.32
CA TYR X 423 3.25 110.19 -71.30
C TYR X 423 2.39 109.27 -72.16
N TYR X 424 1.21 109.77 -72.52
CA TYR X 424 0.26 109.04 -73.35
C TYR X 424 -0.05 109.84 -74.61
N ALA X 425 -0.37 109.13 -75.68
CA ALA X 425 -0.75 109.73 -76.96
C ALA X 425 -2.05 109.11 -77.42
N VAL X 426 -3.00 109.97 -77.81
CA VAL X 426 -4.35 109.54 -78.15
C VAL X 426 -4.73 110.10 -79.51
N GLU X 427 -5.36 109.26 -80.34
CA GLU X 427 -5.86 109.67 -81.64
C GLU X 427 -7.34 109.33 -81.72
N LYS X 428 -8.11 110.19 -82.36
CA LYS X 428 -9.56 110.07 -82.42
C LYS X 428 -10.07 109.57 -83.76
N ARG X 429 -9.57 110.11 -84.87
CA ARG X 429 -10.00 109.67 -86.20
C ARG X 429 -8.86 109.91 -87.18
N PRO X 430 -8.79 109.14 -88.26
CA PRO X 430 -7.79 109.40 -89.28
C PRO X 430 -8.19 110.56 -90.17
N MET X 431 -7.22 111.02 -90.97
CA MET X 431 -7.45 112.14 -91.88
C MET X 431 -8.59 111.82 -92.84
N PHE X 432 -9.43 112.81 -93.09
CA PHE X 432 -10.54 112.70 -94.02
C PHE X 432 -10.48 113.84 -95.03
N PHE X 433 -10.90 113.55 -96.26
CA PHE X 433 -10.88 114.53 -97.33
C PHE X 433 -12.27 114.63 -97.95
N GLU X 434 -12.76 115.86 -98.07
CA GLU X 434 -14.10 116.11 -98.60
C GLU X 434 -14.03 117.20 -99.66
N GLN X 435 -14.91 117.09 -100.66
CA GLN X 435 -15.00 118.09 -101.71
C GLN X 435 -15.98 119.18 -101.28
N TYR X 436 -15.60 120.44 -101.53
CA TYR X 436 -16.39 121.58 -101.08
C TYR X 436 -17.29 122.04 -102.22
N GLU X 437 -18.60 122.00 -102.01
CA GLU X 437 -19.55 122.36 -103.05
C GLU X 437 -19.67 123.87 -103.26
N GLY X 438 -19.25 124.67 -102.28
CA GLY X 438 -19.40 126.11 -102.41
C GLY X 438 -18.37 126.76 -103.30
N GLY X 439 -17.17 126.18 -103.38
CA GLY X 439 -16.12 126.74 -104.21
C GLY X 439 -15.92 125.97 -105.50
N SER X 440 -16.55 124.81 -105.60
CA SER X 440 -16.40 123.96 -106.77
C SER X 440 -17.30 124.46 -107.91
N SER X 441 -16.85 124.20 -109.13
CA SER X 441 -17.62 124.49 -110.33
C SER X 441 -17.48 123.31 -111.28
N ALA X 442 -17.94 123.50 -112.51
CA ALA X 442 -17.62 122.54 -113.57
C ALA X 442 -16.23 122.74 -114.13
N TRP X 443 -15.55 123.83 -113.75
CA TRP X 443 -14.21 124.15 -114.23
C TRP X 443 -13.16 124.10 -113.13
N CYS X 444 -13.52 123.73 -111.91
CA CYS X 444 -12.61 123.85 -110.78
C CYS X 444 -13.00 122.86 -109.69
N VAL X 445 -12.18 122.81 -108.64
CA VAL X 445 -12.38 121.92 -107.51
C VAL X 445 -11.76 122.54 -106.26
N LYS X 446 -12.31 122.20 -105.10
CA LYS X 446 -11.78 122.65 -103.82
C LYS X 446 -11.92 121.51 -102.81
N TYR X 447 -10.82 121.18 -102.12
CA TYR X 447 -10.78 120.05 -101.20
C TYR X 447 -10.57 120.55 -99.77
N GLN X 448 -11.23 119.87 -98.83
CA GLN X 448 -11.09 120.16 -97.41
C GLN X 448 -10.61 118.91 -96.68
N PHE X 449 -9.79 119.09 -95.66
CA PHE X 449 -9.24 117.97 -94.91
C PHE X 449 -9.02 118.38 -93.46
N GLY X 450 -8.98 117.38 -92.59
CA GLY X 450 -8.72 117.62 -91.19
C GLY X 450 -8.57 116.32 -90.43
N ALA X 451 -8.10 116.44 -89.19
CA ALA X 451 -7.89 115.29 -88.33
C ALA X 451 -7.87 115.75 -86.88
N GLU X 452 -7.98 114.78 -85.97
CA GLU X 452 -8.06 115.06 -84.53
C GLU X 452 -7.09 114.17 -83.78
N ASP X 453 -6.59 114.66 -82.65
CA ASP X 453 -5.66 113.90 -81.82
C ASP X 453 -5.37 114.71 -80.57
N GLY X 454 -4.65 114.09 -79.63
CA GLY X 454 -4.31 114.75 -78.39
C GLY X 454 -3.28 113.97 -77.61
N GLY X 455 -2.93 114.50 -76.44
CA GLY X 455 -1.96 113.86 -75.58
C GLY X 455 -1.89 114.51 -74.20
N PHE X 456 -1.61 113.71 -73.17
CA PHE X 456 -1.60 114.20 -71.80
C PHE X 456 -0.54 113.47 -71.00
N VAL X 457 0.15 114.21 -70.13
CA VAL X 457 1.18 113.63 -69.30
C VAL X 457 0.56 112.66 -68.30
N GLY X 458 1.32 111.62 -67.94
CA GLY X 458 0.83 110.64 -67.00
C GLY X 458 1.41 110.81 -65.61
N CYS X 459 2.41 110.00 -65.27
CA CYS X 459 3.06 110.09 -63.98
C CYS X 459 4.20 111.11 -64.03
N CYS X 460 4.22 112.00 -63.03
CA CYS X 460 5.29 112.98 -62.95
C CYS X 460 6.54 112.42 -62.30
N GLU X 461 6.45 111.26 -61.65
CA GLU X 461 7.60 110.69 -60.96
C GLU X 461 8.36 109.68 -61.80
N HIS X 462 7.96 109.48 -63.06
CA HIS X 462 8.55 108.46 -63.91
C HIS X 462 9.63 108.99 -64.84
N GLY X 463 10.01 110.26 -64.71
CA GLY X 463 11.00 110.85 -65.58
C GLY X 463 11.89 111.83 -64.84
N ARG X 464 13.03 112.14 -65.47
CA ARG X 464 13.95 113.13 -64.96
C ARG X 464 14.54 113.91 -66.13
N VAL X 465 15.04 115.11 -65.83
CA VAL X 465 15.60 116.00 -66.84
C VAL X 465 16.94 116.53 -66.33
N LEU X 466 17.93 116.59 -67.20
CA LEU X 466 19.23 117.13 -66.89
C LEU X 466 19.40 118.49 -67.55
N ARG X 467 20.06 119.41 -66.85
CA ARG X 467 20.26 120.75 -67.36
C ARG X 467 21.60 121.29 -66.87
N ILE X 468 22.10 122.29 -67.58
CA ILE X 468 23.37 122.91 -67.21
C ILE X 468 23.15 123.85 -66.04
N GLY X 469 24.14 123.92 -65.16
CA GLY X 469 24.06 124.78 -63.99
C GLY X 469 25.43 125.09 -63.42
N PHE Y 165 65.19 48.69 -120.73
CA PHE Y 165 64.55 49.97 -121.19
C PHE Y 165 64.34 50.92 -120.01
N GLU Y 166 65.35 51.73 -119.73
CA GLU Y 166 65.32 52.62 -118.58
C GLU Y 166 64.76 53.98 -118.96
N ALA Y 167 64.09 54.62 -118.00
CA ALA Y 167 63.54 55.95 -118.22
C ALA Y 167 64.66 56.95 -118.49
N SER Y 168 65.81 56.78 -117.86
CA SER Y 168 66.97 57.63 -118.12
C SER Y 168 67.70 57.25 -119.38
N THR Y 169 67.12 56.42 -120.24
CA THR Y 169 67.76 56.01 -121.48
C THR Y 169 66.85 56.11 -122.69
N ILE Y 170 65.53 56.00 -122.52
CA ILE Y 170 64.66 55.86 -123.68
C ILE Y 170 64.08 57.18 -124.20
N GLY Y 171 63.82 58.16 -123.34
CA GLY Y 171 63.32 59.44 -123.80
C GLY Y 171 61.90 59.72 -123.35
N PRO Y 172 61.49 60.99 -123.44
CA PRO Y 172 60.21 61.40 -122.82
C PRO Y 172 58.98 61.01 -123.62
N ALA Y 173 59.09 60.79 -124.93
CA ALA Y 173 57.89 60.56 -125.74
C ALA Y 173 57.14 59.30 -125.33
N PHE Y 174 57.78 58.39 -124.60
CA PHE Y 174 57.10 57.16 -124.21
C PHE Y 174 56.14 57.39 -123.05
N PHE Y 175 56.40 58.40 -122.22
CA PHE Y 175 55.61 58.67 -121.02
C PHE Y 175 54.74 59.90 -121.25
N THR Y 176 53.44 59.76 -120.99
CA THR Y 176 52.49 60.86 -121.13
C THR Y 176 52.03 61.31 -119.75
N PRO Y 177 52.18 62.57 -119.38
CA PRO Y 177 51.83 62.99 -118.02
C PRO Y 177 50.33 63.09 -117.78
N GLN Y 178 49.98 63.01 -116.50
CA GLN Y 178 48.59 63.15 -116.08
C GLN Y 178 48.16 64.61 -116.21
N VAL Y 179 46.96 64.84 -116.71
CA VAL Y 179 46.46 66.20 -116.90
C VAL Y 179 45.60 66.59 -115.71
N LEU Y 180 46.04 67.58 -114.96
CA LEU Y 180 45.23 68.12 -113.88
C LEU Y 180 44.15 69.03 -114.44
N ALA Y 181 43.30 69.53 -113.55
CA ALA Y 181 42.19 70.39 -113.96
C ALA Y 181 42.34 71.82 -113.46
N LEU Y 182 43.14 72.05 -112.42
CA LEU Y 182 43.21 73.37 -111.82
C LEU Y 182 43.88 74.37 -112.76
N GLU Y 183 43.54 75.64 -112.59
CA GLU Y 183 44.19 76.75 -113.27
C GLU Y 183 44.66 77.75 -112.22
N VAL Y 184 45.91 78.17 -112.32
CA VAL Y 184 46.53 79.04 -111.33
C VAL Y 184 46.58 80.46 -111.89
N ASP Y 185 45.94 81.38 -111.17
CA ASP Y 185 45.93 82.79 -111.56
C ASP Y 185 46.27 83.63 -110.34
N CYS Y 186 47.18 84.59 -110.52
CA CYS Y 186 47.66 85.43 -109.43
C CYS Y 186 47.64 86.90 -109.86
N ASN Y 187 46.52 87.34 -110.41
CA ASN Y 187 46.39 88.69 -110.93
C ASN Y 187 45.60 89.56 -109.95
N ILE Y 188 46.01 90.82 -109.83
CA ILE Y 188 45.37 91.74 -108.91
C ILE Y 188 44.05 92.23 -109.47
N GLU Y 189 43.07 92.43 -108.59
CA GLU Y 189 41.76 92.94 -108.99
C GLU Y 189 41.15 93.65 -107.79
N CYS Y 190 41.17 94.98 -107.82
CA CYS Y 190 40.69 95.77 -106.70
C CYS Y 190 39.24 95.43 -106.40
N ALA Y 191 38.92 95.38 -105.10
CA ALA Y 191 37.56 95.07 -104.69
C ALA Y 191 36.58 96.09 -105.24
N SER Y 192 35.45 95.62 -105.75
CA SER Y 192 34.48 96.51 -106.38
C SER Y 192 33.39 96.91 -105.40
N LEU Y 193 32.79 98.07 -105.66
CA LEU Y 193 31.68 98.58 -104.87
C LEU Y 193 30.34 98.42 -105.59
N LEU Y 194 30.30 97.66 -106.68
CA LEU Y 194 29.10 97.59 -107.51
C LEU Y 194 27.88 97.10 -106.75
N ASP Y 195 28.07 96.36 -105.66
CA ASP Y 195 26.93 95.85 -104.91
C ASP Y 195 26.43 96.82 -103.86
N LEU Y 196 26.99 98.03 -103.80
CA LEU Y 196 26.51 99.04 -102.85
C LEU Y 196 25.52 99.99 -103.50
N TYR Y 197 25.61 100.20 -104.80
CA TYR Y 197 24.92 101.29 -105.47
C TYR Y 197 23.44 101.05 -105.71
N GLY Y 198 22.82 99.95 -105.31
CA GLY Y 198 21.39 99.80 -105.52
C GLY Y 198 21.02 99.94 -106.99
N GLN Y 199 21.48 99.00 -107.80
CA GLN Y 199 21.36 99.12 -109.25
C GLN Y 199 19.92 98.91 -109.71
N ILE Y 200 19.63 99.46 -110.89
CA ILE Y 200 18.36 99.29 -111.57
C ILE Y 200 18.66 98.74 -112.96
N GLU Y 201 17.59 98.38 -113.67
CA GLU Y 201 17.71 97.78 -114.99
C GLU Y 201 16.71 98.40 -115.95
N VAL Y 202 17.17 98.67 -117.18
CA VAL Y 202 16.35 99.28 -118.21
C VAL Y 202 16.45 98.44 -119.48
N SER Y 203 15.65 98.81 -120.47
CA SER Y 203 15.63 98.12 -121.75
C SER Y 203 15.68 99.08 -122.93
N ARG Y 204 16.04 100.34 -122.70
CA ARG Y 204 16.14 101.32 -123.77
C ARG Y 204 17.29 102.26 -123.47
N SER Y 205 17.82 102.89 -124.53
CA SER Y 205 19.02 103.69 -124.37
C SER Y 205 18.82 104.88 -123.44
N THR Y 206 17.60 105.43 -123.40
CA THR Y 206 17.29 106.58 -122.58
C THR Y 206 16.17 106.23 -121.61
N PHE Y 207 16.22 106.80 -120.41
CA PHE Y 207 15.23 106.54 -119.38
C PHE Y 207 14.87 107.84 -118.69
N THR Y 208 13.88 107.78 -117.80
CA THR Y 208 13.30 108.96 -117.18
C THR Y 208 12.81 108.64 -115.79
N TYR Y 209 12.84 109.64 -114.90
CA TYR Y 209 12.38 109.46 -113.53
C TYR Y 209 12.03 110.83 -112.95
N MET Y 210 11.30 110.81 -111.83
CA MET Y 210 10.83 112.01 -111.15
C MET Y 210 11.61 112.22 -109.87
N LYS Y 211 11.66 113.47 -109.41
CA LYS Y 211 12.32 113.85 -108.17
C LYS Y 211 11.42 114.79 -107.39
N ILE Y 212 11.20 114.49 -106.12
CA ILE Y 212 10.31 115.30 -105.26
C ILE Y 212 11.22 116.34 -104.60
N ALA Y 213 11.30 117.50 -105.23
CA ALA Y 213 12.19 118.55 -104.72
C ALA Y 213 11.77 119.05 -103.36
N ASP Y 214 10.47 119.27 -103.14
CA ASP Y 214 10.02 119.90 -101.91
C ASP Y 214 8.59 119.46 -101.58
N TYR Y 215 8.31 119.41 -100.28
CA TYR Y 215 6.95 119.25 -99.77
C TYR Y 215 6.45 120.58 -99.24
N GLY Y 216 5.18 120.88 -99.48
CA GLY Y 216 4.59 122.10 -98.98
C GLY Y 216 4.20 121.98 -97.52
N GLN Y 217 3.66 123.08 -97.00
CA GLN Y 217 3.10 123.13 -95.66
C GLN Y 217 1.59 123.27 -95.78
N LEU Y 218 0.85 122.31 -95.22
CA LEU Y 218 -0.60 122.26 -95.36
C LEU Y 218 -1.24 122.14 -93.98
N GLY Y 219 -2.18 123.03 -93.70
CA GLY Y 219 -2.98 122.93 -92.49
C GLY Y 219 -2.31 123.45 -91.24
N GLU Y 220 -3.05 123.48 -90.13
CA GLU Y 220 -2.51 123.91 -88.85
C GLU Y 220 -3.53 123.57 -87.77
N TYR Y 221 -3.11 123.74 -86.52
CA TYR Y 221 -4.01 123.52 -85.40
C TYR Y 221 -4.90 124.75 -85.22
N THR Y 222 -6.20 124.57 -85.40
CA THR Y 222 -7.15 125.67 -85.37
C THR Y 222 -8.20 125.43 -84.30
N CYS Y 223 -8.79 126.52 -83.83
CA CYS Y 223 -9.82 126.45 -82.80
C CYS Y 223 -11.04 125.69 -83.31
N ASP Y 224 -11.68 124.96 -82.42
CA ASP Y 224 -12.84 124.16 -82.79
C ASP Y 224 -14.09 125.00 -83.02
N ALA Y 225 -14.05 126.29 -82.68
CA ALA Y 225 -15.26 127.10 -82.65
C ALA Y 225 -15.64 127.67 -84.01
N LYS Y 226 -14.74 127.65 -84.99
CA LYS Y 226 -14.96 128.31 -86.27
C LYS Y 226 -15.05 127.29 -87.39
N CYS Y 227 -15.63 127.73 -88.51
CA CYS Y 227 -16.08 126.82 -89.56
C CYS Y 227 -15.26 126.92 -90.84
N ASP Y 228 -14.10 127.56 -90.83
CA ASP Y 228 -13.33 127.72 -92.06
C ASP Y 228 -11.88 127.30 -91.91
N ALA Y 229 -11.10 127.41 -92.99
CA ALA Y 229 -9.69 127.05 -92.98
C ALA Y 229 -8.96 127.99 -93.94
N GLU Y 230 -7.65 127.80 -94.06
CA GLU Y 230 -6.81 128.68 -94.85
C GLU Y 230 -5.83 127.87 -95.69
N PHE Y 231 -5.30 128.52 -96.72
CA PHE Y 231 -4.44 127.87 -97.69
C PHE Y 231 -3.00 127.80 -97.20
N GLY Y 232 -2.22 126.92 -97.82
CA GLY Y 232 -0.80 126.82 -97.57
C GLY Y 232 0.00 126.76 -98.87
N GLU Y 233 1.27 127.13 -98.82
CA GLU Y 233 2.07 127.17 -100.03
C GLU Y 233 2.27 125.76 -100.57
N PRO Y 234 2.46 125.60 -101.89
CA PRO Y 234 2.54 124.27 -102.46
C PRO Y 234 3.97 123.74 -102.51
N GLY Y 235 4.07 122.47 -102.91
CA GLY Y 235 5.36 121.82 -103.02
C GLY Y 235 6.02 122.11 -104.36
N ASN Y 236 6.91 121.20 -104.74
CA ASN Y 236 7.66 121.34 -105.99
C ASN Y 236 8.18 119.97 -106.38
N ILE Y 237 7.68 119.45 -107.50
CA ILE Y 237 8.11 118.17 -108.05
C ILE Y 237 8.59 118.40 -109.48
N ARG Y 238 9.78 117.90 -109.80
CA ARG Y 238 10.42 118.20 -111.06
C ARG Y 238 10.83 116.92 -111.78
N HIS Y 239 11.39 117.08 -112.97
CA HIS Y 239 11.61 115.99 -113.91
C HIS Y 239 13.11 115.81 -114.15
N LEU Y 240 13.53 114.57 -114.42
CA LEU Y 240 14.93 114.25 -114.64
C LEU Y 240 15.07 113.14 -115.66
N GLU Y 241 16.25 113.08 -116.28
CA GLU Y 241 16.52 112.11 -117.34
C GLU Y 241 17.98 111.67 -117.27
N GLY Y 242 18.26 110.55 -117.94
CA GLY Y 242 19.62 110.05 -118.04
C GLY Y 242 19.77 109.22 -119.30
N LYS Y 243 21.01 108.88 -119.61
CA LYS Y 243 21.34 108.12 -120.80
C LYS Y 243 22.38 107.05 -120.49
N THR Y 244 22.64 106.21 -121.49
CA THR Y 244 23.48 105.02 -121.34
C THR Y 244 24.65 105.07 -122.33
N TYR Y 245 25.79 104.57 -121.89
CA TYR Y 245 27.01 104.53 -122.69
C TYR Y 245 27.30 103.10 -123.14
N ASP Y 246 28.31 102.96 -124.00
CA ASP Y 246 28.59 101.68 -124.63
C ASP Y 246 30.09 101.37 -124.63
N TYR Y 247 30.41 100.10 -124.39
CA TYR Y 247 31.78 99.60 -124.36
C TYR Y 247 31.99 98.72 -125.58
N ARG Y 248 33.16 98.83 -126.22
CA ARG Y 248 33.34 98.28 -127.55
C ARG Y 248 34.78 97.82 -127.76
N GLY Y 249 34.95 96.81 -128.60
CA GLY Y 249 36.27 96.27 -128.89
C GLY Y 249 36.21 95.18 -129.94
N VAL Y 250 37.38 94.62 -130.25
CA VAL Y 250 37.53 93.62 -131.30
C VAL Y 250 38.77 92.78 -131.04
N PHE Y 251 38.74 91.53 -131.53
CA PHE Y 251 39.90 90.64 -131.49
C PHE Y 251 39.81 89.65 -132.65
N CYS Y 252 40.93 88.99 -132.93
CA CYS Y 252 41.09 88.22 -134.15
C CYS Y 252 41.71 86.86 -133.84
N PHE Y 253 41.54 85.91 -134.78
CA PHE Y 253 42.03 84.55 -134.62
C PHE Y 253 42.46 83.97 -135.96
N ASN Y 254 43.19 82.87 -135.88
CA ASN Y 254 43.48 82.03 -137.05
C ASN Y 254 42.73 80.72 -136.92
N ARG Y 255 42.06 80.29 -138.00
CA ARG Y 255 41.11 79.19 -137.88
C ARG Y 255 41.80 77.88 -137.53
N LYS Y 256 42.90 77.53 -138.23
CA LYS Y 256 43.53 76.25 -137.98
C LYS Y 256 44.13 76.19 -136.58
N ASN Y 257 44.84 77.24 -136.17
CA ASN Y 257 45.42 77.27 -134.83
C ASN Y 257 44.33 77.19 -133.77
N LEU Y 258 43.24 77.94 -133.97
CA LEU Y 258 42.16 77.94 -133.00
C LEU Y 258 41.50 76.56 -132.89
N GLN Y 259 41.30 75.90 -134.03
CA GLN Y 259 40.59 74.63 -134.03
C GLN Y 259 41.45 73.49 -133.49
N GLU Y 260 42.71 73.42 -133.89
CA GLU Y 260 43.54 72.27 -133.54
C GLU Y 260 44.17 72.37 -132.16
N ALA Y 261 44.02 73.49 -131.47
CA ALA Y 261 44.60 73.63 -130.14
C ALA Y 261 43.85 72.77 -129.13
N ASN Y 262 44.53 72.43 -128.04
CA ASN Y 262 43.95 71.64 -126.96
C ASN Y 262 43.40 72.50 -125.83
N TYR Y 263 43.18 73.79 -126.07
CA TYR Y 263 42.66 74.70 -125.07
C TYR Y 263 41.61 75.59 -125.72
N ASP Y 264 40.70 76.13 -124.89
CA ASP Y 264 39.56 76.90 -125.39
C ASP Y 264 39.91 78.39 -125.37
N PHE Y 265 40.65 78.80 -126.41
CA PHE Y 265 41.10 80.18 -126.50
C PHE Y 265 39.92 81.14 -126.67
N LEU Y 266 38.89 80.72 -127.40
CA LEU Y 266 37.73 81.59 -127.58
C LEU Y 266 37.06 81.89 -126.25
N SER Y 267 36.85 80.85 -125.42
CA SER Y 267 36.28 81.07 -124.10
C SER Y 267 37.20 81.91 -123.24
N PHE Y 268 38.52 81.68 -123.33
CA PHE Y 268 39.44 82.49 -122.55
C PHE Y 268 39.32 83.97 -122.91
N MET Y 269 39.22 84.27 -124.21
CA MET Y 269 39.13 85.66 -124.62
C MET Y 269 37.78 86.27 -124.24
N ILE Y 270 36.70 85.48 -124.30
CA ILE Y 270 35.42 85.99 -123.82
C ILE Y 270 35.52 86.37 -122.35
N GLY Y 271 36.11 85.50 -121.55
CA GLY Y 271 36.29 85.81 -120.13
C GLY Y 271 37.16 87.03 -119.91
N ALA Y 272 38.23 87.16 -120.68
CA ALA Y 272 39.11 88.32 -120.53
C ALA Y 272 38.38 89.61 -120.88
N ALA Y 273 37.60 89.61 -121.95
CA ALA Y 273 36.85 90.80 -122.32
C ALA Y 273 35.85 91.17 -121.23
N GLN Y 274 35.15 90.18 -120.67
CA GLN Y 274 34.21 90.47 -119.60
C GLN Y 274 34.92 91.03 -118.37
N ARG Y 275 36.07 90.46 -118.02
CA ARG Y 275 36.83 90.97 -116.87
C ARG Y 275 37.25 92.42 -117.10
N SER Y 276 37.74 92.73 -118.30
CA SER Y 276 38.13 94.10 -118.59
C SER Y 276 36.93 95.04 -118.50
N HIS Y 277 35.78 94.60 -118.99
CA HIS Y 277 34.58 95.43 -118.88
C HIS Y 277 34.24 95.71 -117.42
N ARG Y 278 34.29 94.68 -116.57
CA ARG Y 278 33.98 94.89 -115.16
C ARG Y 278 34.95 95.87 -114.51
N ILE Y 279 36.25 95.71 -114.78
CA ILE Y 279 37.23 96.61 -114.17
C ILE Y 279 37.00 98.04 -114.62
N ASN Y 280 36.80 98.23 -115.93
CA ASN Y 280 36.60 99.59 -116.44
C ASN Y 280 35.32 100.20 -115.89
N ARG Y 281 34.25 99.42 -115.77
CA ARG Y 281 33.01 99.92 -115.21
C ARG Y 281 33.21 100.35 -113.76
N ASN Y 282 33.91 99.53 -112.97
CA ASN Y 282 34.13 99.88 -111.58
C ASN Y 282 34.93 101.17 -111.45
N ARG Y 283 35.95 101.34 -112.30
CA ARG Y 283 36.71 102.59 -112.26
C ARG Y 283 35.84 103.77 -112.69
N ALA Y 284 35.06 103.60 -113.75
CA ALA Y 284 34.31 104.72 -114.31
C ALA Y 284 33.24 105.22 -113.34
N LEU Y 285 32.52 104.30 -112.71
CA LEU Y 285 31.49 104.73 -111.75
C LEU Y 285 32.08 105.43 -110.55
N MET Y 286 33.40 105.35 -110.34
CA MET Y 286 34.06 106.02 -109.24
C MET Y 286 34.64 107.38 -109.64
N VAL Y 287 35.37 107.45 -110.77
CA VAL Y 287 36.05 108.68 -111.13
C VAL Y 287 35.77 109.05 -112.59
N GLY Y 288 34.84 108.35 -113.23
CA GLY Y 288 34.57 108.62 -114.64
C GLY Y 288 34.01 110.02 -114.85
N ASP Y 289 34.21 110.52 -116.06
CA ASP Y 289 33.68 111.81 -116.49
C ASP Y 289 32.56 111.59 -117.49
N GLY Y 290 31.55 112.45 -117.46
CA GLY Y 290 30.32 112.19 -118.17
C GLY Y 290 30.32 112.51 -119.65
N ILE Y 291 31.50 112.57 -120.28
CA ILE Y 291 31.53 112.86 -121.71
C ILE Y 291 31.38 111.58 -122.53
N ASN Y 292 32.12 110.53 -122.18
CA ASN Y 292 31.96 109.23 -122.83
C ASN Y 292 31.76 108.15 -121.79
N GLU Y 293 32.43 108.28 -120.66
CA GLU Y 293 32.25 107.38 -119.54
C GLU Y 293 31.10 107.86 -118.66
N PRO Y 294 30.56 106.99 -117.81
CA PRO Y 294 29.65 107.47 -116.77
C PRO Y 294 30.33 108.50 -115.88
N LYS Y 295 29.57 109.18 -115.02
CA LYS Y 295 30.13 110.20 -114.14
C LYS Y 295 30.21 109.67 -112.72
N GLY Y 296 31.42 109.66 -112.17
CA GLY Y 296 31.64 109.14 -110.83
C GLY Y 296 31.28 110.17 -109.77
N TRP Y 297 30.83 109.68 -108.62
CA TRP Y 297 30.47 110.58 -107.53
C TRP Y 297 31.68 111.35 -107.03
N LEU Y 298 32.84 110.70 -106.92
CA LEU Y 298 34.04 111.38 -106.47
C LEU Y 298 34.48 112.47 -107.44
N LYS Y 299 34.17 112.33 -108.72
CA LYS Y 299 34.51 113.37 -109.70
C LYS Y 299 33.47 114.49 -109.71
N GLU Y 300 32.19 114.14 -109.58
CA GLU Y 300 31.15 115.16 -109.51
C GLU Y 300 31.33 116.04 -108.28
N ASP Y 301 31.69 115.45 -107.14
CA ASP Y 301 32.02 116.20 -105.94
C ASP Y 301 30.82 116.98 -105.40
N CYS Y 302 29.71 116.29 -105.19
CA CYS Y 302 28.52 116.92 -104.62
C CYS Y 302 28.34 116.62 -103.14
N PHE Y 303 29.05 115.65 -102.60
CA PHE Y 303 28.93 115.32 -101.18
C PHE Y 303 29.61 116.41 -100.35
N PRO Y 304 28.94 116.92 -99.31
CA PRO Y 304 29.59 117.92 -98.45
C PRO Y 304 30.88 117.37 -97.84
N THR Y 305 31.86 118.26 -97.70
CA THR Y 305 33.22 117.87 -97.33
C THR Y 305 33.59 118.44 -95.97
N PHE Y 306 34.35 117.67 -95.19
CA PHE Y 306 34.94 118.13 -93.95
C PHE Y 306 36.45 118.23 -94.13
N LEU Y 307 37.06 119.27 -93.55
CA LEU Y 307 38.47 119.57 -93.75
C LEU Y 307 39.20 119.44 -92.42
N THR Y 308 40.06 118.42 -92.31
CA THR Y 308 40.71 118.12 -91.04
C THR Y 308 41.48 119.33 -90.54
N LEU Y 309 41.42 119.54 -89.23
CA LEU Y 309 42.07 120.69 -88.61
C LEU Y 309 43.59 120.51 -88.64
N PRO Y 310 44.35 121.60 -88.75
CA PRO Y 310 45.82 121.49 -88.75
C PRO Y 310 46.35 121.43 -87.32
N VAL Y 311 47.68 121.42 -87.21
CA VAL Y 311 48.36 121.37 -85.92
C VAL Y 311 49.64 122.19 -86.01
N ASN Y 312 49.96 122.89 -84.92
CA ASN Y 312 51.21 123.66 -84.84
C ASN Y 312 52.28 122.77 -84.23
N THR Y 313 53.24 122.35 -85.06
CA THR Y 313 54.29 121.44 -84.62
C THR Y 313 55.49 122.16 -84.02
N GLY Y 314 55.51 123.49 -84.03
CA GLY Y 314 56.67 124.22 -83.56
C GLY Y 314 56.57 124.68 -82.12
N THR Y 315 56.55 126.00 -81.93
CA THR Y 315 56.51 126.61 -80.61
C THR Y 315 55.46 127.71 -80.63
N PRO Y 316 54.91 128.08 -79.47
CA PRO Y 316 53.86 129.10 -79.46
C PRO Y 316 54.27 130.41 -80.11
N GLU Y 317 55.54 130.80 -80.01
CA GLU Y 317 55.99 132.05 -80.62
C GLU Y 317 56.00 131.99 -82.13
N ASN Y 318 55.88 130.80 -82.73
CA ASN Y 318 55.94 130.64 -84.18
C ASN Y 318 54.89 129.63 -84.61
N PRO Y 319 53.75 130.08 -85.17
CA PRO Y 319 52.74 129.14 -85.65
C PRO Y 319 53.13 128.48 -86.96
N VAL Y 320 53.40 127.17 -86.92
CA VAL Y 320 53.78 126.47 -88.14
C VAL Y 320 52.54 126.04 -88.93
N GLN Y 321 51.54 125.47 -88.25
CA GLN Y 321 50.30 125.07 -88.90
C GLN Y 321 50.55 123.98 -89.95
N THR Y 322 51.24 122.93 -89.52
CA THR Y 322 51.45 121.79 -90.40
C THR Y 322 50.18 120.96 -90.49
N PRO Y 323 49.76 120.56 -91.70
CA PRO Y 323 48.58 119.68 -91.81
C PRO Y 323 48.83 118.34 -91.12
N ALA Y 324 47.76 117.77 -90.57
CA ALA Y 324 47.88 116.53 -89.81
C ALA Y 324 46.55 115.79 -89.82
N PHE Y 325 46.62 114.52 -89.43
CA PHE Y 325 45.45 113.65 -89.34
C PHE Y 325 45.54 112.88 -88.04
N LEU Y 326 44.41 112.76 -87.34
CA LEU Y 326 44.42 112.19 -85.99
C LEU Y 326 43.16 111.37 -85.73
N ALA Y 327 43.29 110.45 -84.76
CA ALA Y 327 42.16 109.61 -84.38
C ALA Y 327 41.01 110.43 -83.84
N GLN Y 328 41.31 111.54 -83.16
CA GLN Y 328 40.25 112.43 -82.72
C GLN Y 328 39.44 112.93 -83.91
N ASP Y 329 40.12 113.35 -84.97
CA ASP Y 329 39.42 113.79 -86.17
C ASP Y 329 38.64 112.65 -86.81
N TRP Y 330 39.20 111.43 -86.85
CA TRP Y 330 38.45 110.31 -87.41
C TRP Y 330 37.17 110.07 -86.64
N ARG Y 331 37.25 110.04 -85.30
CA ARG Y 331 36.05 109.81 -84.49
C ARG Y 331 35.04 110.93 -84.68
N ARG Y 332 35.51 112.18 -84.71
CA ARG Y 332 34.59 113.31 -84.84
C ARG Y 332 33.91 113.30 -86.20
N PHE Y 333 34.62 112.85 -87.23
CA PHE Y 333 34.00 112.71 -88.55
C PHE Y 333 32.95 111.61 -88.56
N VAL Y 334 33.31 110.44 -88.03
CA VAL Y 334 32.39 109.31 -88.10
C VAL Y 334 31.13 109.61 -87.30
N THR Y 335 31.26 110.29 -86.16
CA THR Y 335 30.11 110.54 -85.30
C THR Y 335 29.20 111.64 -85.84
N SER Y 336 29.64 112.39 -86.85
CA SER Y 336 28.92 113.55 -87.33
C SER Y 336 27.93 113.24 -88.45
N PHE Y 337 27.86 112.00 -88.90
CA PHE Y 337 26.93 111.64 -89.97
C PHE Y 337 25.50 111.57 -89.42
N PRO Y 338 24.53 112.20 -90.08
CA PRO Y 338 23.15 112.15 -89.55
C PRO Y 338 22.66 110.73 -89.38
N ALA Y 339 21.91 110.51 -88.29
CA ALA Y 339 21.40 109.18 -87.98
C ALA Y 339 20.07 108.88 -88.65
N GLU Y 340 19.50 109.83 -89.39
CA GLU Y 340 18.19 109.62 -90.00
C GLU Y 340 18.28 108.75 -91.26
N TYR Y 341 19.49 108.58 -91.80
CA TYR Y 341 19.67 107.99 -93.13
C TYR Y 341 19.94 106.49 -93.08
N GLY Y 342 19.43 105.79 -92.06
CA GLY Y 342 19.50 104.35 -92.08
C GLY Y 342 20.91 103.82 -91.86
N ASP Y 343 21.27 102.79 -92.63
CA ASP Y 343 22.54 102.09 -92.43
C ASP Y 343 23.61 102.74 -93.30
N ALA Y 344 24.42 103.58 -92.66
CA ALA Y 344 25.54 104.21 -93.34
C ALA Y 344 26.70 103.23 -93.47
N ARG Y 345 27.57 103.49 -94.45
CA ARG Y 345 28.79 102.73 -94.63
C ARG Y 345 29.88 103.66 -95.10
N SER Y 346 31.13 103.28 -94.80
CA SER Y 346 32.28 104.11 -95.12
C SER Y 346 33.22 103.36 -96.06
N VAL Y 347 33.99 104.12 -96.83
CA VAL Y 347 34.88 103.58 -97.85
C VAL Y 347 36.23 104.24 -97.70
N MET Y 348 37.30 103.44 -97.78
CA MET Y 348 38.65 103.97 -97.56
C MET Y 348 39.66 103.08 -98.25
N HIS Y 349 40.91 103.53 -98.20
CA HIS Y 349 42.03 102.79 -98.79
C HIS Y 349 42.74 101.98 -97.73
N GLN Y 350 43.32 100.85 -98.15
CA GLN Y 350 43.95 99.94 -97.20
C GLN Y 350 45.12 100.58 -96.48
N ASN Y 351 45.91 101.40 -97.18
CA ASN Y 351 46.97 102.14 -96.51
C ASN Y 351 46.42 103.08 -95.45
N VAL Y 352 45.30 103.73 -95.73
CA VAL Y 352 44.67 104.58 -94.73
C VAL Y 352 44.23 103.75 -93.53
N PHE Y 353 43.66 102.58 -93.78
CA PHE Y 353 43.25 101.72 -92.67
C PHE Y 353 44.44 101.31 -91.81
N GLY Y 354 45.55 100.95 -92.45
CA GLY Y 354 46.74 100.59 -91.70
C GLY Y 354 47.28 101.75 -90.87
N TYR Y 355 47.34 102.94 -91.48
CA TYR Y 355 47.78 104.11 -90.73
C TYR Y 355 46.87 104.37 -89.55
N LEU Y 356 45.55 104.24 -89.76
CA LEU Y 356 44.60 104.45 -88.68
C LEU Y 356 44.80 103.45 -87.55
N ALA Y 357 45.00 102.18 -87.89
CA ALA Y 357 45.08 101.13 -86.89
C ALA Y 357 46.43 101.10 -86.18
N ALA Y 358 47.48 101.68 -86.75
CA ALA Y 358 48.81 101.63 -86.16
C ALA Y 358 49.11 102.83 -85.26
N MET Y 359 48.10 103.58 -84.84
CA MET Y 359 48.34 104.71 -83.95
C MET Y 359 48.47 104.24 -82.51
N VAL Y 360 49.20 105.01 -81.72
CA VAL Y 360 49.47 104.71 -80.31
C VAL Y 360 49.15 105.94 -79.48
N ASP Y 361 48.83 105.72 -78.20
CA ASP Y 361 48.47 106.81 -77.31
C ASP Y 361 49.72 107.31 -76.58
N ALA Y 362 49.50 108.11 -75.54
CA ALA Y 362 50.60 108.79 -74.86
C ALA Y 362 51.62 107.86 -74.24
N ASN Y 363 51.23 106.64 -73.83
CA ASN Y 363 52.14 105.78 -73.08
C ASN Y 363 52.36 104.42 -73.75
N GLY Y 364 52.28 104.35 -75.07
CA GLY Y 364 52.80 103.21 -75.81
C GLY Y 364 51.84 102.09 -76.12
N ARG Y 365 50.53 102.29 -75.93
CA ARG Y 365 49.55 101.26 -76.26
C ARG Y 365 48.53 101.81 -77.25
N PHE Y 366 48.02 100.92 -78.08
CA PHE Y 366 47.11 101.32 -79.15
C PHE Y 366 45.84 101.94 -78.58
N LEU Y 367 45.04 102.52 -79.47
CA LEU Y 367 43.75 103.09 -79.10
C LEU Y 367 42.64 102.64 -80.05
N PHE Y 368 42.95 101.83 -81.05
CA PHE Y 368 41.95 101.12 -81.84
C PHE Y 368 42.29 99.64 -81.81
N GLY Y 369 41.32 98.81 -81.45
CA GLY Y 369 41.59 97.40 -81.24
C GLY Y 369 42.61 97.21 -80.14
N ASP Y 370 42.31 97.76 -78.97
CA ASP Y 370 43.30 97.89 -77.90
C ASP Y 370 43.93 96.54 -77.56
N GLY Y 371 43.11 95.53 -77.28
CA GLY Y 371 43.58 94.25 -76.79
C GLY Y 371 43.46 93.10 -77.77
N ASP Y 372 43.50 93.35 -79.07
CA ASP Y 372 43.31 92.32 -80.08
C ASP Y 372 44.65 91.95 -80.69
N LEU Y 373 44.96 90.65 -80.70
CA LEU Y 373 46.18 90.18 -81.33
C LEU Y 373 46.01 89.93 -82.81
N THR Y 374 44.77 89.95 -83.33
CA THR Y 374 44.49 89.65 -84.73
C THR Y 374 43.66 90.73 -85.40
N PHE Y 375 43.84 92.00 -85.03
CA PHE Y 375 43.09 93.08 -85.65
C PHE Y 375 43.32 93.08 -87.15
N SER Y 376 42.23 93.15 -87.91
CA SER Y 376 42.29 93.04 -89.35
C SER Y 376 40.96 93.51 -89.93
N PRO Y 377 40.92 93.88 -91.21
CA PRO Y 377 39.66 94.33 -91.82
C PRO Y 377 38.51 93.33 -91.67
N ASP Y 378 38.79 92.06 -91.37
CA ASP Y 378 37.72 91.09 -91.20
C ASP Y 378 36.81 91.47 -90.04
N LEU Y 379 37.36 92.07 -88.98
CA LEU Y 379 36.55 92.43 -87.83
C LEU Y 379 35.54 93.53 -88.15
N VAL Y 380 35.88 94.43 -89.08
CA VAL Y 380 35.01 95.53 -89.46
C VAL Y 380 34.52 95.40 -90.89
N ARG Y 381 34.52 94.18 -91.44
CA ARG Y 381 34.12 93.98 -92.82
C ARG Y 381 32.74 94.58 -93.11
N GLU Y 382 31.85 94.58 -92.13
CA GLU Y 382 30.48 95.04 -92.39
C GLU Y 382 30.38 96.57 -92.31
N ARG Y 383 31.05 97.18 -91.34
CA ARG Y 383 30.96 98.64 -91.18
C ARG Y 383 31.81 99.37 -92.21
N ILE Y 384 32.95 98.81 -92.60
CA ILE Y 384 33.92 99.50 -93.42
C ILE Y 384 34.24 98.64 -94.64
N ARG Y 385 34.28 99.28 -95.82
CA ARG Y 385 34.60 98.63 -97.07
C ARG Y 385 35.95 99.15 -97.55
N ILE Y 386 36.84 98.24 -97.93
CA ILE Y 386 38.21 98.59 -98.31
C ILE Y 386 38.41 98.24 -99.78
N SER Y 387 38.89 99.22 -100.55
CA SER Y 387 39.25 99.01 -101.94
C SER Y 387 40.46 99.87 -102.27
N ASN Y 388 41.32 99.35 -103.13
CA ASN Y 388 42.59 100.01 -103.43
C ASN Y 388 42.53 100.91 -104.65
N CYS Y 389 41.38 101.03 -105.31
CA CYS Y 389 41.25 101.94 -106.44
C CYS Y 389 41.08 103.40 -106.00
N LEU Y 390 40.80 103.65 -104.73
CA LEU Y 390 40.59 104.99 -104.26
C LEU Y 390 41.91 105.74 -104.14
N PRO Y 391 41.87 107.07 -104.13
CA PRO Y 391 43.10 107.83 -103.92
C PRO Y 391 43.72 107.50 -102.57
N ASP Y 392 45.05 107.45 -102.53
CA ASP Y 392 45.79 107.10 -101.32
C ASP Y 392 46.55 108.32 -100.84
N PRO Y 393 46.14 108.95 -99.73
CA PRO Y 393 46.87 110.15 -99.27
C PRO Y 393 48.31 109.89 -98.91
N THR Y 394 48.65 108.69 -98.43
CA THR Y 394 50.01 108.40 -97.97
C THR Y 394 50.99 108.18 -99.12
N GLU Y 395 50.50 107.88 -100.33
CA GLU Y 395 51.36 107.67 -101.50
C GLU Y 395 52.38 106.56 -101.23
N GLY Y 396 51.86 105.36 -101.04
CA GLY Y 396 52.71 104.20 -100.79
C GLY Y 396 53.49 104.29 -99.50
N ASN Y 397 52.87 104.80 -98.44
CA ASN Y 397 53.50 104.87 -97.12
C ASN Y 397 54.76 105.73 -97.13
N THR Y 398 54.77 106.77 -97.96
CA THR Y 398 55.90 107.69 -98.04
C THR Y 398 55.63 109.04 -97.40
N LYS Y 399 54.41 109.29 -96.92
CA LYS Y 399 54.05 110.54 -96.29
C LYS Y 399 53.27 110.29 -95.01
N GLY Y 400 53.45 111.19 -94.04
CA GLY Y 400 52.70 111.15 -92.80
C GLY Y 400 53.37 110.40 -91.66
N GLY Y 401 54.37 109.58 -91.96
CA GLY Y 401 55.03 108.82 -90.92
C GLY Y 401 56.01 109.66 -90.12
N THR Y 402 56.63 109.00 -89.15
CA THR Y 402 57.63 109.68 -88.32
C THR Y 402 58.90 109.91 -89.13
N GLY Y 403 59.32 111.16 -89.23
CA GLY Y 403 60.47 111.53 -90.01
C GLY Y 403 60.23 111.70 -91.50
N GLN Y 404 59.02 111.43 -91.97
CA GLN Y 404 58.70 111.59 -93.37
C GLN Y 404 58.02 112.93 -93.62
N ASP Y 405 57.93 113.30 -94.89
CA ASP Y 405 57.25 114.54 -95.26
C ASP Y 405 55.76 114.46 -94.95
N ALA Y 406 55.19 115.59 -94.57
CA ALA Y 406 53.81 115.63 -94.14
C ALA Y 406 52.86 115.46 -95.33
N PHE Y 407 51.57 115.32 -95.01
CA PHE Y 407 50.56 115.14 -96.04
C PHE Y 407 50.47 116.37 -96.91
N ALA Y 408 49.67 116.25 -97.98
CA ALA Y 408 49.37 117.36 -98.87
C ALA Y 408 47.93 117.80 -98.68
N ALA Y 409 47.71 119.10 -98.52
CA ALA Y 409 46.38 119.61 -98.26
C ALA Y 409 45.44 119.28 -99.41
N GLY Y 410 44.18 119.02 -99.07
CA GLY Y 410 43.17 118.68 -100.04
C GLY Y 410 43.12 117.22 -100.43
N SER Y 411 43.91 116.36 -99.79
CA SER Y 411 43.93 114.95 -100.15
C SER Y 411 42.64 114.26 -99.73
N PHE Y 412 42.26 113.23 -100.49
CA PHE Y 412 41.09 112.43 -100.14
C PHE Y 412 41.50 111.34 -99.14
N ILE Y 413 40.63 111.09 -98.16
CA ILE Y 413 40.90 110.12 -97.11
C ILE Y 413 39.82 109.04 -97.07
N ALA Y 414 38.57 109.41 -96.82
CA ALA Y 414 37.50 108.44 -96.73
C ALA Y 414 36.19 109.13 -97.04
N ALA Y 415 35.18 108.32 -97.38
CA ALA Y 415 33.85 108.81 -97.70
C ALA Y 415 32.81 107.91 -97.04
N GLN Y 416 31.76 108.52 -96.52
CA GLN Y 416 30.68 107.80 -95.87
C GLN Y 416 29.35 108.27 -96.45
N ALA Y 417 28.45 107.33 -96.68
CA ALA Y 417 27.15 107.65 -97.24
C ALA Y 417 26.23 106.45 -97.09
N ALA Y 418 24.93 106.71 -97.26
CA ALA Y 418 23.92 105.65 -97.21
C ALA Y 418 23.63 105.21 -98.65
N TRP Y 419 24.57 104.46 -99.20
CA TRP Y 419 24.44 104.02 -100.58
C TRP Y 419 23.14 103.25 -100.79
N LYS Y 420 22.78 103.06 -102.04
CA LYS Y 420 21.47 102.64 -102.54
C LYS Y 420 20.51 103.82 -102.55
N THR Y 421 20.91 104.99 -102.06
CA THR Y 421 20.16 106.22 -102.25
C THR Y 421 21.02 107.39 -102.68
N ALA Y 422 22.35 107.32 -102.50
CA ALA Y 422 23.22 108.39 -102.97
C ALA Y 422 23.63 108.19 -104.42
N TYR Y 423 23.83 106.93 -104.84
CA TYR Y 423 24.30 106.64 -106.18
C TYR Y 423 23.56 105.42 -106.72
N TYR Y 424 23.37 105.40 -108.04
CA TYR Y 424 22.68 104.32 -108.72
C TYR Y 424 23.52 103.80 -109.87
N ALA Y 425 23.28 102.54 -110.25
CA ALA Y 425 23.95 101.89 -111.37
C ALA Y 425 22.91 101.22 -112.25
N VAL Y 426 23.04 101.39 -113.56
CA VAL Y 426 22.05 100.91 -114.52
C VAL Y 426 22.76 100.13 -115.62
N GLU Y 427 22.22 98.96 -115.94
CA GLU Y 427 22.71 98.14 -117.04
C GLU Y 427 21.58 97.89 -118.03
N LYS Y 428 21.92 97.93 -119.32
CA LYS Y 428 20.95 97.79 -120.39
C LYS Y 428 20.93 96.42 -121.04
N ARG Y 429 22.08 95.84 -121.34
CA ARG Y 429 22.14 94.52 -121.94
C ARG Y 429 23.46 93.87 -121.59
N PRO Y 430 23.53 92.53 -121.56
CA PRO Y 430 24.81 91.86 -121.34
C PRO Y 430 25.66 91.89 -122.60
N MET Y 431 26.93 91.54 -122.43
CA MET Y 431 27.87 91.54 -123.55
C MET Y 431 27.42 90.58 -124.64
N PHE Y 432 27.66 90.96 -125.89
CA PHE Y 432 27.33 90.15 -127.04
C PHE Y 432 28.56 90.01 -127.94
N PHE Y 433 28.67 88.86 -128.60
CA PHE Y 433 29.79 88.58 -129.50
C PHE Y 433 29.25 88.19 -130.87
N GLU Y 434 29.74 88.87 -131.90
CA GLU Y 434 29.30 88.65 -133.26
C GLU Y 434 30.51 88.50 -134.17
N GLN Y 435 30.40 87.58 -135.14
CA GLN Y 435 31.48 87.37 -136.10
C GLN Y 435 31.32 88.35 -137.26
N TYR Y 436 32.45 88.92 -137.70
CA TYR Y 436 32.45 89.95 -138.74
C TYR Y 436 32.63 89.29 -140.10
N GLU Y 437 31.64 89.41 -140.97
CA GLU Y 437 31.71 88.77 -142.27
C GLU Y 437 32.70 89.47 -143.20
N GLY Y 438 32.81 90.80 -143.10
CA GLY Y 438 33.68 91.52 -144.02
C GLY Y 438 35.15 91.28 -143.81
N GLY Y 439 35.57 91.04 -142.57
CA GLY Y 439 36.96 90.83 -142.26
C GLY Y 439 37.37 89.38 -142.22
N SER Y 440 36.38 88.48 -142.22
CA SER Y 440 36.67 87.06 -142.15
C SER Y 440 36.95 86.49 -143.53
N SER Y 441 37.64 85.36 -143.54
CA SER Y 441 37.91 84.59 -144.75
C SER Y 441 37.61 83.13 -144.47
N ALA Y 442 37.97 82.27 -145.41
CA ALA Y 442 37.91 80.85 -145.14
C ALA Y 442 39.08 80.40 -144.28
N TRP Y 443 40.14 81.20 -144.19
CA TRP Y 443 41.34 80.86 -143.43
C TRP Y 443 41.51 81.70 -142.17
N CYS Y 444 40.52 82.51 -141.80
CA CYS Y 444 40.69 83.43 -140.68
C CYS Y 444 39.33 83.75 -140.08
N VAL Y 445 39.35 84.50 -138.97
CA VAL Y 445 38.15 84.88 -138.25
C VAL Y 445 38.36 86.24 -137.61
N LYS Y 446 37.24 86.95 -137.40
CA LYS Y 446 37.26 88.24 -136.71
C LYS Y 446 35.99 88.36 -135.88
N TYR Y 447 36.13 88.78 -134.63
CA TYR Y 447 35.02 88.86 -133.69
C TYR Y 447 34.82 90.29 -133.22
N GLN Y 448 33.56 90.62 -132.95
CA GLN Y 448 33.16 91.94 -132.47
C GLN Y 448 32.32 91.78 -131.20
N PHE Y 449 32.45 92.71 -130.28
CA PHE Y 449 31.75 92.62 -129.01
C PHE Y 449 31.50 94.01 -128.44
N GLY Y 450 30.55 94.08 -127.51
CA GLY Y 450 30.26 95.34 -126.84
C GLY Y 450 29.19 95.17 -125.80
N ALA Y 451 29.05 96.19 -124.97
CA ALA Y 451 28.03 96.21 -123.91
C ALA Y 451 27.70 97.64 -123.56
N GLU Y 452 26.56 97.85 -122.91
CA GLU Y 452 26.06 99.17 -122.59
C GLU Y 452 25.66 99.25 -121.13
N ASP Y 453 25.89 100.40 -120.50
CA ASP Y 453 25.53 100.61 -119.10
C ASP Y 453 25.82 102.07 -118.75
N GLY Y 454 25.47 102.44 -117.52
CA GLY Y 454 25.69 103.79 -117.06
C GLY Y 454 25.40 103.92 -115.58
N GLY Y 455 25.47 105.16 -115.10
CA GLY Y 455 25.19 105.46 -113.71
C GLY Y 455 24.95 106.92 -113.46
N PHE Y 456 24.23 107.26 -112.39
CA PHE Y 456 23.91 108.65 -112.08
C PHE Y 456 23.76 108.82 -110.58
N VAL Y 457 24.16 109.98 -110.08
CA VAL Y 457 24.10 110.26 -108.65
C VAL Y 457 22.66 110.47 -108.23
N GLY Y 458 22.34 110.07 -107.00
CA GLY Y 458 21.00 110.24 -106.46
C GLY Y 458 20.88 111.47 -105.59
N CYS Y 459 20.69 111.27 -104.29
CA CYS Y 459 20.60 112.39 -103.36
C CYS Y 459 21.99 112.93 -103.04
N CYS Y 460 22.13 114.25 -103.04
CA CYS Y 460 23.43 114.86 -102.83
C CYS Y 460 23.84 114.82 -101.37
N GLU Y 461 22.89 115.01 -100.45
CA GLU Y 461 23.26 115.15 -99.03
C GLU Y 461 23.27 113.82 -98.29
N HIS Y 462 23.06 112.70 -98.97
CA HIS Y 462 23.12 111.39 -98.33
C HIS Y 462 24.54 110.87 -98.18
N GLY Y 463 25.55 111.72 -98.32
CA GLY Y 463 26.93 111.29 -98.19
C GLY Y 463 27.82 112.45 -97.81
N ARG Y 464 29.00 112.11 -97.26
CA ARG Y 464 29.98 113.10 -96.86
C ARG Y 464 31.37 112.59 -97.19
N VAL Y 465 32.31 113.52 -97.32
CA VAL Y 465 33.69 113.22 -97.66
C VAL Y 465 34.59 113.93 -96.67
N LEU Y 466 35.73 113.31 -96.36
CA LEU Y 466 36.74 113.89 -95.48
C LEU Y 466 37.99 114.18 -96.28
N ARG Y 467 38.70 115.24 -95.90
CA ARG Y 467 39.90 115.66 -96.61
C ARG Y 467 40.86 116.33 -95.64
N ILE Y 468 42.12 116.37 -96.02
CA ILE Y 468 43.16 116.97 -95.19
C ILE Y 468 43.13 118.48 -95.38
N GLY Y 469 43.58 119.19 -94.36
CA GLY Y 469 43.66 120.64 -94.42
C GLY Y 469 44.31 121.25 -93.20
N PHE Z 165 46.75 28.72 -46.91
CA PHE Z 165 47.35 29.25 -48.16
C PHE Z 165 47.20 30.76 -48.24
N GLU Z 166 48.30 31.47 -47.99
CA GLU Z 166 48.28 32.93 -47.93
C GLU Z 166 49.05 33.49 -49.12
N ALA Z 167 48.52 34.58 -49.68
CA ALA Z 167 49.16 35.20 -50.83
C ALA Z 167 50.61 35.56 -50.54
N SER Z 168 50.91 35.94 -49.29
CA SER Z 168 52.29 36.25 -48.92
C SER Z 168 53.14 35.01 -48.71
N THR Z 169 52.63 33.82 -49.03
CA THR Z 169 53.38 32.58 -48.87
C THR Z 169 53.41 31.73 -50.12
N ILE Z 170 52.33 31.71 -50.91
CA ILE Z 170 52.19 30.69 -51.94
C ILE Z 170 52.93 31.00 -53.24
N GLY Z 171 53.07 32.27 -53.61
CA GLY Z 171 53.77 32.63 -54.82
C GLY Z 171 52.86 33.24 -55.87
N PRO Z 172 53.45 33.96 -56.83
CA PRO Z 172 52.64 34.78 -57.74
C PRO Z 172 52.03 34.04 -58.91
N ALA Z 173 52.51 32.83 -59.22
CA ALA Z 173 52.02 32.15 -60.42
C ALA Z 173 50.55 31.78 -60.33
N PHE Z 174 49.98 31.74 -59.13
CA PHE Z 174 48.58 31.33 -58.99
C PHE Z 174 47.61 32.44 -59.39
N PHE Z 175 48.00 33.70 -59.24
CA PHE Z 175 47.12 34.83 -59.49
C PHE Z 175 47.46 35.45 -60.83
N THR Z 176 46.46 35.56 -61.71
CA THR Z 176 46.64 36.13 -63.03
C THR Z 176 45.97 37.49 -63.10
N PRO Z 177 46.68 38.59 -63.27
CA PRO Z 177 46.05 39.90 -63.27
C PRO Z 177 45.18 40.13 -64.51
N GLN Z 178 44.18 40.98 -64.33
CA GLN Z 178 43.30 41.34 -65.43
C GLN Z 178 44.03 42.22 -66.43
N VAL Z 179 43.71 42.07 -67.70
CA VAL Z 179 44.38 42.81 -68.77
C VAL Z 179 43.51 43.99 -69.18
N LEU Z 180 44.03 45.20 -68.98
CA LEU Z 180 43.32 46.39 -69.44
C LEU Z 180 43.46 46.53 -70.94
N ALA Z 181 42.79 47.56 -71.49
CA ALA Z 181 42.81 47.78 -72.92
C ALA Z 181 43.65 49.01 -73.30
N LEU Z 182 43.82 49.95 -72.38
CA LEU Z 182 44.46 51.21 -72.73
C LEU Z 182 45.94 51.01 -73.06
N GLU Z 183 46.46 51.90 -73.90
CA GLU Z 183 47.88 52.00 -74.17
C GLU Z 183 48.32 53.43 -73.90
N VAL Z 184 49.42 53.58 -73.17
CA VAL Z 184 49.92 54.88 -72.75
C VAL Z 184 51.13 55.21 -73.60
N ASP Z 185 51.07 56.35 -74.29
CA ASP Z 185 52.16 56.82 -75.15
C ASP Z 185 52.42 58.28 -74.86
N CYS Z 186 53.66 58.60 -74.50
CA CYS Z 186 54.01 59.97 -74.13
C CYS Z 186 54.74 60.72 -75.25
N ASN Z 187 54.94 60.09 -76.40
CA ASN Z 187 55.71 60.73 -77.46
C ASN Z 187 54.99 61.96 -77.99
N ILE Z 188 55.76 62.94 -78.43
CA ILE Z 188 55.25 64.23 -78.86
C ILE Z 188 55.40 64.32 -80.38
N GLU Z 189 54.29 64.60 -81.07
CA GLU Z 189 54.26 64.78 -82.51
C GLU Z 189 53.92 66.22 -82.81
N CYS Z 190 54.79 66.90 -83.55
CA CYS Z 190 54.58 68.32 -83.84
C CYS Z 190 53.30 68.51 -84.64
N ALA Z 191 52.62 69.63 -84.39
CA ALA Z 191 51.37 69.92 -85.09
C ALA Z 191 51.63 70.08 -86.58
N SER Z 192 50.83 69.41 -87.40
CA SER Z 192 51.02 69.41 -88.83
C SER Z 192 50.18 70.48 -89.51
N LEU Z 193 50.73 71.04 -90.58
CA LEU Z 193 50.04 72.04 -91.38
C LEU Z 193 49.43 71.46 -92.65
N LEU Z 194 49.40 70.13 -92.78
CA LEU Z 194 49.01 69.52 -94.05
C LEU Z 194 47.62 69.94 -94.50
N ASP Z 195 46.70 70.16 -93.56
CA ASP Z 195 45.32 70.48 -93.93
C ASP Z 195 45.18 71.89 -94.49
N LEU Z 196 46.22 72.72 -94.41
CA LEU Z 196 46.12 74.09 -94.90
C LEU Z 196 46.48 74.22 -96.38
N TYR Z 197 46.97 73.15 -97.01
CA TYR Z 197 47.65 73.26 -98.29
C TYR Z 197 46.75 72.97 -99.49
N GLY Z 198 45.46 72.73 -99.29
CA GLY Z 198 44.58 72.50 -100.42
C GLY Z 198 45.02 71.31 -101.25
N GLN Z 199 44.87 70.11 -100.71
CA GLN Z 199 45.45 68.93 -101.31
C GLN Z 199 44.79 68.60 -102.65
N ILE Z 200 45.56 67.92 -103.51
CA ILE Z 200 45.06 67.37 -104.77
C ILE Z 200 45.50 65.91 -104.84
N GLU Z 201 44.91 65.18 -105.78
CA GLU Z 201 45.18 63.75 -105.91
C GLU Z 201 45.39 63.39 -107.38
N VAL Z 202 46.40 62.57 -107.64
CA VAL Z 202 46.73 62.11 -108.99
C VAL Z 202 46.88 60.60 -108.97
N SER Z 203 47.10 60.04 -110.15
CA SER Z 203 47.29 58.60 -110.31
C SER Z 203 48.47 58.25 -111.20
N ARG Z 204 49.35 59.20 -111.48
CA ARG Z 204 50.53 58.96 -112.32
C ARG Z 204 51.70 59.76 -111.75
N SER Z 205 52.91 59.31 -112.07
CA SER Z 205 54.09 59.88 -111.43
C SER Z 205 54.38 61.29 -111.93
N THR Z 206 53.75 61.72 -113.02
CA THR Z 206 53.97 63.04 -113.59
C THR Z 206 52.63 63.67 -113.92
N PHE Z 207 52.57 65.00 -113.83
CA PHE Z 207 51.33 65.72 -114.09
C PHE Z 207 51.65 67.13 -114.58
N THR Z 208 50.66 67.76 -115.21
CA THR Z 208 50.80 69.10 -115.76
C THR Z 208 49.55 69.92 -115.49
N TYR Z 209 49.72 71.24 -115.49
CA TYR Z 209 48.61 72.16 -115.27
C TYR Z 209 48.92 73.47 -115.98
N MET Z 210 47.90 74.32 -116.10
CA MET Z 210 47.97 75.57 -116.85
C MET Z 210 47.97 76.75 -115.90
N LYS Z 211 48.84 77.72 -116.18
CA LYS Z 211 48.96 78.94 -115.38
C LYS Z 211 48.63 80.14 -116.26
N ILE Z 212 47.71 80.98 -115.80
CA ILE Z 212 47.34 82.19 -116.55
C ILE Z 212 48.27 83.31 -116.13
N ALA Z 213 49.33 83.53 -116.90
CA ALA Z 213 50.32 84.54 -116.53
C ALA Z 213 49.73 85.94 -116.49
N ASP Z 214 48.92 86.30 -117.48
CA ASP Z 214 48.40 87.65 -117.56
C ASP Z 214 47.16 87.69 -118.44
N TYR Z 215 46.22 88.55 -118.08
CA TYR Z 215 45.07 88.84 -118.90
C TYR Z 215 45.41 89.98 -119.87
N GLY Z 216 44.60 90.11 -120.91
CA GLY Z 216 44.79 91.18 -121.86
C GLY Z 216 44.16 92.48 -121.43
N GLN Z 217 44.00 93.41 -122.36
CA GLN Z 217 43.31 94.68 -122.12
C GLN Z 217 42.47 94.96 -123.37
N LEU Z 218 41.22 94.54 -123.35
CA LEU Z 218 40.36 94.52 -124.52
C LEU Z 218 39.25 95.55 -124.38
N GLY Z 219 39.07 96.37 -125.40
CA GLY Z 219 37.95 97.27 -125.47
C GLY Z 219 38.17 98.57 -124.72
N GLU Z 220 37.27 99.52 -124.97
CA GLU Z 220 37.29 100.82 -124.30
C GLU Z 220 35.94 101.48 -124.51
N TYR Z 221 35.75 102.61 -123.84
CA TYR Z 221 34.51 103.37 -123.99
C TYR Z 221 34.58 104.22 -125.25
N THR Z 222 33.66 103.97 -126.18
CA THR Z 222 33.69 104.58 -127.51
C THR Z 222 32.44 105.41 -127.73
N CYS Z 223 32.60 106.49 -128.49
CA CYS Z 223 31.46 107.36 -128.81
C CYS Z 223 30.42 106.58 -129.63
N ASP Z 224 29.15 106.87 -129.38
CA ASP Z 224 28.08 106.11 -130.00
C ASP Z 224 27.94 106.40 -131.49
N ALA Z 225 28.54 107.48 -131.98
CA ALA Z 225 28.28 107.92 -133.35
C ALA Z 225 28.99 107.07 -134.41
N LYS Z 226 30.17 106.55 -134.11
CA LYS Z 226 31.01 105.90 -135.11
C LYS Z 226 30.77 104.40 -135.10
N CYS Z 227 31.11 103.75 -136.22
CA CYS Z 227 30.69 102.38 -136.49
C CYS Z 227 31.85 101.39 -136.51
N ASP Z 228 32.98 101.69 -135.87
CA ASP Z 228 34.13 100.80 -135.90
C ASP Z 228 34.72 100.71 -134.49
N ALA Z 229 35.73 99.85 -134.33
CA ALA Z 229 36.41 99.67 -133.06
C ALA Z 229 37.86 99.28 -133.35
N GLU Z 230 38.66 99.20 -132.29
CA GLU Z 230 40.09 99.02 -132.41
C GLU Z 230 40.58 97.79 -131.66
N PHE Z 231 41.82 97.41 -131.95
CA PHE Z 231 42.38 96.17 -131.42
C PHE Z 231 43.01 96.41 -130.04
N GLY Z 232 42.83 95.42 -129.15
CA GLY Z 232 43.53 95.43 -127.88
C GLY Z 232 44.73 94.51 -127.87
N GLU Z 233 45.52 94.60 -126.80
CA GLU Z 233 46.70 93.74 -126.70
C GLU Z 233 46.35 92.40 -126.08
N PRO Z 234 47.15 91.37 -126.35
CA PRO Z 234 46.81 90.02 -125.90
C PRO Z 234 47.35 89.68 -124.53
N GLY Z 235 46.83 88.60 -123.97
CA GLY Z 235 47.27 88.09 -122.69
C GLY Z 235 48.44 87.15 -122.81
N ASN Z 236 48.58 86.29 -121.80
CA ASN Z 236 49.69 85.34 -121.76
C ASN Z 236 49.31 84.17 -120.88
N ILE Z 237 49.22 82.98 -121.46
CA ILE Z 237 48.90 81.75 -120.74
C ILE Z 237 49.98 80.73 -121.06
N ARG Z 238 50.46 80.04 -120.02
CA ARG Z 238 51.57 79.12 -120.18
C ARG Z 238 51.30 77.83 -119.41
N HIS Z 239 52.20 76.86 -119.60
CA HIS Z 239 51.97 75.47 -119.21
C HIS Z 239 53.08 75.01 -118.29
N LEU Z 240 52.72 74.35 -117.20
CA LEU Z 240 53.66 73.91 -116.17
C LEU Z 240 53.54 72.41 -115.94
N GLU Z 241 54.53 71.85 -115.24
CA GLU Z 241 54.58 70.43 -114.96
C GLU Z 241 55.16 70.18 -113.57
N GLY Z 242 54.86 68.99 -113.03
CA GLY Z 242 55.41 68.57 -111.76
C GLY Z 242 55.65 67.07 -111.74
N LYS Z 243 56.30 66.60 -110.68
CA LYS Z 243 56.61 65.18 -110.54
C LYS Z 243 56.40 64.76 -109.08
N THR Z 244 56.59 63.47 -108.84
CA THR Z 244 56.30 62.85 -107.55
C THR Z 244 57.52 62.10 -107.03
N TYR Z 245 57.65 62.06 -105.72
CA TYR Z 245 58.76 61.38 -105.05
C TYR Z 245 58.25 60.17 -104.30
N ASP Z 246 59.18 59.36 -103.79
CA ASP Z 246 58.85 58.08 -103.18
C ASP Z 246 59.58 57.89 -101.86
N TYR Z 247 58.88 57.31 -100.89
CA TYR Z 247 59.42 57.01 -99.57
C TYR Z 247 59.56 55.49 -99.45
N ARG Z 248 60.68 55.03 -98.89
CA ARG Z 248 61.03 53.62 -98.96
C ARG Z 248 61.71 53.19 -97.67
N GLY Z 249 61.62 51.88 -97.39
CA GLY Z 249 62.24 51.31 -96.20
C GLY Z 249 61.99 49.83 -96.12
N VAL Z 250 62.48 49.21 -95.05
CA VAL Z 250 62.39 47.77 -94.85
C VAL Z 250 62.51 47.45 -93.35
N PHE Z 251 61.86 46.37 -92.94
CA PHE Z 251 61.98 45.84 -91.59
C PHE Z 251 61.85 44.32 -91.64
N CYS Z 252 62.25 43.66 -90.56
CA CYS Z 252 62.39 42.20 -90.56
C CYS Z 252 61.89 41.64 -89.24
N PHE Z 253 61.57 40.34 -89.24
CA PHE Z 253 61.03 39.66 -88.08
C PHE Z 253 61.51 38.22 -88.02
N ASN Z 254 61.28 37.59 -86.86
CA ASN Z 254 61.46 36.15 -86.71
C ASN Z 254 60.10 35.48 -86.58
N ARG Z 255 59.94 34.35 -87.27
CA ARG Z 255 58.61 33.77 -87.44
C ARG Z 255 58.03 33.28 -86.12
N LYS Z 256 58.78 32.50 -85.36
CA LYS Z 256 58.24 31.93 -84.13
C LYS Z 256 57.91 33.02 -83.11
N ASN Z 257 58.84 33.97 -82.92
CA ASN Z 257 58.61 35.04 -81.96
C ASN Z 257 57.42 35.89 -82.39
N LEU Z 258 57.31 36.19 -83.68
CA LEU Z 258 56.19 36.98 -84.15
C LEU Z 258 54.87 36.25 -83.96
N GLN Z 259 54.85 34.93 -84.20
CA GLN Z 259 53.60 34.18 -84.14
C GLN Z 259 53.14 33.93 -82.71
N GLU Z 260 54.07 33.62 -81.80
CA GLU Z 260 53.70 33.16 -80.47
C GLU Z 260 53.50 34.29 -79.46
N ALA Z 261 53.80 35.53 -79.83
CA ALA Z 261 53.64 36.62 -78.89
C ALA Z 261 52.16 36.93 -78.67
N ASN Z 262 51.87 37.57 -77.53
CA ASN Z 262 50.53 38.00 -77.19
C ASN Z 262 50.26 39.45 -77.59
N TYR Z 263 50.93 39.94 -78.62
CA TYR Z 263 50.78 41.32 -79.08
C TYR Z 263 51.00 41.34 -80.59
N ASP Z 264 50.46 42.37 -81.25
CA ASP Z 264 50.49 42.43 -82.71
C ASP Z 264 51.65 43.32 -83.15
N PHE Z 265 52.84 42.71 -83.16
CA PHE Z 265 54.04 43.44 -83.52
C PHE Z 265 54.02 43.90 -84.96
N LEU Z 266 53.44 43.10 -85.86
CA LEU Z 266 53.35 43.51 -87.26
C LEU Z 266 52.53 44.78 -87.40
N SER Z 267 51.37 44.83 -86.75
CA SER Z 267 50.56 46.04 -86.76
C SER Z 267 51.28 47.22 -86.10
N PHE Z 268 51.99 46.99 -85.01
CA PHE Z 268 52.75 48.07 -84.39
C PHE Z 268 53.78 48.63 -85.36
N MET Z 269 54.48 47.77 -86.08
CA MET Z 269 55.49 48.24 -87.03
C MET Z 269 54.85 48.97 -88.20
N ILE Z 270 53.70 48.50 -88.66
CA ILE Z 270 52.97 49.23 -89.71
C ILE Z 270 52.64 50.64 -89.24
N GLY Z 271 52.10 50.75 -88.03
CA GLY Z 271 51.79 52.06 -87.49
C GLY Z 271 53.01 52.94 -87.36
N ALA Z 272 54.13 52.37 -86.91
CA ALA Z 272 55.35 53.15 -86.78
C ALA Z 272 55.84 53.67 -88.12
N ALA Z 273 55.79 52.82 -89.15
CA ALA Z 273 56.20 53.25 -90.48
C ALA Z 273 55.32 54.39 -90.98
N GLN Z 274 54.00 54.26 -90.79
CA GLN Z 274 53.09 55.32 -91.23
C GLN Z 274 53.36 56.62 -90.48
N ARG Z 275 53.58 56.54 -89.17
CA ARG Z 275 53.86 57.75 -88.39
C ARG Z 275 55.14 58.43 -88.88
N SER Z 276 56.18 57.64 -89.13
CA SER Z 276 57.42 58.22 -89.63
C SER Z 276 57.21 58.88 -90.98
N HIS Z 277 56.44 58.25 -91.87
CA HIS Z 277 56.13 58.86 -93.15
C HIS Z 277 55.43 60.19 -92.98
N ARG Z 278 54.43 60.24 -92.09
CA ARG Z 278 53.71 61.49 -91.87
C ARG Z 278 54.65 62.59 -91.39
N ILE Z 279 55.50 62.28 -90.43
CA ILE Z 279 56.41 63.29 -89.89
C ILE Z 279 57.36 63.78 -90.97
N ASN Z 280 57.93 62.85 -91.74
CA ASN Z 280 58.88 63.24 -92.77
C ASN Z 280 58.22 64.09 -93.84
N ARG Z 281 57.00 63.73 -94.25
CA ARG Z 281 56.29 64.53 -95.25
C ARG Z 281 56.02 65.93 -94.72
N ASN Z 282 55.60 66.03 -93.46
CA ASN Z 282 55.30 67.34 -92.90
C ASN Z 282 56.55 68.22 -92.87
N ARG Z 283 57.69 67.63 -92.50
CA ARG Z 283 58.93 68.42 -92.51
C ARG Z 283 59.32 68.82 -93.93
N ALA Z 284 59.19 67.90 -94.87
CA ALA Z 284 59.62 68.16 -96.24
C ALA Z 284 58.82 69.27 -96.87
N LEU Z 285 57.50 69.28 -96.67
CA LEU Z 285 56.68 70.32 -97.27
C LEU Z 285 57.03 71.72 -96.77
N MET Z 286 57.89 71.84 -95.77
CA MET Z 286 58.37 73.14 -95.32
C MET Z 286 59.82 73.40 -95.72
N VAL Z 287 60.73 72.49 -95.40
CA VAL Z 287 62.15 72.76 -95.59
C VAL Z 287 62.79 71.68 -96.45
N GLY Z 288 62.00 71.03 -97.29
CA GLY Z 288 62.54 70.06 -98.20
C GLY Z 288 63.29 70.71 -99.35
N ASP Z 289 64.24 69.96 -99.91
CA ASP Z 289 64.98 70.38 -101.09
C ASP Z 289 64.59 69.50 -102.26
N GLY Z 290 64.47 70.11 -103.43
CA GLY Z 290 63.82 69.46 -104.56
C GLY Z 290 64.58 68.28 -105.15
N ILE Z 291 65.80 68.03 -104.68
CA ILE Z 291 66.61 66.98 -105.29
C ILE Z 291 66.00 65.61 -105.05
N ASN Z 292 65.53 65.35 -103.83
CA ASN Z 292 64.85 64.10 -103.52
C ASN Z 292 63.61 64.28 -102.66
N GLU Z 293 63.41 65.44 -102.05
CA GLU Z 293 62.23 65.75 -101.27
C GLU Z 293 61.45 66.86 -101.94
N PRO Z 294 60.13 66.92 -101.74
CA PRO Z 294 59.37 68.05 -102.28
C PRO Z 294 59.92 69.37 -101.73
N LYS Z 295 59.97 70.38 -102.58
CA LYS Z 295 60.53 71.66 -102.18
C LYS Z 295 59.52 72.43 -101.35
N GLY Z 296 59.92 72.86 -100.17
CA GLY Z 296 59.04 73.58 -99.28
C GLY Z 296 59.08 75.08 -99.50
N TRP Z 297 58.02 75.76 -99.07
CA TRP Z 297 57.93 77.20 -99.30
C TRP Z 297 59.01 77.96 -98.55
N LEU Z 298 59.31 77.58 -97.31
CA LEU Z 298 60.32 78.28 -96.55
C LEU Z 298 61.72 78.10 -97.12
N LYS Z 299 61.98 77.01 -97.82
CA LYS Z 299 63.27 76.84 -98.49
C LYS Z 299 63.29 77.55 -99.82
N GLU Z 300 62.20 77.49 -100.58
CA GLU Z 300 62.15 78.17 -101.86
C GLU Z 300 62.29 79.67 -101.70
N ASP Z 301 61.66 80.25 -100.68
CA ASP Z 301 61.85 81.66 -100.34
C ASP Z 301 61.39 82.59 -101.46
N CYS Z 302 60.17 82.37 -101.95
CA CYS Z 302 59.60 83.23 -102.98
C CYS Z 302 58.62 84.26 -102.43
N PHE Z 303 58.13 84.08 -101.21
CA PHE Z 303 57.20 85.03 -100.64
C PHE Z 303 57.91 86.33 -100.33
N PRO Z 304 57.31 87.49 -100.62
CA PRO Z 304 57.94 88.77 -100.24
C PRO Z 304 58.18 88.84 -98.74
N THR Z 305 59.29 89.48 -98.37
CA THR Z 305 59.74 89.53 -96.99
C THR Z 305 59.70 90.95 -96.45
N PHE Z 306 59.34 91.09 -95.18
CA PHE Z 306 59.41 92.35 -94.46
C PHE Z 306 60.45 92.24 -93.35
N LEU Z 307 61.18 93.32 -93.11
CA LEU Z 307 62.17 93.35 -92.04
C LEU Z 307 61.55 94.01 -90.81
N THR Z 308 62.37 94.23 -89.79
CA THR Z 308 61.95 94.90 -88.56
C THR Z 308 62.88 96.08 -88.31
N LEU Z 309 62.29 97.20 -87.93
CA LEU Z 309 63.07 98.40 -87.70
C LEU Z 309 63.93 98.25 -86.44
N PRO Z 310 65.22 98.57 -86.49
CA PRO Z 310 66.07 98.42 -85.31
C PRO Z 310 65.83 99.54 -84.30
N VAL Z 311 66.61 99.49 -83.22
CA VAL Z 311 66.51 100.46 -82.14
C VAL Z 311 67.91 100.85 -81.70
N ASN Z 312 68.12 102.16 -81.46
CA ASN Z 312 69.37 102.66 -80.91
C ASN Z 312 69.28 102.62 -79.39
N THR Z 313 69.67 101.47 -78.84
CA THR Z 313 69.54 101.23 -77.41
C THR Z 313 70.51 102.06 -76.57
N GLY Z 314 71.46 102.74 -77.20
CA GLY Z 314 72.47 103.47 -76.44
C GLY Z 314 72.09 104.90 -76.16
N THR Z 315 72.85 105.84 -76.73
CA THR Z 315 72.65 107.26 -76.50
C THR Z 315 72.62 107.96 -77.85
N PRO Z 316 71.98 109.12 -77.94
CA PRO Z 316 71.91 109.82 -79.24
C PRO Z 316 73.28 110.09 -79.84
N GLU Z 317 74.29 110.36 -79.03
CA GLU Z 317 75.62 110.64 -79.56
C GLU Z 317 76.30 109.42 -80.16
N ASN Z 318 75.77 108.22 -79.91
CA ASN Z 318 76.36 106.98 -80.41
C ASN Z 318 75.25 106.07 -80.91
N PRO Z 319 75.07 105.93 -82.23
CA PRO Z 319 74.03 105.03 -82.73
C PRO Z 319 74.41 103.57 -82.62
N VAL Z 320 73.76 102.84 -81.71
CA VAL Z 320 74.06 101.42 -81.54
C VAL Z 320 73.37 100.58 -82.60
N GLN Z 321 72.09 100.84 -82.86
CA GLN Z 321 71.33 100.11 -83.89
C GLN Z 321 71.25 98.62 -83.55
N THR Z 322 70.86 98.34 -82.32
CA THR Z 322 70.64 96.95 -81.92
C THR Z 322 69.34 96.42 -82.53
N PRO Z 323 69.36 95.26 -83.18
CA PRO Z 323 68.10 94.71 -83.71
C PRO Z 323 67.12 94.43 -82.59
N ALA Z 324 65.84 94.69 -82.85
CA ALA Z 324 64.81 94.57 -81.83
C ALA Z 324 63.50 94.14 -82.49
N PHE Z 325 62.59 93.64 -81.65
CA PHE Z 325 61.26 93.21 -82.07
C PHE Z 325 60.25 93.79 -81.11
N LEU Z 326 59.18 94.38 -81.64
CA LEU Z 326 58.20 95.08 -80.83
C LEU Z 326 56.79 94.76 -81.32
N ALA Z 327 55.82 94.96 -80.43
CA ALA Z 327 54.43 94.70 -80.77
C ALA Z 327 53.94 95.60 -81.90
N GLN Z 328 54.50 96.81 -82.01
CA GLN Z 328 54.13 97.69 -83.10
C GLN Z 328 54.48 97.06 -84.44
N ASP Z 329 55.65 96.41 -84.51
CA ASP Z 329 56.03 95.73 -85.74
C ASP Z 329 55.06 94.60 -86.07
N TRP Z 330 54.63 93.83 -85.07
CA TRP Z 330 53.67 92.77 -85.33
C TRP Z 330 52.36 93.33 -85.85
N ARG Z 331 51.86 94.40 -85.23
CA ARG Z 331 50.62 94.99 -85.68
C ARG Z 331 50.74 95.50 -87.12
N ARG Z 332 51.84 96.19 -87.41
CA ARG Z 332 52.05 96.71 -88.76
C ARG Z 332 52.17 95.59 -89.79
N PHE Z 333 52.86 94.50 -89.46
CA PHE Z 333 52.95 93.37 -90.37
C PHE Z 333 51.59 92.75 -90.63
N VAL Z 334 50.80 92.54 -89.57
CA VAL Z 334 49.50 91.90 -89.74
C VAL Z 334 48.58 92.77 -90.57
N THR Z 335 48.57 94.08 -90.32
CA THR Z 335 47.66 94.96 -91.04
C THR Z 335 48.09 95.20 -92.48
N SER Z 336 49.29 94.78 -92.86
CA SER Z 336 49.82 95.07 -94.19
C SER Z 336 49.45 94.04 -95.25
N PHE Z 337 48.86 92.92 -94.85
CA PHE Z 337 48.52 91.88 -95.82
C PHE Z 337 47.36 92.35 -96.69
N PRO Z 338 47.40 92.14 -98.01
CA PRO Z 338 46.29 92.57 -98.86
C PRO Z 338 44.97 91.95 -98.43
N ALA Z 339 43.90 92.74 -98.51
CA ALA Z 339 42.57 92.26 -98.15
C ALA Z 339 41.87 91.54 -99.29
N GLU Z 340 42.47 91.53 -100.49
CA GLU Z 340 41.82 90.89 -101.63
C GLU Z 340 41.94 89.37 -101.56
N TYR Z 341 43.07 88.87 -101.04
CA TYR Z 341 43.40 87.45 -101.13
C TYR Z 341 42.71 86.68 -100.02
N GLY Z 342 41.50 86.20 -100.32
CA GLY Z 342 40.78 85.25 -99.49
C GLY Z 342 40.90 85.54 -98.00
N ASP Z 343 41.05 84.47 -97.23
CA ASP Z 343 41.18 84.54 -95.78
C ASP Z 343 42.58 84.10 -95.39
N ALA Z 344 43.30 84.98 -94.69
CA ALA Z 344 44.66 84.68 -94.28
C ALA Z 344 44.69 83.89 -92.99
N ARG Z 345 45.87 83.34 -92.68
CA ARG Z 345 46.08 82.62 -91.44
C ARG Z 345 47.57 82.63 -91.14
N SER Z 346 47.97 83.32 -90.08
CA SER Z 346 49.39 83.45 -89.76
C SER Z 346 49.89 82.18 -89.07
N VAL Z 347 51.21 82.00 -89.13
CA VAL Z 347 51.86 80.79 -88.62
C VAL Z 347 53.12 81.21 -87.88
N MET Z 348 53.36 80.60 -86.71
CA MET Z 348 54.49 80.99 -85.90
C MET Z 348 54.89 79.85 -84.98
N HIS Z 349 55.89 80.12 -84.15
CA HIS Z 349 56.41 79.17 -83.18
C HIS Z 349 55.93 79.52 -81.77
N GLN Z 350 55.79 78.50 -80.93
CA GLN Z 350 55.18 78.71 -79.61
C GLN Z 350 55.98 79.67 -78.76
N ASN Z 351 57.31 79.61 -78.82
CA ASN Z 351 58.13 80.58 -78.12
C ASN Z 351 57.87 81.99 -78.61
N VAL Z 352 57.72 82.18 -79.92
CA VAL Z 352 57.41 83.49 -80.46
C VAL Z 352 56.07 83.97 -79.92
N PHE Z 353 55.07 83.08 -79.89
CA PHE Z 353 53.77 83.47 -79.35
C PHE Z 353 53.86 83.88 -77.89
N GLY Z 354 54.62 83.12 -77.09
CA GLY Z 354 54.76 83.48 -75.69
C GLY Z 354 55.45 84.82 -75.51
N TYR Z 355 56.53 85.04 -76.26
CA TYR Z 355 57.23 86.32 -76.18
C TYR Z 355 56.32 87.46 -76.59
N LEU Z 356 55.52 87.26 -77.63
CA LEU Z 356 54.60 88.30 -78.09
C LEU Z 356 53.54 88.59 -77.04
N ALA Z 357 53.00 87.56 -76.40
CA ALA Z 357 51.90 87.74 -75.48
C ALA Z 357 52.35 88.19 -74.09
N ALA Z 358 53.64 88.08 -73.78
CA ALA Z 358 54.15 88.50 -72.47
C ALA Z 358 54.71 89.92 -72.47
N MET Z 359 54.42 90.71 -73.50
CA MET Z 359 54.93 92.08 -73.53
C MET Z 359 54.08 92.99 -72.67
N VAL Z 360 54.72 94.01 -72.09
CA VAL Z 360 54.08 94.93 -71.16
C VAL Z 360 54.35 96.35 -71.60
N ASP Z 361 53.43 97.25 -71.26
CA ASP Z 361 53.54 98.66 -71.66
C ASP Z 361 54.26 99.45 -70.58
N ALA Z 362 54.20 100.78 -70.67
CA ALA Z 362 55.00 101.64 -69.81
C ALA Z 362 54.64 101.49 -68.33
N ASN Z 363 53.36 101.42 -67.98
CA ASN Z 363 52.95 101.49 -66.59
C ASN Z 363 52.61 100.13 -65.97
N GLY Z 364 53.03 99.03 -66.59
CA GLY Z 364 53.05 97.74 -65.94
C GLY Z 364 51.98 96.75 -66.36
N ARG Z 365 51.07 97.08 -67.27
CA ARG Z 365 50.01 96.16 -67.68
C ARG Z 365 50.21 95.72 -69.12
N PHE Z 366 49.69 94.52 -69.41
CA PHE Z 366 49.87 93.92 -70.73
C PHE Z 366 49.23 94.79 -71.81
N LEU Z 367 49.46 94.40 -73.07
CA LEU Z 367 48.87 95.09 -74.20
C LEU Z 367 48.28 94.12 -75.22
N PHE Z 368 48.43 92.81 -75.00
CA PHE Z 368 47.72 91.80 -75.77
C PHE Z 368 46.96 90.91 -74.79
N GLY Z 369 45.67 90.72 -75.03
CA GLY Z 369 44.83 90.04 -74.06
C GLY Z 369 44.86 90.78 -72.74
N ASP Z 370 44.33 92.00 -72.73
CA ASP Z 370 44.54 92.91 -71.61
C ASP Z 370 43.93 92.35 -70.32
N GLY Z 371 42.72 91.82 -70.39
CA GLY Z 371 42.00 91.46 -69.18
C GLY Z 371 41.84 89.98 -68.95
N ASP Z 372 42.28 89.15 -69.90
CA ASP Z 372 42.09 87.71 -69.79
C ASP Z 372 42.98 87.13 -68.70
N LEU Z 373 42.39 86.36 -67.79
CA LEU Z 373 43.16 85.63 -66.80
C LEU Z 373 43.67 84.29 -67.32
N THR Z 374 43.16 83.84 -68.45
CA THR Z 374 43.50 82.54 -69.02
C THR Z 374 43.84 82.67 -70.50
N PHE Z 375 44.60 83.71 -70.84
CA PHE Z 375 45.05 83.88 -72.22
C PHE Z 375 45.87 82.68 -72.65
N SER Z 376 45.56 82.13 -73.82
CA SER Z 376 46.15 80.87 -74.26
C SER Z 376 45.96 80.77 -75.77
N PRO Z 377 46.77 79.96 -76.45
CA PRO Z 377 46.60 79.80 -77.91
C PRO Z 377 45.24 79.28 -78.32
N ASP Z 378 44.41 78.83 -77.38
CA ASP Z 378 43.07 78.37 -77.74
C ASP Z 378 42.16 79.52 -78.16
N LEU Z 379 42.37 80.71 -77.58
CA LEU Z 379 41.50 81.83 -77.91
C LEU Z 379 41.60 82.24 -79.37
N VAL Z 380 42.80 82.20 -79.94
CA VAL Z 380 43.04 82.60 -81.32
C VAL Z 380 43.29 81.40 -82.23
N ARG Z 381 42.71 80.24 -81.89
CA ARG Z 381 42.99 79.01 -82.62
C ARG Z 381 42.66 79.15 -84.11
N GLU Z 382 41.72 80.02 -84.45
CA GLU Z 382 41.26 80.08 -85.84
C GLU Z 382 42.15 80.96 -86.70
N ARG Z 383 42.70 82.03 -86.14
CA ARG Z 383 43.51 82.97 -86.92
C ARG Z 383 44.99 82.62 -86.92
N ILE Z 384 45.49 81.98 -85.87
CA ILE Z 384 46.92 81.71 -85.73
C ILE Z 384 47.10 80.21 -85.54
N ARG Z 385 48.02 79.63 -86.31
CA ARG Z 385 48.37 78.22 -86.22
C ARG Z 385 49.77 78.10 -85.64
N ILE Z 386 49.90 77.38 -84.54
CA ILE Z 386 51.16 77.28 -83.82
C ILE Z 386 51.72 75.87 -83.98
N SER Z 387 52.97 75.78 -84.41
CA SER Z 387 53.66 74.49 -84.54
C SER Z 387 55.11 74.69 -84.16
N ASN Z 388 55.64 73.79 -83.33
CA ASN Z 388 57.00 73.89 -82.82
C ASN Z 388 58.05 73.42 -83.80
N CYS Z 389 57.64 72.88 -84.96
CA CYS Z 389 58.58 72.41 -85.96
C CYS Z 389 59.20 73.54 -86.78
N LEU Z 390 58.73 74.77 -86.61
CA LEU Z 390 59.26 75.90 -87.38
C LEU Z 390 60.54 76.43 -86.75
N PRO Z 391 61.28 77.26 -87.48
CA PRO Z 391 62.46 77.90 -86.89
C PRO Z 391 62.07 78.77 -85.71
N ASP Z 392 62.94 78.80 -84.71
CA ASP Z 392 62.69 79.55 -83.48
C ASP Z 392 63.68 80.69 -83.37
N PRO Z 393 63.25 81.95 -83.43
CA PRO Z 393 64.22 83.06 -83.29
C PRO Z 393 64.82 83.19 -81.90
N THR Z 394 64.16 82.66 -80.88
CA THR Z 394 64.64 82.78 -79.50
C THR Z 394 65.57 81.64 -79.10
N GLU Z 395 65.55 80.52 -79.81
CA GLU Z 395 66.43 79.39 -79.53
C GLU Z 395 66.33 78.97 -78.06
N GLY Z 396 65.13 78.52 -77.71
CA GLY Z 396 64.87 78.08 -76.35
C GLY Z 396 64.88 79.19 -75.32
N ASN Z 397 64.34 80.36 -75.68
CA ASN Z 397 64.16 81.46 -74.75
C ASN Z 397 65.48 81.97 -74.18
N THR Z 398 66.56 81.86 -74.94
CA THR Z 398 67.87 82.33 -74.50
C THR Z 398 68.25 83.68 -75.08
N LYS Z 399 67.44 84.23 -75.99
CA LYS Z 399 67.73 85.51 -76.63
C LYS Z 399 66.49 86.38 -76.63
N GLY Z 400 66.71 87.70 -76.56
CA GLY Z 400 65.65 88.67 -76.64
C GLY Z 400 65.12 89.14 -75.31
N GLY Z 401 65.35 88.41 -74.24
CA GLY Z 401 64.84 88.80 -72.94
C GLY Z 401 65.68 89.88 -72.29
N THR Z 402 65.21 90.31 -71.11
CA THR Z 402 65.93 91.33 -70.36
C THR Z 402 67.22 90.76 -69.80
N GLY Z 403 68.34 91.40 -70.09
CA GLY Z 403 69.64 90.93 -69.65
C GLY Z 403 70.27 89.89 -70.55
N GLN Z 404 69.52 89.32 -71.49
CA GLN Z 404 70.06 88.35 -72.42
C GLN Z 404 70.58 89.04 -73.68
N ASP Z 405 71.36 88.31 -74.46
CA ASP Z 405 71.88 88.84 -75.71
C ASP Z 405 70.76 89.02 -76.72
N ALA Z 406 70.96 89.97 -77.64
CA ALA Z 406 69.92 90.33 -78.58
C ALA Z 406 69.74 89.24 -79.63
N PHE Z 407 68.74 89.44 -80.49
CA PHE Z 407 68.45 88.49 -81.56
C PHE Z 407 69.58 88.48 -82.58
N ALA Z 408 69.44 87.60 -83.57
CA ALA Z 408 70.34 87.54 -84.70
C ALA Z 408 69.61 88.01 -85.96
N ALA Z 409 70.24 88.92 -86.71
CA ALA Z 409 69.59 89.47 -87.89
C ALA Z 409 69.29 88.39 -88.91
N GLY Z 410 68.16 88.55 -89.61
CA GLY Z 410 67.73 87.60 -90.61
C GLY Z 410 66.93 86.42 -90.08
N SER Z 411 66.64 86.39 -88.79
CA SER Z 411 65.92 85.26 -88.21
C SER Z 411 64.47 85.25 -88.70
N PHE Z 412 63.91 84.05 -88.84
CA PHE Z 412 62.51 83.89 -89.22
C PHE Z 412 61.63 84.02 -87.98
N ILE Z 413 60.51 84.73 -88.13
CA ILE Z 413 59.58 84.98 -87.03
C ILE Z 413 58.22 84.35 -87.31
N ALA Z 414 57.54 84.79 -88.37
CA ALA Z 414 56.23 84.26 -88.69
C ALA Z 414 55.96 84.45 -90.18
N ALA Z 415 55.03 83.66 -90.69
CA ALA Z 415 54.63 83.72 -92.09
C ALA Z 415 53.11 83.76 -92.18
N GLN Z 416 52.63 84.54 -93.15
CA GLN Z 416 51.20 84.68 -93.38
C GLN Z 416 50.92 84.53 -94.87
N ALA Z 417 49.81 83.89 -95.19
CA ALA Z 417 49.45 83.66 -96.58
C ALA Z 417 48.05 83.10 -96.65
N ALA Z 418 47.44 83.22 -97.83
CA ALA Z 418 46.13 82.62 -98.10
C ALA Z 418 46.36 81.23 -98.68
N TRP Z 419 46.61 80.29 -97.77
CA TRP Z 419 46.91 78.93 -98.18
C TRP Z 419 45.75 78.36 -98.99
N LYS Z 420 46.01 77.19 -99.60
CA LYS Z 420 45.09 76.57 -100.57
C LYS Z 420 45.19 77.27 -101.92
N THR Z 421 45.97 78.35 -101.98
CA THR Z 421 46.34 78.95 -103.26
C THR Z 421 47.84 79.19 -103.30
N ALA Z 422 48.45 79.39 -102.12
CA ALA Z 422 49.89 79.61 -102.07
C ALA Z 422 50.67 78.32 -102.24
N TYR Z 423 50.18 77.21 -101.68
CA TYR Z 423 50.91 75.95 -101.72
C TYR Z 423 49.94 74.82 -101.97
N TYR Z 424 50.45 73.75 -102.57
CA TYR Z 424 49.67 72.57 -102.91
C TYR Z 424 50.37 71.32 -102.41
N ALA Z 425 49.57 70.32 -102.03
CA ALA Z 425 50.07 69.02 -101.60
C ALA Z 425 49.39 67.93 -102.41
N VAL Z 426 50.17 67.02 -102.96
CA VAL Z 426 49.68 65.98 -103.86
C VAL Z 426 50.16 64.63 -103.38
N GLU Z 427 49.24 63.67 -103.33
CA GLU Z 427 49.55 62.29 -102.97
C GLU Z 427 49.11 61.36 -104.09
N LYS Z 428 49.94 60.37 -104.36
CA LYS Z 428 49.72 59.47 -105.49
C LYS Z 428 49.16 58.12 -105.10
N ARG Z 429 49.71 57.45 -104.09
CA ARG Z 429 49.18 56.19 -103.62
C ARG Z 429 49.40 56.08 -102.11
N PRO Z 430 48.58 55.32 -101.41
CA PRO Z 430 48.80 55.11 -99.98
C PRO Z 430 49.91 54.09 -99.74
N MET Z 431 50.32 53.99 -98.48
CA MET Z 431 51.38 53.06 -98.10
C MET Z 431 50.99 51.64 -98.45
N PHE Z 432 51.96 50.86 -98.91
CA PHE Z 432 51.77 49.46 -99.24
C PHE Z 432 52.87 48.63 -98.61
N PHE Z 433 52.54 47.39 -98.25
CA PHE Z 433 53.47 46.47 -97.62
C PHE Z 433 53.51 45.17 -98.39
N GLU Z 434 54.72 44.68 -98.68
CA GLU Z 434 54.92 43.46 -99.44
C GLU Z 434 55.96 42.59 -98.74
N GLN Z 435 55.80 41.28 -98.87
CA GLN Z 435 56.75 40.34 -98.32
C GLN Z 435 57.83 40.01 -99.35
N TYR Z 436 59.07 39.90 -98.89
CA TYR Z 436 60.22 39.71 -99.77
C TYR Z 436 60.58 38.23 -99.80
N GLU Z 437 60.58 37.63 -101.00
CA GLU Z 437 60.90 36.22 -101.13
C GLU Z 437 62.39 35.94 -101.03
N GLY Z 438 63.24 36.87 -101.47
CA GLY Z 438 64.67 36.63 -101.46
C GLY Z 438 65.25 36.45 -100.07
N GLY Z 439 64.78 37.23 -99.11
CA GLY Z 439 65.31 37.15 -97.75
C GLY Z 439 64.48 36.29 -96.82
N SER Z 440 63.30 35.88 -97.28
CA SER Z 440 62.42 35.08 -96.44
C SER Z 440 62.90 33.63 -96.40
N SER Z 441 62.30 32.87 -95.49
CA SER Z 441 62.59 31.45 -95.35
C SER Z 441 61.39 30.80 -94.67
N ALA Z 442 61.55 29.54 -94.30
CA ALA Z 442 60.57 28.91 -93.42
C ALA Z 442 60.78 29.27 -91.97
N TRP Z 443 61.91 29.92 -91.64
CA TRP Z 443 62.25 30.29 -90.28
C TRP Z 443 62.30 31.79 -90.06
N CYS Z 444 61.99 32.60 -91.07
CA CYS Z 444 62.15 34.04 -90.98
C CYS Z 444 61.23 34.73 -91.97
N VAL Z 445 61.11 36.06 -91.82
CA VAL Z 445 60.28 36.88 -92.70
C VAL Z 445 60.98 38.20 -92.93
N LYS Z 446 60.67 38.84 -94.06
CA LYS Z 446 61.19 40.16 -94.38
C LYS Z 446 60.12 40.95 -95.12
N TYR Z 447 59.90 42.19 -94.72
CA TYR Z 447 58.85 43.02 -95.27
C TYR Z 447 59.42 44.27 -95.93
N GLN Z 448 58.70 44.77 -96.93
CA GLN Z 448 59.06 45.96 -97.66
C GLN Z 448 57.87 46.91 -97.72
N PHE Z 449 58.14 48.21 -97.72
CA PHE Z 449 57.08 49.20 -97.74
C PHE Z 449 57.56 50.46 -98.46
N GLY Z 450 56.59 51.21 -98.98
CA GLY Z 450 56.90 52.47 -99.63
C GLY Z 450 55.63 53.24 -99.94
N ALA Z 451 55.81 54.54 -100.15
CA ALA Z 451 54.70 55.43 -100.48
C ALA Z 451 55.23 56.60 -101.30
N GLU Z 452 54.33 57.27 -102.02
CA GLU Z 452 54.69 58.33 -102.94
C GLU Z 452 53.88 59.57 -102.63
N ASP Z 453 54.48 60.75 -102.82
CA ASP Z 453 53.80 62.01 -102.57
C ASP Z 453 54.63 63.13 -103.19
N GLY Z 454 54.14 64.36 -103.06
CA GLY Z 454 54.84 65.50 -103.61
C GLY Z 454 54.17 66.79 -103.20
N GLY Z 455 54.77 67.91 -103.65
CA GLY Z 455 54.24 69.22 -103.37
C GLY Z 455 54.88 70.30 -104.21
N PHE Z 456 54.17 71.40 -104.42
CA PHE Z 456 54.69 72.50 -105.23
C PHE Z 456 54.00 73.80 -104.81
N VAL Z 457 54.72 74.91 -104.97
CA VAL Z 457 54.20 76.22 -104.58
C VAL Z 457 53.30 76.76 -105.68
N GLY Z 458 52.23 77.43 -105.27
CA GLY Z 458 51.29 78.01 -106.21
C GLY Z 458 51.62 79.46 -106.53
N CYS Z 459 50.76 80.37 -106.10
CA CYS Z 459 50.98 81.79 -106.35
C CYS Z 459 52.00 82.34 -105.36
N CYS Z 460 53.02 83.02 -105.87
CA CYS Z 460 54.02 83.62 -105.00
C CYS Z 460 53.52 84.91 -104.37
N GLU Z 461 52.50 85.52 -104.96
CA GLU Z 461 52.01 86.81 -104.47
C GLU Z 461 51.04 86.66 -103.31
N HIS Z 462 50.68 85.43 -102.93
CA HIS Z 462 49.67 85.20 -101.91
C HIS Z 462 50.27 84.95 -100.53
N GLY Z 463 51.56 85.21 -100.33
CA GLY Z 463 52.19 84.99 -99.05
C GLY Z 463 53.10 86.14 -98.65
N ARG Z 464 53.37 86.21 -97.36
CA ARG Z 464 54.27 87.19 -96.79
C ARG Z 464 55.11 86.53 -95.71
N VAL Z 465 56.29 87.07 -95.45
CA VAL Z 465 57.20 86.55 -94.44
C VAL Z 465 57.79 87.72 -93.66
N LEU Z 466 57.95 87.52 -92.36
CA LEU Z 466 58.53 88.52 -91.46
C LEU Z 466 59.86 88.02 -90.94
N ARG Z 467 60.86 88.90 -90.92
CA ARG Z 467 62.20 88.55 -90.45
C ARG Z 467 62.78 89.73 -89.68
N ILE Z 468 63.72 89.40 -88.78
CA ILE Z 468 64.40 90.44 -88.01
C ILE Z 468 65.33 91.22 -88.92
N GLY Z 469 65.52 92.50 -88.61
CA GLY Z 469 66.38 93.36 -89.39
C GLY Z 469 66.88 94.54 -88.59
N PHE AA 165 -27.88 125.98 -81.19
CA PHE AA 165 -27.42 125.30 -79.94
C PHE AA 165 -25.93 124.96 -80.04
N GLU AA 166 -25.09 125.73 -79.36
CA GLU AA 166 -23.66 125.60 -79.44
C GLU AA 166 -23.09 125.21 -78.08
N ALA AA 167 -21.99 124.46 -78.11
CA ALA AA 167 -21.40 123.94 -76.89
C ALA AA 167 -21.03 125.06 -75.94
N SER AA 168 -20.60 126.20 -76.48
CA SER AA 168 -20.23 127.34 -75.64
C SER AA 168 -21.45 128.09 -75.11
N THR AA 169 -22.66 127.58 -75.31
CA THR AA 169 -23.87 128.22 -74.84
C THR AA 169 -24.78 127.29 -74.05
N ILE AA 170 -24.82 126.00 -74.38
CA ILE AA 170 -25.88 125.14 -73.86
C ILE AA 170 -25.55 124.48 -72.52
N GLY AA 171 -24.27 124.28 -72.21
CA GLY AA 171 -23.89 123.71 -70.94
C GLY AA 171 -23.41 122.28 -71.04
N PRO AA 172 -22.74 121.79 -69.98
CA PRO AA 172 -22.03 120.51 -70.09
C PRO AA 172 -22.91 119.29 -69.89
N ALA AA 173 -24.08 119.42 -69.26
CA ALA AA 173 -24.87 118.24 -68.93
C ALA AA 173 -25.30 117.46 -70.16
N PHE AA 174 -25.29 118.09 -71.34
CA PHE AA 174 -25.71 117.40 -72.56
C PHE AA 174 -24.66 116.47 -73.12
N PHE AA 175 -23.37 116.72 -72.85
CA PHE AA 175 -22.27 115.95 -73.42
C PHE AA 175 -21.75 114.98 -72.36
N THR AA 176 -21.73 113.68 -72.71
CA THR AA 176 -21.24 112.63 -71.82
C THR AA 176 -19.89 112.14 -72.31
N PRO AA 177 -18.81 112.26 -71.51
CA PRO AA 177 -17.49 111.90 -72.00
C PRO AA 177 -17.29 110.40 -72.10
N GLN AA 178 -16.30 110.03 -72.92
CA GLN AA 178 -15.91 108.63 -73.08
C GLN AA 178 -15.25 108.12 -71.80
N VAL AA 179 -15.52 106.88 -71.45
CA VAL AA 179 -14.95 106.28 -70.25
C VAL AA 179 -13.78 105.39 -70.67
N LEU AA 180 -12.57 105.83 -70.35
CA LEU AA 180 -11.38 105.01 -70.61
C LEU AA 180 -11.32 103.86 -69.61
N ALA AA 181 -10.31 103.00 -69.80
CA ALA AA 181 -10.17 101.82 -68.95
C ALA AA 181 -8.94 101.90 -68.06
N LEU AA 182 -7.93 102.67 -68.44
CA LEU AA 182 -6.66 102.65 -67.73
C LEU AA 182 -6.80 103.28 -66.34
N GLU AA 183 -5.88 102.90 -65.46
CA GLU AA 183 -5.75 103.49 -64.14
C GLU AA 183 -4.30 103.91 -63.93
N VAL AA 184 -4.10 105.13 -63.47
CA VAL AA 184 -2.78 105.71 -63.32
C VAL AA 184 -2.40 105.71 -61.84
N ASP AA 185 -1.28 105.08 -61.51
CA ASP AA 185 -0.79 105.02 -60.15
C ASP AA 185 0.68 105.42 -60.12
N CYS AA 186 1.06 106.21 -59.13
CA CYS AA 186 2.41 106.73 -59.01
C CYS AA 186 3.15 106.22 -57.78
N ASN AA 187 2.49 105.45 -56.92
CA ASN AA 187 3.12 105.05 -55.66
C ASN AA 187 4.32 104.14 -55.91
N ILE AA 188 5.30 104.22 -55.01
CA ILE AA 188 6.55 103.49 -55.16
C ILE AA 188 6.56 102.29 -54.23
N GLU AA 189 6.60 101.10 -54.81
CA GLU AA 189 6.71 99.85 -54.04
C GLU AA 189 8.13 99.31 -54.16
N CYS AA 190 8.82 99.18 -53.03
CA CYS AA 190 10.20 98.73 -53.05
C CYS AA 190 10.29 97.30 -53.59
N ALA AA 191 11.40 97.00 -54.25
CA ALA AA 191 11.59 95.67 -54.82
C ALA AA 191 11.70 94.63 -53.71
N SER AA 192 11.03 93.49 -53.91
CA SER AA 192 10.99 92.46 -52.89
C SER AA 192 12.02 91.38 -53.16
N LEU AA 193 12.53 90.79 -52.08
CA LEU AA 193 13.49 89.70 -52.15
C LEU AA 193 12.84 88.34 -51.92
N LEU AA 194 11.52 88.27 -51.84
CA LEU AA 194 10.86 87.03 -51.44
C LEU AA 194 11.19 85.89 -52.39
N ASP AA 195 11.36 86.16 -53.68
CA ASP AA 195 11.64 85.07 -54.62
C ASP AA 195 13.04 84.51 -54.44
N LEU AA 196 13.89 85.15 -53.64
CA LEU AA 196 15.23 84.63 -53.42
C LEU AA 196 15.28 83.60 -52.30
N TYR AA 197 14.31 83.61 -51.40
CA TYR AA 197 14.42 82.90 -50.13
C TYR AA 197 14.06 81.42 -50.22
N GLY AA 198 13.61 80.92 -51.36
CA GLY AA 198 13.28 79.51 -51.45
C GLY AA 198 12.21 79.11 -50.44
N GLN AA 199 11.00 79.58 -50.66
CA GLN AA 199 9.94 79.45 -49.66
C GLN AA 199 9.42 78.02 -49.58
N ILE AA 200 8.71 77.74 -48.50
CA ILE AA 200 8.04 76.47 -48.27
C ILE AA 200 6.60 76.76 -47.86
N GLU AA 201 5.79 75.70 -47.78
CA GLU AA 201 4.37 75.83 -47.46
C GLU AA 201 3.98 74.79 -46.43
N VAL AA 202 3.13 75.20 -45.49
CA VAL AA 202 2.64 74.33 -44.42
C VAL AA 202 1.11 74.43 -44.38
N SER AA 203 0.52 73.72 -43.42
CA SER AA 203 -0.93 73.73 -43.23
C SER AA 203 -1.32 73.78 -41.75
N ARG AA 204 -0.35 73.97 -40.85
CA ARG AA 204 -0.62 74.08 -39.43
C ARG AA 204 0.25 75.17 -38.84
N SER AA 205 -0.18 75.72 -37.70
CA SER AA 205 0.50 76.86 -37.10
C SER AA 205 1.87 76.52 -36.54
N THR AA 206 2.23 75.24 -36.47
CA THR AA 206 3.55 74.83 -36.00
C THR AA 206 4.11 73.80 -36.97
N PHE AA 207 5.43 73.79 -37.11
CA PHE AA 207 6.09 72.89 -38.05
C PHE AA 207 7.45 72.48 -37.47
N THR AA 208 7.99 71.39 -38.00
CA THR AA 208 9.16 70.74 -37.44
C THR AA 208 10.07 70.24 -38.55
N TYR AA 209 11.38 70.18 -38.27
CA TYR AA 209 12.34 69.69 -39.23
C TYR AA 209 13.61 69.27 -38.49
N MET AA 210 14.48 68.55 -39.20
CA MET AA 210 15.70 68.00 -38.64
C MET AA 210 16.91 68.73 -39.22
N LYS AA 211 17.92 68.92 -38.37
CA LYS AA 211 19.19 69.54 -38.76
C LYS AA 211 20.33 68.57 -38.49
N ILE AA 212 21.17 68.35 -39.49
CA ILE AA 212 22.32 67.44 -39.35
C ILE AA 212 23.47 68.29 -38.82
N ALA AA 213 23.69 68.22 -37.51
CA ALA AA 213 24.74 69.04 -36.90
C ALA AA 213 26.12 68.65 -37.39
N ASP AA 214 26.39 67.35 -37.55
CA ASP AA 214 27.74 66.89 -37.87
C ASP AA 214 27.70 65.45 -38.34
N TYR AA 215 28.44 65.16 -39.41
CA TYR AA 215 28.72 63.78 -39.79
C TYR AA 215 29.87 63.24 -38.96
N GLY AA 216 29.97 61.92 -38.89
CA GLY AA 216 31.04 61.28 -38.17
C GLY AA 216 32.25 61.03 -39.05
N GLN AA 217 33.17 60.24 -38.51
CA GLN AA 217 34.36 59.78 -39.22
C GLN AA 217 34.41 58.27 -39.13
N LEU AA 218 34.10 57.60 -40.24
CA LEU AA 218 33.95 56.15 -40.26
C LEU AA 218 34.96 55.53 -41.22
N GLY AA 219 35.72 54.56 -40.73
CA GLY AA 219 36.59 53.77 -41.58
C GLY AA 219 37.94 54.41 -41.86
N GLU AA 220 38.84 53.64 -42.47
CA GLU AA 220 40.15 54.14 -42.87
C GLU AA 220 40.78 53.13 -43.79
N TYR AA 221 41.85 53.55 -44.47
CA TYR AA 221 42.59 52.66 -45.35
C TYR AA 221 43.37 51.66 -44.51
N THR AA 222 43.12 50.36 -44.75
CA THR AA 222 43.68 49.31 -43.92
C THR AA 222 44.43 48.30 -44.80
N CYS AA 223 45.48 47.72 -44.23
CA CYS AA 223 46.24 46.70 -44.93
C CYS AA 223 45.36 45.50 -45.23
N ASP AA 224 45.55 44.90 -46.40
CA ASP AA 224 44.71 43.79 -46.83
C ASP AA 224 45.08 42.48 -46.13
N ALA AA 225 46.17 42.45 -45.37
CA ALA AA 225 46.66 41.18 -44.84
C ALA AA 225 45.96 40.77 -43.55
N LYS AA 226 45.21 41.67 -42.91
CA LYS AA 226 44.61 41.40 -41.61
C LYS AA 226 43.10 41.31 -41.74
N CYS AA 227 42.47 40.69 -40.74
CA CYS AA 227 41.10 40.23 -40.86
C CYS AA 227 40.08 41.05 -40.06
N ASP AA 228 40.50 42.09 -39.37
CA ASP AA 228 39.61 42.84 -38.49
C ASP AA 228 39.54 44.31 -38.91
N ALA AA 229 38.73 45.08 -38.18
CA ALA AA 229 38.55 46.50 -38.42
C ALA AA 229 38.22 47.17 -37.10
N GLU AA 230 38.30 48.50 -37.09
CA GLU AA 230 38.19 49.28 -35.86
C GLU AA 230 37.03 50.26 -35.93
N PHE AA 231 36.51 50.61 -34.75
CA PHE AA 231 35.37 51.51 -34.65
C PHE AA 231 35.77 52.94 -35.02
N GLY AA 232 34.79 53.68 -35.57
CA GLY AA 232 34.95 55.10 -35.80
C GLY AA 232 34.41 55.90 -34.63
N GLU AA 233 33.86 57.08 -34.93
CA GLU AA 233 33.20 57.90 -33.94
C GLU AA 233 31.90 58.44 -34.53
N PRO AA 234 30.91 58.75 -33.69
CA PRO AA 234 29.59 59.07 -34.20
C PRO AA 234 29.44 60.55 -34.56
N GLY AA 235 28.35 60.83 -35.26
CA GLY AA 235 28.01 62.18 -35.65
C GLY AA 235 27.11 62.85 -34.64
N ASN AA 236 26.23 63.71 -35.15
CA ASN AA 236 25.30 64.46 -34.29
C ASN AA 236 24.16 64.98 -35.15
N ILE AA 237 22.94 64.60 -34.81
CA ILE AA 237 21.74 65.05 -35.50
C ILE AA 237 20.77 65.59 -34.46
N ARG AA 238 20.13 66.72 -34.78
CA ARG AA 238 19.35 67.46 -33.79
C ARG AA 238 17.99 67.84 -34.36
N HIS AA 239 17.17 68.45 -33.51
CA HIS AA 239 15.76 68.65 -33.77
C HIS AA 239 15.41 70.12 -33.60
N LEU AA 240 14.69 70.69 -34.57
CA LEU AA 240 14.35 72.11 -34.58
C LEU AA 240 12.86 72.30 -34.87
N GLU AA 241 12.34 73.43 -34.42
CA GLU AA 241 10.92 73.76 -34.60
C GLU AA 241 10.76 75.25 -34.89
N GLY AA 242 9.60 75.59 -35.45
CA GLY AA 242 9.25 76.97 -35.70
C GLY AA 242 7.75 77.18 -35.56
N LYS AA 243 7.35 78.46 -35.62
CA LYS AA 243 5.95 78.83 -35.48
C LYS AA 243 5.59 79.91 -36.50
N THR AA 244 4.32 80.30 -36.48
CA THR AA 244 3.75 81.19 -37.48
C THR AA 244 3.07 82.38 -36.81
N TYR AA 245 3.06 83.52 -37.50
CA TYR AA 245 2.48 84.76 -37.01
C TYR AA 245 1.32 85.17 -37.91
N ASP AA 246 0.48 86.07 -37.43
CA ASP AA 246 -0.74 86.46 -38.11
C ASP AA 246 -0.81 87.97 -38.32
N TYR AA 247 -1.44 88.38 -39.41
CA TYR AA 247 -1.64 89.78 -39.76
C TYR AA 247 -3.13 90.08 -39.70
N ARG AA 248 -3.50 91.24 -39.16
CA ARG AA 248 -4.88 91.48 -38.78
C ARG AA 248 -5.28 92.93 -39.02
N GLY AA 249 -6.57 93.14 -39.28
CA GLY AA 249 -7.08 94.48 -39.51
C GLY AA 249 -8.58 94.46 -39.74
N VAL AA 250 -9.13 95.66 -39.92
CA VAL AA 250 -10.57 95.85 -40.11
C VAL AA 250 -10.82 97.14 -40.89
N PHE AA 251 -11.92 97.17 -41.63
CA PHE AA 251 -12.35 98.37 -42.33
C PHE AA 251 -13.87 98.34 -42.48
N CYS AA 252 -14.45 99.52 -42.74
CA CYS AA 252 -15.89 99.71 -42.64
C CYS AA 252 -16.41 100.41 -43.90
N PHE AA 253 -17.72 100.31 -44.12
CA PHE AA 253 -18.37 100.91 -45.28
C PHE AA 253 -19.81 101.29 -44.95
N ASN AA 254 -20.40 102.09 -45.83
CA ASN AA 254 -21.82 102.39 -45.77
C ASN AA 254 -22.52 101.75 -46.98
N ARG AA 255 -23.63 101.07 -46.72
CA ARG AA 255 -24.25 100.24 -47.76
C ARG AA 255 -24.74 101.07 -48.94
N LYS AA 256 -25.41 102.20 -48.69
CA LYS AA 256 -25.98 102.98 -49.77
C LYS AA 256 -24.89 103.50 -50.70
N ASN AA 257 -23.86 104.13 -50.13
CA ASN AA 257 -22.77 104.64 -50.95
C ASN AA 257 -22.02 103.51 -51.64
N LEU AA 258 -21.87 102.38 -50.97
CA LEU AA 258 -21.15 101.25 -51.56
C LEU AA 258 -21.91 100.66 -52.74
N GLN AA 259 -23.24 100.68 -52.70
CA GLN AA 259 -24.03 100.05 -53.74
C GLN AA 259 -24.35 101.01 -54.89
N GLU AA 260 -24.50 102.29 -54.62
CA GLU AA 260 -24.89 103.24 -55.66
C GLU AA 260 -23.70 103.82 -56.42
N ALA AA 261 -22.47 103.50 -56.02
CA ALA AA 261 -21.31 104.08 -56.67
C ALA AA 261 -21.03 103.40 -58.01
N ASN AA 262 -20.25 104.09 -58.84
CA ASN AA 262 -19.83 103.57 -60.14
C ASN AA 262 -18.42 103.01 -60.12
N TYR AA 263 -17.96 102.52 -58.97
CA TYR AA 263 -16.61 101.98 -58.83
C TYR AA 263 -16.64 100.90 -57.77
N ASP AA 264 -15.64 100.01 -57.81
CA ASP AA 264 -15.62 98.82 -56.94
C ASP AA 264 -14.71 99.09 -55.76
N PHE AA 265 -15.27 99.81 -54.77
CA PHE AA 265 -14.50 100.16 -53.58
C PHE AA 265 -14.12 98.93 -52.77
N LEU AA 266 -14.98 97.91 -52.74
CA LEU AA 266 -14.65 96.69 -52.01
C LEU AA 266 -13.40 96.03 -52.60
N SER AA 267 -13.38 95.89 -53.93
CA SER AA 267 -12.19 95.32 -54.58
C SER AA 267 -10.97 96.19 -54.36
N PHE AA 268 -11.13 97.51 -54.43
CA PHE AA 268 -9.99 98.38 -54.17
C PHE AA 268 -9.43 98.18 -52.77
N MET AA 269 -10.33 98.06 -51.77
CA MET AA 269 -9.86 97.87 -50.41
C MET AA 269 -9.21 96.51 -50.21
N ILE AA 270 -9.72 95.48 -50.87
CA ILE AA 270 -9.05 94.17 -50.83
C ILE AA 270 -7.64 94.30 -51.38
N GLY AA 271 -7.51 94.96 -52.53
CA GLY AA 271 -6.19 95.14 -53.11
C GLY AA 271 -5.25 95.91 -52.20
N ALA AA 272 -5.76 96.97 -51.58
CA ALA AA 272 -4.93 97.77 -50.68
C ALA AA 272 -4.48 96.95 -49.48
N ALA AA 273 -5.39 96.15 -48.92
CA ALA AA 273 -5.02 95.31 -47.78
C ALA AA 273 -3.93 94.32 -48.17
N GLN AA 274 -4.06 93.69 -49.33
CA GLN AA 274 -3.05 92.74 -49.75
C GLN AA 274 -1.70 93.43 -50.02
N ARG AA 275 -1.74 94.62 -50.61
CA ARG AA 275 -0.50 95.37 -50.82
C ARG AA 275 0.19 95.69 -49.51
N SER AA 276 -0.58 96.14 -48.52
CA SER AA 276 0.00 96.42 -47.21
C SER AA 276 0.59 95.16 -46.59
N HIS AA 277 -0.11 94.03 -46.73
CA HIS AA 277 0.43 92.78 -46.21
C HIS AA 277 1.75 92.43 -46.87
N ARG AA 278 1.83 92.58 -48.20
CA ARG AA 278 3.06 92.25 -48.90
C ARG AA 278 4.22 93.13 -48.43
N ILE AA 279 3.97 94.44 -48.33
CA ILE AA 279 5.04 95.34 -47.91
C ILE AA 279 5.50 95.02 -46.50
N ASN AA 280 4.55 94.80 -45.58
CA ASN AA 280 4.92 94.52 -44.20
C ASN AA 280 5.68 93.20 -44.10
N ARG AA 281 5.25 92.18 -44.85
CA ARG AA 281 5.96 90.91 -44.83
C ARG AA 281 7.38 91.07 -45.35
N ASN AA 282 7.55 91.83 -46.44
CA ASN AA 282 8.89 92.02 -46.98
C ASN AA 282 9.80 92.73 -46.00
N ARG AA 283 9.29 93.75 -45.30
CA ARG AA 283 10.10 94.41 -44.28
C ARG AA 283 10.41 93.46 -43.12
N ALA AA 284 9.40 92.69 -42.70
CA ALA AA 284 9.55 91.85 -41.53
C ALA AA 284 10.59 90.76 -41.76
N LEU AA 285 10.57 90.12 -42.94
CA LEU AA 285 11.60 89.13 -43.21
C LEU AA 285 12.85 89.81 -43.72
N MET AA 286 13.18 90.96 -43.16
CA MET AA 286 14.48 91.56 -43.39
C MET AA 286 15.03 92.16 -42.09
N VAL AA 287 14.15 92.79 -41.31
CA VAL AA 287 14.57 93.42 -40.06
C VAL AA 287 13.62 93.11 -38.91
N GLY AA 288 12.73 92.15 -39.11
CA GLY AA 288 11.74 91.86 -38.09
C GLY AA 288 12.35 91.31 -36.82
N ASP AA 289 11.66 91.57 -35.71
CA ASP AA 289 12.03 91.02 -34.40
C ASP AA 289 11.08 89.88 -34.05
N GLY AA 290 11.64 88.77 -33.58
CA GLY AA 290 10.91 87.52 -33.46
C GLY AA 290 9.84 87.49 -32.40
N ILE AA 291 9.45 88.61 -31.80
CA ILE AA 291 8.44 88.58 -30.76
C ILE AA 291 7.04 88.51 -31.36
N ASN AA 292 6.76 89.34 -32.37
CA ASN AA 292 5.49 89.29 -33.09
C ASN AA 292 5.64 89.21 -34.59
N GLU AA 293 6.78 89.62 -35.15
CA GLU AA 293 7.05 89.53 -36.57
C GLU AA 293 8.14 88.49 -36.80
N PRO AA 294 8.17 87.86 -37.97
CA PRO AA 294 9.25 86.90 -38.25
C PRO AA 294 10.60 87.58 -38.15
N LYS AA 295 11.57 86.86 -37.59
CA LYS AA 295 12.88 87.45 -37.34
C LYS AA 295 13.68 87.51 -38.64
N GLY AA 296 14.21 88.68 -38.95
CA GLY AA 296 14.94 88.89 -40.17
C GLY AA 296 16.42 88.56 -40.01
N TRP AA 297 17.06 88.19 -41.12
CA TRP AA 297 18.48 87.83 -41.07
C TRP AA 297 19.34 89.00 -40.66
N LEU AA 298 19.06 90.20 -41.17
CA LEU AA 298 19.86 91.36 -40.82
C LEU AA 298 19.72 91.76 -39.35
N LYS AA 299 18.61 91.41 -38.71
CA LYS AA 299 18.44 91.67 -37.29
C LYS AA 299 19.05 90.57 -36.44
N GLU AA 300 18.91 89.31 -36.87
CA GLU AA 300 19.54 88.21 -36.15
C GLU AA 300 21.06 88.35 -36.15
N ASP AA 301 21.65 88.74 -37.28
CA ASP AA 301 23.08 89.03 -37.36
C ASP AA 301 23.92 87.80 -37.08
N CYS AA 302 23.67 86.71 -37.80
CA CYS AA 302 24.43 85.48 -37.65
C CYS AA 302 25.49 85.30 -38.73
N PHE AA 303 25.39 86.01 -39.84
CA PHE AA 303 26.34 85.85 -40.91
C PHE AA 303 27.70 86.41 -40.49
N PRO AA 304 28.81 85.74 -40.83
CA PRO AA 304 30.13 86.34 -40.56
C PRO AA 304 30.28 87.67 -41.26
N THR AA 305 31.00 88.59 -40.62
CA THR AA 305 31.09 89.98 -41.07
C THR AA 305 32.54 90.32 -41.41
N PHE AA 306 32.71 91.18 -42.41
CA PHE AA 306 34.01 91.72 -42.79
C PHE AA 306 33.98 93.24 -42.64
N LEU AA 307 35.06 93.81 -42.12
CA LEU AA 307 35.17 95.25 -42.01
C LEU AA 307 35.89 95.82 -43.22
N THR AA 308 36.16 97.13 -43.18
CA THR AA 308 36.88 97.82 -44.24
C THR AA 308 38.10 98.49 -43.64
N LEU AA 309 39.20 98.48 -44.38
CA LEU AA 309 40.45 99.02 -43.87
C LEU AA 309 40.40 100.54 -43.94
N PRO AA 310 40.66 101.25 -42.82
CA PRO AA 310 40.63 102.71 -42.86
C PRO AA 310 41.83 103.31 -43.58
N VAL AA 311 41.94 104.64 -43.59
CA VAL AA 311 43.03 105.32 -44.27
C VAL AA 311 43.40 106.57 -43.49
N ASN AA 312 44.68 106.93 -43.54
CA ASN AA 312 45.20 108.13 -42.88
C ASN AA 312 45.07 109.30 -43.84
N THR AA 313 43.95 110.02 -43.74
CA THR AA 313 43.69 111.15 -44.61
C THR AA 313 44.56 112.36 -44.31
N GLY AA 314 45.31 112.35 -43.21
CA GLY AA 314 46.09 113.51 -42.83
C GLY AA 314 47.51 113.47 -43.35
N THR AA 315 48.48 113.37 -42.44
CA THR AA 315 49.90 113.36 -42.80
C THR AA 315 50.56 112.19 -42.08
N PRO AA 316 51.67 111.68 -42.61
CA PRO AA 316 52.33 110.54 -41.93
C PRO AA 316 52.71 110.84 -40.50
N GLU AA 317 53.10 112.07 -40.18
CA GLU AA 317 53.50 112.40 -38.82
C GLU AA 317 52.33 112.32 -37.84
N ASN AA 318 51.09 112.29 -38.33
CA ASN AA 318 49.91 112.25 -37.48
C ASN AA 318 48.89 111.28 -38.08
N PRO AA 319 48.75 110.07 -37.52
CA PRO AA 319 47.77 109.13 -38.07
C PRO AA 319 46.34 109.50 -37.71
N VAL AA 320 45.56 109.90 -38.71
CA VAL AA 320 44.16 110.26 -38.45
C VAL AA 320 43.30 109.01 -38.44
N GLN AA 321 43.46 108.13 -39.44
CA GLN AA 321 42.76 106.86 -39.50
C GLN AA 321 41.24 107.04 -39.56
N THR AA 322 40.81 107.72 -40.62
CA THR AA 322 39.38 107.88 -40.87
C THR AA 322 38.85 106.70 -41.67
N PRO AA 323 37.57 106.36 -41.53
CA PRO AA 323 37.00 105.26 -42.32
C PRO AA 323 36.93 105.62 -43.80
N ALA AA 324 36.97 104.59 -44.64
CA ALA AA 324 36.96 104.77 -46.07
C ALA AA 324 36.37 103.52 -46.73
N PHE AA 325 36.02 103.67 -48.01
CA PHE AA 325 35.45 102.57 -48.79
C PHE AA 325 35.99 102.66 -50.20
N LEU AA 326 36.51 101.56 -50.72
CA LEU AA 326 37.24 101.56 -51.98
C LEU AA 326 36.87 100.35 -52.84
N ALA AA 327 37.07 100.52 -54.16
CA ALA AA 327 36.89 99.42 -55.09
C ALA AA 327 37.79 98.25 -54.73
N GLN AA 328 38.97 98.53 -54.19
CA GLN AA 328 39.82 97.46 -53.67
C GLN AA 328 39.07 96.62 -52.65
N ASP AA 329 38.43 97.27 -51.68
CA ASP AA 329 37.68 96.57 -50.66
C ASP AA 329 36.51 95.81 -51.27
N TRP AA 330 35.81 96.41 -52.22
CA TRP AA 330 34.68 95.71 -52.85
C TRP AA 330 35.15 94.43 -53.54
N ARG AA 331 36.22 94.53 -54.33
CA ARG AA 331 36.72 93.34 -55.03
C ARG AA 331 37.18 92.28 -54.05
N ARG AA 332 37.92 92.68 -53.02
CA ARG AA 332 38.40 91.71 -52.04
C ARG AA 332 37.26 91.06 -51.26
N PHE AA 333 36.17 91.79 -51.05
CA PHE AA 333 35.01 91.19 -50.37
C PHE AA 333 34.29 90.21 -51.28
N VAL AA 334 34.07 90.59 -52.54
CA VAL AA 334 33.30 89.71 -53.43
C VAL AA 334 34.08 88.44 -53.73
N THR AA 335 35.40 88.53 -53.87
CA THR AA 335 36.18 87.35 -54.22
C THR AA 335 36.39 86.39 -53.07
N SER AA 336 36.00 86.76 -51.85
CA SER AA 336 36.26 85.92 -50.68
C SER AA 336 35.16 84.90 -50.42
N PHE AA 337 33.99 85.05 -51.00
CA PHE AA 337 32.90 84.13 -50.73
C PHE AA 337 33.24 82.75 -51.26
N PRO AA 338 33.10 81.68 -50.47
CA PRO AA 338 33.48 80.35 -50.94
C PRO AA 338 32.76 79.97 -52.22
N ALA AA 339 33.47 79.26 -53.10
CA ALA AA 339 32.87 78.76 -54.32
C ALA AA 339 32.14 77.44 -54.13
N GLU AA 340 32.19 76.87 -52.92
CA GLU AA 340 31.54 75.59 -52.68
C GLU AA 340 30.03 75.70 -52.53
N TYR AA 341 29.51 76.88 -52.21
CA TYR AA 341 28.11 77.06 -51.87
C TYR AA 341 27.33 77.57 -53.08
N GLY AA 342 26.60 76.67 -53.73
CA GLY AA 342 25.61 77.03 -54.74
C GLY AA 342 26.02 78.17 -55.66
N ASP AA 343 25.07 79.06 -55.95
CA ASP AA 343 25.28 80.23 -56.79
C ASP AA 343 25.05 81.48 -55.95
N ALA AA 344 26.10 82.23 -55.69
CA ALA AA 344 26.01 83.39 -54.83
C ALA AA 344 25.30 84.53 -55.52
N ARG AA 345 24.56 85.32 -54.74
CA ARG AA 345 23.97 86.57 -55.20
C ARG AA 345 24.22 87.63 -54.13
N SER AA 346 24.33 88.88 -54.57
CA SER AA 346 24.62 89.98 -53.66
C SER AA 346 23.46 90.96 -53.67
N VAL AA 347 23.31 91.65 -52.54
CA VAL AA 347 22.18 92.54 -52.30
C VAL AA 347 22.72 93.85 -51.75
N MET AA 348 22.20 94.98 -52.24
CA MET AA 348 22.75 96.27 -51.87
C MET AA 348 21.71 97.36 -52.12
N HIS AA 349 22.09 98.59 -51.79
CA HIS AA 349 21.22 99.74 -51.94
C HIS AA 349 21.63 100.56 -53.16
N GLN AA 350 20.62 101.17 -53.81
CA GLN AA 350 20.88 101.87 -55.06
C GLN AA 350 21.86 103.02 -54.86
N ASN AA 351 21.80 103.70 -53.73
CA ASN AA 351 22.78 104.75 -53.46
C ASN AA 351 24.19 104.18 -53.38
N VAL AA 352 24.35 103.02 -52.76
CA VAL AA 352 25.67 102.38 -52.70
C VAL AA 352 26.14 102.02 -54.10
N PHE AA 353 25.24 101.49 -54.93
CA PHE AA 353 25.62 101.15 -56.29
C PHE AA 353 26.04 102.38 -57.07
N GLY AA 354 25.32 103.49 -56.91
CA GLY AA 354 25.70 104.72 -57.57
C GLY AA 354 27.05 105.22 -57.12
N TYR AA 355 27.31 105.17 -55.81
CA TYR AA 355 28.62 105.57 -55.30
C TYR AA 355 29.71 104.68 -55.84
N LEU AA 356 29.41 103.39 -56.02
CA LEU AA 356 30.43 102.44 -56.45
C LEU AA 356 30.73 102.59 -57.94
N ALA AA 357 29.71 102.93 -58.74
CA ALA AA 357 29.89 102.99 -60.18
C ALA AA 357 30.50 104.30 -60.67
N ALA AA 358 30.70 105.28 -59.79
CA ALA AA 358 31.24 106.58 -60.18
C ALA AA 358 32.67 106.80 -59.69
N MET AA 359 33.40 105.73 -59.42
CA MET AA 359 34.79 105.86 -59.00
C MET AA 359 35.71 105.93 -60.21
N VAL AA 360 36.81 106.67 -60.08
CA VAL AA 360 37.76 106.87 -61.16
C VAL AA 360 39.17 106.62 -60.64
N ASP AA 361 40.06 106.28 -61.57
CA ASP AA 361 41.47 106.09 -61.25
C ASP AA 361 42.21 107.42 -61.36
N ALA AA 362 43.54 107.35 -61.35
CA ALA AA 362 44.35 108.56 -61.36
C ALA AA 362 44.18 109.37 -62.63
N ASN AA 363 43.97 108.73 -63.77
CA ASN AA 363 43.90 109.42 -65.05
C ASN AA 363 42.53 110.01 -65.34
N GLY AA 364 41.55 109.79 -64.48
CA GLY AA 364 40.23 110.36 -64.65
C GLY AA 364 39.22 109.47 -65.35
N ARG AA 365 39.56 108.23 -65.62
CA ARG AA 365 38.62 107.30 -66.25
C ARG AA 365 38.11 106.29 -65.23
N PHE AA 366 36.91 105.77 -65.48
CA PHE AA 366 36.25 104.88 -64.56
C PHE AA 366 36.99 103.55 -64.49
N LEU AA 367 36.65 102.74 -63.48
CA LEU AA 367 37.22 101.41 -63.32
C LEU AA 367 36.16 100.34 -63.13
N PHE AA 368 34.88 100.70 -63.16
CA PHE AA 368 33.79 99.74 -63.23
C PHE AA 368 32.92 100.12 -64.43
N GLY AA 369 32.75 99.19 -65.36
CA GLY AA 369 32.12 99.53 -66.62
C GLY AA 369 32.93 100.58 -67.35
N ASP AA 370 34.13 100.21 -67.77
CA ASP AA 370 35.10 101.19 -68.27
C ASP AA 370 34.57 101.94 -69.48
N GLY AA 371 34.12 101.21 -70.49
CA GLY AA 371 33.74 101.80 -71.77
C GLY AA 371 32.27 101.93 -72.05
N ASP AA 372 31.40 101.52 -71.13
CA ASP AA 372 29.97 101.54 -71.38
C ASP AA 372 29.44 102.97 -71.27
N LEU AA 373 28.67 103.39 -72.27
CA LEU AA 373 27.97 104.67 -72.21
C LEU AA 373 26.59 104.54 -71.58
N THR AA 374 26.13 103.33 -71.30
CA THR AA 374 24.81 103.09 -70.73
C THR AA 374 24.87 102.17 -69.51
N PHE AA 375 25.92 102.29 -68.70
CA PHE AA 375 26.02 101.46 -67.51
C PHE AA 375 24.83 101.71 -66.59
N SER AA 376 24.23 100.64 -66.12
CA SER AA 376 23.00 100.71 -65.35
C SER AA 376 22.78 99.35 -64.68
N PRO AA 377 21.98 99.32 -63.60
CA PRO AA 377 21.72 98.03 -62.94
C PRO AA 377 21.16 96.95 -63.87
N ASP AA 378 20.68 97.32 -65.07
CA ASP AA 378 20.18 96.32 -66.00
C ASP AA 378 21.27 95.34 -66.41
N LEU AA 379 22.50 95.83 -66.58
CA LEU AA 379 23.59 94.95 -67.01
C LEU AA 379 23.90 93.90 -65.96
N VAL AA 380 24.04 94.29 -64.70
CA VAL AA 380 24.38 93.36 -63.62
C VAL AA 380 23.16 92.80 -62.93
N ARG AA 381 21.96 92.99 -63.49
CA ARG AA 381 20.73 92.53 -62.85
C ARG AA 381 20.83 91.09 -62.36
N GLU AA 382 21.64 90.25 -63.02
CA GLU AA 382 21.65 88.83 -62.69
C GLU AA 382 22.48 88.53 -61.45
N ARG AA 383 23.45 89.38 -61.11
CA ARG AA 383 24.34 89.12 -59.98
C ARG AA 383 24.10 90.03 -58.79
N ILE AA 384 23.53 91.21 -59.00
CA ILE AA 384 23.31 92.19 -57.94
C ILE AA 384 21.82 92.50 -57.90
N ARG AA 385 21.22 92.37 -56.72
CA ARG AA 385 19.80 92.61 -56.53
C ARG AA 385 19.64 93.91 -55.74
N ILE AA 386 19.21 94.96 -56.42
CA ILE AA 386 19.10 96.27 -55.80
C ILE AA 386 17.72 96.46 -55.21
N SER AA 387 17.67 96.84 -53.94
CA SER AA 387 16.42 97.17 -53.28
C SER AA 387 16.67 98.34 -52.33
N ASN AA 388 15.71 99.25 -52.26
CA ASN AA 388 15.87 100.49 -51.51
C ASN AA 388 15.42 100.40 -50.07
N CYS AA 389 14.89 99.27 -49.63
CA CYS AA 389 14.48 99.12 -48.24
C CYS AA 389 15.64 98.87 -47.29
N LEU AA 390 16.83 98.60 -47.82
CA LEU AA 390 17.98 98.31 -46.99
C LEU AA 390 18.58 99.58 -46.40
N PRO AA 391 19.40 99.45 -45.36
CA PRO AA 391 20.10 100.63 -44.83
C PRO AA 391 20.99 101.25 -45.89
N ASP AA 392 21.11 102.57 -45.83
CA ASP AA 392 21.90 103.34 -46.79
C ASP AA 392 23.07 103.99 -46.05
N PRO AA 393 24.31 103.53 -46.25
CA PRO AA 393 25.43 104.16 -45.53
C PRO AA 393 25.61 105.64 -45.86
N THR AA 394 25.28 106.07 -47.08
CA THR AA 394 25.45 107.46 -47.48
C THR AA 394 24.35 108.37 -46.96
N GLU AA 395 23.22 107.81 -46.53
CA GLU AA 395 22.10 108.59 -45.99
C GLU AA 395 21.71 109.72 -46.94
N GLY AA 396 21.22 109.30 -48.10
CA GLY AA 396 20.76 110.25 -49.10
C GLY AA 396 21.86 111.07 -49.73
N ASN AA 397 23.00 110.45 -50.02
CA ASN AA 397 24.11 111.10 -50.70
C ASN AA 397 24.65 112.31 -49.94
N THR AA 398 24.63 112.24 -48.61
CA THR AA 398 25.13 113.32 -47.78
C THR AA 398 26.49 113.03 -47.17
N LYS AA 399 26.98 111.80 -47.27
CA LYS AA 399 28.26 111.41 -46.69
C LYS AA 399 29.06 110.60 -47.70
N GLY AA 400 30.39 110.65 -47.56
CA GLY AA 400 31.28 109.89 -48.39
C GLY AA 400 31.81 110.62 -49.61
N GLY AA 401 31.17 111.71 -50.02
CA GLY AA 401 31.62 112.44 -51.18
C GLY AA 401 32.80 113.35 -50.87
N THR AA 402 33.22 114.08 -51.90
CA THR AA 402 34.32 115.02 -51.75
C THR AA 402 33.85 116.25 -51.00
N GLY AA 403 34.52 116.58 -49.90
CA GLY AA 403 34.17 117.72 -49.09
C GLY AA 403 33.08 117.46 -48.08
N GLN AA 404 32.45 116.29 -48.10
CA GLN AA 404 31.40 115.97 -47.16
C GLN AA 404 31.98 115.23 -45.95
N ASP AA 405 31.15 115.09 -44.92
CA ASP AA 405 31.55 114.34 -43.74
C ASP AA 405 31.71 112.86 -44.09
N ALA AA 406 32.67 112.22 -43.44
CA ALA AA 406 33.00 110.84 -43.76
C ALA AA 406 31.90 109.90 -43.27
N PHE AA 407 32.04 108.63 -43.65
CA PHE AA 407 31.07 107.62 -43.26
C PHE AA 407 31.07 107.44 -41.74
N ALA AA 408 30.07 106.71 -41.25
CA ALA AA 408 29.98 106.35 -39.85
C ALA AA 408 30.33 104.88 -39.68
N ALA AA 409 31.25 104.59 -38.76
CA ALA AA 409 31.73 103.22 -38.58
C ALA AA 409 30.58 102.30 -38.18
N GLY AA 410 30.65 101.06 -38.64
CA GLY AA 410 29.63 100.07 -38.36
C GLY AA 410 28.45 100.06 -39.31
N SER AA 411 28.45 100.91 -40.33
CA SER AA 411 27.32 100.99 -41.23
C SER AA 411 27.24 99.77 -42.13
N PHE AA 412 26.02 99.34 -42.44
CA PHE AA 412 25.81 98.24 -43.36
C PHE AA 412 26.02 98.72 -44.80
N ILE AA 413 26.64 97.86 -45.62
CA ILE AA 413 26.95 98.19 -47.00
C ILE AA 413 26.29 97.20 -47.97
N ALA AA 414 26.64 95.92 -47.85
CA ALA AA 414 26.06 94.91 -48.75
C ALA AA 414 26.19 93.55 -48.09
N ALA AA 415 25.38 92.61 -48.59
CA ALA AA 415 25.39 91.24 -48.11
C ALA AA 415 25.38 90.29 -49.30
N GLN AA 416 26.00 89.13 -49.12
CA GLN AA 416 26.06 88.11 -50.14
C GLN AA 416 25.85 86.75 -49.49
N ALA AA 417 25.03 85.92 -50.12
CA ALA AA 417 24.74 84.60 -49.57
C ALA AA 417 24.14 83.74 -50.66
N ALA AA 418 24.19 82.43 -50.45
CA ALA AA 418 23.57 81.47 -51.35
C ALA AA 418 22.13 81.23 -50.90
N TRP AA 419 21.30 82.25 -51.09
CA TRP AA 419 19.91 82.18 -50.65
C TRP AA 419 19.24 80.95 -51.25
N LYS AA 420 18.09 80.61 -50.66
CA LYS AA 420 17.40 79.33 -50.77
C LYS AA 420 18.04 78.30 -49.85
N THR AA 421 19.13 78.63 -49.17
CA THR AA 421 19.68 77.78 -48.12
C THR AA 421 19.97 78.62 -46.88
N ALA AA 422 20.24 79.91 -47.07
CA ALA AA 422 20.50 80.79 -45.94
C ALA AA 422 19.23 81.19 -45.22
N TYR AA 423 18.14 81.42 -45.94
CA TYR AA 423 16.91 81.89 -45.33
C TYR AA 423 15.73 81.16 -45.98
N TYR AA 424 14.65 81.02 -45.21
CA TYR AA 424 13.44 80.33 -45.66
C TYR AA 424 12.23 81.20 -45.39
N ALA AA 425 11.23 81.08 -46.25
CA ALA AA 425 9.96 81.79 -46.11
C ALA AA 425 8.81 80.80 -46.14
N VAL AA 426 7.91 80.90 -45.17
CA VAL AA 426 6.81 79.96 -45.01
C VAL AA 426 5.49 80.74 -44.94
N GLU AA 427 4.51 80.28 -45.70
CA GLU AA 427 3.16 80.84 -45.67
C GLU AA 427 2.17 79.74 -45.34
N LYS AA 428 1.18 80.08 -44.51
CA LYS AA 428 0.22 79.11 -44.00
C LYS AA 428 -1.12 79.15 -44.70
N ARG AA 429 -1.66 80.33 -44.99
CA ARG AA 429 -2.97 80.45 -45.62
C ARG AA 429 -3.05 81.81 -46.31
N PRO AA 430 -3.70 81.88 -47.47
CA PRO AA 430 -3.90 83.19 -48.10
C PRO AA 430 -4.94 84.02 -47.36
N MET AA 431 -4.90 85.32 -47.59
CA MET AA 431 -5.74 86.25 -46.84
C MET AA 431 -7.21 85.95 -47.06
N PHE AA 432 -8.00 86.12 -46.01
CA PHE AA 432 -9.43 85.85 -46.03
C PHE AA 432 -10.19 87.07 -45.54
N PHE AA 433 -11.41 87.24 -46.06
CA PHE AA 433 -12.27 88.36 -45.70
C PHE AA 433 -13.62 87.83 -45.25
N GLU AA 434 -14.09 88.33 -44.11
CA GLU AA 434 -15.34 87.89 -43.51
C GLU AA 434 -16.15 89.09 -43.05
N GLN AA 435 -17.46 89.03 -43.25
CA GLN AA 435 -18.35 90.07 -42.76
C GLN AA 435 -18.67 89.86 -41.28
N TYR AA 436 -18.80 90.95 -40.55
CA TYR AA 436 -18.96 90.91 -39.10
C TYR AA 436 -20.39 91.30 -38.75
N GLU AA 437 -21.10 90.38 -38.09
CA GLU AA 437 -22.49 90.63 -37.71
C GLU AA 437 -22.63 91.38 -36.41
N GLY AA 438 -21.53 91.71 -35.74
CA GLY AA 438 -21.62 92.47 -34.50
C GLY AA 438 -21.88 93.95 -34.72
N GLY AA 439 -21.43 94.49 -35.85
CA GLY AA 439 -21.62 95.90 -36.15
C GLY AA 439 -22.30 96.14 -37.48
N SER AA 440 -22.67 95.07 -38.18
CA SER AA 440 -23.26 95.17 -39.52
C SER AA 440 -24.77 95.38 -39.37
N SER AA 441 -25.15 96.64 -39.14
CA SER AA 441 -26.55 96.99 -39.14
C SER AA 441 -27.17 96.73 -40.50
N ALA AA 442 -28.49 96.86 -40.58
CA ALA AA 442 -29.14 96.76 -41.88
C ALA AA 442 -28.76 97.92 -42.79
N TRP AA 443 -28.18 98.98 -42.24
CA TRP AA 443 -27.77 100.16 -43.00
C TRP AA 443 -26.25 100.29 -43.13
N CYS AA 444 -25.49 99.27 -42.76
CA CYS AA 444 -24.03 99.38 -42.70
C CYS AA 444 -23.40 98.00 -42.83
N VAL AA 445 -22.07 98.01 -42.93
CA VAL AA 445 -21.28 96.79 -43.05
C VAL AA 445 -19.93 97.01 -42.37
N LYS AA 446 -19.36 95.92 -41.85
CA LYS AA 446 -18.01 95.92 -41.31
C LYS AA 446 -17.32 94.63 -41.74
N TYR AA 447 -16.07 94.75 -42.19
CA TYR AA 447 -15.32 93.63 -42.75
C TYR AA 447 -14.10 93.33 -41.89
N GLN AA 448 -13.79 92.04 -41.76
CA GLN AA 448 -12.61 91.57 -41.04
C GLN AA 448 -11.72 90.79 -42.00
N PHE AA 449 -10.42 90.87 -41.79
CA PHE AA 449 -9.47 90.20 -42.67
C PHE AA 449 -8.20 89.87 -41.89
N GLY AA 450 -7.46 88.89 -42.39
CA GLY AA 450 -6.19 88.52 -41.79
C GLY AA 450 -5.51 87.42 -42.59
N ALA AA 451 -4.24 87.21 -42.27
CA ALA AA 451 -3.45 86.20 -42.96
C ALA AA 451 -2.31 85.77 -42.04
N GLU AA 452 -1.68 84.64 -42.39
CA GLU AA 452 -0.66 84.02 -41.57
C GLU AA 452 0.58 83.73 -42.42
N ASP AA 453 1.76 83.89 -41.81
CA ASP AA 453 3.02 83.60 -42.49
C ASP AA 453 4.14 83.66 -41.46
N GLY AA 454 5.34 83.30 -41.90
CA GLY AA 454 6.49 83.30 -41.02
C GLY AA 454 7.78 83.13 -41.81
N GLY AA 455 8.89 83.05 -41.08
CA GLY AA 455 10.19 82.85 -41.69
C GLY AA 455 11.26 82.52 -40.67
N PHE AA 456 12.27 81.75 -41.08
CA PHE AA 456 13.34 81.33 -40.17
C PHE AA 456 14.63 81.17 -40.93
N VAL AA 457 15.73 81.62 -40.32
CA VAL AA 457 17.04 81.52 -40.94
C VAL AA 457 17.44 80.06 -41.07
N GLY AA 458 18.26 79.76 -42.08
CA GLY AA 458 18.71 78.41 -42.31
C GLY AA 458 20.15 78.19 -41.85
N CYS AA 459 21.07 78.11 -42.81
CA CYS AA 459 22.48 77.92 -42.47
C CYS AA 459 23.14 79.27 -42.23
N CYS AA 460 23.82 79.42 -41.09
CA CYS AA 460 24.50 80.66 -40.78
C CYS AA 460 25.78 80.85 -41.58
N GLU AA 461 26.34 79.77 -42.13
CA GLU AA 461 27.62 79.86 -42.82
C GLU AA 461 27.47 80.12 -44.31
N HIS AA 462 26.25 80.28 -44.81
CA HIS AA 462 26.02 80.44 -46.25
C HIS AA 462 25.97 81.89 -46.69
N GLY AA 463 26.23 82.86 -45.81
CA GLY AA 463 26.25 84.25 -46.19
C GLY AA 463 27.22 85.04 -45.35
N ARG AA 464 27.62 86.20 -45.88
CA ARG AA 464 28.47 87.14 -45.17
C ARG AA 464 27.93 88.54 -45.36
N VAL AA 465 28.36 89.46 -44.50
CA VAL AA 465 27.94 90.86 -44.55
C VAL AA 465 29.19 91.74 -44.52
N LEU AA 466 29.15 92.85 -45.23
CA LEU AA 466 30.23 93.82 -45.26
C LEU AA 466 29.80 95.07 -44.51
N ARG AA 467 30.72 95.67 -43.77
CA ARG AA 467 30.43 96.84 -42.96
C ARG AA 467 31.64 97.76 -42.95
N ILE AA 468 31.39 99.03 -42.68
CA ILE AA 468 32.45 100.03 -42.62
C ILE AA 468 33.21 99.87 -41.31
N GLY AA 469 34.51 100.11 -41.37
CA GLY AA 469 35.37 99.99 -40.20
C GLY AA 469 36.64 100.80 -40.33
N PHE BA 165 -10.84 76.56 -22.40
CA PHE BA 165 -9.53 75.92 -22.69
C PHE BA 165 -8.68 76.80 -23.60
N GLU BA 166 -7.51 77.20 -23.11
CA GLU BA 166 -6.65 78.13 -23.82
C GLU BA 166 -5.26 77.52 -23.97
N ALA BA 167 -4.64 77.79 -25.12
CA ALA BA 167 -3.32 77.23 -25.40
C ALA BA 167 -2.33 77.59 -24.31
N SER BA 168 -2.46 78.78 -23.74
CA SER BA 168 -1.57 79.22 -22.67
C SER BA 168 -1.94 78.63 -21.32
N THR BA 169 -2.86 77.68 -21.27
CA THR BA 169 -3.29 77.07 -20.02
C THR BA 169 -3.31 75.56 -20.05
N ILE BA 170 -3.53 74.94 -21.22
CA ILE BA 170 -3.81 73.51 -21.25
C ILE BA 170 -2.58 72.62 -21.38
N GLY BA 171 -1.49 73.13 -21.95
CA GLY BA 171 -0.27 72.36 -22.06
C GLY BA 171 0.04 71.92 -23.48
N PRO BA 172 1.29 71.51 -23.71
CA PRO BA 172 1.73 71.28 -25.10
C PRO BA 172 1.34 69.94 -25.68
N ALA BA 173 0.99 68.95 -24.85
CA ALA BA 173 0.74 67.61 -25.37
C ALA BA 173 -0.48 67.56 -26.27
N PHE BA 174 -1.35 68.58 -26.24
CA PHE BA 174 -2.57 68.56 -27.02
C PHE BA 174 -2.37 69.00 -28.47
N PHE BA 175 -1.22 69.58 -28.81
CA PHE BA 175 -0.96 70.08 -30.15
C PHE BA 175 0.22 69.32 -30.75
N THR BA 176 0.00 68.74 -31.93
CA THR BA 176 1.05 67.99 -32.62
C THR BA 176 1.55 68.82 -33.80
N PRO BA 177 2.82 69.24 -33.82
CA PRO BA 177 3.28 70.13 -34.89
C PRO BA 177 3.38 69.41 -36.23
N GLN BA 178 3.34 70.22 -37.29
CA GLN BA 178 3.49 69.72 -38.65
C GLN BA 178 4.92 69.22 -38.85
N VAL BA 179 5.07 68.15 -39.62
CA VAL BA 179 6.39 67.58 -39.89
C VAL BA 179 6.80 67.96 -41.30
N LEU BA 180 7.84 68.79 -41.42
CA LEU BA 180 8.38 69.12 -42.73
C LEU BA 180 9.26 67.99 -43.25
N ALA BA 181 9.71 68.14 -44.49
CA ALA BA 181 10.52 67.11 -45.12
C ALA BA 181 11.98 67.51 -45.24
N LEU BA 182 12.28 68.82 -45.25
CA LEU BA 182 13.62 69.27 -45.53
C LEU BA 182 14.58 68.89 -44.40
N GLU BA 183 15.85 68.75 -44.76
CA GLU BA 183 16.93 68.54 -43.80
C GLU BA 183 18.00 69.59 -44.04
N VAL BA 184 18.37 70.32 -43.00
CA VAL BA 184 19.33 71.41 -43.10
C VAL BA 184 20.71 70.87 -42.76
N ASP BA 185 21.60 70.83 -43.75
CA ASP BA 185 22.98 70.39 -43.57
C ASP BA 185 23.90 71.57 -43.80
N CYS BA 186 24.79 71.83 -42.82
CA CYS BA 186 25.66 72.98 -42.85
C CYS BA 186 27.14 72.60 -42.88
N ASN BA 187 27.47 71.38 -43.30
CA ASN BA 187 28.84 70.91 -43.27
C ASN BA 187 29.60 71.34 -44.52
N ILE BA 188 30.91 71.51 -44.37
CA ILE BA 188 31.77 71.89 -45.47
C ILE BA 188 32.32 70.65 -46.14
N GLU BA 189 32.62 70.76 -47.43
CA GLU BA 189 33.14 69.63 -48.19
C GLU BA 189 33.90 70.18 -49.40
N CYS BA 190 35.22 69.97 -49.41
CA CYS BA 190 36.03 70.49 -50.50
C CYS BA 190 35.60 69.88 -51.83
N ALA BA 191 35.67 70.69 -52.89
CA ALA BA 191 35.30 70.22 -54.22
C ALA BA 191 36.29 69.18 -54.70
N SER BA 192 35.78 68.10 -55.30
CA SER BA 192 36.62 66.99 -55.71
C SER BA 192 37.05 67.15 -57.17
N LEU BA 193 38.17 66.50 -57.50
CA LEU BA 193 38.70 66.48 -58.85
C LEU BA 193 38.46 65.17 -59.58
N LEU BA 194 37.69 64.25 -58.98
CA LEU BA 194 37.59 62.90 -59.51
C LEU BA 194 37.06 62.87 -60.94
N ASP BA 195 36.32 63.89 -61.37
CA ASP BA 195 35.77 63.88 -62.72
C ASP BA 195 36.78 64.31 -63.77
N LEU BA 196 37.97 64.76 -63.35
CA LEU BA 196 38.98 65.17 -64.30
C LEU BA 196 39.91 64.02 -64.70
N TYR BA 197 39.93 62.94 -63.93
CA TYR BA 197 41.00 61.96 -64.01
C TYR BA 197 40.78 60.88 -65.05
N GLY BA 198 39.65 60.86 -65.74
CA GLY BA 198 39.45 59.85 -66.77
C GLY BA 198 39.42 58.45 -66.20
N GLN BA 199 38.35 58.12 -65.49
CA GLN BA 199 38.30 56.89 -64.69
C GLN BA 199 38.30 55.65 -65.58
N ILE BA 200 38.75 54.54 -64.99
CA ILE BA 200 38.66 53.21 -65.58
C ILE BA 200 38.09 52.27 -64.53
N GLU BA 201 37.61 51.11 -64.98
CA GLU BA 201 36.96 50.16 -64.10
C GLU BA 201 37.49 48.77 -64.34
N VAL BA 202 37.71 48.02 -63.25
CA VAL BA 202 38.24 46.67 -63.30
C VAL BA 202 37.36 45.79 -62.42
N SER BA 203 37.74 44.51 -62.33
CA SER BA 203 37.01 43.54 -61.51
C SER BA 203 37.94 42.60 -60.77
N ARG BA 204 39.25 42.88 -60.73
CA ARG BA 204 40.21 42.03 -60.04
C ARG BA 204 41.20 42.92 -59.30
N SER BA 205 41.80 42.35 -58.25
CA SER BA 205 42.68 43.12 -57.38
C SER BA 205 43.98 43.53 -58.05
N THR BA 206 44.30 42.98 -59.21
CA THR BA 206 45.50 43.34 -59.95
C THR BA 206 45.17 43.48 -61.42
N PHE BA 207 45.89 44.38 -62.11
CA PHE BA 207 45.67 44.62 -63.52
C PHE BA 207 46.97 45.04 -64.17
N THR BA 208 47.03 44.91 -65.50
CA THR BA 208 48.23 45.22 -66.26
C THR BA 208 47.84 45.97 -67.53
N TYR BA 209 48.80 46.73 -68.06
CA TYR BA 209 48.62 47.46 -69.31
C TYR BA 209 49.97 47.68 -69.96
N MET BA 210 49.94 48.00 -71.25
CA MET BA 210 51.14 48.18 -72.05
C MET BA 210 51.42 49.66 -72.25
N LYS BA 211 52.70 50.03 -72.26
CA LYS BA 211 53.14 51.41 -72.44
C LYS BA 211 54.12 51.46 -73.60
N ILE BA 212 53.91 52.39 -74.52
CA ILE BA 212 54.78 52.53 -75.68
C ILE BA 212 55.91 53.48 -75.32
N ALA BA 213 57.10 52.92 -75.09
CA ALA BA 213 58.25 53.75 -74.72
C ALA BA 213 58.57 54.76 -75.80
N ASP BA 214 58.67 54.30 -77.06
CA ASP BA 214 58.90 55.20 -78.17
C ASP BA 214 58.81 54.44 -79.48
N TYR BA 215 58.39 55.13 -80.53
CA TYR BA 215 58.46 54.60 -81.87
C TYR BA 215 59.87 54.72 -82.41
N GLY BA 216 60.21 53.86 -83.35
CA GLY BA 216 61.51 53.93 -83.99
C GLY BA 216 61.52 54.90 -85.14
N GLN BA 217 62.70 55.03 -85.76
CA GLN BA 217 62.89 55.82 -86.96
C GLN BA 217 62.94 54.85 -88.14
N LEU BA 218 61.90 54.88 -88.98
CA LEU BA 218 61.72 53.86 -90.01
C LEU BA 218 61.44 54.53 -91.34
N GLY BA 219 62.09 54.02 -92.39
CA GLY BA 219 61.87 54.54 -93.73
C GLY BA 219 62.76 55.72 -94.09
N GLU BA 220 62.71 56.16 -95.35
CA GLU BA 220 63.53 57.27 -95.81
C GLU BA 220 63.14 57.64 -97.22
N TYR BA 221 63.49 58.86 -97.63
CA TYR BA 221 63.38 59.25 -99.04
C TYR BA 221 64.58 58.72 -99.81
N THR BA 222 64.31 57.94 -100.85
CA THR BA 222 65.35 57.32 -101.66
C THR BA 222 65.09 57.60 -103.13
N CYS BA 223 66.16 57.60 -103.92
CA CYS BA 223 66.05 57.85 -105.33
C CYS BA 223 65.21 56.78 -106.01
N ASP BA 224 64.46 57.17 -107.03
CA ASP BA 224 63.60 56.24 -107.75
C ASP BA 224 64.39 55.33 -108.67
N ALA BA 225 65.68 55.63 -108.92
CA ALA BA 225 66.44 54.92 -109.93
C ALA BA 225 67.01 53.59 -109.44
N LYS BA 226 66.98 53.32 -108.13
CA LYS BA 226 67.57 52.12 -107.58
C LYS BA 226 66.47 51.20 -107.03
N CYS BA 227 66.82 49.92 -106.88
CA CYS BA 227 65.83 48.87 -106.61
C CYS BA 227 65.88 48.32 -105.20
N ASP BA 228 66.68 48.88 -104.30
CA ASP BA 228 66.87 48.33 -102.97
C ASP BA 228 66.60 49.39 -101.90
N ALA BA 229 66.46 48.92 -100.66
CA ALA BA 229 66.24 49.79 -99.51
C ALA BA 229 66.94 49.16 -98.31
N GLU BA 230 67.14 49.97 -97.27
CA GLU BA 230 67.95 49.56 -96.13
C GLU BA 230 67.16 49.69 -94.84
N PHE BA 231 67.70 49.09 -93.78
CA PHE BA 231 67.00 48.96 -92.51
C PHE BA 231 67.01 50.27 -91.74
N GLY BA 232 66.01 50.44 -90.87
CA GLY BA 232 65.96 51.54 -89.93
C GLY BA 232 66.46 51.12 -88.56
N GLU BA 233 65.79 51.62 -87.53
CA GLU BA 233 66.07 51.19 -86.16
C GLU BA 233 64.76 50.94 -85.42
N PRO BA 234 64.79 50.09 -84.39
CA PRO BA 234 63.54 49.66 -83.75
C PRO BA 234 63.13 50.55 -82.58
N GLY BA 235 61.86 50.40 -82.21
CA GLY BA 235 61.31 51.11 -81.07
C GLY BA 235 61.45 50.33 -79.78
N ASN BA 236 60.59 50.68 -78.82
CA ASN BA 236 60.59 50.03 -77.51
C ASN BA 236 59.19 50.09 -76.93
N ILE BA 237 58.72 48.96 -76.40
CA ILE BA 237 57.40 48.86 -75.79
C ILE BA 237 57.54 48.06 -74.51
N ARG BA 238 56.86 48.51 -73.45
CA ARG BA 238 57.04 47.94 -72.12
C ARG BA 238 55.70 47.53 -71.54
N HIS BA 239 55.76 46.82 -70.42
CA HIS BA 239 54.60 46.23 -69.77
C HIS BA 239 54.56 46.66 -68.32
N LEU BA 240 53.38 47.11 -67.86
CA LEU BA 240 53.22 47.72 -66.55
C LEU BA 240 52.08 47.05 -65.79
N GLU BA 241 52.11 47.15 -64.47
CA GLU BA 241 51.10 46.55 -63.61
C GLU BA 241 50.75 47.50 -62.47
N GLY BA 242 49.57 47.28 -61.89
CA GLY BA 242 49.13 48.05 -60.75
C GLY BA 242 48.27 47.20 -59.83
N LYS BA 243 48.03 47.71 -58.64
CA LYS BA 243 47.25 47.01 -57.63
C LYS BA 243 46.21 47.95 -57.02
N THR BA 244 45.31 47.38 -56.25
CA THR BA 244 44.17 48.08 -55.68
C THR BA 244 44.19 48.00 -54.16
N TYR BA 245 43.82 49.09 -53.51
CA TYR BA 245 43.76 49.17 -52.06
C TYR BA 245 42.31 49.09 -51.60
N ASP BA 246 42.13 48.90 -50.28
CA ASP BA 246 40.80 48.67 -49.72
C ASP BA 246 40.56 49.56 -48.50
N TYR BA 247 39.32 49.99 -48.34
CA TYR BA 247 38.88 50.85 -47.25
C TYR BA 247 37.92 50.05 -46.38
N ARG BA 248 38.04 50.20 -45.06
CA ARG BA 248 37.37 49.29 -44.14
C ARG BA 248 36.94 50.03 -42.88
N GLY BA 249 35.92 49.49 -42.21
CA GLY BA 249 35.42 50.09 -40.98
C GLY BA 249 34.29 49.27 -40.41
N VAL BA 250 33.78 49.74 -39.26
CA VAL BA 250 32.72 49.05 -38.52
C VAL BA 250 31.95 50.06 -37.67
N PHE BA 251 30.67 49.77 -37.44
CA PHE BA 251 29.84 50.55 -36.54
C PHE BA 251 28.80 49.63 -35.90
N CYS BA 252 28.20 50.09 -34.80
CA CYS BA 252 27.36 49.27 -33.95
C CYS BA 252 26.04 49.97 -33.69
N PHE BA 253 25.05 49.18 -33.24
CA PHE BA 253 23.71 49.69 -32.97
C PHE BA 253 23.06 48.89 -31.85
N ASN BA 254 21.93 49.40 -31.37
CA ASN BA 254 21.06 48.69 -30.44
C ASN BA 254 19.73 48.42 -31.11
N ARG BA 255 19.27 47.17 -31.06
CA ARG BA 255 18.12 46.77 -31.86
C ARG BA 255 16.86 47.51 -31.46
N LYS BA 256 16.59 47.63 -30.17
CA LYS BA 256 15.33 48.24 -29.73
C LYS BA 256 15.24 49.70 -30.18
N ASN BA 257 16.27 50.49 -29.86
CA ASN BA 257 16.25 51.89 -30.24
C ASN BA 257 16.23 52.05 -31.75
N LEU BA 258 17.04 51.25 -32.46
CA LEU BA 258 17.09 51.34 -33.91
C LEU BA 258 15.73 51.06 -34.53
N GLN BA 259 15.01 50.07 -34.01
CA GLN BA 259 13.71 49.72 -34.58
C GLN BA 259 12.63 50.73 -34.21
N GLU BA 260 12.62 51.21 -32.97
CA GLU BA 260 11.53 52.04 -32.48
C GLU BA 260 11.77 53.54 -32.65
N ALA BA 261 12.92 53.94 -33.20
CA ALA BA 261 13.09 55.35 -33.53
C ALA BA 261 12.28 55.70 -34.77
N ASN BA 262 11.95 56.99 -34.91
CA ASN BA 262 11.18 57.48 -36.04
C ASN BA 262 12.06 57.96 -37.18
N TYR BA 263 13.38 57.76 -37.09
CA TYR BA 263 14.33 58.20 -38.11
C TYR BA 263 15.16 57.01 -38.54
N ASP BA 264 15.69 57.07 -39.76
CA ASP BA 264 16.41 55.94 -40.34
C ASP BA 264 17.90 56.10 -40.05
N PHE BA 265 18.29 55.71 -38.84
CA PHE BA 265 19.69 55.83 -38.44
C PHE BA 265 20.59 54.94 -39.27
N LEU BA 266 20.09 53.77 -39.68
CA LEU BA 266 20.90 52.88 -40.51
C LEU BA 266 21.25 53.56 -41.84
N SER BA 267 20.25 54.16 -42.48
CA SER BA 267 20.51 54.89 -43.72
C SER BA 267 21.42 56.09 -43.48
N PHE BA 268 21.24 56.80 -42.37
CA PHE BA 268 22.14 57.91 -42.06
C PHE BA 268 23.58 57.43 -41.97
N MET BA 269 23.81 56.31 -41.28
CA MET BA 269 25.16 55.79 -41.14
C MET BA 269 25.73 55.32 -42.46
N ILE BA 270 24.89 54.70 -43.30
CA ILE BA 270 25.36 54.31 -44.64
C ILE BA 270 25.82 55.54 -45.41
N GLY BA 271 25.01 56.60 -45.41
CA GLY BA 271 25.39 57.81 -46.11
C GLY BA 271 26.66 58.43 -45.54
N ALA BA 272 26.79 58.44 -44.22
CA ALA BA 272 27.98 59.01 -43.60
C ALA BA 272 29.23 58.23 -43.98
N ALA BA 273 29.14 56.90 -43.98
CA ALA BA 273 30.28 56.08 -44.37
C ALA BA 273 30.67 56.34 -45.82
N GLN BA 274 29.69 56.43 -46.71
CA GLN BA 274 30.00 56.72 -48.11
C GLN BA 274 30.65 58.08 -48.25
N ARG BA 275 30.12 59.08 -47.54
CA ARG BA 275 30.71 60.42 -47.60
C ARG BA 275 32.15 60.41 -47.13
N SER BA 276 32.43 59.71 -46.03
CA SER BA 276 33.80 59.63 -45.54
C SER BA 276 34.70 58.93 -46.55
N HIS BA 277 34.20 57.87 -47.20
CA HIS BA 277 34.99 57.21 -48.23
C HIS BA 277 35.34 58.16 -49.36
N ARG BA 278 34.36 58.93 -49.82
CA ARG BA 278 34.64 59.88 -50.90
C ARG BA 278 35.66 60.92 -50.47
N ILE BA 279 35.50 61.47 -49.26
CA ILE BA 279 36.40 62.52 -48.81
C ILE BA 279 37.82 61.98 -48.67
N ASN BA 280 37.98 60.76 -48.16
CA ASN BA 280 39.32 60.20 -48.03
C ASN BA 280 39.93 59.87 -49.39
N ARG BA 281 39.11 59.35 -50.30
CA ARG BA 281 39.60 59.05 -51.65
C ARG BA 281 40.10 60.31 -52.33
N ASN BA 282 39.36 61.42 -52.19
CA ASN BA 282 39.78 62.67 -52.80
C ASN BA 282 41.11 63.17 -52.27
N ARG BA 283 41.35 63.08 -50.96
CA ARG BA 283 42.66 63.43 -50.41
C ARG BA 283 43.74 62.51 -50.95
N ALA BA 284 43.47 61.20 -50.98
CA ALA BA 284 44.30 60.30 -51.75
C ALA BA 284 44.17 60.67 -53.21
N LEU BA 285 45.01 60.11 -54.08
CA LEU BA 285 45.08 60.50 -55.49
C LEU BA 285 45.62 61.92 -55.65
N MET BA 286 45.84 62.63 -54.54
CA MET BA 286 46.40 63.97 -54.60
C MET BA 286 47.58 64.09 -53.65
N VAL BA 287 47.51 63.44 -52.50
CA VAL BA 287 48.60 63.48 -51.53
C VAL BA 287 48.94 62.12 -50.93
N GLY BA 288 48.12 61.10 -51.13
CA GLY BA 288 48.37 59.84 -50.46
C GLY BA 288 49.67 59.20 -50.91
N ASP BA 289 50.31 58.49 -49.98
CA ASP BA 289 51.50 57.70 -50.28
C ASP BA 289 51.08 56.29 -50.66
N GLY BA 290 51.98 55.60 -51.36
CA GLY BA 290 51.65 54.32 -51.96
C GLY BA 290 51.68 53.12 -51.04
N ILE BA 291 52.06 53.29 -49.77
CA ILE BA 291 52.23 52.13 -48.91
C ILE BA 291 50.89 51.49 -48.58
N ASN BA 292 49.87 52.29 -48.29
CA ASN BA 292 48.53 51.78 -48.02
C ASN BA 292 47.42 52.55 -48.73
N GLU BA 293 47.74 53.65 -49.41
CA GLU BA 293 46.79 54.46 -50.13
C GLU BA 293 47.29 54.68 -51.55
N PRO BA 294 46.40 54.99 -52.49
CA PRO BA 294 46.87 55.29 -53.85
C PRO BA 294 47.84 56.46 -53.83
N LYS BA 295 48.89 56.36 -54.63
CA LYS BA 295 49.89 57.42 -54.67
C LYS BA 295 49.39 58.61 -55.47
N GLY BA 296 49.49 59.80 -54.90
CA GLY BA 296 48.99 61.01 -55.51
C GLY BA 296 50.05 61.68 -56.36
N TRP BA 297 49.60 62.43 -57.36
CA TRP BA 297 50.55 63.07 -58.29
C TRP BA 297 51.38 64.13 -57.60
N LEU BA 298 50.79 64.93 -56.71
CA LEU BA 298 51.55 65.97 -56.02
C LEU BA 298 52.58 65.40 -55.06
N LYS BA 299 52.35 64.19 -54.53
CA LYS BA 299 53.34 63.54 -53.69
C LYS BA 299 54.40 62.83 -54.51
N GLU BA 300 54.01 62.22 -55.63
CA GLU BA 300 55.00 61.59 -56.50
C GLU BA 300 55.96 62.62 -57.08
N ASP BA 301 55.46 63.78 -57.47
CA ASP BA 301 56.30 64.89 -57.91
C ASP BA 301 57.07 64.55 -59.18
N CYS BA 302 56.36 64.11 -60.21
CA CYS BA 302 56.97 63.79 -61.50
C CYS BA 302 56.79 64.88 -62.54
N PHE BA 303 55.82 65.76 -62.35
CA PHE BA 303 55.57 66.83 -63.33
C PHE BA 303 56.75 67.79 -63.33
N PRO BA 304 57.21 68.25 -64.51
CA PRO BA 304 58.24 69.29 -64.53
C PRO BA 304 57.77 70.55 -63.80
N THR BA 305 58.71 71.21 -63.13
CA THR BA 305 58.40 72.32 -62.24
C THR BA 305 59.05 73.60 -62.74
N PHE BA 306 58.36 74.73 -62.53
CA PHE BA 306 58.91 76.05 -62.76
C PHE BA 306 59.06 76.78 -61.43
N LEU BA 307 60.00 77.72 -61.38
CA LEU BA 307 60.38 78.38 -60.13
C LEU BA 307 60.34 79.88 -60.32
N THR BA 308 59.40 80.54 -59.63
CA THR BA 308 59.18 81.96 -59.81
C THR BA 308 60.45 82.75 -59.53
N LEU BA 309 60.65 83.83 -60.27
CA LEU BA 309 61.86 84.64 -60.14
C LEU BA 309 61.78 85.50 -58.89
N PRO BA 310 62.90 85.78 -58.24
CA PRO BA 310 62.88 86.63 -57.04
C PRO BA 310 62.92 88.11 -57.40
N VAL BA 311 62.93 88.94 -56.36
CA VAL BA 311 62.94 90.39 -56.50
C VAL BA 311 63.89 90.99 -55.48
N ASN BA 312 64.63 92.02 -55.90
CA ASN BA 312 65.50 92.76 -55.00
C ASN BA 312 64.71 93.93 -54.43
N THR BA 313 64.05 93.69 -53.30
CA THR BA 313 63.19 94.68 -52.68
C THR BA 313 63.96 95.81 -52.03
N GLY BA 314 65.27 95.72 -51.90
CA GLY BA 314 66.05 96.73 -51.20
C GLY BA 314 66.57 97.83 -52.11
N THR BA 315 67.88 97.93 -52.23
CA THR BA 315 68.52 98.96 -53.03
C THR BA 315 69.57 98.31 -53.90
N PRO BA 316 69.95 98.93 -55.02
CA PRO BA 316 70.95 98.30 -55.90
C PRO BA 316 72.26 97.99 -55.20
N GLU BA 317 72.69 98.83 -54.26
CA GLU BA 317 73.94 98.59 -53.56
C GLU BA 317 73.88 97.38 -52.65
N ASN BA 318 72.68 96.89 -52.33
CA ASN BA 318 72.50 95.75 -51.43
C ASN BA 318 71.45 94.82 -52.00
N PRO BA 319 71.87 93.76 -52.71
CA PRO BA 319 70.88 92.81 -53.25
C PRO BA 319 70.27 91.94 -52.18
N VAL BA 320 68.98 92.17 -51.88
CA VAL BA 320 68.32 91.37 -50.85
C VAL BA 320 67.81 90.06 -51.44
N GLN BA 321 67.16 90.13 -52.61
CA GLN BA 321 66.68 88.94 -53.31
C GLN BA 321 65.66 88.17 -52.46
N THR BA 322 64.57 88.85 -52.14
CA THR BA 322 63.48 88.21 -51.43
C THR BA 322 62.54 87.52 -52.42
N PRO BA 323 61.87 86.44 -52.02
CA PRO BA 323 60.90 85.80 -52.90
C PRO BA 323 59.70 86.71 -53.15
N ALA BA 324 59.10 86.54 -54.33
CA ALA BA 324 57.96 87.37 -54.71
C ALA BA 324 57.15 86.63 -55.77
N PHE BA 325 55.92 87.11 -55.98
CA PHE BA 325 55.01 86.54 -56.96
C PHE BA 325 54.33 87.68 -57.69
N LEU BA 326 54.30 87.62 -59.02
CA LEU BA 326 53.82 88.72 -59.84
C LEU BA 326 52.94 88.18 -60.96
N ALA BA 327 52.11 89.07 -61.51
CA ALA BA 327 51.11 88.66 -62.51
C ALA BA 327 51.76 88.12 -63.77
N GLN BA 328 52.83 88.75 -64.24
CA GLN BA 328 53.40 88.28 -65.50
C GLN BA 328 54.07 86.92 -65.32
N ASP BA 329 54.47 86.57 -64.10
CA ASP BA 329 54.93 85.20 -63.86
C ASP BA 329 53.81 84.20 -64.12
N TRP BA 330 52.60 84.50 -63.64
CA TRP BA 330 51.44 83.67 -63.95
C TRP BA 330 51.20 83.62 -65.45
N ARG BA 331 51.31 84.76 -66.12
CA ARG BA 331 51.08 84.79 -67.57
C ARG BA 331 52.08 83.90 -68.30
N ARG BA 332 53.36 84.01 -67.95
CA ARG BA 332 54.37 83.17 -68.59
C ARG BA 332 54.11 81.70 -68.32
N PHE BA 333 53.76 81.36 -67.08
CA PHE BA 333 53.52 79.97 -66.74
C PHE BA 333 52.37 79.41 -67.56
N VAL BA 334 51.27 80.16 -67.66
CA VAL BA 334 50.10 79.65 -68.37
C VAL BA 334 50.37 79.55 -69.86
N THR BA 335 51.13 80.51 -70.40
CA THR BA 335 51.41 80.49 -71.84
C THR BA 335 52.52 79.53 -72.24
N SER BA 336 53.30 79.02 -71.28
CA SER BA 336 54.41 78.13 -71.58
C SER BA 336 53.99 76.69 -71.81
N PHE BA 337 52.73 76.35 -71.58
CA PHE BA 337 52.30 74.95 -71.71
C PHE BA 337 52.20 74.58 -73.19
N PRO BA 338 52.69 73.40 -73.59
CA PRO BA 338 52.62 73.02 -75.01
C PRO BA 338 51.19 72.98 -75.52
N ALA BA 339 51.01 73.35 -76.79
CA ALA BA 339 49.70 73.29 -77.41
C ALA BA 339 49.34 71.90 -77.90
N GLU BA 340 50.32 71.01 -78.03
CA GLU BA 340 50.05 69.67 -78.56
C GLU BA 340 49.15 68.88 -77.61
N TYR BA 341 49.38 69.00 -76.31
CA TYR BA 341 48.76 68.11 -75.31
C TYR BA 341 47.31 68.52 -75.07
N GLY BA 342 46.47 68.23 -76.06
CA GLY BA 342 45.03 68.31 -75.90
C GLY BA 342 44.57 69.65 -75.36
N ASP BA 343 43.60 69.58 -74.45
CA ASP BA 343 43.01 70.77 -73.82
C ASP BA 343 43.43 70.78 -72.35
N ALA BA 344 44.16 71.81 -71.95
CA ALA BA 344 44.68 71.89 -70.60
C ALA BA 344 43.68 72.56 -69.67
N ARG BA 345 43.79 72.23 -68.39
CA ARG BA 345 43.01 72.87 -67.33
C ARG BA 345 43.90 73.01 -66.11
N SER BA 346 43.69 74.09 -65.35
CA SER BA 346 44.55 74.41 -64.23
C SER BA 346 43.80 74.19 -62.93
N VAL BA 347 44.56 73.88 -61.87
CA VAL BA 347 44.02 73.57 -60.55
C VAL BA 347 44.77 74.42 -59.54
N MET BA 348 44.05 74.98 -58.58
CA MET BA 348 44.64 75.95 -57.68
C MET BA 348 43.72 76.17 -56.48
N HIS BA 349 44.17 77.04 -55.57
CA HIS BA 349 43.47 77.28 -54.31
C HIS BA 349 42.74 78.62 -54.34
N GLN BA 350 41.62 78.68 -53.61
CA GLN BA 350 40.79 79.88 -53.64
C GLN BA 350 41.52 81.10 -53.10
N ASN BA 351 42.34 80.93 -52.06
CA ASN BA 351 43.13 82.05 -51.57
C ASN BA 351 44.10 82.54 -52.62
N VAL BA 352 44.73 81.63 -53.37
CA VAL BA 352 45.62 82.05 -54.44
C VAL BA 352 44.86 82.81 -55.51
N PHE BA 353 43.66 82.32 -55.87
CA PHE BA 353 42.86 83.03 -56.86
C PHE BA 353 42.49 84.44 -56.38
N GLY BA 354 42.12 84.56 -55.10
CA GLY BA 354 41.81 85.87 -54.56
C GLY BA 354 43.00 86.80 -54.59
N TYR BA 355 44.18 86.28 -54.22
CA TYR BA 355 45.39 87.09 -54.28
C TYR BA 355 45.67 87.53 -55.72
N LEU BA 356 45.48 86.63 -56.67
CA LEU BA 356 45.77 86.93 -58.07
C LEU BA 356 44.82 87.98 -58.63
N ALA BA 357 43.55 87.90 -58.24
CA ALA BA 357 42.52 88.75 -58.84
C ALA BA 357 42.50 90.16 -58.25
N ALA BA 358 43.26 90.43 -57.20
CA ALA BA 358 43.25 91.74 -56.55
C ALA BA 358 44.52 92.54 -56.78
N MET BA 359 45.30 92.22 -57.82
CA MET BA 359 46.49 92.99 -58.11
C MET BA 359 46.15 94.23 -58.92
N VAL BA 360 46.90 95.31 -58.70
CA VAL BA 360 46.66 96.59 -59.34
C VAL BA 360 47.97 97.09 -59.93
N ASP BA 361 47.85 97.91 -60.99
CA ASP BA 361 49.01 98.51 -61.63
C ASP BA 361 49.29 99.89 -61.03
N ALA BA 362 50.15 100.64 -61.71
CA ALA BA 362 50.59 101.93 -61.19
C ALA BA 362 49.46 102.93 -61.02
N ASN BA 363 48.44 102.88 -61.87
CA ASN BA 363 47.35 103.86 -61.83
C ASN BA 363 46.24 103.48 -60.87
N GLY BA 364 46.36 102.36 -60.17
CA GLY BA 364 45.39 101.97 -59.18
C GLY BA 364 44.26 101.09 -59.69
N ARG BA 365 44.18 100.85 -61.00
CA ARG BA 365 43.14 99.99 -61.55
C ARG BA 365 43.67 98.57 -61.71
N PHE BA 366 42.75 97.62 -61.70
CA PHE BA 366 43.10 96.21 -61.76
C PHE BA 366 43.70 95.87 -63.12
N LEU BA 367 44.28 94.67 -63.20
CA LEU BA 367 44.82 94.17 -64.46
C LEU BA 367 44.34 92.75 -64.78
N PHE BA 368 43.47 92.18 -63.95
CA PHE BA 368 42.74 90.97 -64.30
C PHE BA 368 41.26 91.25 -64.08
N GLY BA 369 40.46 91.02 -65.11
CA GLY BA 369 39.07 91.45 -65.07
C GLY BA 369 38.99 92.95 -64.87
N ASP BA 370 39.45 93.70 -65.87
CA ASP BA 370 39.69 95.13 -65.69
C ASP BA 370 38.40 95.87 -65.37
N GLY BA 371 37.37 95.69 -66.19
CA GLY BA 371 36.14 96.44 -66.07
C GLY BA 371 34.93 95.65 -65.60
N ASP BA 372 35.14 94.60 -64.81
CA ASP BA 372 34.04 93.74 -64.38
C ASP BA 372 33.72 94.02 -62.92
N LEU BA 373 32.45 94.30 -62.64
CA LEU BA 373 32.00 94.58 -61.27
C LEU BA 373 31.63 93.31 -60.51
N THR BA 374 31.55 92.16 -61.18
CA THR BA 374 31.15 90.91 -60.53
C THR BA 374 32.16 89.79 -60.77
N PHE BA 375 33.45 90.11 -60.85
CA PHE BA 375 34.46 89.09 -61.09
C PHE BA 375 34.40 88.04 -59.99
N SER BA 376 34.39 86.77 -60.39
CA SER BA 376 34.19 85.67 -59.47
C SER BA 376 34.62 84.38 -60.15
N PRO BA 377 34.94 83.33 -59.39
CA PRO BA 377 35.37 82.08 -60.02
C PRO BA 377 34.35 81.47 -60.96
N ASP BA 378 33.09 81.94 -60.94
CA ASP BA 378 32.10 81.40 -61.87
C ASP BA 378 32.41 81.76 -63.31
N LEU BA 379 33.05 82.92 -63.53
CA LEU BA 379 33.34 83.35 -64.89
C LEU BA 379 34.37 82.44 -65.57
N VAL BA 380 35.42 82.05 -64.84
CA VAL BA 380 36.50 81.25 -65.42
C VAL BA 380 36.43 79.79 -65.02
N ARG BA 381 35.25 79.29 -64.65
CA ARG BA 381 35.14 77.92 -64.15
C ARG BA 381 35.60 76.89 -65.17
N GLU BA 382 35.54 77.20 -66.46
CA GLU BA 382 35.79 76.18 -67.47
C GLU BA 382 37.28 76.01 -67.76
N ARG BA 383 38.13 76.95 -67.34
CA ARG BA 383 39.57 76.82 -67.45
C ARG BA 383 40.27 76.61 -66.12
N ILE BA 384 39.72 77.12 -65.03
CA ILE BA 384 40.36 77.08 -63.72
C ILE BA 384 39.44 76.33 -62.77
N ARG BA 385 40.00 75.33 -62.08
CA ARG BA 385 39.28 74.54 -61.09
C ARG BA 385 39.81 74.91 -59.71
N ILE BA 386 38.90 75.24 -58.80
CA ILE BA 386 39.27 75.71 -57.47
C ILE BA 386 38.84 74.68 -56.44
N SER BA 387 39.79 74.20 -55.65
CA SER BA 387 39.51 73.30 -54.54
C SER BA 387 40.40 73.69 -53.37
N ASN BA 388 39.82 73.65 -52.17
CA ASN BA 388 40.50 74.11 -50.97
C ASN BA 388 41.34 73.03 -50.30
N CYS BA 389 41.35 71.81 -50.82
CA CYS BA 389 42.16 70.75 -50.25
C CYS BA 389 43.63 70.88 -50.62
N LEU BA 390 43.98 71.76 -51.56
CA LEU BA 390 45.35 71.89 -52.02
C LEU BA 390 46.15 72.79 -51.09
N PRO BA 391 47.48 72.71 -51.14
CA PRO BA 391 48.30 73.60 -50.31
C PRO BA 391 48.02 75.06 -50.62
N ASP BA 392 48.07 75.88 -49.57
CA ASP BA 392 47.79 77.31 -49.68
C ASP BA 392 49.06 78.09 -49.36
N PRO BA 393 49.75 78.68 -50.35
CA PRO BA 393 50.98 79.41 -50.02
C PRO BA 393 50.78 80.59 -49.08
N THR BA 394 49.60 81.21 -49.08
CA THR BA 394 49.36 82.37 -48.24
C THR BA 394 49.08 82.02 -46.78
N GLU BA 395 48.69 80.77 -46.50
CA GLU BA 395 48.43 80.34 -45.13
C GLU BA 395 47.41 81.25 -44.45
N GLY BA 396 46.20 81.24 -45.01
CA GLY BA 396 45.11 82.03 -44.46
C GLY BA 396 45.31 83.52 -44.59
N ASN BA 397 45.82 83.98 -45.73
CA ASN BA 397 46.00 85.40 -45.99
C ASN BA 397 46.91 86.05 -44.95
N THR BA 398 47.92 85.33 -44.49
CA THR BA 398 48.87 85.86 -43.52
C THR BA 398 50.24 86.13 -44.12
N LYS BA 399 50.45 85.85 -45.40
CA LYS BA 399 51.74 86.05 -46.05
C LYS BA 399 51.53 86.63 -47.44
N GLY BA 400 52.53 87.37 -47.92
CA GLY BA 400 52.54 87.90 -49.25
C GLY BA 400 51.94 89.28 -49.41
N GLY BA 401 51.17 89.74 -48.45
CA GLY BA 401 50.53 91.04 -48.57
C GLY BA 401 51.44 92.18 -48.16
N THR BA 402 50.88 93.38 -48.18
CA THR BA 402 51.63 94.57 -47.79
C THR BA 402 51.82 94.59 -46.28
N GLY BA 403 53.08 94.72 -45.85
CA GLY BA 403 53.40 94.75 -44.44
C GLY BA 403 53.52 93.41 -43.78
N GLN BA 404 53.21 92.32 -44.48
CA GLN BA 404 53.29 90.98 -43.91
C GLN BA 404 54.60 90.31 -44.33
N ASP BA 405 54.91 89.21 -43.65
CA ASP BA 405 56.08 88.42 -44.00
C ASP BA 405 55.94 87.83 -45.41
N ALA BA 406 57.07 87.74 -46.11
CA ALA BA 406 57.04 87.30 -47.49
C ALA BA 406 56.70 85.81 -47.59
N PHE BA 407 56.49 85.36 -48.82
CA PHE BA 407 56.19 83.96 -49.06
C PHE BA 407 57.31 83.06 -48.56
N ALA BA 408 57.04 81.76 -48.53
CA ALA BA 408 58.06 80.78 -48.18
C ALA BA 408 58.55 80.09 -49.45
N ALA BA 409 59.88 80.06 -49.61
CA ALA BA 409 60.45 79.48 -50.82
C ALA BA 409 60.06 78.01 -50.95
N GLY BA 410 59.80 77.60 -52.19
CA GLY BA 410 59.43 76.24 -52.49
C GLY BA 410 57.96 75.92 -52.30
N SER BA 411 57.14 76.92 -52.00
CA SER BA 411 55.72 76.68 -51.75
C SER BA 411 55.00 76.33 -53.05
N PHE BA 412 53.96 75.51 -52.95
CA PHE BA 412 53.14 75.17 -54.10
C PHE BA 412 52.11 76.27 -54.36
N ILE BA 413 51.95 76.61 -55.64
CA ILE BA 413 51.02 77.67 -56.05
C ILE BA 413 49.87 77.11 -56.89
N ALA BA 414 50.19 76.53 -58.05
CA ALA BA 414 49.15 75.98 -58.91
C ALA BA 414 49.77 74.97 -59.85
N ALA BA 415 48.92 74.11 -60.41
CA ALA BA 415 49.35 73.09 -61.36
C ALA BA 415 48.43 73.10 -62.57
N GLN BA 416 49.02 72.83 -63.74
CA GLN BA 416 48.26 72.73 -64.98
C GLN BA 416 48.67 71.44 -65.67
N ALA BA 417 47.70 70.79 -66.31
CA ALA BA 417 47.97 69.52 -66.97
C ALA BA 417 46.77 69.15 -67.84
N ALA BA 418 47.01 68.23 -68.77
CA ALA BA 418 45.97 67.71 -69.65
C ALA BA 418 45.44 66.40 -69.06
N TRP BA 419 44.68 66.54 -67.97
CA TRP BA 419 44.17 65.38 -67.27
C TRP BA 419 43.32 64.52 -68.21
N LYS BA 420 42.98 63.33 -67.73
CA LYS BA 420 42.47 62.19 -68.49
C LYS BA 420 43.60 61.48 -69.22
N THR BA 421 44.82 62.01 -69.19
CA THR BA 421 46.00 61.27 -69.62
C THR BA 421 47.17 61.40 -68.65
N ALA BA 422 47.23 62.45 -67.83
CA ALA BA 422 48.29 62.55 -66.84
C ALA BA 422 48.04 61.66 -65.63
N TYR BA 423 46.78 61.45 -65.25
CA TYR BA 423 46.46 60.68 -64.07
C TYR BA 423 45.18 59.88 -64.33
N TYR BA 424 45.14 58.65 -63.81
CA TYR BA 424 44.00 57.75 -63.97
C TYR BA 424 43.46 57.37 -62.60
N ALA BA 425 42.16 57.12 -62.54
CA ALA BA 425 41.49 56.67 -61.32
C ALA BA 425 40.72 55.39 -61.62
N VAL BA 426 40.87 54.39 -60.75
CA VAL BA 426 40.32 53.07 -60.96
C VAL BA 426 39.53 52.65 -59.74
N GLU BA 427 38.33 52.09 -59.97
CA GLU BA 427 37.49 51.57 -58.90
C GLU BA 427 37.15 50.12 -59.21
N LYS BA 428 37.06 49.30 -58.16
CA LYS BA 428 36.86 47.87 -58.29
C LYS BA 428 35.45 47.42 -57.94
N ARG BA 429 34.96 47.77 -56.76
CA ARG BA 429 33.61 47.40 -56.35
C ARG BA 429 33.01 48.52 -55.53
N PRO BA 430 31.69 48.68 -55.52
CA PRO BA 430 31.07 49.68 -54.66
C PRO BA 430 31.00 49.21 -53.21
N MET BA 431 30.66 50.15 -52.34
CA MET BA 431 30.58 49.86 -50.91
C MET BA 431 29.58 48.75 -50.66
N PHE BA 432 29.91 47.86 -49.72
CA PHE BA 432 29.04 46.77 -49.32
C PHE BA 432 28.93 46.74 -47.80
N PHE BA 433 27.77 46.32 -47.32
CA PHE BA 433 27.49 46.27 -45.89
C PHE BA 433 27.04 44.86 -45.53
N GLU BA 434 27.63 44.30 -44.47
CA GLU BA 434 27.32 42.96 -44.01
C GLU BA 434 27.10 42.96 -42.51
N GLN BA 435 26.20 42.11 -42.04
CA GLN BA 435 25.96 41.96 -40.61
C GLN BA 435 26.89 40.87 -40.06
N TYR BA 436 27.36 41.07 -38.84
CA TYR BA 436 28.38 40.23 -38.23
C TYR BA 436 27.73 39.40 -37.13
N GLU BA 437 27.69 38.07 -37.30
CA GLU BA 437 27.05 37.21 -36.31
C GLU BA 437 27.96 36.97 -35.11
N GLY BA 438 29.25 37.26 -35.23
CA GLY BA 438 30.17 37.04 -34.13
C GLY BA 438 29.92 37.92 -32.93
N GLY BA 439 29.25 39.05 -33.10
CA GLY BA 439 28.96 39.94 -31.99
C GLY BA 439 27.54 40.45 -31.99
N SER BA 440 26.67 39.85 -32.80
CA SER BA 440 25.29 40.27 -32.94
C SER BA 440 24.41 39.36 -32.08
N SER BA 441 24.18 39.76 -30.84
CA SER BA 441 23.23 39.06 -30.00
C SER BA 441 21.81 39.24 -30.52
N ALA BA 442 20.86 38.63 -29.83
CA ALA BA 442 19.46 38.85 -30.14
C ALA BA 442 18.99 40.24 -29.73
N TRP BA 443 19.82 40.99 -29.00
CA TRP BA 443 19.49 42.33 -28.53
C TRP BA 443 20.51 43.37 -28.96
N CYS BA 444 21.29 43.08 -30.01
CA CYS BA 444 22.33 43.99 -30.48
C CYS BA 444 22.64 43.64 -31.93
N VAL BA 445 23.42 44.52 -32.57
CA VAL BA 445 23.83 44.32 -33.95
C VAL BA 445 25.22 44.91 -34.14
N LYS BA 446 25.94 44.37 -35.12
CA LYS BA 446 27.23 44.91 -35.54
C LYS BA 446 27.34 44.82 -37.05
N TYR BA 447 27.69 45.92 -37.69
CA TYR BA 447 27.73 46.03 -39.14
C TYR BA 447 29.15 46.21 -39.62
N GLN BA 448 29.46 45.62 -40.77
CA GLN BA 448 30.78 45.70 -41.38
C GLN BA 448 30.65 46.24 -42.80
N PHE BA 449 31.63 47.02 -43.23
CA PHE BA 449 31.61 47.63 -44.55
C PHE BA 449 33.02 47.84 -45.06
N GLY BA 450 33.13 47.97 -46.38
CA GLY BA 450 34.42 48.25 -46.99
C GLY BA 450 34.27 48.45 -48.48
N ALA BA 451 35.33 48.97 -49.09
CA ALA BA 451 35.34 49.24 -50.53
C ALA BA 451 36.79 49.28 -51.01
N GLU BA 452 36.96 49.20 -52.32
CA GLU BA 452 38.28 49.12 -52.94
C GLU BA 452 38.38 50.13 -54.06
N ASP BA 453 39.59 50.65 -54.27
CA ASP BA 453 39.85 51.58 -55.37
C ASP BA 453 41.35 51.82 -55.45
N GLY BA 454 41.75 52.58 -56.47
CA GLY BA 454 43.15 52.88 -56.67
C GLY BA 454 43.35 53.95 -57.72
N GLY BA 455 44.61 54.23 -57.99
CA GLY BA 455 44.98 55.21 -59.01
C GLY BA 455 46.47 55.18 -59.32
N PHE BA 456 46.83 55.58 -60.54
CA PHE BA 456 48.22 55.50 -60.98
C PHE BA 456 48.50 56.60 -61.99
N VAL BA 457 49.62 57.29 -61.80
CA VAL BA 457 49.98 58.40 -62.69
C VAL BA 457 50.22 57.87 -64.10
N GLY BA 458 49.74 58.61 -65.08
CA GLY BA 458 49.92 58.23 -66.46
C GLY BA 458 51.17 58.85 -67.07
N CYS BA 459 51.00 59.67 -68.10
CA CYS BA 459 52.13 60.33 -68.74
C CYS BA 459 52.68 61.41 -67.80
N CYS BA 460 54.00 61.40 -67.58
CA CYS BA 460 54.62 62.41 -66.74
C CYS BA 460 54.78 63.73 -67.46
N GLU BA 461 54.70 63.75 -68.79
CA GLU BA 461 54.98 64.95 -69.55
C GLU BA 461 53.75 65.83 -69.78
N HIS BA 462 52.56 65.37 -69.39
CA HIS BA 462 51.34 66.09 -69.69
C HIS BA 462 50.91 67.03 -68.56
N GLY BA 463 51.84 67.49 -67.73
CA GLY BA 463 51.50 68.47 -66.70
C GLY BA 463 52.74 69.12 -66.13
N ARG BA 464 52.55 70.32 -65.60
CA ARG BA 464 53.61 71.06 -64.93
C ARG BA 464 53.08 71.62 -63.61
N VAL BA 465 54.02 71.97 -62.74
CA VAL BA 465 53.71 72.56 -61.44
C VAL BA 465 54.52 73.83 -61.27
N LEU BA 466 53.94 74.83 -60.61
CA LEU BA 466 54.58 76.11 -60.36
C LEU BA 466 54.87 76.23 -58.87
N ARG BA 467 56.00 76.85 -58.53
CA ARG BA 467 56.42 77.00 -57.15
C ARG BA 467 57.19 78.30 -56.98
N ILE BA 468 57.35 78.72 -55.74
CA ILE BA 468 58.01 79.97 -55.41
C ILE BA 468 59.52 79.76 -55.35
N GLY BA 469 60.26 80.81 -55.66
CA GLY BA 469 61.72 80.77 -55.58
C GLY BA 469 62.33 82.16 -55.62
N MET CA 1 -39.32 -159.87 79.33
CA MET CA 1 -40.35 -159.07 80.04
C MET CA 1 -39.70 -157.90 80.77
N ASN CA 2 -38.44 -158.07 81.16
CA ASN CA 2 -37.72 -156.99 81.83
C ASN CA 2 -37.25 -155.96 80.81
N PHE CA 3 -36.77 -154.83 81.33
CA PHE CA 3 -36.31 -153.73 80.49
C PHE CA 3 -35.20 -153.01 81.23
N ASN CA 4 -34.44 -152.21 80.47
CA ASN CA 4 -33.39 -151.37 81.05
C ASN CA 4 -33.94 -149.96 81.31
N VAL CA 5 -34.83 -149.86 82.29
CA VAL CA 5 -35.50 -148.60 82.58
C VAL CA 5 -34.51 -147.53 83.00
N GLY CA 6 -33.37 -147.91 83.57
CA GLY CA 6 -32.42 -146.92 84.03
C GLY CA 6 -31.90 -145.99 82.94
N VAL CA 7 -31.95 -146.43 81.68
CA VAL CA 7 -31.47 -145.58 80.59
C VAL CA 7 -32.41 -144.40 80.38
N ASP CA 8 -33.72 -144.61 80.52
CA ASP CA 8 -34.68 -143.56 80.21
C ASP CA 8 -35.08 -142.74 81.45
N PHE CA 9 -35.09 -143.34 82.63
CA PHE CA 9 -35.55 -142.67 83.84
C PHE CA 9 -34.53 -142.86 84.96
N PRO CA 10 -33.36 -142.25 84.85
CA PRO CA 10 -32.34 -142.40 85.89
C PRO CA 10 -32.76 -141.74 87.20
N SER CA 11 -32.17 -142.22 88.28
CA SER CA 11 -32.43 -141.66 89.61
C SER CA 11 -31.10 -141.49 90.33
N PHE CA 12 -31.06 -140.49 91.22
CA PHE CA 12 -29.84 -140.15 91.93
C PHE CA 12 -30.15 -139.92 93.40
N ILE CA 13 -29.17 -140.21 94.26
CA ILE CA 13 -29.32 -140.01 95.69
C ILE CA 13 -29.32 -138.51 95.99
N ALA CA 14 -30.20 -138.10 96.90
CA ALA CA 14 -30.27 -136.71 97.34
C ALA CA 14 -30.05 -136.53 98.83
N TRP CA 15 -30.26 -137.58 99.64
CA TRP CA 15 -30.02 -137.52 101.07
C TRP CA 15 -29.99 -138.94 101.60
N ASP CA 16 -28.94 -139.27 102.35
CA ASP CA 16 -28.75 -140.61 102.88
C ASP CA 16 -28.68 -140.64 104.40
N GLY CA 17 -29.14 -139.59 105.08
CA GLY CA 17 -29.11 -139.54 106.52
C GLY CA 17 -27.87 -138.93 107.12
N THR CA 18 -26.85 -138.66 106.32
CA THR CA 18 -25.64 -138.00 106.81
C THR CA 18 -25.16 -136.85 105.96
N THR CA 19 -25.47 -136.80 104.67
CA THR CA 19 -24.96 -135.76 103.78
C THR CA 19 -26.01 -135.44 102.73
N SER CA 20 -25.95 -134.23 102.19
CA SER CA 20 -26.84 -133.78 101.13
C SER CA 20 -26.04 -133.59 99.85
N PHE CA 21 -26.46 -134.26 98.78
CA PHE CA 21 -25.72 -134.27 97.53
C PHE CA 21 -26.44 -133.44 96.48
N PRO CA 22 -25.85 -132.37 95.96
CA PRO CA 22 -26.49 -131.64 94.86
C PRO CA 22 -26.72 -132.54 93.66
N VAL CA 23 -27.83 -132.32 92.97
CA VAL CA 23 -28.22 -133.11 91.81
C VAL CA 23 -28.42 -132.15 90.64
N LYS CA 24 -27.97 -132.56 89.46
CA LYS CA 24 -28.05 -131.71 88.27
C LYS CA 24 -29.33 -132.04 87.51
N ILE CA 25 -30.25 -131.08 87.46
CA ILE CA 25 -31.47 -131.23 86.68
C ILE CA 25 -31.40 -130.55 85.32
N ASP CA 26 -30.21 -130.08 84.92
CA ASP CA 26 -30.07 -129.26 83.72
C ASP CA 26 -30.65 -129.92 82.48
N GLY CA 27 -30.11 -131.08 82.12
CA GLY CA 27 -30.47 -131.73 80.87
C GLY CA 27 -31.78 -132.46 80.87
N PHE CA 28 -32.53 -132.43 81.97
CA PHE CA 28 -33.80 -133.14 82.05
C PHE CA 28 -34.93 -132.15 82.32
N ASN CA 29 -36.02 -132.29 81.58
CA ASN CA 29 -37.11 -131.31 81.61
C ASN CA 29 -38.25 -131.70 82.56
N GLN CA 30 -38.14 -132.81 83.27
CA GLN CA 30 -39.05 -133.13 84.38
C GLN CA 30 -38.27 -133.87 85.44
N PHE CA 31 -38.75 -133.78 86.68
CA PHE CA 31 -38.09 -134.47 87.79
C PHE CA 31 -39.01 -134.45 88.99
N GLY CA 32 -38.69 -135.30 89.96
CA GLY CA 32 -39.47 -135.38 91.18
C GLY CA 32 -38.72 -136.13 92.25
N PHE CA 33 -39.23 -136.03 93.47
CA PHE CA 33 -38.60 -136.67 94.62
C PHE CA 33 -39.28 -138.01 94.93
N THR CA 34 -38.74 -138.70 95.93
CA THR CA 34 -39.31 -139.93 96.46
C THR CA 34 -38.77 -140.14 97.86
N PHE CA 35 -39.67 -140.39 98.80
CA PHE CA 35 -39.32 -140.46 100.22
C PHE CA 35 -39.62 -141.85 100.76
N LYS CA 36 -38.73 -142.35 101.62
CA LYS CA 36 -38.91 -143.63 102.26
C LYS CA 36 -38.26 -143.60 103.64
N VAL CA 37 -38.72 -144.48 104.51
CA VAL CA 37 -38.25 -144.55 105.88
C VAL CA 37 -37.66 -145.93 106.14
N ILE CA 38 -36.73 -146.00 107.08
CA ILE CA 38 -36.09 -147.26 107.44
C ILE CA 38 -36.33 -147.65 108.89
N GLU CA 39 -37.05 -146.84 109.67
CA GLU CA 39 -37.35 -147.16 111.05
C GLU CA 39 -38.42 -146.21 111.55
N GLU CA 40 -39.20 -146.66 112.52
CA GLU CA 40 -40.30 -145.85 113.02
C GLU CA 40 -39.78 -144.55 113.61
N LEU CA 41 -40.53 -143.48 113.37
CA LEU CA 41 -40.10 -142.14 113.78
C LEU CA 41 -40.64 -141.79 115.17
N THR CA 42 -40.13 -140.69 115.70
CA THR CA 42 -40.61 -140.14 116.97
C THR CA 42 -41.28 -138.79 116.83
N ALA CA 43 -41.10 -138.09 115.71
CA ALA CA 43 -41.74 -136.81 115.48
C ALA CA 43 -41.58 -136.47 114.01
N ASP CA 44 -42.33 -135.46 113.57
CA ASP CA 44 -42.26 -135.03 112.18
C ASP CA 44 -40.89 -134.45 111.88
N VAL CA 45 -40.45 -134.60 110.63
CA VAL CA 45 -39.17 -134.10 110.17
C VAL CA 45 -39.42 -133.18 108.97
N PRO CA 46 -39.17 -131.87 109.08
CA PRO CA 46 -39.28 -131.00 107.92
C PRO CA 46 -37.98 -130.89 107.14
N PHE CA 47 -38.12 -130.61 105.85
CA PHE CA 47 -36.98 -130.56 104.94
C PHE CA 47 -36.93 -129.22 104.22
N ASN CA 48 -35.72 -128.77 103.91
CA ASN CA 48 -35.49 -127.56 103.14
C ASN CA 48 -35.14 -127.92 101.70
N ILE CA 49 -35.61 -127.09 100.76
CA ILE CA 49 -35.32 -127.28 99.34
C ILE CA 49 -34.49 -126.10 98.87
N PHE CA 50 -33.34 -126.40 98.25
CA PHE CA 50 -32.42 -125.39 97.74
C PHE CA 50 -32.21 -125.60 96.26
N TYR CA 51 -31.63 -124.59 95.62
CA TYR CA 51 -31.15 -124.71 94.24
C TYR CA 51 -29.82 -123.97 94.10
N HIS CA 52 -29.00 -124.46 93.17
CA HIS CA 52 -27.68 -123.89 92.93
C HIS CA 52 -27.59 -123.41 91.50
N GLU CA 53 -26.50 -122.72 91.19
CA GLU CA 53 -26.21 -122.29 89.83
C GLU CA 53 -24.72 -122.41 89.59
N ALA CA 54 -24.33 -122.31 88.32
CA ALA CA 54 -22.96 -122.58 87.91
C ALA CA 54 -21.99 -121.67 88.67
N SER CA 55 -20.94 -122.27 89.21
CA SER CA 55 -19.90 -121.49 89.88
C SER CA 55 -19.05 -120.76 88.86
N GLU CA 56 -18.44 -119.65 89.30
CA GLU CA 56 -17.63 -118.85 88.40
C GLU CA 56 -16.31 -119.55 88.06
N ALA CA 57 -15.72 -120.26 89.02
CA ALA CA 57 -14.43 -120.90 88.77
C ALA CA 57 -14.54 -121.99 87.71
N ASP CA 58 -15.72 -122.57 87.54
CA ASP CA 58 -15.92 -123.63 86.56
C ASP CA 58 -17.40 -123.76 86.23
N PRO CA 59 -17.78 -123.87 84.95
CA PRO CA 59 -19.20 -123.94 84.60
C PRO CA 59 -19.85 -125.28 84.91
N CYS CA 60 -19.18 -126.20 85.61
CA CYS CA 60 -19.73 -127.51 85.91
C CYS CA 60 -19.62 -127.87 87.39
N VAL CA 61 -19.57 -126.87 88.26
CA VAL CA 61 -19.55 -127.10 89.71
C VAL CA 61 -20.53 -126.12 90.35
N PRO CA 62 -21.48 -126.58 91.17
CA PRO CA 62 -22.49 -125.67 91.70
C PRO CA 62 -21.91 -124.70 92.72
N GLY CA 63 -22.55 -123.54 92.82
CA GLY CA 63 -22.13 -122.52 93.74
C GLY CA 63 -22.80 -122.66 95.10
N PRO CA 64 -22.94 -121.55 95.83
CA PRO CA 64 -23.60 -121.62 97.13
C PRO CA 64 -25.10 -121.85 97.00
N ALA CA 65 -25.67 -122.36 98.08
CA ALA CA 65 -27.08 -122.75 98.07
C ALA CA 65 -27.98 -121.52 98.06
N ILE CA 66 -29.05 -121.59 97.25
CA ILE CA 66 -30.09 -120.58 97.22
C ILE CA 66 -31.42 -121.28 97.48
N ARG CA 67 -32.21 -120.73 98.40
CA ARG CA 67 -33.42 -121.40 98.85
C ARG CA 67 -34.58 -121.09 97.91
N VAL CA 68 -35.32 -122.14 97.56
CA VAL CA 68 -36.35 -122.03 96.51
C VAL CA 68 -37.48 -121.14 97.00
N PRO CA 69 -38.11 -120.34 96.14
CA PRO CA 69 -39.28 -119.57 96.56
C PRO CA 69 -40.58 -120.32 96.32
N ASP CA 70 -41.59 -119.95 97.09
CA ASP CA 70 -42.89 -120.60 97.00
C ASP CA 70 -43.70 -119.99 95.87
N VAL CA 71 -44.61 -120.79 95.32
CA VAL CA 71 -45.52 -120.33 94.26
C VAL CA 71 -46.91 -120.92 94.50
N PRO CA 72 -47.92 -120.10 94.79
CA PRO CA 72 -49.29 -120.65 94.87
C PRO CA 72 -49.77 -121.17 93.53
N PHE CA 73 -50.57 -122.24 93.59
CA PHE CA 73 -51.09 -122.86 92.37
C PHE CA 73 -52.32 -122.14 91.84
N CYS CA 74 -53.25 -121.79 92.71
CA CYS CA 74 -54.50 -121.15 92.33
C CYS CA 74 -55.00 -120.43 93.58
N ASP CA 75 -56.28 -120.06 93.58
CA ASP CA 75 -56.87 -119.56 94.81
C ASP CA 75 -56.59 -120.57 95.91
N GLY CA 76 -55.75 -120.21 96.87
CA GLY CA 76 -55.31 -121.16 97.87
C GLY CA 76 -54.28 -120.53 98.79
N VAL CA 77 -53.88 -121.33 99.78
CA VAL CA 77 -53.00 -120.82 100.83
C VAL CA 77 -51.57 -120.69 100.31
N ALA CA 78 -50.80 -119.86 101.01
CA ALA CA 78 -49.38 -119.68 100.73
C ALA CA 78 -48.61 -119.83 102.03
N THR CA 79 -47.34 -120.20 101.91
CA THR CA 79 -46.52 -120.46 103.08
C THR CA 79 -46.33 -119.19 103.90
N ALA CA 80 -46.13 -119.37 105.21
CA ALA CA 80 -46.00 -118.24 106.11
C ALA CA 80 -44.76 -117.41 105.84
N ASP CA 81 -43.74 -117.99 105.21
CA ASP CA 81 -42.50 -117.28 104.92
C ASP CA 81 -42.18 -117.21 103.43
N GLY CA 82 -43.05 -117.74 102.56
CA GLY CA 82 -42.84 -117.64 101.14
C GLY CA 82 -41.80 -118.58 100.57
N LEU CA 83 -41.38 -119.60 101.31
CA LEU CA 83 -40.38 -120.54 100.86
C LEU CA 83 -40.91 -121.97 100.98
N ALA CA 84 -40.63 -122.77 99.96
CA ALA CA 84 -41.19 -124.12 99.90
C ALA CA 84 -40.52 -125.04 100.92
N THR CA 85 -41.30 -125.98 101.45
CA THR CA 85 -40.80 -126.98 102.38
C THR CA 85 -41.63 -128.25 102.24
N VAL CA 86 -41.10 -129.34 102.78
CA VAL CA 86 -41.79 -130.62 102.82
C VAL CA 86 -41.71 -131.16 104.23
N VAL CA 87 -42.86 -131.62 104.75
CA VAL CA 87 -42.95 -132.16 106.10
C VAL CA 87 -43.40 -133.61 105.99
N ILE CA 88 -42.60 -134.51 106.54
CA ILE CA 88 -42.89 -135.94 106.52
C ILE CA 88 -43.78 -136.25 107.72
N PRO CA 89 -44.97 -136.81 107.53
CA PRO CA 89 -45.88 -137.02 108.67
C PRO CA 89 -45.36 -138.07 109.64
N GLU CA 90 -45.80 -137.93 110.90
CA GLU CA 90 -45.40 -138.87 111.93
C GLU CA 90 -45.90 -140.29 111.65
N ALA CA 91 -47.11 -140.41 111.13
CA ALA CA 91 -47.76 -141.71 110.99
C ALA CA 91 -47.16 -142.57 109.88
N VAL CA 92 -46.21 -142.04 109.10
CA VAL CA 92 -45.68 -142.78 107.96
C VAL CA 92 -45.20 -144.15 108.41
N ALA CA 93 -45.56 -145.17 107.63
CA ALA CA 93 -45.15 -146.54 107.92
C ALA CA 93 -43.80 -146.83 107.29
N VAL CA 94 -43.26 -148.00 107.63
CA VAL CA 94 -41.94 -148.39 107.11
C VAL CA 94 -42.05 -149.05 105.74
N ASP CA 95 -43.26 -149.42 105.31
CA ASP CA 95 -43.47 -150.08 104.03
C ASP CA 95 -44.28 -149.22 103.06
N SER CA 96 -44.01 -147.92 103.02
CA SER CA 96 -44.70 -147.01 102.12
C SER CA 96 -43.72 -145.95 101.63
N PHE CA 97 -44.07 -145.34 100.49
CA PHE CA 97 -43.26 -144.28 99.90
C PHE CA 97 -44.16 -143.11 99.53
N CYS CA 98 -43.60 -141.91 99.61
CA CYS CA 98 -44.31 -140.67 99.29
C CYS CA 98 -43.56 -139.93 98.20
N ALA CA 99 -44.29 -139.31 97.28
CA ALA CA 99 -43.72 -138.66 96.12
C ALA CA 99 -44.29 -137.25 95.98
N GLY CA 100 -43.40 -136.27 95.82
CA GLY CA 100 -43.82 -134.90 95.58
C GLY CA 100 -42.72 -134.11 94.92
N SER CA 101 -43.12 -133.11 94.14
CA SER CA 101 -42.17 -132.32 93.37
C SER CA 101 -42.61 -130.87 93.34
N VAL CA 102 -41.64 -129.98 93.14
CA VAL CA 102 -41.88 -128.53 93.13
C VAL CA 102 -42.38 -128.13 91.75
N PRO CA 103 -43.11 -127.02 91.62
CA PRO CA 103 -43.68 -126.66 90.30
C PRO CA 103 -42.73 -125.90 89.40
N CYS CA 104 -41.63 -125.36 89.92
CA CYS CA 104 -40.77 -124.47 89.14
C CYS CA 104 -39.34 -124.97 89.18
N PHE CA 105 -38.57 -124.59 88.16
CA PHE CA 105 -37.22 -125.12 88.00
C PHE CA 105 -36.20 -124.30 88.78
N ASN CA 106 -36.11 -123.00 88.49
CA ASN CA 106 -35.05 -122.16 89.05
C ASN CA 106 -33.71 -122.67 88.51
N GLY CA 107 -32.65 -122.59 89.32
CA GLY CA 107 -31.32 -122.94 88.88
C GLY CA 107 -31.25 -124.34 88.28
N PRO CA 108 -30.13 -124.63 87.59
CA PRO CA 108 -30.00 -125.95 86.95
C PRO CA 108 -29.61 -127.07 87.90
N TRP CA 109 -29.37 -126.76 89.18
CA TRP CA 109 -29.06 -127.78 90.19
C TRP CA 109 -30.06 -127.67 91.32
N ILE CA 110 -30.25 -128.78 92.03
CA ILE CA 110 -31.18 -128.83 93.15
C ILE CA 110 -30.54 -129.59 94.31
N SER CA 111 -31.07 -129.34 95.50
CA SER CA 111 -30.56 -129.98 96.71
C SER CA 111 -31.66 -130.00 97.76
N ILE CA 112 -31.46 -130.81 98.79
CA ILE CA 112 -32.41 -130.94 99.89
C ILE CA 112 -31.65 -131.35 101.15
N ALA CA 113 -32.12 -130.89 102.30
CA ALA CA 113 -31.50 -131.21 103.58
C ALA CA 113 -32.52 -130.97 104.68
N PRO CA 114 -32.38 -131.64 105.81
CA PRO CA 114 -33.33 -131.44 106.90
C PRO CA 114 -33.12 -130.10 107.60
N VAL CA 115 -34.17 -129.63 108.28
CA VAL CA 115 -34.07 -128.37 109.00
C VAL CA 115 -33.09 -128.50 110.16
N THR CA 116 -33.04 -129.66 110.81
CA THR CA 116 -32.14 -129.88 111.94
C THR CA 116 -31.69 -131.34 111.93
N VAL CA 117 -30.40 -131.56 111.76
CA VAL CA 117 -29.87 -132.91 111.75
C VAL CA 117 -29.83 -133.44 113.17
N ASN CA 118 -30.38 -134.63 113.37
CA ASN CA 118 -30.40 -135.28 114.67
C ASN CA 118 -30.66 -136.76 114.46
N ALA CA 119 -30.90 -137.48 115.56
CA ALA CA 119 -31.12 -138.92 115.48
C ALA CA 119 -32.38 -139.27 114.70
N ASP CA 120 -33.33 -138.35 114.59
CA ASP CA 120 -34.58 -138.62 113.89
C ASP CA 120 -34.46 -138.37 112.39
N SER CA 121 -33.59 -137.45 111.99
CA SER CA 121 -33.43 -137.14 110.56
C SER CA 121 -32.62 -138.20 109.82
N ALA CA 122 -31.95 -139.11 110.53
CA ALA CA 122 -31.18 -140.15 109.88
C ALA CA 122 -32.05 -141.32 109.43
N LYS CA 123 -33.33 -141.32 109.78
CA LYS CA 123 -34.21 -142.43 109.48
C LYS CA 123 -34.94 -142.28 108.15
N VAL CA 124 -34.62 -141.27 107.36
CA VAL CA 124 -35.31 -141.01 106.10
C VAL CA 124 -34.32 -141.11 104.95
N GLN CA 125 -34.85 -141.43 103.76
CA GLN CA 125 -34.06 -141.53 102.54
C GLN CA 125 -34.80 -140.82 101.43
N VAL CA 126 -34.10 -139.94 100.71
CA VAL CA 126 -34.70 -139.13 99.65
C VAL CA 126 -33.95 -139.41 98.37
N THR CA 127 -34.70 -139.64 97.29
CA THR CA 127 -34.12 -139.92 95.98
C THR CA 127 -34.86 -139.11 94.93
N VAL CA 128 -34.14 -138.72 93.88
CA VAL CA 128 -34.68 -137.89 92.82
C VAL CA 128 -34.79 -138.72 91.56
N THR CA 129 -35.84 -138.49 90.79
CA THR CA 129 -36.10 -139.22 89.55
C THR CA 129 -36.25 -138.22 88.41
N MET CA 130 -35.92 -138.67 87.20
CA MET CA 130 -35.87 -137.78 86.04
C MET CA 130 -36.53 -138.49 84.87
N LYS CA 131 -37.29 -137.73 84.08
CA LYS CA 131 -38.26 -138.33 83.18
C LYS CA 131 -38.12 -137.92 81.72
N GLY CA 132 -37.16 -137.08 81.37
CA GLY CA 132 -36.97 -136.74 79.98
C GLY CA 132 -35.65 -136.08 79.67
N ALA CA 133 -34.97 -136.57 78.64
CA ALA CA 133 -33.68 -135.99 78.25
C ALA CA 133 -33.86 -135.09 77.04
N THR CA 134 -33.09 -133.99 77.03
CA THR CA 134 -33.14 -133.01 75.94
C THR CA 134 -31.79 -132.86 75.24
N ARG CA 135 -30.94 -133.88 75.34
CA ARG CA 135 -29.64 -133.83 74.66
C ARG CA 135 -29.32 -135.18 74.02
N MET DA 1 -56.05 -90.19 86.17
CA MET DA 1 -56.49 -88.84 86.63
C MET DA 1 -55.29 -87.89 86.72
N ASN DA 2 -54.59 -87.71 85.60
CA ASN DA 2 -53.39 -86.88 85.55
C ASN DA 2 -53.61 -85.72 84.60
N PHE DA 3 -53.34 -84.49 85.09
CA PHE DA 3 -53.45 -83.28 84.28
C PHE DA 3 -52.22 -82.41 84.43
N ASN DA 4 -51.04 -83.00 84.59
CA ASN DA 4 -49.82 -82.24 84.87
C ASN DA 4 -49.55 -81.23 83.77
N VAL DA 5 -49.19 -80.00 84.19
CA VAL DA 5 -48.88 -78.94 83.24
C VAL DA 5 -47.41 -78.54 83.27
N GLY DA 6 -46.65 -79.00 84.27
CA GLY DA 6 -45.23 -78.66 84.33
C GLY DA 6 -44.42 -79.18 83.16
N VAL DA 7 -44.95 -80.12 82.38
CA VAL DA 7 -44.22 -80.64 81.24
C VAL DA 7 -44.33 -79.70 80.05
N ASP DA 8 -45.41 -78.92 79.96
CA ASP DA 8 -45.65 -78.04 78.82
C ASP DA 8 -45.37 -76.57 79.12
N PHE DA 9 -45.52 -76.14 80.36
CA PHE DA 9 -45.36 -74.74 80.74
C PHE DA 9 -44.52 -74.63 82.00
N PRO DA 10 -43.22 -74.90 81.88
CA PRO DA 10 -42.34 -74.83 83.06
C PRO DA 10 -42.22 -73.40 83.57
N SER DA 11 -41.74 -73.28 84.80
CA SER DA 11 -41.57 -71.99 85.47
C SER DA 11 -40.24 -71.97 86.21
N PHE DA 12 -39.64 -70.80 86.32
CA PHE DA 12 -38.36 -70.64 87.00
C PHE DA 12 -38.33 -69.33 87.76
N ILE DA 13 -37.59 -69.31 88.87
CA ILE DA 13 -37.48 -68.11 89.69
C ILE DA 13 -36.45 -67.17 89.07
N ALA DA 14 -36.83 -65.90 88.96
CA ALA DA 14 -35.93 -64.86 88.43
C ALA DA 14 -35.51 -63.84 89.48
N TRP DA 15 -36.33 -63.58 90.48
CA TRP DA 15 -35.97 -62.69 91.58
C TRP DA 15 -36.80 -63.08 92.79
N ASP DA 16 -36.16 -63.07 93.97
CA ASP DA 16 -36.81 -63.50 95.20
C ASP DA 16 -36.54 -62.57 96.37
N GLY DA 17 -36.10 -61.34 96.11
CA GLY DA 17 -35.84 -60.39 97.16
C GLY DA 17 -34.41 -60.37 97.69
N THR DA 18 -33.60 -61.35 97.33
CA THR DA 18 -32.21 -61.39 97.76
C THR DA 18 -31.24 -61.59 96.60
N THR DA 19 -31.61 -62.38 95.59
CA THR DA 19 -30.71 -62.70 94.50
C THR DA 19 -31.49 -62.77 93.19
N SER DA 20 -30.81 -62.46 92.09
CA SER DA 20 -31.37 -62.59 90.76
C SER DA 20 -30.74 -63.80 90.07
N PHE DA 21 -31.59 -64.67 89.51
CA PHE DA 21 -31.14 -65.90 88.89
C PHE DA 21 -31.28 -65.81 87.38
N PRO DA 22 -30.20 -65.89 86.61
CA PRO DA 22 -30.35 -65.93 85.15
C PRO DA 22 -31.22 -67.11 84.74
N VAL DA 23 -32.07 -66.88 83.73
CA VAL DA 23 -32.99 -67.88 83.22
C VAL DA 23 -32.67 -68.12 81.76
N LYS DA 24 -32.87 -69.36 81.30
CA LYS DA 24 -32.51 -69.78 79.97
C LYS DA 24 -33.77 -69.90 79.12
N ILE DA 25 -33.81 -69.15 78.01
CA ILE DA 25 -34.93 -69.20 77.08
C ILE DA 25 -34.53 -69.76 75.73
N ASP DA 26 -33.35 -70.37 75.63
CA ASP DA 26 -32.87 -70.84 74.33
C ASP DA 26 -33.78 -71.91 73.76
N GLY DA 27 -34.22 -72.87 74.58
CA GLY DA 27 -35.01 -73.98 74.09
C GLY DA 27 -36.48 -73.70 73.90
N PHE DA 28 -36.93 -72.49 74.23
CA PHE DA 28 -38.34 -72.13 74.16
C PHE DA 28 -38.53 -70.95 73.22
N ASN DA 29 -39.74 -70.83 72.67
CA ASN DA 29 -40.04 -69.81 71.68
C ASN DA 29 -41.02 -68.75 72.16
N GLN DA 30 -41.52 -68.86 73.40
CA GLN DA 30 -42.31 -67.80 73.99
C GLN DA 30 -42.05 -67.78 75.49
N PHE DA 31 -42.33 -66.64 76.13
CA PHE DA 31 -42.14 -66.54 77.57
C PHE DA 31 -42.73 -65.23 78.05
N GLY DA 32 -42.87 -65.12 79.38
CA GLY DA 32 -43.40 -63.92 80.00
C GLY DA 32 -43.07 -63.90 81.47
N PHE DA 33 -43.17 -62.71 82.06
CA PHE DA 33 -42.87 -62.52 83.47
C PHE DA 33 -44.15 -62.63 84.31
N THR DA 34 -43.98 -62.49 85.63
CA THR DA 34 -45.09 -62.51 86.55
C THR DA 34 -44.63 -61.90 87.87
N PHE DA 35 -45.32 -60.85 88.30
CA PHE DA 35 -44.95 -60.11 89.51
C PHE DA 35 -45.99 -60.32 90.59
N LYS DA 36 -45.52 -60.46 91.83
CA LYS DA 36 -46.40 -60.55 92.98
C LYS DA 36 -45.75 -59.86 94.16
N VAL DA 37 -46.59 -59.35 95.06
CA VAL DA 37 -46.15 -58.65 96.26
C VAL DA 37 -46.57 -59.45 97.48
N ILE DA 38 -45.79 -59.35 98.54
CA ILE DA 38 -46.05 -60.08 99.78
C ILE DA 38 -46.26 -59.16 100.97
N GLU DA 39 -46.23 -57.85 100.76
CA GLU DA 39 -46.47 -56.90 101.86
C GLU DA 39 -46.64 -55.51 101.26
N GLU DA 40 -47.23 -54.62 102.05
CA GLU DA 40 -47.46 -53.26 101.59
C GLU DA 40 -46.15 -52.58 101.24
N LEU DA 41 -46.12 -51.89 100.11
CA LEU DA 41 -44.94 -51.17 99.66
C LEU DA 41 -44.93 -49.76 100.24
N THR DA 42 -43.78 -49.09 100.10
CA THR DA 42 -43.63 -47.69 100.48
C THR DA 42 -43.63 -46.75 99.29
N ALA DA 43 -43.30 -47.25 98.10
CA ALA DA 43 -43.30 -46.46 96.89
C ALA DA 43 -43.05 -47.40 95.71
N ASP DA 44 -43.24 -46.86 94.50
CA ASP DA 44 -43.02 -47.66 93.30
C ASP DA 44 -41.58 -48.16 93.27
N VAL DA 45 -41.41 -49.39 92.79
CA VAL DA 45 -40.12 -50.05 92.73
C VAL DA 45 -39.82 -50.38 91.27
N PRO DA 46 -38.85 -49.73 90.62
CA PRO DA 46 -38.54 -50.05 89.22
C PRO DA 46 -37.52 -51.18 89.10
N PHE DA 47 -37.63 -51.91 87.99
CA PHE DA 47 -36.77 -53.05 87.72
C PHE DA 47 -36.04 -52.85 86.39
N ASN DA 48 -34.80 -53.33 86.33
CA ASN DA 48 -33.99 -53.27 85.12
C ASN DA 48 -33.94 -54.66 84.49
N ILE DA 49 -34.15 -54.71 83.17
CA ILE DA 49 -34.16 -55.97 82.43
C ILE DA 49 -32.82 -56.14 81.73
N PHE DA 50 -32.18 -57.28 81.94
CA PHE DA 50 -30.90 -57.59 81.33
C PHE DA 50 -31.01 -58.88 80.52
N TYR DA 51 -30.05 -59.07 79.62
CA TYR DA 51 -29.84 -60.35 78.96
C TYR DA 51 -28.35 -60.67 78.94
N HIS DA 52 -28.04 -61.96 78.90
CA HIS DA 52 -26.67 -62.43 78.93
C HIS DA 52 -26.33 -63.12 77.62
N GLU DA 53 -25.04 -63.24 77.35
CA GLU DA 53 -24.53 -63.88 76.15
C GLU DA 53 -23.65 -65.06 76.53
N ALA DA 54 -23.61 -66.07 75.66
CA ALA DA 54 -22.84 -67.27 75.94
C ALA DA 54 -21.38 -66.92 76.17
N SER DA 55 -20.80 -67.46 77.24
CA SER DA 55 -19.41 -67.18 77.56
C SER DA 55 -18.49 -67.84 76.53
N GLU DA 56 -17.30 -67.24 76.38
CA GLU DA 56 -16.33 -67.78 75.43
C GLU DA 56 -15.69 -69.05 75.96
N ALA DA 57 -15.38 -69.10 77.25
CA ALA DA 57 -14.71 -70.25 77.82
C ALA DA 57 -15.58 -71.50 77.81
N ASP DA 58 -16.88 -71.36 78.11
CA ASP DA 58 -17.79 -72.50 78.21
C ASP DA 58 -19.03 -72.20 77.37
N PRO DA 59 -19.47 -73.13 76.52
CA PRO DA 59 -20.65 -72.88 75.69
C PRO DA 59 -21.98 -72.95 76.42
N CYS DA 60 -21.98 -73.19 77.73
CA CYS DA 60 -23.23 -73.33 78.48
C CYS DA 60 -23.17 -72.60 79.81
N VAL DA 61 -22.59 -71.41 79.84
CA VAL DA 61 -22.51 -70.61 81.06
C VAL DA 61 -22.82 -69.16 80.70
N PRO DA 62 -23.71 -68.49 81.45
CA PRO DA 62 -24.07 -67.12 81.08
C PRO DA 62 -22.89 -66.16 81.20
N GLY DA 63 -22.87 -65.16 80.32
CA GLY DA 63 -21.86 -64.13 80.35
C GLY DA 63 -22.29 -62.95 81.19
N PRO DA 64 -21.64 -61.81 81.01
CA PRO DA 64 -22.03 -60.61 81.76
C PRO DA 64 -23.34 -60.03 81.26
N ALA DA 65 -23.98 -59.27 82.16
CA ALA DA 65 -25.29 -58.72 81.87
C ALA DA 65 -25.21 -57.62 80.81
N ILE DA 66 -26.17 -57.63 79.89
CA ILE DA 66 -26.29 -56.62 78.84
C ILE DA 66 -27.72 -56.09 78.89
N ARG DA 67 -27.86 -54.76 78.89
CA ARG DA 67 -29.16 -54.13 79.05
C ARG DA 67 -29.98 -54.26 77.77
N VAL DA 68 -31.27 -54.55 77.95
CA VAL DA 68 -32.14 -54.79 76.80
C VAL DA 68 -32.52 -53.44 76.17
N PRO DA 69 -32.52 -53.31 74.84
CA PRO DA 69 -32.95 -52.06 74.23
C PRO DA 69 -34.46 -51.97 74.12
N ASP DA 70 -34.96 -50.74 73.95
CA ASP DA 70 -36.38 -50.50 73.81
C ASP DA 70 -36.83 -50.80 72.38
N VAL DA 71 -38.15 -50.92 72.22
CA VAL DA 71 -38.75 -51.17 70.90
C VAL DA 71 -40.08 -50.42 70.82
N PRO DA 72 -40.12 -49.21 70.25
CA PRO DA 72 -41.39 -48.50 70.15
C PRO DA 72 -42.37 -49.22 69.24
N PHE DA 73 -43.66 -49.03 69.52
CA PHE DA 73 -44.72 -49.66 68.75
C PHE DA 73 -45.23 -48.70 67.66
N CYS DA 74 -46.32 -49.10 67.01
CA CYS DA 74 -46.85 -48.32 65.90
C CYS DA 74 -47.17 -46.89 66.31
N ASP DA 75 -47.95 -46.74 67.38
CA ASP DA 75 -48.39 -45.42 67.87
C ASP DA 75 -48.00 -45.34 69.34
N GLY DA 76 -46.85 -44.75 69.60
CA GLY DA 76 -46.35 -44.68 70.97
C GLY DA 76 -45.05 -43.92 71.03
N VAL DA 77 -44.47 -43.89 72.22
CA VAL DA 77 -43.27 -43.12 72.50
C VAL DA 77 -42.22 -44.05 73.09
N ALA DA 78 -40.96 -43.64 72.96
CA ALA DA 78 -39.85 -44.43 73.47
C ALA DA 78 -39.54 -44.06 74.91
N THR DA 79 -38.72 -44.89 75.55
CA THR DA 79 -38.26 -44.61 76.90
C THR DA 79 -37.32 -43.41 76.89
N ALA DA 80 -37.17 -42.79 78.06
CA ALA DA 80 -36.33 -41.60 78.17
C ALA DA 80 -34.92 -41.86 77.65
N ASP DA 81 -34.38 -43.06 77.88
CA ASP DA 81 -33.02 -43.39 77.48
C ASP DA 81 -32.95 -44.54 76.48
N GLY DA 82 -34.08 -44.93 75.89
CA GLY DA 82 -34.07 -45.95 74.85
C GLY DA 82 -33.97 -47.37 75.34
N LEU DA 83 -34.00 -47.60 76.64
CA LEU DA 83 -33.92 -48.93 77.21
C LEU DA 83 -35.28 -49.35 77.78
N ALA DA 84 -35.40 -50.63 78.08
CA ALA DA 84 -36.65 -51.20 78.57
C ALA DA 84 -36.63 -51.27 80.10
N THR DA 85 -37.78 -50.97 80.70
CA THR DA 85 -37.94 -51.07 82.15
C THR DA 85 -39.40 -51.37 82.46
N VAL DA 86 -39.63 -51.84 83.69
CA VAL DA 86 -40.96 -52.08 84.20
C VAL DA 86 -41.02 -51.57 85.63
N VAL DA 87 -42.08 -50.82 85.95
CA VAL DA 87 -42.25 -50.20 87.26
C VAL DA 87 -43.55 -50.71 87.87
N ILE DA 88 -43.48 -51.18 89.11
CA ILE DA 88 -44.63 -51.70 89.83
C ILE DA 88 -45.26 -50.55 90.60
N PRO DA 89 -46.52 -50.18 90.34
CA PRO DA 89 -47.11 -49.04 91.02
C PRO DA 89 -47.42 -49.33 92.48
N GLU DA 90 -47.51 -48.24 93.26
CA GLU DA 90 -47.78 -48.36 94.69
C GLU DA 90 -49.20 -48.81 94.98
N ALA DA 91 -50.13 -48.61 94.04
CA ALA DA 91 -51.53 -48.96 94.29
C ALA DA 91 -51.76 -50.46 94.35
N VAL DA 92 -50.79 -51.27 93.93
CA VAL DA 92 -50.97 -52.72 93.89
C VAL DA 92 -51.20 -53.24 95.30
N ALA DA 93 -52.12 -54.20 95.43
CA ALA DA 93 -52.43 -54.82 96.70
C ALA DA 93 -51.65 -56.12 96.87
N VAL DA 94 -51.73 -56.69 98.07
CA VAL DA 94 -50.99 -57.91 98.37
C VAL DA 94 -51.63 -59.14 97.75
N ASP DA 95 -52.90 -59.06 97.36
CA ASP DA 95 -53.62 -60.21 96.84
C ASP DA 95 -53.77 -60.18 95.32
N SER DA 96 -52.99 -59.35 94.62
CA SER DA 96 -53.05 -59.27 93.17
C SER DA 96 -51.76 -59.80 92.55
N PHE DA 97 -51.80 -60.00 91.24
CA PHE DA 97 -50.61 -60.38 90.49
C PHE DA 97 -50.64 -59.65 89.15
N CYS DA 98 -49.46 -59.45 88.58
CA CYS DA 98 -49.30 -58.68 87.35
C CYS DA 98 -48.41 -59.45 86.37
N ALA DA 99 -48.68 -59.27 85.08
CA ALA DA 99 -47.99 -59.98 84.02
C ALA DA 99 -47.42 -58.99 83.03
N GLY DA 100 -46.23 -59.32 82.49
CA GLY DA 100 -45.59 -58.46 81.52
C GLY DA 100 -44.55 -59.23 80.74
N SER DA 101 -44.15 -58.67 79.60
CA SER DA 101 -43.21 -59.34 78.71
C SER DA 101 -42.52 -58.31 77.84
N VAL DA 102 -41.44 -58.75 77.20
CA VAL DA 102 -40.69 -57.90 76.26
C VAL DA 102 -41.02 -58.34 74.85
N PRO DA 103 -40.96 -57.46 73.85
CA PRO DA 103 -41.37 -57.86 72.49
C PRO DA 103 -40.34 -58.70 71.75
N CYS DA 104 -39.10 -58.77 72.22
CA CYS DA 104 -38.02 -59.39 71.47
C CYS DA 104 -37.17 -60.25 72.39
N PHE DA 105 -36.37 -61.13 71.77
CA PHE DA 105 -35.61 -62.12 72.53
C PHE DA 105 -34.23 -61.62 72.88
N ASN DA 106 -33.41 -61.29 71.88
CA ASN DA 106 -32.00 -60.98 72.07
C ASN DA 106 -31.26 -62.21 72.59
N GLY DA 107 -30.36 -62.03 73.55
CA GLY DA 107 -29.50 -63.11 74.01
C GLY DA 107 -30.27 -64.34 74.42
N PRO DA 108 -29.57 -65.47 74.56
CA PRO DA 108 -30.25 -66.73 74.92
C PRO DA 108 -30.60 -66.84 76.40
N TRP DA 109 -30.08 -65.97 77.26
CA TRP DA 109 -30.46 -65.90 78.66
C TRP DA 109 -31.13 -64.57 78.91
N ILE DA 110 -31.94 -64.52 79.98
CA ILE DA 110 -32.62 -63.29 80.38
C ILE DA 110 -32.60 -63.20 81.90
N SER DA 111 -32.75 -61.97 82.39
CA SER DA 111 -32.68 -61.71 83.82
C SER DA 111 -33.41 -60.42 84.14
N ILE DA 112 -33.66 -60.21 85.42
CA ILE DA 112 -34.32 -59.00 85.90
C ILE DA 112 -33.88 -58.76 87.34
N ALA DA 113 -33.68 -57.49 87.69
CA ALA DA 113 -33.22 -57.11 89.01
C ALA DA 113 -33.69 -55.70 89.30
N PRO DA 114 -33.83 -55.34 90.57
CA PRO DA 114 -34.26 -53.97 90.90
C PRO DA 114 -33.18 -52.95 90.59
N VAL DA 115 -33.61 -51.71 90.35
CA VAL DA 115 -32.66 -50.64 90.10
C VAL DA 115 -31.83 -50.38 91.34
N THR DA 116 -32.42 -50.50 92.53
CA THR DA 116 -31.69 -50.32 93.77
C THR DA 116 -32.15 -51.39 94.76
N VAL DA 117 -31.30 -51.65 95.74
CA VAL DA 117 -31.58 -52.62 96.80
C VAL DA 117 -31.94 -51.85 98.06
N ASN DA 118 -33.16 -52.06 98.54
CA ASN DA 118 -33.66 -51.35 99.72
C ASN DA 118 -34.67 -52.25 100.40
N ALA DA 119 -35.35 -51.72 101.43
CA ALA DA 119 -36.34 -52.52 102.13
C ALA DA 119 -37.51 -52.90 101.22
N ASP DA 120 -37.97 -51.95 100.40
CA ASP DA 120 -39.09 -52.21 99.52
C ASP DA 120 -38.78 -53.25 98.46
N SER DA 121 -37.54 -53.28 97.97
CA SER DA 121 -37.17 -54.20 96.90
C SER DA 121 -37.29 -55.66 97.32
N ALA DA 122 -37.30 -55.94 98.63
CA ALA DA 122 -37.38 -57.30 99.11
C ALA DA 122 -38.81 -57.82 99.23
N LYS DA 123 -39.81 -57.00 98.89
CA LYS DA 123 -41.20 -57.37 99.02
C LYS DA 123 -41.80 -57.90 97.72
N VAL DA 124 -41.00 -58.06 96.67
CA VAL DA 124 -41.49 -58.42 95.36
C VAL DA 124 -40.87 -59.75 94.95
N GLN DA 125 -41.67 -60.59 94.30
CA GLN DA 125 -41.22 -61.88 93.77
C GLN DA 125 -41.52 -61.94 92.28
N VAL DA 126 -40.52 -62.33 91.50
CA VAL DA 126 -40.62 -62.36 90.05
C VAL DA 126 -40.38 -63.77 89.57
N THR DA 127 -41.21 -64.23 88.64
CA THR DA 127 -41.14 -65.58 88.09
C THR DA 127 -41.30 -65.50 86.58
N VAL DA 128 -40.70 -66.46 85.87
CA VAL DA 128 -40.70 -66.48 84.42
C VAL DA 128 -41.41 -67.75 83.95
N THR DA 129 -42.34 -67.58 83.01
CA THR DA 129 -43.07 -68.68 82.42
C THR DA 129 -42.70 -68.80 80.95
N MET DA 130 -42.72 -70.02 80.43
CA MET DA 130 -42.33 -70.31 79.06
C MET DA 130 -43.37 -71.22 78.42
N LYS DA 131 -43.69 -70.96 77.16
CA LYS DA 131 -44.86 -71.56 76.54
C LYS DA 131 -44.60 -72.93 75.94
N GLY DA 132 -43.48 -73.14 75.25
CA GLY DA 132 -43.26 -74.40 74.59
C GLY DA 132 -41.82 -74.68 74.24
N ALA DA 133 -41.47 -75.95 74.13
CA ALA DA 133 -40.13 -76.37 73.75
C ALA DA 133 -40.07 -76.68 72.26
N THR DA 134 -38.94 -76.33 71.65
CA THR DA 134 -38.74 -76.58 70.23
C THR DA 134 -37.78 -77.73 69.95
N ARG DA 135 -36.84 -78.00 70.86
CA ARG DA 135 -35.89 -79.08 70.66
C ARG DA 135 -36.61 -80.42 70.55
N MET EA 1 -63.86 -22.51 66.03
CA MET EA 1 -63.53 -21.61 64.89
C MET EA 1 -64.00 -20.18 65.18
N ASN EA 2 -63.07 -19.32 65.57
CA ASN EA 2 -63.33 -17.91 65.73
C ASN EA 2 -62.60 -17.15 64.62
N PHE EA 3 -62.66 -15.81 64.68
CA PHE EA 3 -62.08 -14.98 63.64
C PHE EA 3 -61.36 -13.81 64.29
N ASN EA 4 -60.57 -13.11 63.48
CA ASN EA 4 -59.90 -11.88 63.91
C ASN EA 4 -60.84 -10.70 63.63
N VAL EA 5 -61.90 -10.64 64.43
CA VAL EA 5 -62.96 -9.65 64.20
C VAL EA 5 -62.42 -8.23 64.34
N GLY EA 6 -61.35 -8.03 65.12
CA GLY EA 6 -60.78 -6.71 65.26
C GLY EA 6 -60.30 -6.10 63.96
N VAL EA 7 -60.16 -6.90 62.90
CA VAL EA 7 -59.74 -6.37 61.61
C VAL EA 7 -60.85 -5.53 60.99
N ASP EA 8 -62.08 -6.01 61.05
CA ASP EA 8 -63.20 -5.36 60.36
C ASP EA 8 -64.04 -4.48 61.27
N PHE EA 9 -64.03 -4.72 62.57
CA PHE EA 9 -64.88 -3.99 63.52
C PHE EA 9 -64.02 -3.50 64.69
N PRO EA 10 -63.10 -2.57 64.44
CA PRO EA 10 -62.24 -2.09 65.52
C PRO EA 10 -63.04 -1.35 66.59
N SER EA 11 -62.49 -1.36 67.80
CA SER EA 11 -63.10 -0.68 68.93
C SER EA 11 -62.05 0.19 69.62
N PHE EA 12 -62.47 1.36 70.08
CA PHE EA 12 -61.55 2.32 70.68
C PHE EA 12 -62.16 2.91 71.94
N ILE EA 13 -61.32 3.12 72.96
CA ILE EA 13 -61.79 3.65 74.22
C ILE EA 13 -62.22 5.10 74.04
N ALA EA 14 -63.34 5.47 74.66
CA ALA EA 14 -63.85 6.83 74.63
C ALA EA 14 -63.90 7.49 76.00
N TRP EA 15 -64.08 6.73 77.07
CA TRP EA 15 -64.09 7.29 78.42
C TRP EA 15 -63.73 6.17 79.38
N ASP EA 16 -62.59 6.28 80.04
CA ASP EA 16 -62.08 5.24 80.92
C ASP EA 16 -62.32 5.51 82.40
N GLY EA 17 -63.13 6.51 82.72
CA GLY EA 17 -63.43 6.85 84.10
C GLY EA 17 -62.66 8.05 84.62
N THR EA 18 -61.59 8.46 83.96
CA THR EA 18 -60.81 9.61 84.38
C THR EA 18 -60.48 10.59 83.26
N THR EA 19 -60.52 10.16 81.99
CA THR EA 19 -60.19 11.05 80.89
C THR EA 19 -61.00 10.64 79.67
N SER EA 20 -61.25 11.61 78.80
CA SER EA 20 -61.95 11.39 77.54
C SER EA 20 -60.98 11.56 76.39
N PHE EA 21 -61.06 10.64 75.42
CA PHE EA 21 -60.15 10.61 74.29
C PHE EA 21 -60.90 10.86 72.99
N PRO EA 22 -60.49 11.84 72.18
CA PRO EA 22 -61.14 12.02 70.88
C PRO EA 22 -61.00 10.79 70.00
N VAL EA 23 -62.13 10.22 69.57
CA VAL EA 23 -62.13 9.02 68.75
C VAL EA 23 -62.29 9.45 67.29
N LYS EA 24 -61.28 9.16 66.48
CA LYS EA 24 -61.29 9.60 65.09
C LYS EA 24 -62.27 8.78 64.27
N ILE EA 25 -63.18 9.46 63.57
CA ILE EA 25 -64.15 8.83 62.69
C ILE EA 25 -64.08 9.56 61.36
N ASP EA 26 -63.23 9.10 60.46
CA ASP EA 26 -63.17 9.67 59.12
C ASP EA 26 -63.21 8.58 58.06
N GLY EA 27 -62.52 7.47 58.33
CA GLY EA 27 -62.44 6.37 57.39
C GLY EA 27 -63.55 5.35 57.50
N PHE EA 28 -64.49 5.54 58.41
CA PHE EA 28 -65.55 4.59 58.66
C PHE EA 28 -66.90 5.23 58.39
N ASN EA 29 -67.85 4.43 57.91
CA ASN EA 29 -69.17 4.93 57.54
C ASN EA 29 -70.25 4.64 58.57
N GLN EA 30 -69.92 3.96 59.67
CA GLN EA 30 -70.87 3.77 60.77
C GLN EA 30 -70.11 3.69 62.07
N PHE EA 31 -70.82 3.94 63.18
CA PHE EA 31 -70.21 3.86 64.50
C PHE EA 31 -71.31 3.86 65.55
N GLY EA 32 -70.92 3.58 66.79
CA GLY EA 32 -71.85 3.53 67.89
C GLY EA 32 -71.14 3.43 69.20
N PHE EA 33 -71.90 3.64 70.28
CA PHE EA 33 -71.36 3.61 71.63
C PHE EA 33 -71.72 2.30 72.33
N THR EA 34 -71.14 2.12 73.52
CA THR EA 34 -71.45 0.95 74.35
C THR EA 34 -71.07 1.29 75.78
N PHE EA 35 -72.07 1.40 76.65
CA PHE EA 35 -71.87 1.80 78.03
C PHE EA 35 -71.90 0.57 78.94
N LYS EA 36 -71.00 0.53 79.91
CA LYS EA 36 -70.97 -0.54 80.90
C LYS EA 36 -70.63 0.04 82.26
N VAL EA 37 -71.07 -0.65 83.30
CA VAL EA 37 -70.81 -0.23 84.68
C VAL EA 37 -69.84 -1.23 85.32
N ILE EA 38 -69.18 -0.79 86.39
CA ILE EA 38 -68.31 -1.66 87.16
C ILE EA 38 -68.69 -1.70 88.64
N GLU EA 39 -69.49 -0.76 89.13
CA GLU EA 39 -69.96 -0.80 90.51
C GLU EA 39 -71.24 0.01 90.59
N GLU EA 40 -72.03 -0.26 91.63
CA GLU EA 40 -73.37 0.30 91.71
C GLU EA 40 -73.33 1.81 91.78
N LEU EA 41 -74.31 2.45 91.14
CA LEU EA 41 -74.38 3.90 91.09
C LEU EA 41 -75.21 4.45 92.24
N THR EA 42 -75.04 5.75 92.49
CA THR EA 42 -75.80 6.43 93.52
C THR EA 42 -76.87 7.37 92.95
N ALA EA 43 -76.80 7.68 91.66
CA ALA EA 43 -77.76 8.58 91.03
C ALA EA 43 -77.57 8.50 89.51
N ASP EA 44 -78.47 9.17 88.79
CA ASP EA 44 -78.35 9.24 87.35
C ASP EA 44 -77.09 10.00 86.96
N VAL EA 45 -76.42 9.52 85.91
CA VAL EA 45 -75.16 10.08 85.44
C VAL EA 45 -75.34 10.47 83.98
N PRO EA 46 -75.72 11.71 83.67
CA PRO EA 46 -75.87 12.12 82.28
C PRO EA 46 -74.53 12.42 81.60
N PHE EA 47 -74.53 12.27 80.28
CA PHE EA 47 -73.34 12.45 79.46
C PHE EA 47 -73.63 13.40 78.30
N ASN EA 48 -72.65 14.24 77.99
CA ASN EA 48 -72.71 15.12 76.83
C ASN EA 48 -71.91 14.51 75.68
N ILE EA 49 -72.27 14.89 74.46
CA ILE EA 49 -71.60 14.41 73.26
C ILE EA 49 -71.05 15.60 72.51
N PHE EA 50 -69.75 15.58 72.24
CA PHE EA 50 -69.06 16.66 71.53
C PHE EA 50 -68.61 16.18 70.17
N TYR EA 51 -68.00 17.09 69.41
CA TYR EA 51 -67.35 16.75 68.16
C TYR EA 51 -66.23 17.74 67.89
N HIS EA 52 -65.27 17.33 67.06
CA HIS EA 52 -64.12 18.15 66.71
C HIS EA 52 -63.99 18.18 65.19
N GLU EA 53 -63.28 19.20 64.70
CA GLU EA 53 -62.93 19.31 63.30
C GLU EA 53 -61.43 19.56 63.16
N ALA EA 54 -60.90 19.22 61.98
CA ALA EA 54 -59.47 19.27 61.78
C ALA EA 54 -58.93 20.67 62.05
N SER EA 55 -57.84 20.73 62.81
CA SER EA 55 -57.18 22.00 63.08
C SER EA 55 -56.54 22.53 61.79
N GLU EA 56 -56.44 23.85 61.71
CA GLU EA 56 -55.91 24.47 60.49
C GLU EA 56 -54.41 24.21 60.33
N ALA EA 57 -53.67 24.18 61.44
CA ALA EA 57 -52.23 24.01 61.35
C ALA EA 57 -51.84 22.59 60.95
N ASP EA 58 -52.62 21.59 61.35
CA ASP EA 58 -52.29 20.20 61.07
C ASP EA 58 -53.57 19.45 60.71
N PRO EA 59 -53.66 18.82 59.54
CA PRO EA 59 -54.91 18.16 59.14
C PRO EA 59 -55.21 16.87 59.88
N CYS EA 60 -54.45 16.52 60.92
CA CYS EA 60 -54.69 15.29 61.66
C CYS EA 60 -54.62 15.50 63.17
N VAL EA 61 -54.83 16.72 63.64
CA VAL EA 61 -54.89 17.04 65.07
C VAL EA 61 -56.22 17.75 65.32
N PRO EA 62 -57.12 17.17 66.13
CA PRO EA 62 -58.44 17.77 66.28
C PRO EA 62 -58.39 19.12 66.98
N GLY EA 63 -59.35 19.97 66.65
CA GLY EA 63 -59.47 21.28 67.25
C GLY EA 63 -60.29 21.26 68.52
N PRO EA 64 -60.84 22.40 68.90
CA PRO EA 64 -61.61 22.48 70.15
C PRO EA 64 -62.94 21.75 70.05
N ALA EA 65 -63.52 21.50 71.22
CA ALA EA 65 -64.75 20.73 71.31
C ALA EA 65 -65.97 21.59 71.02
N ILE EA 66 -66.97 20.97 70.39
CA ILE EA 66 -68.23 21.62 70.06
C ILE EA 66 -69.35 20.63 70.29
N ARG EA 67 -70.47 21.10 70.87
CA ARG EA 67 -71.56 20.20 71.23
C ARG EA 67 -72.40 19.85 70.00
N VAL EA 68 -72.92 18.63 70.00
CA VAL EA 68 -73.68 18.13 68.86
C VAL EA 68 -75.10 18.71 68.92
N PRO EA 69 -75.72 19.05 67.79
CA PRO EA 69 -77.12 19.47 67.81
C PRO EA 69 -78.07 18.29 67.72
N ASP EA 70 -79.22 18.43 68.39
CA ASP EA 70 -80.24 17.42 68.35
C ASP EA 70 -80.92 17.40 66.98
N VAL EA 71 -81.52 16.26 66.65
CA VAL EA 71 -82.23 16.10 65.38
C VAL EA 71 -83.55 15.38 65.64
N PRO EA 72 -84.67 16.09 65.78
CA PRO EA 72 -85.95 15.41 66.02
C PRO EA 72 -86.31 14.48 64.86
N PHE EA 73 -86.95 13.36 65.20
CA PHE EA 73 -87.38 12.41 64.20
C PHE EA 73 -88.78 12.75 63.70
N CYS EA 74 -89.21 12.04 62.67
CA CYS EA 74 -90.54 12.27 62.09
C CYS EA 74 -91.61 12.25 63.17
N ASP EA 75 -91.76 11.13 63.84
CA ASP EA 75 -92.82 10.93 64.83
C ASP EA 75 -92.35 11.29 66.23
N GLY EA 76 -91.98 12.56 66.44
CA GLY EA 76 -91.49 12.97 67.73
C GLY EA 76 -91.25 14.46 67.77
N VAL EA 77 -90.65 14.92 68.87
CA VAL EA 77 -90.39 16.33 69.10
C VAL EA 77 -88.98 16.49 69.66
N ALA EA 78 -88.49 17.73 69.65
CA ALA EA 78 -87.14 18.03 70.05
C ALA EA 78 -86.99 18.00 71.57
N THR EA 79 -85.74 18.05 72.03
CA THR EA 79 -85.44 18.11 73.44
C THR EA 79 -85.52 19.56 73.94
N ALA EA 80 -85.28 19.73 75.24
CA ALA EA 80 -85.51 21.00 75.90
C ALA EA 80 -84.39 22.02 75.69
N ASP EA 81 -83.28 21.63 75.04
CA ASP EA 81 -82.18 22.54 74.81
C ASP EA 81 -81.61 22.48 73.41
N GLY EA 82 -82.10 21.58 72.56
CA GLY EA 82 -81.62 21.50 71.19
C GLY EA 82 -80.28 20.84 71.02
N LEU EA 83 -79.73 20.22 72.06
CA LEU EA 83 -78.43 19.57 72.00
C LEU EA 83 -78.55 18.14 72.52
N ALA EA 84 -77.73 17.26 71.95
CA ALA EA 84 -77.82 15.83 72.27
C ALA EA 84 -77.30 15.55 73.67
N THR EA 85 -77.82 14.49 74.27
CA THR EA 85 -77.43 14.08 75.61
C THR EA 85 -77.77 12.61 75.81
N VAL EA 86 -77.18 12.02 76.83
CA VAL EA 86 -77.41 10.62 77.18
C VAL EA 86 -77.41 10.49 78.70
N VAL EA 87 -78.33 9.68 79.22
CA VAL EA 87 -78.50 9.49 80.66
C VAL EA 87 -78.48 8.00 80.97
N ILE EA 88 -77.74 7.63 82.00
CA ILE EA 88 -77.63 6.24 82.45
C ILE EA 88 -78.45 6.09 83.72
N PRO EA 89 -79.52 5.31 83.72
CA PRO EA 89 -80.39 5.22 84.90
C PRO EA 89 -79.77 4.38 86.02
N GLU EA 90 -80.32 4.57 87.22
CA GLU EA 90 -79.85 3.83 88.38
C GLU EA 90 -80.08 2.33 88.25
N ALA EA 91 -81.11 1.93 87.53
CA ALA EA 91 -81.51 0.52 87.49
C ALA EA 91 -80.52 -0.37 86.77
N VAL EA 92 -79.55 0.19 86.06
CA VAL EA 92 -78.61 -0.63 85.30
C VAL EA 92 -77.84 -1.53 86.26
N ALA EA 93 -77.82 -2.82 85.96
CA ALA EA 93 -77.06 -3.79 86.73
C ALA EA 93 -75.61 -3.80 86.25
N VAL EA 94 -74.84 -4.77 86.73
CA VAL EA 94 -73.44 -4.88 86.31
C VAL EA 94 -73.32 -5.72 85.04
N ASP EA 95 -73.98 -6.88 85.02
CA ASP EA 95 -73.93 -7.76 83.85
C ASP EA 95 -74.96 -7.31 82.81
N SER EA 96 -74.78 -6.08 82.35
CA SER EA 96 -75.63 -5.53 81.30
C SER EA 96 -74.88 -4.39 80.62
N PHE EA 97 -75.22 -4.15 79.36
CA PHE EA 97 -74.61 -3.10 78.57
C PHE EA 97 -75.69 -2.39 77.78
N CYS EA 98 -75.44 -1.11 77.48
CA CYS EA 98 -76.36 -0.27 76.74
C CYS EA 98 -75.68 0.23 75.47
N ALA EA 99 -76.40 0.18 74.35
CA ALA EA 99 -75.86 0.55 73.05
C ALA EA 99 -76.70 1.67 72.45
N GLY EA 100 -76.06 2.79 72.14
CA GLY EA 100 -76.73 3.91 71.53
C GLY EA 100 -75.84 4.58 70.50
N SER EA 101 -76.48 5.35 69.63
CA SER EA 101 -75.77 6.06 68.57
C SER EA 101 -76.56 7.30 68.17
N VAL EA 102 -75.88 8.23 67.52
CA VAL EA 102 -76.48 9.49 67.08
C VAL EA 102 -76.77 9.40 65.59
N PRO EA 103 -77.78 10.11 65.08
CA PRO EA 103 -78.13 9.96 63.65
C PRO EA 103 -77.25 10.75 62.70
N CYS EA 104 -76.43 11.69 63.19
CA CYS EA 104 -75.68 12.57 62.31
C CYS EA 104 -74.21 12.53 62.71
N PHE EA 105 -73.35 12.87 61.75
CA PHE EA 105 -71.90 12.76 61.93
C PHE EA 105 -71.27 14.04 62.45
N ASN EA 106 -71.47 15.15 61.75
CA ASN EA 106 -70.72 16.38 62.04
C ASN EA 106 -69.24 16.11 61.84
N GLY EA 107 -68.37 16.79 62.60
CA GLY EA 107 -66.94 16.65 62.45
C GLY EA 107 -66.49 15.20 62.43
N PRO EA 108 -65.28 14.95 61.92
CA PRO EA 108 -64.78 13.58 61.81
C PRO EA 108 -64.22 13.01 63.11
N TRP EA 109 -64.36 13.76 64.20
CA TRP EA 109 -63.95 13.30 65.53
C TRP EA 109 -65.15 13.33 66.45
N ILE EA 110 -65.14 12.45 67.45
CA ILE EA 110 -66.22 12.37 68.43
C ILE EA 110 -65.61 12.23 69.82
N SER EA 111 -66.35 12.72 70.82
CA SER EA 111 -65.91 12.61 72.20
C SER EA 111 -67.14 12.60 73.10
N ILE EA 112 -66.99 11.99 74.28
CA ILE EA 112 -68.05 11.92 75.26
C ILE EA 112 -67.46 12.14 76.64
N ALA EA 113 -68.07 13.02 77.43
CA ALA EA 113 -67.59 13.35 78.75
C ALA EA 113 -68.78 13.50 79.69
N PRO EA 114 -68.60 13.26 80.98
CA PRO EA 114 -69.72 13.44 81.91
C PRO EA 114 -70.06 14.91 82.10
N VAL EA 115 -71.31 15.17 82.46
CA VAL EA 115 -71.73 16.54 82.71
C VAL EA 115 -70.93 17.15 83.85
N THR EA 116 -70.76 16.40 84.93
CA THR EA 116 -69.95 16.85 86.07
C THR EA 116 -69.14 15.67 86.59
N VAL EA 117 -67.89 15.93 86.94
CA VAL EA 117 -67.00 14.90 87.46
C VAL EA 117 -67.34 14.68 88.92
N ASN EA 118 -67.67 13.44 89.28
CA ASN EA 118 -68.04 13.10 90.65
C ASN EA 118 -67.76 11.62 90.86
N ALA EA 119 -68.02 11.16 92.10
CA ALA EA 119 -67.74 9.77 92.43
C ALA EA 119 -68.51 8.82 91.53
N ASP EA 120 -69.77 9.12 91.23
CA ASP EA 120 -70.58 8.23 90.41
C ASP EA 120 -70.09 8.16 88.98
N SER EA 121 -69.44 9.21 88.49
CA SER EA 121 -69.00 9.22 87.09
C SER EA 121 -67.88 8.23 86.83
N ALA EA 122 -67.08 7.92 87.86
CA ALA EA 122 -65.97 7.00 87.67
C ALA EA 122 -66.42 5.55 87.54
N LYS EA 123 -67.70 5.27 87.77
CA LYS EA 123 -68.19 3.90 87.76
C LYS EA 123 -68.56 3.41 86.37
N VAL EA 124 -68.44 4.23 85.34
CA VAL EA 124 -68.91 3.87 84.00
C VAL EA 124 -67.71 3.82 83.05
N GLN EA 125 -67.88 3.03 81.99
CA GLN EA 125 -66.88 2.91 80.94
C GLN EA 125 -67.59 2.89 79.59
N VAL EA 126 -67.02 3.60 78.62
CA VAL EA 126 -67.61 3.75 77.29
C VAL EA 126 -66.59 3.36 76.24
N THR EA 127 -67.07 2.81 75.14
CA THR EA 127 -66.23 2.46 74.00
C THR EA 127 -67.02 2.68 72.71
N VAL EA 128 -66.30 2.86 71.62
CA VAL EA 128 -66.88 3.17 70.32
C VAL EA 128 -66.52 2.05 69.35
N THR EA 129 -67.54 1.50 68.68
CA THR EA 129 -67.35 0.48 67.66
C THR EA 129 -67.67 1.06 66.29
N MET EA 130 -66.87 0.68 65.29
CA MET EA 130 -67.03 1.18 63.93
C MET EA 130 -67.13 0.00 62.99
N LYS EA 131 -68.13 0.04 62.10
CA LYS EA 131 -68.61 -1.15 61.42
C LYS EA 131 -68.17 -1.26 59.96
N GLY EA 132 -67.69 -0.18 59.35
CA GLY EA 132 -67.30 -0.26 57.95
C GLY EA 132 -66.10 0.60 57.62
N ALA EA 133 -65.12 0.01 56.94
CA ALA EA 133 -63.98 0.78 56.45
C ALA EA 133 -64.22 1.19 55.00
N THR EA 134 -63.75 2.39 54.66
CA THR EA 134 -63.99 2.97 53.35
C THR EA 134 -62.71 3.34 52.61
N ARG EA 135 -61.55 3.09 53.19
CA ARG EA 135 -60.28 3.42 52.55
C ARG EA 135 -59.54 2.15 52.15
N MET FA 1 -104.21 43.25 45.51
CA MET FA 1 -102.72 43.17 45.53
C MET FA 1 -102.12 44.47 45.02
N ASN FA 2 -101.06 44.94 45.69
CA ASN FA 2 -100.30 46.09 45.22
C ASN FA 2 -98.86 45.67 45.01
N PHE FA 3 -98.19 46.36 44.10
CA PHE FA 3 -96.85 46.02 43.67
C PHE FA 3 -95.81 46.87 44.39
N ASN FA 4 -94.54 46.59 44.10
CA ASN FA 4 -93.42 47.37 44.62
C ASN FA 4 -93.07 48.48 43.62
N VAL FA 5 -93.96 49.48 43.53
CA VAL FA 5 -93.78 50.55 42.57
C VAL FA 5 -92.49 51.30 42.80
N GLY FA 6 -91.92 51.23 44.00
CA GLY FA 6 -90.65 51.88 44.25
C GLY FA 6 -89.49 51.32 43.45
N VAL FA 7 -89.67 50.16 42.82
CA VAL FA 7 -88.59 49.54 42.06
C VAL FA 7 -88.53 50.10 40.65
N ASP FA 8 -89.68 50.37 40.04
CA ASP FA 8 -89.72 50.86 38.67
C ASP FA 8 -89.81 52.38 38.57
N PHE FA 9 -90.43 53.04 39.55
CA PHE FA 9 -90.65 54.48 39.51
C PHE FA 9 -90.16 55.11 40.81
N PRO FA 10 -88.87 55.05 41.09
CA PRO FA 10 -88.35 55.69 42.30
C PRO FA 10 -88.52 57.20 42.25
N SER FA 11 -88.67 57.80 43.43
CA SER FA 11 -88.85 59.23 43.54
C SER FA 11 -87.95 59.77 44.64
N PHE FA 12 -87.60 61.05 44.53
CA PHE FA 12 -86.67 61.68 45.44
C PHE FA 12 -87.12 63.09 45.77
N ILE FA 13 -86.68 63.60 46.91
CA ILE FA 13 -87.08 64.92 47.36
C ILE FA 13 -86.24 65.98 46.68
N ALA FA 14 -86.88 67.06 46.24
CA ALA FA 14 -86.21 68.18 45.61
C ALA FA 14 -86.18 69.42 46.47
N TRP FA 15 -87.34 69.85 46.99
CA TRP FA 15 -87.42 71.02 47.85
C TRP FA 15 -88.44 70.74 48.95
N ASP FA 16 -87.95 70.69 50.19
CA ASP FA 16 -88.78 70.34 51.34
C ASP FA 16 -89.20 71.55 52.16
N GLY FA 17 -88.98 72.75 51.66
CA GLY FA 17 -89.38 73.96 52.34
C GLY FA 17 -88.27 74.71 53.05
N THR FA 18 -87.10 74.10 53.22
CA THR FA 18 -85.97 74.79 53.84
C THR FA 18 -84.68 74.58 53.07
N THR FA 19 -84.60 73.51 52.29
CA THR FA 19 -83.38 73.16 51.58
C THR FA 19 -83.73 72.55 50.23
N SER FA 20 -82.79 72.65 49.30
CA SER FA 20 -82.92 72.07 47.96
C SER FA 20 -81.81 71.06 47.75
N PHE FA 21 -82.16 69.89 47.24
CA PHE FA 21 -81.23 68.78 47.07
C PHE FA 21 -81.06 68.45 45.60
N PRO FA 22 -79.84 68.41 45.07
CA PRO FA 22 -79.66 67.96 43.69
C PRO FA 22 -80.14 66.51 43.53
N VAL FA 23 -80.68 66.22 42.36
CA VAL FA 23 -81.23 64.90 42.06
C VAL FA 23 -80.51 64.37 40.82
N LYS FA 24 -80.00 63.14 40.90
CA LYS FA 24 -79.25 62.53 39.81
C LYS FA 24 -80.24 61.82 38.90
N ILE FA 25 -80.33 62.26 37.64
CA ILE FA 25 -81.33 61.74 36.70
C ILE FA 25 -80.72 61.02 35.51
N ASP FA 26 -79.39 60.96 35.40
CA ASP FA 26 -78.78 60.36 34.23
C ASP FA 26 -79.14 58.89 34.07
N GLY FA 27 -79.41 58.18 35.18
CA GLY FA 27 -79.72 56.76 35.10
C GLY FA 27 -81.11 56.47 34.57
N PHE FA 28 -81.99 57.47 34.50
CA PHE FA 28 -83.36 57.29 34.05
C PHE FA 28 -83.61 58.24 32.89
N ASN FA 29 -84.46 57.81 31.94
CA ASN FA 29 -84.66 58.57 30.72
C ASN FA 29 -85.91 59.44 30.73
N GLN FA 30 -86.71 59.43 31.79
CA GLN FA 30 -87.85 60.33 31.91
C GLN FA 30 -87.96 60.77 33.37
N PHE FA 31 -88.61 61.92 33.57
CA PHE FA 31 -88.78 62.44 34.92
C PHE FA 31 -89.80 63.57 34.89
N GLY FA 32 -90.24 63.98 36.07
CA GLY FA 32 -91.21 65.04 36.19
C GLY FA 32 -91.33 65.51 37.63
N PHE FA 33 -91.97 66.67 37.79
CA PHE FA 33 -92.13 67.30 39.09
C PHE FA 33 -93.54 67.14 39.61
N THR FA 34 -93.69 67.16 40.93
CA THR FA 34 -94.98 67.18 41.59
C THR FA 34 -94.97 68.25 42.67
N PHE FA 35 -95.98 69.12 42.64
CA PHE FA 35 -96.07 70.24 43.56
C PHE FA 35 -97.27 70.07 44.48
N LYS FA 36 -97.03 70.14 45.78
CA LYS FA 36 -98.09 70.09 46.78
C LYS FA 36 -97.86 71.18 47.81
N VAL FA 37 -98.96 71.73 48.34
CA VAL FA 37 -98.92 72.77 49.36
C VAL FA 37 -99.64 72.24 50.60
N ILE FA 38 -99.09 72.52 51.77
CA ILE FA 38 -99.61 71.94 52.99
C ILE FA 38 -100.47 72.90 53.83
N GLU FA 39 -100.59 74.16 53.41
CA GLU FA 39 -101.72 74.98 53.85
C GLU FA 39 -101.92 76.10 52.85
N GLU FA 40 -102.79 77.05 53.21
CA GLU FA 40 -103.16 78.11 52.29
C GLU FA 40 -101.98 79.05 52.04
N LEU FA 41 -101.88 79.54 50.81
CA LEU FA 41 -100.84 80.49 50.44
C LEU FA 41 -101.32 81.92 50.65
N THR FA 42 -100.36 82.85 50.58
CA THR FA 42 -100.66 84.27 50.69
C THR FA 42 -100.48 85.00 49.36
N ALA FA 43 -99.59 84.52 48.50
CA ALA FA 43 -99.35 85.14 47.21
C ALA FA 43 -98.67 84.11 46.30
N ASP FA 44 -98.45 84.51 45.06
CA ASP FA 44 -97.81 83.62 44.11
C ASP FA 44 -96.35 83.39 44.49
N VAL FA 45 -95.86 82.18 44.24
CA VAL FA 45 -94.50 81.79 44.55
C VAL FA 45 -93.84 81.31 43.25
N PRO FA 46 -92.82 82.00 42.74
CA PRO FA 46 -92.12 81.50 41.54
C PRO FA 46 -90.91 80.65 41.88
N PHE FA 47 -90.61 79.65 41.04
CA PHE FA 47 -89.49 78.74 41.26
C PHE FA 47 -88.56 78.73 40.05
N ASN FA 48 -87.27 78.64 40.33
CA ASN FA 48 -86.25 78.54 39.28
C ASN FA 48 -85.79 77.10 39.16
N ILE FA 49 -85.49 76.68 37.93
CA ILE FA 49 -85.04 75.34 37.64
C ILE FA 49 -83.57 75.39 37.24
N PHE FA 50 -82.75 74.58 37.91
CA PHE FA 50 -81.32 74.53 37.67
C PHE FA 50 -80.90 73.13 37.20
N TYR FA 51 -79.68 73.04 36.70
CA TYR FA 51 -79.06 71.77 36.36
C TYR FA 51 -77.57 71.85 36.65
N HIS FA 52 -76.98 70.71 36.98
CA HIS FA 52 -75.56 70.64 37.30
C HIS FA 52 -74.88 69.62 36.40
N GLU FA 53 -73.57 69.55 36.52
CA GLU FA 53 -72.76 68.59 35.79
C GLU FA 53 -71.62 68.12 36.68
N ALA FA 54 -71.01 67.00 36.30
CA ALA FA 54 -70.02 66.35 37.15
C ALA FA 54 -68.91 67.33 37.50
N SER FA 55 -68.57 67.38 38.79
CA SER FA 55 -67.52 68.26 39.26
C SER FA 55 -66.17 67.81 38.70
N GLU FA 56 -65.27 68.78 38.53
CA GLU FA 56 -63.94 68.48 38.01
C GLU FA 56 -63.19 67.54 38.95
N ALA FA 57 -63.26 67.80 40.26
CA ALA FA 57 -62.49 67.02 41.22
C ALA FA 57 -63.00 65.58 41.33
N ASP FA 58 -64.31 65.38 41.29
CA ASP FA 58 -64.87 64.05 41.49
C ASP FA 58 -65.99 63.81 40.49
N PRO FA 59 -66.00 62.68 39.79
CA PRO FA 59 -67.04 62.43 38.78
C PRO FA 59 -68.40 62.06 39.36
N CYS FA 60 -68.55 61.98 40.68
CA CYS FA 60 -69.82 61.63 41.30
C CYS FA 60 -70.28 62.68 42.29
N VAL FA 61 -69.87 63.93 42.11
CA VAL FA 61 -70.27 65.04 42.97
C VAL FA 61 -70.64 66.21 42.08
N PRO FA 62 -71.78 66.87 42.28
CA PRO FA 62 -72.20 67.94 41.38
C PRO FA 62 -71.37 69.21 41.57
N GLY FA 63 -71.29 69.98 40.48
CA GLY FA 63 -70.63 71.26 40.51
C GLY FA 63 -71.61 72.37 40.83
N PRO FA 64 -71.20 73.62 40.61
CA PRO FA 64 -72.10 74.75 40.85
C PRO FA 64 -73.28 74.73 39.89
N ALA FA 65 -74.39 75.31 40.35
CA ALA FA 65 -75.63 75.24 39.61
C ALA FA 65 -75.59 76.09 38.35
N ILE FA 66 -76.22 75.59 37.29
CA ILE FA 66 -76.46 76.34 36.06
C ILE FA 66 -77.95 76.32 35.81
N ARG FA 67 -78.45 77.41 35.24
CA ARG FA 67 -79.89 77.59 35.10
C ARG FA 67 -80.36 77.11 33.72
N VAL FA 68 -81.47 76.40 33.71
CA VAL FA 68 -81.96 75.75 32.49
C VAL FA 68 -82.47 76.82 31.53
N PRO FA 69 -82.18 76.73 30.23
CA PRO FA 69 -82.75 77.68 29.28
C PRO FA 69 -84.12 77.22 28.78
N ASP FA 70 -84.86 78.19 28.23
CA ASP FA 70 -86.19 77.92 27.71
C ASP FA 70 -86.14 77.36 26.30
N VAL FA 71 -87.21 76.67 25.91
CA VAL FA 71 -87.38 76.20 24.54
C VAL FA 71 -88.84 76.41 24.14
N PRO FA 72 -89.13 77.12 23.06
CA PRO FA 72 -90.52 77.33 22.67
C PRO FA 72 -91.05 76.19 21.81
N PHE FA 73 -92.38 76.13 21.72
CA PHE FA 73 -93.06 75.10 20.95
C PHE FA 73 -93.50 75.66 19.60
N CYS FA 74 -94.22 74.83 18.83
CA CYS FA 74 -94.61 75.18 17.48
C CYS FA 74 -95.44 76.46 17.47
N ASP FA 75 -96.63 76.42 18.08
CA ASP FA 75 -97.49 77.59 18.19
C ASP FA 75 -97.35 78.12 19.61
N GLY FA 76 -96.32 78.92 19.83
CA GLY FA 76 -96.05 79.43 21.16
C GLY FA 76 -95.06 80.56 21.10
N VAL FA 77 -94.89 81.22 22.24
CA VAL FA 77 -94.04 82.39 22.36
C VAL FA 77 -93.03 82.15 23.48
N ALA FA 78 -91.76 82.42 23.19
CA ALA FA 78 -90.71 82.25 24.19
C ALA FA 78 -90.88 83.26 25.31
N THR FA 79 -90.47 82.84 26.51
CA THR FA 79 -90.53 83.74 27.66
C THR FA 79 -89.55 84.90 27.45
N ALA FA 80 -89.85 86.03 28.11
CA ALA FA 80 -89.10 87.24 27.86
C ALA FA 80 -87.62 87.09 28.21
N ASP FA 81 -87.31 86.48 29.36
CA ASP FA 81 -85.94 86.38 29.83
C ASP FA 81 -85.17 85.23 29.21
N GLY FA 82 -85.84 84.28 28.57
CA GLY FA 82 -85.19 83.14 27.97
C GLY FA 82 -84.80 82.05 28.94
N LEU FA 83 -85.35 82.02 30.14
CA LEU FA 83 -85.02 81.04 31.16
C LEU FA 83 -86.29 80.40 31.70
N ALA FA 84 -86.17 79.11 32.05
CA ALA FA 84 -87.33 78.37 32.51
C ALA FA 84 -87.74 78.80 33.92
N THR FA 85 -89.05 78.86 34.14
CA THR FA 85 -89.60 79.21 35.45
C THR FA 85 -90.94 78.51 35.63
N VAL FA 86 -91.29 78.28 36.89
CA VAL FA 86 -92.56 77.71 37.27
C VAL FA 86 -93.14 78.53 38.41
N VAL FA 87 -94.42 78.88 38.30
CA VAL FA 87 -95.11 79.70 39.27
C VAL FA 87 -96.36 78.96 39.74
N ILE FA 88 -96.55 78.90 41.04
CA ILE FA 88 -97.69 78.22 41.66
C ILE FA 88 -98.76 79.26 41.94
N PRO FA 89 -99.97 79.13 41.40
CA PRO FA 89 -100.99 80.16 41.60
C PRO FA 89 -101.45 80.26 43.05
N GLU FA 90 -101.92 81.46 43.40
CA GLU FA 90 -102.39 81.69 44.76
C GLU FA 90 -103.65 80.89 45.07
N ALA FA 91 -104.50 80.66 44.07
CA ALA FA 91 -105.76 79.97 44.29
C ALA FA 91 -105.62 78.45 44.38
N VAL FA 92 -104.40 77.94 44.56
CA VAL FA 92 -104.21 76.50 44.66
C VAL FA 92 -104.87 75.97 45.92
N ALA FA 93 -105.50 74.81 45.81
CA ALA FA 93 -106.19 74.17 46.92
C ALA FA 93 -105.26 73.21 47.62
N VAL FA 94 -105.43 73.06 48.94
CA VAL FA 94 -104.52 72.24 49.72
C VAL FA 94 -104.65 70.77 49.35
N ASP FA 95 -105.85 70.31 49.03
CA ASP FA 95 -106.11 68.89 48.82
C ASP FA 95 -105.96 68.46 47.37
N SER FA 96 -105.09 69.12 46.61
CA SER FA 96 -104.82 68.73 45.24
C SER FA 96 -103.35 69.01 44.92
N PHE FA 97 -102.88 68.36 43.85
CA PHE FA 97 -101.50 68.47 43.42
C PHE FA 97 -101.43 68.85 41.95
N CYS FA 98 -100.32 69.45 41.56
CA CYS FA 98 -100.06 69.84 40.18
C CYS FA 98 -98.71 69.27 39.74
N ALA FA 99 -98.65 68.84 38.48
CA ALA FA 99 -97.47 68.16 37.95
C ALA FA 99 -97.04 68.81 36.63
N GLY FA 100 -95.76 69.17 36.53
CA GLY FA 100 -95.22 69.71 35.30
C GLY FA 100 -93.81 69.20 35.09
N SER FA 101 -93.37 69.28 33.83
CA SER FA 101 -92.07 68.74 33.46
C SER FA 101 -91.35 69.70 32.52
N VAL FA 102 -90.07 69.43 32.30
CA VAL FA 102 -89.24 70.25 31.43
C VAL FA 102 -89.08 69.53 30.09
N PRO FA 103 -88.97 70.25 28.96
CA PRO FA 103 -88.87 69.55 27.67
C PRO FA 103 -87.51 68.94 27.39
N CYS FA 104 -86.44 69.37 28.07
CA CYS FA 104 -85.09 68.98 27.72
C CYS FA 104 -84.34 68.52 28.98
N PHE FA 105 -83.19 67.90 28.75
CA PHE FA 105 -82.42 67.28 29.83
C PHE FA 105 -81.28 68.17 30.32
N ASN FA 106 -80.38 68.56 29.43
CA ASN FA 106 -79.17 69.28 29.81
C ASN FA 106 -78.36 68.37 30.75
N GLY FA 107 -77.69 68.95 31.74
CA GLY FA 107 -76.80 68.20 32.61
C GLY FA 107 -77.45 66.98 33.24
N PRO FA 108 -76.63 66.09 33.81
CA PRO FA 108 -77.15 64.87 34.42
C PRO FA 108 -77.77 65.07 35.79
N TRP FA 109 -77.74 66.27 36.36
CA TRP FA 109 -78.40 66.58 37.61
C TRP FA 109 -79.42 67.70 37.38
N ILE FA 110 -80.47 67.70 38.18
CA ILE FA 110 -81.49 68.74 38.11
C ILE FA 110 -81.80 69.20 39.53
N SER FA 111 -82.29 70.44 39.64
CA SER FA 111 -82.55 71.05 40.93
C SER FA 111 -83.63 72.11 40.78
N ILE FA 112 -84.18 72.53 41.90
CA ILE FA 112 -85.23 73.55 41.92
C ILE FA 112 -85.20 74.26 43.26
N ALA FA 113 -85.42 75.56 43.25
CA ALA FA 113 -85.43 76.37 44.46
C ALA FA 113 -86.24 77.62 44.22
N PRO FA 114 -86.87 78.18 45.26
CA PRO FA 114 -87.67 79.38 45.07
C PRO FA 114 -86.82 80.59 44.73
N VAL FA 115 -87.42 81.54 44.01
CA VAL FA 115 -86.69 82.76 43.68
C VAL FA 115 -86.33 83.53 44.94
N THR FA 116 -87.23 83.53 45.92
CA THR FA 116 -87.02 84.24 47.18
C THR FA 116 -87.36 83.32 48.34
N VAL FA 117 -86.53 83.34 49.37
CA VAL FA 117 -86.76 82.54 50.57
C VAL FA 117 -87.47 83.42 51.59
N ASN FA 118 -88.66 83.01 52.01
CA ASN FA 118 -89.47 83.79 52.94
C ASN FA 118 -90.41 82.84 53.68
N ALA FA 119 -91.39 83.41 54.37
CA ALA FA 119 -92.34 82.61 55.13
C ALA FA 119 -93.40 81.95 54.26
N ASP FA 120 -93.47 82.29 52.97
CA ASP FA 120 -94.44 81.70 52.07
C ASP FA 120 -93.88 80.56 51.24
N SER FA 121 -92.63 80.65 50.82
CA SER FA 121 -92.01 79.57 50.06
C SER FA 121 -91.78 78.32 50.88
N ALA FA 122 -91.89 78.40 52.21
CA ALA FA 122 -91.70 77.25 53.07
C ALA FA 122 -92.96 76.42 53.20
N LYS FA 123 -94.05 76.80 52.53
CA LYS FA 123 -95.31 76.08 52.59
C LYS FA 123 -95.47 75.06 51.47
N VAL FA 124 -94.47 74.92 50.59
CA VAL FA 124 -94.58 74.09 49.41
C VAL FA 124 -93.59 72.94 49.51
N GLN FA 125 -93.91 71.84 48.84
CA GLN FA 125 -93.07 70.65 48.82
C GLN FA 125 -93.01 70.12 47.40
N VAL FA 126 -91.80 69.80 46.93
CA VAL FA 126 -91.57 69.37 45.56
C VAL FA 126 -90.86 68.02 45.59
N THR FA 127 -91.35 67.07 44.79
CA THR FA 127 -90.79 65.73 44.71
C THR FA 127 -90.65 65.33 43.25
N VAL FA 128 -89.53 64.68 42.93
CA VAL FA 128 -89.21 64.30 41.55
C VAL FA 128 -89.42 62.81 41.38
N THR FA 129 -90.16 62.43 40.34
CA THR FA 129 -90.46 61.04 40.04
C THR FA 129 -89.81 60.65 38.72
N MET FA 130 -89.06 59.56 38.72
CA MET FA 130 -88.41 59.07 37.52
C MET FA 130 -89.30 58.05 36.81
N LYS FA 131 -88.76 57.49 35.72
CA LYS FA 131 -89.49 56.49 34.96
C LYS FA 131 -88.51 55.78 34.05
N GLY FA 132 -88.48 54.45 34.14
CA GLY FA 132 -87.60 53.65 33.32
C GLY FA 132 -86.17 53.66 33.81
N ALA FA 133 -85.50 52.50 33.74
CA ALA FA 133 -84.12 52.36 34.18
C ALA FA 133 -83.28 51.80 33.06
N THR FA 134 -81.99 52.16 33.05
CA THR FA 134 -81.09 51.72 32.00
C THR FA 134 -79.72 51.31 32.54
N ARG FA 135 -79.65 50.78 33.75
CA ARG FA 135 -78.39 50.31 34.32
C ARG FA 135 -78.58 49.02 35.09
N MET GA 1 -72.65 91.60 -8.94
CA MET GA 1 -72.56 91.68 -7.45
C MET GA 1 -71.17 92.17 -7.04
N ASN GA 2 -70.82 91.96 -5.78
CA ASN GA 2 -69.53 92.36 -5.25
C ASN GA 2 -68.78 91.12 -4.75
N PHE GA 3 -67.46 91.19 -4.82
CA PHE GA 3 -66.59 90.08 -4.44
C PHE GA 3 -65.69 90.50 -3.30
N ASN GA 4 -65.08 89.51 -2.65
CA ASN GA 4 -64.12 89.76 -1.58
C ASN GA 4 -62.69 89.68 -2.13
N VAL GA 5 -62.34 90.69 -2.94
CA VAL GA 5 -61.07 90.68 -3.66
C VAL GA 5 -59.89 90.58 -2.71
N GLY GA 6 -60.05 90.99 -1.45
CA GLY GA 6 -58.95 90.91 -0.50
C GLY GA 6 -58.46 89.49 -0.28
N VAL GA 7 -59.28 88.49 -0.59
CA VAL GA 7 -58.87 87.10 -0.40
C VAL GA 7 -57.78 86.72 -1.40
N ASP GA 8 -57.91 87.19 -2.64
CA ASP GA 8 -57.01 86.77 -3.71
C ASP GA 8 -55.96 87.81 -4.05
N PHE GA 9 -56.24 89.09 -3.84
CA PHE GA 9 -55.33 90.18 -4.19
C PHE GA 9 -55.15 91.09 -2.98
N PRO GA 10 -54.45 90.63 -1.95
CA PRO GA 10 -54.22 91.48 -0.79
C PRO GA 10 -53.40 92.70 -1.13
N SER GA 11 -53.59 93.76 -0.36
CA SER GA 11 -52.89 95.03 -0.57
C SER GA 11 -52.31 95.49 0.75
N PHE GA 12 -51.07 95.98 0.71
CA PHE GA 12 -50.36 96.41 1.91
C PHE GA 12 -49.73 97.78 1.68
N ILE GA 13 -49.77 98.62 2.72
CA ILE GA 13 -49.17 99.94 2.64
C ILE GA 13 -47.66 99.81 2.59
N ALA GA 14 -47.01 100.72 1.88
CA ALA GA 14 -45.55 100.78 1.77
C ALA GA 14 -44.96 102.11 2.16
N TRP GA 15 -45.65 103.22 1.86
CA TRP GA 15 -45.20 104.54 2.25
C TRP GA 15 -46.43 105.41 2.48
N ASP GA 16 -46.63 105.84 3.72
CA ASP GA 16 -47.80 106.62 4.11
C ASP GA 16 -47.52 108.12 4.17
N GLY GA 17 -46.35 108.56 3.74
CA GLY GA 17 -45.98 109.96 3.78
C GLY GA 17 -44.91 110.29 4.80
N THR GA 18 -44.72 109.47 5.82
CA THR GA 18 -43.67 109.70 6.81
C THR GA 18 -42.83 108.47 7.13
N THR GA 19 -43.35 107.25 6.97
CA THR GA 19 -42.65 106.05 7.41
C THR GA 19 -42.71 104.98 6.33
N SER GA 20 -41.67 104.16 6.26
CA SER GA 20 -41.61 103.04 5.31
C SER GA 20 -41.80 101.73 6.04
N PHE GA 21 -42.61 100.85 5.48
CA PHE GA 21 -42.89 99.55 6.05
C PHE GA 21 -42.41 98.44 5.13
N PRO GA 22 -41.53 97.56 5.57
CA PRO GA 22 -41.19 96.38 4.76
C PRO GA 22 -42.42 95.52 4.52
N VAL GA 23 -42.50 94.95 3.32
CA VAL GA 23 -43.62 94.12 2.90
C VAL GA 23 -43.08 92.74 2.53
N LYS GA 24 -43.78 91.69 2.97
CA LYS GA 24 -43.36 90.33 2.70
C LYS GA 24 -43.91 89.88 1.36
N ILE GA 25 -43.02 89.69 0.38
CA ILE GA 25 -43.42 89.20 -0.93
C ILE GA 25 -43.08 87.72 -1.12
N ASP GA 26 -42.57 87.06 -0.09
CA ASP GA 26 -42.09 85.69 -0.24
C ASP GA 26 -43.20 84.72 -0.66
N GLY GA 27 -44.41 84.92 -0.17
CA GLY GA 27 -45.47 83.97 -0.36
C GLY GA 27 -46.35 84.16 -1.58
N PHE GA 28 -45.98 85.07 -2.49
CA PHE GA 28 -46.82 85.38 -3.63
C PHE GA 28 -46.02 85.33 -4.92
N ASN GA 29 -46.72 85.02 -6.02
CA ASN GA 29 -46.04 84.83 -7.30
C ASN GA 29 -45.66 86.16 -7.94
N GLN GA 30 -46.48 87.19 -7.80
CA GLN GA 30 -46.25 88.45 -8.47
C GLN GA 30 -46.67 89.60 -7.56
N PHE GA 31 -46.19 90.79 -7.89
CA PHE GA 31 -46.53 91.97 -7.12
C PHE GA 31 -46.27 93.21 -7.94
N GLY GA 32 -46.80 94.33 -7.48
CA GLY GA 32 -46.60 95.60 -8.14
C GLY GA 32 -46.91 96.76 -7.21
N PHE GA 33 -46.47 97.95 -7.62
CA PHE GA 33 -46.68 99.16 -6.84
C PHE GA 33 -47.88 99.94 -7.37
N THR GA 34 -48.27 100.97 -6.61
CA THR GA 34 -49.34 101.88 -6.99
C THR GA 34 -49.08 103.23 -6.33
N PHE GA 35 -49.01 104.27 -7.15
CA PHE GA 35 -48.69 105.62 -6.69
C PHE GA 35 -49.92 106.51 -6.82
N LYS GA 36 -50.21 107.28 -5.78
CA LYS GA 36 -51.27 108.27 -5.80
C LYS GA 36 -50.83 109.52 -5.07
N VAL GA 37 -51.19 110.66 -5.63
CA VAL GA 37 -50.87 111.96 -5.03
C VAL GA 37 -52.11 112.49 -4.34
N ILE GA 38 -51.90 113.27 -3.28
CA ILE GA 38 -53.00 113.86 -2.53
C ILE GA 38 -53.04 115.39 -2.64
N GLU GA 39 -52.06 116.00 -3.29
CA GLU GA 39 -52.06 117.44 -3.49
C GLU GA 39 -51.09 117.76 -4.61
N GLU GA 40 -51.36 118.88 -5.30
CA GLU GA 40 -50.55 119.24 -6.47
C GLU GA 40 -49.07 119.34 -6.09
N LEU GA 41 -48.23 118.66 -6.85
CA LEU GA 41 -46.80 118.69 -6.60
C LEU GA 41 -46.18 119.97 -7.14
N THR GA 42 -45.01 120.32 -6.61
CA THR GA 42 -44.27 121.49 -7.05
C THR GA 42 -42.88 121.16 -7.59
N ALA GA 43 -42.40 119.94 -7.41
CA ALA GA 43 -41.09 119.55 -7.90
C ALA GA 43 -41.04 118.04 -8.00
N ASP GA 44 -40.05 117.55 -8.75
CA ASP GA 44 -39.91 116.11 -8.95
C ASP GA 44 -39.58 115.42 -7.63
N VAL GA 45 -40.06 114.19 -7.50
CA VAL GA 45 -39.85 113.38 -6.30
C VAL GA 45 -39.37 112.00 -6.75
N PRO GA 46 -38.09 111.67 -6.58
CA PRO GA 46 -37.62 110.32 -6.88
C PRO GA 46 -37.68 109.39 -5.68
N PHE GA 47 -37.72 108.09 -5.97
CA PHE GA 47 -37.86 107.07 -4.95
C PHE GA 47 -36.78 106.01 -5.12
N ASN GA 48 -36.53 105.26 -4.04
CA ASN GA 48 -35.54 104.20 -4.00
C ASN GA 48 -36.21 102.87 -3.65
N ILE GA 49 -35.80 101.81 -4.31
CA ILE GA 49 -36.34 100.47 -4.08
C ILE GA 49 -35.28 99.63 -3.38
N PHE GA 50 -35.62 99.09 -2.22
CA PHE GA 50 -34.73 98.25 -1.44
C PHE GA 50 -35.30 96.85 -1.34
N TYR GA 51 -34.58 95.98 -0.63
CA TYR GA 51 -35.07 94.66 -0.28
C TYR GA 51 -34.32 94.16 0.95
N HIS GA 52 -34.93 93.20 1.64
CA HIS GA 52 -34.36 92.65 2.86
C HIS GA 52 -34.35 91.13 2.76
N GLU GA 53 -33.68 90.50 3.72
CA GLU GA 53 -33.63 89.05 3.86
C GLU GA 53 -33.78 88.69 5.33
N ALA GA 54 -34.13 87.43 5.58
CA ALA GA 54 -34.42 87.00 6.93
C ALA GA 54 -33.23 87.26 7.85
N SER GA 55 -33.50 87.85 9.01
CA SER GA 55 -32.45 88.10 9.98
C SER GA 55 -32.06 86.82 10.69
N GLU GA 56 -30.78 86.71 11.06
CA GLU GA 56 -30.31 85.53 11.75
C GLU GA 56 -30.85 85.44 13.17
N ALA GA 57 -31.15 86.57 13.80
CA ALA GA 57 -31.71 86.55 15.15
C ALA GA 57 -33.10 85.94 15.18
N ASP GA 58 -33.91 86.19 14.15
CA ASP GA 58 -35.24 85.62 14.05
C ASP GA 58 -35.64 85.52 12.57
N PRO GA 59 -35.94 84.32 12.06
CA PRO GA 59 -36.26 84.20 10.63
C PRO GA 59 -37.52 84.93 10.21
N CYS GA 60 -38.39 85.31 11.15
CA CYS GA 60 -39.64 85.98 10.82
C CYS GA 60 -39.52 87.49 10.85
N VAL GA 61 -38.33 88.04 11.01
CA VAL GA 61 -38.13 89.49 11.05
C VAL GA 61 -37.14 89.88 9.96
N PRO GA 62 -37.41 90.92 9.17
CA PRO GA 62 -36.48 91.28 8.10
C PRO GA 62 -35.20 91.90 8.64
N GLY GA 63 -34.15 91.78 7.85
CA GLY GA 63 -32.85 92.30 8.20
C GLY GA 63 -32.63 93.72 7.69
N PRO GA 64 -31.38 94.13 7.55
CA PRO GA 64 -31.10 95.49 7.08
C PRO GA 64 -31.43 95.66 5.61
N ALA GA 65 -31.55 96.93 5.21
CA ALA GA 65 -32.00 97.26 3.87
C ALA GA 65 -30.87 97.10 2.86
N ILE GA 66 -31.17 96.41 1.76
CA ILE GA 66 -30.26 96.28 0.62
C ILE GA 66 -30.96 96.89 -0.59
N ARG GA 67 -30.17 97.39 -1.53
CA ARG GA 67 -30.68 98.16 -2.65
C ARG GA 67 -30.68 97.31 -3.92
N VAL GA 68 -31.79 97.36 -4.64
CA VAL GA 68 -32.00 96.45 -5.78
C VAL GA 68 -31.07 96.86 -6.93
N PRO GA 69 -30.46 95.90 -7.63
CA PRO GA 69 -29.69 96.25 -8.83
C PRO GA 69 -30.57 96.36 -10.06
N ASP GA 70 -30.04 97.05 -11.07
CA ASP GA 70 -30.79 97.26 -12.30
C ASP GA 70 -30.73 96.02 -13.19
N VAL GA 71 -31.71 95.91 -14.08
CA VAL GA 71 -31.80 94.80 -15.02
C VAL GA 71 -32.17 95.34 -16.39
N PRO GA 72 -31.20 95.79 -17.19
CA PRO GA 72 -31.56 96.42 -18.47
C PRO GA 72 -32.22 95.45 -19.43
N PHE GA 73 -33.08 95.99 -20.29
CA PHE GA 73 -33.73 95.22 -21.33
C PHE GA 73 -32.92 95.31 -22.61
N CYS GA 74 -33.42 94.72 -23.70
CA CYS GA 74 -32.70 94.73 -24.97
C CYS GA 74 -32.52 96.15 -25.48
N ASP GA 75 -33.63 96.80 -25.83
CA ASP GA 75 -33.61 98.18 -26.32
C ASP GA 75 -33.84 99.10 -25.13
N GLY GA 76 -32.77 99.50 -24.49
CA GLY GA 76 -32.86 100.33 -23.30
C GLY GA 76 -31.49 100.72 -22.81
N VAL GA 77 -31.48 101.64 -21.86
CA VAL GA 77 -30.26 102.22 -21.32
C VAL GA 77 -30.13 101.83 -19.85
N ALA GA 78 -28.97 101.30 -19.48
CA ALA GA 78 -28.72 100.95 -18.10
C ALA GA 78 -28.57 102.20 -17.25
N THR GA 79 -29.05 102.12 -16.02
CA THR GA 79 -28.95 103.26 -15.11
C THR GA 79 -27.49 103.59 -14.85
N ALA GA 80 -27.23 104.86 -14.51
CA ALA GA 80 -25.86 105.31 -14.31
C ALA GA 80 -25.13 104.48 -13.26
N ASP GA 81 -25.79 104.24 -12.12
CA ASP GA 81 -25.19 103.50 -11.02
C ASP GA 81 -25.71 102.08 -10.91
N GLY GA 82 -26.52 101.64 -11.86
CA GLY GA 82 -27.00 100.26 -11.86
C GLY GA 82 -27.95 99.93 -10.73
N LEU GA 83 -28.64 100.92 -10.18
CA LEU GA 83 -29.57 100.73 -9.07
C LEU GA 83 -30.92 101.33 -9.44
N ALA GA 84 -31.98 100.57 -9.16
CA ALA GA 84 -33.31 100.95 -9.63
C ALA GA 84 -33.83 102.18 -8.90
N THR GA 85 -34.57 103.00 -9.64
CA THR GA 85 -35.21 104.20 -9.09
C THR GA 85 -36.47 104.49 -9.87
N VAL GA 86 -37.37 105.26 -9.25
CA VAL GA 86 -38.62 105.67 -9.86
C VAL GA 86 -38.80 107.17 -9.62
N VAL GA 87 -39.26 107.88 -10.64
CA VAL GA 87 -39.44 109.32 -10.58
C VAL GA 87 -40.87 109.65 -10.98
N ILE GA 88 -41.53 110.49 -10.20
CA ILE GA 88 -42.90 110.92 -10.43
C ILE GA 88 -42.86 112.35 -10.94
N PRO GA 89 -43.33 112.63 -12.16
CA PRO GA 89 -43.26 113.99 -12.69
C PRO GA 89 -44.26 114.91 -12.02
N GLU GA 90 -44.05 116.21 -12.21
CA GLU GA 90 -44.95 117.21 -11.64
C GLU GA 90 -46.29 117.27 -12.36
N ALA GA 91 -46.36 116.77 -13.60
CA ALA GA 91 -47.58 116.85 -14.37
C ALA GA 91 -48.68 115.93 -13.86
N VAL GA 92 -48.38 115.05 -12.91
CA VAL GA 92 -49.38 114.12 -12.41
C VAL GA 92 -50.47 114.90 -11.69
N ALA GA 93 -51.72 114.65 -12.07
CA ALA GA 93 -52.86 115.33 -11.47
C ALA GA 93 -53.30 114.60 -10.20
N VAL GA 94 -53.99 115.34 -9.33
CA VAL GA 94 -54.45 114.77 -8.07
C VAL GA 94 -55.49 113.68 -8.29
N ASP GA 95 -56.14 113.64 -9.45
CA ASP GA 95 -57.21 112.71 -9.73
C ASP GA 95 -56.79 111.57 -10.64
N SER GA 96 -55.56 111.07 -10.47
CA SER GA 96 -55.06 109.95 -11.27
C SER GA 96 -54.11 109.13 -10.41
N PHE GA 97 -53.60 108.05 -11.01
CA PHE GA 97 -52.68 107.15 -10.32
C PHE GA 97 -51.72 106.54 -11.33
N CYS GA 98 -50.60 106.03 -10.81
CA CYS GA 98 -49.56 105.43 -11.63
C CYS GA 98 -49.21 104.06 -11.06
N ALA GA 99 -48.84 103.14 -11.96
CA ALA GA 99 -48.53 101.77 -11.59
C ALA GA 99 -47.18 101.37 -12.15
N GLY GA 100 -46.33 100.81 -11.30
CA GLY GA 100 -45.03 100.34 -11.73
C GLY GA 100 -44.63 99.09 -10.97
N SER GA 101 -43.69 98.34 -11.55
CA SER GA 101 -43.27 97.08 -10.97
C SER GA 101 -41.79 96.84 -11.30
N VAL GA 102 -41.23 95.83 -10.66
CA VAL GA 102 -39.82 95.49 -10.83
C VAL GA 102 -39.73 94.12 -11.49
N PRO GA 103 -38.74 93.86 -12.37
CA PRO GA 103 -38.70 92.57 -13.07
C PRO GA 103 -38.11 91.43 -12.25
N CYS GA 104 -37.44 91.70 -11.13
CA CYS GA 104 -36.72 90.69 -10.39
C CYS GA 104 -37.15 90.71 -8.92
N PHE GA 105 -36.99 89.58 -8.26
CA PHE GA 105 -37.44 89.43 -6.87
C PHE GA 105 -36.32 89.70 -5.87
N ASN GA 106 -35.23 88.94 -5.95
CA ASN GA 106 -34.19 88.99 -4.93
C ASN GA 106 -34.76 88.54 -3.58
N GLY GA 107 -34.47 89.28 -2.52
CA GLY GA 107 -34.88 88.88 -1.18
C GLY GA 107 -36.37 88.65 -1.04
N PRO GA 108 -36.79 88.12 0.11
CA PRO GA 108 -38.22 87.84 0.32
C PRO GA 108 -39.03 89.04 0.77
N TRP GA 109 -38.38 90.14 1.18
CA TRP GA 109 -39.09 91.37 1.55
C TRP GA 109 -38.72 92.46 0.56
N ILE GA 110 -39.58 93.48 0.49
CA ILE GA 110 -39.35 94.63 -0.38
C ILE GA 110 -39.77 95.89 0.35
N SER GA 111 -39.22 97.02 -0.10
CA SER GA 111 -39.49 98.31 0.52
C SER GA 111 -39.22 99.41 -0.50
N ILE GA 112 -39.79 100.58 -0.23
CA ILE GA 112 -39.59 101.76 -1.06
C ILE GA 112 -39.57 102.99 -0.17
N ALA GA 113 -38.54 103.82 -0.34
CA ALA GA 113 -38.41 105.04 0.43
C ALA GA 113 -37.93 106.15 -0.48
N PRO GA 114 -38.26 107.40 -0.19
CA PRO GA 114 -37.81 108.51 -1.05
C PRO GA 114 -36.33 108.78 -0.86
N VAL GA 115 -35.73 109.39 -1.89
CA VAL GA 115 -34.32 109.76 -1.79
C VAL GA 115 -34.09 110.74 -0.66
N THR GA 116 -35.03 111.67 -0.45
CA THR GA 116 -34.94 112.62 0.64
C THR GA 116 -36.33 112.88 1.18
N VAL GA 117 -36.45 113.08 2.49
CA VAL GA 117 -37.73 113.38 3.11
C VAL GA 117 -37.92 114.88 3.13
N ASN GA 118 -38.43 115.43 2.03
CA ASN GA 118 -38.70 116.85 1.93
C ASN GA 118 -40.20 117.11 2.09
N ALA GA 119 -40.58 118.39 1.90
CA ALA GA 119 -41.98 118.75 2.02
C ALA GA 119 -42.84 118.05 0.99
N ASP GA 120 -42.38 117.95 -0.25
CA ASP GA 120 -43.17 117.35 -1.32
C ASP GA 120 -43.37 115.85 -1.12
N SER GA 121 -42.43 115.18 -0.45
CA SER GA 121 -42.55 113.73 -0.28
C SER GA 121 -43.79 113.34 0.51
N ALA GA 122 -44.29 114.23 1.37
CA ALA GA 122 -45.47 113.91 2.17
C ALA GA 122 -46.75 113.90 1.34
N LYS GA 123 -46.68 114.37 0.10
CA LYS GA 123 -47.87 114.47 -0.75
C LYS GA 123 -48.11 113.21 -1.57
N VAL GA 124 -47.33 112.15 -1.37
CA VAL GA 124 -47.41 110.95 -2.19
C VAL GA 124 -47.71 109.76 -1.29
N GLN GA 125 -48.32 108.72 -1.88
CA GLN GA 125 -48.66 107.50 -1.18
C GLN GA 125 -48.35 106.31 -2.09
N VAL GA 126 -47.77 105.27 -1.51
CA VAL GA 126 -47.35 104.09 -2.26
C VAL GA 126 -47.93 102.85 -1.60
N THR GA 127 -48.47 101.95 -2.42
CA THR GA 127 -49.10 100.73 -1.93
C THR GA 127 -48.64 99.56 -2.79
N VAL GA 128 -48.57 98.37 -2.19
CA VAL GA 128 -48.09 97.16 -2.85
C VAL GA 128 -49.23 96.17 -2.94
N THR GA 129 -49.31 95.47 -4.07
CA THR GA 129 -50.35 94.48 -4.33
C THR GA 129 -49.70 93.19 -4.78
N MET GA 130 -50.25 92.06 -4.33
CA MET GA 130 -49.78 90.74 -4.73
C MET GA 130 -50.91 90.01 -5.45
N LYS GA 131 -50.54 89.13 -6.39
CA LYS GA 131 -51.49 88.63 -7.37
C LYS GA 131 -51.74 87.13 -7.30
N GLY GA 132 -50.86 86.36 -6.66
CA GLY GA 132 -51.08 84.92 -6.59
C GLY GA 132 -50.35 84.27 -5.43
N ALA GA 133 -51.07 83.49 -4.62
CA ALA GA 133 -50.49 82.85 -3.46
C ALA GA 133 -49.91 81.49 -3.83
N THR GA 134 -48.90 81.06 -3.06
CA THR GA 134 -48.21 79.80 -3.34
C THR GA 134 -48.11 78.87 -2.13
N ARG GA 135 -48.24 79.37 -0.91
CA ARG GA 135 -48.18 78.52 0.27
C ARG GA 135 -49.52 77.81 0.47
N MET HA 1 -28.01 112.57 -49.37
CA MET HA 1 -26.67 112.20 -49.92
C MET HA 1 -25.96 113.42 -50.50
N ASN HA 2 -25.10 114.04 -49.70
CA ASN HA 2 -24.33 115.18 -50.15
C ASN HA 2 -23.05 114.70 -50.82
N PHE HA 3 -22.39 115.62 -51.53
CA PHE HA 3 -21.15 115.31 -52.23
C PHE HA 3 -20.15 116.43 -51.99
N ASN HA 4 -18.87 116.08 -52.13
CA ASN HA 4 -17.78 117.05 -52.04
C ASN HA 4 -17.54 117.65 -53.42
N VAL HA 5 -18.51 118.45 -53.86
CA VAL HA 5 -18.46 119.00 -55.21
C VAL HA 5 -17.24 119.88 -55.40
N GLY HA 6 -16.69 120.42 -54.32
CA GLY HA 6 -15.52 121.26 -54.41
C GLY HA 6 -14.27 120.57 -54.87
N VAL HA 7 -14.28 119.24 -54.98
CA VAL HA 7 -13.12 118.51 -55.46
C VAL HA 7 -13.10 118.48 -56.98
N ASP HA 8 -14.25 118.26 -57.61
CA ASP HA 8 -14.32 118.13 -59.06
C ASP HA 8 -14.58 119.45 -59.77
N PHE HA 9 -15.29 120.38 -59.13
CA PHE HA 9 -15.69 121.64 -59.75
C PHE HA 9 -15.31 122.81 -58.86
N PRO HA 10 -14.02 123.08 -58.71
CA PRO HA 10 -13.61 124.22 -57.89
C PRO HA 10 -14.09 125.53 -58.49
N SER HA 11 -14.36 126.50 -57.61
CA SER HA 11 -14.83 127.81 -58.03
C SER HA 11 -13.94 128.87 -57.36
N PHE HA 12 -13.71 129.96 -58.09
CA PHE HA 12 -12.78 130.98 -57.65
C PHE HA 12 -13.40 132.36 -57.79
N ILE HA 13 -13.03 133.27 -56.90
CA ILE HA 13 -13.53 134.64 -56.96
C ILE HA 13 -12.82 135.38 -58.08
N ALA HA 14 -13.57 136.20 -58.81
CA ALA HA 14 -13.03 136.99 -59.91
C ALA HA 14 -13.23 138.48 -59.75
N TRP HA 15 -14.38 138.92 -59.26
CA TRP HA 15 -14.65 140.34 -59.02
C TRP HA 15 -15.55 140.43 -57.81
N ASP HA 16 -14.96 140.64 -56.64
CA ASP HA 16 -15.72 140.70 -55.39
C ASP HA 16 -16.48 142.00 -55.21
N GLY HA 17 -16.20 143.01 -56.03
CA GLY HA 17 -16.85 144.30 -55.94
C GLY HA 17 -15.93 145.49 -55.88
N THR HA 18 -14.66 145.30 -55.51
CA THR HA 18 -13.72 146.41 -55.40
C THR HA 18 -12.38 146.08 -56.05
N THR HA 19 -12.19 144.83 -56.46
CA THR HA 19 -10.91 144.42 -57.02
C THR HA 19 -11.15 143.25 -57.98
N SER HA 20 -10.25 143.09 -58.93
CA SER HA 20 -10.28 141.97 -59.87
C SER HA 20 -9.10 141.05 -59.59
N PHE HA 21 -9.35 139.74 -59.63
CA PHE HA 21 -8.36 138.75 -59.29
C PHE HA 21 -8.12 137.83 -60.48
N PRO HA 22 -6.89 137.73 -61.00
CA PRO HA 22 -6.63 136.76 -62.07
C PRO HA 22 -6.91 135.35 -61.60
N VAL HA 23 -7.47 134.54 -62.50
CA VAL HA 23 -7.83 133.15 -62.23
C VAL HA 23 -7.08 132.27 -63.20
N LYS HA 24 -6.41 131.24 -62.68
CA LYS HA 24 -5.57 130.37 -63.50
C LYS HA 24 -6.40 129.22 -64.03
N ILE HA 25 -6.67 129.23 -65.34
CA ILE HA 25 -7.44 128.17 -65.98
C ILE HA 25 -6.57 127.11 -66.64
N ASP HA 26 -5.26 127.11 -66.37
CA ASP HA 26 -4.37 126.19 -67.07
C ASP HA 26 -4.67 124.73 -66.74
N GLY HA 27 -4.94 124.43 -65.47
CA GLY HA 27 -5.06 123.04 -65.05
C GLY HA 27 -6.38 122.38 -65.38
N PHE HA 28 -7.31 123.10 -65.97
CA PHE HA 28 -8.65 122.58 -66.25
C PHE HA 28 -8.98 122.79 -67.72
N ASN HA 29 -9.91 121.97 -68.22
CA ASN HA 29 -10.23 121.96 -69.65
C ASN HA 29 -11.56 122.64 -69.98
N GLN HA 30 -12.22 123.25 -69.01
CA GLN HA 30 -13.38 124.10 -69.27
C GLN HA 30 -13.55 125.06 -68.11
N PHE HA 31 -14.33 126.11 -68.35
CA PHE HA 31 -14.59 127.12 -67.33
C PHE HA 31 -15.79 127.95 -67.75
N GLY HA 32 -16.26 128.79 -66.82
CA GLY HA 32 -17.38 129.67 -67.09
C GLY HA 32 -17.58 130.72 -66.02
N PHE HA 33 -18.24 131.82 -66.37
CA PHE HA 33 -18.50 132.90 -65.43
C PHE HA 33 -19.91 132.80 -64.86
N THR HA 34 -20.09 133.39 -63.69
CA THR HA 34 -21.40 133.48 -63.03
C THR HA 34 -21.54 134.86 -62.41
N PHE HA 35 -22.59 135.58 -62.81
CA PHE HA 35 -22.84 136.93 -62.33
C PHE HA 35 -24.04 136.93 -61.38
N LYS HA 36 -23.89 137.61 -60.25
CA LYS HA 36 -24.97 137.77 -59.29
C LYS HA 36 -25.02 139.20 -58.79
N VAL HA 37 -26.23 139.69 -58.53
CA VAL HA 37 -26.43 141.05 -58.05
C VAL HA 37 -26.69 141.01 -56.56
N ILE HA 38 -26.30 142.07 -55.85
CA ILE HA 38 -26.61 142.20 -54.43
C ILE HA 38 -27.43 143.44 -54.11
N GLU HA 39 -27.68 144.32 -55.06
CA GLU HA 39 -28.52 145.48 -54.84
C GLU HA 39 -29.05 145.97 -56.19
N GLU HA 40 -30.12 146.75 -56.13
CA GLU HA 40 -30.77 147.20 -57.36
C GLU HA 40 -29.82 148.04 -58.20
N LEU HA 41 -29.94 147.90 -59.52
CA LEU HA 41 -29.11 148.64 -60.46
C LEU HA 41 -29.86 149.86 -61.00
N THR HA 42 -29.09 150.81 -61.52
CA THR HA 42 -29.65 152.02 -62.11
C THR HA 42 -29.40 152.14 -63.61
N ALA HA 43 -28.38 151.48 -64.14
CA ALA HA 43 -28.09 151.52 -65.56
C ALA HA 43 -27.26 150.30 -65.92
N ASP HA 44 -27.30 149.92 -67.20
CA ASP HA 44 -26.58 148.75 -67.65
C ASP HA 44 -25.10 148.89 -67.36
N VAL HA 45 -24.49 147.81 -66.88
CA VAL HA 45 -23.07 147.79 -66.53
C VAL HA 45 -22.38 146.85 -67.51
N PRO HA 46 -21.44 147.34 -68.32
CA PRO HA 46 -20.68 146.45 -69.21
C PRO HA 46 -19.39 145.96 -68.56
N PHE HA 47 -19.00 144.74 -68.92
CA PHE HA 47 -17.82 144.10 -68.38
C PHE HA 47 -16.84 143.78 -69.50
N ASN HA 48 -15.54 143.88 -69.19
CA ASN HA 48 -14.47 143.55 -70.11
C ASN HA 48 -13.80 142.26 -69.69
N ILE HA 49 -13.45 141.43 -70.67
CA ILE HA 49 -12.83 140.13 -70.44
C ILE HA 49 -11.40 140.19 -70.98
N PHE HA 50 -10.44 139.75 -70.16
CA PHE HA 50 -9.03 139.81 -70.51
C PHE HA 50 -8.44 138.40 -70.44
N TYR HA 51 -7.15 138.32 -70.80
CA TYR HA 51 -6.34 137.14 -70.56
C TYR HA 51 -4.89 137.58 -70.41
N HIS HA 52 -4.13 136.81 -69.64
CA HIS HA 52 -2.76 137.17 -69.29
C HIS HA 52 -1.81 136.08 -69.76
N GLU HA 53 -0.65 136.49 -70.26
CA GLU HA 53 0.42 135.56 -70.57
C GLU HA 53 1.36 135.42 -69.37
N ALA HA 54 2.19 134.40 -69.41
CA ALA HA 54 3.16 134.19 -68.34
C ALA HA 54 4.13 135.36 -68.28
N SER HA 55 4.41 135.83 -67.07
CA SER HA 55 5.33 136.94 -66.90
C SER HA 55 6.73 136.55 -67.34
N GLU HA 56 7.50 137.55 -67.80
CA GLU HA 56 8.80 137.27 -68.39
C GLU HA 56 9.83 136.91 -67.32
N ALA HA 57 9.86 137.64 -66.21
CA ALA HA 57 10.88 137.43 -65.19
C ALA HA 57 10.55 136.29 -64.23
N ASP HA 58 9.30 135.82 -64.21
CA ASP HA 58 8.93 134.74 -63.31
C ASP HA 58 7.72 133.99 -63.84
N PRO HA 59 7.85 132.70 -64.17
CA PRO HA 59 6.67 131.96 -64.68
C PRO HA 59 5.56 131.80 -63.65
N CYS HA 60 5.83 132.03 -62.37
CA CYS HA 60 4.81 131.86 -61.35
C CYS HA 60 3.81 133.01 -61.31
N VAL HA 61 4.06 134.09 -62.04
CA VAL HA 61 3.26 135.30 -61.94
C VAL HA 61 2.62 135.61 -63.29
N PRO HA 62 1.38 136.07 -63.33
CA PRO HA 62 0.78 136.45 -64.62
C PRO HA 62 1.39 137.72 -65.18
N GLY HA 63 1.27 137.87 -66.49
CA GLY HA 63 1.81 139.02 -67.20
C GLY HA 63 0.80 140.14 -67.32
N PRO HA 64 0.95 140.98 -68.34
CA PRO HA 64 0.01 142.09 -68.51
C PRO HA 64 -1.32 141.63 -69.09
N ALA HA 65 -2.28 142.56 -69.10
CA ALA HA 65 -3.62 142.26 -69.54
C ALA HA 65 -3.75 142.41 -71.05
N ILE HA 66 -4.48 141.48 -71.67
CA ILE HA 66 -4.76 141.50 -73.10
C ILE HA 66 -6.22 141.17 -73.30
N ARG HA 67 -6.88 141.87 -74.20
CA ARG HA 67 -8.30 141.65 -74.46
C ARG HA 67 -8.51 140.36 -75.23
N VAL HA 68 -9.67 139.74 -75.02
CA VAL HA 68 -10.00 138.50 -75.73
C VAL HA 68 -10.65 138.84 -77.07
N PRO HA 69 -10.14 138.34 -78.19
CA PRO HA 69 -10.79 138.62 -79.47
C PRO HA 69 -12.07 137.83 -79.67
N ASP HA 70 -12.91 138.33 -80.56
CA ASP HA 70 -14.19 137.69 -80.83
C ASP HA 70 -14.02 136.53 -81.80
N VAL HA 71 -14.97 135.59 -81.73
CA VAL HA 71 -15.00 134.42 -82.62
C VAL HA 71 -16.42 134.26 -83.15
N PRO HA 72 -16.74 134.76 -84.33
CA PRO HA 72 -18.12 134.65 -84.83
C PRO HA 72 -18.54 133.21 -85.03
N PHE HA 73 -19.83 132.95 -84.81
CA PHE HA 73 -20.39 131.61 -84.98
C PHE HA 73 -20.78 131.39 -86.44
N CYS HA 74 -21.43 130.27 -86.72
CA CYS HA 74 -21.82 129.92 -88.08
C CYS HA 74 -22.71 130.98 -88.69
N ASP HA 75 -23.91 131.16 -88.16
CA ASP HA 75 -24.88 132.14 -88.65
C ASP HA 75 -24.89 133.31 -87.68
N GLY HA 76 -24.05 134.29 -87.94
CA GLY HA 76 -23.94 135.43 -87.04
C GLY HA 76 -22.96 136.45 -87.59
N VAL HA 77 -22.75 137.49 -86.79
CA VAL HA 77 -21.88 138.61 -87.15
C VAL HA 77 -20.94 138.90 -86.00
N ALA HA 78 -19.87 139.61 -86.32
CA ALA HA 78 -18.89 140.02 -85.31
C ALA HA 78 -19.31 141.33 -84.66
N THR HA 79 -18.70 141.61 -83.52
CA THR HA 79 -18.98 142.85 -82.81
C THR HA 79 -18.37 144.03 -83.57
N ALA HA 80 -18.83 145.24 -83.22
CA ALA HA 80 -18.33 146.44 -83.89
C ALA HA 80 -16.84 146.62 -83.67
N ASP HA 81 -16.36 146.41 -82.45
CA ASP HA 81 -14.94 146.56 -82.14
C ASP HA 81 -14.13 145.30 -82.40
N GLY HA 82 -14.79 144.15 -82.54
CA GLY HA 82 -14.09 142.90 -82.74
C GLY HA 82 -13.65 142.21 -81.46
N LEU HA 83 -13.90 142.81 -80.30
CA LEU HA 83 -13.51 142.25 -79.03
C LEU HA 83 -14.72 141.70 -78.28
N ALA HA 84 -14.46 140.92 -77.24
CA ALA HA 84 -15.51 140.28 -76.47
C ALA HA 84 -15.91 141.14 -75.28
N THR HA 85 -17.21 141.22 -75.03
CA THR HA 85 -17.73 141.98 -73.89
C THR HA 85 -19.04 141.34 -73.44
N VAL HA 86 -19.43 141.65 -72.21
CA VAL HA 86 -20.66 141.15 -71.62
C VAL HA 86 -21.38 142.31 -70.94
N VAL HA 87 -22.71 142.31 -71.04
CA VAL HA 87 -23.55 143.38 -70.52
C VAL HA 87 -24.61 142.78 -69.61
N ILE HA 88 -24.76 143.34 -68.42
CA ILE HA 88 -25.78 142.93 -67.46
C ILE HA 88 -26.97 143.89 -67.61
N PRO HA 89 -28.14 143.41 -67.98
CA PRO HA 89 -29.27 144.30 -68.27
C PRO HA 89 -29.84 144.90 -67.00
N GLU HA 90 -30.93 145.66 -67.16
CA GLU HA 90 -31.54 146.33 -66.02
C GLU HA 90 -32.51 145.43 -65.28
N ALA HA 91 -33.16 144.51 -65.99
CA ALA HA 91 -34.24 143.72 -65.42
C ALA HA 91 -33.75 142.69 -64.40
N VAL HA 92 -32.44 142.48 -64.27
CA VAL HA 92 -31.94 141.45 -63.36
C VAL HA 92 -32.41 141.77 -61.95
N ALA HA 93 -33.09 140.81 -61.34
CA ALA HA 93 -33.52 140.95 -59.95
C ALA HA 93 -32.43 140.47 -59.01
N VAL HA 94 -32.55 140.87 -57.74
CA VAL HA 94 -31.53 140.53 -56.76
C VAL HA 94 -31.51 139.04 -56.46
N ASP HA 95 -32.55 138.31 -56.84
CA ASP HA 95 -32.66 136.89 -56.52
C ASP HA 95 -32.32 135.98 -57.70
N SER HA 96 -31.67 136.48 -58.73
CA SER HA 96 -31.33 135.69 -59.90
C SER HA 96 -29.87 135.87 -60.27
N PHE HA 97 -29.39 135.01 -61.16
CA PHE HA 97 -28.00 135.00 -61.60
C PHE HA 97 -27.94 134.73 -63.10
N CYS HA 98 -26.81 135.09 -63.70
CA CYS HA 98 -26.58 134.91 -65.12
C CYS HA 98 -25.22 134.28 -65.35
N ALA HA 99 -25.13 133.41 -66.35
CA ALA HA 99 -23.91 132.67 -66.63
C ALA HA 99 -23.60 132.69 -68.12
N GLY HA 100 -22.31 132.84 -68.45
CA GLY HA 100 -21.87 132.82 -69.82
C GLY HA 100 -20.37 132.69 -69.89
N SER HA 101 -19.87 132.16 -71.01
CA SER HA 101 -18.44 131.88 -71.16
C SER HA 101 -18.02 132.13 -72.61
N VAL HA 102 -16.71 132.22 -72.79
CA VAL HA 102 -16.12 132.51 -74.11
C VAL HA 102 -15.94 131.20 -74.89
N PRO HA 103 -15.83 131.24 -76.22
CA PRO HA 103 -15.67 129.99 -76.97
C PRO HA 103 -14.24 129.47 -77.03
N CYS HA 104 -13.25 130.29 -76.69
CA CYS HA 104 -11.85 129.92 -76.88
C CYS HA 104 -11.05 130.23 -75.63
N PHE HA 105 -9.89 129.58 -75.52
CA PHE HA 105 -9.09 129.67 -74.29
C PHE HA 105 -8.11 130.84 -74.33
N ASN HA 106 -7.23 130.86 -75.32
CA ASN HA 106 -6.14 131.86 -75.40
C ASN HA 106 -5.21 131.60 -74.21
N GLY HA 107 -4.73 132.65 -73.54
CA GLY HA 107 -3.69 132.50 -72.56
C GLY HA 107 -4.08 131.57 -71.42
N PRO HA 108 -3.14 131.34 -70.50
CA PRO HA 108 -3.41 130.43 -69.38
C PRO HA 108 -4.17 131.06 -68.22
N TRP HA 109 -4.04 132.35 -67.98
CA TRP HA 109 -4.80 133.05 -66.95
C TRP HA 109 -5.96 133.80 -67.60
N ILE HA 110 -6.95 134.15 -66.78
CA ILE HA 110 -8.09 134.91 -67.24
C ILE HA 110 -8.42 135.98 -66.20
N SER HA 111 -9.19 136.98 -66.62
CA SER HA 111 -9.56 138.08 -65.75
C SER HA 111 -10.83 138.73 -66.28
N ILE HA 112 -11.44 139.57 -65.44
CA ILE HA 112 -12.65 140.29 -65.80
C ILE HA 112 -12.74 141.53 -64.92
N ALA HA 113 -13.26 142.61 -65.49
CA ALA HA 113 -13.39 143.87 -64.76
C ALA HA 113 -14.45 144.71 -65.46
N PRO HA 114 -15.05 145.66 -64.74
CA PRO HA 114 -16.01 146.56 -65.39
C PRO HA 114 -15.30 147.59 -66.26
N VAL HA 115 -16.03 148.09 -67.26
CA VAL HA 115 -15.48 149.13 -68.11
C VAL HA 115 -15.21 150.39 -67.30
N THR HA 116 -16.13 150.74 -66.40
CA THR HA 116 -16.00 151.90 -65.53
C THR HA 116 -16.28 151.48 -64.10
N VAL HA 117 -15.57 152.08 -63.16
CA VAL HA 117 -15.72 151.78 -61.73
C VAL HA 117 -16.53 152.91 -61.11
N ASN HA 118 -17.71 152.58 -60.61
CA ASN HA 118 -18.60 153.57 -60.01
C ASN HA 118 -19.51 152.85 -59.02
N ALA HA 119 -20.56 153.54 -58.57
CA ALA HA 119 -21.45 152.97 -57.57
C ALA HA 119 -22.15 151.72 -58.07
N ASP HA 120 -22.39 151.63 -59.39
CA ASP HA 120 -23.11 150.50 -59.94
C ASP HA 120 -22.27 149.23 -59.99
N SER HA 121 -20.99 149.34 -60.32
CA SER HA 121 -20.15 148.16 -60.46
C SER HA 121 -19.97 147.43 -59.13
N ALA HA 122 -19.97 148.17 -58.02
CA ALA HA 122 -19.74 147.55 -56.72
C ALA HA 122 -20.88 146.64 -56.31
N LYS HA 123 -22.01 146.68 -57.01
CA LYS HA 123 -23.19 145.90 -56.64
C LYS HA 123 -23.24 144.53 -57.33
N VAL HA 124 -22.19 144.14 -58.03
CA VAL HA 124 -22.18 142.89 -58.79
C VAL HA 124 -21.02 142.03 -58.30
N GLN HA 125 -21.20 140.70 -58.40
CA GLN HA 125 -20.18 139.73 -58.02
C GLN HA 125 -19.98 138.76 -59.16
N VAL HA 126 -18.73 138.35 -59.39
CA VAL HA 126 -18.37 137.44 -60.47
C VAL HA 126 -17.55 136.31 -59.90
N THR HA 127 -17.87 135.08 -60.28
CA THR HA 127 -17.16 133.89 -59.84
C THR HA 127 -16.94 132.96 -61.02
N VAL HA 128 -15.84 132.21 -60.99
CA VAL HA 128 -15.43 131.35 -62.10
C VAL HA 128 -15.47 129.92 -61.62
N THR HA 129 -16.17 129.07 -62.37
CA THR HA 129 -16.25 127.64 -62.09
C THR HA 129 -15.55 126.87 -63.19
N MET HA 130 -14.88 125.78 -62.82
CA MET HA 130 -14.06 125.02 -63.75
C MET HA 130 -14.40 123.54 -63.66
N LYS HA 131 -14.29 122.84 -64.79
CA LYS HA 131 -14.69 121.45 -64.88
C LYS HA 131 -13.53 120.53 -64.52
N GLY HA 132 -13.65 119.25 -64.85
CA GLY HA 132 -12.69 118.26 -64.39
C GLY HA 132 -11.26 118.70 -64.67
N ALA HA 133 -10.33 118.20 -63.84
CA ALA HA 133 -8.94 118.56 -63.94
C ALA HA 133 -8.22 117.68 -64.96
N THR HA 134 -6.94 117.98 -65.16
CA THR HA 134 -6.12 117.27 -66.15
C THR HA 134 -4.77 116.85 -65.59
N ARG HA 135 -4.51 117.07 -64.30
CA ARG HA 135 -3.25 116.69 -63.70
C ARG HA 135 -3.45 115.73 -62.54
N MET IA 1 -3.48 124.38 -123.18
CA MET IA 1 -3.00 125.27 -122.10
C MET IA 1 -1.53 125.64 -122.34
N ASN IA 2 -1.06 126.63 -121.60
CA ASN IA 2 0.34 127.05 -121.68
C ASN IA 2 1.17 126.29 -120.66
N PHE IA 3 2.46 126.12 -120.97
CA PHE IA 3 3.38 125.39 -120.11
C PHE IA 3 4.60 126.27 -119.83
N ASN IA 4 5.30 125.94 -118.74
CA ASN IA 4 6.55 126.60 -118.40
C ASN IA 4 7.71 125.85 -119.06
N VAL IA 5 7.80 126.02 -120.38
CA VAL IA 5 8.78 125.28 -121.16
C VAL IA 5 10.21 125.63 -120.77
N GLY IA 6 10.40 126.69 -120.00
CA GLY IA 6 11.74 127.06 -119.56
C GLY IA 6 12.27 126.26 -118.39
N VAL IA 7 11.50 125.31 -117.88
CA VAL IA 7 11.98 124.49 -116.77
C VAL IA 7 12.68 123.24 -117.29
N ASP IA 8 12.16 122.66 -118.36
CA ASP IA 8 12.72 121.42 -118.90
C ASP IA 8 13.69 121.67 -120.05
N PHE IA 9 13.52 122.76 -120.80
CA PHE IA 9 14.32 123.05 -121.98
C PHE IA 9 14.86 124.47 -121.90
N PRO IA 10 15.78 124.73 -120.97
CA PRO IA 10 16.34 126.08 -120.86
C PRO IA 10 17.14 126.45 -122.09
N SER IA 11 17.17 127.75 -122.40
CA SER IA 11 17.87 128.27 -123.56
C SER IA 11 18.83 129.37 -123.13
N PHE IA 12 20.03 129.37 -123.72
CA PHE IA 12 21.08 130.29 -123.35
C PHE IA 12 21.63 130.98 -124.60
N ILE IA 13 22.00 132.26 -124.45
CA ILE IA 13 22.56 133.01 -125.57
C ILE IA 13 23.97 132.54 -125.85
N ALA IA 14 24.32 132.48 -127.14
CA ALA IA 14 25.65 132.06 -127.57
C ALA IA 14 26.40 133.15 -128.34
N TRP IA 15 25.77 133.76 -129.33
CA TRP IA 15 26.41 134.80 -130.13
C TRP IA 15 25.36 135.87 -130.43
N ASP IA 16 25.42 136.99 -129.70
CA ASP IA 16 24.43 138.04 -129.82
C ASP IA 16 24.71 139.01 -130.98
N GLY IA 17 25.81 138.84 -131.68
CA GLY IA 17 26.20 139.72 -132.77
C GLY IA 17 27.46 140.50 -132.51
N THR IA 18 27.95 140.53 -131.27
CA THR IA 18 29.19 141.24 -130.95
C THR IA 18 30.14 140.43 -130.09
N THR IA 19 29.69 139.42 -129.35
CA THR IA 19 30.55 138.66 -128.46
C THR IA 19 30.03 137.25 -128.34
N SER IA 20 30.93 136.31 -128.10
CA SER IA 20 30.58 134.91 -127.91
C SER IA 20 30.65 134.56 -126.42
N PHE IA 21 29.69 133.76 -125.97
CA PHE IA 21 29.56 133.41 -124.57
C PHE IA 21 29.68 131.90 -124.40
N PRO IA 22 30.59 131.41 -123.56
CA PRO IA 22 30.63 129.97 -123.29
C PRO IA 22 29.33 129.52 -122.62
N VAL IA 23 28.88 128.33 -122.99
CA VAL IA 23 27.65 127.74 -122.46
C VAL IA 23 28.02 126.41 -121.82
N LYS IA 24 27.55 126.19 -120.59
CA LYS IA 24 27.91 124.99 -119.83
C LYS IA 24 26.91 123.88 -120.15
N ILE IA 25 27.30 122.96 -121.02
CA ILE IA 25 26.45 121.82 -121.34
C ILE IA 25 26.63 120.69 -120.35
N ASP IA 26 27.42 120.87 -119.30
CA ASP IA 26 27.74 119.78 -118.40
C ASP IA 26 26.49 119.25 -117.69
N GLY IA 27 25.64 120.15 -117.20
CA GLY IA 27 24.50 119.74 -116.40
C GLY IA 27 23.39 119.07 -117.17
N PHE IA 28 23.40 119.17 -118.51
CA PHE IA 28 22.38 118.58 -119.35
C PHE IA 28 23.02 117.55 -120.26
N ASN IA 29 22.20 116.62 -120.77
CA ASN IA 29 22.74 115.49 -121.52
C ASN IA 29 22.61 115.66 -123.02
N GLN IA 30 21.86 116.65 -123.51
CA GLN IA 30 21.73 116.87 -124.95
C GLN IA 30 21.49 118.35 -125.20
N PHE IA 31 21.80 118.78 -126.42
CA PHE IA 31 21.74 120.19 -126.76
C PHE IA 31 21.72 120.36 -128.28
N GLY IA 32 21.58 121.60 -128.71
CA GLY IA 32 21.57 121.92 -130.12
C GLY IA 32 21.56 123.41 -130.33
N PHE IA 33 22.02 123.82 -131.52
CA PHE IA 33 22.11 125.23 -131.88
C PHE IA 33 20.87 125.68 -132.63
N THR IA 34 20.67 127.00 -132.68
CA THR IA 34 19.60 127.62 -133.44
C THR IA 34 20.10 128.95 -133.99
N PHE IA 35 20.01 129.12 -135.31
CA PHE IA 35 20.50 130.31 -135.99
C PHE IA 35 19.32 131.12 -136.51
N LYS IA 36 19.44 132.44 -136.44
CA LYS IA 36 18.42 133.33 -136.99
C LYS IA 36 19.07 134.58 -137.54
N VAL IA 37 18.51 135.09 -138.63
CA VAL IA 37 19.03 136.29 -139.27
C VAL IA 37 18.14 137.47 -138.94
N ILE IA 38 18.73 138.66 -138.84
CA ILE IA 38 17.98 139.89 -138.58
C ILE IA 38 18.10 140.89 -139.70
N GLU IA 39 18.94 140.64 -140.71
CA GLU IA 39 19.05 141.55 -141.84
C GLU IA 39 19.64 140.78 -143.02
N GLU IA 40 19.43 141.33 -144.22
CA GLU IA 40 19.83 140.62 -145.44
C GLU IA 40 21.33 140.36 -145.44
N LEU IA 41 21.71 139.17 -145.91
CA LEU IA 41 23.11 138.80 -146.03
C LEU IA 41 23.64 139.12 -147.42
N THR IA 42 24.95 139.40 -147.49
CA THR IA 42 25.61 139.68 -148.75
C THR IA 42 26.45 138.51 -149.25
N ALA IA 43 26.78 137.55 -148.38
CA ALA IA 43 27.57 136.38 -148.78
C ALA IA 43 27.49 135.35 -147.68
N ASP IA 44 28.04 134.17 -147.96
CA ASP IA 44 28.07 133.10 -146.98
C ASP IA 44 28.90 133.52 -145.76
N VAL IA 45 28.47 133.06 -144.59
CA VAL IA 45 29.15 133.35 -143.34
C VAL IA 45 29.47 132.02 -142.66
N PRO IA 46 30.75 131.66 -142.48
CA PRO IA 46 31.07 130.41 -141.79
C PRO IA 46 31.26 130.59 -140.28
N PHE IA 47 30.99 129.54 -139.51
CA PHE IA 47 31.11 129.58 -138.06
C PHE IA 47 32.02 128.45 -137.58
N ASN IA 48 32.76 128.71 -136.52
CA ASN IA 48 33.64 127.73 -135.90
C ASN IA 48 33.05 127.28 -134.56
N ILE IA 49 33.18 126.00 -134.27
CA ILE IA 49 32.65 125.41 -133.04
C ILE IA 49 33.83 124.93 -132.20
N PHE IA 50 33.84 125.34 -130.93
CA PHE IA 50 34.92 125.03 -130.00
C PHE IA 50 34.37 124.26 -128.81
N TYR IA 51 35.27 123.94 -127.88
CA TYR IA 51 34.91 123.43 -126.57
C TYR IA 51 36.02 123.78 -125.59
N HIS IA 52 35.65 123.97 -124.33
CA HIS IA 52 36.58 124.41 -123.30
C HIS IA 52 36.65 123.38 -122.19
N GLU IA 53 37.81 123.26 -121.57
CA GLU IA 53 38.00 122.41 -120.41
C GLU IA 53 38.09 123.28 -119.14
N ALA IA 54 37.99 122.62 -117.99
CA ALA IA 54 38.04 123.34 -116.73
C ALA IA 54 39.39 124.04 -116.58
N SER IA 55 39.36 125.27 -116.08
CA SER IA 55 40.58 126.02 -115.88
C SER IA 55 41.38 125.47 -114.71
N GLU IA 56 42.71 125.58 -114.81
CA GLU IA 56 43.57 125.05 -113.79
C GLU IA 56 43.39 125.76 -112.45
N ALA IA 57 43.28 127.09 -112.47
CA ALA IA 57 43.19 127.86 -111.24
C ALA IA 57 41.85 127.75 -110.55
N ASP IA 58 40.76 127.59 -111.31
CA ASP IA 58 39.42 127.53 -110.73
C ASP IA 58 38.61 126.47 -111.45
N PRO IA 59 37.99 125.53 -110.72
CA PRO IA 59 37.24 124.46 -111.41
C PRO IA 59 35.94 124.91 -112.06
N CYS IA 60 35.53 126.16 -111.88
CA CYS IA 60 34.28 126.66 -112.45
C CYS IA 60 34.51 127.81 -113.42
N VAL IA 61 35.66 127.87 -114.07
CA VAL IA 61 35.97 128.86 -115.10
C VAL IA 61 36.42 128.12 -116.34
N PRO IA 62 35.83 128.40 -117.51
CA PRO IA 62 36.25 127.68 -118.73
C PRO IA 62 37.69 128.00 -119.10
N GLY IA 63 38.37 127.01 -119.67
CA GLY IA 63 39.74 127.16 -120.09
C GLY IA 63 39.84 127.71 -121.50
N PRO IA 64 41.00 127.56 -122.13
CA PRO IA 64 41.17 128.07 -123.48
C PRO IA 64 40.36 127.28 -124.50
N ALA IA 65 40.03 127.95 -125.60
CA ALA IA 65 39.21 127.35 -126.64
C ALA IA 65 39.97 126.23 -127.34
N ILE IA 66 39.25 125.15 -127.66
CA ILE IA 66 39.80 124.02 -128.39
C ILE IA 66 38.82 123.67 -129.51
N ARG IA 67 39.34 123.49 -130.71
CA ARG IA 67 38.49 123.22 -131.87
C ARG IA 67 37.83 121.85 -131.73
N VAL IA 68 36.64 121.72 -132.29
CA VAL IA 68 35.89 120.46 -132.19
C VAL IA 68 36.33 119.52 -133.31
N PRO IA 69 36.72 118.28 -133.02
CA PRO IA 69 37.08 117.35 -134.09
C PRO IA 69 35.86 116.79 -134.79
N ASP IA 70 36.10 116.18 -135.96
CA ASP IA 70 35.03 115.64 -136.77
C ASP IA 70 34.87 114.13 -136.55
N VAL IA 71 33.66 113.63 -136.82
CA VAL IA 71 33.36 112.21 -136.73
C VAL IA 71 32.53 111.82 -137.96
N PRO IA 72 33.13 111.24 -139.00
CA PRO IA 72 32.35 110.90 -140.20
C PRO IA 72 31.34 109.80 -139.93
N PHE IA 73 30.24 109.83 -140.66
CA PHE IA 73 29.22 108.79 -140.59
C PHE IA 73 29.62 107.60 -141.46
N CYS IA 74 28.76 106.58 -141.48
CA CYS IA 74 29.06 105.36 -142.23
C CYS IA 74 29.21 105.66 -143.72
N ASP IA 75 28.12 106.08 -144.37
CA ASP IA 75 28.14 106.40 -145.80
C ASP IA 75 28.40 107.89 -145.97
N GLY IA 76 29.63 108.27 -145.67
CA GLY IA 76 30.00 109.68 -145.72
C GLY IA 76 31.50 109.83 -145.77
N VAL IA 77 31.92 111.10 -145.75
CA VAL IA 77 33.33 111.46 -145.86
C VAL IA 77 33.66 112.51 -144.80
N ALA IA 78 34.95 112.62 -144.50
CA ALA IA 78 35.40 113.62 -143.54
C ALA IA 78 35.59 114.97 -144.24
N THR IA 79 35.70 116.01 -143.42
CA THR IA 79 35.91 117.35 -143.95
C THR IA 79 37.32 117.47 -144.52
N ALA IA 80 37.64 118.66 -145.01
CA ALA IA 80 38.96 118.89 -145.61
C ALA IA 80 40.09 118.66 -144.61
N ASP IA 81 39.93 119.14 -143.38
CA ASP IA 81 40.96 119.02 -142.36
C ASP IA 81 40.49 118.30 -141.11
N GLY IA 82 39.27 117.76 -141.12
CA GLY IA 82 38.80 116.98 -139.99
C GLY IA 82 38.22 117.79 -138.85
N LEU IA 83 37.94 119.07 -139.05
CA LEU IA 83 37.39 119.93 -138.02
C LEU IA 83 35.94 120.29 -138.36
N ALA IA 84 35.12 120.37 -137.32
CA ALA IA 84 33.70 120.68 -137.52
C ALA IA 84 33.51 122.15 -137.87
N THR IA 85 32.56 122.41 -138.75
CA THR IA 85 32.26 123.78 -139.17
C THR IA 85 30.83 123.83 -139.70
N VAL IA 86 30.28 125.04 -139.76
CA VAL IA 86 28.92 125.26 -140.23
C VAL IA 86 28.91 126.50 -141.12
N VAL IA 87 28.13 126.46 -142.18
CA VAL IA 87 28.02 127.56 -143.14
C VAL IA 87 26.56 127.91 -143.31
N ILE IA 88 26.25 129.21 -143.22
CA ILE IA 88 24.90 129.71 -143.37
C ILE IA 88 24.77 130.29 -144.78
N PRO IA 89 23.97 129.69 -145.67
CA PRO IA 89 23.90 130.19 -147.04
C PRO IA 89 23.28 131.58 -147.11
N GLU IA 90 23.73 132.35 -148.10
CA GLU IA 90 23.23 133.70 -148.28
C GLU IA 90 21.76 133.74 -148.68
N ALA IA 91 21.23 132.65 -149.22
CA ALA IA 91 19.86 132.63 -149.71
C ALA IA 91 18.82 132.62 -148.60
N VAL IA 92 19.24 132.44 -147.35
CA VAL IA 92 18.31 132.32 -146.25
C VAL IA 92 17.58 133.65 -146.06
N ALA IA 93 16.26 133.58 -145.91
CA ALA IA 93 15.45 134.77 -145.74
C ALA IA 93 15.48 135.24 -144.28
N VAL IA 94 15.04 136.48 -144.07
CA VAL IA 94 15.08 137.07 -142.74
C VAL IA 94 14.02 136.46 -141.82
N ASP IA 95 13.02 135.77 -142.37
CA ASP IA 95 11.92 135.23 -141.59
C ASP IA 95 12.03 133.73 -141.36
N SER IA 96 13.23 133.16 -141.42
CA SER IA 96 13.44 131.73 -141.21
C SER IA 96 14.64 131.51 -140.31
N PHE IA 97 14.80 130.25 -139.88
CA PHE IA 97 15.86 129.87 -138.97
C PHE IA 97 16.38 128.49 -139.34
N CYS IA 98 17.62 128.22 -138.94
CA CYS IA 98 18.28 126.96 -139.23
C CYS IA 98 18.80 126.35 -137.94
N ALA IA 99 18.79 125.01 -137.88
CA ALA IA 99 19.17 124.28 -136.68
C ALA IA 99 20.16 123.18 -137.04
N GLY IA 100 21.11 122.94 -136.14
CA GLY IA 100 22.09 121.88 -136.32
C GLY IA 100 22.88 121.67 -135.05
N SER IA 101 23.51 120.50 -134.95
CA SER IA 101 24.25 120.15 -133.75
C SER IA 101 25.35 119.17 -134.11
N VAL IA 102 26.29 119.00 -133.18
CA VAL IA 102 27.44 118.11 -133.38
C VAL IA 102 27.10 116.72 -132.87
N PRO IA 103 27.75 115.66 -133.37
CA PRO IA 103 27.37 114.31 -132.93
C PRO IA 103 28.01 113.88 -131.62
N CYS IA 104 28.98 114.61 -131.10
CA CYS IA 104 29.72 114.21 -129.91
C CYS IA 104 29.83 115.38 -128.94
N PHE IA 105 30.19 115.07 -127.70
CA PHE IA 105 30.16 116.07 -126.64
C PHE IA 105 31.53 116.72 -126.43
N ASN IA 106 32.54 115.93 -126.13
CA ASN IA 106 33.86 116.46 -125.79
C ASN IA 106 33.73 117.24 -124.47
N GLY IA 107 34.43 118.37 -124.35
CA GLY IA 107 34.55 119.06 -123.10
C GLY IA 107 33.18 119.45 -122.52
N PRO IA 108 33.20 119.98 -121.29
CA PRO IA 108 31.94 120.33 -120.63
C PRO IA 108 31.35 121.66 -121.04
N TRP IA 109 32.13 122.55 -121.67
CA TRP IA 109 31.64 123.81 -122.17
C TRP IA 109 31.71 123.82 -123.69
N ILE IA 110 30.82 124.58 -124.31
CA ILE IA 110 30.81 124.74 -125.76
C ILE IA 110 30.75 126.22 -126.09
N SER IA 111 31.27 126.57 -127.27
CA SER IA 111 31.29 127.95 -127.73
C SER IA 111 31.24 127.97 -129.24
N ILE IA 112 30.80 129.10 -129.79
CA ILE IA 112 30.68 129.28 -131.23
C ILE IA 112 31.03 130.72 -131.55
N ALA IA 113 31.72 130.92 -132.67
CA ALA IA 113 32.12 132.25 -133.10
C ALA IA 113 32.33 132.24 -134.60
N PRO IA 114 32.21 133.39 -135.27
CA PRO IA 114 32.44 133.42 -136.71
C PRO IA 114 33.92 133.38 -137.04
N VAL IA 115 34.22 132.95 -138.27
CA VAL IA 115 35.61 132.92 -138.71
C VAL IA 115 36.18 134.33 -138.79
N THR IA 116 35.37 135.30 -139.22
CA THR IA 116 35.78 136.69 -139.30
C THR IA 116 34.68 137.56 -138.72
N VAL IA 117 35.07 138.72 -138.21
CA VAL IA 117 34.14 139.69 -137.62
C VAL IA 117 34.02 140.87 -138.57
N ASN IA 118 32.83 141.10 -139.09
CA ASN IA 118 32.58 142.18 -140.04
C ASN IA 118 31.08 142.47 -140.05
N ALA IA 119 30.65 143.26 -141.05
CA ALA IA 119 29.24 143.64 -141.12
C ALA IA 119 28.32 142.45 -141.31
N ASP IA 120 28.77 141.38 -141.97
CA ASP IA 120 27.93 140.23 -142.22
C ASP IA 120 27.70 139.39 -140.96
N SER IA 121 28.74 139.19 -140.15
CA SER IA 121 28.59 138.36 -138.96
C SER IA 121 27.65 138.99 -137.95
N ALA IA 122 27.66 140.32 -137.84
CA ALA IA 122 26.85 140.99 -136.83
C ALA IA 122 25.36 140.83 -137.08
N LYS IA 123 24.95 140.35 -138.25
CA LYS IA 123 23.55 140.23 -138.60
C LYS IA 123 22.95 138.89 -138.21
N VAL IA 124 23.69 138.03 -137.51
CA VAL IA 124 23.25 136.68 -137.18
C VAL IA 124 23.21 136.54 -135.67
N GLN IA 125 22.20 135.83 -135.19
CA GLN IA 125 22.04 135.51 -133.77
C GLN IA 125 22.02 134.00 -133.59
N VAL IA 126 22.73 133.52 -132.57
CA VAL IA 126 22.88 132.09 -132.32
C VAL IA 126 22.46 131.81 -130.88
N THR IA 127 21.83 130.66 -130.67
CA THR IA 127 21.33 130.28 -129.34
C THR IA 127 21.48 128.78 -129.18
N VAL IA 128 21.64 128.34 -127.94
CA VAL IA 128 21.83 126.92 -127.60
C VAL IA 128 20.67 126.48 -126.71
N THR IA 129 20.05 125.35 -127.05
CA THR IA 129 18.92 124.83 -126.31
C THR IA 129 19.27 123.49 -125.69
N MET IA 130 19.10 123.39 -124.37
CA MET IA 130 19.26 122.12 -123.67
C MET IA 130 17.94 121.35 -123.69
N LYS IA 131 18.03 120.05 -123.38
CA LYS IA 131 16.87 119.18 -123.51
C LYS IA 131 16.67 118.22 -122.34
N GLY IA 132 17.65 118.03 -121.47
CA GLY IA 132 17.47 117.10 -120.37
C GLY IA 132 18.30 117.44 -119.14
N ALA IA 133 17.65 117.53 -117.99
CA ALA IA 133 18.37 117.76 -116.75
C ALA IA 133 18.77 116.42 -116.12
N THR IA 134 19.86 116.45 -115.35
CA THR IA 134 20.35 115.23 -114.71
C THR IA 134 20.83 115.47 -113.28
N ARG IA 135 20.43 116.56 -112.66
CA ARG IA 135 20.83 116.85 -111.28
C ARG IA 135 19.62 117.18 -110.42
N MET JA 1 52.71 74.58 -139.87
CA MET JA 1 52.95 75.54 -138.74
C MET JA 1 54.08 75.03 -137.87
N ASN JA 2 54.86 75.95 -137.31
CA ASN JA 2 55.84 75.62 -136.28
C ASN JA 2 55.44 76.31 -134.98
N PHE JA 3 56.15 75.98 -133.91
CA PHE JA 3 55.82 76.44 -132.57
C PHE JA 3 57.00 77.18 -131.98
N ASN JA 4 56.71 77.96 -130.93
CA ASN JA 4 57.76 78.63 -130.15
C ASN JA 4 58.35 77.64 -129.14
N VAL JA 5 59.01 76.62 -129.68
CA VAL JA 5 59.47 75.51 -128.84
C VAL JA 5 60.44 75.99 -127.77
N GLY JA 6 61.10 77.12 -128.01
CA GLY JA 6 62.02 77.64 -127.02
C GLY JA 6 61.37 78.03 -125.70
N VAL JA 7 60.06 78.16 -125.67
CA VAL JA 7 59.39 78.58 -124.44
C VAL JA 7 59.21 77.40 -123.49
N ASP JA 8 59.01 76.19 -124.03
CA ASP JA 8 58.76 75.01 -123.20
C ASP JA 8 60.00 74.16 -122.96
N PHE JA 9 60.96 74.18 -123.88
CA PHE JA 9 62.16 73.34 -123.79
C PHE JA 9 63.40 74.19 -123.97
N PRO JA 10 63.70 75.07 -123.03
CA PRO JA 10 64.87 75.94 -123.17
C PRO JA 10 66.16 75.14 -123.21
N SER JA 11 67.15 75.68 -123.92
CA SER JA 11 68.45 75.05 -124.08
C SER JA 11 69.54 76.03 -123.75
N PHE JA 12 70.59 75.55 -123.10
CA PHE JA 12 71.69 76.40 -122.66
C PHE JA 12 73.03 75.78 -123.07
N ILE JA 13 73.99 76.62 -123.41
CA ILE JA 13 75.32 76.16 -123.78
C ILE JA 13 76.03 75.66 -122.53
N ALA JA 14 76.78 74.57 -122.67
CA ALA JA 14 77.52 73.98 -121.57
C ALA JA 14 79.02 73.89 -121.82
N TRP JA 15 79.44 73.55 -123.03
CA TRP JA 15 80.86 73.48 -123.37
C TRP JA 15 81.00 73.84 -124.85
N ASP JA 16 81.41 75.07 -125.12
CA ASP JA 16 81.49 75.57 -126.49
C ASP JA 16 82.79 75.21 -127.19
N GLY JA 17 83.77 74.68 -126.48
CA GLY JA 17 85.07 74.34 -127.03
C GLY JA 17 86.24 74.97 -126.34
N THR JA 18 86.04 75.99 -125.51
CA THR JA 18 87.13 76.61 -124.78
C THR JA 18 86.86 76.82 -123.29
N THR JA 19 85.60 76.83 -122.86
CA THR JA 19 85.26 76.98 -121.45
C THR JA 19 83.97 76.23 -121.16
N SER JA 20 83.76 75.94 -119.88
CA SER JA 20 82.56 75.27 -119.41
C SER JA 20 81.73 76.22 -118.57
N PHE JA 21 80.41 76.16 -118.72
CA PHE JA 21 79.50 77.07 -118.05
C PHE JA 21 78.54 76.29 -117.16
N PRO JA 22 78.44 76.62 -115.87
CA PRO JA 22 77.43 75.97 -115.04
C PRO JA 22 76.02 76.26 -115.55
N VAL JA 23 75.15 75.26 -115.48
CA VAL JA 23 73.76 75.37 -115.92
C VAL JA 23 72.87 75.12 -114.72
N LYS JA 24 71.92 76.03 -114.49
CA LYS JA 24 71.04 75.95 -113.33
C LYS JA 24 69.84 75.09 -113.68
N ILE JA 25 69.79 73.87 -113.13
CA ILE JA 25 68.69 72.96 -113.39
C ILE JA 25 67.60 73.01 -112.32
N ASP JA 26 67.67 73.96 -111.39
CA ASP JA 26 66.73 73.98 -110.28
C ASP JA 26 65.30 74.20 -110.76
N GLY JA 27 65.09 75.10 -111.70
CA GLY JA 27 63.76 75.49 -112.10
C GLY JA 27 63.03 74.51 -112.99
N PHE JA 28 63.69 73.45 -113.44
CA PHE JA 28 63.09 72.45 -114.32
C PHE JA 28 63.25 71.09 -113.70
N ASN JA 29 62.29 70.20 -113.98
CA ASN JA 29 62.25 68.91 -113.31
C ASN JA 29 62.97 67.81 -114.07
N GLN JA 30 63.47 68.09 -115.28
CA GLN JA 30 64.23 67.08 -116.03
C GLN JA 30 65.19 67.80 -116.98
N PHE JA 31 66.17 67.05 -117.47
CA PHE JA 31 67.20 67.62 -118.33
C PHE JA 31 67.97 66.50 -119.01
N GLY JA 32 68.77 66.87 -120.01
CA GLY JA 32 69.60 65.92 -120.73
C GLY JA 32 70.65 66.62 -121.55
N PHE JA 33 71.70 65.88 -121.86
CA PHE JA 33 72.82 66.43 -122.61
C PHE JA 33 72.68 66.15 -124.11
N THR JA 34 73.56 66.77 -124.89
CA THR JA 34 73.60 66.57 -126.34
C THR JA 34 74.98 66.96 -126.84
N PHE JA 35 75.64 66.05 -127.56
CA PHE JA 35 76.99 66.25 -128.05
C PHE JA 35 76.98 66.32 -129.57
N LYS JA 36 77.81 67.21 -130.12
CA LYS JA 36 78.00 67.31 -131.55
C LYS JA 36 79.46 67.58 -131.85
N VAL JA 37 79.92 67.11 -133.00
CA VAL JA 37 81.30 67.28 -133.44
C VAL JA 37 81.33 68.29 -134.58
N ILE JA 38 82.42 69.05 -134.66
CA ILE JA 38 82.61 70.02 -135.74
C ILE JA 38 83.80 69.70 -136.62
N GLU JA 39 84.63 68.74 -136.25
CA GLU JA 39 85.77 68.35 -137.06
C GLU JA 39 86.19 66.95 -136.66
N GLU JA 40 86.94 66.29 -137.54
CA GLU JA 40 87.31 64.90 -137.32
C GLU JA 40 88.16 64.78 -136.05
N LEU JA 41 87.97 63.66 -135.34
CA LEU JA 41 88.69 63.40 -134.11
C LEU JA 41 89.93 62.55 -134.38
N THR JA 42 90.79 62.44 -133.36
CA THR JA 42 91.99 61.62 -133.44
C THR JA 42 92.06 60.54 -132.38
N ALA JA 43 91.49 60.78 -131.19
CA ALA JA 43 91.47 59.79 -130.13
C ALA JA 43 90.22 60.00 -129.30
N ASP JA 44 89.80 58.94 -128.62
CA ASP JA 44 88.60 59.01 -127.79
C ASP JA 44 88.75 60.11 -126.75
N VAL JA 45 87.69 60.91 -126.58
CA VAL JA 45 87.68 62.03 -125.66
C VAL JA 45 86.71 61.71 -124.53
N PRO JA 46 87.20 61.55 -123.29
CA PRO JA 46 86.28 61.32 -122.16
C PRO JA 46 85.87 62.62 -121.48
N PHE JA 47 84.66 62.65 -120.92
CA PHE JA 47 84.11 63.84 -120.28
C PHE JA 47 83.78 63.54 -118.83
N ASN JA 48 83.96 64.54 -117.97
CA ASN JA 48 83.59 64.45 -116.57
C ASN JA 48 82.32 65.26 -116.33
N ILE JA 49 81.47 64.76 -115.43
CA ILE JA 49 80.21 65.42 -115.08
C ILE JA 49 80.28 65.83 -113.62
N PHE JA 50 79.94 67.08 -113.34
CA PHE JA 50 80.02 67.64 -112.00
C PHE JA 50 78.65 68.13 -111.57
N TYR JA 51 78.57 68.58 -110.32
CA TYR JA 51 77.44 69.35 -109.82
C TYR JA 51 77.94 70.27 -108.71
N HIS JA 52 77.28 71.43 -108.60
CA HIS JA 52 77.71 72.46 -107.66
C HIS JA 52 76.60 72.76 -106.67
N GLU JA 53 76.99 73.05 -105.43
CA GLU JA 53 76.06 73.51 -104.42
C GLU JA 53 76.08 75.04 -104.37
N ALA JA 54 75.11 75.60 -103.65
CA ALA JA 54 75.02 77.05 -103.52
C ALA JA 54 76.24 77.58 -102.78
N SER JA 55 76.75 78.72 -103.24
CA SER JA 55 77.92 79.32 -102.60
C SER JA 55 77.55 79.85 -101.21
N GLU JA 56 78.51 79.73 -100.28
CA GLU JA 56 78.26 80.15 -98.91
C GLU JA 56 78.00 81.64 -98.82
N ALA JA 57 78.79 82.45 -99.54
CA ALA JA 57 78.68 83.90 -99.42
C ALA JA 57 77.44 84.44 -100.10
N ASP JA 58 77.00 83.83 -101.19
CA ASP JA 58 75.84 84.32 -101.93
C ASP JA 58 74.99 83.15 -102.41
N PRO JA 59 73.69 83.11 -102.08
CA PRO JA 59 72.87 81.96 -102.48
C PRO JA 59 72.68 81.80 -103.97
N CYS JA 60 72.89 82.85 -104.78
CA CYS JA 60 72.62 82.80 -106.20
C CYS JA 60 73.89 82.61 -107.03
N VAL JA 61 74.95 82.09 -106.44
CA VAL JA 61 76.20 81.84 -107.16
C VAL JA 61 76.59 80.38 -106.95
N PRO JA 62 76.99 79.64 -107.99
CA PRO JA 62 77.37 78.24 -107.78
C PRO JA 62 78.65 78.11 -106.96
N GLY JA 63 78.77 77.00 -106.24
CA GLY JA 63 79.92 76.73 -105.42
C GLY JA 63 80.96 75.91 -106.14
N PRO JA 64 81.84 75.26 -105.40
CA PRO JA 64 82.89 74.45 -106.03
C PRO JA 64 82.34 73.19 -106.67
N ALA JA 65 83.13 72.64 -107.59
CA ALA JA 65 82.70 71.49 -108.37
C ALA JA 65 82.82 70.21 -107.56
N ILE JA 66 81.82 69.33 -107.74
CA ILE JA 66 81.80 68.02 -107.10
C ILE JA 66 81.38 67.00 -108.14
N ARG JA 67 82.00 65.82 -108.11
CA ARG JA 67 81.73 64.80 -109.12
C ARG JA 67 80.40 64.11 -108.84
N VAL JA 68 79.77 63.62 -109.89
CA VAL JA 68 78.47 62.95 -109.76
C VAL JA 68 78.71 61.46 -109.46
N PRO JA 69 78.12 60.91 -108.41
CA PRO JA 69 78.33 59.49 -108.10
C PRO JA 69 77.57 58.58 -109.07
N ASP JA 70 78.03 57.34 -109.13
CA ASP JA 70 77.41 56.36 -110.01
C ASP JA 70 76.17 55.75 -109.35
N VAL JA 71 75.29 55.22 -110.19
CA VAL JA 71 74.05 54.59 -109.73
C VAL JA 71 73.78 53.35 -110.57
N PRO JA 72 74.14 52.16 -110.12
CA PRO JA 72 73.94 50.96 -110.94
C PRO JA 72 72.47 50.66 -111.16
N PHE JA 73 72.17 50.02 -112.28
CA PHE JA 73 70.80 49.62 -112.61
C PHE JA 73 70.54 48.20 -112.11
N CYS JA 74 69.36 47.67 -112.45
CA CYS JA 74 68.95 46.36 -111.96
C CYS JA 74 69.93 45.27 -112.35
N ASP JA 75 70.05 44.99 -113.66
CA ASP JA 75 70.96 43.97 -114.16
C ASP JA 75 72.18 44.68 -114.73
N GLY JA 76 73.13 44.99 -113.86
CA GLY JA 76 74.31 45.73 -114.28
C GLY JA 76 75.32 45.77 -113.16
N VAL JA 77 76.45 46.42 -113.46
CA VAL JA 77 77.57 46.51 -112.54
C VAL JA 77 77.98 47.97 -112.41
N ALA JA 78 78.59 48.29 -111.27
CA ALA JA 78 79.08 49.65 -111.04
C ALA JA 78 80.36 49.89 -111.85
N THR JA 79 80.64 51.16 -112.09
CA THR JA 79 81.84 51.52 -112.82
C THR JA 79 83.09 51.25 -111.97
N ALA JA 80 84.25 51.57 -112.54
CA ALA JA 80 85.51 51.20 -111.89
C ALA JA 80 85.67 51.86 -110.52
N ASP JA 81 85.36 53.15 -110.41
CA ASP JA 81 85.57 53.88 -109.16
C ASP JA 81 84.30 54.53 -108.62
N GLY JA 82 83.13 54.22 -109.17
CA GLY JA 82 81.88 54.75 -108.66
C GLY JA 82 81.51 56.13 -109.13
N LEU JA 83 82.25 56.69 -110.09
CA LEU JA 83 82.00 58.04 -110.59
C LEU JA 83 81.52 57.98 -112.02
N ALA JA 84 80.63 58.90 -112.38
CA ALA JA 84 80.02 58.90 -113.71
C ALA JA 84 80.93 59.58 -114.73
N THR JA 85 81.00 59.00 -115.92
CA THR JA 85 81.79 59.55 -117.00
C THR JA 85 81.15 59.16 -118.33
N VAL JA 86 81.51 59.91 -119.38
CA VAL JA 86 81.00 59.68 -120.72
C VAL JA 86 82.15 59.70 -121.70
N VAL JA 87 82.07 58.85 -122.72
CA VAL JA 87 83.12 58.69 -123.73
C VAL JA 87 82.49 58.83 -125.10
N ILE JA 88 83.11 59.63 -125.96
CA ILE JA 88 82.67 59.85 -127.33
C ILE JA 88 83.57 59.03 -128.25
N PRO JA 89 83.06 58.00 -128.92
CA PRO JA 89 83.94 57.12 -129.70
C PRO JA 89 84.49 57.79 -130.94
N GLU JA 90 85.53 57.18 -131.50
CA GLU JA 90 86.17 57.71 -132.70
C GLU JA 90 85.29 57.61 -133.93
N ALA JA 91 84.39 56.62 -133.97
CA ALA JA 91 83.58 56.38 -135.16
C ALA JA 91 82.53 57.46 -135.40
N VAL JA 92 82.34 58.37 -134.45
CA VAL JA 92 81.31 59.39 -134.60
C VAL JA 92 81.66 60.29 -135.78
N ALA JA 93 80.71 60.46 -136.69
CA ALA JA 93 80.91 61.29 -137.87
C ALA JA 93 80.63 62.75 -137.56
N VAL JA 94 81.04 63.62 -138.48
CA VAL JA 94 80.86 65.06 -138.27
C VAL JA 94 79.40 65.47 -138.40
N ASP JA 95 78.56 64.63 -139.01
CA ASP JA 95 77.17 64.99 -139.26
C ASP JA 95 76.19 64.26 -138.34
N SER JA 96 76.64 63.80 -137.17
CA SER JA 96 75.77 63.09 -136.24
C SER JA 96 75.98 63.61 -134.83
N PHE JA 97 75.02 63.30 -133.96
CA PHE JA 97 75.02 63.77 -132.59
C PHE JA 97 74.67 62.61 -131.66
N CYS JA 98 75.06 62.75 -130.39
CA CYS JA 98 74.81 61.74 -129.36
C CYS JA 98 74.19 62.40 -128.14
N ALA JA 99 73.29 61.68 -127.48
CA ALA JA 99 72.55 62.20 -126.34
C ALA JA 99 72.60 61.22 -125.18
N GLY JA 100 72.59 61.76 -123.97
CA GLY JA 100 72.59 60.95 -122.77
C GLY JA 100 72.42 61.83 -121.55
N SER JA 101 72.00 61.20 -120.46
CA SER JA 101 71.72 61.94 -119.23
C SER JA 101 71.95 61.04 -118.03
N VAL JA 102 72.11 61.68 -116.86
CA VAL JA 102 72.38 60.98 -115.61
C VAL JA 102 71.07 60.50 -115.00
N PRO JA 103 71.08 59.47 -114.15
CA PRO JA 103 69.81 59.01 -113.56
C PRO JA 103 69.36 59.80 -112.34
N CYS JA 104 70.21 60.63 -111.76
CA CYS JA 104 69.89 61.33 -110.52
C CYS JA 104 70.16 62.82 -110.67
N PHE JA 105 69.59 63.61 -109.76
CA PHE JA 105 69.70 65.06 -109.83
C PHE JA 105 70.90 65.56 -109.02
N ASN JA 106 70.91 65.27 -107.72
CA ASN JA 106 71.92 65.84 -106.83
C ASN JA 106 71.78 67.37 -106.78
N GLY JA 107 72.89 68.08 -106.73
CA GLY JA 107 72.87 69.52 -106.54
C GLY JA 107 72.01 70.26 -107.54
N PRO JA 108 71.81 71.56 -107.32
CA PRO JA 108 70.95 72.34 -108.21
C PRO JA 108 71.63 72.86 -109.46
N TRP JA 109 72.96 72.91 -109.50
CA TRP JA 109 73.70 73.28 -110.70
C TRP JA 109 74.39 72.03 -111.26
N ILE JA 110 74.68 72.07 -112.56
CA ILE JA 110 75.38 70.99 -113.23
C ILE JA 110 76.44 71.58 -114.14
N SER JA 111 77.42 70.74 -114.50
CA SER JA 111 78.53 71.19 -115.33
C SER JA 111 79.12 69.98 -116.06
N ILE JA 112 80.02 70.27 -116.98
CA ILE JA 112 80.69 69.25 -117.77
C ILE JA 112 82.00 69.81 -118.29
N ALA JA 113 83.01 68.95 -118.41
CA ALA JA 113 84.32 69.37 -118.88
C ALA JA 113 85.10 68.14 -119.32
N PRO JA 114 86.00 68.27 -120.28
CA PRO JA 114 86.82 67.11 -120.67
C PRO JA 114 87.83 66.76 -119.59
N VAL JA 115 88.22 65.48 -119.56
CA VAL JA 115 89.22 65.04 -118.60
C VAL JA 115 90.54 65.77 -118.84
N THR JA 116 90.92 65.90 -120.11
CA THR JA 116 92.14 66.61 -120.49
C THR JA 116 91.80 67.63 -121.57
N VAL JA 117 92.48 68.77 -121.53
CA VAL JA 117 92.28 69.85 -122.49
C VAL JA 117 93.41 69.80 -123.49
N ASN JA 118 93.09 69.48 -124.74
CA ASN JA 118 94.10 69.35 -125.78
C ASN JA 118 93.49 69.76 -127.12
N ALA JA 119 94.19 69.42 -128.20
CA ALA JA 119 93.78 69.91 -129.52
C ALA JA 119 92.41 69.39 -129.95
N ASP JA 120 92.12 68.11 -129.73
CA ASP JA 120 90.88 67.51 -130.21
C ASP JA 120 89.73 67.62 -129.23
N SER JA 121 89.96 68.12 -128.02
CA SER JA 121 88.85 68.35 -127.10
C SER JA 121 88.08 69.62 -127.46
N ALA JA 122 88.70 70.50 -128.25
CA ALA JA 122 88.03 71.73 -128.67
C ALA JA 122 87.13 71.51 -129.89
N LYS JA 123 87.10 70.31 -130.45
CA LYS JA 123 86.30 70.00 -131.63
C LYS JA 123 84.91 69.48 -131.28
N VAL JA 124 84.49 69.61 -130.03
CA VAL JA 124 83.20 69.07 -129.57
C VAL JA 124 82.39 70.21 -128.97
N GLN JA 125 81.08 70.08 -129.05
CA GLN JA 125 80.14 71.04 -128.47
C GLN JA 125 79.10 70.29 -127.65
N VAL JA 126 78.73 70.86 -126.52
CA VAL JA 126 77.79 70.23 -125.60
C VAL JA 126 76.66 71.21 -125.30
N THR JA 127 75.49 70.67 -124.97
CA THR JA 127 74.31 71.48 -124.70
C THR JA 127 73.38 70.73 -123.77
N VAL JA 128 72.57 71.48 -123.02
CA VAL JA 128 71.64 70.92 -122.05
C VAL JA 128 70.24 71.39 -122.40
N THR JA 129 69.30 70.46 -122.46
CA THR JA 129 67.92 70.75 -122.83
C THR JA 129 67.01 70.45 -121.64
N MET JA 130 66.13 71.41 -121.32
CA MET JA 130 65.23 71.30 -120.19
C MET JA 130 63.83 70.89 -120.65
N LYS JA 131 63.14 70.16 -119.80
CA LYS JA 131 61.73 69.85 -120.02
C LYS JA 131 60.87 70.90 -119.30
N GLY JA 132 59.57 70.65 -119.18
CA GLY JA 132 58.65 71.63 -118.63
C GLY JA 132 59.06 72.21 -117.29
N ALA JA 133 58.81 73.51 -117.10
CA ALA JA 133 59.20 74.19 -115.88
C ALA JA 133 58.20 73.91 -114.76
N THR JA 134 58.58 74.31 -113.55
CA THR JA 134 57.77 74.10 -112.36
C THR JA 134 57.52 75.40 -111.60
N ARG JA 135 57.58 76.54 -112.27
CA ARG JA 135 57.41 77.83 -111.60
C ARG JA 135 56.60 78.79 -112.46
N MET KA 1 62.18 31.22 -77.29
CA MET KA 1 63.46 30.51 -76.98
C MET KA 1 63.99 30.96 -75.62
N ASN KA 2 64.49 32.18 -75.55
CA ASN KA 2 64.97 32.77 -74.31
C ASN KA 2 64.39 34.16 -74.18
N PHE KA 3 64.34 34.65 -72.95
CA PHE KA 3 63.71 35.93 -72.64
C PHE KA 3 64.66 36.80 -71.83
N ASN KA 4 64.44 38.11 -71.94
CA ASN KA 4 65.18 39.09 -71.14
C ASN KA 4 64.44 39.32 -69.83
N VAL KA 5 64.51 38.30 -68.96
CA VAL KA 5 63.74 38.32 -67.72
C VAL KA 5 64.12 39.52 -66.86
N GLY KA 6 65.34 40.04 -67.02
CA GLY KA 6 65.78 41.16 -66.22
C GLY KA 6 65.02 42.45 -66.44
N VAL KA 7 64.18 42.53 -67.48
CA VAL KA 7 63.42 43.75 -67.72
C VAL KA 7 62.19 43.81 -66.83
N ASP KA 8 61.55 42.67 -66.59
CA ASP KA 8 60.31 42.63 -65.83
C ASP KA 8 60.52 42.26 -64.36
N PHE KA 9 61.58 41.51 -64.04
CA PHE KA 9 61.82 41.02 -62.69
C PHE KA 9 63.24 41.33 -62.26
N PRO KA 10 63.57 42.61 -62.09
CA PRO KA 10 64.92 42.96 -61.64
C PRO KA 10 65.18 42.47 -60.23
N SER KA 11 66.45 42.18 -59.94
CA SER KA 11 66.86 41.73 -58.62
C SER KA 11 68.08 42.54 -58.19
N PHE KA 12 68.21 42.74 -56.88
CA PHE KA 12 69.28 43.56 -56.33
C PHE KA 12 69.90 42.86 -55.13
N ILE KA 13 71.21 43.05 -54.96
CA ILE KA 13 71.91 42.47 -53.83
C ILE KA 13 71.46 43.15 -52.55
N ALA KA 14 71.22 42.37 -51.50
CA ALA KA 14 70.81 42.88 -50.21
C ALA KA 14 71.83 42.60 -49.12
N TRP KA 15 72.46 41.43 -49.13
CA TRP KA 15 73.47 41.06 -48.14
C TRP KA 15 74.49 40.17 -48.83
N ASP KA 16 75.63 40.75 -49.20
CA ASP KA 16 76.65 40.02 -49.95
C ASP KA 16 77.56 39.19 -49.05
N GLY KA 17 77.36 39.23 -47.74
CA GLY KA 17 78.17 38.49 -46.79
C GLY KA 17 78.97 39.35 -45.84
N THR KA 18 79.19 40.62 -46.17
CA THR KA 18 79.92 41.51 -45.27
C THR KA 18 79.28 42.88 -45.09
N THR KA 19 78.31 43.27 -45.93
CA THR KA 19 77.69 44.58 -45.83
C THR KA 19 76.21 44.47 -46.19
N SER KA 20 75.41 45.39 -45.67
CA SER KA 20 73.98 45.45 -45.95
C SER KA 20 73.68 46.64 -46.85
N PHE KA 21 72.88 46.40 -47.89
CA PHE KA 21 72.58 47.42 -48.88
C PHE KA 21 71.08 47.72 -48.87
N PRO KA 22 70.67 48.97 -48.64
CA PRO KA 22 69.25 49.30 -48.78
C PRO KA 22 68.78 49.11 -50.21
N VAL KA 23 67.54 48.67 -50.36
CA VAL KA 23 66.94 48.41 -51.67
C VAL KA 23 65.64 49.20 -51.75
N LYS KA 24 65.46 49.94 -52.84
CA LYS KA 24 64.26 50.74 -53.02
C LYS KA 24 63.15 49.89 -53.63
N ILE KA 25 62.10 49.62 -52.84
CA ILE KA 25 60.94 48.90 -53.33
C ILE KA 25 59.82 49.83 -53.77
N ASP KA 26 60.04 51.14 -53.75
CA ASP KA 26 58.97 52.08 -54.05
C ASP KA 26 58.45 51.92 -55.48
N GLY KA 27 59.36 51.75 -56.43
CA GLY KA 27 58.97 51.73 -57.83
C GLY KA 27 58.25 50.47 -58.27
N PHE KA 28 58.27 49.42 -57.45
CA PHE KA 28 57.64 48.15 -57.80
C PHE KA 28 56.59 47.81 -56.75
N ASN KA 29 55.57 47.07 -57.17
CA ASN KA 29 54.42 46.86 -56.32
C ASN KA 29 54.45 45.51 -55.58
N GLN KA 30 55.46 44.68 -55.80
CA GLN KA 30 55.61 43.44 -55.04
C GLN KA 30 57.08 43.04 -55.04
N PHE KA 31 57.45 42.21 -54.07
CA PHE KA 31 58.86 41.82 -53.91
C PHE KA 31 58.94 40.58 -53.03
N GLY KA 32 60.13 39.99 -52.99
CA GLY KA 32 60.40 38.82 -52.17
C GLY KA 32 61.87 38.71 -51.85
N PHE KA 33 62.20 37.70 -51.05
CA PHE KA 33 63.56 37.44 -50.62
C PHE KA 33 64.03 36.08 -51.10
N THR KA 34 65.34 35.93 -51.27
CA THR KA 34 65.95 34.67 -51.69
C THR KA 34 67.25 34.49 -50.92
N PHE KA 35 67.33 33.40 -50.16
CA PHE KA 35 68.50 33.10 -49.34
C PHE KA 35 69.25 31.92 -49.94
N LYS KA 36 70.58 32.02 -49.99
CA LYS KA 36 71.41 30.94 -50.47
C LYS KA 36 72.66 30.83 -49.60
N VAL KA 37 73.17 29.61 -49.49
CA VAL KA 37 74.35 29.32 -48.69
C VAL KA 37 75.52 29.05 -49.62
N ILE KA 38 76.73 29.39 -49.16
CA ILE KA 38 77.95 29.10 -49.92
C ILE KA 38 78.90 28.18 -49.17
N GLU KA 39 78.64 27.88 -47.91
CA GLU KA 39 79.46 26.95 -47.15
C GLU KA 39 78.64 26.42 -45.98
N GLU KA 40 79.02 25.24 -45.50
CA GLU KA 40 78.24 24.58 -44.47
C GLU KA 40 78.15 25.43 -43.21
N LEU KA 41 76.97 25.46 -42.61
CA LEU KA 41 76.73 26.21 -41.38
C LEU KA 41 77.01 25.35 -40.15
N THR KA 42 77.06 26.00 -39.00
CA THR KA 42 77.26 25.31 -37.73
C THR KA 42 76.25 25.72 -36.66
N ALA KA 43 75.61 26.88 -36.81
CA ALA KA 43 74.62 27.34 -35.85
C ALA KA 43 73.60 28.20 -36.58
N ASP KA 44 72.34 28.08 -36.16
CA ASP KA 44 71.27 28.81 -36.81
C ASP KA 44 71.57 30.31 -36.80
N VAL KA 45 71.38 30.95 -37.94
CA VAL KA 45 71.66 32.36 -38.13
C VAL KA 45 70.33 33.09 -38.24
N PRO KA 46 69.96 33.94 -37.28
CA PRO KA 46 68.72 34.72 -37.41
C PRO KA 46 68.98 36.06 -38.08
N PHE KA 47 68.00 36.50 -38.87
CA PHE KA 47 68.09 37.73 -39.65
C PHE KA 47 67.03 38.71 -39.19
N ASN KA 48 67.35 40.01 -39.30
CA ASN KA 48 66.45 41.09 -38.94
C ASN KA 48 66.02 41.83 -40.20
N ILE KA 49 64.73 42.12 -40.32
CA ILE KA 49 64.17 42.82 -41.46
C ILE KA 49 63.83 44.24 -41.04
N PHE KA 50 64.30 45.22 -41.80
CA PHE KA 50 64.11 46.63 -41.50
C PHE KA 50 63.39 47.32 -42.65
N TYR KA 51 63.00 48.57 -42.39
CA TYR KA 51 62.56 49.48 -43.44
C TYR KA 51 63.02 50.89 -43.08
N HIS KA 52 63.23 51.71 -44.10
CA HIS KA 52 63.75 53.05 -43.92
C HIS KA 52 62.81 54.07 -44.54
N GLU KA 53 62.62 55.18 -43.84
CA GLU KA 53 61.88 56.30 -44.39
C GLU KA 53 62.82 57.23 -45.16
N ALA KA 54 62.24 58.17 -45.90
CA ALA KA 54 63.04 59.12 -46.64
C ALA KA 54 63.82 60.02 -45.69
N SER KA 55 65.06 60.33 -46.07
CA SER KA 55 65.89 61.18 -45.25
C SER KA 55 65.38 62.62 -45.28
N GLU KA 56 65.56 63.31 -44.15
CA GLU KA 56 65.05 64.68 -44.03
C GLU KA 56 65.80 65.64 -44.93
N ALA KA 57 67.13 65.53 -44.99
CA ALA KA 57 67.95 66.48 -45.74
C ALA KA 57 67.86 66.29 -47.25
N ASP KA 58 67.67 65.05 -47.71
CA ASP KA 58 67.65 64.79 -49.15
C ASP KA 58 66.62 63.70 -49.45
N PRO KA 59 65.59 64.00 -50.25
CA PRO KA 59 64.52 63.00 -50.47
C PRO KA 59 64.97 61.73 -51.17
N CYS KA 60 66.12 61.72 -51.84
CA CYS KA 60 66.57 60.54 -52.57
C CYS KA 60 67.58 59.71 -51.80
N VAL KA 61 67.70 59.92 -50.49
CA VAL KA 61 68.60 59.13 -49.65
C VAL KA 61 67.78 58.48 -48.55
N PRO KA 62 68.03 57.22 -48.20
CA PRO KA 62 67.26 56.60 -47.12
C PRO KA 62 67.64 57.17 -45.75
N GLY KA 63 66.69 57.07 -44.83
CA GLY KA 63 66.89 57.56 -43.48
C GLY KA 63 67.38 56.47 -42.54
N PRO KA 64 67.14 56.64 -41.25
CA PRO KA 64 67.59 55.62 -40.29
C PRO KA 64 66.75 54.35 -40.37
N ALA KA 65 67.34 53.27 -39.87
CA ALA KA 65 66.70 51.96 -39.94
C ALA KA 65 65.59 51.84 -38.90
N ILE KA 66 64.48 51.24 -39.31
CA ILE KA 66 63.35 50.95 -38.43
C ILE KA 66 62.96 49.50 -38.64
N ARG KA 67 62.57 48.84 -37.56
CA ARG KA 67 62.34 47.40 -37.60
C ARG KA 67 60.87 47.09 -37.90
N VAL KA 68 60.67 46.16 -38.83
CA VAL KA 68 59.32 45.87 -39.35
C VAL KA 68 58.47 45.27 -38.24
N PRO KA 69 57.19 45.62 -38.12
CA PRO KA 69 56.31 44.97 -37.15
C PRO KA 69 55.69 43.69 -37.71
N ASP KA 70 55.01 42.97 -36.83
CA ASP KA 70 54.39 41.72 -37.19
C ASP KA 70 52.90 41.89 -37.46
N VAL KA 71 52.36 41.00 -38.28
CA VAL KA 71 50.93 40.99 -38.60
C VAL KA 71 50.43 39.55 -38.55
N PRO KA 72 49.71 39.13 -37.52
CA PRO KA 72 49.21 37.74 -37.47
C PRO KA 72 48.21 37.47 -38.57
N PHE KA 73 48.19 36.22 -39.03
CA PHE KA 73 47.28 35.79 -40.07
C PHE KA 73 45.92 35.44 -39.46
N CYS KA 74 45.06 34.76 -40.23
CA CYS KA 74 43.73 34.41 -39.77
C CYS KA 74 43.76 33.86 -38.35
N ASP KA 75 44.43 32.73 -38.16
CA ASP KA 75 44.60 32.13 -36.83
C ASP KA 75 46.07 31.81 -36.63
N GLY KA 76 46.60 32.23 -35.50
CA GLY KA 76 48.01 32.05 -35.19
C GLY KA 76 48.46 33.03 -34.14
N VAL KA 77 49.64 32.78 -33.60
CA VAL KA 77 50.19 33.61 -32.53
C VAL KA 77 51.09 34.67 -33.14
N ALA KA 78 51.17 35.81 -32.47
CA ALA KA 78 52.12 36.84 -32.83
C ALA KA 78 53.50 36.52 -32.26
N THR KA 79 54.52 37.16 -32.83
CA THR KA 79 55.87 36.97 -32.33
C THR KA 79 55.94 37.34 -30.85
N ALA KA 80 56.98 36.85 -30.18
CA ALA KA 80 57.11 37.12 -28.75
C ALA KA 80 57.19 38.61 -28.47
N ASP KA 81 57.99 39.34 -29.25
CA ASP KA 81 58.14 40.78 -29.10
C ASP KA 81 57.35 41.57 -30.13
N GLY KA 82 56.63 40.90 -31.04
CA GLY KA 82 55.80 41.57 -32.01
C GLY KA 82 56.49 42.00 -33.28
N LEU KA 83 57.77 41.70 -33.44
CA LEU KA 83 58.53 42.10 -34.62
C LEU KA 83 58.79 40.89 -35.51
N ALA KA 84 59.16 41.17 -36.76
CA ALA KA 84 59.37 40.14 -37.76
C ALA KA 84 60.81 39.65 -37.72
N THR KA 85 61.00 38.35 -37.94
CA THR KA 85 62.31 37.74 -37.90
C THR KA 85 62.31 36.52 -38.81
N VAL KA 86 63.50 36.13 -39.27
CA VAL KA 86 63.68 34.98 -40.14
C VAL KA 86 64.86 34.16 -39.62
N VAL KA 87 64.73 32.84 -39.65
CA VAL KA 87 65.74 31.92 -39.14
C VAL KA 87 66.08 30.90 -40.21
N ILE KA 88 67.37 30.71 -40.46
CA ILE KA 88 67.87 29.74 -41.42
C ILE KA 88 68.32 28.50 -40.65
N PRO KA 89 67.68 27.34 -40.82
CA PRO KA 89 68.01 26.18 -40.00
C PRO KA 89 69.31 25.52 -40.41
N GLU KA 90 69.69 24.49 -39.64
CA GLU KA 90 70.92 23.76 -39.90
C GLU KA 90 70.82 22.87 -41.13
N ALA KA 91 69.65 22.27 -41.35
CA ALA KA 91 69.49 21.24 -42.37
C ALA KA 91 69.71 21.75 -43.79
N VAL KA 92 69.73 23.06 -44.00
CA VAL KA 92 69.88 23.59 -45.35
C VAL KA 92 71.23 23.17 -45.91
N ALA KA 93 71.21 22.56 -47.09
CA ALA KA 93 72.42 22.13 -47.77
C ALA KA 93 72.96 23.26 -48.64
N VAL KA 94 74.22 23.10 -49.07
CA VAL KA 94 74.86 24.13 -49.87
C VAL KA 94 74.28 24.22 -51.28
N ASP KA 95 73.51 23.22 -51.69
CA ASP KA 95 72.98 23.15 -53.05
C ASP KA 95 71.53 23.60 -53.16
N SER KA 96 70.96 24.18 -52.11
CA SER KA 96 69.55 24.57 -52.10
C SER KA 96 69.39 26.01 -51.61
N PHE KA 97 68.22 26.57 -51.88
CA PHE KA 97 67.88 27.93 -51.51
C PHE KA 97 66.53 27.96 -50.82
N CYS KA 98 66.29 29.02 -50.06
CA CYS KA 98 65.04 29.23 -49.34
C CYS KA 98 64.47 30.61 -49.67
N ALA KA 99 63.16 30.70 -49.73
CA ALA KA 99 62.47 31.92 -50.11
C ALA KA 99 61.47 32.33 -49.04
N GLY KA 100 61.27 33.64 -48.88
CA GLY KA 100 60.32 34.17 -47.94
C GLY KA 100 59.88 35.56 -48.37
N SER KA 101 58.99 36.16 -47.59
CA SER KA 101 58.48 37.49 -47.89
C SER KA 101 57.83 38.08 -46.65
N VAL KA 102 57.32 39.29 -46.81
CA VAL KA 102 56.66 40.04 -45.74
C VAL KA 102 55.26 40.39 -46.20
N PRO KA 103 54.23 40.34 -45.35
CA PRO KA 103 52.87 40.60 -45.82
C PRO KA 103 52.54 42.07 -46.02
N CYS KA 104 53.32 42.99 -45.48
CA CYS KA 104 52.99 44.42 -45.54
C CYS KA 104 54.21 45.20 -46.00
N PHE KA 105 53.95 46.39 -46.53
CA PHE KA 105 55.00 47.18 -47.16
C PHE KA 105 55.71 48.10 -46.16
N ASN KA 106 54.96 48.99 -45.53
CA ASN KA 106 55.56 50.04 -44.70
C ASN KA 106 56.43 50.95 -45.56
N GLY KA 107 57.57 51.38 -45.04
CA GLY KA 107 58.37 52.39 -45.71
C GLY KA 107 58.73 52.06 -47.14
N PRO KA 108 59.30 53.04 -47.85
CA PRO KA 108 59.63 52.82 -49.27
C PRO KA 108 60.90 52.04 -49.49
N TRP KA 109 61.86 52.10 -48.58
CA TRP KA 109 63.08 51.32 -48.65
C TRP KA 109 62.96 50.09 -47.76
N ILE KA 110 63.72 49.06 -48.08
CA ILE KA 110 63.79 47.85 -47.27
C ILE KA 110 65.24 47.47 -47.08
N SER KA 111 65.48 46.64 -46.07
CA SER KA 111 66.82 46.22 -45.73
C SER KA 111 66.76 44.91 -44.96
N ILE KA 112 67.92 44.31 -44.76
CA ILE KA 112 68.04 43.06 -44.00
C ILE KA 112 69.48 42.94 -43.53
N ALA KA 113 69.65 42.39 -42.32
CA ALA KA 113 70.96 42.20 -41.75
C ALA KA 113 70.89 41.10 -40.72
N PRO KA 114 72.00 40.42 -40.44
CA PRO KA 114 72.00 39.40 -39.39
C PRO KA 114 72.00 40.02 -38.01
N VAL KA 115 71.51 39.23 -37.04
CA VAL KA 115 71.52 39.70 -35.66
C VAL KA 115 72.95 39.86 -35.16
N THR KA 116 73.85 38.98 -35.58
CA THR KA 116 75.25 39.04 -35.19
C THR KA 116 76.12 38.84 -36.42
N VAL KA 117 77.34 39.35 -36.34
CA VAL KA 117 78.32 39.23 -37.42
C VAL KA 117 79.42 38.30 -36.92
N ASN KA 118 79.59 37.18 -37.61
CA ASN KA 118 80.57 36.18 -37.21
C ASN KA 118 80.83 35.27 -38.41
N ALA KA 119 81.56 34.17 -38.14
CA ALA KA 119 81.92 33.26 -39.22
C ALA KA 119 80.69 32.63 -39.87
N ASP KA 120 79.71 32.21 -39.07
CA ASP KA 120 78.51 31.59 -39.62
C ASP KA 120 77.73 32.57 -40.49
N SER KA 121 77.63 33.82 -40.04
CA SER KA 121 76.83 34.81 -40.76
C SER KA 121 77.39 35.10 -42.15
N ALA KA 122 78.72 35.14 -42.28
CA ALA KA 122 79.33 35.54 -43.54
C ALA KA 122 79.10 34.53 -44.66
N LYS KA 123 78.60 33.34 -44.34
CA LYS KA 123 78.44 32.27 -45.32
C LYS KA 123 77.10 32.31 -46.04
N VAL KA 124 76.28 33.33 -45.82
CA VAL KA 124 74.94 33.41 -46.40
C VAL KA 124 74.88 34.57 -47.37
N GLN KA 125 74.00 34.46 -48.36
CA GLN KA 125 73.77 35.51 -49.35
C GLN KA 125 72.27 35.73 -49.48
N VAL KA 126 71.85 36.99 -49.60
CA VAL KA 126 70.45 37.37 -49.69
C VAL KA 126 70.27 38.29 -50.88
N THR KA 127 69.15 38.13 -51.59
CA THR KA 127 68.85 38.95 -52.76
C THR KA 127 67.35 39.21 -52.78
N VAL KA 128 66.97 40.35 -53.37
CA VAL KA 128 65.57 40.80 -53.39
C VAL KA 128 65.11 40.86 -54.84
N THR KA 129 63.97 40.25 -55.12
CA THR KA 129 63.41 40.18 -56.47
C THR KA 129 62.14 41.01 -56.54
N MET KA 130 62.06 41.91 -57.50
CA MET KA 130 60.89 42.76 -57.71
C MET KA 130 60.00 42.17 -58.81
N LYS KA 131 58.70 42.42 -58.69
CA LYS KA 131 57.75 42.06 -59.74
C LYS KA 131 57.52 43.25 -60.64
N GLY KA 132 56.49 43.20 -61.49
CA GLY KA 132 56.22 44.23 -62.46
C GLY KA 132 56.28 45.64 -61.91
N ALA KA 133 56.70 46.59 -62.76
CA ALA KA 133 56.86 47.96 -62.34
C ALA KA 133 55.53 48.71 -62.42
N THR KA 134 55.55 49.99 -62.02
CA THR KA 134 54.36 50.81 -62.05
C THR KA 134 54.66 52.23 -62.53
N ARG KA 135 55.79 52.45 -63.18
CA ARG KA 135 56.15 53.79 -63.68
C ARG KA 135 56.48 53.73 -65.16
N MET LA 1 31.15 11.50 -22.33
CA MET LA 1 32.59 11.12 -22.22
C MET LA 1 32.89 10.56 -20.84
N ASN LA 2 32.68 11.38 -19.82
CA ASN LA 2 32.91 10.98 -18.43
C ASN LA 2 31.75 11.46 -17.58
N PHE LA 3 31.50 10.75 -16.48
CA PHE LA 3 30.35 10.99 -15.64
C PHE LA 3 30.80 11.30 -14.22
N ASN LA 4 29.88 11.89 -13.45
CA ASN LA 4 30.10 12.14 -12.02
C ASN LA 4 29.63 10.94 -11.20
N VAL LA 5 30.37 9.83 -11.33
CA VAL LA 5 29.97 8.58 -10.71
C VAL LA 5 29.89 8.65 -9.19
N GLY LA 6 30.37 9.74 -8.59
CA GLY LA 6 30.22 9.91 -7.15
C GLY LA 6 28.82 10.30 -6.72
N VAL LA 7 27.92 10.57 -7.67
CA VAL LA 7 26.56 10.94 -7.32
C VAL LA 7 25.73 9.70 -7.01
N ASP LA 8 25.89 8.65 -7.82
CA ASP LA 8 25.08 7.44 -7.67
C ASP LA 8 25.75 6.38 -6.82
N PHE LA 9 27.08 6.31 -6.84
CA PHE LA 9 27.84 5.26 -6.17
C PHE LA 9 28.90 5.88 -5.25
N PRO LA 10 28.49 6.59 -4.21
CA PRO LA 10 29.47 7.15 -3.29
C PRO LA 10 30.18 6.06 -2.50
N SER LA 11 31.40 6.37 -2.07
CA SER LA 11 32.21 5.44 -1.30
C SER LA 11 32.81 6.18 -0.11
N PHE LA 12 33.08 5.44 0.96
CA PHE LA 12 33.55 6.02 2.20
C PHE LA 12 34.68 5.17 2.77
N ILE LA 13 35.59 5.82 3.49
CA ILE LA 13 36.70 5.11 4.13
C ILE LA 13 36.18 4.37 5.35
N ALA LA 14 36.52 3.09 5.46
CA ALA LA 14 36.12 2.26 6.59
C ALA LA 14 37.25 1.96 7.55
N TRP LA 15 38.47 1.81 7.04
CA TRP LA 15 39.62 1.52 7.89
C TRP LA 15 40.88 1.90 7.11
N ASP LA 16 41.61 2.89 7.62
CA ASP LA 16 42.80 3.41 6.94
C ASP LA 16 44.09 2.89 7.56
N GLY LA 17 44.04 1.79 8.29
CA GLY LA 17 45.22 1.22 8.90
C GLY LA 17 45.54 1.74 10.28
N THR LA 18 44.85 2.78 10.75
CA THR LA 18 45.13 3.34 12.06
C THR LA 18 43.86 3.47 12.90
N THR LA 19 42.73 3.77 12.27
CA THR LA 19 41.48 3.98 13.00
C THR LA 19 40.32 3.48 12.16
N SER LA 20 39.21 3.19 12.84
CA SER LA 20 38.00 2.71 12.19
C SER LA 20 36.90 3.75 12.28
N PHE LA 21 36.19 3.94 11.17
CA PHE LA 21 35.14 4.92 11.06
C PHE LA 21 33.82 4.25 10.74
N PRO LA 22 32.80 4.40 11.59
CA PRO LA 22 31.48 3.84 11.23
C PRO LA 22 30.97 4.45 9.93
N VAL LA 23 30.33 3.62 9.11
CA VAL LA 23 29.83 4.03 7.81
C VAL LA 23 28.32 3.84 7.80
N LYS LA 24 27.59 4.94 7.61
CA LYS LA 24 26.13 4.90 7.63
C LYS LA 24 25.62 4.29 6.33
N ILE LA 25 24.65 3.38 6.43
CA ILE LA 25 24.08 2.69 5.29
C ILE LA 25 22.57 2.71 5.28
N ASP LA 26 21.93 3.59 6.06
CA ASP LA 26 20.48 3.57 6.16
C ASP LA 26 19.82 3.92 4.84
N GLY LA 27 20.36 4.89 4.12
CA GLY LA 27 19.73 5.40 2.92
C GLY LA 27 20.11 4.74 1.63
N PHE LA 28 20.80 3.60 1.66
CA PHE LA 28 21.27 2.94 0.46
C PHE LA 28 20.81 1.48 0.44
N ASN LA 29 20.46 0.99 -0.75
CA ASN LA 29 19.94 -0.37 -0.86
C ASN LA 29 21.03 -1.41 -0.61
N GLN LA 30 22.18 -1.26 -1.26
CA GLN LA 30 23.24 -2.27 -1.20
C GLN LA 30 24.55 -1.61 -0.80
N PHE LA 31 25.53 -2.45 -0.48
CA PHE LA 31 26.85 -1.99 -0.11
C PHE LA 31 27.85 -3.14 -0.26
N GLY LA 32 29.13 -2.79 -0.29
CA GLY LA 32 30.17 -3.78 -0.43
C GLY LA 32 31.52 -3.18 -0.08
N PHE LA 33 32.46 -4.06 0.26
CA PHE LA 33 33.78 -3.64 0.67
C PHE LA 33 34.76 -3.67 -0.50
N THR LA 34 35.97 -3.18 -0.25
CA THR LA 34 37.04 -3.20 -1.23
C THR LA 34 38.37 -3.14 -0.51
N PHE LA 35 39.15 -4.22 -0.58
CA PHE LA 35 40.40 -4.34 0.14
C PHE LA 35 41.57 -4.10 -0.81
N LYS LA 36 42.51 -3.26 -0.38
CA LYS LA 36 43.74 -3.02 -1.12
C LYS LA 36 44.92 -3.04 -0.17
N VAL LA 37 46.06 -3.46 -0.69
CA VAL LA 37 47.31 -3.53 0.09
C VAL LA 37 48.28 -2.51 -0.47
N ILE LA 38 49.14 -1.98 0.39
CA ILE LA 38 50.13 -1.00 -0.02
C ILE LA 38 51.56 -1.52 0.11
N GLU LA 39 51.77 -2.70 0.69
CA GLU LA 39 53.10 -3.26 0.79
C GLU LA 39 52.98 -4.76 1.03
N GLU LA 40 54.05 -5.48 0.73
CA GLU LA 40 54.03 -6.93 0.86
C GLU LA 40 53.75 -7.34 2.31
N LEU LA 41 52.83 -8.27 2.49
CA LEU LA 41 52.45 -8.71 3.81
C LEU LA 41 53.46 -9.73 4.36
N THR LA 42 53.40 -9.94 5.68
CA THR LA 42 54.25 -10.93 6.33
C THR LA 42 53.48 -12.19 6.70
N ALA LA 43 52.23 -12.06 7.11
CA ALA LA 43 51.41 -13.20 7.49
C ALA LA 43 49.94 -12.82 7.33
N ASP LA 44 49.08 -13.83 7.39
CA ASP LA 44 47.65 -13.60 7.20
C ASP LA 44 47.13 -12.63 8.26
N VAL LA 45 46.17 -11.82 7.86
CA VAL LA 45 45.55 -10.82 8.72
C VAL LA 45 44.05 -11.02 8.68
N PRO LA 46 43.39 -11.33 9.82
CA PRO LA 46 41.93 -11.43 9.82
C PRO LA 46 41.24 -10.14 10.21
N PHE LA 47 39.97 -9.99 9.84
CA PHE LA 47 39.21 -8.78 10.11
C PHE LA 47 37.86 -9.13 10.70
N ASN LA 48 37.37 -8.26 11.59
CA ASN LA 48 36.06 -8.44 12.21
C ASN LA 48 35.06 -7.44 11.62
N ILE LA 49 33.80 -7.84 11.57
CA ILE LA 49 32.73 -7.00 11.05
C ILE LA 49 31.78 -6.66 12.20
N PHE LA 50 31.57 -5.36 12.42
CA PHE LA 50 30.68 -4.88 13.47
C PHE LA 50 29.56 -4.07 12.85
N TYR LA 51 28.52 -3.83 13.65
CA TYR LA 51 27.46 -2.90 13.31
C TYR LA 51 27.10 -2.09 14.55
N HIS LA 52 26.20 -1.12 14.37
CA HIS LA 52 25.83 -0.22 15.45
C HIS LA 52 24.33 0.07 15.37
N GLU LA 53 23.84 0.79 16.37
CA GLU LA 53 22.45 1.25 16.39
C GLU LA 53 22.40 2.69 16.90
N ALA LA 54 21.33 3.38 16.53
CA ALA LA 54 21.20 4.79 16.88
C ALA LA 54 21.27 4.97 18.39
N SER LA 55 22.12 5.89 18.84
CA SER LA 55 22.26 6.15 20.26
C SER LA 55 20.98 6.76 20.82
N GLU LA 56 20.70 6.45 22.08
CA GLU LA 56 19.49 6.96 22.72
C GLU LA 56 19.53 8.48 22.83
N ALA LA 57 20.67 9.04 23.22
CA ALA LA 57 20.77 10.48 23.41
C ALA LA 57 20.54 11.25 22.12
N ASP LA 58 21.11 10.76 21.01
CA ASP LA 58 21.04 11.47 19.75
C ASP LA 58 20.90 10.48 18.59
N PRO LA 59 19.81 10.52 17.82
CA PRO LA 59 19.68 9.58 16.69
C PRO LA 59 20.67 9.83 15.57
N CYS LA 60 21.44 10.92 15.61
CA CYS LA 60 22.41 11.20 14.58
C CYS LA 60 23.74 10.49 14.80
N VAL LA 61 23.98 9.97 16.00
CA VAL LA 61 25.26 9.39 16.38
C VAL LA 61 25.04 7.91 16.67
N PRO LA 62 25.89 7.01 16.18
CA PRO LA 62 25.67 5.58 16.42
C PRO LA 62 26.00 5.18 17.84
N GLY LA 63 25.50 4.00 18.23
CA GLY LA 63 25.75 3.45 19.54
C GLY LA 63 26.98 2.57 19.56
N PRO LA 64 27.08 1.69 20.55
CA PRO LA 64 28.26 0.83 20.66
C PRO LA 64 28.26 -0.27 19.60
N ALA LA 65 29.45 -0.82 19.35
CA ALA LA 65 29.62 -1.83 18.33
C ALA LA 65 29.02 -3.16 18.76
N ILE LA 66 28.53 -3.92 17.79
CA ILE LA 66 27.97 -5.25 18.01
C ILE LA 66 28.51 -6.19 16.95
N ARG LA 67 28.82 -7.42 17.34
CA ARG LA 67 29.40 -8.39 16.43
C ARG LA 67 28.32 -8.93 15.50
N VAL LA 68 28.61 -8.93 14.20
CA VAL LA 68 27.63 -9.39 13.21
C VAL LA 68 27.52 -10.90 13.28
N PRO LA 69 26.34 -11.49 13.10
CA PRO LA 69 26.24 -12.95 13.07
C PRO LA 69 26.51 -13.52 11.69
N ASP LA 70 26.52 -14.85 11.62
CA ASP LA 70 26.79 -15.56 10.38
C ASP LA 70 25.49 -16.07 9.77
N VAL LA 71 25.56 -16.44 8.49
CA VAL LA 71 24.40 -16.96 7.77
C VAL LA 71 24.85 -18.03 6.78
N PRO LA 72 24.63 -19.31 7.06
CA PRO LA 72 25.00 -20.35 6.10
C PRO LA 72 24.18 -20.24 4.82
N PHE LA 73 24.79 -20.64 3.71
CA PHE LA 73 24.16 -20.60 2.41
C PHE LA 73 23.43 -21.91 2.13
N CYS LA 74 23.02 -22.13 0.89
CA CYS LA 74 22.30 -23.35 0.51
C CYS LA 74 22.89 -24.58 1.17
N ASP LA 75 24.17 -24.83 0.95
CA ASP LA 75 24.91 -25.82 1.70
C ASP LA 75 26.33 -25.33 1.91
N GLY LA 76 26.76 -25.28 3.15
CA GLY LA 76 28.05 -24.73 3.48
C GLY LA 76 28.36 -24.91 4.95
N VAL LA 77 29.51 -24.36 5.33
CA VAL LA 77 30.06 -24.53 6.67
C VAL LA 77 29.90 -23.22 7.42
N ALA LA 78 29.32 -23.30 8.62
CA ALA LA 78 29.22 -22.14 9.49
C ALA LA 78 30.52 -21.96 10.26
N THR LA 79 30.77 -20.71 10.67
CA THR LA 79 31.97 -20.41 11.43
C THR LA 79 31.96 -21.18 12.75
N ALA LA 80 33.15 -21.35 13.33
CA ALA LA 80 33.28 -22.08 14.58
C ALA LA 80 32.45 -21.45 15.70
N ASP LA 81 32.29 -20.12 15.69
CA ASP LA 81 31.50 -19.42 16.69
C ASP LA 81 30.28 -18.73 16.10
N GLY LA 82 30.01 -18.92 14.81
CA GLY LA 82 28.81 -18.40 14.20
C GLY LA 82 28.82 -16.92 13.89
N LEU LA 83 29.97 -16.25 13.98
CA LEU LA 83 30.08 -14.82 13.73
C LEU LA 83 30.92 -14.57 12.49
N ALA LA 84 30.47 -13.64 11.66
CA ALA LA 84 31.12 -13.39 10.38
C ALA LA 84 32.53 -12.86 10.58
N THR LA 85 33.41 -13.24 9.65
CA THR LA 85 34.79 -12.79 9.67
C THR LA 85 35.36 -12.86 8.26
N VAL LA 86 36.46 -12.14 8.05
CA VAL LA 86 37.13 -12.07 6.75
C VAL LA 86 38.63 -12.20 6.97
N VAL LA 87 39.30 -12.94 6.09
CA VAL LA 87 40.74 -13.14 6.17
C VAL LA 87 41.34 -12.85 4.79
N ILE LA 88 42.43 -12.09 4.78
CA ILE LA 88 43.10 -11.70 3.55
C ILE LA 88 44.32 -12.61 3.37
N PRO LA 89 44.40 -13.36 2.28
CA PRO LA 89 45.56 -14.24 2.10
C PRO LA 89 46.85 -13.44 1.98
N GLU LA 90 47.93 -14.03 2.49
CA GLU LA 90 49.21 -13.35 2.49
C GLU LA 90 49.85 -13.27 1.12
N ALA LA 91 49.29 -13.99 0.14
CA ALA LA 91 49.85 -14.03 -1.20
C ALA LA 91 49.32 -12.91 -2.10
N VAL LA 92 48.54 -11.97 -1.56
CA VAL LA 92 47.95 -10.92 -2.37
C VAL LA 92 49.06 -10.01 -2.88
N ALA LA 93 49.05 -9.73 -4.18
CA ALA LA 93 50.02 -8.83 -4.77
C ALA LA 93 49.61 -7.38 -4.54
N VAL LA 94 50.60 -6.49 -4.53
CA VAL LA 94 50.36 -5.08 -4.26
C VAL LA 94 49.54 -4.43 -5.36
N ASP LA 95 49.46 -5.05 -6.53
CA ASP LA 95 48.80 -4.45 -7.69
C ASP LA 95 47.42 -5.03 -7.97
N SER LA 96 46.74 -5.54 -6.94
CA SER LA 96 45.39 -6.09 -7.13
C SER LA 96 44.50 -5.60 -6.01
N PHE LA 97 43.25 -6.07 -6.02
CA PHE LA 97 42.26 -5.70 -5.02
C PHE LA 97 41.26 -6.84 -4.85
N CYS LA 98 40.55 -6.82 -3.73
CA CYS LA 98 39.57 -7.85 -3.41
C CYS LA 98 38.27 -7.19 -2.98
N ALA LA 99 37.15 -7.86 -3.29
CA ALA LA 99 35.82 -7.32 -3.02
C ALA LA 99 34.97 -8.38 -2.33
N GLY LA 100 34.29 -7.97 -1.26
CA GLY LA 100 33.41 -8.87 -0.54
C GLY LA 100 32.31 -8.09 0.14
N SER LA 101 31.27 -8.81 0.56
CA SER LA 101 30.10 -8.18 1.15
C SER LA 101 29.42 -9.14 2.11
N VAL LA 102 28.48 -8.61 2.86
CA VAL LA 102 27.76 -9.37 3.89
C VAL LA 102 26.29 -9.46 3.50
N PRO LA 103 25.69 -10.66 3.47
CA PRO LA 103 24.28 -10.75 3.06
C PRO LA 103 23.32 -9.98 3.95
N CYS LA 104 23.60 -9.89 5.26
CA CYS LA 104 22.67 -9.30 6.21
C CYS LA 104 22.92 -7.80 6.36
N PHE LA 105 21.88 -7.09 6.79
CA PHE LA 105 21.95 -5.65 6.98
C PHE LA 105 22.12 -5.27 8.46
N ASN LA 106 21.18 -5.70 9.30
CA ASN LA 106 21.18 -5.31 10.71
C ASN LA 106 21.11 -3.79 10.84
N GLY LA 107 21.70 -3.24 11.90
CA GLY LA 107 21.58 -1.83 12.20
C GLY LA 107 21.95 -0.93 11.04
N PRO LA 108 21.58 0.35 11.13
CA PRO LA 108 21.84 1.29 10.02
C PRO LA 108 23.30 1.69 9.87
N TRP LA 109 24.17 1.38 10.83
CA TRP LA 109 25.60 1.63 10.71
C TRP LA 109 26.34 0.31 10.59
N ILE LA 110 27.53 0.36 9.99
CA ILE LA 110 28.40 -0.79 9.87
C ILE LA 110 29.84 -0.33 10.10
N SER LA 111 30.69 -1.27 10.46
CA SER LA 111 32.09 -0.97 10.73
C SER LA 111 32.92 -2.23 10.52
N ILE LA 112 34.24 -2.03 10.42
CA ILE LA 112 35.19 -3.11 10.25
C ILE LA 112 36.47 -2.74 10.99
N ALA LA 113 37.15 -3.75 11.53
CA ALA LA 113 38.37 -3.52 12.29
C ALA LA 113 39.16 -4.82 12.34
N PRO LA 114 40.48 -4.74 12.42
CA PRO LA 114 41.28 -5.96 12.51
C PRO LA 114 41.14 -6.63 13.87
N VAL LA 115 41.41 -7.94 13.90
CA VAL LA 115 41.40 -8.65 15.17
C VAL LA 115 42.49 -8.14 16.09
N THR LA 116 43.68 -7.88 15.55
CA THR LA 116 44.77 -7.34 16.33
C THR LA 116 45.49 -6.28 15.51
N VAL LA 117 45.86 -5.19 16.17
CA VAL LA 117 46.54 -4.07 15.52
C VAL LA 117 48.04 -4.27 15.68
N ASN LA 118 48.74 -4.30 14.55
CA ASN LA 118 50.19 -4.46 14.55
C ASN LA 118 50.73 -3.91 13.24
N ALA LA 119 52.05 -3.98 13.09
CA ALA LA 119 52.68 -3.47 11.87
C ALA LA 119 52.12 -4.14 10.62
N ASP LA 120 51.66 -5.38 10.72
CA ASP LA 120 51.11 -6.06 9.57
C ASP LA 120 49.78 -5.46 9.13
N SER LA 121 48.91 -5.13 10.09
CA SER LA 121 47.58 -4.61 9.75
C SER LA 121 47.66 -3.20 9.21
N ALA LA 122 48.77 -2.50 9.41
CA ALA LA 122 48.90 -1.12 8.93
C ALA LA 122 49.05 -1.06 7.42
N LYS LA 123 49.22 -2.19 6.74
CA LYS LA 123 49.45 -2.20 5.31
C LYS LA 123 48.18 -2.41 4.49
N VAL LA 124 47.01 -2.45 5.13
CA VAL LA 124 45.76 -2.74 4.44
C VAL LA 124 44.87 -1.50 4.47
N GLN LA 125 44.01 -1.38 3.46
CA GLN LA 125 43.07 -0.28 3.33
C GLN LA 125 41.72 -0.84 2.93
N VAL LA 126 40.67 -0.42 3.63
CA VAL LA 126 39.31 -0.91 3.40
C VAL LA 126 38.42 0.27 3.08
N THR LA 127 37.59 0.13 2.04
CA THR LA 127 36.67 1.17 1.62
C THR LA 127 35.30 0.55 1.37
N VAL LA 128 34.25 1.31 1.67
CA VAL LA 128 32.88 0.84 1.53
C VAL LA 128 32.20 1.62 0.42
N THR LA 129 31.35 0.93 -0.34
CA THR LA 129 30.65 1.51 -1.48
C THR LA 129 29.15 1.34 -1.31
N MET LA 130 28.37 2.15 -2.02
CA MET LA 130 26.92 2.09 -2.00
C MET LA 130 26.40 2.01 -3.43
N LYS LA 131 25.14 1.58 -3.57
CA LYS LA 131 24.61 1.28 -4.89
C LYS LA 131 23.48 2.24 -5.29
N GLY LA 132 22.44 2.35 -4.48
CA GLY LA 132 21.30 3.16 -4.86
C GLY LA 132 20.61 3.84 -3.70
N ALA LA 133 20.43 5.16 -3.80
CA ALA LA 133 19.78 5.92 -2.76
C ALA LA 133 18.28 5.69 -2.79
N THR LA 134 17.64 5.94 -1.64
CA THR LA 134 16.20 5.78 -1.50
C THR LA 134 15.55 6.99 -0.84
N ARG LA 135 16.18 8.15 -0.87
CA ARG LA 135 15.62 9.36 -0.29
C ARG LA 135 16.07 10.60 -1.04
N MET MA 1 30.35 -50.99 0.77
CA MET MA 1 31.71 -50.57 0.32
C MET MA 1 32.72 -51.71 0.52
N ASN MA 2 32.47 -52.57 1.50
CA ASN MA 2 33.41 -53.63 1.83
C ASN MA 2 33.36 -54.75 0.79
N PHE MA 3 34.54 -55.28 0.47
CA PHE MA 3 34.69 -56.44 -0.40
C PHE MA 3 35.57 -57.50 0.27
N ASN MA 4 35.37 -57.72 1.57
CA ASN MA 4 36.30 -58.51 2.36
C ASN MA 4 36.45 -59.92 1.78
N VAL MA 5 37.70 -60.37 1.67
CA VAL MA 5 37.98 -61.72 1.19
C VAL MA 5 38.55 -62.61 2.29
N GLY MA 6 38.94 -62.04 3.43
CA GLY MA 6 39.45 -62.84 4.53
C GLY MA 6 38.45 -63.84 5.07
N VAL MA 7 37.17 -63.67 4.78
CA VAL MA 7 36.18 -64.63 5.26
C VAL MA 7 36.15 -65.87 4.38
N ASP MA 8 36.52 -65.74 3.11
CA ASP MA 8 36.45 -66.86 2.18
C ASP MA 8 37.82 -67.48 1.88
N PHE MA 9 38.89 -66.71 1.94
CA PHE MA 9 40.23 -67.19 1.60
C PHE MA 9 41.24 -66.75 2.66
N PRO MA 10 41.17 -67.34 3.85
CA PRO MA 10 42.09 -66.96 4.91
C PRO MA 10 43.53 -67.34 4.57
N SER MA 11 44.46 -66.70 5.28
CA SER MA 11 45.88 -66.91 5.07
C SER MA 11 46.58 -67.04 6.41
N PHE MA 12 47.64 -67.85 6.46
CA PHE MA 12 48.39 -68.06 7.70
C PHE MA 12 49.87 -68.12 7.40
N ILE MA 13 50.69 -67.69 8.36
CA ILE MA 13 52.14 -67.72 8.21
C ILE MA 13 52.65 -69.12 8.48
N ALA MA 14 53.49 -69.64 7.58
CA ALA MA 14 54.10 -70.95 7.73
C ALA MA 14 55.60 -70.91 7.98
N TRP MA 15 56.30 -69.90 7.46
CA TRP MA 15 57.72 -69.71 7.72
C TRP MA 15 58.04 -68.24 7.56
N ASP MA 16 58.83 -67.70 8.49
CA ASP MA 16 59.15 -66.27 8.49
C ASP MA 16 60.64 -66.01 8.67
N GLY MA 17 61.49 -67.01 8.45
CA GLY MA 17 62.93 -66.84 8.55
C GLY MA 17 63.51 -67.18 9.91
N THR MA 18 62.68 -67.36 10.93
CA THR MA 18 63.18 -67.70 12.26
C THR MA 18 62.49 -68.93 12.82
N THR MA 19 61.20 -69.09 12.54
CA THR MA 19 60.42 -70.17 13.10
C THR MA 19 59.42 -70.69 12.08
N SER MA 20 59.09 -71.98 12.18
CA SER MA 20 58.08 -72.61 11.36
C SER MA 20 56.83 -72.84 12.20
N PHE MA 21 55.68 -72.43 11.68
CA PHE MA 21 54.42 -72.53 12.41
C PHE MA 21 53.55 -73.60 11.78
N PRO MA 22 53.19 -74.66 12.49
CA PRO MA 22 52.23 -75.63 11.92
C PRO MA 22 50.92 -74.95 11.57
N VAL MA 23 50.33 -75.35 10.45
CA VAL MA 23 49.09 -74.80 9.95
C VAL MA 23 48.05 -75.91 9.90
N LYS MA 24 46.78 -75.54 10.05
CA LYS MA 24 45.70 -76.50 10.11
C LYS MA 24 44.89 -76.46 8.83
N ILE MA 25 44.74 -77.61 8.17
CA ILE MA 25 43.98 -77.73 6.94
C ILE MA 25 42.78 -78.64 7.09
N ASP MA 26 42.43 -79.04 8.32
CA ASP MA 26 41.33 -79.98 8.50
C ASP MA 26 40.01 -79.41 8.03
N GLY MA 27 39.74 -78.14 8.34
CA GLY MA 27 38.46 -77.54 8.02
C GLY MA 27 38.32 -77.07 6.59
N PHE MA 28 39.38 -77.18 5.79
CA PHE MA 28 39.38 -76.69 4.41
C PHE MA 28 39.68 -77.84 3.46
N ASN MA 29 39.23 -77.69 2.22
CA ASN MA 29 39.36 -78.74 1.21
C ASN MA 29 40.30 -78.39 0.07
N GLN MA 30 40.91 -77.20 0.09
CA GLN MA 30 41.96 -76.85 -0.86
C GLN MA 30 42.92 -75.89 -0.18
N PHE MA 31 44.13 -75.81 -0.71
CA PHE MA 31 45.12 -74.90 -0.17
C PHE MA 31 46.33 -74.87 -1.09
N GLY MA 32 47.22 -73.91 -0.82
CA GLY MA 32 48.43 -73.76 -1.61
C GLY MA 32 49.41 -72.86 -0.89
N PHE MA 33 50.67 -72.95 -1.31
CA PHE MA 33 51.73 -72.17 -0.70
C PHE MA 33 51.95 -70.86 -1.46
N THR MA 34 52.90 -70.06 -0.98
CA THR MA 34 53.28 -68.82 -1.64
C THR MA 34 54.63 -68.40 -1.11
N PHE MA 35 55.60 -68.23 -2.01
CA PHE MA 35 56.98 -67.92 -1.65
C PHE MA 35 57.31 -66.52 -2.09
N LYS MA 36 57.98 -65.75 -1.23
CA LYS MA 36 58.51 -64.44 -1.57
C LYS MA 36 59.86 -64.25 -0.90
N VAL MA 37 60.77 -63.60 -1.61
CA VAL MA 37 62.11 -63.32 -1.11
C VAL MA 37 62.24 -61.82 -0.93
N ILE MA 38 62.97 -61.43 0.12
CA ILE MA 38 63.09 -60.02 0.50
C ILE MA 38 64.49 -59.47 0.28
N GLU MA 39 65.42 -60.26 -0.24
CA GLU MA 39 66.75 -59.78 -0.54
C GLU MA 39 67.43 -60.81 -1.43
N GLU MA 40 68.47 -60.36 -2.14
CA GLU MA 40 69.18 -61.24 -3.05
C GLU MA 40 69.77 -62.43 -2.31
N LEU MA 41 69.63 -63.61 -2.91
CA LEU MA 41 70.14 -64.84 -2.32
C LEU MA 41 71.57 -65.10 -2.77
N THR MA 42 72.22 -66.06 -2.10
CA THR MA 42 73.54 -66.51 -2.49
C THR MA 42 73.51 -67.80 -3.29
N ALA MA 43 72.43 -68.58 -3.15
CA ALA MA 43 72.27 -69.83 -3.88
C ALA MA 43 70.87 -70.36 -3.62
N ASP MA 44 70.50 -71.41 -4.35
CA ASP MA 44 69.18 -71.99 -4.18
C ASP MA 44 69.02 -72.50 -2.75
N VAL MA 45 67.81 -72.38 -2.24
CA VAL MA 45 67.47 -72.75 -0.87
C VAL MA 45 66.37 -73.80 -0.91
N PRO MA 46 66.64 -75.06 -0.57
CA PRO MA 46 65.59 -76.08 -0.59
C PRO MA 46 64.81 -76.16 0.71
N PHE MA 47 63.56 -76.58 0.59
CA PHE MA 47 62.65 -76.68 1.72
C PHE MA 47 62.11 -78.10 1.84
N ASN MA 48 61.89 -78.55 3.08
CA ASN MA 48 61.33 -79.86 3.36
C ASN MA 48 59.90 -79.71 3.84
N ILE MA 49 58.99 -80.48 3.25
CA ILE MA 49 57.57 -80.42 3.59
C ILE MA 49 57.26 -81.51 4.60
N PHE MA 50 56.58 -81.14 5.68
CA PHE MA 50 56.18 -82.07 6.72
C PHE MA 50 54.68 -81.98 6.94
N TYR MA 51 54.12 -83.05 7.50
CA TYR MA 51 52.76 -83.04 8.03
C TYR MA 51 52.75 -83.66 9.42
N HIS MA 52 51.84 -83.17 10.26
CA HIS MA 52 51.71 -83.63 11.64
C HIS MA 52 50.43 -84.43 11.79
N GLU MA 53 50.36 -85.18 12.88
CA GLU MA 53 49.21 -86.01 13.20
C GLU MA 53 48.68 -85.64 14.58
N ALA MA 54 47.37 -85.82 14.77
CA ALA MA 54 46.75 -85.45 16.02
C ALA MA 54 47.40 -86.17 17.19
N SER MA 55 47.72 -85.41 18.24
CA SER MA 55 48.37 -86.00 19.41
C SER MA 55 47.40 -86.91 20.15
N GLU MA 56 47.96 -87.91 20.84
CA GLU MA 56 47.14 -88.84 21.60
C GLU MA 56 46.59 -88.20 22.86
N ALA MA 57 47.39 -87.36 23.51
CA ALA MA 57 46.95 -86.75 24.78
C ALA MA 57 45.83 -85.74 24.56
N ASP MA 58 45.91 -84.93 23.50
CA ASP MA 58 44.94 -83.87 23.26
C ASP MA 58 44.45 -83.99 21.82
N PRO MA 59 43.13 -83.96 21.59
CA PRO MA 59 42.63 -84.09 20.21
C PRO MA 59 42.82 -82.87 19.35
N CYS MA 60 43.43 -81.80 19.85
CA CYS MA 60 43.59 -80.57 19.10
C CYS MA 60 44.99 -79.97 19.27
N VAL MA 61 46.01 -80.81 19.21
CA VAL MA 61 47.39 -80.35 19.33
C VAL MA 61 48.24 -81.14 18.33
N PRO MA 62 49.08 -80.48 17.52
CA PRO MA 62 49.84 -81.22 16.52
C PRO MA 62 50.85 -82.17 17.15
N GLY MA 63 51.10 -83.28 16.45
CA GLY MA 63 52.08 -84.24 16.88
C GLY MA 63 53.44 -83.95 16.27
N PRO MA 64 54.33 -84.94 16.28
CA PRO MA 64 55.65 -84.75 15.67
C PRO MA 64 55.58 -84.72 14.15
N ALA MA 65 56.58 -84.08 13.56
CA ALA MA 65 56.62 -83.88 12.12
C ALA MA 65 56.83 -85.20 11.39
N ILE MA 66 56.11 -85.39 10.28
CA ILE MA 66 56.22 -86.58 9.44
C ILE MA 66 56.45 -86.11 8.00
N ARG MA 67 57.47 -86.68 7.36
CA ARG MA 67 57.83 -86.29 6.01
C ARG MA 67 56.72 -86.66 5.02
N VAL MA 68 56.51 -85.82 4.03
CA VAL MA 68 55.42 -86.05 3.07
C VAL MA 68 55.93 -86.92 1.93
N PRO MA 69 55.23 -87.99 1.57
CA PRO MA 69 55.69 -88.84 0.45
C PRO MA 69 55.43 -88.20 -0.90
N ASP MA 70 56.20 -88.65 -1.89
CA ASP MA 70 56.05 -88.15 -3.25
C ASP MA 70 54.87 -88.82 -3.95
N VAL MA 71 54.44 -88.22 -5.06
CA VAL MA 71 53.35 -88.76 -5.87
C VAL MA 71 53.65 -88.50 -7.34
N PRO MA 72 54.29 -89.44 -8.04
CA PRO MA 72 54.60 -89.19 -9.46
C PRO MA 72 53.34 -89.11 -10.30
N PHE MA 73 53.44 -88.34 -11.40
CA PHE MA 73 52.32 -88.20 -12.33
C PHE MA 73 52.44 -89.22 -13.45
N CYS MA 74 51.54 -89.12 -14.43
CA CYS MA 74 51.51 -90.07 -15.53
C CYS MA 74 52.81 -90.01 -16.34
N ASP MA 75 53.07 -88.87 -16.98
CA ASP MA 75 54.29 -88.69 -17.78
C ASP MA 75 55.26 -87.86 -16.95
N GLY MA 76 56.02 -88.57 -16.11
CA GLY MA 76 56.96 -87.91 -15.23
C GLY MA 76 57.79 -88.91 -14.47
N VAL MA 77 58.64 -88.39 -13.59
CA VAL MA 77 59.59 -89.19 -12.83
C VAL MA 77 59.47 -88.85 -11.36
N ALA MA 78 59.94 -89.77 -10.52
CA ALA MA 78 59.85 -89.62 -9.08
C ALA MA 78 61.08 -88.89 -8.54
N THR MA 79 60.97 -88.45 -7.29
CA THR MA 79 62.09 -87.81 -6.61
C THR MA 79 63.18 -88.83 -6.33
N ALA MA 80 64.39 -88.33 -6.09
CA ALA MA 80 65.53 -89.22 -5.87
C ALA MA 80 65.29 -90.17 -4.70
N ASP MA 81 64.57 -89.74 -3.67
CA ASP MA 81 64.35 -90.56 -2.49
C ASP MA 81 62.86 -90.79 -2.19
N GLY MA 82 61.97 -90.46 -3.13
CA GLY MA 82 60.56 -90.73 -2.94
C GLY MA 82 59.81 -89.72 -2.09
N LEU MA 83 60.48 -88.69 -1.60
CA LEU MA 83 59.85 -87.65 -0.80
C LEU MA 83 59.52 -86.44 -1.66
N ALA MA 84 58.91 -85.45 -1.03
CA ALA MA 84 58.52 -84.23 -1.73
C ALA MA 84 59.33 -83.05 -1.21
N THR MA 85 59.77 -82.20 -2.13
CA THR MA 85 60.53 -81.00 -1.78
C THR MA 85 60.26 -79.91 -2.81
N VAL MA 86 60.60 -78.69 -2.44
CA VAL MA 86 60.52 -77.54 -3.33
C VAL MA 86 61.79 -76.72 -3.15
N VAL MA 87 62.39 -76.33 -4.27
CA VAL MA 87 63.66 -75.59 -4.28
C VAL MA 87 63.43 -74.26 -4.97
N ILE MA 88 63.82 -73.18 -4.30
CA ILE MA 88 63.69 -71.83 -4.83
C ILE MA 88 64.96 -71.50 -5.60
N PRO MA 89 64.89 -71.25 -6.90
CA PRO MA 89 66.10 -71.00 -7.69
C PRO MA 89 66.71 -69.63 -7.42
N GLU MA 90 68.01 -69.54 -7.74
CA GLU MA 90 68.75 -68.30 -7.54
C GLU MA 90 68.31 -67.19 -8.49
N ALA MA 91 67.68 -67.53 -9.62
CA ALA MA 91 67.28 -66.51 -10.58
C ALA MA 91 66.14 -65.62 -10.08
N VAL MA 92 65.49 -66.01 -8.98
CA VAL MA 92 64.36 -65.24 -8.49
C VAL MA 92 64.80 -63.83 -8.13
N ALA MA 93 63.87 -62.89 -8.17
CA ALA MA 93 64.12 -61.49 -7.88
C ALA MA 93 63.28 -61.05 -6.70
N VAL MA 94 63.66 -59.92 -6.11
CA VAL MA 94 62.99 -59.42 -4.92
C VAL MA 94 61.55 -59.00 -5.21
N ASP MA 95 61.22 -58.69 -6.46
CA ASP MA 95 59.91 -58.20 -6.83
C ASP MA 95 59.00 -59.25 -7.42
N SER MA 96 59.32 -60.53 -7.24
CA SER MA 96 58.52 -61.63 -7.77
C SER MA 96 57.96 -62.49 -6.63
N PHE MA 97 56.95 -63.29 -6.97
CA PHE MA 97 56.40 -64.27 -6.03
C PHE MA 97 56.13 -65.56 -6.79
N CYS MA 98 56.15 -66.67 -6.06
CA CYS MA 98 56.01 -68.00 -6.62
C CYS MA 98 54.95 -68.78 -5.86
N ALA MA 99 54.26 -69.68 -6.55
CA ALA MA 99 53.18 -70.46 -5.97
C ALA MA 99 53.40 -71.94 -6.21
N GLY MA 100 52.94 -72.76 -5.27
CA GLY MA 100 53.08 -74.19 -5.38
C GLY MA 100 52.25 -74.89 -4.32
N SER MA 101 52.03 -76.18 -4.54
CA SER MA 101 51.22 -76.97 -3.63
C SER MA 101 51.54 -78.45 -3.82
N VAL MA 102 51.01 -79.26 -2.92
CA VAL MA 102 51.20 -80.71 -2.96
C VAL MA 102 49.92 -81.35 -3.48
N PRO MA 103 49.99 -82.50 -4.17
CA PRO MA 103 48.77 -83.08 -4.75
C PRO MA 103 47.83 -83.71 -3.73
N CYS MA 104 48.29 -83.97 -2.50
CA CYS MA 104 47.50 -84.73 -1.55
C CYS MA 104 47.64 -84.13 -0.17
N PHE MA 105 46.71 -84.52 0.71
CA PHE MA 105 46.58 -83.92 2.04
C PHE MA 105 47.45 -84.63 3.09
N ASN MA 106 47.21 -85.92 3.31
CA ASN MA 106 47.86 -86.71 4.36
C ASN MA 106 47.34 -86.19 5.70
N GLY MA 107 48.19 -85.73 6.61
CA GLY MA 107 47.76 -85.38 7.95
C GLY MA 107 46.87 -84.15 7.98
N PRO MA 108 46.19 -83.93 9.11
CA PRO MA 108 45.32 -82.75 9.24
C PRO MA 108 46.07 -81.45 9.41
N TRP MA 109 47.35 -81.49 9.78
CA TRP MA 109 48.20 -80.31 9.86
C TRP MA 109 49.26 -80.40 8.77
N ILE MA 110 49.88 -79.27 8.45
CA ILE MA 110 50.95 -79.21 7.47
C ILE MA 110 51.96 -78.17 7.88
N SER MA 111 53.17 -78.30 7.36
CA SER MA 111 54.27 -77.42 7.75
C SER MA 111 55.33 -77.44 6.65
N ILE MA 112 56.25 -76.49 6.75
CA ILE MA 112 57.37 -76.39 5.81
C ILE MA 112 58.51 -75.68 6.52
N ALA MA 113 59.73 -76.13 6.26
CA ALA MA 113 60.92 -75.59 6.90
C ALA MA 113 62.11 -75.82 5.99
N PRO MA 114 63.15 -75.00 6.09
CA PRO MA 114 64.33 -75.20 5.25
C PRO MA 114 65.11 -76.44 5.64
N VAL MA 115 65.84 -76.98 4.67
CA VAL MA 115 66.68 -78.14 4.95
C VAL MA 115 67.78 -77.78 5.92
N THR MA 116 68.32 -76.56 5.84
CA THR MA 116 69.35 -76.11 6.75
C THR MA 116 69.04 -74.67 7.15
N VAL MA 117 69.60 -74.26 8.28
CA VAL MA 117 69.44 -72.90 8.79
C VAL MA 117 70.74 -72.15 8.52
N ASN MA 118 70.63 -71.04 7.81
CA ASN MA 118 71.79 -70.24 7.43
C ASN MA 118 71.30 -68.84 7.09
N ALA MA 119 72.24 -68.00 6.66
CA ALA MA 119 71.89 -66.62 6.32
C ALA MA 119 70.90 -66.58 5.16
N ASP MA 120 71.11 -67.41 4.14
CA ASP MA 120 70.22 -67.38 2.98
C ASP MA 120 68.80 -67.78 3.36
N SER MA 121 68.65 -68.77 4.24
CA SER MA 121 67.33 -69.26 4.59
C SER MA 121 66.47 -68.21 5.27
N ALA MA 122 67.09 -67.15 5.81
CA ALA MA 122 66.33 -66.12 6.51
C ALA MA 122 65.75 -65.07 5.57
N LYS MA 123 66.00 -65.18 4.27
CA LYS MA 123 65.55 -64.18 3.30
C LYS MA 123 64.23 -64.57 2.63
N VAL MA 124 63.61 -65.66 3.03
CA VAL MA 124 62.43 -66.19 2.37
C VAL MA 124 61.26 -66.19 3.34
N GLN MA 125 60.08 -65.84 2.83
CA GLN MA 125 58.84 -65.86 3.60
C GLN MA 125 57.85 -66.79 2.92
N VAL MA 126 57.24 -67.68 3.70
CA VAL MA 126 56.32 -68.67 3.18
C VAL MA 126 54.96 -68.47 3.83
N THR MA 127 53.90 -68.56 3.04
CA THR MA 127 52.53 -68.35 3.52
C THR MA 127 51.63 -69.42 2.92
N VAL MA 128 50.58 -69.79 3.66
CA VAL MA 128 49.65 -70.84 3.26
C VAL MA 128 48.27 -70.22 3.10
N THR MA 129 47.62 -70.52 1.98
CA THR MA 129 46.31 -69.99 1.66
C THR MA 129 45.30 -71.12 1.58
N MET MA 130 44.13 -70.91 2.18
CA MET MA 130 43.02 -71.85 2.08
C MET MA 130 42.06 -71.40 1.00
N LYS MA 131 41.11 -72.28 0.65
CA LYS MA 131 40.15 -71.94 -0.39
C LYS MA 131 38.72 -72.39 -0.09
N GLY MA 132 38.36 -72.51 1.18
CA GLY MA 132 36.97 -72.81 1.49
C GLY MA 132 36.78 -73.62 2.74
N ALA MA 133 35.80 -73.22 3.57
CA ALA MA 133 35.45 -73.98 4.75
C ALA MA 133 34.34 -74.97 4.42
N THR MA 134 34.40 -76.15 5.03
CA THR MA 134 33.40 -77.18 4.83
C THR MA 134 32.47 -77.37 6.03
N ARG MA 135 32.93 -77.01 7.23
CA ARG MA 135 32.11 -77.16 8.43
C ARG MA 135 30.91 -76.22 8.38
N MET NA 1 52.24 -125.81 -11.78
CA MET NA 1 53.69 -126.15 -11.77
C MET NA 1 54.06 -126.80 -10.44
N ASN NA 2 54.24 -125.98 -9.41
CA ASN NA 2 54.48 -126.47 -8.06
C ASN NA 2 53.21 -126.29 -7.22
N PHE NA 3 53.29 -126.70 -5.95
CA PHE NA 3 52.14 -126.58 -5.06
C PHE NA 3 52.64 -126.41 -3.63
N ASN NA 4 51.76 -125.89 -2.78
CA ASN NA 4 52.06 -125.74 -1.36
C ASN NA 4 51.48 -126.92 -0.57
N VAL NA 5 52.11 -128.09 -0.75
CA VAL NA 5 51.61 -129.30 -0.13
C VAL NA 5 51.61 -129.20 1.38
N GLY NA 6 52.48 -128.38 1.97
CA GLY NA 6 52.57 -128.29 3.41
C GLY NA 6 51.30 -127.83 4.09
N VAL NA 7 50.37 -127.22 3.34
CA VAL NA 7 49.12 -126.76 3.94
C VAL NA 7 48.14 -127.91 4.12
N ASP NA 8 48.19 -128.92 3.25
CA ASP NA 8 47.24 -130.01 3.30
C ASP NA 8 47.79 -131.24 4.01
N PHE NA 9 49.11 -131.47 3.95
CA PHE NA 9 49.73 -132.65 4.52
C PHE NA 9 50.94 -132.26 5.35
N PRO NA 10 50.73 -131.60 6.48
CA PRO NA 10 51.86 -131.19 7.32
C PRO NA 10 52.56 -132.39 7.95
N SER NA 11 53.82 -132.18 8.32
CA SER NA 11 54.62 -133.21 8.97
C SER NA 11 55.40 -132.58 10.11
N PHE NA 12 55.68 -133.38 11.14
CA PHE NA 12 56.34 -132.90 12.34
C PHE NA 12 57.41 -133.88 12.79
N ILE NA 13 58.46 -133.36 13.42
CA ILE NA 13 59.53 -134.21 13.93
C ILE NA 13 58.99 -135.05 15.08
N ALA NA 14 59.49 -136.29 15.18
CA ALA NA 14 59.10 -137.19 16.26
C ALA NA 14 60.31 -137.71 17.01
N TRP NA 15 61.45 -137.77 16.33
CA TRP NA 15 62.70 -138.21 16.94
C TRP NA 15 63.86 -137.74 16.08
N ASP NA 16 64.83 -137.08 16.72
CA ASP NA 16 65.98 -136.53 16.01
C ASP NA 16 67.30 -137.11 16.49
N GLY NA 17 67.27 -138.24 17.17
CA GLY NA 17 68.48 -138.87 17.65
C GLY NA 17 68.92 -138.45 19.04
N THR NA 18 68.26 -137.44 19.63
CA THR NA 18 68.57 -137.03 21.00
C THR NA 18 67.34 -136.84 21.89
N THR NA 19 66.17 -136.57 21.34
CA THR NA 19 64.98 -136.31 22.15
C THR NA 19 63.76 -136.82 21.42
N SER NA 20 62.71 -137.12 22.18
CA SER NA 20 61.44 -137.57 21.65
C SER NA 20 60.38 -136.50 21.89
N PHE NA 21 59.73 -136.06 20.81
CA PHE NA 21 58.81 -134.94 20.87
C PHE NA 21 57.38 -135.44 20.72
N PRO NA 22 56.50 -135.25 21.72
CA PRO NA 22 55.10 -135.62 21.53
C PRO NA 22 54.49 -134.85 20.36
N VAL NA 23 53.58 -135.52 19.64
CA VAL NA 23 52.92 -134.95 18.47
C VAL NA 23 51.42 -134.99 18.69
N LYS NA 24 50.73 -133.94 18.25
CA LYS NA 24 49.30 -133.83 18.42
C LYS NA 24 48.61 -134.30 17.14
N ILE NA 25 47.64 -135.21 17.28
CA ILE NA 25 47.03 -135.87 16.14
C ILE NA 25 45.51 -135.84 16.19
N ASP NA 26 44.91 -135.27 17.24
CA ASP NA 26 43.46 -135.33 17.37
C ASP NA 26 42.77 -134.60 16.22
N GLY NA 27 43.30 -133.46 15.81
CA GLY NA 27 42.67 -132.68 14.77
C GLY NA 27 42.75 -133.28 13.39
N PHE NA 28 43.47 -134.38 13.22
CA PHE NA 28 43.63 -135.05 11.94
C PHE NA 28 43.13 -136.48 12.04
N ASN NA 29 42.46 -136.94 10.99
CA ASN NA 29 41.84 -138.26 10.99
C ASN NA 29 42.68 -139.33 10.31
N GLN NA 30 43.92 -139.03 9.94
CA GLN NA 30 44.85 -140.03 9.43
C GLN NA 30 46.26 -139.57 9.69
N PHE NA 31 47.17 -140.52 9.83
CA PHE NA 31 48.57 -140.18 10.09
C PHE NA 31 49.42 -141.42 9.90
N GLY NA 32 50.73 -141.20 9.79
CA GLY NA 32 51.68 -142.29 9.64
C GLY NA 32 53.09 -141.81 9.88
N PHE NA 33 53.99 -142.77 9.98
CA PHE NA 33 55.39 -142.48 10.26
C PHE NA 33 56.22 -142.49 8.98
N THR NA 34 57.50 -142.15 9.12
CA THR NA 34 58.47 -142.23 8.05
C THR NA 34 59.86 -142.32 8.66
N PHE NA 35 60.63 -143.31 8.22
CA PHE NA 35 61.93 -143.61 8.82
C PHE NA 35 63.04 -143.42 7.80
N LYS NA 36 64.15 -142.84 8.25
CA LYS NA 36 65.31 -142.66 7.40
C LYS NA 36 66.57 -142.78 8.25
N VAL NA 37 67.67 -143.11 7.60
CA VAL NA 37 68.95 -143.33 8.27
C VAL NA 37 69.97 -142.35 7.68
N ILE NA 38 70.98 -142.04 8.49
CA ILE NA 38 72.03 -141.10 8.09
C ILE NA 38 73.42 -141.71 8.12
N GLU NA 39 73.56 -143.00 8.44
CA GLU NA 39 74.86 -143.63 8.50
C GLU NA 39 74.67 -145.13 8.60
N GLU NA 40 75.75 -145.87 8.35
CA GLU NA 40 75.70 -147.32 8.44
C GLU NA 40 75.40 -147.75 9.87
N LEU NA 41 74.57 -148.78 10.01
CA LEU NA 41 74.15 -149.26 11.32
C LEU NA 41 75.02 -150.42 11.78
N THR NA 42 75.06 -150.62 13.09
CA THR NA 42 75.82 -151.71 13.69
C THR NA 42 74.93 -152.89 14.06
N ALA NA 43 73.66 -152.64 14.38
CA ALA NA 43 72.71 -153.69 14.73
C ALA NA 43 71.31 -153.13 14.58
N ASP NA 44 70.32 -154.01 14.71
CA ASP NA 44 68.93 -153.58 14.62
C ASP NA 44 68.60 -152.66 15.80
N VAL NA 45 67.70 -151.71 15.55
CA VAL NA 45 67.28 -150.74 16.54
C VAL NA 45 65.77 -150.80 16.66
N PRO NA 46 65.22 -151.29 17.77
CA PRO NA 46 63.76 -151.29 17.96
C PRO NA 46 63.26 -150.03 18.63
N PHE NA 47 61.98 -149.74 18.38
CA PHE NA 47 61.33 -148.55 18.90
C PHE NA 47 60.05 -148.92 19.64
N ASN NA 48 59.66 -148.06 20.58
CA ASN NA 48 58.41 -148.21 21.31
C ASN NA 48 57.47 -147.07 20.94
N ILE NA 49 56.17 -147.37 20.88
CA ILE NA 49 55.14 -146.40 20.52
C ILE NA 49 54.31 -146.10 21.76
N PHE NA 50 54.18 -144.82 22.08
CA PHE NA 50 53.41 -144.36 23.23
C PHE NA 50 52.29 -143.45 22.76
N TYR NA 51 51.32 -143.23 23.65
CA TYR NA 51 50.30 -142.22 23.45
C TYR NA 51 50.03 -141.50 24.77
N HIS NA 52 49.60 -140.24 24.65
CA HIS NA 52 49.34 -139.40 25.81
C HIS NA 52 47.89 -138.95 25.77
N GLU NA 53 47.49 -138.23 26.81
CA GLU NA 53 46.15 -137.63 26.87
C GLU NA 53 46.24 -136.32 27.64
N ALA NA 54 45.19 -135.52 27.53
CA ALA NA 54 45.20 -134.17 28.07
C ALA NA 54 45.54 -134.18 29.56
N SER NA 55 46.48 -133.34 29.95
CA SER NA 55 46.83 -133.20 31.36
C SER NA 55 45.73 -132.43 32.09
N GLU NA 56 45.63 -132.68 33.40
CA GLU NA 56 44.58 -132.05 34.19
C GLU NA 56 44.86 -130.56 34.41
N ALA NA 57 46.14 -130.19 34.56
CA ALA NA 57 46.47 -128.78 34.81
C ALA NA 57 46.11 -127.90 33.63
N ASP NA 58 46.06 -128.45 32.42
CA ASP NA 58 45.74 -127.68 31.23
C ASP NA 58 45.30 -128.62 30.11
N PRO NA 59 44.20 -128.32 29.41
CA PRO NA 59 43.72 -129.24 28.37
C PRO NA 59 44.55 -129.25 27.11
N CYS NA 60 45.70 -128.57 27.07
CA CYS NA 60 46.53 -128.51 25.87
C CYS NA 60 47.98 -128.89 26.15
N VAL NA 61 48.23 -129.70 27.17
CA VAL NA 61 49.57 -130.20 27.46
C VAL NA 61 49.46 -131.69 27.77
N PRO NA 62 50.23 -132.55 27.10
CA PRO NA 62 50.07 -133.99 27.30
C PRO NA 62 50.54 -134.45 28.67
N GLY NA 63 49.93 -135.55 29.12
CA GLY NA 63 50.27 -136.12 30.40
C GLY NA 63 51.37 -137.15 30.29
N PRO NA 64 51.45 -138.08 31.24
CA PRO NA 64 52.49 -139.11 31.18
C PRO NA 64 52.24 -140.10 30.05
N ALA NA 65 53.34 -140.73 29.63
CA ALA NA 65 53.29 -141.64 28.49
C ALA NA 65 52.55 -142.92 28.85
N ILE NA 66 51.73 -143.40 27.92
CA ILE NA 66 51.02 -144.67 28.06
C ILE NA 66 51.36 -145.53 26.86
N ARG NA 67 51.81 -146.75 27.10
CA ARG NA 67 52.24 -147.64 26.04
C ARG NA 67 51.05 -148.08 25.20
N VAL NA 68 51.22 -148.15 23.90
CA VAL NA 68 50.11 -148.47 22.99
C VAL NA 68 49.83 -149.98 23.06
N PRO NA 69 48.58 -150.41 22.95
CA PRO NA 69 48.30 -151.85 22.87
C PRO NA 69 48.26 -152.36 21.44
N ASP NA 70 48.44 -153.67 21.30
CA ASP NA 70 48.47 -154.29 19.99
C ASP NA 70 47.06 -154.71 19.56
N VAL NA 71 46.88 -154.81 18.24
CA VAL NA 71 45.60 -155.25 17.67
C VAL NA 71 45.87 -156.26 16.55
N PRO NA 72 45.72 -157.55 16.80
CA PRO NA 72 45.96 -158.54 15.73
C PRO NA 72 44.93 -158.43 14.62
N PHE NA 73 45.35 -158.82 13.41
CA PHE NA 73 44.50 -158.78 12.24
C PHE NA 73 43.84 -160.13 12.01
N CYS NA 74 42.87 -160.14 11.08
CA CYS NA 74 42.16 -161.38 10.76
C CYS NA 74 43.14 -162.46 10.32
N ASP NA 75 43.82 -162.24 9.19
CA ASP NA 75 44.78 -163.20 8.65
C ASP NA 75 46.18 -162.91 9.18
N GLY NA 76 46.35 -163.16 10.48
CA GLY NA 76 47.62 -162.87 11.11
C GLY NA 76 47.67 -163.39 12.53
N VAL NA 77 48.71 -162.98 13.24
CA VAL NA 77 48.99 -163.47 14.59
C VAL NA 77 49.32 -162.27 15.47
N ALA NA 78 49.21 -162.47 16.79
CA ALA NA 78 49.49 -161.42 17.75
C ALA NA 78 50.97 -161.42 18.13
N THR NA 79 51.36 -160.35 18.83
CA THR NA 79 52.76 -160.21 19.24
C THR NA 79 53.01 -160.98 20.54
N ALA NA 80 54.21 -160.77 21.11
CA ALA NA 80 54.65 -161.58 22.24
C ALA NA 80 54.21 -161.00 23.58
N ASP NA 81 53.95 -159.69 23.66
CA ASP NA 81 53.62 -159.08 24.94
C ASP NA 81 52.42 -158.14 24.87
N GLY NA 82 51.62 -158.19 23.81
CA GLY NA 82 50.45 -157.35 23.70
C GLY NA 82 50.71 -155.89 23.43
N LEU NA 83 51.95 -155.53 23.08
CA LEU NA 83 52.32 -154.14 22.85
C LEU NA 83 52.96 -153.98 21.48
N ALA NA 84 52.69 -152.85 20.84
CA ALA NA 84 53.21 -152.60 19.51
C ALA NA 84 54.65 -152.11 19.56
N THR NA 85 55.42 -152.49 18.54
CA THR NA 85 56.80 -152.06 18.41
C THR NA 85 57.18 -152.05 16.94
N VAL NA 86 58.29 -151.37 16.64
CA VAL NA 86 58.83 -151.30 15.29
C VAL NA 86 60.32 -151.60 15.35
N VAL NA 87 60.78 -152.48 14.46
CA VAL NA 87 62.18 -152.89 14.40
C VAL NA 87 62.73 -152.47 13.05
N ILE NA 88 63.81 -151.69 13.07
CA ILE NA 88 64.46 -151.23 11.85
C ILE NA 88 65.54 -152.24 11.47
N PRO NA 89 65.48 -152.84 10.28
CA PRO NA 89 66.45 -153.89 9.94
C PRO NA 89 67.84 -153.34 9.72
N GLU NA 90 68.84 -154.22 9.89
CA GLU NA 90 70.22 -153.84 9.67
C GLU NA 90 70.50 -153.47 8.21
N ALA NA 91 69.91 -154.22 7.27
CA ALA NA 91 70.24 -154.05 5.86
C ALA NA 91 69.74 -152.75 5.28
N VAL NA 92 69.09 -151.89 6.07
CA VAL NA 92 68.56 -150.64 5.53
C VAL NA 92 69.69 -149.82 4.94
N ALA NA 93 69.46 -149.32 3.73
CA ALA NA 93 70.44 -148.48 3.05
C ALA NA 93 70.29 -147.02 3.48
N VAL NA 94 71.31 -146.22 3.16
CA VAL NA 94 71.28 -144.81 3.53
C VAL NA 94 70.43 -144.00 2.55
N ASP NA 95 70.07 -144.56 1.40
CA ASP NA 95 69.28 -143.86 0.39
C ASP NA 95 67.89 -144.46 0.23
N SER NA 96 67.26 -144.87 1.33
CA SER NA 96 65.92 -145.44 1.29
C SER NA 96 65.15 -144.98 2.51
N PHE NA 97 63.82 -145.06 2.41
CA PHE NA 97 62.93 -144.69 3.50
C PHE NA 97 61.89 -145.78 3.69
N CYS NA 98 61.46 -145.96 4.93
CA CYS NA 98 60.47 -146.97 5.30
C CYS NA 98 59.30 -146.29 5.99
N ALA NA 99 58.08 -146.73 5.66
CA ALA NA 99 56.86 -146.10 6.17
C ALA NA 99 55.98 -147.16 6.81
N GLY NA 100 55.48 -146.86 8.01
CA GLY NA 100 54.56 -147.74 8.70
C GLY NA 100 53.67 -146.97 9.64
N SER NA 101 52.46 -147.48 9.85
CA SER NA 101 51.47 -146.81 10.68
C SER NA 101 50.72 -147.82 11.52
N VAL NA 102 50.21 -147.36 12.65
CA VAL NA 102 49.46 -148.21 13.58
C VAL NA 102 47.99 -148.20 13.20
N PRO NA 103 47.22 -149.24 13.52
CA PRO NA 103 45.81 -149.29 13.06
C PRO NA 103 44.84 -148.52 13.95
N CYS NA 104 45.24 -148.11 15.14
CA CYS NA 104 44.29 -147.56 16.10
C CYS NA 104 44.82 -146.23 16.64
N PHE NA 105 43.88 -145.39 17.09
CA PHE NA 105 44.22 -144.03 17.49
C PHE NA 105 44.63 -143.96 18.97
N ASN NA 106 43.76 -144.38 19.87
CA ASN NA 106 43.97 -144.21 21.30
C ASN NA 106 44.00 -142.71 21.60
N GLY NA 107 44.81 -142.28 22.56
CA GLY NA 107 44.84 -140.91 23.01
C GLY NA 107 45.05 -139.92 21.88
N PRO NA 108 44.81 -138.64 22.15
CA PRO NA 108 44.94 -137.61 21.10
C PRO NA 108 46.38 -137.19 20.81
N TRP NA 109 47.37 -137.72 21.53
CA TRP NA 109 48.77 -137.43 21.27
C TRP NA 109 49.51 -138.74 21.09
N ILE NA 110 50.62 -138.68 20.35
CA ILE NA 110 51.44 -139.86 20.08
C ILE NA 110 52.90 -139.50 20.27
N SER NA 111 53.72 -140.53 20.49
CA SER NA 111 55.15 -140.35 20.71
C SER NA 111 55.87 -141.63 20.36
N ILE NA 112 57.19 -141.54 20.23
CA ILE NA 112 58.03 -142.68 19.89
C ILE NA 112 59.43 -142.43 20.43
N ALA NA 113 60.10 -143.49 20.85
CA ALA NA 113 61.45 -143.41 21.39
C ALA NA 113 62.11 -144.78 21.26
N PRO NA 114 63.44 -144.83 21.21
CA PRO NA 114 64.11 -146.13 21.11
C PRO NA 114 64.05 -146.90 22.42
N VAL NA 115 64.22 -148.21 22.31
CA VAL NA 115 64.22 -149.05 23.51
C VAL NA 115 65.42 -148.73 24.38
N THR NA 116 66.57 -148.42 23.77
CA THR NA 116 67.77 -148.09 24.51
C THR NA 116 68.55 -147.04 23.75
N VAL NA 117 68.97 -145.99 24.46
CA VAL NA 117 69.71 -144.90 23.83
C VAL NA 117 71.18 -145.29 23.76
N ASN NA 118 71.73 -145.30 22.54
CA ASN NA 118 73.13 -145.64 22.34
C ASN NA 118 73.58 -145.03 21.01
N ALA NA 119 74.75 -145.46 20.55
CA ALA NA 119 75.30 -144.91 19.32
C ALA NA 119 74.40 -145.20 18.13
N ASP NA 120 73.88 -146.42 18.04
CA ASP NA 120 73.03 -146.78 16.90
C ASP NA 120 71.75 -145.98 16.87
N SER NA 121 71.17 -145.71 18.05
CA SER NA 121 69.90 -145.00 18.11
C SER NA 121 70.00 -143.58 17.59
N ALA NA 122 71.20 -143.02 17.53
CA ALA NA 122 71.37 -141.65 17.05
C ALA NA 122 71.44 -141.57 15.54
N LYS NA 123 71.46 -142.70 14.84
CA LYS NA 123 71.62 -142.73 13.39
C LYS NA 123 70.29 -142.80 12.65
N VAL NA 124 69.16 -142.67 13.33
CA VAL NA 124 67.85 -142.80 12.71
C VAL NA 124 67.09 -141.49 12.88
N GLN NA 125 66.16 -141.25 11.97
CA GLN NA 125 65.31 -140.07 12.00
C GLN NA 125 63.87 -140.49 11.72
N VAL NA 126 62.95 -140.07 12.57
CA VAL NA 126 61.55 -140.45 12.46
C VAL NA 126 60.71 -139.19 12.34
N THR NA 127 59.78 -139.18 11.38
CA THR NA 127 58.91 -138.05 11.12
C THR NA 127 57.48 -138.53 10.95
N VAL NA 128 56.53 -137.76 11.47
CA VAL NA 128 55.13 -138.11 11.43
C VAL NA 128 54.43 -137.22 10.42
N THR NA 129 53.54 -137.81 9.62
CA THR NA 129 52.78 -137.10 8.60
C THR NA 129 51.29 -137.22 8.91
N MET NA 130 50.55 -136.14 8.68
CA MET NA 130 49.11 -136.11 8.86
C MET NA 130 48.44 -135.81 7.53
N LYS NA 131 47.36 -136.54 7.23
CA LYS NA 131 46.79 -136.56 5.89
C LYS NA 131 45.41 -135.93 5.79
N GLY NA 132 44.75 -135.60 6.90
CA GLY NA 132 43.43 -135.00 6.80
C GLY NA 132 43.10 -134.09 7.96
N ALA NA 133 42.33 -133.04 7.69
CA ALA NA 133 41.96 -132.06 8.70
C ALA NA 133 40.44 -132.07 8.88
N THR NA 134 40.01 -131.89 10.13
CA THR NA 134 38.59 -131.90 10.47
C THR NA 134 38.18 -130.65 11.25
N ARG NA 135 38.87 -129.54 11.03
CA ARG NA 135 38.52 -128.29 11.71
C ARG NA 135 38.73 -127.10 10.77
N MET OA 1 21.95 -174.23 31.25
CA MET OA 1 22.07 -175.45 32.08
C MET OA 1 21.46 -175.25 33.47
N ASN OA 2 21.40 -174.00 33.92
CA ASN OA 2 20.92 -173.71 35.26
C ASN OA 2 19.42 -173.93 35.36
N PHE OA 3 19.00 -174.51 36.49
CA PHE OA 3 17.60 -174.73 36.85
C PHE OA 3 17.34 -174.22 38.26
N ASN OA 4 17.90 -173.07 38.59
CA ASN OA 4 17.93 -172.59 39.97
C ASN OA 4 16.53 -172.43 40.53
N VAL OA 5 16.33 -172.91 41.75
CA VAL OA 5 15.05 -172.76 42.43
C VAL OA 5 15.12 -171.82 43.62
N GLY OA 6 16.34 -171.45 44.07
CA GLY OA 6 16.47 -170.54 45.18
C GLY OA 6 15.88 -169.16 44.93
N VAL OA 7 15.59 -168.82 43.68
CA VAL OA 7 15.01 -167.51 43.39
C VAL OA 7 13.50 -167.52 43.56
N ASP OA 8 12.87 -168.70 43.51
CA ASP OA 8 11.43 -168.81 43.67
C ASP OA 8 11.01 -169.42 45.00
N PHE OA 9 11.82 -170.29 45.58
CA PHE OA 9 11.46 -171.00 46.82
C PHE OA 9 12.62 -170.94 47.80
N PRO OA 10 12.90 -169.77 48.35
CA PRO OA 10 14.00 -169.64 49.31
C PRO OA 10 13.73 -170.41 50.60
N SER OA 11 14.82 -170.74 51.29
CA SER OA 11 14.76 -171.51 52.52
C SER OA 11 15.62 -170.83 53.58
N PHE OA 12 15.18 -170.90 54.84
CA PHE OA 12 15.88 -170.25 55.94
C PHE OA 12 15.90 -171.17 57.15
N ILE OA 13 16.95 -171.07 57.96
CA ILE OA 13 17.07 -171.89 59.16
C ILE OA 13 16.23 -171.27 60.28
N ALA OA 14 15.48 -172.11 60.98
CA ALA OA 14 14.66 -171.68 62.11
C ALA OA 14 15.10 -172.27 63.43
N TRP OA 15 15.66 -173.47 63.44
CA TRP OA 15 16.21 -174.09 64.64
C TRP OA 15 17.29 -175.06 64.23
N ASP OA 16 18.43 -175.03 64.96
CA ASP OA 16 19.57 -175.86 64.64
C ASP OA 16 20.13 -176.59 65.85
N GLY OA 17 19.35 -176.72 66.92
CA GLY OA 17 19.78 -177.43 68.10
C GLY OA 17 20.47 -176.57 69.15
N THR OA 18 20.79 -175.32 68.84
CA THR OA 18 21.42 -174.44 69.81
C THR OA 18 20.72 -173.09 69.90
N THR OA 19 20.13 -172.63 68.80
CA THR OA 19 19.54 -171.30 68.75
C THR OA 19 18.34 -171.31 67.81
N SER OA 20 17.38 -170.42 68.08
CA SER OA 20 16.23 -170.21 67.23
C SER OA 20 16.35 -168.87 66.53
N PHE OA 21 16.10 -168.86 65.22
CA PHE OA 21 16.26 -167.67 64.39
C PHE OA 21 14.90 -167.22 63.88
N PRO OA 22 14.43 -166.01 64.21
CA PRO OA 22 13.19 -165.53 63.59
C PRO OA 22 13.31 -165.49 62.08
N VAL OA 23 12.23 -165.85 61.40
CA VAL OA 23 12.18 -165.91 59.95
C VAL OA 23 11.11 -164.94 59.48
N LYS OA 24 11.48 -164.05 58.56
CA LYS OA 24 10.56 -163.02 58.09
C LYS OA 24 9.70 -163.57 56.96
N ILE OA 25 8.38 -163.52 57.14
CA ILE OA 25 7.43 -163.98 56.14
C ILE OA 25 6.58 -162.85 55.60
N ASP OA 26 6.89 -161.60 55.93
CA ASP OA 26 6.07 -160.48 55.46
C ASP OA 26 6.08 -160.38 53.94
N GLY OA 27 7.26 -160.54 53.34
CA GLY OA 27 7.37 -160.41 51.90
C GLY OA 27 6.83 -161.58 51.10
N PHE OA 28 6.47 -162.68 51.77
CA PHE OA 28 5.98 -163.88 51.11
C PHE OA 28 4.56 -164.17 51.58
N ASN OA 29 3.79 -164.84 50.70
CA ASN OA 29 2.38 -165.07 50.98
C ASN OA 29 2.06 -166.50 51.38
N GLN OA 30 3.01 -167.43 51.28
CA GLN OA 30 2.77 -168.80 51.69
C GLN OA 30 4.08 -169.40 52.18
N PHE OA 31 3.99 -170.41 53.03
CA PHE OA 31 5.19 -170.99 53.62
C PHE OA 31 4.84 -172.28 54.34
N GLY OA 32 5.88 -172.97 54.82
CA GLY OA 32 5.72 -174.21 55.56
C GLY OA 32 7.00 -174.59 56.23
N PHE OA 33 6.89 -175.52 57.19
CA PHE OA 33 8.02 -175.98 57.97
C PHE OA 33 8.60 -177.26 57.37
N THR OA 34 9.66 -177.76 58.01
CA THR OA 34 10.29 -179.02 57.61
C THR OA 34 11.16 -179.50 58.76
N PHE OA 35 10.99 -180.77 59.14
CA PHE OA 35 11.69 -181.35 60.27
C PHE OA 35 12.54 -182.52 59.82
N LYS OA 36 13.75 -182.61 60.37
CA LYS OA 36 14.63 -183.75 60.13
C LYS OA 36 15.39 -184.06 61.42
N VAL OA 37 15.75 -185.33 61.56
CA VAL OA 37 16.48 -185.83 62.72
C VAL OA 37 17.86 -186.31 62.25
N ILE OA 38 18.85 -186.15 63.12
CA ILE OA 38 20.22 -186.56 62.81
C ILE OA 38 20.72 -187.68 63.70
N GLU OA 39 19.95 -188.10 64.70
CA GLU OA 39 20.35 -189.20 65.57
C GLU OA 39 19.11 -189.73 66.27
N GLU OA 40 19.21 -190.97 66.74
CA GLU OA 40 18.07 -191.61 67.38
C GLU OA 40 17.67 -190.83 68.64
N LEU OA 41 16.36 -190.62 68.80
CA LEU OA 41 15.85 -189.89 69.94
C LEU OA 41 15.63 -190.81 71.14
N THR OA 42 15.38 -190.20 72.29
CA THR OA 42 15.02 -190.92 73.49
C THR OA 42 13.53 -190.86 73.81
N ALA OA 43 12.82 -189.84 73.31
CA ALA OA 43 11.39 -189.70 73.52
C ALA OA 43 10.90 -188.55 72.65
N ASP OA 44 9.58 -188.42 72.57
CA ASP OA 44 8.99 -187.36 71.76
C ASP OA 44 9.47 -186.00 72.26
N VAL OA 45 9.71 -185.09 71.32
CA VAL OA 45 10.21 -183.75 71.60
C VAL OA 45 9.18 -182.75 71.09
N PRO OA 46 8.45 -182.05 71.96
CA PRO OA 46 7.49 -181.05 71.49
C PRO OA 46 8.12 -179.69 71.26
N PHE OA 47 7.52 -178.93 70.35
CA PHE OA 47 7.99 -177.61 69.96
C PHE OA 47 6.89 -176.58 70.15
N ASN OA 48 7.29 -175.36 70.52
CA ASN OA 48 6.38 -174.25 70.69
C ASN OA 48 6.53 -173.28 69.53
N ILE OA 49 5.42 -172.88 68.93
CA ILE OA 49 5.40 -171.98 67.79
C ILE OA 49 5.10 -170.57 68.28
N PHE OA 50 5.97 -169.63 67.95
CA PHE OA 50 5.81 -168.23 68.31
C PHE OA 50 5.74 -167.36 67.07
N TYR OA 51 5.21 -166.15 67.24
CA TYR OA 51 5.31 -165.11 66.25
C TYR OA 51 5.71 -163.80 66.92
N HIS OA 52 6.40 -162.95 66.16
CA HIS OA 52 6.90 -161.68 66.67
C HIS OA 52 6.16 -160.53 65.99
N GLU OA 53 6.27 -159.36 66.59
CA GLU OA 53 5.63 -158.15 66.07
C GLU OA 53 6.68 -157.06 65.89
N ALA OA 54 6.43 -156.18 64.92
CA ALA OA 54 7.39 -155.12 64.62
C ALA OA 54 7.66 -154.27 65.86
N SER OA 55 8.93 -154.01 66.12
CA SER OA 55 9.31 -153.22 67.28
C SER OA 55 8.91 -151.77 67.09
N GLU OA 56 8.73 -151.07 68.22
CA GLU OA 56 8.34 -149.67 68.17
C GLU OA 56 9.51 -148.78 67.76
N ALA OA 57 10.71 -149.09 68.24
CA ALA OA 57 11.86 -148.24 67.97
C ALA OA 57 12.33 -148.35 66.53
N ASP OA 58 12.29 -149.54 65.94
CA ASP OA 58 12.79 -149.76 64.60
C ASP OA 58 11.76 -150.52 63.78
N PRO OA 59 11.38 -150.03 62.59
CA PRO OA 59 10.33 -150.72 61.81
C PRO OA 59 10.78 -152.00 61.15
N CYS OA 60 12.02 -152.45 61.37
CA CYS OA 60 12.52 -153.67 60.74
C CYS OA 60 13.33 -154.50 61.73
N VAL OA 61 12.80 -154.68 62.94
CA VAL OA 61 13.45 -155.51 63.94
C VAL OA 61 12.37 -156.26 64.72
N PRO OA 62 12.49 -157.57 64.90
CA PRO OA 62 11.42 -158.32 65.58
C PRO OA 62 11.29 -157.91 67.03
N GLY OA 63 10.06 -157.98 67.53
CA GLY OA 63 9.77 -157.68 68.92
C GLY OA 63 9.82 -158.94 69.77
N PRO OA 64 9.20 -158.91 70.94
CA PRO OA 64 9.18 -160.09 71.80
C PRO OA 64 8.25 -161.17 71.26
N ALA OA 65 8.52 -162.40 71.68
CA ALA OA 65 7.79 -163.55 71.18
C ALA OA 65 6.36 -163.57 71.70
N ILE OA 66 5.41 -163.83 70.80
CA ILE OA 66 4.00 -163.94 71.13
C ILE OA 66 3.53 -165.30 70.66
N ARG OA 67 2.83 -166.04 71.52
CA ARG OA 67 2.47 -167.42 71.24
C ARG OA 67 1.33 -167.48 70.23
N VAL OA 68 1.43 -168.41 69.29
CA VAL OA 68 0.41 -168.50 68.23
C VAL OA 68 -0.85 -169.16 68.79
N PRO OA 69 -2.04 -168.67 68.48
CA PRO OA 69 -3.25 -169.32 68.95
C PRO OA 69 -3.67 -170.48 68.06
N ASP OA 70 -4.45 -171.39 68.63
CA ASP OA 70 -4.95 -172.54 67.90
C ASP OA 70 -6.08 -172.11 66.95
N VAL OA 71 -6.39 -172.99 66.00
CA VAL OA 71 -7.48 -172.76 65.06
C VAL OA 71 -8.16 -174.09 64.76
N PRO OA 72 -9.24 -174.43 65.46
CA PRO OA 72 -9.91 -175.71 65.19
C PRO OA 72 -10.47 -175.77 63.78
N PHE OA 73 -10.51 -176.98 63.22
CA PHE OA 73 -11.01 -177.19 61.88
C PHE OA 73 -12.52 -177.44 61.91
N CYS OA 74 -13.08 -177.76 60.74
CA CYS OA 74 -14.52 -177.97 60.64
C CYS OA 74 -14.99 -179.15 61.49
N ASP OA 75 -14.29 -180.29 61.40
CA ASP OA 75 -14.63 -181.49 62.15
C ASP OA 75 -13.38 -181.92 62.91
N GLY OA 76 -13.28 -181.50 64.17
CA GLY OA 76 -12.11 -181.79 64.95
C GLY OA 76 -12.21 -181.17 66.33
N VAL OA 77 -11.10 -181.23 67.06
CA VAL OA 77 -11.04 -180.79 68.44
C VAL OA 77 -9.89 -179.81 68.60
N ALA OA 78 -9.98 -178.98 69.63
CA ALA OA 78 -8.97 -177.97 69.90
C ALA OA 78 -7.88 -178.52 70.80
N THR OA 79 -6.79 -177.76 70.92
CA THR OA 79 -5.71 -178.11 71.82
C THR OA 79 -6.17 -177.95 73.27
N ALA OA 80 -5.44 -178.61 74.18
CA ALA OA 80 -5.82 -178.56 75.58
C ALA OA 80 -5.91 -177.13 76.11
N ASP OA 81 -4.96 -176.27 75.72
CA ASP OA 81 -4.93 -174.89 76.21
C ASP OA 81 -5.21 -173.88 75.11
N GLY OA 82 -5.73 -174.33 73.96
CA GLY OA 82 -6.12 -173.42 72.91
C GLY OA 82 -4.99 -172.86 72.08
N LEU OA 83 -3.76 -173.36 72.25
CA LEU OA 83 -2.61 -172.90 71.50
C LEU OA 83 -2.16 -174.00 70.53
N ALA OA 84 -1.23 -173.63 69.65
CA ALA OA 84 -0.75 -174.54 68.62
C ALA OA 84 0.60 -175.13 69.03
N THR OA 85 0.79 -176.42 68.72
CA THR OA 85 2.04 -177.10 68.99
C THR OA 85 2.23 -178.20 67.95
N VAL OA 86 3.47 -178.67 67.84
CA VAL OA 86 3.81 -179.80 66.99
C VAL OA 86 4.77 -180.69 67.77
N VAL OA 87 4.50 -182.00 67.75
CA VAL OA 87 5.26 -182.98 68.51
C VAL OA 87 5.82 -184.00 67.53
N ILE OA 88 7.13 -184.23 67.59
CA ILE OA 88 7.81 -185.19 66.73
C ILE OA 88 7.81 -186.54 67.44
N PRO OA 89 7.20 -187.58 66.87
CA PRO OA 89 7.12 -188.86 67.57
C PRO OA 89 8.44 -189.62 67.60
N GLU OA 90 8.54 -190.54 68.57
CA GLU OA 90 9.75 -191.32 68.74
C GLU OA 90 9.97 -192.32 67.62
N ALA OA 91 8.91 -192.72 66.91
CA ALA OA 91 9.05 -193.73 65.88
C ALA OA 91 9.81 -193.23 64.65
N VAL OA 92 10.05 -191.92 64.54
CA VAL OA 92 10.69 -191.38 63.36
C VAL OA 92 12.12 -191.90 63.26
N ALA OA 93 12.53 -192.24 62.04
CA ALA OA 93 13.86 -192.74 61.77
C ALA OA 93 14.79 -191.60 61.37
N VAL OA 94 16.09 -191.91 61.30
CA VAL OA 94 17.08 -190.89 60.99
C VAL OA 94 17.08 -190.51 59.52
N ASP OA 95 16.52 -191.35 58.65
CA ASP OA 95 16.54 -191.11 57.22
C ASP OA 95 15.22 -190.57 56.69
N SER OA 96 14.32 -190.13 57.56
CA SER OA 96 13.04 -189.58 57.14
C SER OA 96 13.00 -188.07 57.34
N PHE OA 97 11.98 -187.44 56.78
CA PHE OA 97 11.72 -186.02 57.00
C PHE OA 97 10.21 -185.81 57.09
N CYS OA 98 9.82 -184.76 57.80
CA CYS OA 98 8.42 -184.46 58.05
C CYS OA 98 8.13 -183.00 57.73
N ALA OA 99 6.90 -182.73 57.32
CA ALA OA 99 6.47 -181.40 56.92
C ALA OA 99 5.23 -180.99 57.69
N GLY OA 100 5.11 -179.70 57.96
CA GLY OA 100 3.97 -179.18 58.69
C GLY OA 100 3.86 -177.68 58.50
N SER OA 101 2.70 -177.15 58.85
CA SER OA 101 2.42 -175.73 58.66
C SER OA 101 1.28 -175.30 59.58
N VAL OA 102 1.10 -173.99 59.68
CA VAL OA 102 0.02 -173.41 60.47
C VAL OA 102 -1.00 -172.80 59.50
N PRO OA 103 -2.29 -172.75 59.84
CA PRO OA 103 -3.27 -172.25 58.87
C PRO OA 103 -3.29 -170.75 58.72
N CYS OA 104 -2.62 -170.00 59.60
CA CYS OA 104 -2.75 -168.54 59.61
C CYS OA 104 -1.39 -167.92 59.87
N PHE OA 105 -1.28 -166.64 59.52
CA PHE OA 105 -0.01 -165.93 59.57
C PHE OA 105 0.23 -165.23 60.90
N ASN OA 106 -0.67 -164.35 61.31
CA ASN OA 106 -0.51 -163.52 62.51
C ASN OA 106 0.64 -162.54 62.23
N GLY OA 107 1.66 -162.45 63.07
CA GLY OA 107 2.68 -161.44 62.94
C GLY OA 107 3.52 -161.61 61.70
N PRO OA 108 4.29 -160.57 61.33
CA PRO OA 108 5.13 -160.65 60.13
C PRO OA 108 6.34 -161.57 60.28
N TRP OA 109 6.81 -161.82 61.50
CA TRP OA 109 7.87 -162.78 61.77
C TRP OA 109 7.25 -164.03 62.35
N ILE OA 110 7.99 -165.14 62.24
CA ILE OA 110 7.58 -166.42 62.82
C ILE OA 110 8.81 -167.11 63.38
N SER OA 111 8.58 -168.03 64.30
CA SER OA 111 9.67 -168.71 64.98
C SER OA 111 9.17 -170.02 65.56
N ILE OA 112 10.11 -170.85 65.97
CA ILE OA 112 9.81 -172.14 66.59
C ILE OA 112 10.98 -172.53 67.48
N ALA OA 113 10.67 -173.13 68.62
CA ALA OA 113 11.70 -173.52 69.58
C ALA OA 113 11.15 -174.67 70.41
N PRO OA 114 12.03 -175.49 70.99
CA PRO OA 114 11.56 -176.61 71.81
C PRO OA 114 10.97 -176.12 73.13
N VAL OA 115 10.08 -176.94 73.69
CA VAL OA 115 9.49 -176.61 74.98
C VAL OA 115 10.56 -176.62 76.07
N THR OA 116 11.52 -177.54 75.97
CA THR OA 116 12.61 -177.59 76.92
C THR OA 116 13.90 -177.86 76.17
N VAL OA 117 15.02 -177.50 76.81
CA VAL OA 117 16.35 -177.70 76.23
C VAL OA 117 16.98 -178.88 76.96
N ASN OA 118 17.30 -179.92 76.21
CA ASN OA 118 17.89 -181.14 76.76
C ASN OA 118 18.74 -181.78 75.68
N ALA OA 119 19.26 -182.98 75.96
CA ALA OA 119 20.06 -183.69 74.97
C ALA OA 119 19.24 -184.02 73.74
N ASP OA 120 18.00 -184.46 73.93
CA ASP OA 120 17.17 -184.86 72.79
C ASP OA 120 16.88 -183.67 71.89
N SER OA 121 16.67 -182.49 72.47
CA SER OA 121 16.30 -181.32 71.68
C SER OA 121 17.39 -180.90 70.70
N ALA OA 122 18.62 -181.36 70.91
CA ALA OA 122 19.73 -181.00 70.02
C ALA OA 122 19.83 -181.90 68.81
N LYS OA 123 18.98 -182.90 68.68
CA LYS OA 123 19.03 -183.85 67.59
C LYS OA 123 18.08 -183.52 66.44
N VAL OA 124 17.43 -182.36 66.49
CA VAL OA 124 16.41 -182.01 65.51
C VAL OA 124 16.83 -180.72 64.81
N GLN OA 125 16.54 -180.66 63.51
CA GLN OA 125 16.81 -179.48 62.69
C GLN OA 125 15.52 -179.04 62.02
N VAL OA 126 15.21 -177.75 62.12
CA VAL OA 126 13.97 -177.19 61.61
C VAL OA 126 14.32 -176.13 60.57
N THR OA 127 13.61 -176.16 59.44
CA THR OA 127 13.84 -175.23 58.35
C THR OA 127 12.50 -174.72 57.84
N VAL OA 128 12.47 -173.47 57.39
CA VAL OA 128 11.27 -172.80 56.94
C VAL OA 128 11.41 -172.50 55.46
N THR OA 129 10.38 -172.83 54.68
CA THR OA 129 10.35 -172.62 53.24
C THR OA 129 9.22 -171.66 52.89
N MET OA 130 9.52 -170.69 52.02
CA MET OA 130 8.53 -169.76 51.52
C MET OA 130 8.28 -170.03 50.05
N LYS OA 131 7.03 -169.86 49.61
CA LYS OA 131 6.58 -170.35 48.32
C LYS OA 131 6.20 -169.24 47.34
N GLY OA 132 6.31 -167.97 47.72
CA GLY OA 132 5.94 -166.93 46.79
C GLY OA 132 6.35 -165.53 47.21
N ALA OA 133 6.93 -164.79 46.27
CA ALA OA 133 7.23 -163.38 46.49
C ALA OA 133 6.13 -162.51 45.89
N THR OA 134 5.78 -161.45 46.62
CA THR OA 134 4.71 -160.55 46.19
C THR OA 134 5.17 -159.12 45.94
N ARG OA 135 6.23 -158.66 46.60
CA ARG OA 135 6.71 -157.31 46.39
C ARG OA 135 7.20 -157.12 44.96
N PHE PA 165 -26.55 -44.37 46.34
CA PHE PA 165 -25.60 -43.81 45.33
C PHE PA 165 -25.85 -42.32 45.13
N GLU PA 166 -25.21 -41.50 45.94
CA GLU PA 166 -25.37 -40.05 45.88
C GLU PA 166 -24.26 -39.43 45.05
N ALA PA 167 -24.62 -38.37 44.32
CA ALA PA 167 -23.63 -37.67 43.50
C ALA PA 167 -22.49 -37.16 44.36
N SER PA 168 -22.80 -36.64 45.54
CA SER PA 168 -21.77 -36.13 46.42
C SER PA 168 -20.89 -37.23 47.02
N THR PA 169 -21.12 -38.49 46.68
CA THR PA 169 -20.30 -39.57 47.22
C THR PA 169 -19.93 -40.61 46.18
N ILE PA 170 -20.23 -40.38 44.90
CA ILE PA 170 -19.73 -41.24 43.82
C ILE PA 170 -18.83 -40.41 42.91
N GLY PA 171 -18.19 -41.10 41.97
CA GLY PA 171 -17.22 -40.48 41.10
C GLY PA 171 -17.85 -39.62 40.01
N PRO PA 172 -17.11 -38.64 39.50
CA PRO PA 172 -17.66 -37.79 38.43
C PRO PA 172 -17.96 -38.54 37.15
N ALA PA 173 -17.33 -39.69 36.93
CA ALA PA 173 -17.43 -40.37 35.65
C ALA PA 173 -18.83 -40.83 35.31
N PHE PA 174 -19.74 -40.87 36.28
CA PHE PA 174 -21.08 -41.39 36.03
C PHE PA 174 -22.02 -40.37 35.39
N PHE PA 175 -21.62 -39.10 35.30
CA PHE PA 175 -22.46 -38.05 34.74
C PHE PA 175 -21.74 -37.42 33.55
N THR PA 176 -22.43 -37.37 32.41
CA THR PA 176 -21.86 -36.78 31.19
C THR PA 176 -22.55 -35.46 30.89
N PRO PA 177 -21.82 -34.35 30.77
CA PRO PA 177 -22.46 -33.05 30.61
C PRO PA 177 -23.04 -32.86 29.21
N GLN PA 178 -23.83 -31.80 29.09
CA GLN PA 178 -24.43 -31.42 27.82
C GLN PA 178 -23.44 -30.57 27.02
N VAL PA 179 -23.13 -31.00 25.80
CA VAL PA 179 -22.18 -30.28 24.97
C VAL PA 179 -22.92 -29.19 24.20
N LEU PA 180 -22.66 -27.93 24.55
CA LEU PA 180 -23.26 -26.81 23.85
C LEU PA 180 -22.54 -26.54 22.55
N ALA PA 181 -23.26 -25.96 21.59
CA ALA PA 181 -22.72 -25.72 20.26
C ALA PA 181 -22.38 -24.26 20.05
N LEU PA 182 -21.89 -23.58 21.08
CA LEU PA 182 -21.50 -22.18 20.99
C LEU PA 182 -20.03 -22.03 21.35
N GLU PA 183 -19.38 -21.09 20.68
CA GLU PA 183 -17.96 -20.80 20.87
C GLU PA 183 -17.80 -19.34 21.22
N VAL PA 184 -16.94 -19.05 22.19
CA VAL PA 184 -16.75 -17.71 22.72
C VAL PA 184 -15.43 -17.17 22.21
N ASP PA 185 -15.43 -15.93 21.75
CA ASP PA 185 -14.22 -15.29 21.21
C ASP PA 185 -14.35 -13.80 21.36
N CYS PA 186 -13.34 -13.18 21.98
CA CYS PA 186 -13.34 -11.74 22.23
C CYS PA 186 -12.25 -11.00 21.45
N ASN PA 187 -11.39 -11.72 20.74
CA ASN PA 187 -10.30 -11.07 20.03
C ASN PA 187 -10.83 -10.21 18.89
N ILE PA 188 -10.23 -9.03 18.72
CA ILE PA 188 -10.60 -8.09 17.67
C ILE PA 188 -9.35 -7.57 16.99
N GLU PA 189 -9.51 -7.14 15.74
CA GLU PA 189 -8.45 -6.49 14.99
C GLU PA 189 -8.98 -5.16 14.46
N CYS PA 190 -8.19 -4.10 14.68
CA CYS PA 190 -8.64 -2.76 14.36
C CYS PA 190 -8.73 -2.57 12.85
N ALA PA 191 -9.46 -1.52 12.46
CA ALA PA 191 -9.61 -1.20 11.05
C ALA PA 191 -8.28 -0.79 10.45
N SER PA 192 -8.05 -1.16 9.19
CA SER PA 192 -6.78 -0.91 8.53
C SER PA 192 -6.87 0.33 7.66
N LEU PA 193 -5.78 1.11 7.65
CA LEU PA 193 -5.66 2.27 6.79
C LEU PA 193 -5.04 1.95 5.44
N LEU PA 194 -4.81 0.65 5.15
CA LEU PA 194 -4.11 0.27 3.94
C LEU PA 194 -4.82 0.77 2.69
N ASP PA 195 -6.13 1.01 2.77
CA ASP PA 195 -6.88 1.41 1.58
C ASP PA 195 -6.43 2.77 1.06
N LEU PA 196 -6.18 3.73 1.96
CA LEU PA 196 -5.89 5.09 1.54
C LEU PA 196 -4.63 5.18 0.70
N TYR PA 197 -3.55 4.50 1.08
CA TYR PA 197 -2.27 4.67 0.43
C TYR PA 197 -2.37 4.35 -1.06
N GLY PA 198 -1.37 4.81 -1.80
CA GLY PA 198 -1.32 4.52 -3.23
C GLY PA 198 -0.83 3.10 -3.46
N GLN PA 199 -1.45 2.41 -4.42
CA GLN PA 199 -1.21 1.00 -4.65
C GLN PA 199 -0.35 0.81 -5.90
N ILE PA 200 0.69 -0.01 -5.78
CA ILE PA 200 1.63 -0.28 -6.85
C ILE PA 200 1.92 -1.77 -6.89
N GLU PA 201 2.17 -2.28 -8.09
CA GLU PA 201 2.49 -3.70 -8.30
C GLU PA 201 3.87 -3.84 -8.90
N VAL PA 202 4.63 -4.82 -8.42
CA VAL PA 202 5.95 -5.13 -8.93
C VAL PA 202 6.05 -6.64 -9.14
N SER PA 203 6.99 -7.05 -9.99
CA SER PA 203 7.26 -8.46 -10.23
C SER PA 203 8.74 -8.78 -10.07
N ARG PA 204 9.50 -7.94 -9.39
CA ARG PA 204 10.91 -8.19 -9.15
C ARG PA 204 11.27 -7.63 -7.78
N SER PA 205 12.39 -8.12 -7.24
CA SER PA 205 12.79 -7.75 -5.89
C SER PA 205 13.27 -6.30 -5.78
N THR PA 206 13.46 -5.61 -6.88
CA THR PA 206 13.97 -4.24 -6.85
C THR PA 206 13.33 -3.44 -7.97
N PHE PA 207 13.25 -2.12 -7.79
CA PHE PA 207 12.61 -1.24 -8.75
C PHE PA 207 13.23 0.14 -8.63
N THR PA 208 12.94 0.99 -9.63
CA THR PA 208 13.53 2.32 -9.70
C THR PA 208 12.50 3.31 -10.23
N TYR PA 209 12.69 4.58 -9.88
CA TYR PA 209 11.81 5.65 -10.34
C TYR PA 209 12.53 6.97 -10.19
N MET PA 210 12.03 7.99 -10.90
CA MET PA 210 12.62 9.31 -10.93
C MET PA 210 11.92 10.24 -9.95
N LYS PA 211 12.51 11.40 -9.75
CA LYS PA 211 11.94 12.47 -8.93
C LYS PA 211 12.53 13.80 -9.37
N ILE PA 212 11.67 14.81 -9.49
CA ILE PA 212 12.10 16.16 -9.84
C ILE PA 212 12.34 16.89 -8.52
N ALA PA 213 13.61 17.04 -8.15
CA ALA PA 213 13.93 17.70 -6.89
C ALA PA 213 13.72 19.21 -6.95
N ASP PA 214 13.96 19.82 -8.11
CA ASP PA 214 13.93 21.27 -8.22
C ASP PA 214 13.69 21.65 -9.67
N TYR PA 215 13.26 22.90 -9.88
CA TYR PA 215 13.10 23.45 -11.21
C TYR PA 215 14.14 24.50 -11.57
N GLY PA 216 14.74 25.15 -10.57
CA GLY PA 216 15.77 26.13 -10.82
C GLY PA 216 15.19 27.46 -11.28
N GLN PA 217 16.06 28.47 -11.30
CA GLN PA 217 15.69 29.82 -11.69
C GLN PA 217 16.32 30.13 -13.04
N LEU PA 218 15.49 30.61 -13.98
CA LEU PA 218 15.94 30.96 -15.31
C LEU PA 218 15.41 32.33 -15.70
N GLY PA 219 16.30 33.20 -16.15
CA GLY PA 219 15.90 34.51 -16.65
C GLY PA 219 15.51 35.49 -15.57
N GLU PA 220 15.62 36.78 -15.87
CA GLU PA 220 15.28 37.83 -14.93
C GLU PA 220 15.01 39.11 -15.70
N TYR PA 221 14.40 40.08 -15.00
CA TYR PA 221 14.20 41.40 -15.58
C TYR PA 221 15.51 42.18 -15.56
N THR PA 222 15.89 42.72 -16.71
CA THR PA 222 17.19 43.38 -16.86
C THR PA 222 17.01 44.77 -17.46
N CYS PA 223 17.96 45.65 -17.16
CA CYS PA 223 17.96 46.98 -17.75
C CYS PA 223 18.02 46.89 -19.26
N ASP PA 224 17.27 47.76 -19.93
CA ASP PA 224 17.19 47.69 -21.39
C ASP PA 224 18.52 48.02 -22.04
N ALA PA 225 19.31 48.90 -21.44
CA ALA PA 225 20.56 49.34 -22.05
C ALA PA 225 21.57 48.21 -22.21
N LYS PA 226 21.50 47.19 -21.36
CA LYS PA 226 22.46 46.09 -21.43
C LYS PA 226 22.23 45.26 -22.68
N CYS PA 227 23.31 44.72 -23.24
CA CYS PA 227 23.28 44.05 -24.53
C CYS PA 227 23.45 42.54 -24.43
N ASP PA 228 23.35 41.96 -23.24
CA ASP PA 228 23.52 40.52 -23.10
C ASP PA 228 22.70 40.06 -21.88
N ALA PA 229 22.81 38.77 -21.57
CA ALA PA 229 22.07 38.18 -20.47
C ALA PA 229 22.94 37.15 -19.77
N GLU PA 230 22.48 36.69 -18.61
CA GLU PA 230 23.25 35.83 -17.74
C GLU PA 230 22.71 34.40 -17.76
N PHE PA 231 23.52 33.48 -17.23
CA PHE PA 231 23.09 32.11 -17.04
C PHE PA 231 22.54 31.92 -15.63
N GLY PA 232 21.40 31.24 -15.54
CA GLY PA 232 20.79 30.96 -14.26
C GLY PA 232 21.37 29.72 -13.62
N GLU PA 233 20.63 29.19 -12.65
CA GLU PA 233 21.00 27.95 -11.99
C GLU PA 233 19.96 26.89 -12.33
N PRO PA 234 20.25 25.97 -13.24
CA PRO PA 234 19.23 25.00 -13.67
C PRO PA 234 18.80 24.07 -12.54
N GLY PA 235 17.73 23.33 -12.79
CA GLY PA 235 17.14 22.48 -11.79
C GLY PA 235 17.95 21.21 -11.56
N ASN PA 236 17.32 20.30 -10.82
CA ASN PA 236 17.96 19.04 -10.44
C ASN PA 236 16.95 17.90 -10.54
N ILE PA 237 17.42 16.77 -11.05
CA ILE PA 237 16.61 15.56 -11.14
C ILE PA 237 17.38 14.43 -10.46
N ARG PA 238 16.67 13.56 -9.77
CA ARG PA 238 17.26 12.52 -8.96
C ARG PA 238 16.70 11.16 -9.34
N HIS PA 239 17.54 10.14 -9.23
CA HIS PA 239 17.13 8.76 -9.44
C HIS PA 239 17.06 8.05 -8.10
N LEU PA 240 15.94 7.37 -7.85
CA LEU PA 240 15.71 6.68 -6.59
C LEU PA 240 15.25 5.26 -6.86
N GLU PA 241 15.47 4.38 -5.89
CA GLU PA 241 15.06 2.98 -6.01
C GLU PA 241 14.70 2.45 -4.63
N GLY PA 242 13.93 1.35 -4.63
CA GLY PA 242 13.43 0.78 -3.40
C GLY PA 242 13.78 -0.70 -3.31
N LYS PA 243 13.06 -1.39 -2.42
CA LYS PA 243 13.31 -2.79 -2.12
C LYS PA 243 12.02 -3.47 -1.70
N THR PA 244 12.01 -4.80 -1.79
CA THR PA 244 10.90 -5.62 -1.34
C THR PA 244 11.38 -6.57 -0.26
N TYR PA 245 10.51 -6.84 0.72
CA TYR PA 245 10.88 -7.62 1.89
C TYR PA 245 10.15 -8.95 1.92
N ASP PA 246 10.56 -9.82 2.86
CA ASP PA 246 10.13 -11.21 2.90
C ASP PA 246 9.60 -11.55 4.28
N TYR PA 247 8.52 -12.31 4.32
CA TYR PA 247 7.91 -12.79 5.56
C TYR PA 247 7.84 -14.32 5.48
N ARG PA 248 8.30 -14.99 6.54
CA ARG PA 248 8.41 -16.44 6.49
C ARG PA 248 8.22 -17.03 7.89
N GLY PA 249 7.87 -18.32 7.92
CA GLY PA 249 7.66 -19.02 9.17
C GLY PA 249 7.52 -20.51 8.92
N VAL PA 250 7.48 -21.26 10.02
CA VAL PA 250 7.44 -22.72 9.95
C VAL PA 250 6.84 -23.26 11.25
N PHE PA 251 6.09 -24.35 11.14
CA PHE PA 251 5.54 -25.03 12.31
C PHE PA 251 5.45 -26.53 12.02
N CYS PA 252 5.51 -27.33 13.08
CA CYS PA 252 5.54 -28.78 12.94
C CYS PA 252 4.57 -29.41 13.93
N PHE PA 253 4.16 -30.64 13.61
CA PHE PA 253 3.18 -31.38 14.41
C PHE PA 253 3.67 -32.80 14.67
N ASN PA 254 3.05 -33.45 15.65
CA ASN PA 254 3.22 -34.88 15.85
C ASN PA 254 2.04 -35.62 15.26
N ARG PA 255 2.33 -36.63 14.43
CA ARG PA 255 1.28 -37.20 13.58
C ARG PA 255 0.17 -37.84 14.40
N LYS PA 256 0.53 -38.69 15.38
CA LYS PA 256 -0.51 -39.41 16.12
C LYS PA 256 -1.35 -38.46 16.95
N ASN PA 257 -0.71 -37.51 17.64
CA ASN PA 257 -1.46 -36.55 18.45
C ASN PA 257 -2.40 -35.73 17.57
N LEU PA 258 -1.90 -35.24 16.45
CA LEU PA 258 -2.73 -34.45 15.55
C LEU PA 258 -3.88 -35.27 14.99
N GLN PA 259 -3.66 -36.57 14.76
CA GLN PA 259 -4.70 -37.42 14.19
C GLN PA 259 -5.74 -37.85 15.22
N GLU PA 260 -5.37 -37.90 16.49
CA GLU PA 260 -6.31 -38.34 17.53
C GLU PA 260 -7.00 -37.19 18.25
N ALA PA 261 -6.46 -35.98 18.20
CA ALA PA 261 -7.14 -34.85 18.82
C ALA PA 261 -8.51 -34.67 18.19
N ASN PA 262 -9.49 -34.31 19.03
CA ASN PA 262 -10.86 -34.16 18.56
C ASN PA 262 -11.15 -32.78 17.97
N TYR PA 263 -10.16 -31.88 17.95
CA TYR PA 263 -10.33 -30.55 17.38
C TYR PA 263 -9.24 -30.33 16.33
N ASP PA 264 -9.66 -29.91 15.14
CA ASP PA 264 -8.75 -29.74 14.00
C ASP PA 264 -7.80 -28.58 14.27
N PHE PA 265 -6.52 -28.88 14.47
CA PHE PA 265 -5.52 -27.86 14.71
C PHE PA 265 -4.88 -27.33 13.44
N LEU PA 266 -4.91 -28.08 12.35
CA LEU PA 266 -4.24 -27.66 11.12
C LEU PA 266 -4.85 -26.36 10.59
N SER PA 267 -6.18 -26.36 10.40
CA SER PA 267 -6.84 -25.16 9.92
C SER PA 267 -6.75 -24.02 10.92
N PHE PA 268 -6.77 -24.32 12.21
CA PHE PA 268 -6.58 -23.28 13.22
C PHE PA 268 -5.24 -22.58 13.03
N MET PA 269 -4.17 -23.36 12.87
CA MET PA 269 -2.84 -22.77 12.69
C MET PA 269 -2.73 -22.01 11.38
N ILE PA 270 -3.32 -22.54 10.31
CA ILE PA 270 -3.30 -21.83 9.03
C ILE PA 270 -3.99 -20.48 9.18
N GLY PA 271 -5.18 -20.47 9.78
CA GLY PA 271 -5.88 -19.22 9.97
C GLY PA 271 -5.12 -18.25 10.86
N ALA PA 272 -4.46 -18.78 11.90
CA ALA PA 272 -3.68 -17.93 12.77
C ALA PA 272 -2.53 -17.26 12.02
N ALA PA 273 -1.84 -18.02 11.17
CA ALA PA 273 -0.75 -17.43 10.37
C ALA PA 273 -1.30 -16.35 9.43
N GLN PA 274 -2.40 -16.66 8.75
CA GLN PA 274 -2.99 -15.67 7.85
C GLN PA 274 -3.37 -14.41 8.61
N ARG PA 275 -3.98 -14.56 9.78
CA ARG PA 275 -4.39 -13.40 10.56
C ARG PA 275 -3.19 -12.58 11.01
N SER PA 276 -2.14 -13.25 11.49
CA SER PA 276 -0.97 -12.52 11.97
C SER PA 276 -0.27 -11.78 10.84
N HIS PA 277 -0.31 -12.31 9.62
CA HIS PA 277 0.28 -11.60 8.49
C HIS PA 277 -0.28 -10.19 8.37
N ARG PA 278 -1.61 -10.07 8.41
CA ARG PA 278 -2.25 -8.77 8.24
C ARG PA 278 -1.85 -7.81 9.35
N ILE PA 279 -1.87 -8.29 10.60
CA ILE PA 279 -1.53 -7.43 11.73
C ILE PA 279 -0.12 -6.90 11.57
N ASN PA 280 0.83 -7.79 11.25
CA ASN PA 280 2.22 -7.36 11.13
C ASN PA 280 2.42 -6.41 9.96
N ARG PA 281 1.76 -6.66 8.83
CA ARG PA 281 1.89 -5.76 7.68
C ARG PA 281 1.38 -4.36 8.02
N ASN PA 282 0.19 -4.29 8.63
CA ASN PA 282 -0.39 -2.99 8.98
C ASN PA 282 0.51 -2.25 9.97
N ARG PA 283 1.00 -2.97 10.99
CA ARG PA 283 1.89 -2.32 11.95
C ARG PA 283 3.15 -1.82 11.27
N ALA PA 284 3.71 -2.61 10.36
CA ALA PA 284 4.95 -2.22 9.71
C ALA PA 284 4.77 -0.96 8.89
N LEU PA 285 3.67 -0.86 8.15
CA LEU PA 285 3.46 0.32 7.31
C LEU PA 285 3.42 1.59 8.14
N MET PA 286 2.97 1.52 9.40
CA MET PA 286 2.83 2.73 10.20
C MET PA 286 4.09 3.03 10.99
N VAL PA 287 4.65 2.03 11.68
CA VAL PA 287 5.72 2.28 12.63
C VAL PA 287 6.91 1.37 12.34
N GLY PA 288 6.94 0.76 11.16
CA GLY PA 288 8.04 -0.11 10.81
C GLY PA 288 9.35 0.64 10.67
N ASP PA 289 10.45 -0.11 10.75
CA ASP PA 289 11.79 0.42 10.57
C ASP PA 289 12.42 -0.21 9.34
N GLY PA 290 13.36 0.51 8.74
CA GLY PA 290 13.90 0.12 7.45
C GLY PA 290 14.91 -1.01 7.47
N ILE PA 291 15.29 -1.51 8.65
CA ILE PA 291 16.32 -2.54 8.72
C ILE PA 291 15.87 -3.79 7.96
N ASN PA 292 14.67 -4.28 8.25
CA ASN PA 292 14.09 -5.40 7.54
C ASN PA 292 12.63 -5.21 7.20
N GLU PA 293 12.00 -4.12 7.65
CA GLU PA 293 10.59 -3.84 7.42
C GLU PA 293 10.44 -2.54 6.63
N PRO PA 294 9.33 -2.37 5.93
CA PRO PA 294 9.07 -1.08 5.29
C PRO PA 294 9.03 0.02 6.34
N LYS PA 295 9.59 1.18 5.99
CA LYS PA 295 9.61 2.29 6.93
C LYS PA 295 8.25 2.98 6.94
N GLY PA 296 7.73 3.25 8.13
CA GLY PA 296 6.45 3.90 8.28
C GLY PA 296 6.59 5.40 8.49
N TRP PA 297 5.52 6.12 8.16
CA TRP PA 297 5.55 7.57 8.26
C TRP PA 297 5.66 8.05 9.70
N LEU PA 298 5.02 7.36 10.65
CA LEU PA 298 5.19 7.74 12.05
C LEU PA 298 6.63 7.56 12.51
N LYS PA 299 7.24 6.43 12.19
CA LYS PA 299 8.63 6.21 12.59
C LYS PA 299 9.56 7.21 11.93
N GLU PA 300 9.38 7.48 10.64
CA GLU PA 300 10.22 8.44 9.95
C GLU PA 300 10.06 9.83 10.54
N ASP PA 301 8.82 10.23 10.82
CA ASP PA 301 8.54 11.54 11.41
C ASP PA 301 9.09 12.66 10.55
N CYS PA 302 8.94 12.52 9.23
CA CYS PA 302 9.37 13.58 8.33
C CYS PA 302 8.26 14.59 8.03
N PHE PA 303 7.03 14.27 8.41
CA PHE PA 303 5.93 15.20 8.17
C PHE PA 303 6.09 16.44 9.04
N PRO PA 304 5.70 17.63 8.55
CA PRO PA 304 5.78 18.83 9.39
C PRO PA 304 4.83 18.73 10.56
N THR PA 305 5.22 19.36 11.68
CA THR PA 305 4.52 19.23 12.95
C THR PA 305 3.99 20.59 13.39
N PHE PA 306 2.75 20.60 13.89
CA PHE PA 306 2.13 21.79 14.44
C PHE PA 306 1.89 21.58 15.93
N LEU PA 307 2.42 22.47 16.76
CA LEU PA 307 2.21 22.39 18.20
C LEU PA 307 1.00 23.21 18.62
N THR PA 308 0.40 22.81 19.74
CA THR PA 308 -0.74 23.54 20.30
C THR PA 308 -0.20 24.58 21.27
N LEU PA 309 -1.07 25.27 22.00
CA LEU PA 309 -0.66 26.28 22.97
C LEU PA 309 -1.28 25.96 24.32
N PRO PA 310 -0.64 26.38 25.40
CA PRO PA 310 -1.23 26.20 26.74
C PRO PA 310 -2.23 27.29 27.06
N VAL PA 311 -3.11 27.00 28.01
CA VAL PA 311 -4.11 27.93 28.49
C VAL PA 311 -3.79 28.28 29.94
N ASN PA 312 -3.78 29.57 30.25
CA ASN PA 312 -3.45 30.04 31.59
C ASN PA 312 -4.71 29.94 32.45
N THR PA 313 -4.78 28.90 33.28
CA THR PA 313 -5.93 28.69 34.15
C THR PA 313 -5.79 29.35 35.50
N GLY PA 314 -4.68 30.05 35.77
CA GLY PA 314 -4.50 30.76 37.00
C GLY PA 314 -4.83 32.24 36.85
N THR PA 315 -4.59 32.98 37.93
CA THR PA 315 -4.77 34.42 37.91
C THR PA 315 -3.65 35.06 37.10
N PRO PA 316 -3.89 36.26 36.53
CA PRO PA 316 -2.88 36.85 35.64
C PRO PA 316 -1.50 37.00 36.28
N GLU PA 317 -1.44 37.35 37.57
CA GLU PA 317 -0.13 37.56 38.20
C GLU PA 317 0.52 36.26 38.65
N ASN PA 318 -0.21 35.14 38.62
CA ASN PA 318 0.33 33.83 38.99
C ASN PA 318 -0.06 32.83 37.92
N PRO PA 319 0.58 32.87 36.75
CA PRO PA 319 0.15 32.01 35.65
C PRO PA 319 0.31 30.53 35.97
N VAL PA 320 -0.59 29.73 35.41
CA VAL PA 320 -0.52 28.28 35.46
C VAL PA 320 -0.68 27.78 34.02
N GLN PA 321 0.39 27.23 33.45
CA GLN PA 321 0.41 26.84 32.04
C GLN PA 321 -0.09 25.41 31.89
N THR PA 322 -1.40 25.28 31.77
CA THR PA 322 -2.03 23.98 31.59
C THR PA 322 -2.13 23.64 30.12
N PRO PA 323 -1.54 22.54 29.64
CA PRO PA 323 -1.72 22.18 28.23
C PRO PA 323 -3.17 21.83 27.95
N ALA PA 324 -3.62 22.13 26.73
CA ALA PA 324 -5.02 21.97 26.39
C ALA PA 324 -5.15 21.79 24.87
N PHE PA 325 -6.34 21.39 24.45
CA PHE PA 325 -6.67 21.19 23.05
C PHE PA 325 -8.11 21.65 22.86
N LEU PA 326 -8.30 22.88 22.40
CA LEU PA 326 -9.61 23.50 22.33
C LEU PA 326 -10.30 23.18 21.01
N ALA PA 327 -11.58 23.57 20.93
CA ALA PA 327 -12.38 23.24 19.77
C ALA PA 327 -11.86 23.91 18.50
N GLN PA 328 -11.49 25.18 18.60
CA GLN PA 328 -11.10 25.93 17.42
C GLN PA 328 -9.73 25.54 16.89
N ASP PA 329 -8.91 24.88 17.69
CA ASP PA 329 -7.64 24.36 17.18
C ASP PA 329 -7.87 23.36 16.06
N TRP PA 330 -8.86 22.49 16.19
CA TRP PA 330 -9.16 21.54 15.14
C TRP PA 330 -9.52 22.25 13.84
N ARG PA 331 -10.38 23.27 13.92
CA ARG PA 331 -10.77 23.99 12.72
C ARG PA 331 -9.56 24.70 12.10
N ARG PA 332 -8.76 25.36 12.93
CA ARG PA 332 -7.59 26.07 12.41
C ARG PA 332 -6.65 25.12 11.71
N PHE PA 333 -6.41 23.94 12.30
CA PHE PA 333 -5.52 22.97 11.70
C PHE PA 333 -6.09 22.44 10.39
N VAL PA 334 -7.36 22.01 10.41
CA VAL PA 334 -7.92 21.32 9.24
C VAL PA 334 -8.08 22.26 8.07
N THR PA 335 -8.38 23.54 8.32
CA THR PA 335 -8.63 24.48 7.23
C THR PA 335 -7.38 25.16 6.72
N SER PA 336 -6.20 24.79 7.22
CA SER PA 336 -4.95 25.41 6.80
C SER PA 336 -4.17 24.57 5.81
N PHE PA 337 -4.77 23.54 5.24
CA PHE PA 337 -4.07 22.68 4.28
C PHE PA 337 -4.02 23.36 2.92
N PRO PA 338 -2.84 23.54 2.32
CA PRO PA 338 -2.78 24.20 1.02
C PRO PA 338 -3.66 23.51 -0.02
N ALA PA 339 -4.37 24.32 -0.81
CA ALA PA 339 -5.33 23.77 -1.76
C ALA PA 339 -4.66 23.13 -2.96
N GLU PA 340 -3.41 23.50 -3.27
CA GLU PA 340 -2.76 22.99 -4.47
C GLU PA 340 -2.54 21.49 -4.40
N TYR PA 341 -2.39 20.94 -3.20
CA TYR PA 341 -2.10 19.52 -3.05
C TYR PA 341 -3.31 18.62 -3.32
N GLY PA 342 -4.53 19.15 -3.21
CA GLY PA 342 -5.71 18.38 -3.54
C GLY PA 342 -6.43 17.81 -2.33
N ASP PA 343 -7.13 16.71 -2.53
CA ASP PA 343 -7.95 16.13 -1.48
C ASP PA 343 -7.09 15.63 -0.33
N ALA PA 344 -7.56 15.81 0.90
CA ALA PA 344 -6.88 15.36 2.09
C ALA PA 344 -7.91 14.81 3.09
N ARG PA 345 -7.49 13.84 3.89
CA ARG PA 345 -8.35 13.23 4.89
C ARG PA 345 -7.58 13.07 6.20
N SER PA 346 -8.27 13.23 7.31
CA SER PA 346 -7.64 13.14 8.62
C SER PA 346 -7.83 11.75 9.22
N VAL PA 347 -6.87 11.36 10.05
CA VAL PA 347 -6.92 10.08 10.77
C VAL PA 347 -6.60 10.35 12.23
N MET PA 348 -7.36 9.71 13.12
CA MET PA 348 -7.18 9.90 14.55
C MET PA 348 -7.85 8.75 15.28
N HIS PA 349 -7.51 8.61 16.56
CA HIS PA 349 -8.11 7.56 17.39
C HIS PA 349 -9.54 7.93 17.75
N GLN PA 350 -10.35 6.91 18.00
CA GLN PA 350 -11.76 7.12 18.33
C GLN PA 350 -11.90 8.02 19.56
N ASN PA 351 -11.02 7.85 20.54
CA ASN PA 351 -11.11 8.63 21.77
C ASN PA 351 -10.89 10.12 21.53
N VAL PA 352 -10.07 10.49 20.55
CA VAL PA 352 -9.90 11.91 20.26
C VAL PA 352 -11.20 12.52 19.76
N PHE PA 353 -11.90 11.83 18.85
CA PHE PA 353 -13.19 12.32 18.40
C PHE PA 353 -14.20 12.35 19.54
N GLY PA 354 -14.18 11.33 20.40
CA GLY PA 354 -15.06 11.34 21.55
C GLY PA 354 -14.83 12.54 22.46
N TYR PA 355 -13.57 12.85 22.72
CA TYR PA 355 -13.23 14.03 23.52
C TYR PA 355 -13.67 15.30 22.83
N LEU PA 356 -13.48 15.38 21.51
CA LEU PA 356 -13.82 16.59 20.77
C LEU PA 356 -15.32 16.84 20.80
N ALA PA 357 -16.13 15.79 20.65
CA ALA PA 357 -17.57 15.96 20.49
C ALA PA 357 -18.30 16.25 21.79
N ALA PA 358 -17.59 16.40 22.92
CA ALA PA 358 -18.22 16.63 24.21
C ALA PA 358 -17.92 18.01 24.79
N MET PA 359 -17.53 18.98 23.97
CA MET PA 359 -17.22 20.30 24.48
C MET PA 359 -18.49 21.12 24.67
N VAL PA 360 -18.44 22.03 25.65
CA VAL PA 360 -19.56 22.91 25.96
C VAL PA 360 -19.03 24.32 26.12
N ASP PA 361 -19.85 25.29 25.75
CA ASP PA 361 -19.48 26.69 25.85
C ASP PA 361 -19.65 27.18 27.29
N ALA PA 362 -19.56 28.49 27.48
CA ALA PA 362 -19.60 29.07 28.82
C ALA PA 362 -20.97 28.91 29.49
N ASN PA 363 -22.04 28.78 28.71
CA ASN PA 363 -23.37 28.62 29.29
C ASN PA 363 -23.72 27.16 29.58
N GLY PA 364 -22.97 26.22 29.04
CA GLY PA 364 -23.22 24.81 29.24
C GLY PA 364 -23.83 24.09 28.06
N ARG PA 365 -24.35 24.81 27.07
CA ARG PA 365 -24.91 24.16 25.89
C ARG PA 365 -23.80 23.57 25.04
N PHE PA 366 -24.12 22.47 24.38
CA PHE PA 366 -23.12 21.73 23.60
C PHE PA 366 -22.73 22.50 22.35
N LEU PA 367 -21.44 22.46 22.02
CA LEU PA 367 -21.01 22.83 20.69
C LEU PA 367 -21.28 21.67 19.73
N PHE PA 368 -21.12 21.93 18.45
CA PHE PA 368 -21.40 20.90 17.43
C PHE PA 368 -22.84 20.45 17.64
N GLY PA 369 -23.11 19.15 17.49
CA GLY PA 369 -24.44 18.64 17.69
C GLY PA 369 -25.07 19.16 18.97
N ASP PA 370 -26.14 19.94 18.83
CA ASP PA 370 -26.79 20.59 19.97
C ASP PA 370 -28.27 20.31 19.92
N GLY PA 371 -28.89 20.24 21.11
CA GLY PA 371 -30.29 19.91 21.21
C GLY PA 371 -30.60 18.43 21.14
N ASP PA 372 -29.58 17.58 21.05
CA ASP PA 372 -29.77 16.14 20.97
C ASP PA 372 -28.85 15.45 21.96
N LEU PA 373 -29.22 14.23 22.34
CA LEU PA 373 -28.47 13.51 23.37
C LEU PA 373 -27.06 13.17 22.89
N THR PA 374 -26.93 12.75 21.63
CA THR PA 374 -25.64 12.30 21.10
C THR PA 374 -25.41 12.92 19.73
N PHE PA 375 -24.15 12.98 19.34
CA PHE PA 375 -23.72 13.57 18.07
C PHE PA 375 -23.13 12.50 17.17
N SER PA 376 -23.55 12.48 15.91
CA SER PA 376 -23.11 11.48 14.94
C SER PA 376 -23.02 12.11 13.56
N PRO PA 377 -21.94 12.83 13.30
CA PRO PA 377 -21.77 13.44 11.97
C PRO PA 377 -21.43 12.38 10.92
N ASP PA 378 -21.67 12.76 9.67
CA ASP PA 378 -21.39 11.89 8.53
C ASP PA 378 -19.90 11.97 8.20
N LEU PA 379 -19.13 11.05 8.78
CA LEU PA 379 -17.68 11.14 8.66
C LEU PA 379 -17.20 11.08 7.22
N VAL PA 380 -17.95 10.42 6.33
CA VAL PA 380 -17.52 10.39 4.94
C VAL PA 380 -17.55 11.79 4.34
N ARG PA 381 -18.59 12.57 4.61
CA ARG PA 381 -18.63 13.94 4.13
C ARG PA 381 -17.67 14.84 4.89
N GLU PA 382 -17.48 14.60 6.18
CA GLU PA 382 -16.49 15.36 6.94
C GLU PA 382 -15.06 15.02 6.53
N ARG PA 383 -14.87 13.95 5.75
CA ARG PA 383 -13.55 13.50 5.34
C ARG PA 383 -12.68 13.20 6.56
N ILE PA 384 -13.15 12.23 7.35
CA ILE PA 384 -12.44 11.71 8.50
C ILE PA 384 -12.55 10.20 8.50
N ARG PA 385 -11.46 9.53 8.85
CA ARG PA 385 -11.46 8.09 9.04
C ARG PA 385 -10.83 7.78 10.39
N ILE PA 386 -11.49 6.93 11.17
CA ILE PA 386 -11.09 6.64 12.53
C ILE PA 386 -10.51 5.23 12.56
N SER PA 387 -9.28 5.11 13.08
CA SER PA 387 -8.62 3.83 13.27
C SER PA 387 -8.04 3.79 14.66
N ASN PA 388 -8.23 2.67 15.36
CA ASN PA 388 -7.78 2.54 16.74
C ASN PA 388 -6.30 2.19 16.85
N CYS PA 389 -5.61 1.91 15.74
CA CYS PA 389 -4.19 1.59 15.81
C CYS PA 389 -3.37 2.81 16.20
N LEU PA 390 -3.80 4.00 15.82
CA LEU PA 390 -3.02 5.20 16.03
C LEU PA 390 -2.91 5.50 17.52
N PRO PA 391 -1.89 6.27 17.93
CA PRO PA 391 -1.74 6.61 19.34
C PRO PA 391 -2.96 7.33 19.88
N ASP PA 392 -3.26 7.09 21.16
CA ASP PA 392 -4.39 7.71 21.84
C ASP PA 392 -3.85 8.73 22.84
N PRO PA 393 -4.06 10.04 22.64
CA PRO PA 393 -3.52 11.02 23.58
C PRO PA 393 -4.21 11.05 24.92
N THR PA 394 -5.41 10.50 25.03
CA THR PA 394 -6.17 10.54 26.29
C THR PA 394 -5.85 9.38 27.22
N GLU PA 395 -5.02 8.43 26.79
CA GLU PA 395 -4.65 7.30 27.63
C GLU PA 395 -5.89 6.56 28.15
N GLY PA 396 -6.79 6.24 27.23
CA GLY PA 396 -8.00 5.52 27.58
C GLY PA 396 -8.99 6.34 28.39
N ASN PA 397 -9.20 7.59 27.98
CA ASN PA 397 -10.20 8.49 28.56
C ASN PA 397 -9.89 8.87 30.00
N THR PA 398 -8.64 8.70 30.45
CA THR PA 398 -8.27 9.10 31.79
C THR PA 398 -7.56 10.44 31.86
N LYS PA 399 -7.19 11.02 30.71
CA LYS PA 399 -6.48 12.28 30.65
C LYS PA 399 -7.26 13.28 29.81
N GLY PA 400 -7.07 14.56 30.10
CA GLY PA 400 -7.71 15.61 29.34
C GLY PA 400 -8.29 16.73 30.17
N GLY PA 401 -8.13 16.66 31.48
CA GLY PA 401 -8.70 17.66 32.36
C GLY PA 401 -7.74 18.75 32.76
N THR PA 402 -7.76 19.13 34.03
CA THR PA 402 -6.88 20.16 34.56
C THR PA 402 -6.00 19.55 35.65
N GLY PA 403 -5.03 20.34 36.09
CA GLY PA 403 -4.16 19.88 37.16
C GLY PA 403 -3.48 18.56 36.79
N GLN PA 404 -3.62 17.57 37.67
CA GLN PA 404 -2.97 16.29 37.47
C GLN PA 404 -3.58 15.50 36.31
N ASP PA 405 -4.73 15.91 35.79
CA ASP PA 405 -5.38 15.23 34.67
C ASP PA 405 -5.00 15.83 33.32
N ALA PA 406 -4.11 16.82 33.29
CA ALA PA 406 -3.78 17.49 32.04
C ALA PA 406 -3.09 16.53 31.09
N PHE PA 407 -3.17 16.86 29.80
CA PHE PA 407 -2.49 16.07 28.77
C PHE PA 407 -1.00 16.03 29.02
N ALA PA 408 -0.33 15.15 28.29
CA ALA PA 408 1.13 15.06 28.32
C ALA PA 408 1.69 15.72 27.06
N ALA PA 409 2.62 16.65 27.25
CA ALA PA 409 3.19 17.38 26.13
C ALA PA 409 3.84 16.41 25.14
N GLY PA 410 3.66 16.69 23.85
CA GLY PA 410 4.17 15.84 22.80
C GLY PA 410 3.21 14.75 22.34
N SER PA 411 2.03 14.65 22.93
CA SER PA 411 1.09 13.61 22.55
C SER PA 411 0.66 13.77 21.10
N PHE PA 412 0.41 12.65 20.44
CA PHE PA 412 -0.03 12.65 19.05
C PHE PA 412 -1.56 12.69 19.01
N ILE PA 413 -2.11 13.67 18.28
CA ILE PA 413 -3.55 13.87 18.23
C ILE PA 413 -4.12 13.31 16.93
N ALA PA 414 -3.70 13.88 15.80
CA ALA PA 414 -4.25 13.47 14.53
C ALA PA 414 -3.27 13.82 13.42
N ALA PA 415 -3.51 13.27 12.24
CA ALA PA 415 -2.70 13.52 11.06
C ALA PA 415 -3.61 13.78 9.86
N GLN PA 416 -3.06 14.49 8.87
CA GLN PA 416 -3.79 14.85 7.66
C GLN PA 416 -2.81 14.90 6.50
N ALA PA 417 -3.26 14.47 5.34
CA ALA PA 417 -2.39 14.40 4.17
C ALA PA 417 -3.21 13.95 2.97
N ALA PA 418 -2.58 14.02 1.79
CA ALA PA 418 -3.12 13.42 0.57
C ALA PA 418 -2.44 12.06 0.39
N TRP PA 419 -3.13 11.03 0.85
CA TRP PA 419 -2.50 9.72 1.01
C TRP PA 419 -2.19 9.05 -0.31
N LYS PA 420 -2.87 9.41 -1.40
CA LYS PA 420 -2.56 8.81 -2.69
C LYS PA 420 -1.21 9.22 -3.23
N THR PA 421 -0.55 10.22 -2.62
CA THR PA 421 0.81 10.59 -3.02
C THR PA 421 1.77 10.71 -1.84
N ALA PA 422 1.28 10.77 -0.60
CA ALA PA 422 2.19 10.86 0.54
C ALA PA 422 2.85 9.53 0.85
N TYR PA 423 2.20 8.41 0.53
CA TYR PA 423 2.73 7.09 0.86
C TYR PA 423 2.25 6.08 -0.17
N TYR PA 424 3.10 5.11 -0.46
CA TYR PA 424 2.79 4.06 -1.43
C TYR PA 424 2.93 2.69 -0.78
N ALA PA 425 2.20 1.72 -1.31
CA ALA PA 425 2.25 0.33 -0.85
C ALA PA 425 2.45 -0.58 -2.04
N VAL PA 426 3.43 -1.49 -1.93
CA VAL PA 426 3.80 -2.40 -3.01
C VAL PA 426 3.70 -3.83 -2.50
N GLU PA 427 3.12 -4.70 -3.32
CA GLU PA 427 3.00 -6.11 -2.99
C GLU PA 427 3.41 -6.95 -4.19
N LYS PA 428 4.08 -8.07 -3.93
CA LYS PA 428 4.64 -8.91 -4.98
C LYS PA 428 3.94 -10.25 -5.13
N ARG PA 429 3.72 -10.98 -4.03
CA ARG PA 429 3.11 -12.30 -4.10
C ARG PA 429 2.26 -12.56 -2.87
N PRO PA 430 1.08 -13.16 -3.03
CA PRO PA 430 0.30 -13.56 -1.86
C PRO PA 430 0.92 -14.77 -1.16
N MET PA 431 0.53 -14.95 0.10
CA MET PA 431 1.13 -15.99 0.92
C MET PA 431 0.75 -17.38 0.41
N PHE PA 432 1.63 -18.35 0.67
CA PHE PA 432 1.47 -19.72 0.21
C PHE PA 432 1.88 -20.68 1.32
N PHE PA 433 1.35 -21.90 1.25
CA PHE PA 433 1.67 -22.96 2.18
C PHE PA 433 2.14 -24.20 1.43
N GLU PA 434 3.18 -24.84 1.96
CA GLU PA 434 3.70 -26.06 1.36
C GLU PA 434 4.35 -26.90 2.45
N GLN PA 435 4.49 -28.19 2.18
CA GLN PA 435 5.00 -29.15 3.14
C GLN PA 435 6.47 -29.45 2.84
N TYR PA 436 7.28 -29.47 3.90
CA TYR PA 436 8.72 -29.69 3.78
C TYR PA 436 8.97 -31.19 3.79
N GLU PA 437 9.02 -31.78 2.60
CA GLU PA 437 9.18 -33.23 2.48
C GLU PA 437 10.51 -33.72 3.05
N GLY PA 438 11.50 -32.85 3.17
CA GLY PA 438 12.79 -33.25 3.71
C GLY PA 438 12.88 -33.27 5.22
N GLY PA 439 11.82 -32.85 5.91
CA GLY PA 439 11.80 -32.84 7.36
C GLY PA 439 10.70 -33.70 7.94
N SER PA 440 9.71 -34.04 7.12
CA SER PA 440 8.57 -34.84 7.58
C SER PA 440 8.93 -36.31 7.50
N SER PA 441 9.18 -36.94 8.65
CA SER PA 441 9.46 -38.36 8.71
C SER PA 441 8.16 -39.15 8.72
N ALA PA 442 8.26 -40.44 9.02
CA ALA PA 442 7.08 -41.30 9.09
C ALA PA 442 6.27 -41.08 10.36
N TRP PA 443 6.75 -40.26 11.29
CA TRP PA 443 6.05 -39.99 12.54
C TRP PA 443 6.03 -38.52 12.91
N CYS PA 444 6.22 -37.61 11.94
CA CYS PA 444 6.18 -36.18 12.18
C CYS PA 444 5.80 -35.48 10.88
N VAL PA 445 5.69 -34.15 10.96
CA VAL PA 445 5.30 -33.33 9.82
C VAL PA 445 5.81 -31.91 10.04
N LYS PA 446 6.07 -31.21 8.95
CA LYS PA 446 6.55 -29.83 9.00
C LYS PA 446 5.98 -29.05 7.82
N TYR PA 447 5.58 -27.81 8.08
CA TYR PA 447 4.98 -26.94 7.08
C TYR PA 447 5.73 -25.63 7.01
N GLN PA 448 5.75 -25.02 5.81
CA GLN PA 448 6.42 -23.76 5.58
C GLN PA 448 5.50 -22.80 4.84
N PHE PA 449 5.68 -21.50 5.12
CA PHE PA 449 4.85 -20.47 4.53
C PHE PA 449 5.64 -19.17 4.45
N GLY PA 450 5.20 -18.28 3.57
CA GLY PA 450 5.85 -16.98 3.45
C GLY PA 450 5.18 -16.13 2.41
N ALA PA 451 5.61 -14.86 2.36
CA ALA PA 451 5.08 -13.89 1.40
C ALA PA 451 6.05 -12.72 1.32
N GLU PA 452 5.89 -11.92 0.25
CA GLU PA 452 6.78 -10.79 -0.02
C GLU PA 452 5.95 -9.55 -0.30
N ASP PA 453 6.40 -8.41 0.23
CA ASP PA 453 5.70 -7.13 0.05
C ASP PA 453 6.55 -6.03 0.68
N GLY PA 454 6.11 -4.80 0.46
CA GLY PA 454 6.84 -3.67 1.02
C GLY PA 454 6.15 -2.36 0.74
N GLY PA 455 6.87 -1.28 1.03
CA GLY PA 455 6.34 0.06 0.82
C GLY PA 455 7.39 1.10 1.12
N PHE PA 456 7.18 2.29 0.56
CA PHE PA 456 8.13 3.38 0.70
C PHE PA 456 7.38 4.70 0.80
N VAL PA 457 8.04 5.70 1.38
CA VAL PA 457 7.43 7.02 1.52
C VAL PA 457 7.60 7.80 0.21
N GLY PA 458 6.56 8.53 -0.17
CA GLY PA 458 6.60 9.30 -1.40
C GLY PA 458 6.91 10.76 -1.18
N CYS PA 459 5.93 11.63 -1.43
CA CYS PA 459 6.11 13.08 -1.32
C CYS PA 459 5.84 13.48 0.13
N CYS PA 460 6.89 13.94 0.81
CA CYS PA 460 6.78 14.31 2.22
C CYS PA 460 6.07 15.63 2.44
N GLU PA 461 5.99 16.51 1.44
CA GLU PA 461 5.42 17.82 1.65
C GLU PA 461 3.89 17.79 1.71
N HIS PA 462 3.27 16.67 1.35
CA HIS PA 462 1.82 16.56 1.35
C HIS PA 462 1.26 16.05 2.67
N GLY PA 463 1.96 16.25 3.80
CA GLY PA 463 1.51 15.74 5.06
C GLY PA 463 1.54 16.80 6.15
N ARG PA 464 0.66 16.61 7.13
CA ARG PA 464 0.60 17.45 8.31
C ARG PA 464 0.40 16.57 9.53
N VAL PA 465 0.87 17.05 10.68
CA VAL PA 465 0.71 16.34 11.94
C VAL PA 465 0.44 17.36 13.04
N LEU PA 466 -0.48 17.04 13.95
CA LEU PA 466 -0.85 17.90 15.06
C LEU PA 466 -0.41 17.26 16.36
N ARG PA 467 0.23 18.04 17.23
CA ARG PA 467 0.74 17.55 18.50
C ARG PA 467 0.48 18.59 19.59
N ILE PA 468 0.39 18.10 20.82
CA ILE PA 468 0.23 19.01 21.96
C ILE PA 468 1.59 19.57 22.35
N GLY PA 469 1.57 20.82 22.85
CA GLY PA 469 2.79 21.48 23.23
C GLY PA 469 2.54 22.80 23.93
N MET QA 1 1.78 80.83 -30.68
CA MET QA 1 1.04 80.68 -29.40
C MET QA 1 1.94 80.07 -28.33
N ASN QA 2 1.79 80.53 -27.10
CA ASN QA 2 2.57 80.04 -25.98
C ASN QA 2 1.80 78.98 -25.21
N PHE QA 3 2.54 78.06 -24.60
CA PHE QA 3 1.96 76.90 -23.93
C PHE QA 3 2.33 76.91 -22.46
N ASN QA 4 1.61 76.10 -21.68
CA ASN QA 4 1.92 75.88 -20.28
C ASN QA 4 2.79 74.63 -20.15
N VAL QA 5 4.02 74.76 -20.66
CA VAL QA 5 4.91 73.60 -20.75
C VAL QA 5 5.17 73.01 -19.38
N GLY QA 6 5.13 73.83 -18.33
CA GLY QA 6 5.36 73.31 -16.99
C GLY QA 6 4.39 72.23 -16.57
N VAL QA 7 3.22 72.16 -17.22
CA VAL QA 7 2.25 71.12 -16.88
C VAL QA 7 2.79 69.75 -17.24
N ASP QA 8 3.52 69.65 -18.35
CA ASP QA 8 3.96 68.36 -18.89
C ASP QA 8 5.44 68.08 -18.62
N PHE QA 9 6.27 69.12 -18.54
CA PHE QA 9 7.71 68.98 -18.39
C PHE QA 9 8.20 69.83 -17.22
N PRO QA 10 7.84 69.45 -16.01
CA PRO QA 10 8.26 70.24 -14.83
C PRO QA 10 9.77 70.20 -14.64
N SER QA 11 10.26 71.24 -13.98
CA SER QA 11 11.69 71.41 -13.73
C SER QA 11 11.92 71.60 -12.24
N PHE QA 12 12.97 70.97 -11.71
CA PHE QA 12 13.29 71.06 -10.29
C PHE QA 12 14.78 71.35 -10.13
N ILE QA 13 15.09 72.25 -9.18
CA ILE QA 13 16.49 72.56 -8.90
C ILE QA 13 17.16 71.34 -8.27
N ALA QA 14 18.45 71.18 -8.56
CA ALA QA 14 19.22 70.06 -8.02
C ALA QA 14 20.48 70.54 -7.32
N TRP QA 15 21.09 71.61 -7.85
CA TRP QA 15 22.31 72.16 -7.26
C TRP QA 15 22.32 73.66 -7.55
N ASP QA 16 22.05 74.46 -6.53
CA ASP QA 16 21.98 75.91 -6.68
C ASP QA 16 23.32 76.59 -6.45
N GLY QA 17 24.39 75.83 -6.25
CA GLY QA 17 25.72 76.38 -6.05
C GLY QA 17 26.20 76.32 -4.62
N THR QA 18 25.32 76.05 -3.65
CA THR QA 18 25.73 75.95 -2.26
C THR QA 18 25.13 74.72 -1.59
N THR QA 19 24.07 74.16 -2.17
CA THR QA 19 23.35 73.06 -1.53
C THR QA 19 22.79 72.12 -2.60
N SER QA 20 22.64 70.85 -2.24
CA SER QA 20 22.01 69.88 -3.11
C SER QA 20 20.60 69.58 -2.64
N PHE QA 21 19.76 69.11 -3.56
CA PHE QA 21 18.39 68.75 -3.27
C PHE QA 21 18.04 67.42 -3.90
N PRO QA 22 17.64 66.41 -3.12
CA PRO QA 22 17.12 65.19 -3.74
C PRO QA 22 15.88 65.49 -4.56
N VAL QA 23 15.76 64.82 -5.71
CA VAL QA 23 14.66 65.01 -6.63
C VAL QA 23 13.94 63.69 -6.81
N LYS QA 24 12.63 63.68 -6.62
CA LYS QA 24 11.84 62.46 -6.70
C LYS QA 24 11.44 62.23 -8.16
N ILE QA 25 11.94 61.14 -8.74
CA ILE QA 25 11.63 60.80 -10.12
C ILE QA 25 10.66 59.63 -10.25
N ASP QA 26 10.08 59.16 -9.14
CA ASP QA 26 9.28 57.95 -9.19
C ASP QA 26 8.05 58.12 -10.07
N GLY QA 27 7.41 59.29 -10.03
CA GLY QA 27 6.18 59.49 -10.78
C GLY QA 27 6.36 59.62 -12.29
N PHE QA 28 7.59 59.83 -12.76
CA PHE QA 28 7.86 60.04 -14.17
C PHE QA 28 8.71 58.89 -14.69
N ASN QA 29 8.80 58.79 -16.02
CA ASN QA 29 9.48 57.67 -16.66
C ASN QA 29 10.67 58.08 -17.53
N GLN QA 30 11.03 59.36 -17.57
CA GLN QA 30 12.31 59.78 -18.08
C GLN QA 30 12.74 61.07 -17.38
N PHE QA 31 14.02 61.38 -17.48
CA PHE QA 31 14.56 62.59 -16.86
C PHE QA 31 15.95 62.84 -17.41
N GLY QA 32 16.45 64.05 -17.16
CA GLY QA 32 17.77 64.42 -17.63
C GLY QA 32 18.23 65.70 -16.97
N PHE QA 33 19.55 65.84 -16.86
CA PHE QA 33 20.15 66.98 -16.20
C PHE QA 33 20.38 68.12 -17.18
N THR QA 34 20.74 69.28 -16.64
CA THR QA 34 21.07 70.45 -17.45
C THR QA 34 22.02 71.34 -16.65
N PHE QA 35 23.20 71.60 -17.20
CA PHE QA 35 24.24 72.35 -16.53
C PHE QA 35 24.36 73.72 -17.17
N LYS QA 36 24.54 74.74 -16.33
CA LYS QA 36 24.76 76.11 -16.79
C LYS QA 36 25.90 76.72 -15.99
N VAL QA 37 26.67 77.58 -16.65
CA VAL QA 37 27.84 78.23 -16.06
C VAL QA 37 27.56 79.73 -16.00
N ILE QA 38 27.79 80.32 -14.83
CA ILE QA 38 27.52 81.74 -14.62
C ILE QA 38 28.78 82.60 -14.57
N GLU QA 39 29.96 81.98 -14.62
CA GLU QA 39 31.21 82.73 -14.56
C GLU QA 39 32.30 81.92 -15.24
N GLU QA 40 33.40 82.59 -15.55
CA GLU QA 40 34.53 81.91 -16.17
C GLU QA 40 35.12 80.89 -15.21
N LEU QA 41 35.37 79.69 -15.72
CA LEU QA 41 35.91 78.61 -14.88
C LEU QA 41 37.43 78.74 -14.78
N THR QA 42 37.97 78.19 -13.68
CA THR QA 42 39.40 78.16 -13.45
C THR QA 42 40.01 76.78 -13.64
N ALA QA 43 39.22 75.72 -13.48
CA ALA QA 43 39.70 74.36 -13.69
C ALA QA 43 38.51 73.44 -13.84
N ASP QA 44 38.76 72.26 -14.39
CA ASP QA 44 37.69 71.28 -14.58
C ASP QA 44 37.03 70.94 -13.24
N VAL QA 45 35.72 70.83 -13.26
CA VAL QA 45 34.92 70.52 -12.08
C VAL QA 45 34.21 69.21 -12.32
N PRO QA 46 34.54 68.13 -11.60
CA PRO QA 46 33.80 66.88 -11.73
C PRO QA 46 32.62 66.79 -10.77
N PHE QA 47 31.61 66.03 -11.19
CA PHE QA 47 30.38 65.87 -10.43
C PHE QA 47 30.11 64.40 -10.16
N ASN QA 48 29.45 64.14 -9.02
CA ASN QA 48 29.08 62.79 -8.62
C ASN QA 48 27.57 62.65 -8.63
N ILE QA 49 27.09 61.50 -9.07
CA ILE QA 49 25.66 61.20 -9.17
C ILE QA 49 25.32 60.13 -8.16
N PHE QA 50 24.32 60.41 -7.31
CA PHE QA 50 23.86 59.47 -6.29
C PHE QA 50 22.39 59.18 -6.49
N TYR QA 51 21.92 58.11 -5.85
CA TYR QA 51 20.51 57.80 -5.77
C TYR QA 51 20.18 57.33 -4.36
N HIS QA 52 18.95 57.59 -3.94
CA HIS QA 52 18.49 57.27 -2.60
C HIS QA 52 17.39 56.23 -2.67
N GLU QA 53 16.94 55.79 -1.50
CA GLU QA 53 15.81 54.89 -1.38
C GLU QA 53 14.92 55.32 -0.22
N ALA QA 54 13.65 54.92 -0.28
CA ALA QA 54 12.69 55.32 0.73
C ALA QA 54 13.16 54.88 2.11
N SER QA 55 13.08 55.79 3.07
CA SER QA 55 13.53 55.50 4.42
C SER QA 55 12.54 54.59 5.14
N GLU QA 56 13.04 53.89 6.16
CA GLU QA 56 12.17 53.03 6.96
C GLU QA 56 11.28 53.84 7.88
N ALA QA 57 11.81 54.94 8.42
CA ALA QA 57 11.02 55.76 9.34
C ALA QA 57 9.86 56.44 8.63
N ASP QA 58 10.01 56.77 7.35
CA ASP QA 58 8.96 57.43 6.60
C ASP QA 58 9.03 56.98 5.14
N PRO QA 59 7.96 56.41 4.57
CA PRO QA 59 8.03 55.92 3.19
C PRO QA 59 7.99 57.01 2.14
N CYS QA 60 8.12 58.27 2.55
CA CYS QA 60 8.14 59.40 1.62
C CYS QA 60 9.27 60.35 1.97
N VAL QA 61 10.41 59.81 2.41
CA VAL QA 61 11.59 60.61 2.71
C VAL QA 61 12.81 59.83 2.26
N PRO QA 62 13.75 60.44 1.53
CA PRO QA 62 14.90 59.68 1.04
C PRO QA 62 15.82 59.23 2.16
N GLY QA 63 16.50 58.12 1.94
CA GLY QA 63 17.49 57.62 2.86
C GLY QA 63 18.87 58.15 2.52
N PRO QA 64 19.91 57.41 2.91
CA PRO QA 64 21.27 57.84 2.59
C PRO QA 64 21.58 57.69 1.11
N ALA QA 65 22.65 58.34 0.68
CA ALA QA 65 23.01 58.38 -0.73
C ALA QA 65 23.78 57.12 -1.12
N ILE QA 66 23.38 56.50 -2.22
CA ILE QA 66 24.07 55.36 -2.80
C ILE QA 66 24.55 55.76 -4.18
N ARG QA 67 25.84 55.54 -4.45
CA ARG QA 67 26.46 56.03 -5.66
C ARG QA 67 26.04 55.19 -6.86
N VAL QA 68 25.69 55.86 -7.95
CA VAL QA 68 25.13 55.18 -9.14
C VAL QA 68 26.21 54.32 -9.79
N PRO QA 69 25.88 53.11 -10.24
CA PRO QA 69 26.89 52.30 -10.94
C PRO QA 69 26.92 52.60 -12.43
N ASP QA 70 28.03 52.20 -13.06
CA ASP QA 70 28.21 52.40 -14.48
C ASP QA 70 27.49 51.31 -15.27
N VAL QA 71 27.24 51.61 -16.55
CA VAL QA 71 26.61 50.67 -17.46
C VAL QA 71 27.27 50.80 -18.84
N PRO QA 72 28.30 50.02 -19.15
CA PRO QA 72 28.98 50.17 -20.44
C PRO QA 72 28.03 49.93 -21.61
N PHE QA 73 28.22 50.71 -22.68
CA PHE QA 73 27.46 50.49 -23.90
C PHE QA 73 28.17 49.47 -24.78
N CYS QA 74 27.58 49.21 -25.95
CA CYS QA 74 28.13 48.23 -26.88
C CYS QA 74 29.49 48.63 -27.42
N ASP QA 75 29.85 49.91 -27.35
CA ASP QA 75 31.16 50.37 -27.77
C ASP QA 75 31.76 51.20 -26.64
N GLY QA 76 33.07 51.10 -26.49
CA GLY QA 76 33.75 51.70 -25.36
C GLY QA 76 33.95 50.70 -24.23
N VAL QA 77 34.61 51.18 -23.17
CA VAL QA 77 35.00 50.33 -22.06
C VAL QA 77 34.48 50.94 -20.77
N ALA QA 78 34.40 50.10 -19.73
CA ALA QA 78 33.88 50.53 -18.44
C ALA QA 78 34.82 51.52 -17.79
N THR QA 79 34.28 52.29 -16.84
CA THR QA 79 35.08 53.26 -16.11
C THR QA 79 36.09 52.54 -15.21
N ALA QA 80 37.09 53.30 -14.76
CA ALA QA 80 38.15 52.72 -13.93
C ALA QA 80 37.58 52.05 -12.69
N ASP QA 81 36.55 52.64 -12.07
CA ASP QA 81 35.92 52.07 -10.90
C ASP QA 81 34.46 51.67 -11.12
N GLY QA 82 33.95 51.82 -12.33
CA GLY QA 82 32.58 51.42 -12.61
C GLY QA 82 31.52 52.27 -11.93
N LEU QA 83 31.76 53.57 -11.79
CA LEU QA 83 30.80 54.48 -11.17
C LEU QA 83 30.65 55.72 -12.04
N ALA QA 84 29.41 56.20 -12.15
CA ALA QA 84 29.11 57.31 -13.04
C ALA QA 84 29.75 58.61 -12.54
N THR QA 85 30.17 59.45 -13.50
CA THR QA 85 30.74 60.74 -13.18
C THR QA 85 30.46 61.69 -14.34
N VAL QA 86 30.52 62.99 -14.05
CA VAL QA 86 30.30 64.03 -15.05
C VAL QA 86 31.38 65.09 -14.87
N VAL QA 87 31.96 65.52 -15.99
CA VAL QA 87 33.04 66.50 -16.00
C VAL QA 87 32.65 67.65 -16.91
N ILE QA 88 32.67 68.86 -16.37
CA ILE QA 88 32.41 70.07 -17.16
C ILE QA 88 33.75 70.61 -17.64
N PRO QA 89 33.98 70.72 -18.95
CA PRO QA 89 35.30 71.09 -19.43
C PRO QA 89 35.64 72.55 -19.20
N GLU QA 90 36.92 72.88 -19.41
CA GLU QA 90 37.40 74.23 -19.18
C GLU QA 90 36.83 75.23 -20.18
N ALA QA 91 36.48 74.76 -21.38
CA ALA QA 91 36.16 75.68 -22.47
C ALA QA 91 34.72 76.16 -22.47
N VAL QA 92 33.91 75.75 -21.50
CA VAL QA 92 32.50 76.14 -21.49
C VAL QA 92 32.41 77.65 -21.34
N ALA QA 93 31.68 78.29 -22.24
CA ALA QA 93 31.46 79.73 -22.15
C ALA QA 93 30.34 80.04 -21.17
N VAL QA 94 30.32 81.29 -20.68
CA VAL QA 94 29.32 81.69 -19.71
C VAL QA 94 27.92 81.66 -20.32
N ASP QA 95 27.83 81.80 -21.64
CA ASP QA 95 26.55 81.90 -22.34
C ASP QA 95 26.15 80.59 -23.03
N SER QA 96 26.46 79.45 -22.42
CA SER QA 96 26.10 78.17 -23.01
C SER QA 96 25.68 77.21 -21.91
N PHE QA 97 25.08 76.09 -22.31
CA PHE QA 97 24.60 75.08 -21.38
C PHE QA 97 24.91 73.70 -21.92
N CYS QA 98 24.84 72.71 -21.03
CA CYS QA 98 25.12 71.32 -21.35
C CYS QA 98 23.95 70.45 -20.95
N ALA QA 99 23.95 69.20 -21.42
CA ALA QA 99 22.88 68.27 -21.12
C ALA QA 99 23.41 66.84 -21.10
N GLY QA 100 22.91 66.04 -20.17
CA GLY QA 100 23.32 64.65 -20.07
C GLY QA 100 22.41 63.91 -19.12
N SER QA 101 22.32 62.60 -19.31
CA SER QA 101 21.40 61.78 -18.54
C SER QA 101 21.99 60.39 -18.34
N VAL QA 102 21.48 59.71 -17.32
CA VAL QA 102 21.95 58.38 -16.93
C VAL QA 102 21.24 57.33 -17.76
N PRO QA 103 21.88 56.20 -18.10
CA PRO QA 103 21.18 55.18 -18.89
C PRO QA 103 20.17 54.35 -18.09
N CYS QA 104 20.32 54.26 -16.77
CA CYS QA 104 19.52 53.36 -15.96
C CYS QA 104 18.86 54.13 -14.83
N PHE QA 105 17.76 53.58 -14.31
CA PHE QA 105 16.96 54.26 -13.30
C PHE QA 105 17.50 54.08 -11.89
N ASN QA 106 17.55 52.85 -11.41
CA ASN QA 106 17.89 52.56 -10.01
C ASN QA 106 16.75 53.10 -9.13
N GLY QA 107 17.07 53.53 -7.91
CA GLY QA 107 16.07 53.91 -6.94
C GLY QA 107 15.15 55.02 -7.40
N PRO QA 108 14.14 55.34 -6.58
CA PRO QA 108 13.18 56.38 -6.96
C PRO QA 108 13.61 57.80 -6.63
N TRP QA 109 14.78 58.00 -6.05
CA TRP QA 109 15.29 59.32 -5.72
C TRP QA 109 16.69 59.46 -6.33
N ILE QA 110 17.00 60.68 -6.78
CA ILE QA 110 18.30 60.96 -7.38
C ILE QA 110 18.83 62.28 -6.83
N SER QA 111 20.15 62.44 -6.95
CA SER QA 111 20.82 63.65 -6.47
C SER QA 111 22.14 63.80 -7.23
N ILE QA 112 22.70 65.00 -7.14
CA ILE QA 112 23.98 65.32 -7.77
C ILE QA 112 24.71 66.33 -6.90
N ALA QA 113 26.01 66.15 -6.75
CA ALA QA 113 26.82 67.03 -5.91
C ALA QA 113 28.25 66.98 -6.40
N PRO QA 114 28.99 68.08 -6.28
CA PRO QA 114 30.37 68.10 -6.76
C PRO QA 114 31.28 67.25 -5.89
N VAL QA 115 32.39 66.79 -6.49
CA VAL QA 115 33.37 66.02 -5.74
C VAL QA 115 33.98 66.88 -4.64
N THR QA 116 34.33 68.12 -4.97
CA THR QA 116 34.92 69.05 -4.01
C THR QA 116 34.14 70.37 -4.04
N VAL QA 117 33.89 70.92 -2.86
CA VAL QA 117 33.18 72.19 -2.74
C VAL QA 117 34.24 73.29 -2.66
N ASN QA 118 34.37 74.06 -3.74
CA ASN QA 118 35.34 75.13 -3.82
C ASN QA 118 34.73 76.29 -4.59
N ALA QA 119 35.52 77.37 -4.74
CA ALA QA 119 35.03 78.55 -5.45
C ALA QA 119 34.66 78.22 -6.90
N ASP QA 120 35.30 77.23 -7.51
CA ASP QA 120 34.95 76.85 -8.87
C ASP QA 120 33.58 76.20 -8.93
N SER QA 121 33.22 75.45 -7.88
CA SER QA 121 31.92 74.78 -7.88
C SER QA 121 30.77 75.76 -7.77
N ALA QA 122 31.00 76.91 -7.13
CA ALA QA 122 29.94 77.89 -6.95
C ALA QA 122 29.53 78.57 -8.25
N LYS QA 123 30.28 78.37 -9.33
CA LYS QA 123 29.99 79.01 -10.60
C LYS QA 123 29.12 78.15 -11.51
N VAL QA 124 28.54 77.06 -11.00
CA VAL QA 124 27.77 76.13 -11.81
C VAL QA 124 26.38 76.00 -11.22
N GLN QA 125 25.42 75.67 -12.08
CA GLN QA 125 24.04 75.41 -11.69
C GLN QA 125 23.56 74.16 -12.43
N VAL QA 126 22.80 73.32 -11.74
CA VAL QA 126 22.31 72.07 -12.31
C VAL QA 126 20.81 71.99 -12.07
N THR QA 127 20.07 71.54 -13.08
CA THR QA 127 18.62 71.42 -13.00
C THR QA 127 18.21 70.12 -13.67
N VAL QA 128 17.06 69.59 -13.25
CA VAL QA 128 16.54 68.32 -13.75
C VAL QA 128 15.18 68.56 -14.38
N THR QA 129 14.92 67.88 -15.49
CA THR QA 129 13.66 67.99 -16.21
C THR QA 129 13.02 66.61 -16.31
N MET QA 130 11.70 66.58 -16.43
CA MET QA 130 10.94 65.34 -16.43
C MET QA 130 10.19 65.18 -17.75
N LYS QA 131 9.95 63.91 -18.12
CA LYS QA 131 9.14 63.58 -19.28
C LYS QA 131 7.70 63.34 -18.82
N GLY QA 132 6.86 62.78 -19.69
CA GLY QA 132 5.48 62.56 -19.32
C GLY QA 132 5.35 61.80 -18.01
N ALA QA 133 4.25 62.06 -17.31
CA ALA QA 133 3.99 61.47 -16.01
C ALA QA 133 3.20 60.17 -16.15
N THR QA 134 3.21 59.37 -15.09
CA THR QA 134 2.54 58.07 -15.08
C THR QA 134 1.31 58.04 -14.20
N ARG QA 135 1.09 59.06 -13.38
CA ARG QA 135 -0.07 59.10 -12.49
C ARG QA 135 -1.04 60.21 -12.88
N MET RA 1 -13.73 122.52 -77.55
CA MET RA 1 -14.90 122.26 -76.67
C MET RA 1 -14.82 123.07 -75.38
N ASN RA 2 -15.61 124.14 -75.31
CA ASN RA 2 -15.76 124.92 -74.09
C ASN RA 2 -17.25 125.05 -73.79
N PHE RA 3 -17.59 124.90 -72.52
CA PHE RA 3 -18.98 124.79 -72.09
C PHE RA 3 -19.37 125.95 -71.20
N ASN RA 4 -20.68 126.21 -71.15
CA ASN RA 4 -21.24 127.19 -70.22
C ASN RA 4 -21.51 126.51 -68.87
N VAL RA 5 -20.42 126.14 -68.19
CA VAL RA 5 -20.55 125.35 -66.98
C VAL RA 5 -21.35 126.07 -65.92
N GLY RA 6 -21.37 127.40 -65.97
CA GLY RA 6 -22.14 128.16 -65.00
C GLY RA 6 -23.63 127.86 -65.02
N VAL RA 7 -24.13 127.31 -66.12
CA VAL RA 7 -25.55 126.99 -66.21
C VAL RA 7 -25.93 125.89 -65.22
N ASP RA 8 -25.08 124.87 -65.12
CA ASP RA 8 -25.38 123.69 -64.30
C ASP RA 8 -24.74 123.73 -62.93
N PHE RA 9 -23.58 124.37 -62.78
CA PHE RA 9 -22.82 124.38 -61.53
C PHE RA 9 -22.48 125.80 -61.13
N PRO RA 10 -23.47 126.60 -60.77
CA PRO RA 10 -23.19 127.98 -60.35
C PRO RA 10 -22.41 128.02 -59.05
N SER RA 11 -21.70 129.13 -58.85
CA SER RA 11 -20.92 129.33 -57.64
C SER RA 11 -21.21 130.73 -57.09
N PHE RA 12 -21.24 130.83 -55.77
CA PHE RA 12 -21.55 132.08 -55.09
C PHE RA 12 -20.53 132.36 -53.99
N ILE RA 13 -20.16 133.62 -53.83
CA ILE RA 13 -19.23 134.00 -52.77
C ILE RA 13 -19.88 133.75 -51.42
N ALA RA 14 -19.07 133.35 -50.44
CA ALA RA 14 -19.53 133.14 -49.08
C ALA RA 14 -18.71 133.88 -48.04
N TRP RA 15 -17.43 134.15 -48.31
CA TRP RA 15 -16.58 134.92 -47.40
C TRP RA 15 -15.48 135.54 -48.21
N ASP RA 16 -15.58 136.84 -48.48
CA ASP RA 16 -14.60 137.56 -49.29
C ASP RA 16 -13.46 138.14 -48.47
N GLY RA 17 -13.40 137.83 -47.17
CA GLY RA 17 -12.33 138.28 -46.31
C GLY RA 17 -12.70 139.40 -45.37
N THR RA 18 -13.85 140.06 -45.57
CA THR RA 18 -14.29 141.11 -44.68
C THR RA 18 -15.74 140.94 -44.28
N THR RA 19 -16.52 140.26 -45.11
CA THR RA 19 -17.95 140.10 -44.87
C THR RA 19 -18.37 138.68 -45.22
N SER RA 20 -19.46 138.23 -44.58
CA SER RA 20 -20.03 136.92 -44.84
C SER RA 20 -21.39 137.06 -45.50
N PHE RA 21 -21.63 136.28 -46.55
CA PHE RA 21 -22.86 136.33 -47.31
C PHE RA 21 -23.62 135.02 -47.17
N PRO RA 22 -24.85 135.03 -46.64
CA PRO RA 22 -25.65 133.80 -46.66
C PRO RA 22 -25.87 133.33 -48.08
N VAL RA 23 -25.83 132.01 -48.27
CA VAL RA 23 -26.01 131.40 -49.58
C VAL RA 23 -27.20 130.46 -49.50
N LYS RA 24 -28.17 130.66 -50.39
CA LYS RA 24 -29.37 129.82 -50.41
C LYS RA 24 -29.09 128.54 -51.18
N ILE RA 25 -29.41 127.40 -50.58
CA ILE RA 25 -29.19 126.10 -51.19
C ILE RA 25 -30.47 125.31 -51.36
N ASP RA 26 -31.63 125.91 -51.13
CA ASP RA 26 -32.88 125.15 -51.20
C ASP RA 26 -33.13 124.62 -52.61
N GLY RA 27 -32.86 125.44 -53.63
CA GLY RA 27 -33.17 125.04 -54.98
C GLY RA 27 -32.23 124.00 -55.57
N PHE RA 28 -31.21 123.58 -54.82
CA PHE RA 28 -30.24 122.61 -55.30
C PHE RA 28 -30.08 121.50 -54.28
N ASN RA 29 -29.63 120.34 -54.74
CA ASN RA 29 -29.60 119.13 -53.92
C ASN RA 29 -28.19 118.67 -53.56
N GLN RA 30 -27.15 119.42 -53.93
CA GLN RA 30 -25.82 119.19 -53.41
C GLN RA 30 -25.06 120.52 -53.38
N PHE RA 31 -24.01 120.56 -52.56
CA PHE RA 31 -23.19 121.76 -52.46
C PHE RA 31 -21.90 121.40 -51.74
N GLY RA 32 -20.90 122.26 -51.90
CA GLY RA 32 -19.63 122.07 -51.23
C GLY RA 32 -18.84 123.36 -51.20
N PHE RA 33 -17.93 123.45 -50.24
CA PHE RA 33 -17.13 124.65 -50.06
C PHE RA 33 -15.82 124.55 -50.84
N THR RA 34 -15.14 125.68 -50.96
CA THR RA 34 -13.83 125.74 -51.61
C THR RA 34 -13.03 126.88 -51.00
N PHE RA 35 -11.90 126.54 -50.40
CA PHE RA 35 -11.07 127.51 -49.68
C PHE RA 35 -9.82 127.82 -50.49
N LYS RA 36 -9.46 129.10 -50.56
CA LYS RA 36 -8.25 129.53 -51.22
C LYS RA 36 -7.50 130.51 -50.32
N VAL RA 37 -6.17 130.49 -50.44
CA VAL RA 37 -5.30 131.35 -49.64
C VAL RA 37 -4.55 132.28 -50.57
N ILE RA 38 -4.60 133.58 -50.29
CA ILE RA 38 -3.94 134.59 -51.12
C ILE RA 38 -2.61 135.05 -50.54
N GLU RA 39 -2.30 134.70 -49.30
CA GLU RA 39 -1.02 135.06 -48.70
C GLU RA 39 -0.66 134.01 -47.66
N GLU RA 40 0.63 133.92 -47.36
CA GLU RA 40 1.09 132.92 -46.42
C GLU RA 40 0.51 133.18 -45.03
N LEU RA 41 0.03 132.12 -44.39
CA LEU RA 41 -0.59 132.24 -43.08
C LEU RA 41 0.46 132.23 -41.98
N THR RA 42 0.12 132.81 -40.83
CA THR RA 42 1.00 132.82 -39.67
C THR RA 42 0.52 131.91 -38.56
N ALA RA 43 -0.73 131.45 -38.62
CA ALA RA 43 -1.25 130.53 -37.63
C ALA RA 43 -2.52 129.88 -38.17
N ASP RA 44 -2.93 128.79 -37.52
CA ASP RA 44 -4.15 128.12 -37.91
C ASP RA 44 -5.35 129.04 -37.81
N VAL RA 45 -6.25 128.95 -38.77
CA VAL RA 45 -7.46 129.75 -38.82
C VAL RA 45 -8.66 128.83 -38.83
N PRO RA 46 -9.45 128.75 -37.76
CA PRO RA 46 -10.65 127.91 -37.78
C PRO RA 46 -11.87 128.66 -38.26
N PHE RA 47 -12.78 127.90 -38.88
CA PHE RA 47 -14.00 128.45 -39.47
C PHE RA 47 -15.21 127.78 -38.85
N ASN RA 48 -16.29 128.56 -38.70
CA ASN RA 48 -17.54 128.08 -38.14
C ASN RA 48 -18.60 128.00 -39.24
N ILE RA 49 -19.41 126.95 -39.19
CA ILE RA 49 -20.47 126.73 -40.18
C ILE RA 49 -21.81 126.97 -39.51
N PHE RA 50 -22.64 127.82 -40.12
CA PHE RA 50 -23.95 128.15 -39.60
C PHE RA 50 -25.01 127.80 -40.64
N TYR RA 51 -26.27 127.90 -40.23
CA TYR RA 51 -27.40 127.76 -41.15
C TYR RA 51 -28.56 128.59 -40.61
N HIS RA 52 -29.41 129.04 -41.53
CA HIS RA 52 -30.51 129.93 -41.21
C HIS RA 52 -31.83 129.31 -41.63
N GLU RA 53 -32.90 129.74 -40.96
CA GLU RA 53 -34.25 129.37 -41.32
C GLU RA 53 -34.97 130.57 -41.92
N ALA RA 54 -36.01 130.27 -42.71
CA ALA RA 54 -36.77 131.34 -43.35
C ALA RA 54 -37.36 132.27 -42.30
N SER RA 55 -37.23 133.57 -42.55
CA SER RA 55 -37.70 134.56 -41.59
C SER RA 55 -39.23 134.58 -41.55
N GLU RA 56 -39.77 134.90 -40.38
CA GLU RA 56 -41.22 135.00 -40.23
C GLU RA 56 -41.78 136.20 -40.98
N ALA RA 57 -41.06 137.31 -40.97
CA ALA RA 57 -41.54 138.52 -41.64
C ALA RA 57 -41.62 138.33 -43.15
N ASP RA 58 -40.67 137.62 -43.74
CA ASP RA 58 -40.65 137.41 -45.18
C ASP RA 58 -40.08 136.04 -45.50
N PRO RA 59 -40.85 135.15 -46.14
CA PRO RA 59 -40.33 133.80 -46.42
C PRO RA 59 -39.19 133.76 -47.43
N CYS RA 60 -38.78 134.89 -47.99
CA CYS RA 60 -37.66 134.95 -48.91
C CYS RA 60 -36.44 135.63 -48.32
N VAL RA 61 -36.36 135.73 -46.99
CA VAL RA 61 -35.23 136.35 -46.32
C VAL RA 61 -34.81 135.45 -45.17
N PRO RA 62 -33.52 135.31 -44.89
CA PRO RA 62 -33.09 134.39 -43.82
C PRO RA 62 -33.27 134.98 -42.43
N GLY RA 63 -33.38 134.08 -41.46
CA GLY RA 63 -33.47 134.46 -40.07
C GLY RA 63 -32.11 134.50 -39.41
N PRO RA 64 -32.09 134.46 -38.08
CA PRO RA 64 -30.81 134.46 -37.37
C PRO RA 64 -30.04 133.16 -37.58
N ALA RA 65 -28.72 133.26 -37.37
CA ALA RA 65 -27.84 132.15 -37.67
C ALA RA 65 -27.93 131.07 -36.59
N ILE RA 66 -28.06 129.83 -37.03
CA ILE RA 66 -28.00 128.66 -36.16
C ILE RA 66 -26.75 127.87 -36.54
N ARG RA 67 -26.27 127.06 -35.61
CA ARG RA 67 -25.00 126.36 -35.77
C ARG RA 67 -25.23 124.90 -36.14
N VAL RA 68 -24.54 124.45 -37.18
CA VAL RA 68 -24.76 123.11 -37.73
C VAL RA 68 -24.30 122.07 -36.71
N PRO RA 69 -25.05 120.98 -36.50
CA PRO RA 69 -24.59 119.94 -35.59
C PRO RA 69 -23.68 118.94 -36.27
N ASP RA 70 -22.97 118.17 -35.45
CA ASP RA 70 -22.07 117.15 -35.96
C ASP RA 70 -22.84 115.85 -36.18
N VAL RA 71 -22.33 115.03 -37.10
CA VAL RA 71 -22.92 113.72 -37.39
C VAL RA 71 -21.79 112.70 -37.54
N PRO RA 72 -21.48 111.92 -36.50
CA PRO RA 72 -20.35 110.99 -36.60
C PRO RA 72 -20.55 109.95 -37.68
N PHE RA 73 -19.45 109.56 -38.33
CA PHE RA 73 -19.47 108.44 -39.26
C PHE RA 73 -19.28 107.12 -38.51
N CYS RA 74 -19.37 106.03 -39.26
CA CYS RA 74 -19.23 104.69 -38.69
C CYS RA 74 -17.83 104.45 -38.13
N ASP RA 75 -16.85 105.26 -38.50
CA ASP RA 75 -15.52 105.19 -37.91
C ASP RA 75 -15.15 106.57 -37.39
N GLY RA 76 -14.44 106.59 -36.27
CA GLY RA 76 -14.12 107.83 -35.61
C GLY RA 76 -15.14 108.15 -34.51
N VAL RA 77 -14.88 109.27 -33.84
CA VAL RA 77 -15.67 109.68 -32.68
C VAL RA 77 -16.21 111.09 -32.90
N ALA RA 78 -17.21 111.45 -32.10
CA ALA RA 78 -17.86 112.74 -32.25
C ALA RA 78 -16.94 113.86 -31.76
N THR RA 79 -17.29 115.08 -32.15
CA THR RA 79 -16.54 116.25 -31.72
C THR RA 79 -16.77 116.51 -30.24
N ALA RA 80 -15.84 117.25 -29.63
CA ALA RA 80 -15.93 117.54 -28.21
C ALA RA 80 -17.28 118.17 -27.84
N ASP RA 81 -17.73 119.16 -28.61
CA ASP RA 81 -19.01 119.81 -28.37
C ASP RA 81 -20.07 119.42 -29.39
N GLY RA 82 -19.77 118.48 -30.28
CA GLY RA 82 -20.75 118.02 -31.24
C GLY RA 82 -21.21 119.04 -32.25
N LEU RA 83 -20.33 119.95 -32.67
CA LEU RA 83 -20.67 120.96 -33.67
C LEU RA 83 -19.58 121.01 -34.73
N ALA RA 84 -19.99 121.18 -35.98
CA ALA RA 84 -19.07 121.14 -37.09
C ALA RA 84 -18.12 122.33 -37.07
N THR RA 85 -16.87 122.09 -37.49
CA THR RA 85 -15.88 123.14 -37.59
C THR RA 85 -14.92 122.80 -38.73
N VAL RA 86 -14.20 123.82 -39.20
CA VAL RA 86 -13.24 123.68 -40.28
C VAL RA 86 -11.95 124.39 -39.87
N VAL RA 87 -10.82 123.72 -40.09
CA VAL RA 87 -9.50 124.24 -39.73
C VAL RA 87 -8.61 124.17 -40.96
N ILE RA 88 -7.98 125.30 -41.30
CA ILE RA 88 -7.09 125.40 -42.44
C ILE RA 88 -5.65 125.32 -41.92
N PRO RA 89 -4.87 124.32 -42.31
CA PRO RA 89 -3.52 124.19 -41.76
C PRO RA 89 -2.58 125.28 -42.26
N GLU RA 90 -1.53 125.52 -41.47
CA GLU RA 90 -0.52 126.52 -41.84
C GLU RA 90 0.25 126.12 -43.09
N ALA RA 91 0.29 124.83 -43.43
CA ALA RA 91 1.10 124.36 -44.55
C ALA RA 91 0.55 124.78 -45.91
N VAL RA 92 -0.67 125.33 -45.96
CA VAL RA 92 -1.28 125.66 -47.25
C VAL RA 92 -0.43 126.72 -47.94
N ALA RA 93 -0.08 126.46 -49.20
CA ALA RA 93 0.66 127.43 -49.99
C ALA RA 93 -0.29 128.42 -50.65
N VAL RA 94 0.28 129.52 -51.15
CA VAL RA 94 -0.55 130.54 -51.80
C VAL RA 94 -1.16 130.00 -53.09
N ASP RA 95 -0.56 128.94 -53.66
CA ASP RA 95 -0.97 128.42 -54.96
C ASP RA 95 -1.72 127.09 -54.85
N SER RA 96 -2.57 126.93 -53.84
CA SER RA 96 -3.32 125.70 -53.69
C SER RA 96 -4.68 126.01 -53.06
N PHE RA 97 -5.60 125.06 -53.20
CA PHE RA 97 -6.96 125.23 -52.69
C PHE RA 97 -7.39 123.96 -51.96
N CYS RA 98 -8.42 124.09 -51.13
CA CYS RA 98 -8.97 123.00 -50.35
C CYS RA 98 -10.47 122.93 -50.58
N ALA RA 99 -11.05 121.77 -50.29
CA ALA RA 99 -12.46 121.54 -50.53
C ALA RA 99 -13.03 120.59 -49.49
N GLY RA 100 -14.20 120.94 -48.95
CA GLY RA 100 -14.89 120.09 -47.99
C GLY RA 100 -16.36 120.44 -47.95
N SER RA 101 -17.15 119.50 -47.45
CA SER RA 101 -18.60 119.65 -47.45
C SER RA 101 -19.18 118.96 -46.23
N VAL RA 102 -20.42 119.35 -45.90
CA VAL RA 102 -21.11 118.85 -44.71
C VAL RA 102 -21.95 117.64 -45.09
N PRO RA 103 -22.09 116.63 -44.23
CA PRO RA 103 -22.86 115.43 -44.62
C PRO RA 103 -24.37 115.65 -44.70
N CYS RA 104 -24.90 116.69 -44.07
CA CYS RA 104 -26.35 116.86 -43.98
C CYS RA 104 -26.73 118.29 -44.36
N PHE RA 105 -28.03 118.48 -44.58
CA PHE RA 105 -28.54 119.76 -45.07
C PHE RA 105 -28.99 120.69 -43.95
N ASN RA 106 -29.96 120.26 -43.15
CA ASN RA 106 -30.59 121.08 -42.11
C ASN RA 106 -31.44 122.14 -42.81
N GLY RA 107 -31.16 123.44 -42.67
CA GLY RA 107 -32.04 124.46 -43.19
C GLY RA 107 -31.80 124.75 -44.65
N PRO RA 108 -32.59 125.68 -45.19
CA PRO RA 108 -32.45 126.04 -46.61
C PRO RA 108 -31.37 127.07 -46.90
N TRP RA 109 -30.84 127.74 -45.88
CA TRP RA 109 -29.74 128.69 -46.04
C TRP RA 109 -28.53 128.18 -45.29
N ILE RA 110 -27.35 128.54 -45.78
CA ILE RA 110 -26.10 128.15 -45.14
C ILE RA 110 -25.15 129.35 -45.16
N SER RA 111 -24.13 129.28 -44.30
CA SER RA 111 -23.15 130.34 -44.21
C SER RA 111 -21.89 129.80 -43.54
N ILE RA 112 -20.81 130.57 -43.64
CA ILE RA 112 -19.54 130.24 -43.00
C ILE RA 112 -18.85 131.54 -42.61
N ALA RA 113 -18.29 131.57 -41.42
CA ALA RA 113 -17.63 132.76 -40.91
C ALA RA 113 -16.52 132.33 -39.95
N PRO RA 114 -15.39 133.03 -39.94
CA PRO RA 114 -14.28 132.61 -39.07
C PRO RA 114 -14.62 132.80 -37.61
N VAL RA 115 -13.99 131.95 -36.77
CA VAL RA 115 -14.19 132.07 -35.33
C VAL RA 115 -13.66 133.42 -34.84
N THR RA 116 -12.52 133.86 -35.34
CA THR RA 116 -11.91 135.12 -34.95
C THR RA 116 -11.67 135.96 -36.20
N VAL RA 117 -11.83 137.28 -36.06
CA VAL RA 117 -11.56 138.22 -37.14
C VAL RA 117 -10.23 138.90 -36.84
N ASN RA 118 -9.25 138.70 -37.72
CA ASN RA 118 -7.92 139.24 -37.52
C ASN RA 118 -7.22 139.31 -38.87
N ALA RA 119 -5.98 139.83 -38.84
CA ALA RA 119 -5.23 139.99 -40.07
C ALA RA 119 -5.03 138.67 -40.81
N ASP RA 120 -4.97 137.55 -40.08
CA ASP RA 120 -4.81 136.26 -40.71
C ASP RA 120 -6.11 135.75 -41.31
N SER RA 121 -7.26 136.31 -40.93
CA SER RA 121 -8.52 135.88 -41.50
C SER RA 121 -8.72 136.45 -42.90
N ALA RA 122 -8.25 137.68 -43.13
CA ALA RA 122 -8.41 138.32 -44.42
C ALA RA 122 -7.61 137.64 -45.52
N LYS RA 123 -6.70 136.73 -45.17
CA LYS RA 123 -5.86 136.05 -46.15
C LYS RA 123 -6.53 134.81 -46.75
N VAL RA 124 -7.85 134.65 -46.58
CA VAL RA 124 -8.56 133.47 -47.05
C VAL RA 124 -9.79 133.91 -47.83
N GLN RA 125 -10.26 133.03 -48.71
CA GLN RA 125 -11.50 133.23 -49.45
C GLN RA 125 -12.25 131.91 -49.51
N VAL RA 126 -13.57 131.98 -49.40
CA VAL RA 126 -14.42 130.79 -49.39
C VAL RA 126 -15.54 130.97 -50.40
N THR RA 127 -15.83 129.91 -51.15
CA THR RA 127 -16.86 129.92 -52.17
C THR RA 127 -17.67 128.63 -52.09
N VAL RA 128 -18.92 128.71 -52.53
CA VAL RA 128 -19.85 127.58 -52.48
C VAL RA 128 -20.29 127.25 -53.90
N THR RA 129 -20.25 125.97 -54.24
CA THR RA 129 -20.61 125.49 -55.57
C THR RA 129 -21.78 124.54 -55.46
N MET RA 130 -22.85 124.83 -56.20
CA MET RA 130 -24.01 123.95 -56.28
C MET RA 130 -23.85 123.01 -57.47
N LYS RA 131 -24.50 121.85 -57.40
CA LYS RA 131 -24.27 120.79 -58.37
C LYS RA 131 -25.53 120.24 -59.03
N GLY RA 132 -26.72 120.59 -58.55
CA GLY RA 132 -27.92 120.05 -59.15
C GLY RA 132 -29.14 120.93 -58.96
N ALA RA 133 -29.91 121.14 -60.02
CA ALA RA 133 -31.10 121.96 -59.93
C ALA RA 133 -32.35 121.08 -59.89
N THR RA 134 -33.18 121.31 -58.88
CA THR RA 134 -34.41 120.55 -58.70
C THR RA 134 -35.64 121.25 -59.26
N ARG RA 135 -35.45 122.42 -59.90
CA ARG RA 135 -36.56 123.15 -60.47
C ARG RA 135 -36.30 123.46 -61.95
N MET SA 1 23.82 109.71 -127.29
CA MET SA 1 23.39 110.21 -128.62
C MET SA 1 22.76 111.59 -128.51
N ASN SA 2 23.08 112.46 -129.46
CA ASN SA 2 22.60 113.83 -129.47
C ASN SA 2 21.56 113.98 -130.58
N PHE SA 3 20.61 114.89 -130.37
CA PHE SA 3 19.38 114.88 -131.15
C PHE SA 3 19.18 116.09 -132.07
N ASN SA 4 20.01 117.12 -131.98
CA ASN SA 4 19.77 118.35 -132.73
C ASN SA 4 18.40 118.92 -132.37
N VAL SA 5 18.25 119.28 -131.10
CA VAL SA 5 16.93 119.62 -130.55
C VAL SA 5 16.37 120.92 -131.10
N GLY SA 6 17.17 121.70 -131.82
CA GLY SA 6 16.66 122.94 -132.38
C GLY SA 6 15.56 122.74 -133.39
N VAL SA 7 15.38 121.52 -133.89
CA VAL SA 7 14.34 121.27 -134.88
C VAL SA 7 12.96 121.38 -134.24
N ASP SA 8 12.82 120.93 -133.00
CA ASP SA 8 11.53 120.87 -132.33
C ASP SA 8 11.34 121.93 -131.26
N PHE SA 9 12.40 122.45 -130.67
CA PHE SA 9 12.32 123.42 -129.58
C PHE SA 9 13.21 124.62 -129.90
N PRO SA 10 12.89 125.37 -130.96
CA PRO SA 10 13.71 126.54 -131.29
C PRO SA 10 13.64 127.60 -130.21
N SER SA 11 14.72 128.37 -130.10
CA SER SA 11 14.81 129.45 -129.11
C SER SA 11 15.28 130.71 -129.79
N PHE SA 12 14.74 131.85 -129.38
CA PHE SA 12 15.07 133.14 -129.95
C PHE SA 12 15.38 134.14 -128.83
N ILE SA 13 16.26 135.09 -129.14
CA ILE SA 13 16.62 136.12 -128.17
C ILE SA 13 15.48 137.13 -128.06
N ALA SA 14 15.31 137.67 -126.86
CA ALA SA 14 14.29 138.69 -126.60
C ALA SA 14 14.87 139.95 -125.97
N TRP SA 15 15.88 139.82 -125.12
CA TRP SA 15 16.54 140.97 -124.50
C TRP SA 15 18.00 140.61 -124.27
N ASP SA 16 18.89 141.30 -124.98
CA ASP SA 16 20.32 141.03 -124.92
C ASP SA 16 21.07 141.99 -124.01
N GLY SA 17 20.36 142.76 -123.20
CA GLY SA 17 20.98 143.69 -122.27
C GLY SA 17 20.98 145.14 -122.72
N THR SA 18 20.77 145.41 -124.00
CA THR SA 18 20.73 146.78 -124.49
C THR SA 18 19.52 147.03 -125.38
N THR SA 19 19.01 145.99 -126.02
CA THR SA 19 17.92 146.13 -126.98
C THR SA 19 16.91 145.01 -126.78
N SER SA 20 15.67 145.28 -127.15
CA SER SA 20 14.58 144.32 -127.07
C SER SA 20 14.13 143.93 -128.47
N PHE SA 21 13.82 142.64 -128.65
CA PHE SA 21 13.41 142.10 -129.93
C PHE SA 21 12.04 141.46 -129.80
N PRO SA 22 11.07 141.83 -130.64
CA PRO SA 22 9.81 141.06 -130.68
C PRO SA 22 10.06 139.63 -131.14
N VAL SA 23 9.31 138.70 -130.58
CA VAL SA 23 9.40 137.28 -130.91
C VAL SA 23 8.03 136.80 -131.32
N LYS SA 24 7.94 136.19 -132.50
CA LYS SA 24 6.65 135.75 -133.05
C LYS SA 24 6.30 134.40 -132.47
N ILE SA 25 5.23 134.37 -131.66
CA ILE SA 25 4.76 133.12 -131.05
C ILE SA 25 3.58 132.51 -131.79
N ASP SA 26 3.15 133.10 -132.91
CA ASP SA 26 1.92 132.65 -133.56
C ASP SA 26 2.03 131.22 -134.06
N GLY SA 27 3.17 130.85 -134.61
CA GLY SA 27 3.30 129.53 -135.22
C GLY SA 27 3.30 128.37 -134.23
N PHE SA 28 3.56 128.63 -132.95
CA PHE SA 28 3.70 127.59 -131.95
C PHE SA 28 2.60 127.72 -130.91
N ASN SA 29 2.37 126.65 -130.17
CA ASN SA 29 1.26 126.56 -129.23
C ASN SA 29 1.69 126.56 -127.76
N GLN SA 30 2.98 126.67 -127.49
CA GLN SA 30 3.46 126.96 -126.13
C GLN SA 30 4.76 127.74 -126.21
N PHE SA 31 5.06 128.46 -125.13
CA PHE SA 31 6.28 129.25 -125.06
C PHE SA 31 6.57 129.56 -123.60
N GLY SA 32 7.79 130.03 -123.35
CA GLY SA 32 8.19 130.40 -122.00
C GLY SA 32 9.47 131.18 -122.02
N PHE SA 33 9.71 131.89 -120.92
CA PHE SA 33 10.88 132.74 -120.79
C PHE SA 33 11.99 132.01 -120.06
N THR SA 34 13.20 132.58 -120.13
CA THR SA 34 14.36 132.03 -119.45
C THR SA 34 15.33 133.17 -119.15
N PHE SA 35 15.53 133.45 -117.87
CA PHE SA 35 16.34 134.56 -117.41
C PHE SA 35 17.69 134.05 -116.93
N LYS SA 36 18.75 134.79 -117.22
CA LYS SA 36 20.09 134.46 -116.76
C LYS SA 36 20.82 135.74 -116.36
N VAL SA 37 21.70 135.62 -115.37
CA VAL SA 37 22.44 136.75 -114.83
C VAL SA 37 23.92 136.51 -115.09
N ILE SA 38 24.62 137.53 -115.59
CA ILE SA 38 26.04 137.41 -115.91
C ILE SA 38 26.93 138.11 -114.90
N GLU SA 39 26.36 138.92 -114.00
CA GLU SA 39 27.16 139.62 -112.99
C GLU SA 39 26.31 139.82 -111.76
N GLU SA 40 26.98 140.09 -110.64
CA GLU SA 40 26.29 140.34 -109.39
C GLU SA 40 25.37 141.56 -109.51
N LEU SA 41 24.14 141.42 -109.05
CA LEU SA 41 23.19 142.51 -109.09
C LEU SA 41 23.39 143.45 -107.89
N THR SA 42 22.75 144.60 -107.95
CA THR SA 42 22.76 145.58 -106.87
C THR SA 42 21.38 145.84 -106.27
N ALA SA 43 20.33 145.76 -107.07
CA ALA SA 43 18.97 145.97 -106.58
C ALA SA 43 18.01 145.18 -107.47
N ASP SA 44 16.81 144.93 -106.94
CA ASP SA 44 15.82 144.18 -107.69
C ASP SA 44 15.53 144.86 -109.01
N VAL SA 45 15.46 144.05 -110.07
CA VAL SA 45 15.21 144.53 -111.42
C VAL SA 45 13.86 143.98 -111.87
N PRO SA 46 12.85 144.80 -112.07
CA PRO SA 46 11.57 144.31 -112.61
C PRO SA 46 11.52 144.37 -114.14
N PHE SA 47 10.65 143.55 -114.71
CA PHE SA 47 10.49 143.45 -116.14
C PHE SA 47 9.01 143.57 -116.51
N ASN SA 48 8.76 144.05 -117.73
CA ASN SA 48 7.43 144.26 -118.24
C ASN SA 48 7.20 143.37 -119.46
N ILE SA 49 6.02 142.76 -119.53
CA ILE SA 49 5.67 141.86 -120.63
C ILE SA 49 4.63 142.55 -121.50
N PHE SA 50 4.96 142.77 -122.77
CA PHE SA 50 4.07 143.38 -123.74
C PHE SA 50 3.65 142.35 -124.78
N TYR SA 51 2.70 142.73 -125.62
CA TYR SA 51 2.32 141.93 -126.76
C TYR SA 51 1.89 142.85 -127.90
N HIS SA 52 2.15 142.41 -129.13
CA HIS SA 52 1.91 143.20 -130.32
C HIS SA 52 0.84 142.54 -131.17
N GLU SA 53 0.32 143.28 -132.13
CA GLU SA 53 -0.60 142.75 -133.13
C GLU SA 53 -0.11 143.12 -134.52
N ALA SA 54 -0.60 142.37 -135.51
CA ALA SA 54 -0.17 142.57 -136.88
C ALA SA 54 -0.40 144.00 -137.32
N SER SA 55 0.61 144.59 -137.96
CA SER SA 55 0.50 145.97 -138.41
C SER SA 55 -0.43 146.06 -139.62
N GLU SA 56 -1.18 147.16 -139.69
CA GLU SA 56 -2.08 147.37 -140.82
C GLU SA 56 -1.32 147.51 -142.12
N ALA SA 57 -0.19 148.23 -142.12
CA ALA SA 57 0.57 148.42 -143.34
C ALA SA 57 1.13 147.12 -143.89
N ASP SA 58 1.42 146.15 -143.02
CA ASP SA 58 1.99 144.88 -143.45
C ASP SA 58 1.60 143.79 -142.45
N PRO SA 59 0.86 142.76 -142.87
CA PRO SA 59 0.43 141.73 -141.92
C PRO SA 59 1.56 140.89 -141.35
N CYS SA 60 2.79 141.06 -141.82
CA CYS SA 60 3.93 140.30 -141.34
C CYS SA 60 4.90 141.14 -140.52
N VAL SA 61 4.44 142.27 -139.97
CA VAL SA 61 5.29 143.12 -139.14
C VAL SA 61 4.50 143.48 -137.89
N PRO SA 62 5.11 143.48 -136.71
CA PRO SA 62 4.35 143.78 -135.49
C PRO SA 62 3.99 145.25 -135.39
N GLY SA 63 2.92 145.52 -134.66
CA GLY SA 63 2.47 146.87 -134.41
C GLY SA 63 3.03 147.42 -133.11
N PRO SA 64 2.34 148.39 -132.51
CA PRO SA 64 2.82 148.96 -131.25
C PRO SA 64 2.61 148.01 -130.08
N ALA SA 65 3.31 148.30 -128.99
CA ALA SA 65 3.30 147.43 -127.82
C ALA SA 65 2.03 147.64 -127.02
N ILE SA 66 1.46 146.53 -126.54
CA ILE SA 66 0.30 146.52 -125.66
C ILE SA 66 0.64 145.69 -124.43
N ARG SA 67 0.40 146.23 -123.25
CA ARG SA 67 0.84 145.58 -122.04
C ARG SA 67 -0.10 144.43 -121.69
N VAL SA 68 0.47 143.31 -121.28
CA VAL SA 68 -0.32 142.07 -121.11
C VAL SA 68 -1.20 142.20 -119.87
N PRO SA 69 -2.45 141.76 -119.91
CA PRO SA 69 -3.28 141.77 -118.70
C PRO SA 69 -3.02 140.55 -117.83
N ASP SA 70 -3.43 140.65 -116.57
CA ASP SA 70 -3.26 139.56 -115.63
C ASP SA 70 -4.53 138.73 -115.51
N VAL SA 71 -4.38 137.46 -115.15
CA VAL SA 71 -5.49 136.56 -114.89
C VAL SA 71 -5.23 135.88 -113.55
N PRO SA 72 -6.04 136.13 -112.52
CA PRO SA 72 -5.81 135.45 -111.24
C PRO SA 72 -5.97 133.94 -111.38
N PHE SA 73 -5.14 133.20 -110.65
CA PHE SA 73 -5.27 131.76 -110.63
C PHE SA 73 -6.47 131.35 -109.79
N CYS SA 74 -6.64 130.03 -109.63
CA CYS SA 74 -7.81 129.52 -108.92
C CYS SA 74 -7.98 130.19 -107.56
N ASP SA 75 -6.91 130.26 -106.78
CA ASP SA 75 -6.96 130.86 -105.45
C ASP SA 75 -5.77 131.79 -105.27
N GLY SA 76 -6.06 133.00 -104.82
CA GLY SA 76 -5.09 134.07 -104.75
C GLY SA 76 -5.71 135.39 -105.16
N VAL SA 77 -4.91 136.44 -105.01
CA VAL SA 77 -5.37 137.80 -105.24
C VAL SA 77 -4.70 138.35 -106.49
N ALA SA 78 -5.40 139.25 -107.18
CA ALA SA 78 -4.86 139.87 -108.38
C ALA SA 78 -3.83 140.92 -108.01
N THR SA 79 -3.07 141.35 -109.01
CA THR SA 79 -2.07 142.40 -108.80
C THR SA 79 -2.77 143.73 -108.50
N ALA SA 80 -1.97 144.70 -108.06
CA ALA SA 80 -2.53 145.99 -107.67
C ALA SA 80 -3.24 146.66 -108.84
N ASP SA 81 -2.63 146.64 -110.03
CA ASP SA 81 -3.23 147.21 -111.22
C ASP SA 81 -3.76 146.16 -112.18
N GLY SA 82 -3.56 144.88 -111.88
CA GLY SA 82 -4.08 143.82 -112.73
C GLY SA 82 -3.28 143.54 -113.97
N LEU SA 83 -2.05 144.05 -114.07
CA LEU SA 83 -1.21 143.86 -115.24
C LEU SA 83 0.05 143.09 -114.85
N ALA SA 84 0.45 142.16 -115.70
CA ALA SA 84 1.51 141.21 -115.36
C ALA SA 84 2.88 141.89 -115.32
N THR SA 85 3.75 141.38 -114.45
CA THR SA 85 5.12 141.83 -114.34
C THR SA 85 5.97 140.70 -113.78
N VAL SA 86 7.29 140.82 -113.98
CA VAL SA 86 8.26 139.85 -113.48
C VAL SA 86 9.40 140.59 -112.81
N VAL SA 87 9.84 140.10 -111.66
CA VAL SA 87 10.92 140.71 -110.89
C VAL SA 87 11.94 139.64 -110.54
N ILE SA 88 13.20 139.90 -110.85
CA ILE SA 88 14.30 138.98 -110.56
C ILE SA 88 14.85 139.34 -109.18
N PRO SA 89 14.87 138.41 -108.22
CA PRO SA 89 15.32 138.77 -106.87
C PRO SA 89 16.80 139.11 -106.83
N GLU SA 90 17.15 139.92 -105.83
CA GLU SA 90 18.53 140.35 -105.64
C GLU SA 90 19.45 139.21 -105.25
N ALA SA 91 18.90 138.07 -104.79
CA ALA SA 91 19.71 136.98 -104.29
C ALA SA 91 20.18 136.02 -105.38
N VAL SA 92 19.84 136.29 -106.64
CA VAL SA 92 20.23 135.38 -107.71
C VAL SA 92 21.75 135.36 -107.84
N ALA SA 93 22.32 134.16 -107.96
CA ALA SA 93 23.75 134.02 -108.16
C ALA SA 93 24.08 134.12 -109.64
N VAL SA 94 25.35 134.42 -109.92
CA VAL SA 94 25.79 134.57 -111.31
C VAL SA 94 25.71 133.25 -112.05
N ASP SA 95 25.62 132.13 -111.32
CA ASP SA 95 25.65 130.80 -111.91
C ASP SA 95 24.31 130.09 -111.83
N SER SA 96 23.20 130.80 -112.07
CA SER SA 96 21.89 130.17 -112.00
C SER SA 96 20.97 130.87 -112.99
N PHE SA 97 19.82 130.25 -113.25
CA PHE SA 97 18.85 130.75 -114.21
C PHE SA 97 17.44 130.58 -113.66
N CYS SA 98 16.49 131.28 -114.28
CA CYS SA 98 15.10 131.28 -113.88
C CYS SA 98 14.22 131.06 -115.10
N ALA SA 99 12.98 130.64 -114.85
CA ALA SA 99 12.06 130.35 -115.96
C ALA SA 99 10.62 130.60 -115.51
N GLY SA 100 9.91 131.41 -116.29
CA GLY SA 100 8.50 131.68 -116.03
C GLY SA 100 7.77 131.89 -117.33
N SER SA 101 6.44 131.75 -117.27
CA SER SA 101 5.62 131.82 -118.47
C SER SA 101 4.29 132.47 -118.14
N VAL SA 102 3.59 132.89 -119.18
CA VAL SA 102 2.33 133.64 -119.06
C VAL SA 102 1.17 132.67 -119.22
N PRO SA 103 0.11 132.77 -118.40
CA PRO SA 103 -1.02 131.83 -118.53
C PRO SA 103 -1.74 131.90 -119.87
N CYS SA 104 -1.78 133.06 -120.52
CA CYS SA 104 -2.62 133.25 -121.70
C CYS SA 104 -1.80 133.81 -122.85
N PHE SA 105 -2.32 133.60 -124.06
CA PHE SA 105 -1.59 133.98 -125.27
C PHE SA 105 -1.77 135.46 -125.60
N ASN SA 106 -3.01 135.89 -125.84
CA ASN SA 106 -3.32 137.24 -126.34
C ASN SA 106 -2.88 137.29 -127.80
N GLY SA 107 -2.03 138.24 -128.21
CA GLY SA 107 -1.74 138.44 -129.61
C GLY SA 107 -0.72 137.46 -130.13
N PRO SA 108 -0.37 137.63 -131.42
CA PRO SA 108 0.60 136.73 -132.05
C PRO SA 108 2.06 137.07 -131.77
N TRP SA 109 2.37 138.29 -131.34
CA TRP SA 109 3.72 138.69 -130.99
C TRP SA 109 3.80 138.94 -129.50
N ILE SA 110 5.01 138.80 -128.95
CA ILE SA 110 5.26 139.05 -127.54
C ILE SA 110 6.63 139.70 -127.40
N SER SA 111 6.83 140.39 -126.28
CA SER SA 111 8.07 141.10 -126.02
C SER SA 111 8.24 141.28 -124.53
N ILE SA 112 9.46 141.63 -124.13
CA ILE SA 112 9.80 141.87 -122.73
C ILE SA 112 10.89 142.92 -122.67
N ALA SA 113 10.78 143.83 -121.70
CA ALA SA 113 11.74 144.92 -121.56
C ALA SA 113 11.71 145.41 -120.12
N PRO SA 114 12.84 145.91 -119.61
CA PRO SA 114 12.87 146.32 -118.21
C PRO SA 114 12.12 147.63 -117.99
N VAL SA 115 11.64 147.81 -116.76
CA VAL SA 115 10.98 149.06 -116.39
C VAL SA 115 11.98 150.21 -116.46
N THR SA 116 13.19 150.00 -115.93
CA THR SA 116 14.22 151.02 -115.89
C THR SA 116 15.42 150.54 -116.67
N VAL SA 117 15.91 151.37 -117.59
CA VAL SA 117 17.11 151.05 -118.37
C VAL SA 117 18.29 151.69 -117.65
N ASN SA 118 19.07 150.88 -116.92
CA ASN SA 118 20.19 151.39 -116.14
C ASN SA 118 21.28 150.33 -116.13
N ALA SA 119 22.32 150.58 -115.33
CA ALA SA 119 23.45 149.66 -115.27
C ALA SA 119 23.04 148.28 -114.78
N ASP SA 120 22.17 148.22 -113.76
CA ASP SA 120 21.72 146.94 -113.25
C ASP SA 120 20.95 146.14 -114.30
N SER SA 121 20.31 146.84 -115.25
CA SER SA 121 19.53 146.14 -116.27
C SER SA 121 20.43 145.42 -117.26
N ALA SA 122 21.63 145.94 -117.52
CA ALA SA 122 22.51 145.35 -118.50
C ALA SA 122 23.10 144.02 -118.06
N LYS SA 123 22.89 143.62 -116.81
CA LYS SA 123 23.47 142.39 -116.28
C LYS SA 123 22.57 141.17 -116.46
N VAL SA 124 21.52 141.27 -117.28
CA VAL SA 124 20.55 140.20 -117.44
C VAL SA 124 20.39 139.88 -118.93
N GLN SA 125 19.98 138.65 -119.21
CA GLN SA 125 19.67 138.20 -120.56
C GLN SA 125 18.38 137.38 -120.50
N VAL SA 126 17.51 137.57 -121.49
CA VAL SA 126 16.21 136.90 -121.53
C VAL SA 126 16.06 136.23 -122.88
N THR SA 127 15.55 135.00 -122.87
CA THR SA 127 15.38 134.21 -124.08
C THR SA 127 14.03 133.50 -124.01
N VAL SA 128 13.48 133.17 -125.18
CA VAL SA 128 12.18 132.53 -125.28
C VAL SA 128 12.34 131.21 -126.01
N THR SA 129 11.60 130.19 -125.56
CA THR SA 129 11.65 128.85 -126.12
C THR SA 129 10.26 128.42 -126.55
N MET SA 130 10.18 127.66 -127.64
CA MET SA 130 8.92 127.13 -128.14
C MET SA 130 8.86 125.63 -127.84
N LYS SA 131 7.67 125.05 -128.05
CA LYS SA 131 7.50 123.63 -127.75
C LYS SA 131 6.66 122.87 -128.78
N GLY SA 132 6.14 123.53 -129.80
CA GLY SA 132 5.34 122.80 -130.77
C GLY SA 132 5.03 123.58 -132.03
N ALA SA 133 5.21 122.97 -133.19
CA ALA SA 133 4.94 123.63 -134.45
C ALA SA 133 3.59 123.17 -135.00
N THR SA 134 2.75 124.13 -135.38
CA THR SA 134 1.43 123.85 -135.93
C THR SA 134 1.39 123.98 -137.45
N ARG SA 135 2.47 124.43 -138.08
CA ARG SA 135 2.51 124.60 -139.52
C ARG SA 135 3.65 123.81 -140.13
N MET TA 1 61.02 59.68 -112.73
CA MET TA 1 62.47 59.53 -113.02
C MET TA 1 62.92 60.54 -114.06
N ASN TA 2 64.23 60.65 -114.26
CA ASN TA 2 64.76 61.55 -115.27
C ASN TA 2 64.72 60.88 -116.64
N PHE TA 3 64.60 61.70 -117.68
CA PHE TA 3 64.45 61.23 -119.05
C PHE TA 3 65.63 61.67 -119.88
N ASN TA 4 65.86 60.94 -120.98
CA ASN TA 4 66.89 61.28 -121.95
C ASN TA 4 66.30 62.23 -123.00
N VAL TA 5 66.02 63.45 -122.56
CA VAL TA 5 65.32 64.41 -123.41
C VAL TA 5 66.11 64.69 -124.68
N GLY TA 6 67.44 64.55 -124.63
CA GLY TA 6 68.26 64.80 -125.80
C GLY TA 6 67.93 63.92 -126.98
N VAL TA 7 67.29 62.77 -126.76
CA VAL TA 7 66.94 61.89 -127.87
C VAL TA 7 65.86 62.53 -128.73
N ASP TA 8 64.91 63.21 -128.11
CA ASP TA 8 63.73 63.73 -128.80
C ASP TA 8 63.82 65.21 -129.12
N PHE TA 9 64.55 65.99 -128.31
CA PHE TA 9 64.61 67.44 -128.45
C PHE TA 9 66.06 67.90 -128.49
N PRO TA 10 66.81 67.53 -129.53
CA PRO TA 10 68.22 67.90 -129.60
C PRO TA 10 68.40 69.41 -129.73
N SER TA 11 69.56 69.87 -129.29
CA SER TA 11 69.89 71.29 -129.30
C SER TA 11 71.25 71.49 -129.94
N PHE TA 12 71.39 72.54 -130.74
CA PHE TA 12 72.63 72.87 -131.42
C PHE TA 12 72.96 74.33 -131.25
N ILE TA 13 74.23 74.64 -131.01
CA ILE TA 13 74.66 76.02 -130.87
C ILE TA 13 74.51 76.75 -132.19
N ALA TA 14 74.20 78.05 -132.11
CA ALA TA 14 74.08 78.90 -133.28
C ALA TA 14 74.94 80.15 -133.21
N TRP TA 15 75.12 80.74 -132.04
CA TRP TA 15 75.95 81.91 -131.86
C TRP TA 15 76.57 81.88 -130.48
N ASP TA 16 77.89 81.77 -130.41
CA ASP TA 16 78.63 81.68 -129.16
C ASP TA 16 79.35 82.98 -128.81
N GLY TA 17 79.00 84.09 -129.45
CA GLY TA 17 79.61 85.37 -129.17
C GLY TA 17 80.81 85.73 -130.03
N THR TA 18 81.34 84.78 -130.80
CA THR TA 18 82.48 85.06 -131.66
C THR TA 18 82.28 84.50 -133.06
N THR TA 19 81.37 83.55 -133.22
CA THR TA 19 81.18 82.87 -134.49
C THR TA 19 79.73 82.47 -134.64
N SER TA 20 79.31 82.27 -135.89
CA SER TA 20 77.97 81.82 -136.22
C SER TA 20 78.05 80.46 -136.90
N PHE TA 21 77.21 79.53 -136.47
CA PHE TA 21 77.20 78.17 -137.00
C PHE TA 21 75.88 77.90 -137.72
N PRO TA 22 75.87 77.60 -139.01
CA PRO TA 22 74.62 77.19 -139.65
C PRO TA 22 74.07 75.93 -139.01
N VAL TA 23 72.75 75.86 -138.88
CA VAL TA 23 72.06 74.74 -138.25
C VAL TA 23 71.10 74.13 -139.27
N LYS TA 24 71.20 72.82 -139.46
CA LYS TA 24 70.38 72.12 -140.44
C LYS TA 24 69.06 71.71 -139.79
N ILE TA 25 67.95 72.23 -140.30
CA ILE TA 25 66.63 71.95 -139.75
C ILE TA 25 65.77 71.09 -140.67
N ASP TA 26 66.32 70.57 -141.76
CA ASP TA 26 65.51 69.84 -142.72
C ASP TA 26 64.93 68.57 -142.10
N GLY TA 27 65.69 67.91 -141.24
CA GLY TA 27 65.23 66.65 -140.67
C GLY TA 27 64.15 66.79 -139.62
N PHE TA 28 63.82 68.01 -139.21
CA PHE TA 28 62.83 68.25 -138.17
C PHE TA 28 61.75 69.17 -138.69
N ASN TA 29 60.58 69.13 -138.06
CA ASN TA 29 59.41 69.86 -138.52
C ASN TA 29 59.01 71.02 -137.61
N GLN TA 30 59.76 71.29 -136.53
CA GLN TA 30 59.62 72.55 -135.80
C GLN TA 30 60.98 72.91 -135.21
N PHE TA 31 61.14 74.19 -134.90
CA PHE TA 31 62.37 74.68 -134.30
C PHE TA 31 62.09 76.03 -133.64
N GLY TA 32 63.00 76.44 -132.76
CA GLY TA 32 62.88 77.71 -132.09
C GLY TA 32 64.18 78.17 -131.47
N PHE TA 33 64.36 79.48 -131.36
CA PHE TA 33 65.59 80.04 -130.82
C PHE TA 33 65.49 80.19 -129.31
N THR TA 34 66.62 80.53 -128.69
CA THR TA 34 66.69 80.78 -127.26
C THR TA 34 67.90 81.65 -126.97
N PHE TA 35 67.68 82.78 -126.32
CA PHE TA 35 68.71 83.77 -126.07
C PHE TA 35 69.01 83.83 -124.58
N LYS TA 36 70.30 83.97 -124.25
CA LYS TA 36 70.73 84.09 -122.86
C LYS TA 36 71.80 85.16 -122.76
N VAL TA 37 71.73 85.95 -121.69
CA VAL TA 37 72.69 87.02 -121.43
C VAL TA 37 73.58 86.59 -120.29
N ILE TA 38 74.89 86.77 -120.45
CA ILE TA 38 75.87 86.37 -119.45
C ILE TA 38 76.47 87.56 -118.71
N GLU TA 39 76.22 88.79 -119.15
CA GLU TA 39 76.71 89.98 -118.47
C GLU TA 39 75.75 91.12 -118.73
N GLU TA 40 75.84 92.15 -117.88
CA GLU TA 40 74.97 93.30 -118.02
C GLU TA 40 75.18 93.97 -119.37
N LEU TA 41 74.09 94.30 -120.04
CA LEU TA 41 74.16 95.00 -121.31
C LEU TA 41 74.27 96.51 -121.09
N THR TA 42 74.65 97.22 -122.15
CA THR TA 42 74.71 98.67 -122.14
C THR TA 42 73.93 99.31 -123.28
N ALA TA 43 73.71 98.61 -124.38
CA ALA TA 43 72.95 99.13 -125.50
C ALA TA 43 72.24 97.99 -126.20
N ASP TA 44 71.10 98.30 -126.80
CA ASP TA 44 70.30 97.29 -127.48
C ASP TA 44 71.12 96.62 -128.58
N VAL TA 45 71.00 95.31 -128.67
CA VAL TA 45 71.71 94.51 -129.66
C VAL TA 45 70.68 93.84 -130.56
N PRO TA 46 70.59 94.22 -131.84
CA PRO TA 46 69.69 93.52 -132.76
C PRO TA 46 70.36 92.36 -133.47
N PHE TA 47 69.54 91.40 -133.89
CA PHE TA 47 70.01 90.19 -134.54
C PHE TA 47 69.32 90.01 -135.88
N ASN TA 48 70.07 89.54 -136.87
CA ASN TA 48 69.55 89.24 -138.20
C ASN TA 48 69.35 87.75 -138.34
N ILE TA 49 68.34 87.35 -139.09
CA ILE TA 49 68.02 85.95 -139.33
C ILE TA 49 68.22 85.64 -140.80
N PHE TA 50 69.05 84.64 -141.09
CA PHE TA 50 69.36 84.24 -142.44
C PHE TA 50 68.98 82.77 -142.64
N TYR TA 51 68.79 82.40 -143.90
CA TYR TA 51 68.60 81.00 -144.26
C TYR TA 51 69.44 80.67 -145.49
N HIS TA 52 69.93 79.43 -145.53
CA HIS TA 52 70.78 78.96 -146.61
C HIS TA 52 70.02 77.91 -147.42
N GLU TA 53 70.67 77.39 -148.45
CA GLU TA 53 70.14 76.28 -149.21
C GLU TA 53 71.30 75.48 -149.79
N ALA TA 54 71.00 74.23 -150.15
CA ALA TA 54 72.05 73.29 -150.56
C ALA TA 54 72.88 73.86 -151.70
N SER TA 55 74.20 73.75 -151.57
CA SER TA 55 75.10 74.24 -152.60
C SER TA 55 75.10 73.30 -153.80
N GLU TA 56 75.43 73.87 -154.96
CA GLU TA 56 75.53 73.06 -156.18
C GLU TA 56 76.71 72.10 -156.10
N ALA TA 57 77.83 72.54 -155.51
CA ALA TA 57 79.01 71.70 -155.44
C ALA TA 57 78.77 70.45 -154.59
N ASP TA 58 78.04 70.57 -153.50
CA ASP TA 58 77.79 69.44 -152.61
C ASP TA 58 76.41 69.58 -151.99
N PRO TA 59 75.52 68.59 -152.16
CA PRO TA 59 74.17 68.71 -151.58
C PRO TA 59 74.12 68.57 -150.07
N CYS TA 60 75.26 68.51 -149.38
CA CYS TA 60 75.30 68.42 -147.93
C CYS TA 60 76.08 69.58 -147.30
N VAL TA 61 76.18 70.71 -147.97
CA VAL TA 61 76.88 71.88 -147.45
C VAL TA 61 76.04 73.12 -147.74
N PRO TA 62 75.86 74.03 -146.79
CA PRO TA 62 75.01 75.20 -147.05
C PRO TA 62 75.67 76.19 -148.00
N GLY TA 63 74.84 76.95 -148.69
CA GLY TA 63 75.31 77.99 -149.58
C GLY TA 63 75.38 79.34 -148.90
N PRO TA 64 75.35 80.41 -149.68
CA PRO TA 64 75.42 81.76 -149.07
C PRO TA 64 74.15 82.10 -148.32
N ALA TA 65 74.29 83.08 -147.42
CA ALA TA 65 73.18 83.48 -146.57
C ALA TA 65 72.14 84.27 -147.35
N ILE TA 66 70.88 83.91 -147.15
CA ILE TA 66 69.75 84.64 -147.71
C ILE TA 66 68.87 85.10 -146.55
N ARG TA 67 68.51 86.37 -146.55
CA ARG TA 67 67.81 86.97 -145.42
C ARG TA 67 66.34 86.59 -145.42
N VAL TA 68 65.84 86.16 -144.27
CA VAL TA 68 64.49 85.62 -144.16
C VAL TA 68 63.47 86.74 -144.37
N PRO TA 69 62.42 86.54 -145.16
CA PRO TA 69 61.41 87.58 -145.32
C PRO TA 69 60.40 87.60 -144.20
N ASP TA 70 59.73 88.74 -144.06
CA ASP TA 70 58.69 88.90 -143.04
C ASP TA 70 57.36 88.35 -143.55
N VAL TA 71 56.47 88.08 -142.60
CA VAL TA 71 55.12 87.63 -142.92
C VAL TA 71 54.14 88.20 -141.90
N PRO TA 72 53.32 89.19 -142.27
CA PRO TA 72 52.38 89.75 -141.29
C PRO TA 72 51.37 88.72 -140.83
N PHE TA 73 50.93 88.85 -139.58
CA PHE TA 73 49.93 87.95 -139.03
C PHE TA 73 48.54 88.39 -139.48
N CYS TA 74 47.52 87.74 -138.92
CA CYS TA 74 46.14 88.02 -139.34
C CYS TA 74 45.82 89.50 -139.27
N ASP TA 75 46.20 90.16 -138.19
CA ASP TA 75 45.94 91.59 -138.01
C ASP TA 75 47.15 92.25 -137.38
N GLY TA 76 47.70 93.23 -138.09
CA GLY TA 76 48.92 93.89 -137.68
C GLY TA 76 49.58 94.58 -138.86
N VAL TA 77 50.77 95.15 -138.63
CA VAL TA 77 51.47 95.90 -139.66
C VAL TA 77 52.79 95.21 -139.97
N ALA TA 78 53.25 95.38 -141.20
CA ALA TA 78 54.50 94.80 -141.64
C ALA TA 78 55.68 95.69 -141.26
N THR TA 79 56.88 95.12 -141.31
CA THR TA 79 58.08 95.88 -141.02
C THR TA 79 58.40 96.83 -142.16
N ALA TA 80 59.26 97.81 -141.88
CA ALA TA 80 59.59 98.82 -142.88
C ALA TA 80 60.24 98.18 -144.11
N ASP TA 81 61.28 97.38 -143.90
CA ASP TA 81 61.95 96.73 -145.01
C ASP TA 81 61.36 95.36 -145.35
N GLY TA 82 60.44 94.85 -144.53
CA GLY TA 82 59.81 93.58 -144.81
C GLY TA 82 60.67 92.37 -144.55
N LEU TA 83 61.60 92.44 -143.61
CA LEU TA 83 62.51 91.34 -143.30
C LEU TA 83 62.56 91.11 -141.80
N ALA TA 84 62.73 89.86 -141.41
CA ALA TA 84 62.66 89.50 -140.00
C ALA TA 84 63.88 90.01 -139.23
N THR TA 85 63.66 90.37 -137.98
CA THR TA 85 64.72 90.84 -137.09
C THR TA 85 64.34 90.54 -135.65
N VAL TA 86 65.33 90.61 -134.77
CA VAL TA 86 65.13 90.38 -133.35
C VAL TA 86 65.95 91.40 -132.57
N VAL TA 87 65.36 91.93 -131.49
CA VAL TA 87 65.99 92.96 -130.67
C VAL TA 87 65.92 92.50 -129.21
N ILE TA 88 67.07 92.51 -128.55
CA ILE TA 88 67.16 92.16 -127.13
C ILE TA 88 67.19 93.46 -126.33
N PRO TA 89 66.22 93.72 -125.46
CA PRO TA 89 66.16 95.01 -124.78
C PRO TA 89 67.23 95.16 -123.71
N GLU TA 90 67.37 96.39 -123.23
CA GLU TA 90 68.32 96.69 -122.16
C GLU TA 90 67.94 96.01 -120.85
N ALA TA 91 66.64 95.91 -120.56
CA ALA TA 91 66.18 95.48 -119.24
C ALA TA 91 66.50 94.02 -118.94
N VAL TA 92 66.93 93.24 -119.92
CA VAL TA 92 67.18 91.82 -119.68
C VAL TA 92 68.22 91.67 -118.58
N ALA TA 93 67.91 90.83 -117.60
CA ALA TA 93 68.83 90.59 -116.50
C ALA TA 93 69.80 89.47 -116.86
N VAL TA 94 70.90 89.40 -116.10
CA VAL TA 94 71.93 88.40 -116.38
C VAL TA 94 71.38 86.99 -116.15
N ASP TA 95 70.31 86.87 -115.37
CA ASP TA 95 69.80 85.57 -114.96
C ASP TA 95 68.47 85.21 -115.62
N SER TA 96 68.24 85.67 -116.85
CA SER TA 96 66.99 85.38 -117.55
C SER TA 96 67.29 85.06 -119.01
N PHE TA 97 66.31 84.44 -119.66
CA PHE TA 97 66.45 84.02 -121.04
C PHE TA 97 65.18 84.36 -121.82
N CYS TA 98 65.30 84.32 -123.15
CA CYS TA 98 64.21 84.68 -124.04
C CYS TA 98 64.00 83.57 -125.06
N ALA TA 99 62.85 83.60 -125.73
CA ALA TA 99 62.53 82.57 -126.72
C ALA TA 99 61.67 83.18 -127.81
N GLY TA 100 61.93 82.78 -129.05
CA GLY TA 100 61.15 83.23 -130.19
C GLY TA 100 61.54 82.47 -131.43
N SER TA 101 60.60 82.40 -132.38
CA SER TA 101 60.81 81.64 -133.60
C SER TA 101 60.03 82.28 -134.74
N VAL TA 102 60.45 81.94 -135.96
CA VAL TA 102 59.87 82.52 -137.18
C VAL TA 102 58.63 81.73 -137.58
N PRO TA 103 57.67 82.34 -138.29
CA PRO TA 103 56.45 81.59 -138.65
C PRO TA 103 56.61 80.67 -139.84
N CYS TA 104 57.70 80.78 -140.61
CA CYS TA 104 57.83 80.05 -141.86
C CYS TA 104 59.20 79.37 -141.92
N PHE TA 105 59.31 78.40 -142.82
CA PHE TA 105 60.53 77.59 -142.90
C PHE TA 105 61.51 78.16 -143.93
N ASN TA 106 61.10 78.25 -145.19
CA ASN TA 106 61.97 78.65 -146.30
C ASN TA 106 62.93 77.49 -146.55
N GLY TA 107 64.25 77.72 -146.53
CA GLY TA 107 65.19 76.69 -146.92
C GLY TA 107 65.44 75.68 -145.83
N PRO TA 108 66.31 74.71 -146.12
CA PRO TA 108 66.62 73.66 -145.14
C PRO TA 108 67.70 74.01 -144.13
N TRP TA 109 68.33 75.17 -144.25
CA TRP TA 109 69.35 75.61 -143.31
C TRP TA 109 68.99 77.00 -142.79
N ILE TA 110 69.35 77.27 -141.54
CA ILE TA 110 69.06 78.55 -140.91
C ILE TA 110 70.27 78.99 -140.12
N SER TA 111 70.35 80.30 -139.86
CA SER TA 111 71.45 80.88 -139.12
C SER TA 111 71.01 82.21 -138.53
N ILE TA 112 71.79 82.70 -137.57
CA ILE TA 112 71.52 83.96 -136.91
C ILE TA 112 72.85 84.65 -136.62
N ALA TA 113 72.90 85.96 -136.81
CA ALA TA 113 74.12 86.73 -136.61
C ALA TA 113 73.75 88.15 -136.24
N PRO TA 114 74.52 88.81 -135.38
CA PRO TA 114 74.19 90.18 -134.99
C PRO TA 114 74.44 91.16 -136.11
N VAL TA 115 73.70 92.28 -136.08
CA VAL TA 115 73.91 93.33 -137.06
C VAL TA 115 75.28 93.94 -136.90
N THR TA 116 75.66 94.25 -135.66
CA THR TA 116 76.94 94.88 -135.35
C THR TA 116 77.74 93.95 -134.45
N VAL TA 117 79.01 93.73 -134.81
CA VAL TA 117 79.91 92.91 -134.00
C VAL TA 117 80.71 93.84 -133.11
N ASN TA 118 80.36 93.88 -131.82
CA ASN TA 118 81.00 94.77 -130.87
C ASN TA 118 81.03 94.08 -129.51
N ALA TA 119 81.50 94.82 -128.50
CA ALA TA 119 81.60 94.26 -127.16
C ALA TA 119 80.25 93.82 -126.61
N ASP TA 120 79.17 94.47 -127.01
CA ASP TA 120 77.85 94.08 -126.54
C ASP TA 120 77.39 92.77 -127.16
N SER TA 121 77.92 92.41 -128.32
CA SER TA 121 77.53 91.15 -128.96
C SER TA 121 78.16 89.96 -128.25
N ALA TA 122 79.32 90.13 -127.64
CA ALA TA 122 79.97 89.04 -126.93
C ALA TA 122 79.25 88.68 -125.64
N LYS TA 123 78.27 89.46 -125.21
CA LYS TA 123 77.55 89.22 -123.97
C LYS TA 123 76.26 88.43 -124.18
N VAL TA 124 76.09 87.77 -125.31
CA VAL TA 124 74.87 87.05 -125.63
C VAL TA 124 75.23 85.67 -126.14
N GLN TA 125 74.29 84.74 -126.00
CA GLN TA 125 74.40 83.40 -126.56
C GLN TA 125 73.05 83.00 -127.15
N VAL TA 126 73.08 82.25 -128.25
CA VAL TA 126 71.87 81.84 -128.94
C VAL TA 126 71.96 80.36 -129.26
N THR TA 127 70.83 79.65 -129.13
CA THR TA 127 70.77 78.23 -129.36
C THR TA 127 69.47 77.89 -130.07
N VAL TA 128 69.44 76.75 -130.76
CA VAL TA 128 68.29 76.31 -131.53
C VAL TA 128 67.86 74.95 -131.01
N THR TA 129 66.57 74.79 -130.76
CA THR TA 129 66.00 73.55 -130.26
C THR TA 129 65.03 72.98 -131.29
N MET TA 130 65.16 71.68 -131.56
CA MET TA 130 64.24 70.99 -132.45
C MET TA 130 63.13 70.34 -131.64
N LYS TA 131 62.09 69.85 -132.33
CA LYS TA 131 60.94 69.29 -131.64
C LYS TA 131 60.40 68.00 -132.23
N GLY TA 132 60.85 67.56 -133.40
CA GLY TA 132 60.30 66.34 -133.96
C GLY TA 132 61.14 65.80 -135.11
N ALA TA 133 61.44 64.50 -135.07
CA ALA TA 133 62.23 63.89 -136.13
C ALA TA 133 61.31 63.20 -137.13
N THR TA 134 61.45 63.58 -138.40
CA THR TA 134 60.62 63.02 -139.46
C THR TA 134 61.27 61.82 -140.14
N ARG TA 135 62.47 61.44 -139.73
CA ARG TA 135 63.16 60.29 -140.32
C ARG TA 135 63.47 59.24 -139.26
N MET UA 1 47.83 42.98 -52.30
CA MET UA 1 48.74 42.09 -51.55
C MET UA 1 50.08 41.97 -52.25
N ASN UA 2 51.07 41.40 -51.58
CA ASN UA 2 52.35 41.06 -52.18
C ASN UA 2 52.61 39.57 -51.98
N PHE UA 3 53.39 39.00 -52.90
CA PHE UA 3 53.52 37.55 -52.98
C PHE UA 3 54.94 37.13 -52.61
N ASN UA 4 55.16 35.82 -52.59
CA ASN UA 4 56.48 35.25 -52.35
C ASN UA 4 57.15 34.99 -53.70
N VAL UA 5 57.49 36.10 -54.38
CA VAL UA 5 58.03 36.01 -55.73
C VAL UA 5 59.30 35.18 -55.77
N GLY UA 6 60.04 35.10 -54.66
CA GLY UA 6 61.23 34.26 -54.64
C GLY UA 6 60.96 32.80 -54.89
N VAL UA 7 59.71 32.35 -54.71
CA VAL UA 7 59.38 30.95 -54.96
C VAL UA 7 59.48 30.63 -56.45
N ASP UA 8 59.07 31.57 -57.30
CA ASP UA 8 58.97 31.33 -58.73
C ASP UA 8 60.06 32.00 -59.54
N PHE UA 9 60.60 33.13 -59.07
CA PHE UA 9 61.61 33.89 -59.81
C PHE UA 9 62.80 34.16 -58.91
N PRO UA 10 63.54 33.13 -58.51
CA PRO UA 10 64.70 33.33 -57.64
C PRO UA 10 65.83 34.03 -58.38
N SER UA 11 66.71 34.66 -57.60
CA SER UA 11 67.87 35.36 -58.12
C SER UA 11 69.10 34.99 -57.31
N PHE UA 12 70.24 34.94 -57.99
CA PHE UA 12 71.51 34.60 -57.37
C PHE UA 12 72.57 35.62 -57.78
N ILE UA 13 73.50 35.88 -56.86
CA ILE UA 13 74.59 36.81 -57.15
C ILE UA 13 75.55 36.19 -58.14
N ALA UA 14 76.15 37.02 -59.00
CA ALA UA 14 77.14 36.57 -59.97
C ALA UA 14 78.43 37.34 -59.91
N TRP UA 15 78.40 38.63 -59.56
CA TRP UA 15 79.60 39.46 -59.46
C TRP UA 15 79.35 40.53 -58.41
N ASP UA 16 79.87 40.32 -57.21
CA ASP UA 16 79.69 41.28 -56.13
C ASP UA 16 80.74 42.39 -56.14
N GLY UA 17 81.64 42.40 -57.13
CA GLY UA 17 82.65 43.42 -57.24
C GLY UA 17 84.07 42.96 -56.95
N THR UA 18 84.23 41.77 -56.34
CA THR UA 18 85.56 41.27 -56.04
C THR UA 18 85.73 39.82 -56.49
N THR UA 19 84.62 39.08 -56.57
CA THR UA 19 84.68 37.65 -56.90
C THR UA 19 83.50 37.27 -57.76
N SER UA 20 83.71 36.29 -58.64
CA SER UA 20 82.64 35.77 -59.48
C SER UA 20 82.16 34.43 -58.93
N PHE UA 21 80.86 34.17 -59.10
CA PHE UA 21 80.25 32.93 -58.64
C PHE UA 21 79.57 32.23 -59.79
N PRO UA 22 80.00 31.03 -60.19
CA PRO UA 22 79.25 30.29 -61.20
C PRO UA 22 77.83 30.02 -60.73
N VAL UA 23 76.88 30.12 -61.65
CA VAL UA 23 75.47 29.99 -61.36
C VAL UA 23 74.90 28.85 -62.22
N LYS UA 24 74.22 27.91 -61.58
CA LYS UA 24 73.65 26.78 -62.29
C LYS UA 24 72.30 27.16 -62.87
N ILE UA 25 72.11 26.89 -64.17
CA ILE UA 25 70.87 27.20 -64.86
C ILE UA 25 70.16 25.98 -65.39
N ASP UA 26 70.63 24.77 -65.06
CA ASP UA 26 70.07 23.57 -65.68
C ASP UA 26 68.61 23.37 -65.29
N GLY UA 27 68.26 23.68 -64.04
CA GLY UA 27 66.91 23.43 -63.57
C GLY UA 27 65.87 24.41 -64.06
N PHE UA 28 66.28 25.49 -64.72
CA PHE UA 28 65.38 26.52 -65.19
C PHE UA 28 65.55 26.68 -66.69
N ASN UA 29 64.50 27.17 -67.35
CA ASN UA 29 64.48 27.27 -68.81
C ASN UA 29 64.58 28.70 -69.32
N GLN UA 30 64.85 29.68 -68.46
CA GLN UA 30 65.11 31.04 -68.90
C GLN UA 30 65.96 31.73 -67.84
N PHE UA 31 66.60 32.84 -68.24
CA PHE UA 31 67.43 33.59 -67.31
C PHE UA 31 67.81 34.92 -67.95
N GLY UA 32 68.35 35.81 -67.13
CA GLY UA 32 68.81 37.09 -67.61
C GLY UA 32 69.57 37.82 -66.53
N PHE UA 33 70.49 38.69 -66.97
CA PHE UA 33 71.35 39.41 -66.06
C PHE UA 33 70.69 40.71 -65.60
N THR UA 34 71.35 41.39 -64.66
CA THR UA 34 70.85 42.65 -64.14
C THR UA 34 72.03 43.41 -63.55
N PHE UA 35 72.40 44.53 -64.17
CA PHE UA 35 73.56 45.31 -63.79
C PHE UA 35 73.11 46.53 -63.00
N LYS UA 36 73.83 46.84 -61.93
CA LYS UA 36 73.57 48.02 -61.11
C LYS UA 36 74.88 48.70 -60.77
N VAL UA 37 74.86 50.03 -60.73
CA VAL UA 37 76.03 50.83 -60.41
C VAL UA 37 75.81 51.49 -59.05
N ILE UA 38 76.75 51.25 -58.13
CA ILE UA 38 76.63 51.81 -56.78
C ILE UA 38 77.37 53.13 -56.63
N GLU UA 39 78.19 53.53 -57.61
CA GLU UA 39 78.90 54.79 -57.56
C GLU UA 39 79.28 55.19 -58.97
N GLU UA 40 79.46 56.48 -59.20
CA GLU UA 40 79.69 56.99 -60.54
C GLU UA 40 80.96 56.38 -61.13
N LEU UA 41 80.91 56.08 -62.42
CA LEU UA 41 82.02 55.45 -63.11
C LEU UA 41 83.03 56.50 -63.56
N THR UA 42 84.12 56.03 -64.17
CA THR UA 42 85.16 56.91 -64.70
C THR UA 42 85.47 56.55 -66.14
N ALA UA 43 85.20 55.30 -66.52
CA ALA UA 43 85.41 54.86 -67.89
C ALA UA 43 84.55 53.62 -68.14
N ASP UA 44 84.28 53.35 -69.41
CA ASP UA 44 83.48 52.19 -69.77
C ASP UA 44 84.13 50.91 -69.24
N VAL UA 45 83.30 50.02 -68.70
CA VAL UA 45 83.75 48.75 -68.17
C VAL UA 45 83.14 47.64 -69.03
N PRO UA 46 83.93 46.89 -69.79
CA PRO UA 46 83.38 45.75 -70.53
C PRO UA 46 83.38 44.47 -69.73
N PHE UA 47 82.41 43.61 -70.01
CA PHE UA 47 82.23 42.35 -69.28
C PHE UA 47 82.30 41.19 -70.26
N ASN UA 48 82.81 40.06 -69.78
CA ASN UA 48 82.93 38.84 -70.56
C ASN UA 48 81.98 37.79 -70.00
N ILE UA 49 81.31 37.06 -70.90
CA ILE UA 49 80.35 36.04 -70.53
C ILE UA 49 80.98 34.67 -70.77
N PHE UA 50 81.09 33.89 -69.71
CA PHE UA 50 81.66 32.54 -69.77
C PHE UA 50 80.57 31.52 -69.48
N TYR UA 51 80.86 30.27 -69.82
CA TYR UA 51 79.98 29.16 -69.47
C TYR UA 51 80.82 27.92 -69.17
N HIS UA 52 80.33 27.10 -68.25
CA HIS UA 52 81.03 25.90 -67.81
C HIS UA 52 80.20 24.67 -68.15
N GLU UA 53 80.73 23.51 -67.77
CA GLU UA 53 79.99 22.26 -67.91
C GLU UA 53 80.48 21.29 -66.83
N ALA UA 54 79.68 20.25 -66.60
CA ALA UA 54 79.93 19.35 -65.48
C ALA UA 54 81.35 18.79 -65.54
N SER UA 55 82.02 18.80 -64.39
CA SER UA 55 83.37 18.28 -64.32
C SER UA 55 83.37 16.76 -64.33
N GLU UA 56 84.53 16.18 -64.67
CA GLU UA 56 84.65 14.73 -64.70
C GLU UA 56 84.73 14.15 -63.29
N ALA UA 57 85.42 14.85 -62.39
CA ALA UA 57 85.57 14.33 -61.02
C ALA UA 57 84.25 14.28 -60.28
N ASP UA 58 83.38 15.27 -60.49
CA ASP UA 58 82.10 15.32 -59.79
C ASP UA 58 81.04 15.91 -60.71
N PRO UA 59 79.97 15.18 -61.03
CA PRO UA 59 78.96 15.72 -61.96
C PRO UA 59 78.14 16.86 -61.41
N CYS UA 60 78.44 17.36 -60.21
CA CYS UA 60 77.73 18.49 -59.62
C CYS UA 60 78.66 19.66 -59.34
N VAL UA 61 79.79 19.74 -60.05
CA VAL UA 61 80.74 20.82 -59.87
C VAL UA 61 81.14 21.33 -61.25
N PRO UA 62 81.17 22.65 -61.48
CA PRO UA 62 81.49 23.15 -62.81
C PRO UA 62 82.95 22.92 -63.18
N GLY UA 63 83.20 22.83 -64.48
CA GLY UA 63 84.54 22.69 -65.00
C GLY UA 63 85.15 24.05 -65.31
N PRO UA 64 86.15 24.08 -66.19
CA PRO UA 64 86.78 25.35 -66.54
C PRO UA 64 85.87 26.24 -67.38
N ALA UA 65 86.22 27.52 -67.41
CA ALA UA 65 85.40 28.50 -68.11
C ALA UA 65 85.61 28.42 -69.62
N ILE UA 66 84.51 28.53 -70.36
CA ILE UA 66 84.53 28.55 -71.82
C ILE UA 66 83.76 29.79 -72.27
N ARG UA 67 84.33 30.51 -73.24
CA ARG UA 67 83.75 31.78 -73.66
C ARG UA 67 82.56 31.55 -74.59
N VAL UA 68 81.46 32.22 -74.30
CA VAL UA 68 80.20 31.98 -75.03
C VAL UA 68 80.35 32.50 -76.46
N PRO UA 69 79.91 31.76 -77.47
CA PRO UA 69 79.99 32.26 -78.85
C PRO UA 69 78.85 33.21 -79.16
N ASP UA 70 78.97 33.86 -80.31
CA ASP UA 70 77.97 34.83 -80.75
C ASP UA 70 77.08 34.23 -81.83
N VAL UA 71 75.80 34.60 -81.81
CA VAL UA 71 74.84 34.22 -82.84
C VAL UA 71 74.30 35.50 -83.47
N PRO UA 72 74.69 35.85 -84.69
CA PRO UA 72 74.18 37.10 -85.29
C PRO UA 72 72.68 37.04 -85.51
N PHE UA 73 72.02 38.17 -85.28
CA PHE UA 73 70.60 38.27 -85.61
C PHE UA 73 70.43 38.56 -87.11
N CYS UA 74 69.20 38.39 -87.58
CA CYS UA 74 68.89 38.52 -88.99
C CYS UA 74 69.08 39.94 -89.51
N ASP UA 75 69.13 40.96 -88.64
CA ASP UA 75 69.29 42.33 -89.06
C ASP UA 75 70.60 42.95 -88.54
N GLY UA 76 71.65 42.14 -88.38
CA GLY UA 76 72.91 42.64 -87.88
C GLY UA 76 74.10 41.93 -88.47
N VAL UA 77 75.29 42.20 -87.93
CA VAL UA 77 76.53 41.59 -88.39
C VAL UA 77 77.27 41.03 -87.19
N ALA UA 78 78.04 39.98 -87.43
CA ALA UA 78 78.70 39.27 -86.36
C ALA UA 78 79.79 40.15 -85.72
N THR UA 79 80.12 39.82 -84.48
CA THR UA 79 81.17 40.54 -83.78
C THR UA 79 82.52 40.29 -84.43
N ALA UA 80 83.48 41.18 -84.15
CA ALA UA 80 84.80 41.08 -84.76
C ALA UA 80 85.41 39.70 -84.53
N ASP UA 81 85.40 39.22 -83.29
CA ASP UA 81 85.95 37.91 -82.95
C ASP UA 81 84.89 36.83 -82.81
N GLY UA 82 83.62 37.17 -82.97
CA GLY UA 82 82.56 36.18 -82.89
C GLY UA 82 82.26 35.69 -81.50
N LEU UA 83 82.55 36.48 -80.47
CA LEU UA 83 82.29 36.11 -79.09
C LEU UA 83 81.49 37.21 -78.41
N ALA UA 84 80.59 36.80 -77.51
CA ALA UA 84 79.68 37.74 -76.86
C ALA UA 84 80.42 38.60 -75.85
N THR UA 85 79.96 39.84 -75.70
CA THR UA 85 80.53 40.78 -74.76
C THR UA 85 79.45 41.74 -74.29
N VAL UA 86 79.72 42.41 -73.17
CA VAL UA 86 78.79 43.38 -72.59
C VAL UA 86 79.58 44.62 -72.21
N VAL UA 87 79.03 45.79 -72.52
CA VAL UA 87 79.68 47.07 -72.25
C VAL UA 87 78.68 47.96 -71.53
N ILE UA 88 79.05 48.42 -70.33
CA ILE UA 88 78.23 49.34 -69.56
C ILE UA 88 78.65 50.77 -69.92
N PRO UA 89 77.75 51.59 -70.46
CA PRO UA 89 78.17 52.92 -70.91
C PRO UA 89 78.49 53.87 -69.77
N GLU UA 90 79.18 54.95 -70.12
CA GLU UA 90 79.58 55.96 -69.14
C GLU UA 90 78.41 56.74 -68.58
N ALA UA 91 77.28 56.77 -69.29
CA ALA UA 91 76.18 57.65 -68.91
C ALA UA 91 75.29 57.05 -67.83
N VAL UA 92 75.57 55.83 -67.36
CA VAL UA 92 74.71 55.20 -66.37
C VAL UA 92 74.80 55.97 -65.07
N ALA UA 93 73.64 56.32 -64.51
CA ALA UA 93 73.59 57.01 -63.23
C ALA UA 93 73.57 56.02 -62.08
N VAL UA 94 73.89 56.51 -60.88
CA VAL UA 94 73.96 55.64 -59.71
C VAL UA 94 72.57 55.10 -59.37
N ASP UA 95 71.51 55.76 -59.84
CA ASP UA 95 70.15 55.40 -59.49
C ASP UA 95 69.40 54.71 -60.63
N SER UA 96 70.08 53.85 -61.39
CA SER UA 96 69.46 53.16 -62.51
C SER UA 96 70.07 51.78 -62.65
N PHE UA 97 69.41 50.94 -63.45
CA PHE UA 97 69.83 49.56 -63.65
C PHE UA 97 69.67 49.19 -65.12
N CYS UA 98 70.34 48.10 -65.51
CA CYS UA 98 70.31 47.59 -66.87
C CYS UA 98 70.02 46.11 -66.84
N ALA UA 99 69.51 45.59 -67.97
CA ALA UA 99 69.16 44.18 -68.07
C ALA UA 99 69.35 43.69 -69.50
N GLY UA 100 70.03 42.56 -69.63
CA GLY UA 100 70.25 41.94 -70.93
C GLY UA 100 70.55 40.47 -70.77
N SER UA 101 70.27 39.71 -71.82
CA SER UA 101 70.39 38.26 -71.77
C SER UA 101 70.93 37.74 -73.09
N VAL UA 102 71.54 36.56 -73.04
CA VAL UA 102 72.13 35.93 -74.22
C VAL UA 102 71.04 35.18 -74.99
N PRO UA 103 71.19 34.98 -76.31
CA PRO UA 103 70.13 34.31 -77.07
C PRO UA 103 70.13 32.80 -76.94
N CYS UA 104 71.21 32.18 -76.47
CA CYS UA 104 71.33 30.72 -76.50
C CYS UA 104 71.84 30.23 -75.15
N PHE UA 105 71.66 28.93 -74.92
CA PHE UA 105 71.98 28.33 -73.63
C PHE UA 105 73.42 27.81 -73.55
N ASN UA 106 73.77 26.87 -74.43
CA ASN UA 106 75.08 26.20 -74.40
C ASN UA 106 75.09 25.29 -73.17
N GLY UA 107 76.07 25.42 -72.27
CA GLY UA 107 76.21 24.49 -71.17
C GLY UA 107 75.24 24.77 -70.04
N PRO UA 108 75.29 23.91 -69.03
CA PRO UA 108 74.36 24.05 -67.88
C PRO UA 108 74.83 25.03 -66.81
N TRP UA 109 75.98 25.66 -66.97
CA TRP UA 109 76.49 26.64 -66.02
C TRP UA 109 76.83 27.91 -66.77
N ILE UA 110 76.92 29.02 -66.02
CA ILE UA 110 77.24 30.32 -66.61
C ILE UA 110 77.86 31.20 -65.55
N SER UA 111 78.58 32.23 -66.00
CA SER UA 111 79.19 33.21 -65.12
C SER UA 111 79.60 34.42 -65.95
N ILE UA 112 79.83 35.53 -65.27
CA ILE UA 112 80.22 36.77 -65.91
C ILE UA 112 81.33 37.41 -65.09
N ALA UA 113 82.38 37.88 -65.77
CA ALA UA 113 83.51 38.49 -65.11
C ALA UA 113 84.01 39.66 -65.95
N PRO UA 114 84.60 40.68 -65.35
CA PRO UA 114 85.08 41.82 -66.13
C PRO UA 114 86.35 41.48 -66.89
N VAL UA 115 86.59 42.24 -67.96
CA VAL UA 115 87.81 42.06 -68.73
C VAL UA 115 89.03 42.40 -67.88
N THR UA 116 88.96 43.49 -67.13
CA THR UA 116 90.06 43.92 -66.28
C THR UA 116 89.52 44.22 -64.88
N VAL UA 117 90.23 43.75 -63.87
CA VAL UA 117 89.85 43.97 -62.48
C VAL UA 117 90.59 45.22 -62.00
N ASN UA 118 89.88 46.34 -61.94
CA ASN UA 118 90.46 47.61 -61.53
C ASN UA 118 89.46 48.34 -60.63
N ALA UA 119 89.81 49.57 -60.25
CA ALA UA 119 88.96 50.35 -59.36
C ALA UA 119 87.59 50.64 -59.96
N ASP UA 120 87.49 50.69 -61.28
CA ASP UA 120 86.19 50.94 -61.91
C ASP UA 120 85.30 49.70 -61.85
N SER UA 121 85.90 48.52 -61.91
CA SER UA 121 85.10 47.30 -61.89
C SER UA 121 84.44 47.07 -60.54
N ALA UA 122 85.02 47.61 -59.47
CA ALA UA 122 84.44 47.43 -58.14
C ALA UA 122 83.17 48.24 -57.95
N LYS UA 123 82.82 49.10 -58.89
CA LYS UA 123 81.66 49.98 -58.77
C LYS UA 123 80.38 49.37 -59.31
N VAL UA 124 80.41 48.10 -59.73
CA VAL UA 124 79.27 47.46 -60.39
C VAL UA 124 78.89 46.20 -59.64
N GLN UA 125 77.64 45.80 -59.79
CA GLN UA 125 77.13 44.55 -59.24
C GLN UA 125 76.30 43.87 -60.32
N VAL UA 126 76.36 42.54 -60.37
CA VAL UA 126 75.65 41.77 -61.38
C VAL UA 126 74.88 40.65 -60.68
N THR UA 127 73.62 40.48 -61.06
CA THR UA 127 72.76 39.45 -60.51
C THR UA 127 72.07 38.72 -61.65
N VAL UA 128 71.75 37.45 -61.42
CA VAL UA 128 71.11 36.60 -62.42
C VAL UA 128 69.76 36.17 -61.89
N THR UA 129 68.72 36.37 -62.69
CA THR UA 129 67.35 36.02 -62.32
C THR UA 129 66.86 34.89 -63.21
N MET UA 130 66.36 33.83 -62.58
CA MET UA 130 65.77 32.72 -63.31
C MET UA 130 64.28 32.97 -63.52
N LYS UA 131 63.66 32.09 -64.29
CA LYS UA 131 62.23 32.18 -64.55
C LYS UA 131 61.76 30.85 -65.12
N GLY UA 132 60.81 30.22 -64.45
CA GLY UA 132 60.29 28.94 -64.88
C GLY UA 132 61.12 27.78 -64.35
N ALA UA 133 60.47 26.83 -63.69
CA ALA UA 133 61.14 25.68 -63.11
C ALA UA 133 60.67 24.42 -63.83
N THR UA 134 61.64 23.61 -64.27
CA THR UA 134 61.33 22.39 -65.01
C THR UA 134 61.23 21.17 -64.11
N ARG UA 135 61.38 21.33 -62.80
CA ARG UA 135 61.30 20.21 -61.86
C ARG UA 135 60.34 20.51 -60.72
N MET VA 1 77.29 39.76 -78.91
CA MET VA 1 76.56 41.02 -78.87
C MET VA 1 75.35 40.91 -77.96
N VAL VA 2 75.12 41.93 -77.14
CA VAL VA 2 73.91 42.02 -76.32
C VAL VA 2 73.48 43.47 -76.26
N SER VA 3 72.17 43.69 -76.32
CA SER VA 3 71.57 45.01 -76.24
C SER VA 3 70.97 45.19 -74.85
N LEU VA 4 71.40 46.24 -74.16
CA LEU VA 4 70.98 46.47 -72.77
C LEU VA 4 69.77 47.39 -72.75
N ASP VA 5 68.70 46.93 -72.11
CA ASP VA 5 67.57 47.80 -71.82
C ASP VA 5 67.73 48.40 -70.43
N CYS VA 6 67.63 49.73 -70.36
CA CYS VA 6 67.82 50.44 -69.11
C CYS VA 6 66.68 51.42 -68.92
N ARG VA 7 66.30 51.62 -67.66
CA ARG VA 7 65.24 52.54 -67.30
C ARG VA 7 65.85 53.82 -66.75
N ASN VA 8 65.19 54.94 -67.03
CA ASN VA 8 65.76 56.25 -66.70
C ASN VA 8 66.34 56.26 -65.29
N THR VA 9 65.49 56.05 -64.29
CA THR VA 9 65.95 56.03 -62.90
C THR VA 9 64.94 55.26 -62.07
N CYS VA 10 65.38 54.84 -60.88
CA CYS VA 10 64.46 54.24 -59.93
C CYS VA 10 63.39 55.24 -59.52
N ALA VA 11 63.78 56.50 -59.29
CA ALA VA 11 62.83 57.56 -59.07
C ALA VA 11 62.67 58.40 -60.35
N PRO VA 12 61.49 58.98 -60.59
CA PRO VA 12 61.32 59.77 -61.82
C PRO VA 12 62.36 60.87 -61.93
N ALA VA 13 62.68 61.52 -60.82
CA ALA VA 13 63.75 62.51 -60.75
C ALA VA 13 64.18 62.58 -59.29
N PRO VA 14 65.21 61.83 -58.89
CA PRO VA 14 65.57 61.82 -57.47
C PRO VA 14 65.76 63.21 -56.90
N ALA VA 15 66.34 64.11 -57.67
CA ALA VA 15 66.32 65.54 -57.38
C ALA VA 15 65.63 66.24 -58.54
N SER VA 16 64.36 66.61 -58.35
CA SER VA 16 63.57 67.14 -59.44
C SER VA 16 64.27 68.35 -60.06
N ARG VA 17 64.39 68.35 -61.38
CA ARG VA 17 65.11 69.39 -62.10
C ARG VA 17 64.19 70.57 -62.36
N LEU VA 18 63.89 71.29 -61.29
CA LEU VA 18 63.11 72.52 -61.41
C LEU VA 18 63.95 73.59 -62.10
N VAL VA 19 63.30 74.39 -62.94
CA VAL VA 19 64.00 75.35 -63.78
C VAL VA 19 63.30 76.70 -63.69
N GLN VA 20 64.10 77.75 -63.62
CA GLN VA 20 63.55 79.10 -63.62
C GLN VA 20 62.82 79.36 -64.94
N PRO VA 21 61.69 80.04 -64.94
CA PRO VA 21 60.98 80.31 -66.18
C PRO VA 21 61.74 81.31 -67.03
N PRO VA 22 61.46 81.37 -68.33
CA PRO VA 22 62.17 82.32 -69.19
C PRO VA 22 62.02 83.74 -68.68
N CYS VA 23 63.12 84.48 -68.71
CA CYS VA 23 63.18 85.79 -68.09
C CYS VA 23 62.20 86.77 -68.75
N PHE VA 24 62.13 87.97 -68.18
CA PHE VA 24 61.23 88.99 -68.69
C PHE VA 24 61.60 89.35 -70.12
N VAL VA 25 60.62 89.83 -70.89
CA VAL VA 25 60.85 90.08 -72.31
C VAL VA 25 61.57 91.42 -72.51
N CYS VA 26 60.95 92.52 -72.11
CA CYS VA 26 61.51 93.86 -72.28
C CYS VA 26 60.58 94.84 -71.60
N ARG VA 27 60.97 96.12 -71.63
CA ARG VA 27 60.13 97.19 -71.12
C ARG VA 27 58.83 97.26 -71.91
N MET WA 1 30.15 57.16 -16.64
CA MET WA 1 30.32 57.59 -18.03
C MET WA 1 29.05 58.21 -18.58
N VAL WA 2 29.12 59.48 -18.97
CA VAL WA 2 28.02 60.17 -19.63
C VAL WA 2 28.60 61.12 -20.67
N SER WA 3 27.90 61.25 -21.79
CA SER WA 3 28.33 62.10 -22.89
C SER WA 3 27.49 63.36 -22.88
N LEU WA 4 28.15 64.50 -22.70
CA LEU WA 4 27.45 65.77 -22.62
C LEU WA 4 27.27 66.38 -24.01
N ASP WA 5 26.08 66.94 -24.24
CA ASP WA 5 25.81 67.73 -25.44
C ASP WA 5 25.68 69.19 -25.06
N CYS WA 6 26.37 70.06 -25.79
CA CYS WA 6 26.38 71.48 -25.48
C CYS WA 6 26.18 72.28 -26.76
N ARG WA 7 25.34 73.31 -26.66
CA ARG WA 7 25.18 74.24 -27.77
C ARG WA 7 26.37 75.20 -27.82
N ASN WA 8 26.63 75.72 -29.02
CA ASN WA 8 27.72 76.66 -29.19
C ASN WA 8 27.53 77.89 -28.30
N THR WA 9 26.31 78.42 -28.29
CA THR WA 9 25.99 79.56 -27.44
C THR WA 9 24.50 79.87 -27.61
N CYS WA 10 23.93 80.51 -26.59
CA CYS WA 10 22.53 80.89 -26.67
C CYS WA 10 22.26 81.81 -27.86
N ALA WA 11 23.12 82.81 -28.06
CA ALA WA 11 23.10 83.60 -29.27
C ALA WA 11 24.16 83.10 -30.24
N PRO WA 12 23.96 83.28 -31.55
CA PRO WA 12 24.98 82.79 -32.51
C PRO WA 12 26.36 83.35 -32.21
N ALA WA 13 26.43 84.62 -31.84
CA ALA WA 13 27.66 85.26 -31.38
C ALA WA 13 27.29 86.49 -30.57
N PRO WA 14 27.17 86.39 -29.24
CA PRO WA 14 26.73 87.56 -28.46
C PRO WA 14 27.55 88.79 -28.76
N ALA WA 15 28.86 88.64 -28.95
CA ALA WA 15 29.69 89.69 -29.53
C ALA WA 15 30.20 89.17 -30.86
N SER WA 16 29.52 89.56 -31.95
CA SER WA 16 29.84 89.02 -33.26
C SER WA 16 31.32 89.28 -33.58
N ARG WA 17 32.00 88.23 -34.03
CA ARG WA 17 33.44 88.30 -34.29
C ARG WA 17 33.68 88.93 -35.65
N LEU WA 18 33.27 90.20 -35.76
CA LEU WA 18 33.55 90.96 -36.96
C LEU WA 18 35.05 91.20 -37.08
N VAL WA 19 35.62 90.82 -38.22
CA VAL WA 19 37.06 90.76 -38.40
C VAL WA 19 37.48 91.58 -39.61
N GLN WA 20 38.69 92.10 -39.57
CA GLN WA 20 39.21 92.89 -40.68
C GLN WA 20 39.39 92.01 -41.92
N PRO WA 21 39.32 92.58 -43.11
CA PRO WA 21 39.53 91.79 -44.32
C PRO WA 21 41.01 91.58 -44.58
N PRO WA 22 41.38 90.60 -45.40
CA PRO WA 22 42.80 90.39 -45.70
C PRO WA 22 43.40 91.63 -46.34
N CYS WA 23 44.64 91.94 -45.96
CA CYS WA 23 45.29 93.13 -46.46
C CYS WA 23 45.52 93.01 -47.97
N PHE WA 24 45.52 94.15 -48.63
CA PHE WA 24 45.60 94.16 -50.09
C PHE WA 24 46.98 93.72 -50.56
N VAL WA 25 47.01 93.09 -51.73
CA VAL WA 25 48.25 92.58 -52.31
C VAL WA 25 49.19 93.74 -52.60
N CYS WA 26 50.48 93.43 -52.71
CA CYS WA 26 51.49 94.43 -52.97
C CYS WA 26 51.28 95.06 -54.34
N ARG WA 27 51.88 96.24 -54.52
CA ARG WA 27 51.79 96.96 -55.79
C ARG WA 27 52.25 96.07 -56.94
N MET XA 1 -17.00 118.05 -37.61
CA MET XA 1 -15.89 117.41 -38.30
C MET XA 1 -16.07 117.43 -39.81
N VAL XA 2 -15.03 117.85 -40.53
CA VAL XA 2 -14.98 117.77 -41.98
C VAL XA 2 -13.56 117.44 -42.41
N SER XA 3 -13.43 116.58 -43.41
CA SER XA 3 -12.15 116.16 -43.93
C SER XA 3 -11.86 116.95 -45.21
N LEU XA 4 -10.84 117.80 -45.15
CA LEU XA 4 -10.50 118.66 -46.27
C LEU XA 4 -9.62 117.91 -47.26
N ASP XA 5 -10.03 117.88 -48.51
CA ASP XA 5 -9.20 117.37 -49.59
C ASP XA 5 -8.54 118.55 -50.31
N CYS XA 6 -7.24 118.42 -50.54
CA CYS XA 6 -6.46 119.50 -51.15
C CYS XA 6 -5.52 118.92 -52.19
N ARG XA 7 -5.16 119.76 -53.15
CA ARG XA 7 -4.25 119.37 -54.22
C ARG XA 7 -2.91 120.08 -54.00
N ASN XA 8 -1.84 119.43 -54.47
CA ASN XA 8 -0.50 119.94 -54.23
C ASN XA 8 -0.41 121.42 -54.55
N THR XA 9 -0.61 121.77 -55.82
CA THR XA 9 -0.56 123.16 -56.25
C THR XA 9 -1.34 123.29 -57.55
N CYS XA 10 -1.65 124.53 -57.92
CA CYS XA 10 -2.23 124.78 -59.23
C CYS XA 10 -1.24 124.42 -60.33
N ALA XA 11 0.04 124.72 -60.13
CA ALA XA 11 1.09 124.28 -61.02
C ALA XA 11 1.83 123.09 -60.42
N PRO XA 12 2.33 122.16 -61.24
CA PRO XA 12 3.04 121.00 -60.66
C PRO XA 12 4.17 121.41 -59.74
N ALA XA 13 4.90 122.45 -60.13
CA ALA XA 13 5.90 123.10 -59.29
C ALA XA 13 6.12 124.50 -59.84
N PRO XA 14 5.38 125.51 -59.35
CA PRO XA 14 5.46 126.83 -60.00
C PRO XA 14 6.88 127.33 -60.15
N ALA XA 15 7.71 127.11 -59.13
CA ALA XA 15 9.15 127.28 -59.24
C ALA XA 15 9.79 125.91 -59.08
N SER XA 16 10.10 125.27 -60.20
CA SER XA 16 10.54 123.88 -60.17
C SER XA 16 11.76 123.74 -59.25
N ARG XA 17 11.71 122.77 -58.35
CA ARG XA 17 12.75 122.58 -57.34
C ARG XA 17 13.88 121.75 -57.94
N LEU XA 18 14.61 122.39 -58.87
CA LEU XA 18 15.80 121.77 -59.43
C LEU XA 18 16.86 121.60 -58.34
N VAL XA 19 17.61 120.51 -58.42
CA VAL XA 19 18.57 120.15 -57.39
C VAL XA 19 19.88 119.73 -58.04
N GLN XA 20 20.99 120.10 -57.41
CA GLN XA 20 22.29 119.69 -57.91
C GLN XA 20 22.44 118.16 -57.77
N PRO XA 21 23.30 117.52 -58.56
CA PRO XA 21 23.47 116.08 -58.42
C PRO XA 21 24.42 115.77 -57.29
N PRO XA 22 24.43 114.53 -56.79
CA PRO XA 22 25.37 114.17 -55.73
C PRO XA 22 26.80 114.45 -56.19
N CYS XA 23 27.60 114.99 -55.28
CA CYS XA 23 28.96 115.36 -55.63
C CYS XA 23 29.77 114.11 -55.96
N PHE XA 24 30.82 114.30 -56.75
CA PHE XA 24 31.66 113.18 -57.18
C PHE XA 24 32.26 112.51 -55.95
N VAL XA 25 32.41 111.18 -56.04
CA VAL XA 25 32.66 110.38 -54.85
C VAL XA 25 33.98 110.77 -54.19
N CYS XA 26 35.10 110.50 -54.86
CA CYS XA 26 36.43 110.70 -54.28
C CYS XA 26 37.46 110.49 -55.38
N ARG XA 27 38.72 110.78 -55.05
CA ARG XA 27 39.82 110.51 -55.96
C ARG XA 27 39.94 109.01 -56.21
N MET YA 1 2.06 139.21 -111.08
CA MET YA 1 3.24 138.41 -110.79
C MET YA 1 3.24 137.11 -111.58
N VAL YA 2 4.32 136.36 -111.46
CA VAL YA 2 4.43 135.03 -112.07
C VAL YA 2 5.28 134.16 -111.16
N SER YA 3 4.94 132.88 -111.10
CA SER YA 3 5.67 131.93 -110.26
C SER YA 3 7.01 131.63 -110.96
N LEU YA 4 8.01 132.45 -110.62
CA LEU YA 4 9.31 132.40 -111.27
C LEU YA 4 10.13 131.29 -110.62
N ASP YA 5 10.16 130.13 -111.27
CA ASP YA 5 10.96 129.02 -110.78
C ASP YA 5 12.43 129.23 -111.10
N CYS YA 6 13.29 128.66 -110.26
CA CYS YA 6 14.73 128.78 -110.44
C CYS YA 6 15.42 127.54 -109.88
N ARG YA 7 16.62 127.29 -110.38
CA ARG YA 7 17.43 126.16 -109.95
C ARG YA 7 18.61 126.67 -109.14
N ASN YA 8 19.06 125.85 -108.19
CA ASN YA 8 20.10 126.27 -107.26
C ASN YA 8 21.29 126.87 -108.00
N THR YA 9 21.96 126.07 -108.81
CA THR YA 9 23.11 126.54 -109.58
C THR YA 9 23.30 125.63 -110.79
N CYS YA 10 24.07 126.12 -111.75
CA CYS YA 10 24.50 125.31 -112.88
C CYS YA 10 25.50 124.23 -112.46
N ALA YA 11 26.05 124.32 -111.26
CA ALA YA 11 26.91 123.29 -110.70
C ALA YA 11 26.45 122.97 -109.29
N PRO YA 12 26.64 121.72 -108.83
CA PRO YA 12 26.19 121.38 -107.46
C PRO YA 12 26.76 122.31 -106.42
N ALA YA 13 28.03 122.69 -106.56
CA ALA YA 13 28.67 123.70 -105.74
C ALA YA 13 29.86 124.23 -106.52
N PRO YA 14 29.70 125.30 -107.32
CA PRO YA 14 30.81 125.71 -108.21
C PRO YA 14 32.11 125.90 -107.46
N ALA YA 15 32.04 126.46 -106.25
CA ALA YA 15 33.16 126.42 -105.31
C ALA YA 15 32.70 125.65 -104.08
N SER YA 16 33.07 124.38 -104.01
CA SER YA 16 32.55 123.50 -102.97
C SER YA 16 32.81 124.11 -101.60
N ARG YA 17 31.77 124.21 -100.79
CA ARG YA 17 31.84 124.86 -99.48
C ARG YA 17 32.32 123.88 -98.42
N LEU YA 18 33.60 123.51 -98.53
CA LEU YA 18 34.21 122.67 -97.51
C LEU YA 18 34.30 123.44 -96.20
N VAL YA 19 34.09 122.73 -95.09
CA VAL YA 19 33.96 123.36 -93.79
C VAL YA 19 34.82 122.62 -92.77
N GLN YA 20 35.45 123.38 -91.89
CA GLN YA 20 36.23 122.78 -90.83
C GLN YA 20 35.30 121.99 -89.89
N PRO YA 21 35.72 120.83 -89.40
CA PRO YA 21 34.88 120.08 -88.47
C PRO YA 21 34.81 120.79 -87.12
N PRO YA 22 33.77 120.53 -86.33
CA PRO YA 22 33.68 121.17 -85.02
C PRO YA 22 34.90 120.87 -84.17
N CYS YA 23 35.35 121.86 -83.42
CA CYS YA 23 36.60 121.74 -82.68
C CYS YA 23 36.49 120.65 -81.63
N PHE YA 24 37.65 120.14 -81.22
CA PHE YA 24 37.72 119.07 -80.25
C PHE YA 24 37.27 119.57 -78.88
N VAL YA 25 36.67 118.67 -78.10
CA VAL YA 25 36.08 119.04 -76.82
C VAL YA 25 37.18 119.22 -75.78
N CYS YA 26 36.81 119.81 -74.65
CA CYS YA 26 37.78 120.13 -73.61
C CYS YA 26 38.36 118.86 -73.00
N ARG YA 27 39.54 119.01 -72.40
CA ARG YA 27 40.21 117.90 -71.74
C ARG YA 27 39.30 117.25 -70.70
N MET ZA 1 60.57 91.74 -137.61
CA MET ZA 1 60.28 91.76 -136.19
C MET ZA 1 59.48 90.51 -135.79
N VAL ZA 2 59.85 89.91 -134.66
CA VAL ZA 2 59.16 88.75 -134.12
C VAL ZA 2 58.89 89.00 -132.64
N SER ZA 3 57.75 88.48 -132.18
CA SER ZA 3 57.40 88.63 -130.77
C SER ZA 3 58.30 87.74 -129.92
N LEU ZA 4 59.06 88.36 -129.03
CA LEU ZA 4 60.04 87.67 -128.21
C LEU ZA 4 59.49 87.51 -126.80
N ASP ZA 5 59.48 86.29 -126.30
CA ASP ZA 5 58.96 85.99 -124.98
C ASP ZA 5 60.10 85.75 -123.99
N CYS ZA 6 59.86 86.10 -122.73
CA CYS ZA 6 60.86 85.95 -121.69
C CYS ZA 6 60.17 85.76 -120.35
N ARG ZA 7 60.92 85.20 -119.39
CA ARG ZA 7 60.43 84.97 -118.05
C ARG ZA 7 61.19 85.84 -117.07
N ASN ZA 8 60.61 86.03 -115.88
CA ASN ZA 8 61.16 86.97 -114.91
C ASN ZA 8 62.63 86.67 -114.61
N THR ZA 9 62.92 85.42 -114.23
CA THR ZA 9 64.28 85.04 -113.87
C THR ZA 9 64.28 83.56 -113.55
N CYS ZA 10 65.46 82.95 -113.64
CA CYS ZA 10 65.58 81.54 -113.29
C CYS ZA 10 65.19 81.30 -111.83
N ALA ZA 11 65.68 82.14 -110.92
CA ALA ZA 11 65.20 82.14 -109.55
C ALA ZA 11 64.14 83.23 -109.36
N PRO ZA 12 63.18 83.03 -108.45
CA PRO ZA 12 62.15 84.06 -108.25
C PRO ZA 12 62.75 85.43 -107.93
N ALA ZA 13 63.79 85.46 -107.11
CA ALA ZA 13 64.53 86.68 -106.84
C ALA ZA 13 65.91 86.25 -106.35
N PRO ZA 14 66.89 86.13 -107.25
CA PRO ZA 14 68.19 85.58 -106.82
C PRO ZA 14 68.73 86.25 -105.57
N ALA ZA 15 68.56 87.56 -105.45
CA ALA ZA 15 68.75 88.26 -104.19
C ALA ZA 15 67.39 88.82 -103.77
N SER ZA 16 66.74 88.13 -102.83
CA SER ZA 16 65.37 88.49 -102.47
C SER ZA 16 65.31 89.94 -102.03
N ARG ZA 17 64.32 90.66 -102.55
CA ARG ZA 17 64.19 92.10 -102.29
C ARG ZA 17 63.51 92.35 -100.94
N LEU ZA 18 64.13 91.81 -99.90
CA LEU ZA 18 63.66 92.06 -98.54
C LEU ZA 18 63.79 93.53 -98.22
N VAL ZA 19 62.70 94.14 -97.74
CA VAL ZA 19 62.62 95.58 -97.56
C VAL ZA 19 62.04 95.90 -96.18
N GLN ZA 20 62.41 97.05 -95.66
CA GLN ZA 20 61.93 97.47 -94.35
C GLN ZA 20 60.43 97.75 -94.42
N PRO ZA 21 59.72 97.60 -93.31
CA PRO ZA 21 58.28 97.86 -93.30
C PRO ZA 21 58.00 99.34 -93.15
N PRO ZA 22 56.77 99.78 -93.41
CA PRO ZA 22 56.46 101.21 -93.25
C PRO ZA 22 56.76 101.67 -91.83
N CYS ZA 23 57.29 102.88 -91.72
CA CYS ZA 23 57.65 103.42 -90.42
C CYS ZA 23 56.38 103.74 -89.62
N PHE ZA 24 56.56 103.83 -88.31
CA PHE ZA 24 55.43 104.12 -87.43
C PHE ZA 24 54.82 105.47 -87.79
N VAL ZA 25 53.54 105.64 -87.47
CA VAL ZA 25 52.79 106.78 -87.99
C VAL ZA 25 53.24 108.08 -87.31
N CYS ZA 26 53.03 108.19 -86.00
CA CYS ZA 26 53.31 109.42 -85.26
C CYS ZA 26 53.17 109.17 -83.76
N ARG ZA 27 53.54 110.15 -82.95
CA ARG ZA 27 53.30 110.07 -81.51
C ARG ZA 27 51.83 109.79 -81.22
N MET AB 1 -3.13 87.80 -13.96
CA MET AB 1 -3.57 86.72 -13.07
C MET AB 1 -3.51 85.38 -13.79
N ILE AB 2 -2.34 84.76 -13.77
CA ILE AB 2 -2.17 83.45 -14.40
C ILE AB 2 -2.73 82.38 -13.48
N LYS AB 3 -3.60 81.53 -14.02
CA LYS AB 3 -4.26 80.50 -13.22
C LYS AB 3 -3.38 79.25 -13.22
N LEU AB 4 -2.81 78.93 -12.06
CA LEU AB 4 -1.87 77.83 -11.95
C LEU AB 4 -2.61 76.49 -11.95
N ASN AB 5 -1.88 75.44 -12.34
CA ASN AB 5 -2.36 74.08 -12.30
C ASN AB 5 -1.55 73.31 -11.28
N CYS AB 6 -2.23 72.70 -10.30
CA CYS AB 6 -1.58 72.14 -9.13
C CYS AB 6 -1.93 70.67 -8.98
N ARG AB 7 -0.95 69.87 -8.54
CA ARG AB 7 -1.18 68.49 -8.16
C ARG AB 7 0.01 68.01 -7.36
N PRO AB 8 -0.19 67.10 -6.41
CA PRO AB 8 0.89 66.72 -5.51
C PRO AB 8 1.82 65.68 -6.11
N LEU AB 9 3.01 65.59 -5.51
CA LEU AB 9 3.99 64.59 -5.94
C LEU AB 9 3.79 63.25 -5.23
N CYS AB 10 3.38 63.28 -3.97
CA CYS AB 10 3.26 62.08 -3.17
C CYS AB 10 2.00 61.29 -3.52
N GLN AB 11 1.97 60.03 -3.10
CA GLN AB 11 0.83 59.15 -3.34
C GLN AB 11 0.39 58.49 -2.05
N THR AB 12 0.38 59.25 -0.96
CA THR AB 12 -0.02 58.72 0.34
C THR AB 12 -1.29 59.41 0.82
N PRO AB 13 -2.46 59.05 0.28
CA PRO AB 13 -3.71 59.57 0.84
C PRO AB 13 -3.86 59.13 2.29
N THR AB 14 -4.12 60.07 3.19
CA THR AB 14 -4.07 59.79 4.61
C THR AB 14 -4.97 58.60 4.95
N ALA AB 15 -4.43 57.65 5.71
CA ALA AB 15 -5.16 56.44 6.05
C ALA AB 15 -6.27 56.79 7.03
N SER AB 16 -7.51 56.85 6.53
CA SER AB 16 -8.63 57.21 7.38
C SER AB 16 -9.09 56.01 8.19
N ARG AB 17 -9.29 56.22 9.49
CA ARG AB 17 -9.79 55.17 10.35
C ARG AB 17 -11.23 54.84 10.00
N LEU AB 18 -11.68 53.66 10.43
CA LEU AB 18 -13.10 53.32 10.44
C LEU AB 18 -13.52 53.04 11.86
N VAL AB 19 -14.63 53.65 12.28
CA VAL AB 19 -15.15 53.50 13.61
C VAL AB 19 -16.51 52.82 13.52
N SER AB 20 -16.68 51.75 14.27
CA SER AB 20 -17.88 50.92 14.21
C SER AB 20 -18.75 51.19 15.43
N PRO AB 21 -20.04 50.84 15.36
CA PRO AB 21 -20.92 51.09 16.50
C PRO AB 21 -20.39 50.40 17.75
N PRO AB 22 -20.46 51.06 18.91
CA PRO AB 22 -20.00 50.41 20.14
C PRO AB 22 -20.84 49.19 20.49
N CYS AB 23 -20.35 48.42 21.45
CA CYS AB 23 -21.12 47.33 21.98
C CYS AB 23 -22.43 47.86 22.56
N PHE AB 24 -23.34 46.93 22.88
CA PHE AB 24 -24.68 47.36 23.28
C PHE AB 24 -24.71 47.95 24.68
N ILE AB 25 -24.29 49.20 24.82
CA ILE AB 25 -24.73 50.00 25.95
C ILE AB 25 -26.16 50.46 25.68
N CYS AB 26 -26.91 50.72 26.75
CA CYS AB 26 -28.31 51.08 26.60
C CYS AB 26 -28.62 52.29 27.46
N ARG AB 27 -29.83 52.82 27.26
CA ARG AB 27 -30.25 54.03 27.94
C ARG AB 27 -30.87 53.70 29.30
N MET BB 1 -72.86 93.22 10.10
CA MET BB 1 -71.63 92.67 10.67
C MET BB 1 -70.90 91.81 9.64
N ILE BB 2 -69.96 92.43 8.95
CA ILE BB 2 -69.18 91.71 7.94
C ILE BB 2 -68.30 90.67 8.62
N LYS BB 3 -68.11 89.53 7.96
CA LYS BB 3 -67.29 88.45 8.48
C LYS BB 3 -65.96 88.43 7.75
N LEU BB 4 -64.87 88.37 8.51
CA LEU BB 4 -63.54 88.46 7.94
C LEU BB 4 -63.00 87.08 7.61
N ASN BB 5 -62.09 87.03 6.64
CA ASN BB 5 -61.35 85.83 6.28
C ASN BB 5 -59.88 86.07 6.56
N CYS BB 6 -59.28 85.20 7.36
CA CYS BB 6 -57.94 85.41 7.88
C CYS BB 6 -57.09 84.15 7.71
N ARG BB 7 -55.80 84.35 7.51
CA ARG BB 7 -54.84 83.25 7.56
C ARG BB 7 -53.44 83.84 7.59
N PRO BB 8 -52.47 83.12 8.14
CA PRO BB 8 -51.17 83.73 8.46
C PRO BB 8 -50.23 83.79 7.28
N LEU BB 9 -49.11 84.50 7.50
CA LEU BB 9 -48.09 84.64 6.47
C LEU BB 9 -46.94 83.67 6.67
N CYS BB 10 -46.35 83.64 7.87
CA CYS BB 10 -45.11 82.93 8.13
C CYS BB 10 -45.39 81.65 8.88
N GLN BB 11 -44.78 80.55 8.44
CA GLN BB 11 -44.92 79.26 9.11
C GLN BB 11 -43.87 79.14 10.21
N THR BB 12 -43.95 78.04 10.96
CA THR BB 12 -43.04 77.79 12.06
C THR BB 12 -42.75 76.29 12.12
N PRO BB 13 -41.50 75.90 12.37
CA PRO BB 13 -41.19 74.47 12.46
C PRO BB 13 -41.74 73.84 13.72
N THR BB 14 -41.55 72.53 13.84
CA THR BB 14 -42.01 71.79 15.00
C THR BB 14 -41.15 70.54 15.15
N ALA BB 15 -40.45 70.43 16.28
CA ALA BB 15 -39.57 69.31 16.56
C ALA BB 15 -39.97 68.65 17.86
N SER BB 16 -39.89 67.31 17.88
CA SER BB 16 -40.28 66.53 19.04
C SER BB 16 -39.28 65.42 19.27
N ARG BB 17 -39.14 65.02 20.53
CA ARG BB 17 -38.28 63.91 20.87
C ARG BB 17 -38.95 62.59 20.54
N LEU BB 18 -38.14 61.55 20.34
CA LEU BB 18 -38.61 60.21 20.03
C LEU BB 18 -38.12 59.28 21.13
N VAL BB 19 -39.06 58.78 21.94
CA VAL BB 19 -38.73 57.98 23.11
C VAL BB 19 -39.13 56.54 22.84
N SER BB 20 -38.18 55.64 23.01
CA SER BB 20 -38.34 54.21 22.79
C SER BB 20 -38.22 53.46 24.12
N PRO BB 21 -38.70 52.23 24.20
CA PRO BB 21 -38.67 51.51 25.48
C PRO BB 21 -37.25 51.43 26.02
N PRO BB 22 -37.06 51.60 27.33
CA PRO BB 22 -35.70 51.60 27.88
C PRO BB 22 -35.09 50.22 27.93
N CYS BB 23 -33.93 50.10 28.57
CA CYS BB 23 -33.23 48.82 28.67
C CYS BB 23 -34.12 47.83 29.40
N PHE BB 24 -33.65 46.59 29.59
CA PHE BB 24 -34.53 45.59 30.16
C PHE BB 24 -34.83 45.94 31.61
N ILE BB 25 -35.59 47.01 31.80
CA ILE BB 25 -36.04 47.39 33.12
C ILE BB 25 -36.73 46.19 33.76
N CYS BB 26 -36.27 45.81 34.96
CA CYS BB 26 -36.72 44.57 35.57
C CYS BB 26 -37.21 44.83 36.98
N ARG BB 27 -38.19 44.04 37.40
CA ARG BB 27 -38.80 44.19 38.72
C ARG BB 27 -38.10 43.31 39.74
N MET CB 1 -92.31 41.89 58.68
CA MET CB 1 -91.16 42.63 58.19
C MET CB 1 -91.06 42.53 56.67
N ILE CB 2 -90.84 43.67 56.03
CA ILE CB 2 -90.80 43.75 54.57
C ILE CB 2 -89.35 43.62 54.12
N LYS CB 3 -89.15 43.01 52.95
CA LYS CB 3 -87.83 42.87 52.37
C LYS CB 3 -87.58 43.99 51.39
N LEU CB 4 -86.47 44.72 51.57
CA LEU CB 4 -86.16 45.84 50.70
C LEU CB 4 -85.52 45.35 49.40
N ASN CB 5 -85.45 46.25 48.43
CA ASN CB 5 -84.76 46.03 47.17
C ASN CB 5 -83.76 47.16 46.97
N CYS CB 6 -82.50 46.80 46.78
CA CYS CB 6 -81.40 47.77 46.74
C CYS CB 6 -80.80 47.80 45.35
N ARG CB 7 -80.33 48.99 44.95
CA ARG CB 7 -79.67 49.15 43.67
C ARG CB 7 -78.86 50.43 43.71
N PRO CB 8 -77.63 50.44 43.18
CA PRO CB 8 -76.79 51.62 43.27
C PRO CB 8 -76.98 52.57 42.09
N LEU CB 9 -76.72 53.85 42.35
CA LEU CB 9 -76.82 54.88 41.33
C LEU CB 9 -75.49 55.20 40.67
N CYS CB 10 -74.38 54.75 41.22
CA CYS CB 10 -73.06 55.04 40.68
C CYS CB 10 -72.28 53.74 40.56
N GLN CB 11 -71.19 53.80 39.82
CA GLN CB 11 -70.37 52.63 39.53
C GLN CB 11 -68.90 53.03 39.55
N THR CB 12 -68.05 52.11 39.99
CA THR CB 12 -66.62 52.33 40.04
C THR CB 12 -65.96 50.98 39.85
N PRO CB 13 -65.41 50.70 38.66
CA PRO CB 13 -64.88 49.36 38.40
C PRO CB 13 -63.74 49.01 39.34
N THR CB 14 -63.70 47.74 39.74
CA THR CB 14 -62.63 47.27 40.60
C THR CB 14 -61.31 47.28 39.86
N ALA CB 15 -60.27 47.79 40.52
CA ALA CB 15 -58.94 47.95 39.92
C ALA CB 15 -57.95 47.08 40.69
N SER CB 16 -57.69 45.88 40.16
CA SER CB 16 -56.77 44.96 40.80
C SER CB 16 -55.49 44.82 40.00
N ARG CB 17 -54.36 44.76 40.70
CA ARG CB 17 -53.08 44.58 40.05
C ARG CB 17 -53.00 43.20 39.41
N LEU CB 18 -52.15 43.08 38.39
CA LEU CB 18 -51.76 41.79 37.85
C LEU CB 18 -50.26 41.62 38.02
N VAL CB 19 -49.86 40.46 38.53
CA VAL CB 19 -48.47 40.17 38.85
C VAL CB 19 -47.96 39.10 37.90
N SER CB 20 -46.69 39.19 37.54
CA SER CB 20 -46.07 38.27 36.60
C SER CB 20 -44.84 37.66 37.23
N PRO CB 21 -44.41 36.48 36.75
CA PRO CB 21 -43.29 35.78 37.38
C PRO CB 21 -42.04 36.62 37.36
N PRO CB 22 -41.22 36.57 38.41
CA PRO CB 22 -39.96 37.31 38.41
C PRO CB 22 -38.93 36.65 37.51
N CYS CB 23 -37.86 37.39 37.23
CA CYS CB 23 -36.81 36.89 36.36
C CYS CB 23 -36.13 35.67 36.98
N PHE CB 24 -35.68 34.76 36.12
CA PHE CB 24 -35.07 33.53 36.59
C PHE CB 24 -33.82 33.83 37.41
N ILE CB 25 -33.72 33.18 38.56
CA ILE CB 25 -32.55 33.25 39.42
C ILE CB 25 -32.20 31.84 39.88
N CYS CB 26 -30.94 31.45 39.71
CA CYS CB 26 -30.52 30.11 40.06
C CYS CB 26 -30.78 29.82 41.53
N ARG CB 27 -31.28 28.62 41.80
CA ARG CB 27 -31.58 28.20 43.17
C ARG CB 27 -30.30 28.05 43.98
N MET DB 1 -47.24 -17.37 69.47
CA MET DB 1 -47.06 -16.05 68.87
C MET DB 1 -48.15 -15.76 67.85
N ILE DB 2 -49.02 -14.81 68.18
CA ILE DB 2 -50.11 -14.41 67.30
C ILE DB 2 -49.63 -13.29 66.39
N LYS DB 3 -49.94 -13.41 65.10
CA LYS DB 3 -49.52 -12.40 64.13
C LYS DB 3 -50.57 -11.29 64.08
N LEU DB 4 -50.10 -10.04 64.23
CA LEU DB 4 -50.99 -8.90 64.23
C LEU DB 4 -51.17 -8.36 62.82
N ASN DB 5 -52.31 -7.70 62.60
CA ASN DB 5 -52.61 -7.01 61.35
C ASN DB 5 -52.66 -5.51 61.64
N CYS DB 6 -51.92 -4.73 60.85
CA CYS DB 6 -51.72 -3.32 61.13
C CYS DB 6 -52.07 -2.47 59.92
N ARG DB 7 -52.65 -1.31 60.16
CA ARG DB 7 -52.84 -0.29 59.14
C ARG DB 7 -53.07 1.04 59.84
N PRO DB 8 -52.64 2.15 59.24
CA PRO DB 8 -52.70 3.43 59.95
C PRO DB 8 -54.06 4.11 59.83
N LEU DB 9 -54.29 5.05 60.74
CA LEU DB 9 -55.48 5.89 60.75
C LEU DB 9 -55.24 7.25 60.11
N CYS DB 10 -54.35 7.33 59.13
CA CYS DB 10 -54.08 8.56 58.41
C CYS DB 10 -53.91 8.26 56.95
N GLN DB 11 -54.19 9.25 56.11
CA GLN DB 11 -54.09 9.11 54.66
C GLN DB 11 -53.18 10.16 54.03
N THR DB 12 -52.52 10.99 54.82
CA THR DB 12 -51.65 12.03 54.29
C THR DB 12 -50.19 11.60 54.43
N PRO DB 13 -49.60 10.98 53.41
CA PRO DB 13 -48.18 10.65 53.48
C PRO DB 13 -47.32 11.91 53.50
N THR DB 14 -46.16 11.80 54.14
CA THR DB 14 -45.26 12.94 54.21
C THR DB 14 -44.91 13.41 52.81
N ALA DB 15 -44.92 14.73 52.62
CA ALA DB 15 -44.69 15.33 51.31
C ALA DB 15 -43.20 15.23 50.98
N SER DB 16 -42.89 14.68 49.82
CA SER DB 16 -41.51 14.48 49.41
C SER DB 16 -41.04 15.62 48.52
N ARG DB 17 -40.18 16.47 49.05
CA ARG DB 17 -39.66 17.61 48.29
C ARG DB 17 -38.88 17.10 47.09
N LEU DB 18 -39.36 17.40 45.89
CA LEU DB 18 -38.62 17.04 44.69
C LEU DB 18 -37.47 18.00 44.47
N VAL DB 19 -36.37 17.48 43.91
CA VAL DB 19 -35.16 18.25 43.68
C VAL DB 19 -34.77 18.10 42.22
N SER DB 20 -34.26 19.19 41.65
CA SER DB 20 -33.88 19.25 40.25
C SER DB 20 -32.41 19.64 40.14
N PRO DB 21 -31.75 19.26 39.05
CA PRO DB 21 -30.31 19.55 38.93
C PRO DB 21 -30.05 21.04 39.05
N PRO DB 22 -28.99 21.43 39.75
CA PRO DB 22 -28.67 22.86 39.84
C PRO DB 22 -28.28 23.43 38.49
N CYS DB 23 -28.01 24.72 38.47
CA CYS DB 23 -27.55 25.36 37.25
C CYS DB 23 -26.17 24.80 36.87
N PHE DB 24 -25.68 25.22 35.70
CA PHE DB 24 -24.44 24.68 35.18
C PHE DB 24 -23.23 25.31 35.86
N ILE DB 25 -22.90 24.82 37.07
CA ILE DB 25 -21.60 25.14 37.64
C ILE DB 25 -20.60 24.11 37.15
N CYS DB 26 -19.52 24.58 36.54
CA CYS DB 26 -18.61 23.70 35.82
C CYS DB 26 -17.40 23.38 36.68
N ARG DB 27 -16.64 22.38 36.24
CA ARG DB 27 -15.48 21.90 36.98
C ARG DB 27 -14.26 22.78 36.71
N MET EB 1 13.42 -28.79 29.07
CA MET EB 1 12.87 -27.54 29.58
C MET EB 1 11.36 -27.51 29.40
N ILE EB 2 10.63 -27.86 30.47
CA ILE EB 2 9.17 -27.86 30.41
C ILE EB 2 8.67 -26.42 30.30
N LYS EB 3 7.54 -26.25 29.63
CA LYS EB 3 6.91 -24.95 29.48
C LYS EB 3 5.58 -24.96 30.22
N LEU EB 4 5.38 -23.97 31.09
CA LEU EB 4 4.22 -23.95 31.97
C LEU EB 4 3.05 -23.24 31.32
N ASN EB 5 1.84 -23.64 31.71
CA ASN EB 5 0.61 -22.99 31.28
C ASN EB 5 0.03 -22.26 32.48
N CYS EB 6 0.00 -20.93 32.41
CA CYS EB 6 -0.34 -20.08 33.55
C CYS EB 6 -1.59 -19.27 33.26
N ARG EB 7 -2.36 -19.02 34.32
CA ARG EB 7 -3.49 -18.10 34.25
C ARG EB 7 -3.88 -17.72 35.67
N PRO EB 8 -4.42 -16.53 35.87
CA PRO EB 8 -4.73 -16.07 37.23
C PRO EB 8 -6.06 -16.61 37.74
N LEU EB 9 -6.18 -16.62 39.07
CA LEU EB 9 -7.40 -17.13 39.70
C LEU EB 9 -8.40 -16.01 40.01
N CYS EB 10 -7.92 -14.85 40.43
CA CYS EB 10 -8.76 -13.78 40.94
C CYS EB 10 -8.86 -12.64 39.95
N GLN EB 11 -10.03 -12.00 39.92
CA GLN EB 11 -10.29 -10.86 39.07
C GLN EB 11 -10.24 -9.58 39.90
N THR EB 12 -9.45 -8.62 39.46
CA THR EB 12 -9.32 -7.36 40.19
C THR EB 12 -10.15 -6.28 39.51
N PRO EB 13 -11.01 -5.57 40.22
CA PRO EB 13 -11.83 -4.55 39.58
C PRO EB 13 -10.99 -3.34 39.15
N THR EB 14 -11.53 -2.61 38.17
CA THR EB 14 -10.91 -1.40 37.67
C THR EB 14 -11.88 -0.24 37.78
N ALA EB 15 -11.37 0.91 38.25
CA ALA EB 15 -12.17 2.12 38.46
C ALA EB 15 -11.45 3.26 37.74
N SER EB 16 -11.85 3.50 36.50
CA SER EB 16 -11.20 4.53 35.68
C SER EB 16 -12.09 5.76 35.59
N ARG EB 17 -11.57 6.89 36.07
CA ARG EB 17 -12.31 8.14 35.95
C ARG EB 17 -12.38 8.56 34.50
N LEU EB 18 -13.54 9.05 34.07
CA LEU EB 18 -13.67 9.65 32.76
C LEU EB 18 -13.62 11.17 32.89
N VAL EB 19 -12.83 11.81 32.05
CA VAL EB 19 -12.56 13.23 32.14
C VAL EB 19 -12.99 13.89 30.83
N SER EB 20 -13.57 15.08 30.94
CA SER EB 20 -14.14 15.79 29.81
C SER EB 20 -13.58 17.20 29.79
N PRO EB 21 -13.59 17.86 28.63
CA PRO EB 21 -12.96 19.18 28.52
C PRO EB 21 -13.50 20.15 29.55
N PRO EB 22 -12.64 20.87 30.26
CA PRO EB 22 -13.11 21.78 31.31
C PRO EB 22 -13.38 23.20 30.85
N CYS EB 23 -14.39 23.40 30.01
CA CYS EB 23 -14.85 24.73 29.60
C CYS EB 23 -13.75 25.54 28.92
N PHE EB 24 -14.12 26.67 28.31
CA PHE EB 24 -13.21 27.46 27.50
C PHE EB 24 -12.58 28.59 28.31
N ILE EB 25 -11.37 28.95 27.92
CA ILE EB 25 -10.67 30.11 28.47
C ILE EB 25 -10.05 30.89 27.30
N CYS EB 26 -9.79 32.17 27.54
CA CYS EB 26 -9.27 33.03 26.48
C CYS EB 26 -7.95 32.54 25.91
N ARG EB 27 -7.22 31.71 26.65
CA ARG EB 27 -5.89 31.28 26.24
C ARG EB 27 -4.98 32.49 26.11
N MET FB 1 37.58 24.95 -12.53
CA MET FB 1 36.60 25.02 -11.46
C MET FB 1 35.55 23.93 -11.62
N ILE FB 2 35.41 23.10 -10.59
CA ILE FB 2 34.51 21.95 -10.60
C ILE FB 2 33.42 22.21 -9.57
N LYS FB 3 32.17 22.05 -9.97
CA LYS FB 3 31.05 22.24 -9.08
C LYS FB 3 30.71 20.94 -8.36
N LEU FB 4 30.48 21.04 -7.05
CA LEU FB 4 30.20 19.88 -6.22
C LEU FB 4 28.70 19.71 -6.03
N ASN FB 5 28.26 18.46 -6.05
CA ASN FB 5 26.86 18.10 -5.82
C ASN FB 5 26.74 17.56 -4.39
N CYS FB 6 25.88 18.18 -3.60
CA CYS FB 6 25.78 17.89 -2.18
C CYS FB 6 24.35 17.52 -1.82
N ARG FB 7 24.21 16.65 -0.83
CA ARG FB 7 22.91 16.34 -0.25
C ARG FB 7 23.13 15.66 1.09
N PRO FB 8 22.31 15.96 2.09
CA PRO FB 8 22.59 15.52 3.46
C PRO FB 8 22.16 14.08 3.69
N LEU FB 9 22.52 13.58 4.88
CA LEU FB 9 22.21 12.22 5.29
C LEU FB 9 21.18 12.15 6.41
N CYS FB 10 20.74 13.29 6.93
CA CYS FB 10 19.73 13.33 7.98
C CYS FB 10 18.60 14.27 7.57
N GLN FB 11 17.42 14.05 8.15
CA GLN FB 11 16.20 14.76 7.76
C GLN FB 11 15.50 15.27 9.02
N THR FB 12 16.26 15.94 9.87
CA THR FB 12 15.72 16.48 11.11
C THR FB 12 14.37 17.16 10.85
N PRO FB 13 13.37 16.96 11.71
CA PRO FB 13 12.05 17.53 11.46
C PRO FB 13 11.97 18.99 11.90
N THR FB 14 10.77 19.54 11.79
CA THR FB 14 10.47 20.91 12.19
C THR FB 14 9.17 20.95 12.98
N ALA FB 15 9.01 22.00 13.79
CA ALA FB 15 7.82 22.17 14.60
C ALA FB 15 7.55 23.66 14.78
N SER FB 16 6.28 24.04 14.69
CA SER FB 16 5.89 25.44 14.81
C SER FB 16 4.53 25.54 15.49
N ARG FB 17 4.36 26.60 16.28
CA ARG FB 17 3.09 26.82 16.98
C ARG FB 17 2.09 27.47 16.03
N LEU FB 18 0.82 27.16 16.22
CA LEU FB 18 -0.26 27.83 15.50
C LEU FB 18 -1.13 28.59 16.49
N VAL FB 19 -1.46 29.84 16.13
CA VAL FB 19 -2.16 30.75 17.02
C VAL FB 19 -3.57 30.96 16.50
N SER FB 20 -4.53 30.97 17.43
CA SER FB 20 -5.93 31.15 17.13
C SER FB 20 -6.38 32.52 17.63
N PRO FB 21 -7.43 33.10 17.04
CA PRO FB 21 -7.89 34.43 17.47
C PRO FB 21 -8.27 34.43 18.93
N PRO FB 22 -7.96 35.50 19.66
CA PRO FB 22 -8.31 35.55 21.08
C PRO FB 22 -9.80 35.72 21.28
N CYS FB 23 -10.18 35.79 22.55
CA CYS FB 23 -11.59 35.96 22.91
C CYS FB 23 -12.08 37.34 22.51
N PHE FB 24 -13.40 37.46 22.36
CA PHE FB 24 -13.98 38.75 22.03
C PHE FB 24 -13.87 39.72 23.20
N ILE FB 25 -13.51 40.96 22.88
CA ILE FB 25 -13.45 42.03 23.86
C ILE FB 25 -14.07 43.28 23.24
N CYS FB 26 -14.90 43.97 24.01
CA CYS FB 26 -15.58 45.15 23.51
C CYS FB 26 -14.68 46.37 23.61
N ARG FB 27 -14.59 47.12 22.52
CA ARG FB 27 -13.81 48.36 22.49
C ARG FB 27 -14.74 49.57 22.38
N MET GB 1 37.11 -47.44 12.59
CA MET GB 1 36.77 -48.67 13.31
C MET GB 1 36.12 -49.69 12.38
N ILE GB 2 36.91 -50.67 11.94
CA ILE GB 2 36.39 -51.75 11.12
C ILE GB 2 35.84 -52.84 12.02
N LYS GB 3 34.72 -53.43 11.62
CA LYS GB 3 34.11 -54.51 12.36
C LYS GB 3 34.58 -55.85 11.78
N LEU GB 4 35.08 -56.71 12.65
CA LEU GB 4 35.70 -57.95 12.21
C LEU GB 4 34.66 -59.07 12.12
N ASN GB 5 34.99 -60.09 11.34
CA ASN GB 5 34.21 -61.31 11.25
C ASN GB 5 35.07 -62.46 11.76
N CYS GB 6 34.52 -63.24 12.69
CA CYS GB 6 35.30 -64.23 13.41
C CYS GB 6 34.57 -65.57 13.44
N ARG GB 7 35.34 -66.65 13.47
CA ARG GB 7 34.82 -67.98 13.71
C ARG GB 7 35.96 -68.88 14.13
N PRO GB 8 35.70 -69.90 14.95
CA PRO GB 8 36.79 -70.73 15.45
C PRO GB 8 37.11 -71.90 14.53
N LEU GB 9 38.36 -72.37 14.63
CA LEU GB 9 38.80 -73.51 13.85
C LEU GB 9 38.52 -74.84 14.54
N CYS GB 10 38.28 -74.84 15.85
CA CYS GB 10 38.05 -76.05 16.60
C CYS GB 10 36.56 -76.42 16.59
N GLN GB 11 36.26 -77.60 17.13
CA GLN GB 11 34.89 -78.10 17.19
C GLN GB 11 34.60 -78.76 18.54
N THR GB 12 35.21 -78.28 19.62
CA THR GB 12 34.98 -78.87 20.92
C THR GB 12 33.54 -78.57 21.37
N PRO GB 13 32.74 -79.59 21.68
CA PRO GB 13 31.36 -79.34 22.09
C PRO GB 13 31.26 -79.11 23.60
N THR GB 14 30.06 -78.73 24.02
CA THR GB 14 29.81 -78.50 25.44
C THR GB 14 29.31 -79.78 26.09
N ALA GB 15 29.87 -80.13 27.23
CA ALA GB 15 29.50 -81.32 27.98
C ALA GB 15 28.87 -80.88 29.30
N SER GB 16 27.58 -81.14 29.45
CA SER GB 16 26.82 -80.73 30.63
C SER GB 16 26.27 -81.97 31.33
N ARG GB 17 26.39 -81.97 32.66
CA ARG GB 17 25.99 -83.11 33.48
C ARG GB 17 24.48 -83.09 33.69
N LEU GB 18 23.75 -83.97 32.99
CA LEU GB 18 22.32 -84.05 33.23
C LEU GB 18 22.07 -84.64 34.61
N VAL GB 19 21.03 -84.14 35.27
CA VAL GB 19 20.69 -84.53 36.63
C VAL GB 19 19.22 -84.92 36.68
N SER GB 20 18.92 -85.98 37.42
CA SER GB 20 17.58 -86.54 37.54
C SER GB 20 17.12 -86.49 39.00
N PRO GB 21 15.83 -86.61 39.24
CA PRO GB 21 15.31 -86.45 40.61
C PRO GB 21 15.96 -87.44 41.56
N PRO GB 22 16.29 -87.03 42.77
CA PRO GB 22 16.96 -87.93 43.71
C PRO GB 22 15.98 -88.95 44.28
N CYS GB 23 16.48 -89.73 45.23
CA CYS GB 23 15.66 -90.72 45.90
C CYS GB 23 14.55 -90.05 46.72
N PHE GB 24 13.45 -90.78 46.91
CA PHE GB 24 12.29 -90.24 47.61
C PHE GB 24 12.53 -90.28 49.13
N ILE GB 25 13.32 -89.33 49.59
CA ILE GB 25 13.38 -89.07 51.03
C ILE GB 25 12.13 -88.28 51.43
N CYS GB 26 11.55 -88.65 52.56
CA CYS GB 26 10.27 -88.11 52.98
C CYS GB 26 10.50 -86.89 53.86
N ARG GB 27 9.45 -86.08 54.00
CA ARG GB 27 9.52 -84.88 54.82
C ARG GB 27 9.23 -85.20 56.28
N MET HB 1 60.28 -113.52 -1.49
CA MET HB 1 59.59 -113.51 -0.20
C MET HB 1 58.44 -114.51 -0.18
N ILE HB 2 58.72 -115.70 0.34
CA ILE HB 2 57.67 -116.71 0.46
C ILE HB 2 56.68 -116.27 1.52
N LYS HB 3 55.39 -116.35 1.17
CA LYS HB 3 54.31 -116.00 2.08
C LYS HB 3 53.78 -117.27 2.73
N LEU HB 4 53.70 -117.27 4.06
CA LEU HB 4 53.35 -118.46 4.80
C LEU HB 4 51.85 -118.55 5.02
N ASN HB 5 51.39 -119.76 5.29
CA ASN HB 5 50.01 -120.04 5.68
C ASN HB 5 50.02 -120.61 7.08
N CYS HB 6 49.22 -120.02 7.97
CA CYS HB 6 49.29 -120.33 9.39
C CYS HB 6 47.89 -120.49 9.97
N ARG HB 7 47.74 -121.46 10.87
CA ARG HB 7 46.51 -121.62 11.65
C ARG HB 7 46.83 -122.47 12.86
N PRO HB 8 46.12 -122.26 13.97
CA PRO HB 8 46.56 -122.86 15.24
C PRO HB 8 46.07 -124.28 15.43
N LEU HB 9 46.57 -124.90 16.49
CA LEU HB 9 46.25 -126.28 16.86
C LEU HB 9 45.44 -126.34 18.16
N CYS HB 10 44.50 -125.41 18.35
CA CYS HB 10 43.69 -125.39 19.56
C CYS HB 10 42.29 -124.92 19.21
N GLN HB 11 41.32 -125.29 20.06
CA GLN HB 11 39.93 -124.96 19.81
C GLN HB 11 39.20 -124.50 21.07
N THR HB 12 39.92 -124.02 22.08
CA THR HB 12 39.30 -123.68 23.36
C THR HB 12 39.30 -122.17 23.56
N PRO HB 13 38.19 -121.49 23.31
CA PRO HB 13 38.10 -120.07 23.64
C PRO HB 13 37.78 -119.88 25.11
N THR HB 14 38.60 -119.07 25.78
CA THR HB 14 38.48 -118.91 27.23
C THR HB 14 37.13 -118.32 27.59
N ALA HB 15 36.60 -118.75 28.74
CA ALA HB 15 35.30 -118.30 29.20
C ALA HB 15 35.38 -116.89 29.76
N SER HB 16 34.37 -116.09 29.46
CA SER HB 16 34.29 -114.70 29.90
C SER HB 16 33.07 -114.53 30.81
N ARG HB 17 33.31 -114.07 32.04
CA ARG HB 17 32.22 -113.84 32.97
C ARG HB 17 31.27 -112.79 32.41
N LEU HB 18 29.96 -113.07 32.49
CA LEU HB 18 28.97 -112.07 32.15
C LEU HB 18 28.57 -111.29 33.38
N VAL HB 19 28.40 -109.97 33.20
CA VAL HB 19 28.12 -109.05 34.29
C VAL HB 19 26.80 -108.36 34.02
N SER HB 20 25.97 -108.27 35.05
CA SER HB 20 24.63 -107.71 34.97
C SER HB 20 24.50 -106.55 35.92
N PRO HB 21 23.53 -105.67 35.70
CA PRO HB 21 23.41 -104.46 36.54
C PRO HB 21 23.37 -104.82 38.02
N PRO HB 22 24.10 -104.10 38.86
CA PRO HB 22 24.12 -104.44 40.29
C PRO HB 22 22.82 -104.04 40.97
N CYS HB 23 22.76 -104.34 42.27
CA CYS HB 23 21.59 -104.00 43.06
C CYS HB 23 21.29 -102.52 42.94
N PHE HB 24 20.02 -102.17 43.19
CA PHE HB 24 19.59 -100.79 43.02
C PHE HB 24 20.15 -99.89 44.12
N ILE HB 25 20.65 -98.73 43.71
CA ILE HB 25 21.09 -97.69 44.63
C ILE HB 25 20.80 -96.35 43.97
N CYS HB 26 20.60 -95.32 44.80
CA CYS HB 26 20.34 -93.97 44.31
C CYS HB 26 21.51 -93.07 44.68
N ARG HB 27 21.62 -91.97 43.93
CA ARG HB 27 22.72 -91.03 44.12
C ARG HB 27 22.42 -90.10 45.28
N MET IB 1 32.88 -170.91 39.29
CA MET IB 1 32.38 -169.59 39.65
C MET IB 1 30.93 -169.43 39.24
N ILE IB 2 30.01 -169.72 40.16
CA ILE IB 2 28.59 -169.53 39.90
C ILE IB 2 28.21 -168.08 40.20
N LYS IB 3 27.32 -167.53 39.39
CA LYS IB 3 26.86 -166.16 39.56
C LYS IB 3 25.54 -166.17 40.32
N LEU IB 4 25.48 -165.38 41.37
CA LEU IB 4 24.35 -165.39 42.29
C LEU IB 4 23.26 -164.41 41.85
N ASN IB 5 22.05 -164.66 42.33
CA ASN IB 5 20.93 -163.75 42.16
C ASN IB 5 20.51 -163.23 43.52
N CYS IB 6 20.36 -161.91 43.64
CA CYS IB 6 20.21 -161.28 44.95
C CYS IB 6 19.05 -160.29 44.91
N ARG IB 7 18.39 -160.15 46.06
CA ARG IB 7 17.42 -159.08 46.27
C ARG IB 7 17.19 -158.94 47.76
N PRO IB 8 16.86 -157.73 48.23
CA PRO IB 8 16.73 -157.51 49.67
C PRO IB 8 15.31 -157.78 50.18
N LEU IB 9 15.23 -158.06 51.47
CA LEU IB 9 13.96 -158.30 52.14
C LEU IB 9 13.33 -157.04 52.71
N CYS IB 10 14.06 -155.94 52.75
CA CYS IB 10 13.55 -154.70 53.33
C CYS IB 10 13.04 -153.76 52.24
N GLN IB 11 12.45 -152.64 52.66
CA GLN IB 11 11.87 -151.67 51.74
C GLN IB 11 12.16 -150.23 52.20
N THR IB 12 13.29 -150.00 52.84
CA THR IB 12 13.63 -148.66 53.29
C THR IB 12 13.91 -147.78 52.07
N PRO IB 13 13.18 -146.68 51.88
CA PRO IB 13 13.40 -145.83 50.70
C PRO IB 13 14.42 -144.73 50.96
N THR IB 14 14.76 -144.01 49.90
CA THR IB 14 15.67 -142.89 50.00
C THR IB 14 14.92 -141.63 50.43
N ALA IB 15 15.60 -140.80 51.23
CA ALA IB 15 15.02 -139.57 51.76
C ALA IB 15 15.94 -138.40 51.40
N SER IB 16 15.62 -137.71 50.31
CA SER IB 16 16.45 -136.62 49.84
C SER IB 16 15.92 -135.28 50.36
N ARG IB 17 16.85 -134.39 50.71
CA ARG IB 17 16.52 -133.07 51.23
C ARG IB 17 16.42 -132.08 50.08
N LEU IB 18 15.22 -131.83 49.59
CA LEU IB 18 15.06 -130.88 48.50
C LEU IB 18 15.40 -129.48 48.97
N VAL IB 19 15.99 -128.69 48.07
CA VAL IB 19 16.40 -127.33 48.39
C VAL IB 19 15.83 -126.38 47.34
N SER IB 20 15.71 -125.12 47.72
CA SER IB 20 15.10 -124.09 46.90
C SER IB 20 15.96 -122.83 46.94
N PRO IB 21 15.78 -121.93 45.98
CA PRO IB 21 16.59 -120.70 45.93
C PRO IB 21 16.56 -119.99 47.28
N PRO IB 22 17.72 -119.81 47.92
CA PRO IB 22 17.72 -119.37 49.33
C PRO IB 22 17.06 -118.03 49.57
N CYS IB 23 17.61 -116.98 48.96
CA CYS IB 23 17.19 -115.61 49.26
C CYS IB 23 17.45 -114.76 48.01
N PHE IB 24 17.49 -113.44 48.19
CA PHE IB 24 17.96 -112.55 47.13
C PHE IB 24 19.37 -112.07 47.44
N ILE IB 25 19.60 -111.41 48.58
CA ILE IB 25 20.90 -110.93 49.01
C ILE IB 25 21.75 -110.54 47.81
N CYS IB 26 21.22 -109.70 46.95
CA CYS IB 26 21.78 -109.44 45.64
C CYS IB 26 23.24 -108.98 45.75
N ARG IB 27 23.91 -108.98 44.60
CA ARG IB 27 25.31 -108.57 44.52
C ARG IB 27 25.44 -107.06 44.72
N MET JB 1 -22.68 -161.25 83.09
CA MET JB 1 -22.06 -159.96 82.80
C MET JB 1 -23.03 -159.00 82.14
N ILE JB 2 -23.60 -158.10 82.92
CA ILE JB 2 -24.50 -157.08 82.39
C ILE JB 2 -23.67 -156.01 81.70
N LYS JB 3 -24.10 -155.60 80.51
CA LYS JB 3 -23.44 -154.56 79.75
C LYS JB 3 -24.14 -153.23 80.02
N LEU JB 4 -23.37 -152.24 80.42
CA LEU JB 4 -23.92 -150.97 80.86
C LEU JB 4 -24.10 -150.01 79.69
N ASN JB 5 -24.91 -148.98 79.93
CA ASN JB 5 -25.09 -147.88 78.99
C ASN JB 5 -24.62 -146.60 79.67
N CYS JB 6 -23.76 -145.85 78.99
CA CYS JB 6 -23.07 -144.72 79.60
C CYS JB 6 -23.12 -143.51 78.68
N ARG JB 7 -23.33 -142.34 79.27
CA ARG JB 7 -23.19 -141.08 78.57
C ARG JB 7 -23.06 -139.97 79.61
N PRO JB 8 -22.35 -138.90 79.29
CA PRO JB 8 -21.96 -137.92 80.31
C PRO JB 8 -23.03 -136.86 80.55
N LEU JB 9 -22.77 -136.05 81.58
CA LEU JB 9 -23.65 -134.96 81.99
C LEU JB 9 -23.02 -133.60 81.72
N CYS JB 10 -22.31 -133.45 80.60
CA CYS JB 10 -21.66 -132.20 80.27
C CYS JB 10 -21.72 -131.99 78.77
N GLN JB 11 -21.62 -130.72 78.35
CA GLN JB 11 -21.73 -130.39 76.94
C GLN JB 11 -20.74 -129.31 76.52
N THR JB 12 -19.66 -129.10 77.26
CA THR JB 12 -18.72 -128.03 76.95
C THR JB 12 -17.44 -128.59 76.36
N PRO JB 13 -17.27 -128.53 75.03
CA PRO JB 13 -15.98 -128.91 74.44
C PRO JB 13 -14.98 -127.77 74.53
N THR JB 14 -13.81 -128.05 75.10
CA THR JB 14 -12.84 -127.01 75.37
C THR JB 14 -12.38 -126.36 74.07
N ALA JB 15 -12.13 -125.06 74.14
CA ALA JB 15 -11.72 -124.30 72.97
C ALA JB 15 -10.28 -124.65 72.60
N SER JB 16 -10.01 -124.67 71.30
CA SER JB 16 -8.69 -124.98 70.77
C SER JB 16 -8.18 -123.80 69.95
N ARG JB 17 -7.04 -123.25 70.37
CA ARG JB 17 -6.44 -122.13 69.66
C ARG JB 17 -6.10 -122.55 68.23
N LEU JB 18 -6.51 -121.74 67.27
CA LEU JB 18 -6.11 -121.97 65.89
C LEU JB 18 -4.81 -121.24 65.59
N VAL JB 19 -3.94 -121.91 64.84
CA VAL JB 19 -2.59 -121.41 64.55
C VAL JB 19 -2.45 -121.27 63.05
N SER JB 20 -1.91 -120.13 62.62
CA SER JB 20 -1.76 -119.79 61.22
C SER JB 20 -0.29 -119.59 60.90
N PRO JB 21 0.10 -119.69 59.64
CA PRO JB 21 1.52 -119.61 59.28
C PRO JB 21 2.15 -118.34 59.81
N PRO JB 22 3.35 -118.41 60.36
CA PRO JB 22 3.99 -117.21 60.91
C PRO JB 22 4.50 -116.29 59.82
N CYS JB 23 5.17 -115.23 60.25
CA CYS JB 23 5.73 -114.26 59.32
C CYS JB 23 6.72 -114.94 58.39
N PHE JB 24 7.08 -114.22 57.32
CA PHE JB 24 8.01 -114.73 56.31
C PHE JB 24 9.46 -114.42 56.70
N ILE JB 25 10.03 -115.33 57.49
CA ILE JB 25 11.45 -115.30 57.81
C ILE JB 25 12.11 -116.47 57.09
N CYS JB 26 12.64 -116.21 55.90
CA CYS JB 26 13.04 -117.29 55.01
C CYS JB 26 14.38 -117.89 55.44
N ARG JB 27 14.79 -118.91 54.69
CA ARG JB 27 16.01 -119.65 54.97
C ARG JB 27 17.23 -118.90 54.45
N MET KB 1 -46.48 -91.26 96.46
CA MET KB 1 -45.29 -91.18 95.61
C MET KB 1 -45.65 -90.75 94.20
N ILE KB 2 -45.47 -89.47 93.89
CA ILE KB 2 -45.70 -88.98 92.54
C ILE KB 2 -44.46 -89.24 91.70
N LYS KB 3 -44.68 -89.64 90.45
CA LYS KB 3 -43.59 -89.95 89.53
C LYS KB 3 -43.33 -88.73 88.65
N LEU KB 4 -42.07 -88.31 88.58
CA LEU KB 4 -41.71 -87.08 87.90
C LEU KB 4 -41.40 -87.33 86.43
N ASN KB 5 -41.48 -86.26 85.65
CA ASN KB 5 -41.07 -86.25 84.26
C ASN KB 5 -39.91 -85.28 84.11
N CYS KB 6 -38.84 -85.74 83.47
CA CYS KB 6 -37.58 -84.99 83.45
C CYS KB 6 -37.02 -84.93 82.05
N ARG KB 7 -36.31 -83.84 81.75
CA ARG KB 7 -35.53 -83.72 80.53
C ARG KB 7 -34.55 -82.58 80.70
N PRO KB 8 -33.37 -82.67 80.09
CA PRO KB 8 -32.35 -81.64 80.31
C PRO KB 8 -32.49 -80.48 79.34
N LEU KB 9 -32.11 -79.29 79.82
CA LEU KB 9 -32.14 -78.10 78.98
C LEU KB 9 -30.99 -78.08 77.99
N CYS KB 10 -29.80 -78.50 78.42
CA CYS KB 10 -28.64 -78.50 77.55
C CYS KB 10 -28.69 -79.65 76.55
N GLN KB 11 -27.84 -79.56 75.52
CA GLN KB 11 -27.78 -80.57 74.48
C GLN KB 11 -26.33 -80.92 74.14
N THR KB 12 -25.50 -81.11 75.16
CA THR KB 12 -24.12 -81.49 74.93
C THR KB 12 -24.06 -82.94 74.44
N PRO KB 13 -23.47 -83.22 73.28
CA PRO KB 13 -23.42 -84.61 72.79
C PRO KB 13 -22.20 -85.34 73.32
N THR KB 14 -22.19 -86.65 73.09
CA THR KB 14 -21.08 -87.48 73.52
C THR KB 14 -20.07 -87.63 72.39
N ALA KB 15 -18.79 -87.54 72.75
CA ALA KB 15 -17.70 -87.66 71.79
C ALA KB 15 -16.95 -88.96 72.06
N SER KB 16 -16.89 -89.83 71.06
CA SER KB 16 -16.25 -91.13 71.18
C SER KB 16 -15.03 -91.19 70.27
N ARG KB 17 -13.88 -91.50 70.85
CA ARG KB 17 -12.64 -91.63 70.09
C ARG KB 17 -12.68 -92.93 69.30
N LEU KB 18 -12.94 -92.84 68.00
CA LEU KB 18 -12.92 -94.05 67.18
C LEU KB 18 -11.50 -94.57 67.04
N VAL KB 19 -11.37 -95.89 66.99
CA VAL KB 19 -10.09 -96.56 66.89
C VAL KB 19 -10.12 -97.52 65.71
N SER KB 20 -9.03 -97.57 64.97
CA SER KB 20 -8.88 -98.39 63.79
C SER KB 20 -7.74 -99.37 64.01
N PRO KB 21 -7.69 -100.45 63.22
CA PRO KB 21 -6.69 -101.49 63.45
C PRO KB 21 -5.28 -100.92 63.39
N PRO KB 22 -4.38 -101.36 64.27
CA PRO KB 22 -3.01 -100.87 64.20
C PRO KB 22 -2.27 -101.43 62.98
N CYS KB 23 -1.00 -101.09 62.88
CA CYS KB 23 -0.19 -101.58 61.77
C CYS KB 23 0.07 -103.07 61.94
N PHE KB 24 0.48 -103.71 60.84
CA PHE KB 24 0.68 -105.15 60.83
C PHE KB 24 1.99 -105.55 61.48
N ILE KB 25 2.04 -105.55 62.81
CA ILE KB 25 3.13 -106.22 63.51
C ILE KB 25 2.84 -107.71 63.54
N CYS KB 26 3.80 -108.50 63.08
CA CYS KB 26 3.59 -109.92 62.83
C CYS KB 26 3.91 -110.73 64.08
N ARG KB 27 3.38 -111.95 64.12
CA ARG KB 27 3.59 -112.84 65.25
C ARG KB 27 4.95 -113.52 65.18
N MET LB 1 -21.04 -35.80 58.75
CA MET LB 1 -20.28 -37.04 58.68
C MET LB 1 -20.09 -37.49 57.23
N ILE LB 2 -19.00 -37.03 56.62
CA ILE LB 2 -18.67 -37.44 55.27
C ILE LB 2 -18.19 -38.88 55.28
N LYS LB 3 -18.63 -39.67 54.31
CA LYS LB 3 -18.22 -41.05 54.16
C LYS LB 3 -17.13 -41.13 53.08
N LEU LB 4 -16.03 -41.79 53.40
CA LEU LB 4 -14.85 -41.79 52.55
C LEU LB 4 -14.86 -43.01 51.63
N ASN LB 5 -14.04 -42.92 50.59
CA ASN LB 5 -13.80 -44.01 49.65
C ASN LB 5 -12.33 -44.37 49.70
N CYS LB 6 -12.03 -45.65 49.91
CA CYS LB 6 -10.67 -46.10 50.19
C CYS LB 6 -10.33 -47.32 49.34
N ARG LB 7 -9.10 -47.34 48.83
CA ARG LB 7 -8.54 -48.53 48.19
C ARG LB 7 -7.03 -48.36 48.13
N PRO LB 8 -6.27 -49.44 48.18
CA PRO LB 8 -4.83 -49.34 48.41
C PRO LB 8 -4.04 -49.13 47.12
N LEU LB 9 -2.73 -48.90 47.31
CA LEU LB 9 -1.80 -48.69 46.22
C LEU LB 9 -0.80 -49.84 46.08
N CYS LB 10 -1.25 -51.07 46.27
CA CYS LB 10 -0.38 -52.23 46.16
C CYS LB 10 -1.18 -53.39 45.61
N GLN LB 11 -0.46 -54.33 44.97
CA GLN LB 11 -1.11 -55.49 44.34
C GLN LB 11 -0.32 -56.77 44.56
N THR LB 12 0.47 -56.86 45.62
CA THR LB 12 1.31 -58.04 45.86
C THR LB 12 0.76 -58.87 47.00
N PRO LB 13 -0.07 -59.88 46.72
CA PRO LB 13 -0.52 -60.79 47.79
C PRO LB 13 0.60 -61.74 48.17
N THR LB 14 0.90 -61.81 49.46
CA THR LB 14 2.03 -62.60 49.93
C THR LB 14 1.81 -64.08 49.66
N ALA LB 15 2.89 -64.78 49.36
CA ALA LB 15 2.83 -66.20 49.05
C ALA LB 15 2.58 -67.01 50.30
N SER LB 16 1.79 -68.07 50.16
CA SER LB 16 1.46 -68.97 51.26
C SER LB 16 1.95 -70.37 50.94
N ARG LB 17 2.83 -70.89 51.78
CA ARG LB 17 3.35 -72.24 51.59
C ARG LB 17 2.22 -73.25 51.63
N LEU LB 18 2.16 -74.11 50.62
CA LEU LB 18 1.20 -75.20 50.64
C LEU LB 18 1.80 -76.41 51.35
N VAL LB 19 0.96 -77.08 52.15
CA VAL LB 19 1.39 -78.19 52.97
C VAL LB 19 0.60 -79.42 52.57
N SER LB 20 1.31 -80.54 52.36
CA SER LB 20 0.72 -81.78 51.90
C SER LB 20 0.89 -82.86 52.96
N PRO LB 21 0.07 -83.91 52.93
CA PRO LB 21 0.13 -84.93 53.97
C PRO LB 21 1.53 -85.51 54.10
N PRO LB 22 2.03 -85.68 55.32
CA PRO LB 22 3.36 -86.28 55.49
C PRO LB 22 3.33 -87.78 55.26
N CYS LB 23 4.50 -88.39 55.39
CA CYS LB 23 4.61 -89.83 55.23
C CYS LB 23 3.82 -90.54 56.34
N PHE LB 24 3.39 -91.76 56.04
CA PHE LB 24 2.63 -92.54 57.02
C PHE LB 24 3.50 -92.90 58.22
N ILE LB 25 2.90 -92.87 59.40
CA ILE LB 25 3.53 -93.34 60.63
C ILE LB 25 2.56 -94.28 61.33
N CYS LB 26 3.09 -95.36 61.90
CA CYS LB 26 2.28 -96.30 62.65
C CYS LB 26 1.74 -95.64 63.91
N ARG LB 27 0.46 -95.87 64.20
CA ARG LB 27 -0.13 -95.37 65.43
C ARG LB 27 0.20 -96.30 66.58
#